data_4IYM
#
_entry.id   4IYM
#
_cell.length_a   159.472
_cell.length_b   170.910
_cell.length_c   170.466
_cell.angle_alpha   90.000
_cell.angle_beta   106.330
_cell.angle_gamma   90.000
#
_symmetry.space_group_name_H-M   'P 1 21 1'
#
loop_
_entity.id
_entity.type
_entity.pdbx_description
1 polymer 'Methylmalonate-semialdehyde dehydrogenase'
2 non-polymer NICOTINAMIDE-ADENINE-DINUCLEOTIDE
3 non-polymer 'MAGNESIUM ION'
4 water water
#
_entity_poly.entity_id   1
_entity_poly.type   'polypeptide(L)'
_entity_poly.pdbx_seq_one_letter_code
;(MSE)HHHHHHSSGVDLGTENLYFQS(MSE)(MSE)YELGHFIDGKRVAGTSGRVSNIFNPATGEVQGTVALASDADLAA
AVESAKAAQPKWAATNPQRRARVF(MSE)KFVQLLNDN(MSE)NELAE(MSE)LSREHGKTIDDAKGDIVRGLEVCEFVI
GIPHLQKSEFTEGAGPGID(MSE)YSIRQPVGIGAGITPFNFPG(MSE)IP(MSE)W(MSE)FAPAIACGNAFILKPSER
DPSVPIRLAEL(MSE)IEAGLPAGILNVVNGDKGAVDAILTHPDIAAVSFVGSTPIARYVYGTAA(MSE)NGKRAQCFGG
AKNH(MSE)II(MSE)PDADLDQAANALIGAGYGSAGERC(MSE)AISVAVPVGEETANRLIDKLVP(MSE)VESLRIGP
YTDEKAD(MSE)GPVVTKEAEQRIRSLIDSGIEQGAKLVVDGRDFKLQGYENGHFIGGCLFDDVTPD(MSE)DIYKTEIF
GPVLSVVRARNYEEALSLP(MSE)KHEYGNGVAIYTRDGDAARDFASRINIG(MSE)VGVNVPIPVPLAYHSFGGWKSSS
FGDLNQHGTDSIKFWTRTKTITSRWPSGIKDGAEFSIPT(MSE)R
;
_entity_poly.pdbx_strand_id   A,B,C,D,E,F,G,H,I,J,K,L,M,N,O,P
#
loop_
_chem_comp.id
_chem_comp.type
_chem_comp.name
_chem_comp.formula
MG non-polymer 'MAGNESIUM ION' 'Mg 2'
NAD non-polymer NICOTINAMIDE-ADENINE-DINUCLEOTIDE 'C21 H27 N7 O14 P2'
#
# COMPACT_ATOMS: atom_id res chain seq x y z
N MSE A 24 7.46 -31.31 1.47
CA MSE A 24 8.35 -30.27 2.06
C MSE A 24 7.59 -29.00 2.32
O MSE A 24 7.05 -28.40 1.39
CB MSE A 24 9.48 -29.90 1.09
CG MSE A 24 10.42 -31.06 0.78
SE MSE A 24 11.44 -31.63 2.38
CE MSE A 24 10.52 -33.37 2.59
N TYR A 25 7.55 -28.57 3.58
CA TYR A 25 6.93 -27.29 3.95
C TYR A 25 7.95 -26.17 4.26
N GLU A 26 7.57 -24.93 3.97
CA GLU A 26 8.45 -23.79 4.18
C GLU A 26 7.86 -22.79 5.16
N LEU A 27 8.42 -22.69 6.35
CA LEU A 27 7.98 -21.67 7.32
C LEU A 27 8.68 -20.33 7.10
N GLY A 28 7.89 -19.26 7.12
CA GLY A 28 8.43 -17.91 7.08
C GLY A 28 8.33 -17.31 8.47
N HIS A 29 7.78 -16.10 8.55
CA HIS A 29 7.55 -15.41 9.83
C HIS A 29 6.06 -15.14 10.03
N PHE A 30 5.71 -14.65 11.20
CA PHE A 30 4.35 -14.19 11.47
C PHE A 30 4.38 -12.73 11.89
N ILE A 31 3.92 -11.89 11.00
CA ILE A 31 3.98 -10.46 11.16
C ILE A 31 2.71 -9.78 10.75
N ASP A 32 2.29 -8.92 11.66
CA ASP A 32 1.12 -8.12 11.50
C ASP A 32 -0.13 -8.91 11.17
N GLY A 33 -0.27 -10.01 11.82
CA GLY A 33 -1.37 -10.90 11.67
C GLY A 33 -1.32 -11.94 10.61
N LYS A 34 -0.24 -12.01 9.87
CA LYS A 34 -0.12 -12.93 8.77
C LYS A 34 1.20 -13.67 8.73
N ARG A 35 1.12 -14.87 8.22
CA ARG A 35 2.33 -15.57 7.81
C ARG A 35 2.94 -14.80 6.62
N VAL A 36 4.22 -14.50 6.70
CA VAL A 36 4.90 -13.78 5.62
C VAL A 36 6.24 -14.46 5.31
N ALA A 37 6.73 -14.26 4.10
CA ALA A 37 7.89 -15.01 3.59
C ALA A 37 9.23 -14.47 4.11
N GLY A 38 9.30 -13.18 4.41
CA GLY A 38 10.57 -12.54 4.80
C GLY A 38 11.45 -12.34 3.58
N THR A 39 12.56 -11.64 3.76
CA THR A 39 13.31 -11.13 2.62
C THR A 39 14.80 -11.52 2.63
N SER A 40 15.19 -12.46 3.49
CA SER A 40 16.60 -12.71 3.72
C SER A 40 17.27 -13.61 2.71
N GLY A 41 16.50 -14.41 1.97
CA GLY A 41 17.07 -15.45 1.11
C GLY A 41 17.81 -16.56 1.87
N ARG A 42 17.61 -16.63 3.19
CA ARG A 42 18.26 -17.61 4.07
C ARG A 42 17.24 -18.57 4.65
N VAL A 43 17.60 -19.86 4.68
CA VAL A 43 16.80 -20.89 5.35
C VAL A 43 17.66 -21.85 6.17
N SER A 44 16.99 -22.54 7.08
CA SER A 44 17.58 -23.58 7.88
C SER A 44 16.66 -24.81 7.73
N ASN A 45 17.23 -26.02 7.74
CA ASN A 45 16.40 -27.23 7.65
C ASN A 45 15.68 -27.60 8.94
N ILE A 46 14.42 -28.02 8.79
CA ILE A 46 13.66 -28.65 9.86
C ILE A 46 13.74 -30.15 9.62
N PHE A 47 14.24 -30.90 10.59
CA PHE A 47 14.31 -32.37 10.49
C PHE A 47 13.11 -33.08 11.12
N ASN A 48 12.87 -34.31 10.70
CA ASN A 48 12.08 -35.25 11.48
C ASN A 48 13.08 -36.18 12.18
N PRO A 49 13.32 -35.96 13.49
CA PRO A 49 14.39 -36.67 14.17
C PRO A 49 14.17 -38.18 14.32
N ALA A 50 12.95 -38.67 14.12
CA ALA A 50 12.71 -40.12 14.10
C ALA A 50 13.22 -40.81 12.80
N THR A 51 13.26 -40.07 11.70
CA THR A 51 13.74 -40.63 10.43
C THR A 51 15.08 -40.05 10.02
N GLY A 52 15.44 -38.91 10.64
CA GLY A 52 16.67 -38.20 10.30
C GLY A 52 16.59 -37.44 8.99
N GLU A 53 15.41 -37.45 8.38
CA GLU A 53 15.17 -36.79 7.09
C GLU A 53 14.73 -35.34 7.29
N VAL A 54 15.06 -34.50 6.31
CA VAL A 54 14.57 -33.13 6.25
C VAL A 54 13.08 -33.17 5.87
N GLN A 55 12.26 -32.41 6.58
CA GLN A 55 10.83 -32.42 6.29
C GLN A 55 10.35 -31.03 5.89
N GLY A 56 11.18 -30.03 6.11
CA GLY A 56 10.86 -28.66 5.72
C GLY A 56 11.99 -27.68 5.98
N THR A 57 11.73 -26.41 5.69
CA THR A 57 12.70 -25.35 5.94
C THR A 57 12.04 -24.25 6.79
N VAL A 58 12.87 -23.43 7.43
CA VAL A 58 12.40 -22.23 8.14
C VAL A 58 13.29 -21.06 7.71
N ALA A 59 12.65 -19.93 7.40
CA ALA A 59 13.35 -18.71 6.99
C ALA A 59 14.11 -18.10 8.16
N LEU A 60 15.29 -17.57 7.90
CA LEU A 60 16.07 -16.95 8.96
C LEU A 60 16.05 -15.44 8.76
N ALA A 61 15.42 -14.71 9.68
CA ALA A 61 15.27 -13.26 9.53
C ALA A 61 16.58 -12.49 9.36
N SER A 62 16.56 -11.57 8.39
CA SER A 62 17.56 -10.53 8.24
C SER A 62 17.25 -9.42 9.24
N ASP A 63 18.18 -8.46 9.38
CA ASP A 63 17.95 -7.26 10.19
C ASP A 63 16.72 -6.47 9.74
N ALA A 64 16.50 -6.43 8.43
CA ALA A 64 15.35 -5.73 7.86
C ALA A 64 14.05 -6.45 8.20
N ASP A 65 14.07 -7.78 8.22
CA ASP A 65 12.87 -8.53 8.63
C ASP A 65 12.52 -8.27 10.10
N LEU A 66 13.54 -8.18 10.97
CA LEU A 66 13.33 -7.80 12.35
C LEU A 66 12.81 -6.38 12.51
N ALA A 67 13.39 -5.43 11.81
CA ALA A 67 12.90 -4.05 11.78
C ALA A 67 11.40 -3.96 11.42
N ALA A 68 10.98 -4.73 10.42
CA ALA A 68 9.57 -4.78 10.00
C ALA A 68 8.65 -5.27 11.12
N ALA A 69 9.09 -6.31 11.84
CA ALA A 69 8.35 -6.81 12.99
C ALA A 69 8.28 -5.76 14.10
N VAL A 70 9.38 -5.03 14.33
CA VAL A 70 9.41 -3.98 15.37
C VAL A 70 8.50 -2.84 14.98
N GLU A 71 8.52 -2.44 13.71
CA GLU A 71 7.66 -1.34 13.27
C GLU A 71 6.19 -1.70 13.40
N SER A 72 5.88 -2.97 13.12
CA SER A 72 4.51 -3.49 13.27
C SER A 72 4.07 -3.50 14.74
N ALA A 73 4.97 -3.91 15.64
CA ALA A 73 4.70 -3.83 17.08
C ALA A 73 4.55 -2.37 17.56
N LYS A 74 5.39 -1.46 17.05
CA LYS A 74 5.30 -0.04 17.38
C LYS A 74 3.96 0.57 16.98
N ALA A 75 3.46 0.20 15.81
CA ALA A 75 2.21 0.76 15.32
C ALA A 75 0.99 0.22 16.09
N ALA A 76 1.10 -1.01 16.58
CA ALA A 76 -0.04 -1.68 17.24
C ALA A 76 -0.08 -1.49 18.77
N GLN A 77 1.08 -1.39 19.43
CA GLN A 77 1.13 -1.40 20.91
C GLN A 77 0.25 -0.34 21.65
N PRO A 78 0.29 0.95 21.25
CA PRO A 78 -0.48 1.97 22.02
C PRO A 78 -2.00 1.66 22.15
N LYS A 79 -2.65 1.25 21.06
CA LYS A 79 -4.08 0.88 21.12
C LYS A 79 -4.32 -0.34 22.03
N TRP A 80 -3.39 -1.28 21.98
CA TRP A 80 -3.49 -2.46 22.84
C TRP A 80 -3.32 -2.08 24.31
N ALA A 81 -2.35 -1.21 24.61
CA ALA A 81 -2.16 -0.71 25.99
C ALA A 81 -3.35 0.13 26.46
N ALA A 82 -4.06 0.74 25.53
CA ALA A 82 -5.23 1.57 25.83
C ALA A 82 -6.53 0.74 26.01
N THR A 83 -6.47 -0.56 25.77
CA THR A 83 -7.60 -1.48 26.01
C THR A 83 -7.59 -1.85 27.50
N ASN A 84 -8.77 -1.76 28.17
CA ASN A 84 -8.85 -2.00 29.61
C ASN A 84 -8.38 -3.43 29.99
N PRO A 85 -7.93 -3.62 31.26
CA PRO A 85 -7.34 -4.91 31.67
C PRO A 85 -8.26 -6.12 31.49
N GLN A 86 -9.54 -5.92 31.78
CA GLN A 86 -10.52 -6.99 31.66
C GLN A 86 -10.68 -7.45 30.20
N ARG A 87 -10.66 -6.51 29.27
CA ARG A 87 -10.74 -6.86 27.85
C ARG A 87 -9.48 -7.57 27.36
N ARG A 88 -8.30 -7.11 27.80
CA ARG A 88 -7.07 -7.83 27.47
C ARG A 88 -7.14 -9.27 28.01
N ALA A 89 -7.60 -9.42 29.26
CA ALA A 89 -7.72 -10.75 29.87
C ALA A 89 -8.63 -11.68 29.07
N ARG A 90 -9.68 -11.12 28.44
CA ARG A 90 -10.61 -11.93 27.64
C ARG A 90 -10.00 -12.60 26.41
N VAL A 91 -8.98 -11.94 25.84
CA VAL A 91 -8.21 -12.57 24.75
C VAL A 91 -7.59 -13.87 25.24
N PHE A 92 -6.92 -13.82 26.39
CA PHE A 92 -6.34 -15.03 26.96
C PHE A 92 -7.35 -16.13 27.28
N MSE A 93 -8.52 -15.74 27.80
CA MSE A 93 -9.58 -16.71 28.07
CA MSE A 93 -9.61 -16.69 28.09
C MSE A 93 -9.98 -17.40 26.80
O MSE A 93 -10.11 -18.63 26.76
CB MSE A 93 -10.79 -15.98 28.65
CB MSE A 93 -10.88 -16.02 28.64
CG MSE A 93 -11.33 -16.73 29.86
CG MSE A 93 -10.66 -15.05 29.80
SE MSE A 93 -12.81 -15.68 30.63
SE MSE A 93 -12.40 -14.49 30.59
CE MSE A 93 -11.90 -13.94 30.92
CE MSE A 93 -13.05 -16.35 30.73
N LYS A 94 -10.16 -16.63 25.74
CA LYS A 94 -10.51 -17.17 24.42
C LYS A 94 -9.38 -18.07 23.87
N PHE A 95 -8.14 -17.62 24.03
CA PHE A 95 -6.97 -18.36 23.57
C PHE A 95 -6.85 -19.73 24.25
N VAL A 96 -7.16 -19.78 25.55
CA VAL A 96 -7.10 -21.04 26.29
C VAL A 96 -8.08 -22.07 25.69
N GLN A 97 -9.30 -21.64 25.36
CA GLN A 97 -10.26 -22.54 24.71
CA GLN A 97 -10.28 -22.52 24.71
C GLN A 97 -9.73 -23.00 23.36
N LEU A 98 -9.07 -22.11 22.62
CA LEU A 98 -8.52 -22.45 21.30
C LEU A 98 -7.43 -23.50 21.38
N LEU A 99 -6.59 -23.38 22.43
CA LEU A 99 -5.54 -24.35 22.70
C LEU A 99 -6.17 -25.73 22.95
N ASN A 100 -7.19 -25.78 23.80
CA ASN A 100 -7.88 -27.03 24.10
C ASN A 100 -8.54 -27.62 22.85
N ASP A 101 -9.11 -26.75 22.01
CA ASP A 101 -9.69 -27.13 20.72
C ASP A 101 -8.66 -27.67 19.74
N ASN A 102 -7.46 -27.07 19.73
CA ASN A 102 -6.43 -27.40 18.74
C ASN A 102 -5.30 -28.30 19.31
N MSE A 103 -5.57 -28.95 20.45
CA MSE A 103 -4.57 -29.70 21.22
C MSE A 103 -3.91 -30.79 20.42
O MSE A 103 -2.67 -30.85 20.36
CB MSE A 103 -5.22 -30.24 22.50
CG MSE A 103 -4.25 -31.05 23.37
SE MSE A 103 -2.86 -29.91 24.18
CE MSE A 103 -4.02 -28.81 25.36
N ASN A 104 -4.71 -31.67 19.83
CA ASN A 104 -4.19 -32.77 19.01
C ASN A 104 -3.33 -32.30 17.82
N GLU A 105 -3.81 -31.29 17.11
CA GLU A 105 -3.06 -30.69 16.00
C GLU A 105 -1.70 -30.13 16.48
N LEU A 106 -1.72 -29.29 17.52
CA LEU A 106 -0.51 -28.72 18.13
C LEU A 106 0.51 -29.77 18.57
N ALA A 107 0.04 -30.81 19.24
CA ALA A 107 0.92 -31.85 19.72
C ALA A 107 1.59 -32.63 18.57
N GLU A 108 0.83 -32.92 17.51
CA GLU A 108 1.37 -33.65 16.35
C GLU A 108 2.49 -32.87 15.65
N MSE A 109 2.29 -31.57 15.45
CA MSE A 109 3.30 -30.73 14.80
C MSE A 109 4.50 -30.52 15.70
O MSE A 109 5.64 -30.42 15.23
CB MSE A 109 2.71 -29.41 14.27
CG MSE A 109 2.40 -28.39 15.36
SE MSE A 109 1.71 -26.72 14.54
CE MSE A 109 -0.04 -27.39 13.92
N LEU A 110 4.26 -30.49 17.00
CA LEU A 110 5.35 -30.37 17.98
C LEU A 110 6.24 -31.64 18.00
N SER A 111 5.59 -32.80 18.23
CA SER A 111 6.27 -34.10 18.23
C SER A 111 6.99 -34.41 16.91
N ARG A 112 6.36 -34.10 15.78
CA ARG A 112 6.94 -34.42 14.49
C ARG A 112 8.25 -33.68 14.27
N GLU A 113 8.38 -32.45 14.79
CA GLU A 113 9.65 -31.69 14.68
C GLU A 113 10.61 -31.92 15.83
N HIS A 114 10.08 -32.00 17.05
CA HIS A 114 10.93 -32.14 18.25
C HIS A 114 11.44 -33.58 18.44
N GLY A 115 10.55 -34.57 18.32
CA GLY A 115 10.91 -35.95 18.55
C GLY A 115 10.18 -36.59 19.73
N LYS A 116 9.79 -35.80 20.73
CA LYS A 116 9.12 -36.32 21.92
C LYS A 116 7.73 -36.88 21.66
N THR A 117 7.23 -37.69 22.59
CA THR A 117 5.92 -38.36 22.44
C THR A 117 4.77 -37.36 22.36
N ILE A 118 3.62 -37.82 21.85
CA ILE A 118 2.41 -37.02 21.81
C ILE A 118 2.05 -36.54 23.21
N ASP A 119 2.04 -37.44 24.21
CA ASP A 119 1.76 -37.02 25.60
C ASP A 119 2.72 -35.95 26.15
N ASP A 120 4.03 -36.12 25.93
CA ASP A 120 5.04 -35.08 26.25
C ASP A 120 4.65 -33.75 25.62
N ALA A 121 4.32 -33.79 24.34
CA ALA A 121 3.98 -32.59 23.59
C ALA A 121 2.73 -31.90 24.16
N LYS A 122 1.74 -32.69 24.56
CA LYS A 122 0.53 -32.17 25.20
C LYS A 122 0.85 -31.52 26.54
N GLY A 123 1.75 -32.13 27.31
CA GLY A 123 2.23 -31.54 28.56
C GLY A 123 2.91 -30.19 28.37
N ASP A 124 3.68 -30.08 27.28
CA ASP A 124 4.30 -28.85 26.83
C ASP A 124 3.24 -27.76 26.62
N ILE A 125 2.23 -28.08 25.80
CA ILE A 125 1.15 -27.16 25.47
C ILE A 125 0.39 -26.77 26.74
N VAL A 126 0.03 -27.77 27.55
CA VAL A 126 -0.74 -27.56 28.77
C VAL A 126 -0.03 -26.60 29.75
N ARG A 127 1.28 -26.75 29.93
CA ARG A 127 2.01 -25.89 30.88
C ARG A 127 2.12 -24.45 30.37
N GLY A 128 2.13 -24.28 29.05
CA GLY A 128 2.02 -22.94 28.45
C GLY A 128 0.63 -22.38 28.72
N LEU A 129 -0.37 -23.22 28.48
CA LEU A 129 -1.76 -22.87 28.66
C LEU A 129 -2.01 -22.33 30.08
N GLU A 130 -1.35 -22.93 31.06
CA GLU A 130 -1.50 -22.56 32.47
C GLU A 130 -0.98 -21.16 32.79
N VAL A 131 0.02 -20.67 32.06
CA VAL A 131 0.46 -19.28 32.21
C VAL A 131 -0.59 -18.34 31.63
N CYS A 132 -1.20 -18.74 30.51
CA CYS A 132 -2.31 -18.01 29.92
C CYS A 132 -3.51 -17.92 30.89
N GLU A 133 -3.80 -19.00 31.60
CA GLU A 133 -4.85 -19.01 32.61
C GLU A 133 -4.50 -18.03 33.73
N PHE A 134 -3.22 -18.03 34.11
CA PHE A 134 -2.74 -17.15 35.17
C PHE A 134 -2.95 -15.68 34.80
N VAL A 135 -2.63 -15.31 33.56
CA VAL A 135 -2.71 -13.89 33.17
C VAL A 135 -4.14 -13.39 32.92
N ILE A 136 -5.12 -14.31 32.89
CA ILE A 136 -6.53 -13.89 32.94
C ILE A 136 -6.77 -12.95 34.14
N GLY A 137 -5.97 -13.14 35.20
CA GLY A 137 -6.05 -12.33 36.42
C GLY A 137 -5.27 -11.03 36.36
N ILE A 138 -4.90 -10.62 35.15
CA ILE A 138 -4.11 -9.39 35.00
C ILE A 138 -4.76 -8.13 35.62
N PRO A 139 -6.11 -8.03 35.63
CA PRO A 139 -6.63 -6.79 36.24
C PRO A 139 -6.21 -6.67 37.71
N HIS A 140 -6.33 -7.76 38.47
CA HIS A 140 -5.79 -7.78 39.84
C HIS A 140 -4.25 -7.75 39.89
N LEU A 141 -3.62 -8.57 39.05
CA LEU A 141 -2.14 -8.69 39.07
C LEU A 141 -1.42 -7.39 38.83
N GLN A 142 -2.00 -6.51 38.01
CA GLN A 142 -1.31 -5.29 37.61
C GLN A 142 -1.59 -4.07 38.54
N LYS A 143 -2.41 -4.27 39.57
CA LYS A 143 -2.64 -3.23 40.59
C LYS A 143 -1.35 -2.63 41.13
N SER A 144 -1.37 -1.32 41.35
CA SER A 144 -0.27 -0.63 42.02
C SER A 144 -0.74 -0.10 43.39
N GLU A 145 0.10 0.70 44.05
CA GLU A 145 -0.10 1.05 45.47
C GLU A 145 -0.51 2.52 45.64
N PHE A 146 -1.40 2.79 46.59
CA PHE A 146 -1.89 4.15 46.86
C PHE A 146 -1.71 4.47 48.33
N THR A 147 -1.24 5.69 48.62
CA THR A 147 -1.15 6.22 49.98
C THR A 147 -1.82 7.58 50.01
N GLU A 148 -2.79 7.73 50.91
CA GLU A 148 -3.41 9.02 51.17
C GLU A 148 -2.69 9.73 52.30
N GLY A 149 -2.45 11.02 52.12
CA GLY A 149 -1.86 11.83 53.19
C GLY A 149 -0.40 11.49 53.48
N ALA A 150 0.34 11.10 52.44
CA ALA A 150 1.79 10.94 52.54
C ALA A 150 2.39 12.18 53.20
N GLY A 151 1.85 13.34 52.86
CA GLY A 151 2.08 14.59 53.59
C GLY A 151 0.74 15.32 53.64
N PRO A 152 0.71 16.57 54.16
CA PRO A 152 -0.57 17.29 54.31
C PRO A 152 -1.29 17.59 52.97
N GLY A 153 -2.44 16.96 52.75
CA GLY A 153 -3.17 17.08 51.49
C GLY A 153 -2.42 16.47 50.30
N ILE A 154 -1.40 15.67 50.57
CA ILE A 154 -0.56 15.13 49.52
C ILE A 154 -0.76 13.63 49.39
N ASP A 155 -1.19 13.16 48.22
CA ASP A 155 -1.30 11.72 48.03
C ASP A 155 -0.16 11.19 47.17
N MSE A 156 0.11 9.90 47.29
CA MSE A 156 1.24 9.30 46.62
C MSE A 156 0.80 7.93 46.18
O MSE A 156 0.31 7.16 46.99
CB MSE A 156 2.40 9.26 47.62
CG MSE A 156 3.71 8.79 46.98
SE MSE A 156 5.15 8.82 48.34
CE MSE A 156 5.13 10.78 48.59
N TYR A 157 1.00 7.63 44.90
CA TYR A 157 0.52 6.38 44.34
C TYR A 157 1.31 6.00 43.13
N SER A 158 1.52 4.70 42.95
CA SER A 158 2.21 4.23 41.77
C SER A 158 1.23 3.75 40.69
N ILE A 159 1.75 3.56 39.48
CA ILE A 159 1.04 2.96 38.35
C ILE A 159 1.97 2.00 37.60
N ARG A 160 1.50 0.80 37.26
CA ARG A 160 2.33 -0.13 36.50
C ARG A 160 2.00 -0.09 35.00
N GLN A 161 2.87 0.57 34.23
CA GLN A 161 2.63 0.84 32.82
C GLN A 161 3.48 -0.11 31.95
N PRO A 162 3.05 -0.39 30.70
CA PRO A 162 3.84 -1.24 29.81
C PRO A 162 5.28 -0.74 29.62
N VAL A 163 6.23 -1.65 29.41
CA VAL A 163 7.58 -1.22 29.00
C VAL A 163 7.62 -0.77 27.52
N GLY A 164 6.65 -1.27 26.74
CA GLY A 164 6.52 -0.94 25.33
C GLY A 164 6.60 -2.21 24.52
N ILE A 165 7.80 -2.54 24.06
CA ILE A 165 7.99 -3.68 23.19
C ILE A 165 9.02 -4.63 23.80
N GLY A 166 8.62 -5.88 23.91
CA GLY A 166 9.48 -6.90 24.45
C GLY A 166 9.88 -7.92 23.40
N ALA A 167 10.95 -8.66 23.69
CA ALA A 167 11.35 -9.77 22.85
C ALA A 167 11.71 -10.95 23.74
N GLY A 168 11.47 -12.14 23.21
CA GLY A 168 11.83 -13.37 23.89
C GLY A 168 12.50 -14.35 22.95
N ILE A 169 13.47 -15.08 23.48
CA ILE A 169 14.30 -16.02 22.73
C ILE A 169 14.18 -17.37 23.41
N THR A 170 13.73 -18.39 22.66
CA THR A 170 13.35 -19.67 23.27
C THR A 170 14.11 -20.88 22.70
N PRO A 171 14.22 -21.98 23.47
CA PRO A 171 15.00 -23.15 23.07
C PRO A 171 14.15 -24.23 22.40
N PHE A 172 14.78 -25.28 21.90
CA PHE A 172 14.09 -26.33 21.15
C PHE A 172 13.19 -27.24 21.99
N ASN A 173 13.48 -27.39 23.27
CA ASN A 173 12.85 -28.46 24.04
C ASN A 173 11.40 -28.21 24.46
N PHE A 174 11.03 -26.93 24.65
CA PHE A 174 9.64 -26.57 24.91
C PHE A 174 9.10 -25.44 23.99
N PRO A 175 8.82 -25.75 22.71
CA PRO A 175 8.47 -24.72 21.74
C PRO A 175 7.04 -24.17 21.89
N GLY A 176 6.28 -24.74 22.83
CA GLY A 176 4.97 -24.22 23.20
C GLY A 176 4.99 -23.53 24.56
N MSE A 177 5.39 -24.26 25.59
CA MSE A 177 5.43 -23.76 26.96
C MSE A 177 6.24 -22.49 27.16
O MSE A 177 5.76 -21.53 27.77
CB MSE A 177 5.90 -24.88 27.88
CG MSE A 177 6.04 -24.36 29.32
SE MSE A 177 6.80 -25.76 30.49
CE MSE A 177 8.70 -25.47 30.08
N ILE A 178 7.49 -22.48 26.70
CA ILE A 178 8.38 -21.36 27.02
C ILE A 178 8.00 -20.08 26.28
N PRO A 179 7.61 -20.18 25.00
CA PRO A 179 7.08 -18.97 24.38
C PRO A 179 5.88 -18.37 25.16
N MSE A 180 4.96 -19.23 25.61
CA MSE A 180 3.78 -18.74 26.33
C MSE A 180 4.19 -18.23 27.69
O MSE A 180 3.63 -17.24 28.14
CB MSE A 180 2.64 -19.77 26.43
CG MSE A 180 2.08 -20.10 25.06
SE MSE A 180 0.58 -21.42 25.22
CE MSE A 180 1.48 -23.12 24.73
N TRP A 181 5.18 -18.86 28.34
CA TRP A 181 5.80 -18.30 29.57
C TRP A 181 6.05 -16.80 29.44
N MSE A 182 6.59 -16.40 28.30
CA MSE A 182 7.05 -15.02 28.11
C MSE A 182 5.99 -14.15 27.49
O MSE A 182 5.79 -13.02 27.93
CB MSE A 182 8.22 -15.05 27.16
CG MSE A 182 9.38 -15.87 27.69
SE MSE A 182 10.70 -15.88 26.23
CE MSE A 182 12.14 -16.84 27.21
N PHE A 183 5.35 -14.61 26.42
CA PHE A 183 4.42 -13.72 25.77
C PHE A 183 3.10 -13.50 26.51
N ALA A 184 2.63 -14.48 27.27
CA ALA A 184 1.41 -14.31 28.07
C ALA A 184 1.48 -13.12 29.03
N PRO A 185 2.46 -13.09 29.97
CA PRO A 185 2.52 -11.90 30.83
C PRO A 185 2.88 -10.62 30.10
N ALA A 186 3.80 -10.68 29.13
CA ALA A 186 4.21 -9.48 28.41
C ALA A 186 3.00 -8.83 27.72
N ILE A 187 2.21 -9.64 27.01
CA ILE A 187 1.04 -9.12 26.28
C ILE A 187 -0.10 -8.73 27.23
N ALA A 188 -0.33 -9.55 28.25
CA ALA A 188 -1.33 -9.23 29.29
C ALA A 188 -1.08 -7.85 29.93
N CYS A 189 0.19 -7.49 30.11
CA CYS A 189 0.59 -6.20 30.70
C CYS A 189 0.43 -5.03 29.72
N GLY A 190 0.11 -5.33 28.45
CA GLY A 190 -0.16 -4.31 27.44
C GLY A 190 1.02 -3.93 26.57
N ASN A 191 2.05 -4.78 26.57
CA ASN A 191 3.19 -4.65 25.66
C ASN A 191 2.89 -5.37 24.35
N ALA A 192 3.64 -5.01 23.30
CA ALA A 192 3.75 -5.87 22.13
C ALA A 192 4.96 -6.77 22.32
N PHE A 193 4.98 -7.89 21.58
CA PHE A 193 5.97 -8.92 21.81
C PHE A 193 6.51 -9.57 20.55
N ILE A 194 7.84 -9.63 20.44
CA ILE A 194 8.52 -10.31 19.37
C ILE A 194 9.17 -11.58 19.91
N LEU A 195 8.69 -12.71 19.41
CA LEU A 195 9.18 -14.02 19.77
C LEU A 195 10.16 -14.52 18.72
N LYS A 196 11.35 -14.89 19.14
CA LYS A 196 12.32 -15.51 18.29
C LYS A 196 12.51 -16.91 18.82
N PRO A 197 11.78 -17.85 18.27
CA PRO A 197 11.87 -19.24 18.74
C PRO A 197 13.03 -20.01 18.14
N SER A 198 13.27 -21.20 18.69
CA SER A 198 14.27 -22.11 18.16
C SER A 198 13.96 -22.49 16.73
N GLU A 199 14.97 -22.41 15.88
CA GLU A 199 14.78 -22.76 14.48
C GLU A 199 14.68 -24.29 14.29
N ARG A 200 14.89 -25.06 15.35
CA ARG A 200 14.81 -26.53 15.24
C ARG A 200 13.38 -27.02 15.02
N ASP A 201 12.43 -26.33 15.65
CA ASP A 201 11.04 -26.78 15.64
C ASP A 201 10.07 -25.60 15.71
N PRO A 202 9.93 -24.88 14.58
CA PRO A 202 9.21 -23.60 14.60
C PRO A 202 7.71 -23.62 14.24
N SER A 203 7.11 -24.80 14.00
CA SER A 203 5.69 -24.86 13.59
C SER A 203 4.72 -24.42 14.70
N VAL A 204 4.99 -24.86 15.92
CA VAL A 204 4.11 -24.50 17.02
C VAL A 204 4.07 -22.97 17.26
N PRO A 205 5.25 -22.29 17.40
CA PRO A 205 5.18 -20.86 17.68
C PRO A 205 4.37 -20.04 16.67
N ILE A 206 4.53 -20.33 15.37
CA ILE A 206 3.70 -19.64 14.36
C ILE A 206 2.21 -19.94 14.55
N ARG A 207 1.87 -21.21 14.75
CA ARG A 207 0.49 -21.59 14.98
C ARG A 207 -0.10 -20.92 16.23
N LEU A 208 0.71 -20.78 17.29
CA LEU A 208 0.29 -20.04 18.48
C LEU A 208 -0.07 -18.57 18.19
N ALA A 209 0.73 -17.91 17.36
CA ALA A 209 0.51 -16.50 17.05
C ALA A 209 -0.73 -16.36 16.15
N GLU A 210 -0.92 -17.32 15.25
CA GLU A 210 -2.13 -17.43 14.44
C GLU A 210 -3.38 -17.60 15.32
N LEU A 211 -3.26 -18.44 16.36
CA LEU A 211 -4.37 -18.69 17.26
C LEU A 211 -4.65 -17.45 18.12
N MSE A 212 -3.62 -16.64 18.41
CA MSE A 212 -3.81 -15.42 19.21
C MSE A 212 -4.69 -14.49 18.41
O MSE A 212 -5.62 -13.91 18.96
CB MSE A 212 -2.52 -14.73 19.66
CG MSE A 212 -1.90 -15.37 20.90
SE MSE A 212 -2.96 -15.19 22.59
CE MSE A 212 -2.22 -13.44 23.15
N ILE A 213 -4.40 -14.34 17.12
CA ILE A 213 -5.26 -13.57 16.20
C ILE A 213 -6.73 -14.07 16.27
N GLU A 214 -6.91 -15.39 16.16
CA GLU A 214 -8.24 -16.00 16.23
C GLU A 214 -8.92 -15.73 17.57
N ALA A 215 -8.13 -15.64 18.64
CA ALA A 215 -8.61 -15.26 19.98
C ALA A 215 -8.99 -13.76 20.15
N GLY A 216 -8.69 -12.94 19.14
CA GLY A 216 -9.01 -11.50 19.22
C GLY A 216 -7.85 -10.58 19.53
N LEU A 217 -6.62 -11.09 19.49
CA LEU A 217 -5.44 -10.22 19.69
C LEU A 217 -5.24 -9.34 18.44
N PRO A 218 -5.05 -8.02 18.62
CA PRO A 218 -4.75 -7.16 17.48
C PRO A 218 -3.52 -7.62 16.71
N ALA A 219 -3.54 -7.41 15.40
CA ALA A 219 -2.37 -7.68 14.54
C ALA A 219 -1.16 -6.86 15.03
N GLY A 220 0.03 -7.45 14.97
CA GLY A 220 1.25 -6.76 15.40
C GLY A 220 1.62 -6.82 16.88
N ILE A 221 0.73 -7.36 17.72
CA ILE A 221 1.00 -7.45 19.17
C ILE A 221 1.83 -8.70 19.55
N LEU A 222 1.60 -9.81 18.82
CA LEU A 222 2.50 -10.97 18.87
C LEU A 222 3.01 -11.31 17.48
N ASN A 223 4.25 -10.90 17.23
CA ASN A 223 4.96 -11.29 16.02
C ASN A 223 5.98 -12.38 16.31
N VAL A 224 6.12 -13.31 15.36
CA VAL A 224 7.12 -14.36 15.44
C VAL A 224 8.16 -14.11 14.34
N VAL A 225 9.41 -14.01 14.76
CA VAL A 225 10.52 -13.77 13.85
C VAL A 225 11.48 -14.95 13.98
N ASN A 226 11.41 -15.87 13.03
CA ASN A 226 12.35 -16.97 13.01
C ASN A 226 13.74 -16.54 12.57
N GLY A 227 14.74 -17.26 13.05
CA GLY A 227 16.14 -16.94 12.76
C GLY A 227 17.15 -17.60 13.71
N ASP A 228 18.42 -17.34 13.45
CA ASP A 228 19.52 -17.81 14.30
C ASP A 228 20.13 -16.64 15.08
N LYS A 229 21.43 -16.74 15.35
CA LYS A 229 22.22 -15.69 15.99
C LYS A 229 22.04 -14.29 15.36
N GLY A 230 21.94 -14.23 14.03
CA GLY A 230 21.71 -12.97 13.32
C GLY A 230 20.46 -12.24 13.84
N ALA A 231 19.32 -12.95 13.89
CA ALA A 231 18.07 -12.38 14.39
C ALA A 231 18.18 -11.95 15.87
N VAL A 232 18.84 -12.79 16.67
CA VAL A 232 19.08 -12.51 18.09
C VAL A 232 19.91 -11.22 18.26
N ASP A 233 21.01 -11.09 17.52
CA ASP A 233 21.82 -9.87 17.59
C ASP A 233 21.02 -8.63 17.16
N ALA A 234 20.19 -8.77 16.11
CA ALA A 234 19.34 -7.69 15.66
C ALA A 234 18.36 -7.23 16.76
N ILE A 235 17.81 -8.18 17.49
CA ILE A 235 16.90 -7.88 18.60
C ILE A 235 17.63 -7.09 19.71
N LEU A 236 18.81 -7.60 20.08
CA LEU A 236 19.59 -7.07 21.21
C LEU A 236 20.07 -5.65 20.97
N THR A 237 20.28 -5.32 19.70
CA THR A 237 20.79 -4.00 19.33
C THR A 237 19.70 -3.01 18.90
N HIS A 238 18.46 -3.47 18.75
CA HIS A 238 17.37 -2.57 18.35
C HIS A 238 16.97 -1.61 19.48
N PRO A 239 17.05 -0.28 19.25
CA PRO A 239 16.82 0.63 20.38
C PRO A 239 15.34 0.76 20.77
N ASP A 240 14.43 0.22 19.96
CA ASP A 240 13.00 0.23 20.31
C ASP A 240 12.54 -1.00 21.12
N ILE A 241 13.40 -1.99 21.31
CA ILE A 241 13.04 -3.12 22.17
C ILE A 241 13.52 -2.82 23.60
N ALA A 242 12.59 -2.84 24.56
CA ALA A 242 12.85 -2.45 25.95
C ALA A 242 13.36 -3.56 26.87
N ALA A 243 13.03 -4.81 26.54
CA ALA A 243 13.19 -5.92 27.45
C ALA A 243 13.34 -7.24 26.71
N VAL A 244 14.29 -8.04 27.16
CA VAL A 244 14.55 -9.35 26.55
C VAL A 244 14.46 -10.47 27.59
N SER A 245 13.78 -11.54 27.22
CA SER A 245 13.67 -12.73 28.06
C SER A 245 14.27 -13.92 27.31
N PHE A 246 15.17 -14.66 27.96
CA PHE A 246 15.88 -15.78 27.34
C PHE A 246 15.81 -17.09 28.15
N VAL A 247 15.59 -18.18 27.43
CA VAL A 247 15.70 -19.52 28.02
C VAL A 247 16.50 -20.42 27.07
N GLY A 248 17.52 -21.09 27.63
CA GLY A 248 18.41 -21.96 26.84
C GLY A 248 19.65 -22.39 27.59
N SER A 249 20.73 -22.64 26.85
CA SER A 249 21.98 -23.06 27.47
C SER A 249 22.64 -21.90 28.20
N THR A 250 23.41 -22.23 29.24
CA THR A 250 24.14 -21.22 30.01
C THR A 250 25.10 -20.31 29.21
N PRO A 251 25.94 -20.88 28.31
CA PRO A 251 26.81 -19.96 27.53
C PRO A 251 26.03 -18.91 26.72
N ILE A 252 24.93 -19.30 26.07
CA ILE A 252 24.13 -18.34 25.30
C ILE A 252 23.38 -17.38 26.25
N ALA A 253 22.90 -17.93 27.38
CA ALA A 253 22.23 -17.10 28.40
C ALA A 253 23.14 -15.96 28.89
N ARG A 254 24.40 -16.26 29.17
CA ARG A 254 25.39 -15.24 29.59
C ARG A 254 25.57 -14.18 28.52
N TYR A 255 25.74 -14.62 27.27
CA TYR A 255 25.93 -13.72 26.14
C TYR A 255 24.73 -12.78 25.93
N VAL A 256 23.52 -13.33 25.91
CA VAL A 256 22.29 -12.54 25.74
C VAL A 256 22.12 -11.53 26.90
N TYR A 257 22.40 -11.99 28.12
CA TYR A 257 22.29 -11.15 29.31
C TYR A 257 23.25 -9.95 29.28
N GLY A 258 24.53 -10.23 29.15
CA GLY A 258 25.56 -9.21 29.03
C GLY A 258 25.33 -8.26 27.88
N THR A 259 25.04 -8.81 26.70
CA THR A 259 24.80 -7.99 25.51
C THR A 259 23.55 -7.09 25.67
N ALA A 260 22.47 -7.66 26.22
CA ALA A 260 21.25 -6.90 26.44
C ALA A 260 21.53 -5.71 27.32
N ALA A 261 22.24 -5.97 28.42
CA ALA A 261 22.52 -4.93 29.40
C ALA A 261 23.41 -3.87 28.76
N MSE A 262 24.32 -4.31 27.90
CA MSE A 262 25.26 -3.43 27.23
C MSE A 262 24.49 -2.49 26.34
O MSE A 262 24.94 -1.39 26.06
CB MSE A 262 26.29 -4.23 26.43
CG MSE A 262 27.49 -4.69 27.25
SE MSE A 262 28.57 -3.22 28.04
CE MSE A 262 29.89 -4.33 29.01
N ASN A 263 23.31 -2.92 25.88
CA ASN A 263 22.47 -2.08 25.03
C ASN A 263 21.41 -1.30 25.82
N GLY A 264 21.52 -1.36 27.16
CA GLY A 264 20.66 -0.61 28.07
C GLY A 264 19.30 -1.21 28.34
N LYS A 265 19.07 -2.45 27.88
CA LYS A 265 17.79 -3.14 28.01
C LYS A 265 17.67 -3.84 29.35
N ARG A 266 16.45 -4.10 29.81
CA ARG A 266 16.30 -5.04 30.91
C ARG A 266 16.32 -6.49 30.40
N ALA A 267 16.85 -7.38 31.22
CA ALA A 267 17.06 -8.77 30.80
C ALA A 267 16.83 -9.77 31.92
N GLN A 268 16.26 -10.91 31.52
CA GLN A 268 16.19 -12.08 32.39
C GLN A 268 16.56 -13.30 31.53
N CYS A 269 17.57 -14.03 31.99
CA CYS A 269 18.07 -15.19 31.25
C CYS A 269 18.19 -16.42 32.13
N PHE A 270 17.89 -17.58 31.54
CA PHE A 270 17.74 -18.83 32.28
C PHE A 270 18.50 -19.90 31.51
N GLY A 271 19.37 -20.63 32.22
CA GLY A 271 20.42 -21.43 31.60
C GLY A 271 20.25 -22.93 31.77
N GLY A 272 21.38 -23.63 31.80
CA GLY A 272 21.41 -25.08 31.91
C GLY A 272 21.29 -25.61 33.34
N ALA A 273 21.46 -26.93 33.47
CA ALA A 273 21.24 -27.61 34.75
C ALA A 273 22.03 -28.91 34.87
N LYS A 274 22.20 -29.37 36.11
CA LYS A 274 22.64 -30.73 36.39
C LYS A 274 21.91 -31.09 37.68
N ASN A 275 20.62 -31.38 37.55
CA ASN A 275 19.77 -31.60 38.70
C ASN A 275 20.06 -32.91 39.41
N HIS A 276 20.28 -32.81 40.74
CA HIS A 276 20.52 -33.95 41.62
C HIS A 276 19.27 -34.37 42.39
N MSE A 277 19.10 -35.69 42.54
CA MSE A 277 18.10 -36.21 43.46
C MSE A 277 18.88 -36.97 44.49
O MSE A 277 19.61 -37.92 44.17
CB MSE A 277 17.11 -37.14 42.76
CG MSE A 277 16.06 -37.62 43.75
SE MSE A 277 15.02 -39.14 43.01
CE MSE A 277 14.17 -38.20 41.52
N ILE A 278 18.73 -36.54 45.74
CA ILE A 278 19.37 -37.19 46.88
C ILE A 278 18.36 -38.17 47.47
N ILE A 279 18.81 -39.41 47.72
CA ILE A 279 17.94 -40.43 48.30
C ILE A 279 18.44 -40.89 49.69
N MSE A 280 17.71 -40.51 50.74
CA MSE A 280 18.05 -40.87 52.11
C MSE A 280 17.69 -42.30 52.38
O MSE A 280 16.79 -42.86 51.72
CB MSE A 280 17.26 -39.97 53.07
CG MSE A 280 17.66 -38.49 53.04
SE MSE A 280 19.57 -38.19 53.45
CE MSE A 280 19.61 -38.69 55.36
N PRO A 281 18.34 -42.93 53.38
CA PRO A 281 18.14 -44.35 53.63
C PRO A 281 16.72 -44.73 54.07
N ASP A 282 15.93 -43.74 54.49
CA ASP A 282 14.57 -43.97 54.99
C ASP A 282 13.50 -43.72 53.92
N ALA A 283 13.94 -43.34 52.73
CA ALA A 283 13.05 -42.97 51.62
C ALA A 283 12.19 -44.15 51.13
N ASP A 284 11.10 -43.83 50.44
CA ASP A 284 10.34 -44.86 49.74
C ASP A 284 11.09 -45.16 48.46
N LEU A 285 11.79 -46.31 48.46
CA LEU A 285 12.67 -46.69 47.36
C LEU A 285 11.95 -47.03 46.05
N ASP A 286 10.76 -47.62 46.15
CA ASP A 286 9.92 -47.88 44.98
C ASP A 286 9.53 -46.58 44.27
N GLN A 287 9.02 -45.63 45.04
CA GLN A 287 8.71 -44.29 44.51
C GLN A 287 9.95 -43.55 44.02
N ALA A 288 11.06 -43.68 44.74
CA ALA A 288 12.32 -43.06 44.27
C ALA A 288 12.77 -43.62 42.90
N ALA A 289 12.73 -44.96 42.75
CA ALA A 289 13.08 -45.59 41.47
C ALA A 289 12.14 -45.14 40.33
N ASN A 290 10.84 -45.21 40.59
CA ASN A 290 9.81 -44.69 39.67
C ASN A 290 10.03 -43.22 39.26
N ALA A 291 10.41 -42.39 40.21
CA ALA A 291 10.68 -40.97 39.96
C ALA A 291 11.88 -40.81 39.08
N LEU A 292 12.88 -41.67 39.27
CA LEU A 292 14.14 -41.55 38.54
C LEU A 292 14.00 -41.95 37.08
N ILE A 293 13.21 -42.98 36.81
CA ILE A 293 12.98 -43.42 35.46
C ILE A 293 12.27 -42.35 34.64
N GLY A 294 11.24 -41.79 35.22
CA GLY A 294 10.52 -40.67 34.61
C GLY A 294 11.34 -39.39 34.51
N ALA A 295 12.04 -39.03 35.59
CA ALA A 295 12.76 -37.74 35.60
C ALA A 295 14.05 -37.82 34.85
N GLY A 296 14.62 -39.03 34.75
CA GLY A 296 15.91 -39.20 34.08
C GLY A 296 15.76 -39.34 32.57
N TYR A 297 14.68 -40.00 32.15
CA TYR A 297 14.55 -40.49 30.77
C TYR A 297 13.35 -39.91 30.03
N GLY A 298 12.43 -39.26 30.76
CA GLY A 298 11.40 -38.48 30.13
C GLY A 298 11.99 -37.49 29.13
N SER A 299 11.34 -37.40 27.96
CA SER A 299 11.80 -36.56 26.84
C SER A 299 13.25 -36.83 26.43
N ALA A 300 13.68 -38.09 26.58
CA ALA A 300 15.06 -38.52 26.34
C ALA A 300 16.10 -37.71 27.15
N GLY A 301 15.68 -37.20 28.31
CA GLY A 301 16.55 -36.40 29.16
C GLY A 301 16.82 -35.00 28.65
N GLU A 302 16.09 -34.59 27.61
CA GLU A 302 16.24 -33.24 27.06
C GLU A 302 15.43 -32.19 27.84
N ARG A 303 15.75 -32.03 29.13
CA ARG A 303 15.08 -31.02 29.98
C ARG A 303 16.07 -30.37 30.95
N CYS A 304 15.96 -29.06 31.13
CA CYS A 304 16.78 -28.40 32.15
C CYS A 304 16.27 -28.71 33.57
N MSE A 305 15.24 -29.55 33.66
CA MSE A 305 14.73 -30.07 34.95
C MSE A 305 14.73 -31.59 34.96
O MSE A 305 14.07 -32.22 35.80
CB MSE A 305 13.37 -29.49 35.30
CG MSE A 305 13.39 -27.96 35.41
SE MSE A 305 14.37 -27.34 37.01
CE MSE A 305 12.99 -27.81 38.33
N ALA A 306 15.44 -32.21 34.02
CA ALA A 306 15.70 -33.65 34.10
C ALA A 306 16.59 -33.86 35.32
N ILE A 307 16.38 -34.99 35.99
CA ILE A 307 17.34 -35.47 36.99
C ILE A 307 18.44 -36.18 36.23
N SER A 308 19.65 -35.62 36.31
CA SER A 308 20.82 -36.22 35.63
C SER A 308 21.80 -36.90 36.60
N VAL A 309 21.64 -36.67 37.90
CA VAL A 309 22.50 -37.25 38.95
C VAL A 309 21.66 -37.78 40.12
N ALA A 310 21.84 -39.05 40.45
CA ALA A 310 21.19 -39.66 41.62
C ALA A 310 22.25 -39.85 42.70
N VAL A 311 21.93 -39.39 43.90
CA VAL A 311 22.84 -39.41 45.05
C VAL A 311 22.22 -40.22 46.21
N PRO A 312 22.31 -41.57 46.14
CA PRO A 312 21.87 -42.40 47.27
C PRO A 312 22.82 -42.19 48.43
N VAL A 313 22.31 -42.23 49.65
CA VAL A 313 23.13 -42.01 50.83
C VAL A 313 23.35 -43.38 51.48
N GLY A 314 24.61 -43.79 51.58
CA GLY A 314 24.96 -45.09 52.11
C GLY A 314 24.91 -46.20 51.09
N GLU A 315 25.82 -47.17 51.23
CA GLU A 315 25.95 -48.27 50.29
C GLU A 315 24.67 -49.07 50.10
N GLU A 316 23.96 -49.36 51.20
CA GLU A 316 22.78 -50.21 51.09
C GLU A 316 21.71 -49.55 50.23
N THR A 317 21.49 -48.26 50.45
CA THR A 317 20.55 -47.48 49.67
C THR A 317 20.90 -47.50 48.18
N ALA A 318 22.17 -47.24 47.85
CA ALA A 318 22.66 -47.27 46.47
C ALA A 318 22.33 -48.61 45.83
N ASN A 319 22.74 -49.69 46.48
CA ASN A 319 22.55 -51.05 45.96
C ASN A 319 21.10 -51.44 45.75
N ARG A 320 20.26 -51.08 46.73
CA ARG A 320 18.85 -51.40 46.64
C ARG A 320 18.16 -50.57 45.56
N LEU A 321 18.57 -49.30 45.44
CA LEU A 321 18.00 -48.39 44.42
C LEU A 321 18.42 -48.74 42.99
N ILE A 322 19.71 -49.03 42.80
CA ILE A 322 20.22 -49.54 41.53
C ILE A 322 19.49 -50.84 41.14
N ASP A 323 19.23 -51.71 42.11
CA ASP A 323 18.58 -52.99 41.86
C ASP A 323 17.19 -52.80 41.26
N LYS A 324 16.47 -51.82 41.74
CA LYS A 324 15.13 -51.49 41.28
C LYS A 324 15.14 -50.68 39.97
N LEU A 325 16.12 -49.80 39.84
CA LEU A 325 16.23 -48.90 38.70
C LEU A 325 16.66 -49.59 37.40
N VAL A 326 17.70 -50.41 37.46
CA VAL A 326 18.27 -51.03 36.25
C VAL A 326 17.21 -51.68 35.33
N PRO A 327 16.32 -52.55 35.88
CA PRO A 327 15.34 -53.20 35.00
C PRO A 327 14.41 -52.22 34.31
N MSE A 328 14.01 -51.17 35.03
CA MSE A 328 13.14 -50.14 34.51
C MSE A 328 13.79 -49.41 33.35
O MSE A 328 13.10 -49.04 32.38
CB MSE A 328 12.78 -49.18 35.64
CG MSE A 328 11.87 -49.81 36.70
SE MSE A 328 11.40 -48.37 37.99
CE MSE A 328 10.81 -49.49 39.50
N VAL A 329 15.11 -49.17 33.43
CA VAL A 329 15.84 -48.52 32.32
C VAL A 329 15.91 -49.45 31.10
N GLU A 330 16.31 -50.71 31.34
CA GLU A 330 16.41 -51.73 30.28
C GLU A 330 15.10 -51.97 29.51
N SER A 331 13.96 -51.86 30.19
CA SER A 331 12.65 -52.10 29.57
C SER A 331 11.96 -50.86 28.97
N LEU A 332 12.64 -49.71 28.96
CA LEU A 332 12.09 -48.51 28.29
C LEU A 332 11.71 -48.82 26.86
N ARG A 333 10.52 -48.41 26.43
CA ARG A 333 10.16 -48.50 25.02
C ARG A 333 10.54 -47.22 24.26
N ILE A 334 11.39 -47.37 23.26
CA ILE A 334 11.92 -46.25 22.50
C ILE A 334 11.28 -46.32 21.12
N GLY A 335 10.82 -45.18 20.60
CA GLY A 335 10.17 -45.15 19.29
C GLY A 335 9.75 -43.77 18.81
N PRO A 336 9.28 -43.67 17.56
CA PRO A 336 8.86 -42.39 17.01
C PRO A 336 7.53 -41.98 17.63
N TYR A 337 7.17 -40.70 17.44
CA TYR A 337 5.94 -40.17 18.04
C TYR A 337 4.67 -40.87 17.51
N THR A 338 4.74 -41.44 16.30
CA THR A 338 3.62 -42.20 15.73
C THR A 338 3.33 -43.50 16.50
N ASP A 339 4.29 -43.95 17.31
CA ASP A 339 4.10 -45.10 18.21
C ASP A 339 3.79 -44.58 19.61
N GLU A 340 2.49 -44.55 19.93
CA GLU A 340 1.97 -43.91 21.14
C GLU A 340 2.12 -44.75 22.40
N LYS A 341 2.80 -45.89 22.24
CA LYS A 341 3.14 -46.80 23.32
C LYS A 341 4.56 -46.51 23.84
N ALA A 342 5.37 -45.84 23.04
CA ALA A 342 6.75 -45.48 23.41
C ALA A 342 6.86 -44.57 24.62
N ASP A 343 7.87 -44.83 25.45
CA ASP A 343 8.22 -43.96 26.58
C ASP A 343 9.10 -42.78 26.19
N MSE A 344 9.81 -42.91 25.08
CA MSE A 344 10.92 -42.02 24.79
C MSE A 344 11.17 -42.03 23.32
O MSE A 344 11.06 -43.07 22.66
CB MSE A 344 12.14 -42.59 25.49
CG MSE A 344 13.29 -41.61 25.54
SE MSE A 344 14.74 -42.45 26.59
CE MSE A 344 15.82 -43.05 25.06
N GLY A 345 11.50 -40.86 22.80
CA GLY A 345 11.73 -40.68 21.39
C GLY A 345 13.19 -40.42 21.10
N PRO A 346 13.47 -39.95 19.88
CA PRO A 346 14.85 -39.62 19.53
C PRO A 346 15.23 -38.25 20.08
N VAL A 347 16.53 -37.95 20.09
CA VAL A 347 17.02 -36.63 20.43
C VAL A 347 16.87 -35.72 19.21
N VAL A 348 17.02 -34.42 19.42
CA VAL A 348 16.54 -33.42 18.46
C VAL A 348 17.33 -33.36 17.14
N THR A 349 18.64 -33.54 17.20
CA THR A 349 19.49 -33.45 15.99
C THR A 349 20.57 -34.51 16.02
N LYS A 350 21.16 -34.75 14.85
CA LYS A 350 22.37 -35.57 14.74
C LYS A 350 23.52 -35.05 15.62
N GLU A 351 23.68 -33.72 15.66
CA GLU A 351 24.70 -33.04 16.51
C GLU A 351 24.53 -33.35 18.00
N ALA A 352 23.30 -33.19 18.50
CA ALA A 352 22.99 -33.56 19.89
C ALA A 352 23.30 -35.05 20.09
N GLU A 353 22.85 -35.90 19.16
CA GLU A 353 23.19 -37.32 19.25
C GLU A 353 24.70 -37.57 19.42
N GLN A 354 25.50 -36.96 18.55
CA GLN A 354 26.95 -37.19 18.60
C GLN A 354 27.62 -36.61 19.85
N ARG A 355 27.20 -35.40 20.25
CA ARG A 355 27.63 -34.79 21.51
C ARG A 355 27.35 -35.68 22.75
N ILE A 356 26.16 -36.30 22.76
CA ILE A 356 25.76 -37.20 23.85
C ILE A 356 26.61 -38.46 23.83
N ARG A 357 26.78 -39.04 22.65
CA ARG A 357 27.56 -40.27 22.48
C ARG A 357 29.03 -40.06 22.85
N SER A 358 29.58 -38.91 22.49
CA SER A 358 30.95 -38.59 22.88
C SER A 358 31.06 -38.50 24.42
N LEU A 359 30.09 -37.85 25.06
CA LEU A 359 30.07 -37.74 26.51
C LEU A 359 29.98 -39.10 27.22
N ILE A 360 29.12 -40.00 26.71
CA ILE A 360 29.00 -41.36 27.22
C ILE A 360 30.34 -42.12 27.16
N ASP A 361 31.04 -41.99 26.03
CA ASP A 361 32.36 -42.59 25.86
C ASP A 361 33.37 -42.04 26.88
N SER A 362 33.33 -40.73 27.11
CA SER A 362 34.23 -40.11 28.09
C SER A 362 33.99 -40.66 29.51
N GLY A 363 32.73 -40.94 29.84
CA GLY A 363 32.35 -41.63 31.09
C GLY A 363 33.08 -42.96 31.30
N ILE A 364 33.07 -43.81 30.28
CA ILE A 364 33.78 -45.11 30.31
C ILE A 364 35.28 -44.86 30.47
N GLU A 365 35.85 -44.07 29.56
CA GLU A 365 37.26 -43.70 29.57
C GLU A 365 37.73 -43.17 30.93
N GLN A 366 36.87 -42.46 31.66
CA GLN A 366 37.29 -41.88 32.93
C GLN A 366 36.99 -42.73 34.17
N GLY A 367 36.49 -43.94 33.94
CA GLY A 367 36.36 -44.94 35.01
C GLY A 367 34.99 -45.14 35.66
N ALA A 368 33.94 -44.51 35.12
CA ALA A 368 32.58 -44.78 35.58
C ALA A 368 32.12 -46.14 35.06
N LYS A 369 31.25 -46.79 35.82
CA LYS A 369 30.67 -48.08 35.44
C LYS A 369 29.33 -47.90 34.70
N LEU A 370 29.34 -48.18 33.39
CA LEU A 370 28.13 -48.16 32.60
C LEU A 370 27.32 -49.42 32.91
N VAL A 371 26.35 -49.33 33.82
CA VAL A 371 25.59 -50.53 34.21
C VAL A 371 24.50 -50.89 33.20
N VAL A 372 23.88 -49.88 32.60
CA VAL A 372 23.00 -50.07 31.46
C VAL A 372 23.61 -49.30 30.28
N ASP A 373 24.01 -50.05 29.25
CA ASP A 373 24.65 -49.49 28.04
C ASP A 373 23.66 -49.43 26.88
N GLY A 374 23.26 -48.21 26.51
CA GLY A 374 22.28 -48.00 25.44
C GLY A 374 22.87 -47.61 24.09
N ARG A 375 24.20 -47.65 23.97
CA ARG A 375 24.88 -47.18 22.75
C ARG A 375 24.56 -47.98 21.48
N ASP A 376 24.17 -49.26 21.66
CA ASP A 376 23.94 -50.19 20.56
C ASP A 376 22.52 -50.18 20.01
N PHE A 377 21.62 -49.46 20.67
CA PHE A 377 20.21 -49.47 20.27
C PHE A 377 20.01 -49.01 18.82
N LYS A 378 19.24 -49.77 18.06
CA LYS A 378 18.78 -49.36 16.74
C LYS A 378 17.32 -49.73 16.63
N LEU A 379 16.56 -48.87 15.96
CA LEU A 379 15.16 -49.15 15.77
C LEU A 379 14.95 -49.52 14.33
N GLN A 380 14.40 -50.72 14.13
CA GLN A 380 14.12 -51.25 12.81
C GLN A 380 13.16 -50.30 12.11
N GLY A 381 13.47 -49.98 10.86
CA GLY A 381 12.68 -49.03 10.08
C GLY A 381 13.09 -47.58 10.33
N TYR A 382 13.90 -47.34 11.36
CA TYR A 382 14.25 -45.97 11.78
C TYR A 382 15.73 -45.86 12.07
N GLU A 383 16.52 -46.56 11.26
CA GLU A 383 17.95 -46.70 11.50
C GLU A 383 18.68 -45.38 11.41
N ASN A 384 18.05 -44.42 10.77
CA ASN A 384 18.60 -43.10 10.61
C ASN A 384 18.07 -42.03 11.51
N GLY A 385 17.13 -42.41 12.36
CA GLY A 385 16.63 -41.53 13.41
C GLY A 385 17.70 -41.29 14.47
N HIS A 386 17.55 -40.23 15.25
CA HIS A 386 18.56 -39.86 16.27
C HIS A 386 18.33 -40.57 17.59
N PHE A 387 18.27 -41.91 17.54
CA PHE A 387 17.92 -42.75 18.69
C PHE A 387 19.12 -43.22 19.53
N ILE A 388 19.04 -43.03 20.84
CA ILE A 388 20.06 -43.49 21.80
C ILE A 388 19.31 -44.25 22.89
N GLY A 389 19.79 -45.46 23.20
CA GLY A 389 19.23 -46.22 24.31
C GLY A 389 19.52 -45.57 25.65
N GLY A 390 18.68 -45.89 26.64
CA GLY A 390 18.89 -45.40 27.99
C GLY A 390 20.26 -45.83 28.54
N CYS A 391 20.98 -44.89 29.13
CA CYS A 391 22.26 -45.20 29.74
C CYS A 391 22.22 -44.91 31.23
N LEU A 392 22.90 -45.76 32.01
CA LEU A 392 23.03 -45.54 33.45
C LEU A 392 24.48 -45.78 33.86
N PHE A 393 25.10 -44.75 34.44
CA PHE A 393 26.43 -44.87 35.00
C PHE A 393 26.33 -44.99 36.52
N ASP A 394 27.15 -45.89 37.09
CA ASP A 394 27.36 -46.01 38.55
C ASP A 394 28.82 -45.58 38.86
N ASP A 395 29.12 -45.31 40.13
CA ASP A 395 30.46 -44.89 40.59
C ASP A 395 31.01 -43.64 39.89
N VAL A 396 30.10 -42.75 39.51
CA VAL A 396 30.47 -41.48 38.92
C VAL A 396 31.10 -40.63 40.03
N THR A 397 32.14 -39.86 39.69
CA THR A 397 32.78 -38.97 40.65
C THR A 397 32.78 -37.54 40.13
N PRO A 398 32.83 -36.55 41.04
CA PRO A 398 32.68 -35.14 40.67
C PRO A 398 33.73 -34.59 39.69
N ASP A 399 34.84 -35.28 39.48
CA ASP A 399 35.85 -34.78 38.55
C ASP A 399 35.66 -35.26 37.11
N MSE A 400 34.68 -36.13 36.89
CA MSE A 400 34.41 -36.68 35.55
C MSE A 400 33.54 -35.72 34.74
O MSE A 400 32.69 -35.03 35.30
CB MSE A 400 33.65 -37.98 35.68
CG MSE A 400 34.44 -39.05 36.44
SE MSE A 400 33.36 -40.70 36.40
CE MSE A 400 34.64 -41.88 37.34
N ASP A 401 33.75 -35.70 33.43
CA ASP A 401 32.97 -34.86 32.51
C ASP A 401 31.48 -35.11 32.53
N ILE A 402 31.08 -36.39 32.63
CA ILE A 402 29.67 -36.77 32.63
C ILE A 402 28.94 -36.18 33.83
N TYR A 403 29.72 -35.80 34.85
CA TYR A 403 29.18 -35.19 36.04
C TYR A 403 29.18 -33.66 35.96
N LYS A 404 30.25 -33.08 35.42
CA LYS A 404 30.36 -31.62 35.34
C LYS A 404 29.48 -31.03 34.23
N THR A 405 29.28 -31.79 33.17
CA THR A 405 28.66 -31.28 31.93
C THR A 405 27.19 -31.66 31.82
N GLU A 406 26.36 -30.70 31.44
CA GLU A 406 24.98 -30.98 31.11
C GLU A 406 24.94 -31.82 29.83
N ILE A 407 24.49 -33.07 29.94
CA ILE A 407 24.47 -34.02 28.80
C ILE A 407 23.23 -33.81 27.90
N PHE A 408 22.08 -33.57 28.49
CA PHE A 408 20.84 -33.35 27.80
C PHE A 408 20.45 -34.54 26.95
N GLY A 409 20.75 -35.73 27.45
CA GLY A 409 20.41 -36.98 26.78
C GLY A 409 19.97 -38.02 27.80
N PRO A 410 19.58 -39.22 27.31
CA PRO A 410 19.07 -40.25 28.22
C PRO A 410 20.21 -40.91 29.00
N VAL A 411 20.91 -40.12 29.81
CA VAL A 411 22.11 -40.57 30.51
C VAL A 411 22.07 -40.13 31.96
N LEU A 412 21.87 -41.11 32.86
CA LEU A 412 21.77 -40.85 34.29
C LEU A 412 23.00 -41.32 35.04
N SER A 413 23.53 -40.45 35.89
CA SER A 413 24.74 -40.73 36.68
C SER A 413 24.44 -40.95 38.16
N VAL A 414 25.05 -41.98 38.75
CA VAL A 414 24.88 -42.27 40.15
C VAL A 414 26.18 -41.95 40.87
N VAL A 415 26.10 -40.99 41.79
CA VAL A 415 27.20 -40.69 42.70
C VAL A 415 26.81 -41.20 44.10
N ARG A 416 27.66 -42.08 44.62
CA ARG A 416 27.46 -42.67 45.93
C ARG A 416 27.96 -41.71 47.02
N ALA A 417 27.04 -41.29 47.88
CA ALA A 417 27.37 -40.40 48.99
C ALA A 417 27.49 -41.19 50.30
N ARG A 418 28.46 -40.81 51.13
CA ARG A 418 28.78 -41.54 52.37
C ARG A 418 27.83 -41.14 53.51
N ASN A 419 27.39 -39.89 53.51
CA ASN A 419 26.45 -39.39 54.51
C ASN A 419 25.64 -38.21 53.96
N TYR A 420 24.79 -37.66 54.83
CA TYR A 420 23.91 -36.56 54.47
C TYR A 420 24.65 -35.28 54.05
N GLU A 421 25.65 -34.87 54.83
CA GLU A 421 26.46 -33.70 54.51
C GLU A 421 27.20 -33.85 53.17
N GLU A 422 27.77 -35.04 52.94
CA GLU A 422 28.45 -35.28 51.66
C GLU A 422 27.44 -35.15 50.50
N ALA A 423 26.28 -35.79 50.64
CA ALA A 423 25.21 -35.75 49.63
C ALA A 423 24.79 -34.31 49.31
N LEU A 424 24.59 -33.52 50.36
CA LEU A 424 24.20 -32.13 50.22
C LEU A 424 25.24 -31.31 49.47
N SER A 425 26.51 -31.55 49.76
CA SER A 425 27.60 -30.74 49.19
C SER A 425 27.75 -30.90 47.68
N LEU A 426 27.24 -32.01 47.13
CA LEU A 426 27.31 -32.25 45.67
C LEU A 426 26.51 -31.21 44.83
N PRO A 427 25.17 -31.12 45.02
CA PRO A 427 24.51 -30.02 44.30
C PRO A 427 24.94 -28.63 44.78
N MSE A 428 25.33 -28.52 46.06
CA MSE A 428 25.81 -27.25 46.63
C MSE A 428 26.98 -26.73 45.86
O MSE A 428 27.01 -25.56 45.50
CB MSE A 428 26.18 -27.40 48.12
CG MSE A 428 26.50 -26.06 48.79
SE MSE A 428 24.85 -25.11 49.35
CE MSE A 428 24.57 -26.19 50.99
N LYS A 429 27.91 -27.62 45.55
CA LYS A 429 29.17 -27.24 44.92
C LYS A 429 29.12 -27.16 43.39
N HIS A 430 28.09 -27.69 42.77
CA HIS A 430 27.98 -27.68 41.31
C HIS A 430 27.80 -26.27 40.74
N GLU A 431 28.34 -26.04 39.55
CA GLU A 431 28.11 -24.78 38.84
C GLU A 431 26.61 -24.48 38.69
N TYR A 432 25.82 -25.53 38.41
CA TYR A 432 24.40 -25.41 38.11
C TYR A 432 23.54 -25.45 39.36
N GLY A 433 22.44 -24.70 39.33
CA GLY A 433 21.53 -24.59 40.47
C GLY A 433 20.07 -24.42 40.08
N ASN A 434 19.63 -25.24 39.13
CA ASN A 434 18.29 -25.12 38.58
C ASN A 434 17.30 -25.81 39.52
N GLY A 435 17.34 -27.14 39.52
CA GLY A 435 16.48 -27.92 40.39
C GLY A 435 17.25 -28.95 41.21
N VAL A 436 16.67 -29.37 42.31
CA VAL A 436 17.24 -30.40 43.19
C VAL A 436 16.10 -31.09 43.91
N ALA A 437 16.31 -32.36 44.26
CA ALA A 437 15.30 -33.10 45.01
C ALA A 437 15.94 -33.91 46.14
N ILE A 438 15.17 -34.10 47.20
CA ILE A 438 15.55 -35.00 48.28
C ILE A 438 14.39 -35.97 48.54
N TYR A 439 14.69 -37.25 48.58
CA TYR A 439 13.69 -38.24 48.94
C TYR A 439 13.99 -38.77 50.36
N THR A 440 13.05 -38.52 51.25
CA THR A 440 13.17 -38.89 52.66
C THR A 440 11.80 -38.82 53.35
N ARG A 441 11.67 -39.59 54.43
CA ARG A 441 10.49 -39.54 55.29
C ARG A 441 10.69 -38.56 56.43
N ASP A 442 11.94 -38.14 56.60
CA ASP A 442 12.36 -37.36 57.78
C ASP A 442 12.16 -35.87 57.56
N GLY A 443 11.28 -35.27 58.36
CA GLY A 443 11.01 -33.83 58.31
C GLY A 443 12.23 -32.97 58.54
N ASP A 444 13.09 -33.39 59.46
CA ASP A 444 14.30 -32.64 59.77
C ASP A 444 15.24 -32.57 58.56
N ALA A 445 15.46 -33.71 57.93
CA ALA A 445 16.33 -33.79 56.76
C ALA A 445 15.79 -32.94 55.61
N ALA A 446 14.50 -33.06 55.32
CA ALA A 446 13.88 -32.30 54.23
C ALA A 446 13.98 -30.78 54.46
N ARG A 447 13.63 -30.34 55.67
CA ARG A 447 13.65 -28.92 56.01
C ARG A 447 15.08 -28.40 55.88
N ASP A 448 16.00 -29.07 56.54
CA ASP A 448 17.38 -28.63 56.60
C ASP A 448 17.99 -28.54 55.18
N PHE A 449 17.82 -29.60 54.39
CA PHE A 449 18.29 -29.66 53.02
C PHE A 449 17.70 -28.55 52.13
N ALA A 450 16.38 -28.38 52.19
CA ALA A 450 15.71 -27.35 51.37
C ALA A 450 16.07 -25.92 51.85
N SER A 451 16.37 -25.78 53.13
CA SER A 451 16.72 -24.46 53.60
C SER A 451 18.10 -24.04 53.12
N ARG A 452 19.04 -24.98 53.14
CA ARG A 452 20.45 -24.66 52.96
C ARG A 452 20.92 -24.63 51.50
N ILE A 453 20.32 -25.47 50.66
CA ILE A 453 20.82 -25.69 49.29
C ILE A 453 20.74 -24.40 48.43
N ASN A 454 21.76 -24.18 47.60
CA ASN A 454 21.88 -22.93 46.83
C ASN A 454 21.29 -23.12 45.43
N ILE A 455 20.07 -23.62 45.42
CA ILE A 455 19.38 -24.04 44.22
C ILE A 455 17.95 -23.50 44.34
N GLY A 456 17.47 -22.93 43.23
CA GLY A 456 16.20 -22.17 43.22
C GLY A 456 14.94 -22.99 43.31
N MSE A 457 14.95 -24.22 42.79
CA MSE A 457 13.70 -25.02 42.79
C MSE A 457 13.95 -26.34 43.45
O MSE A 457 14.81 -27.13 43.01
CB MSE A 457 13.12 -25.17 41.39
CG MSE A 457 12.66 -23.79 40.92
SE MSE A 457 12.41 -23.78 38.96
CE MSE A 457 14.29 -23.81 38.33
N VAL A 458 13.20 -26.62 44.52
CA VAL A 458 13.51 -27.77 45.38
C VAL A 458 12.34 -28.73 45.51
N GLY A 459 12.62 -30.01 45.30
CA GLY A 459 11.62 -31.06 45.46
C GLY A 459 11.82 -31.86 46.74
N VAL A 460 10.77 -31.94 47.55
CA VAL A 460 10.77 -32.83 48.68
C VAL A 460 9.87 -34.00 48.30
N ASN A 461 10.50 -35.12 47.97
CA ASN A 461 9.80 -36.30 47.45
C ASN A 461 9.08 -35.95 46.15
N VAL A 462 9.63 -34.95 45.46
CA VAL A 462 9.13 -34.50 44.16
C VAL A 462 10.36 -34.41 43.25
N PRO A 463 10.35 -35.14 42.12
CA PRO A 463 11.56 -35.27 41.31
C PRO A 463 11.82 -34.12 40.36
N ILE A 464 10.74 -33.50 39.86
CA ILE A 464 10.86 -32.36 38.93
C ILE A 464 10.11 -31.19 39.57
N PRO A 465 10.81 -30.41 40.39
CA PRO A 465 10.08 -29.36 41.13
C PRO A 465 9.84 -28.05 40.34
N VAL A 466 9.27 -28.16 39.13
CA VAL A 466 8.89 -26.98 38.33
CA VAL A 466 8.90 -26.97 38.34
C VAL A 466 7.71 -26.28 38.99
N PRO A 467 7.91 -25.03 39.45
CA PRO A 467 6.76 -24.36 40.06
C PRO A 467 5.63 -24.15 39.05
N LEU A 468 4.40 -24.09 39.55
CA LEU A 468 3.23 -23.88 38.71
C LEU A 468 3.18 -22.42 38.22
N ALA A 469 2.35 -22.18 37.21
CA ALA A 469 2.29 -20.91 36.48
C ALA A 469 2.09 -19.68 37.39
N TYR A 470 1.38 -19.89 38.51
CA TYR A 470 1.09 -18.82 39.50
C TYR A 470 2.15 -18.60 40.58
N HIS A 471 3.06 -19.56 40.73
CA HIS A 471 4.35 -19.29 41.37
C HIS A 471 5.32 -18.94 40.21
N SER A 472 6.62 -18.93 40.44
CA SER A 472 7.54 -18.44 39.43
C SER A 472 8.72 -19.40 39.26
N PHE A 473 9.35 -19.36 38.10
CA PHE A 473 10.39 -20.32 37.75
C PHE A 473 11.74 -19.63 37.63
N GLY A 474 12.76 -20.18 38.31
CA GLY A 474 14.10 -19.66 38.16
C GLY A 474 15.13 -20.45 38.94
N GLY A 475 16.25 -20.72 38.28
CA GLY A 475 17.40 -21.35 38.95
C GLY A 475 18.31 -20.33 39.63
N TRP A 476 19.31 -20.84 40.34
CA TRP A 476 20.35 -20.02 40.96
C TRP A 476 21.72 -20.31 40.32
N LYS A 477 22.76 -19.63 40.80
CA LYS A 477 24.13 -19.82 40.33
C LYS A 477 24.21 -19.61 38.81
N SER A 478 24.84 -20.51 38.08
CA SER A 478 25.01 -20.30 36.64
C SER A 478 23.76 -20.68 35.83
N SER A 479 22.66 -21.00 36.52
CA SER A 479 21.41 -21.40 35.86
C SER A 479 20.47 -20.24 35.55
N SER A 480 20.73 -19.05 36.09
CA SER A 480 19.96 -17.87 35.72
C SER A 480 20.74 -16.59 35.90
N PHE A 481 20.25 -15.54 35.24
CA PHE A 481 20.83 -14.20 35.27
C PHE A 481 19.71 -13.18 35.32
N GLY A 482 19.90 -12.15 36.15
CA GLY A 482 18.90 -11.11 36.36
C GLY A 482 18.33 -11.21 37.77
N ASP A 483 17.20 -10.56 37.99
CA ASP A 483 16.62 -10.55 39.32
C ASP A 483 15.12 -10.83 39.37
N LEU A 484 14.55 -11.32 38.28
CA LEU A 484 13.12 -11.62 38.24
C LEU A 484 12.89 -12.94 37.52
N ASN A 485 12.02 -13.79 38.08
CA ASN A 485 11.78 -15.10 37.51
C ASN A 485 10.79 -15.11 36.34
N GLN A 486 10.61 -16.30 35.74
CA GLN A 486 9.58 -16.57 34.73
C GLN A 486 8.21 -16.80 35.38
N HIS A 487 7.17 -16.29 34.73
CA HIS A 487 5.79 -16.27 35.20
C HIS A 487 5.61 -15.80 36.64
N GLY A 488 4.50 -16.17 37.26
CA GLY A 488 4.19 -15.66 38.59
C GLY A 488 4.17 -14.14 38.64
N THR A 489 4.20 -13.58 39.84
CA THR A 489 4.20 -12.12 40.01
C THR A 489 5.48 -11.49 39.48
N ASP A 490 6.58 -12.24 39.49
CA ASP A 490 7.85 -11.74 38.99
C ASP A 490 7.71 -11.27 37.54
N SER A 491 7.04 -12.09 36.73
CA SER A 491 6.82 -11.75 35.31
C SER A 491 6.05 -10.44 35.11
N ILE A 492 5.05 -10.17 35.94
CA ILE A 492 4.33 -8.90 35.89
C ILE A 492 5.26 -7.71 36.14
N LYS A 493 6.13 -7.86 37.13
CA LYS A 493 7.15 -6.89 37.45
C LYS A 493 8.10 -6.68 36.25
N PHE A 494 8.54 -7.78 35.63
CA PHE A 494 9.53 -7.69 34.55
C PHE A 494 8.97 -6.95 33.33
N TRP A 495 7.70 -7.19 33.02
CA TRP A 495 7.04 -6.58 31.87
C TRP A 495 6.32 -5.25 32.13
N THR A 496 6.58 -4.63 33.27
CA THR A 496 5.99 -3.32 33.56
C THR A 496 7.04 -2.39 34.15
N ARG A 497 6.87 -1.10 33.87
CA ARG A 497 7.66 -0.07 34.55
C ARG A 497 6.77 0.68 35.52
N THR A 498 7.37 1.04 36.65
CA THR A 498 6.69 1.72 37.72
C THR A 498 6.78 3.21 37.54
N LYS A 499 5.63 3.86 37.59
CA LYS A 499 5.53 5.30 37.66
C LYS A 499 4.99 5.67 39.02
N THR A 500 5.62 6.63 39.69
CA THR A 500 5.06 7.11 40.95
C THR A 500 4.66 8.57 40.88
N ILE A 501 3.43 8.85 41.30
CA ILE A 501 2.85 10.19 41.26
C ILE A 501 2.67 10.70 42.67
N THR A 502 3.16 11.92 42.93
CA THR A 502 2.95 12.64 44.19
C THR A 502 2.10 13.85 43.84
N SER A 503 1.01 14.01 44.57
CA SER A 503 -0.09 14.83 44.11
C SER A 503 -0.67 15.70 45.22
N ARG A 504 -0.83 16.98 44.92
CA ARG A 504 -1.49 17.94 45.80
C ARG A 504 -2.16 19.02 44.94
N TRP A 505 -3.05 19.80 45.54
CA TRP A 505 -3.74 20.87 44.80
C TRP A 505 -3.73 22.17 45.58
N PRO A 506 -3.63 23.31 44.86
CA PRO A 506 -3.79 24.60 45.53
C PRO A 506 -5.23 24.79 45.95
N SER A 507 -5.47 25.68 46.90
CA SER A 507 -6.83 26.00 47.30
C SER A 507 -7.53 26.74 46.17
N GLY A 508 -8.77 26.37 45.88
CA GLY A 508 -9.48 26.96 44.75
C GLY A 508 -10.94 27.23 45.07
N ILE A 509 -11.80 26.89 44.11
CA ILE A 509 -13.25 27.20 44.16
C ILE A 509 -14.05 26.58 45.31
N LYS A 510 -13.52 25.55 45.96
CA LYS A 510 -14.20 24.97 47.12
C LYS A 510 -14.22 25.96 48.30
N ASP A 511 -13.33 26.96 48.21
CA ASP A 511 -13.22 28.07 49.16
C ASP A 511 -13.59 29.35 48.41
N MSE B 24 44.80 18.52 58.63
CA MSE B 24 44.65 17.50 57.53
C MSE B 24 44.29 16.16 58.11
O MSE B 24 45.00 15.62 58.95
CB MSE B 24 45.95 17.31 56.75
CG MSE B 24 46.50 18.56 56.09
SE MSE B 24 45.42 19.09 54.52
CE MSE B 24 44.64 20.66 55.44
N TYR B 25 43.17 15.59 57.65
CA TYR B 25 42.81 14.22 58.04
C TYR B 25 43.01 13.23 56.89
N GLU B 26 43.08 11.95 57.25
CA GLU B 26 43.51 10.91 56.34
C GLU B 26 42.55 9.72 56.45
N LEU B 27 41.49 9.72 55.65
CA LEU B 27 40.51 8.63 55.67
C LEU B 27 41.00 7.40 54.94
N GLY B 28 40.76 6.23 55.54
CA GLY B 28 41.09 4.95 54.92
C GLY B 28 39.83 4.24 54.46
N HIS B 29 39.71 2.96 54.84
CA HIS B 29 38.49 2.20 54.63
C HIS B 29 37.87 1.85 55.98
N PHE B 30 36.71 1.20 55.95
CA PHE B 30 36.10 0.64 57.15
C PHE B 30 35.81 -0.83 56.89
N ILE B 31 36.64 -1.69 57.43
CA ILE B 31 36.55 -3.11 57.15
C ILE B 31 36.50 -3.88 58.46
N ASP B 32 35.53 -4.79 58.58
CA ASP B 32 35.44 -5.68 59.74
C ASP B 32 35.34 -4.91 61.06
N GLY B 33 34.47 -3.89 61.08
CA GLY B 33 34.13 -3.20 62.31
C GLY B 33 35.07 -2.09 62.71
N LYS B 34 36.08 -1.83 61.89
CA LYS B 34 37.04 -0.78 62.22
C LYS B 34 37.61 -0.01 61.02
N ARG B 35 38.09 1.20 61.32
CA ARG B 35 38.79 2.05 60.36
C ARG B 35 40.14 1.40 60.04
N VAL B 36 40.49 1.28 58.76
CA VAL B 36 41.78 0.69 58.37
C VAL B 36 42.42 1.49 57.26
N ALA B 37 43.74 1.61 57.31
CA ALA B 37 44.49 2.31 56.28
C ALA B 37 44.49 1.50 54.99
N GLY B 38 44.41 2.21 53.86
CA GLY B 38 44.52 1.58 52.54
C GLY B 38 45.90 0.99 52.31
N THR B 39 46.00 0.09 51.34
CA THR B 39 47.27 -0.59 51.06
C THR B 39 47.76 -0.35 49.62
N SER B 40 47.09 0.54 48.90
CA SER B 40 47.45 0.80 47.49
C SER B 40 48.58 1.81 47.35
N GLY B 41 48.71 2.73 48.30
CA GLY B 41 49.72 3.77 48.23
C GLY B 41 49.25 5.00 47.47
N ARG B 42 48.00 4.98 47.03
CA ARG B 42 47.38 6.10 46.30
CA ARG B 42 47.43 6.13 46.33
C ARG B 42 46.27 6.72 47.14
N VAL B 43 46.18 8.04 47.12
CA VAL B 43 45.11 8.74 47.80
C VAL B 43 44.52 9.76 46.83
N SER B 44 43.32 10.25 47.12
CA SER B 44 42.74 11.39 46.40
C SER B 44 42.50 12.52 47.40
N ASN B 45 42.46 13.75 46.90
CA ASN B 45 42.34 14.94 47.73
C ASN B 45 40.89 15.26 48.06
N ILE B 46 40.64 15.60 49.32
CA ILE B 46 39.32 16.06 49.76
C ILE B 46 39.41 17.58 49.97
N PHE B 47 38.58 18.31 49.23
CA PHE B 47 38.52 19.77 49.31
C PHE B 47 37.45 20.26 50.30
N ASN B 48 37.67 21.44 50.87
CA ASN B 48 36.56 22.22 51.39
C ASN B 48 36.16 23.15 50.25
N PRO B 49 35.00 22.89 49.61
CA PRO B 49 34.56 23.64 48.43
C PRO B 49 34.29 25.14 48.69
N ALA B 50 34.02 25.52 49.93
CA ALA B 50 33.84 26.94 50.27
C ALA B 50 35.14 27.77 50.29
N THR B 51 36.29 27.13 50.55
CA THR B 51 37.58 27.84 50.50
C THR B 51 38.39 27.42 49.28
N GLY B 52 38.12 26.23 48.78
CA GLY B 52 38.79 25.71 47.60
C GLY B 52 40.10 25.03 47.92
N GLU B 53 40.41 24.87 49.20
CA GLU B 53 41.65 24.19 49.58
C GLU B 53 41.45 22.73 50.05
N VAL B 54 42.56 21.98 50.03
CA VAL B 54 42.54 20.58 50.44
C VAL B 54 42.43 20.52 51.96
N GLN B 55 41.52 19.69 52.47
CA GLN B 55 41.38 19.53 53.92
C GLN B 55 41.73 18.13 54.41
N GLY B 56 41.85 17.18 53.49
CA GLY B 56 42.20 15.81 53.84
C GLY B 56 42.36 14.93 52.62
N THR B 57 42.61 13.64 52.86
CA THR B 57 42.78 12.69 51.77
C THR B 57 41.94 11.44 52.04
N VAL B 58 41.72 10.67 51.00
CA VAL B 58 41.02 9.40 51.13
C VAL B 58 41.76 8.36 50.29
N ALA B 59 41.97 7.18 50.87
CA ALA B 59 42.69 6.08 50.23
C ALA B 59 41.90 5.53 49.04
N LEU B 60 42.62 5.16 48.00
CA LEU B 60 41.95 4.57 46.83
C LEU B 60 42.22 3.06 46.87
N ALA B 61 41.18 2.29 47.14
CA ALA B 61 41.32 0.88 47.44
C ALA B 61 42.11 0.15 46.38
N SER B 62 42.96 -0.74 46.85
CA SER B 62 43.60 -1.72 46.01
C SER B 62 42.68 -2.92 45.89
N ASP B 63 43.15 -3.93 45.16
CA ASP B 63 42.54 -5.26 45.14
C ASP B 63 42.62 -5.98 46.49
N ALA B 64 43.74 -5.84 47.20
CA ALA B 64 43.87 -6.38 48.56
C ALA B 64 42.77 -5.82 49.49
N ASP B 65 42.54 -4.50 49.42
CA ASP B 65 41.48 -3.84 50.21
C ASP B 65 40.08 -4.40 49.91
N LEU B 66 39.70 -4.48 48.64
CA LEU B 66 38.43 -5.08 48.29
C LEU B 66 38.35 -6.53 48.70
N ALA B 67 39.41 -7.29 48.46
CA ALA B 67 39.50 -8.70 48.86
C ALA B 67 39.27 -8.88 50.37
N ALA B 68 39.98 -8.08 51.18
CA ALA B 68 39.75 -8.08 52.64
C ALA B 68 38.30 -7.74 53.03
N ALA B 69 37.69 -6.77 52.33
CA ALA B 69 36.28 -6.43 52.56
C ALA B 69 35.35 -7.60 52.20
N VAL B 70 35.62 -8.28 51.09
CA VAL B 70 34.84 -9.46 50.64
C VAL B 70 35.01 -10.66 51.61
N GLU B 71 36.25 -10.93 52.02
CA GLU B 71 36.53 -12.00 53.00
C GLU B 71 35.86 -11.73 54.34
N SER B 72 35.95 -10.48 54.79
CA SER B 72 35.27 -10.04 56.00
C SER B 72 33.73 -10.25 55.87
N ALA B 73 33.15 -9.85 54.73
CA ALA B 73 31.74 -10.08 54.46
C ALA B 73 31.37 -11.57 54.45
N LYS B 74 32.19 -12.40 53.80
CA LYS B 74 31.95 -13.85 53.74
C LYS B 74 31.96 -14.50 55.12
N ALA B 75 32.91 -14.09 55.97
CA ALA B 75 32.99 -14.64 57.32
C ALA B 75 31.72 -14.31 58.14
N ALA B 76 31.12 -13.14 57.91
CA ALA B 76 30.02 -12.66 58.76
C ALA B 76 28.58 -12.91 58.26
N GLN B 77 28.39 -12.91 56.95
CA GLN B 77 27.05 -13.00 56.39
C GLN B 77 26.20 -14.22 56.87
N PRO B 78 26.79 -15.43 56.93
CA PRO B 78 25.96 -16.58 57.34
C PRO B 78 25.28 -16.44 58.72
N LYS B 79 26.04 -16.09 59.76
CA LYS B 79 25.45 -15.83 61.08
C LYS B 79 24.47 -14.67 61.08
N TRP B 80 24.73 -13.64 60.27
CA TRP B 80 23.78 -12.52 60.14
C TRP B 80 22.46 -13.00 59.51
N ALA B 81 22.54 -13.74 58.41
CA ALA B 81 21.35 -14.28 57.73
C ALA B 81 20.59 -15.27 58.62
N ALA B 82 21.31 -15.96 59.52
CA ALA B 82 20.71 -16.89 60.47
C ALA B 82 20.07 -16.19 61.70
N THR B 83 20.24 -14.87 61.81
CA THR B 83 19.59 -14.09 62.85
C THR B 83 18.14 -13.83 62.42
N ASN B 84 17.18 -14.00 63.32
CA ASN B 84 15.77 -13.83 62.96
C ASN B 84 15.44 -12.38 62.53
N PRO B 85 14.40 -12.22 61.70
CA PRO B 85 14.04 -10.92 61.12
C PRO B 85 13.77 -9.82 62.13
N GLN B 86 13.13 -10.15 63.25
CA GLN B 86 12.82 -9.16 64.29
C GLN B 86 14.09 -8.64 64.96
N ARG B 87 15.04 -9.54 65.20
CA ARG B 87 16.34 -9.17 65.76
C ARG B 87 17.14 -8.31 64.77
N ARG B 88 17.11 -8.67 63.48
CA ARG B 88 17.78 -7.85 62.47
C ARG B 88 17.17 -6.45 62.45
N ALA B 89 15.83 -6.40 62.47
CA ALA B 89 15.08 -5.16 62.54
C ALA B 89 15.48 -4.27 63.72
N ARG B 90 15.75 -4.88 64.88
CA ARG B 90 16.09 -4.12 66.09
C ARG B 90 17.40 -3.33 65.93
N VAL B 91 18.31 -3.84 65.11
CA VAL B 91 19.54 -3.13 64.78
C VAL B 91 19.19 -1.79 64.09
N PHE B 92 18.25 -1.83 63.15
CA PHE B 92 17.87 -0.60 62.44
C PHE B 92 17.12 0.39 63.34
N MSE B 93 16.29 -0.19 64.18
CA MSE B 93 15.83 0.60 65.32
CA MSE B 93 15.83 0.60 65.32
C MSE B 93 16.68 1.52 66.25
O MSE B 93 16.68 2.77 66.61
CB MSE B 93 14.98 -0.29 66.20
CB MSE B 93 14.99 -0.28 66.22
CG MSE B 93 13.51 -0.09 65.88
CG MSE B 93 13.57 -0.36 65.72
SE MSE B 93 12.42 -1.15 67.11
SE MSE B 93 12.50 -1.40 67.00
CE MSE B 93 12.49 -2.89 66.26
CE MSE B 93 12.02 0.23 67.94
N LYS B 94 17.75 0.76 66.51
CA LYS B 94 18.81 1.41 67.28
C LYS B 94 19.56 2.43 66.41
N PHE B 95 19.83 2.04 65.18
CA PHE B 95 20.61 2.86 64.25
C PHE B 95 19.91 4.20 64.00
N VAL B 96 18.58 4.16 63.86
CA VAL B 96 17.77 5.36 63.66
C VAL B 96 17.91 6.35 64.83
N GLN B 97 17.86 5.82 66.05
CA GLN B 97 18.13 6.62 67.26
C GLN B 97 19.54 7.23 67.27
N LEU B 98 20.52 6.42 66.86
CA LEU B 98 21.90 6.88 66.78
C LEU B 98 22.08 7.99 65.73
N LEU B 99 21.33 7.92 64.63
CA LEU B 99 21.36 8.96 63.60
C LEU B 99 20.82 10.29 64.16
N ASN B 100 19.71 10.22 64.90
CA ASN B 100 19.16 11.39 65.57
C ASN B 100 20.16 11.99 66.54
N ASP B 101 20.79 11.16 67.36
CA ASP B 101 21.71 11.64 68.39
C ASP B 101 22.96 12.27 67.80
N ASN B 102 23.33 11.82 66.60
CA ASN B 102 24.55 12.28 65.95
C ASN B 102 24.27 13.22 64.78
N MSE B 103 23.07 13.77 64.73
CA MSE B 103 22.59 14.55 63.57
C MSE B 103 23.48 15.75 63.30
O MSE B 103 23.90 15.95 62.15
CB MSE B 103 21.12 14.94 63.79
CG MSE B 103 20.47 15.73 62.66
SE MSE B 103 20.32 14.69 60.98
CE MSE B 103 19.10 13.25 61.61
N ASN B 104 23.81 16.52 64.34
CA ASN B 104 24.67 17.70 64.18
C ASN B 104 26.05 17.38 63.62
N GLU B 105 26.70 16.39 64.21
CA GLU B 105 28.02 15.96 63.81
C GLU B 105 28.04 15.48 62.36
N LEU B 106 27.03 14.69 61.99
CA LEU B 106 26.89 14.12 60.65
C LEU B 106 26.69 15.22 59.61
N ALA B 107 25.77 16.13 59.88
CA ALA B 107 25.53 17.31 59.04
C ALA B 107 26.80 18.15 58.84
N GLU B 108 27.57 18.34 59.91
CA GLU B 108 28.76 19.19 59.84
C GLU B 108 29.79 18.61 58.87
N MSE B 109 30.07 17.30 58.99
CA MSE B 109 31.11 16.68 58.16
C MSE B 109 30.66 16.55 56.72
O MSE B 109 31.46 16.66 55.79
CB MSE B 109 31.63 15.35 58.73
CG MSE B 109 30.60 14.23 58.61
SE MSE B 109 31.17 12.59 59.56
CE MSE B 109 31.40 13.29 61.40
N LEU B 110 29.35 16.35 56.54
CA LEU B 110 28.75 16.31 55.20
C LEU B 110 28.95 17.67 54.50
N SER B 111 28.42 18.73 55.11
CA SER B 111 28.51 20.09 54.56
C SER B 111 29.94 20.54 54.28
N ARG B 112 30.85 20.20 55.19
CA ARG B 112 32.23 20.64 55.11
C ARG B 112 32.91 20.14 53.83
N GLU B 113 32.56 18.91 53.43
CA GLU B 113 33.13 18.26 52.24
C GLU B 113 32.31 18.51 50.97
N HIS B 114 30.98 18.55 51.12
CA HIS B 114 30.06 18.67 49.97
C HIS B 114 29.92 20.12 49.52
N GLY B 115 29.69 21.01 50.49
CA GLY B 115 29.44 22.42 50.24
C GLY B 115 28.06 22.86 50.66
N LYS B 116 27.09 21.94 50.63
CA LYS B 116 25.67 22.30 50.83
C LYS B 116 25.40 22.74 52.26
N THR B 117 24.29 23.48 52.46
CA THR B 117 23.98 24.05 53.77
C THR B 117 23.73 22.95 54.80
N ILE B 118 23.92 23.27 56.09
CA ILE B 118 23.66 22.35 57.18
C ILE B 118 22.22 21.80 57.13
N ASP B 119 21.27 22.67 56.83
CA ASP B 119 19.88 22.29 56.64
C ASP B 119 19.71 21.23 55.53
N ASP B 120 20.36 21.45 54.38
CA ASP B 120 20.40 20.47 53.28
C ASP B 120 21.05 19.14 53.77
N ALA B 121 22.16 19.24 54.49
CA ALA B 121 22.85 18.03 54.98
C ALA B 121 21.96 17.23 55.95
N LYS B 122 21.20 17.92 56.81
CA LYS B 122 20.20 17.22 57.65
C LYS B 122 19.12 16.51 56.81
N GLY B 123 18.54 17.23 55.85
CA GLY B 123 17.64 16.61 54.89
C GLY B 123 18.21 15.36 54.26
N ASP B 124 19.47 15.44 53.78
CA ASP B 124 20.23 14.30 53.18
C ASP B 124 20.19 13.11 54.15
N ILE B 125 20.64 13.32 55.39
CA ILE B 125 20.62 12.27 56.42
C ILE B 125 19.21 11.73 56.72
N VAL B 126 18.25 12.63 56.93
CA VAL B 126 16.91 12.20 57.33
C VAL B 126 16.23 11.30 56.28
N ARG B 127 16.43 11.61 55.01
CA ARG B 127 15.86 10.78 53.95
C ARG B 127 16.50 9.38 53.91
N GLY B 128 17.77 9.30 54.32
CA GLY B 128 18.41 7.99 54.54
C GLY B 128 17.78 7.30 55.74
N LEU B 129 17.55 8.09 56.79
CA LEU B 129 17.00 7.57 58.01
C LEU B 129 15.64 6.90 57.75
N GLU B 130 14.86 7.47 56.85
CA GLU B 130 13.52 6.96 56.57
C GLU B 130 13.52 5.60 55.85
N VAL B 131 14.57 5.30 55.09
CA VAL B 131 14.74 3.92 54.56
C VAL B 131 15.03 2.94 55.70
N CYS B 132 15.91 3.34 56.61
CA CYS B 132 16.15 2.59 57.85
C CYS B 132 14.85 2.31 58.63
N GLU B 133 13.94 3.29 58.73
CA GLU B 133 12.62 3.06 59.36
C GLU B 133 11.79 2.06 58.56
N PHE B 134 11.79 2.20 57.25
CA PHE B 134 11.02 1.30 56.38
C PHE B 134 11.43 -0.17 56.60
N VAL B 135 12.74 -0.43 56.69
CA VAL B 135 13.23 -1.81 56.81
C VAL B 135 13.09 -2.39 58.21
N ILE B 136 12.75 -1.55 59.20
CA ILE B 136 12.25 -2.09 60.47
C ILE B 136 11.12 -3.13 60.19
N GLY B 137 10.33 -2.92 59.12
CA GLY B 137 9.26 -3.84 58.74
C GLY B 137 9.71 -5.12 58.01
N ILE B 138 10.99 -5.44 58.09
CA ILE B 138 11.56 -6.51 57.33
C ILE B 138 10.87 -7.86 57.61
N PRO B 139 10.46 -8.14 58.84
CA PRO B 139 9.77 -9.42 59.02
C PRO B 139 8.54 -9.54 58.08
N HIS B 140 7.71 -8.51 58.03
CA HIS B 140 6.58 -8.53 57.10
C HIS B 140 7.05 -8.46 55.65
N LEU B 141 7.98 -7.55 55.37
CA LEU B 141 8.46 -7.33 53.98
C LEU B 141 9.06 -8.57 53.31
N GLN B 142 9.69 -9.42 54.11
CA GLN B 142 10.39 -10.56 53.53
C GLN B 142 9.50 -11.80 53.39
N LYS B 143 8.21 -11.70 53.72
CA LYS B 143 7.34 -12.86 53.60
C LYS B 143 7.29 -13.39 52.17
N SER B 144 7.11 -14.70 52.05
CA SER B 144 6.92 -15.34 50.75
C SER B 144 5.52 -15.99 50.68
N GLU B 145 5.29 -16.84 49.69
CA GLU B 145 3.93 -17.27 49.38
C GLU B 145 3.78 -18.77 49.58
N PHE B 146 2.62 -19.18 50.11
CA PHE B 146 2.35 -20.59 50.35
C PHE B 146 1.06 -21.00 49.65
N THR B 147 1.08 -22.16 49.01
CA THR B 147 -0.10 -22.78 48.45
C THR B 147 -0.21 -24.20 49.01
N GLU B 148 -1.36 -24.54 49.61
CA GLU B 148 -1.65 -25.91 50.01
C GLU B 148 -2.41 -26.64 48.90
N GLY B 149 -1.97 -27.85 48.58
CA GLY B 149 -2.68 -28.69 47.63
C GLY B 149 -2.63 -28.21 46.18
N ALA B 150 -1.51 -27.56 45.83
CA ALA B 150 -1.15 -27.28 44.43
C ALA B 150 -1.39 -28.54 43.60
N GLY B 151 -0.96 -29.68 44.12
CA GLY B 151 -1.36 -31.00 43.59
C GLY B 151 -1.94 -31.85 44.72
N PRO B 152 -2.28 -33.13 44.42
CA PRO B 152 -2.80 -34.06 45.43
C PRO B 152 -1.78 -34.40 46.52
N GLY B 153 -2.02 -33.92 47.73
CA GLY B 153 -1.04 -34.06 48.83
C GLY B 153 0.24 -33.24 48.68
N ILE B 154 0.25 -32.33 47.71
CA ILE B 154 1.44 -31.56 47.38
C ILE B 154 1.26 -30.08 47.77
N ASP B 155 2.22 -29.57 48.55
CA ASP B 155 2.26 -28.14 48.91
C ASP B 155 3.40 -27.41 48.19
N MSE B 156 3.21 -26.13 47.90
CA MSE B 156 4.15 -25.40 47.07
C MSE B 156 4.33 -24.06 47.70
O MSE B 156 3.35 -23.37 47.98
CB MSE B 156 3.61 -25.30 45.63
CG MSE B 156 4.52 -24.54 44.66
SE MSE B 156 3.76 -24.70 42.83
CE MSE B 156 4.24 -26.60 42.53
N TYR B 157 5.58 -23.68 47.92
CA TYR B 157 5.86 -22.46 48.67
C TYR B 157 7.23 -21.93 48.39
N SER B 158 7.34 -20.62 48.42
CA SER B 158 8.61 -19.98 48.14
C SER B 158 9.18 -19.47 49.42
N ILE B 159 10.49 -19.18 49.39
CA ILE B 159 11.22 -18.53 50.46
C ILE B 159 12.10 -17.48 49.80
N ARG B 160 12.14 -16.30 50.40
CA ARG B 160 13.02 -15.25 49.89
C ARG B 160 14.29 -15.19 50.73
N GLN B 161 15.39 -15.68 50.16
CA GLN B 161 16.67 -15.79 50.88
C GLN B 161 17.65 -14.70 50.44
N PRO B 162 18.71 -14.45 51.23
CA PRO B 162 19.68 -13.43 50.81
C PRO B 162 20.37 -13.80 49.48
N VAL B 163 20.78 -12.80 48.71
CA VAL B 163 21.63 -13.06 47.55
C VAL B 163 23.05 -13.38 47.98
N GLY B 164 23.42 -12.98 49.20
CA GLY B 164 24.79 -13.17 49.73
C GLY B 164 25.50 -11.86 50.00
N ILE B 165 26.40 -11.49 49.10
CA ILE B 165 27.17 -10.25 49.28
C ILE B 165 26.81 -9.30 48.15
N GLY B 166 26.42 -8.08 48.53
CA GLY B 166 26.08 -7.05 47.55
C GLY B 166 26.99 -5.86 47.67
N ALA B 167 27.00 -5.03 46.64
CA ALA B 167 27.81 -3.82 46.63
C ALA B 167 27.01 -2.63 46.10
N GLY B 168 27.38 -1.44 46.55
CA GLY B 168 26.68 -0.22 46.21
C GLY B 168 27.67 0.86 45.86
N ILE B 169 27.42 1.58 44.76
CA ILE B 169 28.32 2.62 44.28
C ILE B 169 27.55 3.95 44.24
N THR B 170 28.00 4.94 45.01
CA THR B 170 27.18 6.14 45.28
C THR B 170 27.86 7.43 44.83
N PRO B 171 27.08 8.52 44.65
CA PRO B 171 27.63 9.75 44.08
C PRO B 171 27.92 10.82 45.16
N PHE B 172 28.54 11.93 44.72
CA PHE B 172 28.95 12.99 45.66
C PHE B 172 27.77 13.67 46.36
N ASN B 173 26.65 13.80 45.66
CA ASN B 173 25.62 14.73 46.06
C ASN B 173 24.76 14.33 47.27
N PHE B 174 24.64 13.03 47.52
CA PHE B 174 23.93 12.55 48.74
C PHE B 174 24.69 11.39 49.43
N PRO B 175 25.82 11.69 50.13
CA PRO B 175 26.64 10.61 50.73
C PRO B 175 26.08 10.01 52.06
N GLY B 176 24.93 10.48 52.49
CA GLY B 176 24.20 9.85 53.57
C GLY B 176 23.02 9.06 53.00
N MSE B 177 22.13 9.78 52.30
CA MSE B 177 20.88 9.21 51.83
C MSE B 177 21.07 7.99 50.97
O MSE B 177 20.46 6.95 51.22
CB MSE B 177 20.16 10.26 51.00
CG MSE B 177 18.83 9.68 50.51
SE MSE B 177 17.80 11.09 49.58
CE MSE B 177 18.80 11.05 47.87
N ILE B 178 21.88 8.11 49.93
CA ILE B 178 21.99 7.09 48.90
C ILE B 178 22.72 5.81 49.36
N PRO B 179 23.85 5.95 50.08
CA PRO B 179 24.35 4.78 50.81
C PRO B 179 23.23 4.09 51.61
N MSE B 180 22.45 4.86 52.37
CA MSE B 180 21.37 4.26 53.17
C MSE B 180 20.29 3.61 52.34
O MSE B 180 19.84 2.53 52.69
CB MSE B 180 20.80 5.23 54.20
CG MSE B 180 21.88 5.48 55.25
SE MSE B 180 21.14 6.52 56.76
CE MSE B 180 21.77 8.33 56.25
N TRP B 181 19.85 4.26 51.26
CA TRP B 181 18.94 3.66 50.28
C TRP B 181 19.31 2.20 50.00
N MSE B 182 20.58 1.94 49.73
CA MSE B 182 21.03 0.61 49.31
C MSE B 182 21.30 -0.31 50.46
O MSE B 182 20.81 -1.45 50.46
CB MSE B 182 22.28 0.68 48.44
CG MSE B 182 22.11 1.63 47.25
SE MSE B 182 23.89 2.01 46.50
CE MSE B 182 23.33 2.98 44.88
N PHE B 183 22.07 0.13 51.43
CA PHE B 183 22.48 -0.79 52.48
C PHE B 183 21.40 -1.17 53.51
N ALA B 184 20.42 -0.32 53.72
CA ALA B 184 19.37 -0.67 54.68
C ALA B 184 18.60 -1.91 54.21
N PRO B 185 18.02 -1.87 53.01
CA PRO B 185 17.35 -3.12 52.60
C PRO B 185 18.31 -4.28 52.36
N ALA B 186 19.49 -4.02 51.82
CA ALA B 186 20.45 -5.09 51.55
C ALA B 186 20.78 -5.87 52.83
N ILE B 187 21.04 -5.15 53.91
CA ILE B 187 21.41 -5.73 55.20
C ILE B 187 20.17 -6.30 55.94
N ALA B 188 19.04 -5.60 55.86
CA ALA B 188 17.83 -6.08 56.51
C ALA B 188 17.42 -7.44 55.94
N CYS B 189 17.69 -7.63 54.66
CA CYS B 189 17.38 -8.88 53.94
C CYS B 189 18.34 -10.03 54.28
N GLY B 190 19.32 -9.76 55.14
CA GLY B 190 20.26 -10.80 55.55
C GLY B 190 21.52 -10.86 54.72
N ASN B 191 21.74 -9.86 53.87
CA ASN B 191 22.98 -9.78 53.08
C ASN B 191 24.12 -9.05 53.82
N ALA B 192 25.35 -9.26 53.35
CA ALA B 192 26.46 -8.39 53.68
C ALA B 192 26.59 -7.38 52.52
N PHE B 193 27.09 -6.20 52.83
CA PHE B 193 27.10 -5.08 51.90
C PHE B 193 28.44 -4.36 51.90
N ILE B 194 28.99 -4.15 50.69
CA ILE B 194 30.23 -3.39 50.51
C ILE B 194 29.89 -2.04 49.83
N LEU B 195 30.12 -0.96 50.57
CA LEU B 195 29.85 0.40 50.08
C LEU B 195 31.09 1.02 49.42
N LYS B 196 30.95 1.50 48.20
CA LYS B 196 32.00 2.25 47.56
C LYS B 196 31.47 3.66 47.32
N PRO B 197 31.62 4.56 48.29
CA PRO B 197 31.01 5.87 48.16
C PRO B 197 31.87 6.80 47.29
N SER B 198 31.31 7.97 46.96
CA SER B 198 32.05 8.99 46.24
C SER B 198 33.28 9.45 47.02
N GLU B 199 34.42 9.46 46.35
CA GLU B 199 35.67 9.90 46.94
C GLU B 199 35.73 11.42 47.19
N ARG B 200 34.79 12.18 46.59
CA ARG B 200 34.64 13.63 46.86
C ARG B 200 34.33 13.96 48.32
N ASP B 201 33.46 13.17 48.92
CA ASP B 201 33.00 13.45 50.29
C ASP B 201 32.74 12.17 51.08
N PRO B 202 33.82 11.46 51.50
CA PRO B 202 33.67 10.14 52.10
C PRO B 202 33.59 10.09 53.63
N SER B 203 33.60 11.24 54.32
CA SER B 203 33.52 11.23 55.80
C SER B 203 32.24 10.60 56.36
N VAL B 204 31.08 11.02 55.84
CA VAL B 204 29.79 10.51 56.32
C VAL B 204 29.66 8.97 56.21
N PRO B 205 29.96 8.39 55.02
CA PRO B 205 29.90 6.93 54.83
C PRO B 205 30.67 6.11 55.88
N ILE B 206 31.91 6.53 56.22
CA ILE B 206 32.65 5.80 57.25
C ILE B 206 31.93 5.90 58.61
N ARG B 207 31.50 7.11 58.95
CA ARG B 207 30.81 7.34 60.22
C ARG B 207 29.50 6.54 60.33
N LEU B 208 28.78 6.40 59.22
CA LEU B 208 27.58 5.55 59.19
C LEU B 208 27.90 4.08 59.49
N ALA B 209 28.97 3.56 58.89
CA ALA B 209 29.39 2.18 59.12
C ALA B 209 29.77 2.00 60.59
N GLU B 210 30.40 3.02 61.15
CA GLU B 210 30.78 3.04 62.55
C GLU B 210 29.54 3.01 63.47
N LEU B 211 28.52 3.77 63.11
CA LEU B 211 27.26 3.79 63.88
C LEU B 211 26.44 2.51 63.74
N MSE B 212 26.58 1.83 62.61
CA MSE B 212 25.95 0.50 62.48
C MSE B 212 26.56 -0.47 63.48
O MSE B 212 25.83 -1.23 64.14
CB MSE B 212 26.02 -0.05 61.05
CG MSE B 212 24.99 0.60 60.12
SE MSE B 212 23.11 0.12 60.58
CE MSE B 212 22.91 -1.59 59.61
N ILE B 213 27.90 -0.44 63.64
CA ILE B 213 28.57 -1.24 64.67
C ILE B 213 28.01 -0.89 66.05
N GLU B 214 27.92 0.40 66.37
CA GLU B 214 27.36 0.84 67.65
C GLU B 214 25.89 0.43 67.82
N ALA B 215 25.14 0.33 66.70
CA ALA B 215 23.75 -0.14 66.75
C ALA B 215 23.62 -1.65 67.01
N GLY B 216 24.72 -2.37 66.97
CA GLY B 216 24.71 -3.83 67.19
C GLY B 216 24.81 -4.65 65.92
N LEU B 217 25.21 -4.02 64.81
CA LEU B 217 25.49 -4.77 63.59
C LEU B 217 26.81 -5.50 63.76
N PRO B 218 26.84 -6.81 63.42
CA PRO B 218 28.08 -7.58 63.45
C PRO B 218 29.15 -6.98 62.53
N ALA B 219 30.40 -7.08 62.94
CA ALA B 219 31.55 -6.67 62.12
C ALA B 219 31.51 -7.45 60.80
N GLY B 220 31.85 -6.77 59.71
CA GLY B 220 31.91 -7.43 58.40
C GLY B 220 30.64 -7.35 57.58
N ILE B 221 29.53 -6.95 58.20
CA ILE B 221 28.24 -6.88 57.50
C ILE B 221 28.09 -5.59 56.65
N LEU B 222 28.51 -4.46 57.20
CA LEU B 222 28.65 -3.24 56.42
C LEU B 222 30.13 -2.83 56.37
N ASN B 223 30.71 -2.98 55.19
CA ASN B 223 32.08 -2.57 54.90
C ASN B 223 32.10 -1.38 53.94
N VAL B 224 33.04 -0.44 54.16
CA VAL B 224 33.22 0.70 53.28
C VAL B 224 34.62 0.65 52.64
N VAL B 225 34.64 0.58 51.31
CA VAL B 225 35.88 0.55 50.53
C VAL B 225 35.89 1.84 49.70
N ASN B 226 36.72 2.79 50.09
CA ASN B 226 36.86 4.02 49.33
C ASN B 226 37.72 3.82 48.08
N GLY B 227 37.45 4.61 47.03
CA GLY B 227 38.22 4.54 45.78
C GLY B 227 37.59 5.17 44.55
N ASP B 228 38.24 5.00 43.40
CA ASP B 228 37.75 5.53 42.13
C ASP B 228 37.36 4.40 41.15
N LYS B 229 37.58 4.60 39.85
CA LYS B 229 37.32 3.57 38.83
C LYS B 229 37.98 2.24 39.18
N GLY B 230 39.17 2.30 39.80
CA GLY B 230 39.90 1.12 40.25
C GLY B 230 39.08 0.19 41.14
N ALA B 231 38.59 0.74 42.25
CA ALA B 231 37.70 0.02 43.18
C ALA B 231 36.44 -0.51 42.50
N VAL B 232 35.80 0.33 41.68
CA VAL B 232 34.56 -0.08 41.00
C VAL B 232 34.78 -1.30 40.09
N ASP B 233 35.86 -1.28 39.31
CA ASP B 233 36.20 -2.37 38.40
C ASP B 233 36.49 -3.64 39.19
N ALA B 234 37.22 -3.50 40.29
CA ALA B 234 37.43 -4.62 41.20
C ALA B 234 36.10 -5.20 41.69
N ILE B 235 35.17 -4.32 42.06
CA ILE B 235 33.86 -4.75 42.55
C ILE B 235 33.09 -5.49 41.45
N LEU B 236 33.12 -4.93 40.24
CA LEU B 236 32.38 -5.47 39.11
C LEU B 236 32.87 -6.84 38.66
N THR B 237 34.15 -7.11 38.90
CA THR B 237 34.75 -8.34 38.40
C THR B 237 35.03 -9.35 39.51
N HIS B 238 34.72 -8.99 40.75
CA HIS B 238 34.88 -9.93 41.86
C HIS B 238 33.78 -11.00 41.87
N PRO B 239 34.18 -12.29 41.72
CA PRO B 239 33.22 -13.39 41.53
C PRO B 239 32.26 -13.60 42.70
N ASP B 240 32.61 -13.13 43.90
CA ASP B 240 31.81 -13.34 45.11
C ASP B 240 30.80 -12.23 45.45
N ILE B 241 30.73 -11.18 44.63
CA ILE B 241 29.68 -10.16 44.80
C ILE B 241 28.55 -10.46 43.81
N ALA B 242 27.34 -10.68 44.33
CA ALA B 242 26.21 -11.17 43.54
C ALA B 242 25.42 -10.03 42.89
N ALA B 243 25.45 -8.86 43.52
CA ALA B 243 24.53 -7.79 43.17
C ALA B 243 25.16 -6.40 43.35
N VAL B 244 24.83 -5.50 42.44
CA VAL B 244 25.44 -4.17 42.37
C VAL B 244 24.36 -3.13 42.15
N SER B 245 24.37 -2.12 43.01
CA SER B 245 23.45 -1.00 42.89
C SER B 245 24.29 0.25 42.67
N PHE B 246 23.85 1.08 41.73
CA PHE B 246 24.63 2.25 41.35
C PHE B 246 23.73 3.49 41.22
N VAL B 247 24.18 4.59 41.82
CA VAL B 247 23.60 5.90 41.55
C VAL B 247 24.73 6.86 41.13
N GLY B 248 24.52 7.61 40.05
CA GLY B 248 25.52 8.53 39.51
C GLY B 248 25.13 9.05 38.13
N SER B 249 26.10 9.52 37.35
CA SER B 249 25.81 10.05 36.01
C SER B 249 25.38 8.91 35.07
N THR B 250 24.59 9.26 34.05
CA THR B 250 24.14 8.31 33.02
C THR B 250 25.28 7.52 32.34
N PRO B 251 26.34 8.22 31.88
CA PRO B 251 27.41 7.45 31.22
C PRO B 251 27.99 6.36 32.12
N ILE B 252 28.28 6.67 33.37
CA ILE B 252 28.86 5.69 34.27
C ILE B 252 27.87 4.61 34.69
N ALA B 253 26.60 5.01 34.81
CA ALA B 253 25.52 4.05 35.05
C ALA B 253 25.45 3.02 33.91
N ARG B 254 25.54 3.49 32.66
CA ARG B 254 25.57 2.63 31.47
C ARG B 254 26.70 1.61 31.56
N TYR B 255 27.87 2.12 31.96
CA TYR B 255 29.07 1.32 32.06
C TYR B 255 28.90 0.27 33.16
N VAL B 256 28.55 0.71 34.36
CA VAL B 256 28.38 -0.21 35.49
C VAL B 256 27.33 -1.28 35.17
N TYR B 257 26.15 -0.85 34.70
CA TYR B 257 25.08 -1.76 34.33
C TYR B 257 25.56 -2.84 33.36
N GLY B 258 26.21 -2.42 32.27
CA GLY B 258 26.73 -3.34 31.28
C GLY B 258 27.84 -4.26 31.80
N THR B 259 28.77 -3.69 32.55
CA THR B 259 29.91 -4.48 33.03
C THR B 259 29.48 -5.48 34.11
N ALA B 260 28.61 -5.04 35.01
CA ALA B 260 28.11 -5.92 36.05
C ALA B 260 27.43 -7.12 35.37
N ALA B 261 26.67 -6.84 34.32
CA ALA B 261 25.89 -7.86 33.65
C ALA B 261 26.79 -8.80 32.85
N MSE B 262 27.81 -8.26 32.19
CA MSE B 262 28.82 -9.05 31.48
C MSE B 262 29.49 -10.05 32.41
O MSE B 262 29.96 -11.08 31.95
CB MSE B 262 29.91 -8.19 30.85
CG MSE B 262 29.60 -7.60 29.47
SE MSE B 262 29.04 -8.94 28.11
CE MSE B 262 30.24 -10.47 28.49
N ASN B 263 29.55 -9.72 33.70
CA ASN B 263 30.10 -10.59 34.74
C ASN B 263 29.05 -11.47 35.43
N GLY B 264 27.81 -11.40 34.94
CA GLY B 264 26.72 -12.24 35.43
C GLY B 264 25.99 -11.76 36.68
N LYS B 265 26.32 -10.56 37.16
CA LYS B 265 25.70 -10.01 38.37
C LYS B 265 24.31 -9.44 38.09
N ARG B 266 23.44 -9.43 39.09
CA ARG B 266 22.26 -8.60 39.00
C ARG B 266 22.70 -7.14 39.22
N ALA B 267 21.96 -6.21 38.61
CA ALA B 267 22.31 -4.81 38.66
C ALA B 267 21.10 -3.89 38.57
N GLN B 268 21.21 -2.75 39.23
CA GLN B 268 20.24 -1.69 39.12
C GLN B 268 21.02 -0.39 39.16
N CYS B 269 20.85 0.42 38.12
CA CYS B 269 21.61 1.66 37.96
C CYS B 269 20.73 2.86 37.66
N PHE B 270 21.07 3.99 38.27
CA PHE B 270 20.25 5.20 38.21
C PHE B 270 21.12 6.39 37.84
N GLY B 271 20.66 7.13 36.84
CA GLY B 271 21.50 8.12 36.17
C GLY B 271 21.06 9.57 36.25
N GLY B 272 21.31 10.29 35.17
CA GLY B 272 21.14 11.74 35.11
C GLY B 272 19.72 12.17 34.86
N ALA B 273 19.56 13.49 34.78
CA ALA B 273 18.25 14.15 34.76
C ALA B 273 18.29 15.44 33.95
N LYS B 274 17.14 15.80 33.40
CA LYS B 274 16.83 17.18 33.01
C LYS B 274 15.35 17.39 33.33
N ASN B 275 15.04 17.56 34.61
CA ASN B 275 13.64 17.64 35.06
C ASN B 275 12.95 18.95 34.66
N HIS B 276 11.79 18.80 33.99
CA HIS B 276 10.94 19.94 33.54
C HIS B 276 9.74 20.13 34.50
N MSE B 277 9.36 21.39 34.70
CA MSE B 277 8.10 21.74 35.35
C MSE B 277 7.27 22.43 34.29
O MSE B 277 7.68 23.46 33.75
CB MSE B 277 8.30 22.68 36.55
CG MSE B 277 6.96 23.03 37.20
SE MSE B 277 7.06 24.52 38.50
CE MSE B 277 8.05 23.47 39.83
N ILE B 278 6.09 21.88 33.99
CA ILE B 278 5.11 22.54 33.12
C ILE B 278 4.16 23.37 34.00
N ILE B 279 3.95 24.63 33.63
CA ILE B 279 3.07 25.50 34.41
C ILE B 279 1.87 25.91 33.53
N MSE B 280 0.68 25.34 33.79
CA MSE B 280 -0.54 25.69 33.04
C MSE B 280 -1.02 27.07 33.47
O MSE B 280 -0.69 27.52 34.57
CB MSE B 280 -1.67 24.67 33.23
CG MSE B 280 -1.27 23.26 32.77
SE MSE B 280 -1.13 23.18 30.80
CE MSE B 280 -3.03 23.36 30.29
N PRO B 281 -1.79 27.74 32.59
CA PRO B 281 -2.21 29.13 32.85
C PRO B 281 -3.13 29.27 34.05
N ASP B 282 -3.74 28.19 34.49
CA ASP B 282 -4.66 28.23 35.62
C ASP B 282 -3.95 27.90 36.92
N ALA B 283 -2.63 27.65 36.84
CA ALA B 283 -1.86 27.24 38.01
C ALA B 283 -1.80 28.33 39.10
N ASP B 284 -1.57 27.94 40.34
CA ASP B 284 -1.19 28.89 41.39
C ASP B 284 0.25 29.36 41.13
N LEU B 285 0.38 30.51 40.49
CA LEU B 285 1.69 30.98 40.01
C LEU B 285 2.66 31.34 41.13
N ASP B 286 2.13 31.82 42.25
CA ASP B 286 2.94 32.09 43.45
C ASP B 286 3.64 30.85 43.94
N GLN B 287 2.87 29.78 44.06
CA GLN B 287 3.41 28.47 44.44
C GLN B 287 4.34 27.86 43.39
N ALA B 288 3.99 27.95 42.11
CA ALA B 288 4.91 27.51 41.06
C ALA B 288 6.26 28.24 41.16
N ALA B 289 6.23 29.54 41.42
CA ALA B 289 7.46 30.35 41.44
C ALA B 289 8.33 29.99 42.66
N ASN B 290 7.71 29.90 43.84
CA ASN B 290 8.42 29.43 45.04
C ASN B 290 9.05 28.06 44.85
N ALA B 291 8.29 27.15 44.26
CA ALA B 291 8.76 25.80 43.99
C ALA B 291 9.97 25.80 43.04
N LEU B 292 9.95 26.73 42.07
CA LEU B 292 11.06 26.88 41.14
C LEU B 292 12.32 27.40 41.80
N ILE B 293 12.16 28.28 42.79
CA ILE B 293 13.30 28.79 43.56
C ILE B 293 13.91 27.63 44.35
N GLY B 294 13.06 26.91 45.09
CA GLY B 294 13.49 25.76 45.90
C GLY B 294 14.15 24.70 45.03
N ALA B 295 13.44 24.27 43.99
CA ALA B 295 13.88 23.11 43.18
C ALA B 295 14.98 23.46 42.19
N GLY B 296 14.97 24.68 41.67
CA GLY B 296 15.99 25.12 40.74
C GLY B 296 17.35 25.41 41.38
N TYR B 297 17.33 26.02 42.55
CA TYR B 297 18.56 26.55 43.16
C TYR B 297 19.00 25.90 44.47
N GLY B 298 18.12 25.11 45.09
CA GLY B 298 18.49 24.33 46.28
C GLY B 298 19.64 23.38 45.95
N SER B 299 20.59 23.29 46.89
CA SER B 299 21.84 22.52 46.72
C SER B 299 22.68 23.02 45.54
N ALA B 300 22.55 24.30 45.22
CA ALA B 300 23.17 24.94 44.05
C ALA B 300 22.84 24.16 42.77
N GLY B 301 21.66 23.53 42.78
CA GLY B 301 21.16 22.76 41.66
C GLY B 301 21.82 21.39 41.47
N GLU B 302 22.58 20.93 42.45
CA GLU B 302 23.31 19.67 42.31
C GLU B 302 22.46 18.46 42.71
N ARG B 303 21.38 18.24 41.96
CA ARG B 303 20.41 17.18 42.30
C ARG B 303 19.88 16.57 41.02
N CYS B 304 19.73 15.24 41.01
CA CYS B 304 19.08 14.57 39.88
C CYS B 304 17.56 14.75 39.91
N MSE B 305 17.04 15.40 40.95
CA MSE B 305 15.64 15.80 40.98
C MSE B 305 15.52 17.31 41.09
O MSE B 305 14.47 17.83 41.48
CB MSE B 305 14.84 15.08 42.09
CG MSE B 305 14.86 13.56 41.95
SE MSE B 305 13.84 12.99 40.34
CE MSE B 305 12.09 13.07 41.26
N ALA B 306 16.58 18.04 40.75
CA ALA B 306 16.45 19.50 40.61
C ALA B 306 15.55 19.80 39.40
N ILE B 307 14.75 20.87 39.45
CA ILE B 307 14.09 21.36 38.24
C ILE B 307 15.06 22.27 37.49
N SER B 308 15.37 21.89 36.26
CA SER B 308 16.30 22.69 35.45
C SER B 308 15.65 23.31 34.20
N VAL B 309 14.39 22.95 33.92
CA VAL B 309 13.60 23.59 32.85
C VAL B 309 12.21 23.97 33.38
N ALA B 310 11.85 25.25 33.24
CA ALA B 310 10.48 25.70 33.53
C ALA B 310 9.77 25.93 32.20
N VAL B 311 8.62 25.28 32.04
CA VAL B 311 7.86 25.30 30.78
C VAL B 311 6.48 25.96 31.03
N PRO B 312 6.44 27.30 31.08
CA PRO B 312 5.14 27.96 31.22
C PRO B 312 4.34 27.86 29.89
N VAL B 313 3.02 27.73 30.00
CA VAL B 313 2.16 27.63 28.83
C VAL B 313 1.46 28.96 28.65
N GLY B 314 1.69 29.59 27.50
CA GLY B 314 1.11 30.88 27.17
C GLY B 314 2.04 32.02 27.54
N GLU B 315 1.89 33.14 26.84
CA GLU B 315 2.75 34.30 27.05
C GLU B 315 2.56 34.95 28.41
N GLU B 316 1.30 35.09 28.82
CA GLU B 316 0.99 35.80 30.05
C GLU B 316 1.52 35.02 31.26
N THR B 317 1.35 33.70 31.23
CA THR B 317 1.94 32.80 32.24
C THR B 317 3.47 32.92 32.28
N ALA B 318 4.11 32.89 31.11
CA ALA B 318 5.58 33.04 31.03
C ALA B 318 6.07 34.40 31.59
N ASN B 319 5.42 35.49 31.17
CA ASN B 319 5.82 36.83 31.59
C ASN B 319 5.61 37.06 33.08
N ARG B 320 4.46 36.64 33.61
CA ARG B 320 4.21 36.77 35.05
C ARG B 320 5.17 35.93 35.90
N LEU B 321 5.42 34.70 35.46
CA LEU B 321 6.44 33.85 36.08
C LEU B 321 7.84 34.48 36.11
N ILE B 322 8.27 35.09 34.99
CA ILE B 322 9.54 35.81 34.94
C ILE B 322 9.51 37.00 35.91
N ASP B 323 8.38 37.71 35.98
CA ASP B 323 8.20 38.82 36.93
C ASP B 323 8.42 38.38 38.38
N LYS B 324 7.98 37.18 38.73
CA LYS B 324 8.11 36.68 40.09
C LYS B 324 9.49 36.11 40.39
N LEU B 325 10.08 35.41 39.42
CA LEU B 325 11.35 34.72 39.64
C LEU B 325 12.55 35.65 39.73
N VAL B 326 12.58 36.68 38.88
CA VAL B 326 13.77 37.55 38.79
C VAL B 326 14.21 38.10 40.17
N PRO B 327 13.31 38.76 40.94
CA PRO B 327 13.79 39.30 42.23
C PRO B 327 14.25 38.24 43.23
N MSE B 328 13.63 37.06 43.19
CA MSE B 328 13.95 35.98 44.14
C MSE B 328 15.24 35.26 43.81
O MSE B 328 15.92 34.79 44.72
CB MSE B 328 12.76 35.03 44.27
CG MSE B 328 11.53 35.68 44.91
SE MSE B 328 10.26 34.27 45.50
CE MSE B 328 9.62 33.72 43.71
N VAL B 329 15.58 35.13 42.51
CA VAL B 329 16.86 34.51 42.08
C VAL B 329 17.99 35.47 42.42
N GLU B 330 17.73 36.76 42.23
CA GLU B 330 18.69 37.81 42.53
C GLU B 330 19.03 37.89 44.01
N SER B 331 18.07 37.54 44.87
CA SER B 331 18.22 37.74 46.31
C SER B 331 18.60 36.47 47.11
N LEU B 332 18.82 35.37 46.39
CA LEU B 332 19.42 34.18 46.97
C LEU B 332 20.69 34.55 47.75
N ARG B 333 20.74 34.14 49.02
CA ARG B 333 21.91 34.36 49.84
C ARG B 333 22.84 33.17 49.66
N ILE B 334 24.10 33.48 49.31
CA ILE B 334 25.08 32.46 48.91
C ILE B 334 26.24 32.48 49.90
N GLY B 335 26.69 31.32 50.34
CA GLY B 335 27.72 31.30 51.39
C GLY B 335 28.17 29.92 51.83
N PRO B 336 29.20 29.87 52.70
CA PRO B 336 29.72 28.60 53.23
C PRO B 336 28.71 27.99 54.20
N TYR B 337 28.85 26.70 54.50
CA TYR B 337 27.94 26.00 55.44
C TYR B 337 27.91 26.61 56.88
N THR B 338 28.98 27.30 57.27
CA THR B 338 29.04 27.99 58.56
C THR B 338 28.08 29.20 58.62
N ASP B 339 27.63 29.66 57.46
CA ASP B 339 26.65 30.74 57.35
C ASP B 339 25.25 30.13 57.19
N GLU B 340 24.48 30.12 58.28
CA GLU B 340 23.22 29.36 58.30
C GLU B 340 22.03 30.10 57.71
N LYS B 341 22.26 31.35 57.29
CA LYS B 341 21.26 32.12 56.55
C LYS B 341 21.33 31.82 55.05
N ALA B 342 22.45 31.25 54.59
CA ALA B 342 22.68 31.00 53.17
C ALA B 342 21.60 30.10 52.59
N ASP B 343 21.07 30.47 51.43
CA ASP B 343 20.15 29.63 50.68
C ASP B 343 20.91 28.56 49.92
N MSE B 344 22.19 28.82 49.65
CA MSE B 344 22.99 28.04 48.71
C MSE B 344 24.46 28.17 49.03
O MSE B 344 24.91 29.22 49.52
CB MSE B 344 22.64 28.64 47.36
CG MSE B 344 23.52 28.27 46.18
SE MSE B 344 22.43 28.66 44.58
CE MSE B 344 23.22 30.39 44.03
N GLY B 345 25.20 27.10 48.76
CA GLY B 345 26.64 27.10 48.93
C GLY B 345 27.38 26.94 47.62
N PRO B 346 28.67 26.58 47.71
CA PRO B 346 29.47 26.45 46.51
C PRO B 346 29.20 25.12 45.83
N VAL B 347 29.67 24.98 44.58
CA VAL B 347 29.67 23.70 43.90
C VAL B 347 30.85 22.83 44.39
N VAL B 348 30.75 21.52 44.15
CA VAL B 348 31.64 20.51 44.79
C VAL B 348 33.13 20.61 44.43
N THR B 349 33.45 20.91 43.16
CA THR B 349 34.85 21.03 42.72
C THR B 349 35.06 22.18 41.75
N LYS B 350 36.32 22.60 41.64
CA LYS B 350 36.76 23.49 40.56
C LYS B 350 36.35 22.97 39.19
N GLU B 351 36.45 21.65 38.97
CA GLU B 351 36.07 21.04 37.68
C GLU B 351 34.59 21.23 37.38
N ALA B 352 33.75 20.99 38.39
CA ALA B 352 32.31 21.18 38.27
C ALA B 352 32.03 22.65 37.94
N GLU B 353 32.64 23.55 38.70
CA GLU B 353 32.46 24.99 38.47
C GLU B 353 32.80 25.43 37.04
N GLN B 354 33.95 24.98 36.55
CA GLN B 354 34.37 25.28 35.17
C GLN B 354 33.41 24.71 34.13
N ARG B 355 32.89 23.51 34.40
CA ARG B 355 31.93 22.88 33.51
C ARG B 355 30.63 23.70 33.41
N ILE B 356 30.16 24.17 34.57
CA ILE B 356 28.94 24.98 34.66
C ILE B 356 29.09 26.34 33.97
N ARG B 357 30.17 27.04 34.28
CA ARG B 357 30.48 28.33 33.68
C ARG B 357 30.62 28.23 32.15
N SER B 358 31.18 27.13 31.68
CA SER B 358 31.30 26.87 30.25
C SER B 358 29.93 26.72 29.55
N LEU B 359 29.01 26.03 30.23
CA LEU B 359 27.64 25.83 29.73
C LEU B 359 26.81 27.10 29.75
N ILE B 360 26.97 27.91 30.80
CA ILE B 360 26.34 29.24 30.87
C ILE B 360 26.74 30.07 29.63
N ASP B 361 28.03 30.12 29.33
CA ASP B 361 28.55 30.86 28.17
C ASP B 361 27.91 30.41 26.85
N SER B 362 27.74 29.10 26.69
CA SER B 362 27.12 28.57 25.47
C SER B 362 25.65 28.98 25.33
N GLY B 363 24.95 29.09 26.45
CA GLY B 363 23.60 29.65 26.50
C GLY B 363 23.54 31.05 25.89
N ILE B 364 24.41 31.94 26.39
CA ILE B 364 24.54 33.29 25.83
C ILE B 364 24.92 33.24 24.33
N GLU B 365 25.92 32.44 23.98
CA GLU B 365 26.40 32.37 22.59
C GLU B 365 25.31 31.89 21.65
N GLN B 366 24.47 30.96 22.11
CA GLN B 366 23.42 30.33 21.30
C GLN B 366 22.07 31.10 21.27
N GLY B 367 22.01 32.26 21.91
CA GLY B 367 20.84 33.13 21.79
C GLY B 367 19.86 33.24 22.93
N ALA B 368 20.04 32.45 23.99
CA ALA B 368 19.13 32.50 25.15
C ALA B 368 19.34 33.81 25.93
N LYS B 369 18.30 34.23 26.65
CA LYS B 369 18.32 35.52 27.31
C LYS B 369 18.64 35.34 28.79
N LEU B 370 19.85 35.69 29.18
CA LEU B 370 20.28 35.56 30.57
C LEU B 370 19.69 36.67 31.45
N VAL B 371 18.46 36.48 31.93
CA VAL B 371 17.77 37.56 32.64
C VAL B 371 18.29 37.81 34.06
N VAL B 372 18.88 36.79 34.68
CA VAL B 372 19.63 36.95 35.93
C VAL B 372 21.02 36.34 35.75
N ASP B 373 22.04 37.18 35.82
CA ASP B 373 23.43 36.80 35.55
C ASP B 373 24.24 36.64 36.86
N GLY B 374 24.59 35.42 37.20
CA GLY B 374 25.38 35.16 38.41
C GLY B 374 26.86 34.94 38.19
N ARG B 375 27.33 35.10 36.96
CA ARG B 375 28.74 34.85 36.62
C ARG B 375 29.73 35.68 37.44
N ASP B 376 29.35 36.91 37.76
CA ASP B 376 30.20 37.88 38.48
C ASP B 376 30.33 37.62 39.98
N PHE B 377 29.44 36.83 40.54
CA PHE B 377 29.39 36.67 42.00
C PHE B 377 30.71 36.23 42.62
N LYS B 378 31.11 36.95 43.67
CA LYS B 378 32.28 36.64 44.48
C LYS B 378 31.91 36.76 45.95
N LEU B 379 32.46 35.89 46.76
CA LEU B 379 32.28 35.99 48.20
C LEU B 379 33.60 36.36 48.87
N GLN B 380 33.58 37.50 49.56
CA GLN B 380 34.77 38.02 50.21
C GLN B 380 35.19 37.08 51.32
N GLY B 381 36.49 36.83 51.42
CA GLY B 381 37.03 35.81 52.30
C GLY B 381 37.01 34.42 51.68
N TYR B 382 36.22 34.24 50.61
CA TYR B 382 36.06 32.92 49.98
C TYR B 382 36.26 33.01 48.49
N GLU B 383 37.27 33.78 48.09
CA GLU B 383 37.51 34.07 46.68
C GLU B 383 37.95 32.84 45.86
N ASN B 384 38.48 31.83 46.54
CA ASN B 384 38.88 30.58 45.89
C ASN B 384 37.88 29.44 46.03
N GLY B 385 36.78 29.69 46.75
CA GLY B 385 35.67 28.72 46.84
C GLY B 385 34.94 28.60 45.52
N HIS B 386 34.20 27.50 45.32
CA HIS B 386 33.56 27.27 44.02
C HIS B 386 32.17 27.88 43.94
N PHE B 387 32.09 29.20 44.12
CA PHE B 387 30.83 29.93 44.16
C PHE B 387 30.39 30.46 42.79
N ILE B 388 29.15 30.12 42.43
CA ILE B 388 28.53 30.66 41.24
C ILE B 388 27.20 31.24 41.70
N GLY B 389 26.91 32.47 41.30
CA GLY B 389 25.62 33.08 41.56
C GLY B 389 24.50 32.44 40.75
N GLY B 390 23.26 32.61 41.21
CA GLY B 390 22.10 32.07 40.51
C GLY B 390 21.97 32.63 39.11
N CYS B 391 21.64 31.74 38.16
CA CYS B 391 21.45 32.12 36.77
C CYS B 391 20.04 31.73 36.31
N LEU B 392 19.43 32.62 35.52
CA LEU B 392 18.11 32.39 34.91
C LEU B 392 18.12 32.75 33.42
N PHE B 393 17.85 31.75 32.59
CA PHE B 393 17.73 31.94 31.14
C PHE B 393 16.27 31.91 30.72
N ASP B 394 15.91 32.84 29.83
CA ASP B 394 14.61 32.86 29.17
C ASP B 394 14.85 32.62 27.68
N ASP B 395 13.78 32.31 26.95
CA ASP B 395 13.85 32.05 25.51
C ASP B 395 14.81 30.92 25.16
N VAL B 396 14.80 29.86 25.97
CA VAL B 396 15.62 28.69 25.70
C VAL B 396 14.85 27.83 24.71
N THR B 397 15.58 27.22 23.77
CA THR B 397 14.97 26.30 22.80
C THR B 397 15.64 24.93 22.90
N PRO B 398 14.96 23.86 22.43
CA PRO B 398 15.50 22.51 22.62
C PRO B 398 16.80 22.16 21.87
N ASP B 399 17.23 23.00 20.93
CA ASP B 399 18.51 22.79 20.25
C ASP B 399 19.74 23.35 20.98
N MSE B 400 19.51 24.04 22.10
CA MSE B 400 20.61 24.59 22.91
C MSE B 400 21.23 23.61 23.86
O MSE B 400 20.53 22.75 24.44
CB MSE B 400 20.05 25.72 23.75
CG MSE B 400 19.64 26.85 22.81
SE MSE B 400 19.13 28.36 23.94
CE MSE B 400 18.30 29.53 22.57
N ASP B 401 22.54 23.75 24.04
CA ASP B 401 23.32 22.92 24.97
C ASP B 401 22.81 22.97 26.40
N ILE B 402 22.42 24.17 26.87
CA ILE B 402 21.82 24.35 28.21
C ILE B 402 20.48 23.60 28.40
N TYR B 403 19.85 23.23 27.28
CA TYR B 403 18.63 22.45 27.34
C TYR B 403 18.89 20.93 27.30
N LYS B 404 19.78 20.50 26.41
CA LYS B 404 20.08 19.08 26.19
C LYS B 404 20.97 18.49 27.30
N THR B 405 21.83 19.32 27.89
CA THR B 405 22.83 18.83 28.84
C THR B 405 22.38 19.07 30.28
N GLU B 406 22.55 18.05 31.12
CA GLU B 406 22.42 18.22 32.56
C GLU B 406 23.58 19.09 33.06
N ILE B 407 23.24 20.28 33.56
CA ILE B 407 24.24 21.24 34.06
C ILE B 407 24.70 20.95 35.50
N PHE B 408 23.81 20.46 36.35
CA PHE B 408 24.11 20.17 37.76
C PHE B 408 24.65 21.40 38.51
N GLY B 409 24.04 22.54 38.28
CA GLY B 409 24.46 23.81 38.87
C GLY B 409 23.26 24.74 38.91
N PRO B 410 23.44 25.95 39.48
CA PRO B 410 22.39 26.92 39.75
C PRO B 410 21.99 27.71 38.48
N VAL B 411 21.50 26.98 37.48
CA VAL B 411 21.12 27.51 36.17
C VAL B 411 19.74 26.98 35.77
N LEU B 412 18.73 27.84 35.83
CA LEU B 412 17.36 27.47 35.44
C LEU B 412 17.01 28.06 34.07
N SER B 413 16.48 27.21 33.19
CA SER B 413 16.15 27.58 31.82
C SER B 413 14.64 27.63 31.64
N VAL B 414 14.15 28.69 31.00
CA VAL B 414 12.71 28.83 30.72
C VAL B 414 12.48 28.64 29.22
N VAL B 415 11.66 27.64 28.90
CA VAL B 415 11.26 27.33 27.54
C VAL B 415 9.77 27.64 27.44
N ARG B 416 9.46 28.63 26.60
CA ARG B 416 8.09 29.10 26.38
C ARG B 416 7.31 28.19 25.40
N ALA B 417 6.33 27.47 25.93
CA ALA B 417 5.41 26.64 25.14
C ALA B 417 4.10 27.38 24.87
N ARG B 418 3.53 27.15 23.68
CA ARG B 418 2.31 27.84 23.26
C ARG B 418 1.02 27.15 23.75
N ASN B 419 1.09 25.84 24.02
CA ASN B 419 -0.10 25.08 24.42
C ASN B 419 0.27 23.79 25.18
N TYR B 420 -0.74 23.12 25.71
CA TYR B 420 -0.53 21.89 26.49
C TYR B 420 0.30 20.87 25.73
N GLU B 421 -0.05 20.59 24.47
CA GLU B 421 0.61 19.50 23.71
C GLU B 421 2.08 19.83 23.39
N GLU B 422 2.37 21.07 23.03
CA GLU B 422 3.76 21.52 22.90
C GLU B 422 4.53 21.34 24.23
N ALA B 423 3.90 21.70 25.35
CA ALA B 423 4.54 21.64 26.67
C ALA B 423 4.88 20.19 27.06
N LEU B 424 3.93 19.30 26.83
CA LEU B 424 4.09 17.89 27.19
C LEU B 424 5.19 17.24 26.35
N SER B 425 5.29 17.63 25.08
CA SER B 425 6.27 17.01 24.18
C SER B 425 7.72 17.31 24.58
N LEU B 426 7.93 18.37 25.36
CA LEU B 426 9.28 18.71 25.77
C LEU B 426 9.86 17.62 26.72
N PRO B 427 9.25 17.40 27.91
CA PRO B 427 9.89 16.34 28.68
C PRO B 427 9.74 14.98 27.99
N MSE B 428 8.74 14.83 27.13
CA MSE B 428 8.51 13.53 26.46
C MSE B 428 9.64 13.18 25.51
O MSE B 428 10.06 12.03 25.43
CB MSE B 428 7.15 13.57 25.75
CG MSE B 428 6.74 12.30 25.03
SE MSE B 428 5.80 11.06 26.26
CE MSE B 428 4.06 12.00 26.40
N LYS B 429 10.12 14.17 24.78
CA LYS B 429 11.16 13.94 23.78
C LYS B 429 12.56 13.98 24.40
N HIS B 430 12.67 14.51 25.62
CA HIS B 430 13.98 14.51 26.27
C HIS B 430 14.60 13.12 26.47
N GLU B 431 15.92 13.06 26.32
CA GLU B 431 16.74 11.87 26.56
C GLU B 431 16.57 11.38 28.00
N TYR B 432 16.48 12.33 28.94
CA TYR B 432 16.32 11.98 30.35
C TYR B 432 14.87 11.88 30.74
N GLY B 433 14.60 11.05 31.73
CA GLY B 433 13.25 10.89 32.23
C GLY B 433 13.20 10.52 33.68
N ASN B 434 13.86 11.33 34.50
CA ASN B 434 13.91 11.10 35.94
C ASN B 434 12.63 11.58 36.64
N GLY B 435 12.46 12.89 36.75
CA GLY B 435 11.25 13.46 37.32
C GLY B 435 10.66 14.50 36.38
N VAL B 436 9.41 14.86 36.65
CA VAL B 436 8.69 15.87 35.88
C VAL B 436 7.59 16.42 36.80
N ALA B 437 7.20 17.67 36.60
CA ALA B 437 6.10 18.22 37.38
C ALA B 437 5.17 18.99 36.46
N ILE B 438 3.88 19.00 36.81
CA ILE B 438 2.88 19.86 36.18
C ILE B 438 2.09 20.62 37.25
N TYR B 439 1.98 21.94 37.04
CA TYR B 439 1.23 22.81 37.92
C TYR B 439 -0.02 23.29 37.20
N THR B 440 -1.17 23.01 37.81
CA THR B 440 -2.48 23.26 37.21
C THR B 440 -3.55 23.06 38.27
N ARG B 441 -4.71 23.70 38.13
CA ARG B 441 -5.84 23.40 39.01
CA ARG B 441 -5.83 23.40 39.02
C ARG B 441 -6.76 22.36 38.38
N ASP B 442 -6.51 22.08 37.11
CA ASP B 442 -7.39 21.25 36.28
C ASP B 442 -7.08 19.75 36.43
N GLY B 443 -8.07 18.99 36.90
CA GLY B 443 -7.94 17.54 37.05
C GLY B 443 -7.66 16.81 35.74
N ASP B 444 -8.32 17.22 34.65
CA ASP B 444 -8.10 16.61 33.33
C ASP B 444 -6.64 16.75 32.85
N ALA B 445 -6.12 17.99 32.90
CA ALA B 445 -4.73 18.25 32.53
C ALA B 445 -3.75 17.42 33.35
N ALA B 446 -3.94 17.42 34.68
CA ALA B 446 -3.05 16.67 35.58
C ALA B 446 -3.05 15.17 35.26
N ARG B 447 -4.24 14.56 35.26
CA ARG B 447 -4.42 13.13 35.02
C ARG B 447 -3.83 12.73 33.66
N ASP B 448 -4.17 13.51 32.64
CA ASP B 448 -3.74 13.21 31.28
C ASP B 448 -2.21 13.27 31.16
N PHE B 449 -1.63 14.30 31.75
CA PHE B 449 -0.18 14.51 31.74
C PHE B 449 0.58 13.39 32.46
N ALA B 450 0.16 13.11 33.69
CA ALA B 450 0.78 12.08 34.52
C ALA B 450 0.69 10.71 33.84
N SER B 451 -0.42 10.48 33.14
CA SER B 451 -0.65 9.18 32.54
C SER B 451 0.24 8.97 31.30
N ARG B 452 0.35 10.00 30.47
CA ARG B 452 1.05 9.91 29.17
C ARG B 452 2.57 10.04 29.27
N ILE B 453 3.08 10.88 30.17
CA ILE B 453 4.49 11.24 30.14
C ILE B 453 5.38 10.01 30.38
N ASN B 454 6.46 9.90 29.60
CA ASN B 454 7.35 8.74 29.69
C ASN B 454 8.44 8.93 30.74
N ILE B 455 8.01 9.31 31.94
CA ILE B 455 8.92 9.68 33.03
C ILE B 455 8.49 8.98 34.31
N GLY B 456 9.47 8.45 35.06
CA GLY B 456 9.18 7.58 36.22
C GLY B 456 8.52 8.21 37.44
N MSE B 457 8.80 9.49 37.68
CA MSE B 457 8.35 10.14 38.93
C MSE B 457 7.71 11.43 38.56
O MSE B 457 8.34 12.30 37.98
CB MSE B 457 9.51 10.33 39.93
CG MSE B 457 10.00 8.95 40.37
SE MSE B 457 11.70 9.06 41.37
CE MSE B 457 12.95 9.35 39.85
N VAL B 458 6.43 11.56 38.87
CA VAL B 458 5.63 12.68 38.37
C VAL B 458 5.05 13.46 39.54
N GLY B 459 5.18 14.77 39.50
CA GLY B 459 4.54 15.64 40.50
C GLY B 459 3.39 16.45 39.94
N VAL B 460 2.28 16.43 40.65
CA VAL B 460 1.13 17.24 40.36
C VAL B 460 1.10 18.32 41.45
N ASN B 461 1.54 19.54 41.07
CA ASN B 461 1.72 20.66 41.99
C ASN B 461 2.72 20.36 43.12
N VAL B 462 3.68 19.51 42.78
CA VAL B 462 4.78 19.12 43.66
C VAL B 462 6.05 19.27 42.82
N PRO B 463 7.07 20.00 43.33
CA PRO B 463 8.21 20.27 42.45
C PRO B 463 9.22 19.12 42.38
N ILE B 464 9.37 18.38 43.48
CA ILE B 464 10.36 17.31 43.56
C ILE B 464 9.65 16.03 43.99
N PRO B 465 9.09 15.29 43.01
CA PRO B 465 8.29 14.12 43.33
C PRO B 465 9.13 12.87 43.63
N VAL B 466 10.11 13.02 44.51
CA VAL B 466 10.84 11.89 45.08
C VAL B 466 9.88 11.12 45.98
N PRO B 467 9.58 9.85 45.64
CA PRO B 467 8.69 9.05 46.50
C PRO B 467 9.33 8.82 47.87
N LEU B 468 8.50 8.60 48.89
CA LEU B 468 9.02 8.30 50.21
C LEU B 468 9.59 6.88 50.27
N ALA B 469 10.30 6.59 51.36
CA ALA B 469 11.05 5.34 51.53
C ALA B 469 10.20 4.09 51.32
N TYR B 470 8.93 4.19 51.67
CA TYR B 470 8.01 3.05 51.55
C TYR B 470 7.37 2.88 50.16
N HIS B 471 7.49 3.92 49.32
CA HIS B 471 7.26 3.73 47.88
C HIS B 471 8.63 3.52 47.25
N SER B 472 8.75 3.65 45.92
CA SER B 472 10.04 3.36 45.28
C SER B 472 10.52 4.45 44.35
N PHE B 473 11.84 4.56 44.21
CA PHE B 473 12.48 5.61 43.41
C PHE B 473 13.09 5.02 42.12
N GLY B 474 12.84 5.72 41.01
CA GLY B 474 13.51 5.35 39.75
C GLY B 474 12.97 6.10 38.54
N GLY B 475 13.87 6.54 37.67
CA GLY B 475 13.50 7.25 36.44
C GLY B 475 13.30 6.30 35.28
N TRP B 476 12.94 6.85 34.12
CA TRP B 476 12.73 6.08 32.88
C TRP B 476 13.72 6.56 31.83
N LYS B 477 13.64 5.98 30.65
CA LYS B 477 14.53 6.32 29.51
C LYS B 477 16.01 6.23 29.97
N SER B 478 16.82 7.22 29.65
CA SER B 478 18.24 7.13 29.98
C SER B 478 18.54 7.37 31.46
N SER B 479 17.50 7.53 32.27
CA SER B 479 17.67 7.83 33.69
C SER B 479 17.78 6.62 34.63
N SER B 480 17.56 5.41 34.10
CA SER B 480 17.79 4.19 34.89
C SER B 480 18.00 2.95 34.03
N PHE B 481 18.50 1.90 34.66
CA PHE B 481 18.82 0.66 33.99
C PHE B 481 18.47 -0.51 34.90
N GLY B 482 17.89 -1.56 34.32
CA GLY B 482 17.44 -2.71 35.10
C GLY B 482 15.93 -2.74 35.20
N ASP B 483 15.41 -3.47 36.17
CA ASP B 483 13.95 -3.65 36.27
C ASP B 483 13.42 -3.47 37.68
N LEU B 484 14.26 -3.01 38.60
CA LEU B 484 13.84 -2.79 39.98
C LEU B 484 14.32 -1.41 40.46
N ASN B 485 13.45 -0.70 41.17
CA ASN B 485 13.73 0.65 41.68
C ASN B 485 14.50 0.64 43.00
N GLN B 486 14.77 1.83 43.53
CA GLN B 486 15.42 1.98 44.83
C GLN B 486 14.38 1.97 45.94
N HIS B 487 14.75 1.44 47.10
CA HIS B 487 13.86 1.26 48.25
C HIS B 487 12.47 0.70 47.94
N GLY B 488 11.50 0.92 48.82
CA GLY B 488 10.17 0.31 48.66
C GLY B 488 10.27 -1.20 48.57
N THR B 489 9.22 -1.86 48.10
CA THR B 489 9.23 -3.32 47.99
C THR B 489 10.16 -3.79 46.87
N ASP B 490 10.38 -2.94 45.86
CA ASP B 490 11.36 -3.23 44.80
C ASP B 490 12.73 -3.61 45.39
N SER B 491 13.19 -2.82 46.36
CA SER B 491 14.51 -3.04 46.95
C SER B 491 14.59 -4.41 47.59
N ILE B 492 13.50 -4.84 48.20
CA ILE B 492 13.46 -6.14 48.89
C ILE B 492 13.58 -7.30 47.87
N LYS B 493 12.96 -7.09 46.71
CA LYS B 493 13.05 -8.03 45.61
C LYS B 493 14.51 -8.09 45.09
N PHE B 494 15.17 -6.92 45.05
CA PHE B 494 16.52 -6.85 44.50
C PHE B 494 17.54 -7.54 45.40
N TRP B 495 17.33 -7.44 46.71
CA TRP B 495 18.26 -7.99 47.70
C TRP B 495 17.93 -9.41 48.17
N THR B 496 17.01 -10.07 47.49
CA THR B 496 16.68 -11.45 47.83
C THR B 496 16.60 -12.31 46.57
N ARG B 497 16.81 -13.61 46.75
CA ARG B 497 16.51 -14.57 45.67
C ARG B 497 15.39 -15.51 46.10
N THR B 498 14.58 -15.92 45.15
CA THR B 498 13.43 -16.77 45.41
C THR B 498 13.76 -18.25 45.26
N LYS B 499 13.42 -19.00 46.29
CA LYS B 499 13.53 -20.44 46.29
C LYS B 499 12.11 -20.92 46.37
N THR B 500 11.73 -21.87 45.52
CA THR B 500 10.40 -22.44 45.56
C THR B 500 10.55 -23.92 45.84
N ILE B 501 9.85 -24.38 46.89
CA ILE B 501 9.85 -25.76 47.29
C ILE B 501 8.54 -26.40 46.87
N THR B 502 8.61 -27.59 46.29
CA THR B 502 7.44 -28.40 46.06
C THR B 502 7.56 -29.66 46.92
N SER B 503 6.53 -29.95 47.70
CA SER B 503 6.66 -30.89 48.80
C SER B 503 5.49 -31.88 48.96
N ARG B 504 5.86 -33.14 49.17
CA ARG B 504 4.89 -34.21 49.46
C ARG B 504 5.60 -35.32 50.25
N TRP B 505 4.83 -36.31 50.72
CA TRP B 505 5.38 -37.34 51.59
C TRP B 505 4.81 -38.70 51.27
N PRO B 506 5.64 -39.75 51.36
CA PRO B 506 5.11 -41.08 51.18
C PRO B 506 4.35 -41.53 52.43
N SER B 507 3.38 -42.40 52.23
CA SER B 507 2.72 -43.10 53.31
C SER B 507 3.77 -43.65 54.29
N GLY B 508 3.52 -43.52 55.60
CA GLY B 508 4.45 -43.99 56.61
C GLY B 508 3.79 -44.41 57.91
N ILE B 509 4.42 -44.06 59.03
CA ILE B 509 3.98 -44.46 60.38
C ILE B 509 2.55 -44.05 60.75
N LYS B 510 2.02 -43.00 60.12
CA LYS B 510 0.66 -42.57 60.38
C LYS B 510 -0.35 -43.61 59.88
N ASP B 511 0.11 -44.50 59.00
CA ASP B 511 -0.76 -45.51 58.37
C ASP B 511 -0.55 -46.89 58.97
N GLN C 21 -54.53 -15.96 34.12
CA GLN C 21 -53.13 -15.92 34.41
C GLN C 21 -52.36 -16.75 33.35
N SER C 22 -53.10 -17.56 32.57
CA SER C 22 -52.59 -18.29 31.41
C SER C 22 -52.05 -19.71 31.67
N MSE C 23 -50.82 -20.00 31.24
CA MSE C 23 -50.10 -21.21 31.69
C MSE C 23 -48.89 -20.90 32.55
O MSE C 23 -47.81 -20.62 32.03
CB MSE C 23 -49.62 -22.08 30.54
CG MSE C 23 -48.96 -23.36 31.10
SE MSE C 23 -48.29 -24.73 29.85
CE MSE C 23 -50.03 -25.10 29.03
N MSE C 24 -49.03 -21.09 33.86
CA MSE C 24 -47.99 -20.82 34.80
C MSE C 24 -46.95 -21.86 34.89
O MSE C 24 -47.19 -23.01 34.65
CB MSE C 24 -48.50 -20.80 36.21
CG MSE C 24 -49.96 -20.54 36.36
SE MSE C 24 -50.15 -18.63 36.47
CE MSE C 24 -51.22 -18.84 38.04
N TYR C 25 -45.78 -21.44 35.30
CA TYR C 25 -44.64 -22.32 35.61
C TYR C 25 -44.45 -22.37 37.13
N GLU C 26 -43.79 -23.42 37.62
CA GLU C 26 -43.62 -23.60 39.06
C GLU C 26 -42.16 -23.88 39.37
N LEU C 27 -41.56 -23.01 40.17
CA LEU C 27 -40.16 -23.20 40.53
C LEU C 27 -40.12 -23.82 41.90
N GLY C 28 -39.23 -24.79 42.06
CA GLY C 28 -38.92 -25.33 43.38
C GLY C 28 -37.53 -24.87 43.82
N HIS C 29 -36.72 -25.83 44.25
CA HIS C 29 -35.36 -25.59 44.70
C HIS C 29 -34.40 -26.32 43.77
N PHE C 30 -33.11 -26.03 43.94
CA PHE C 30 -32.08 -26.74 43.20
C PHE C 30 -31.16 -27.32 44.25
N ILE C 31 -31.19 -28.64 44.36
CA ILE C 31 -30.39 -29.33 45.36
C ILE C 31 -29.76 -30.56 44.74
N ASP C 32 -28.47 -30.72 44.93
CA ASP C 32 -27.73 -31.86 44.48
C ASP C 32 -27.81 -32.07 43.00
N GLY C 33 -27.71 -30.99 42.23
CA GLY C 33 -27.60 -31.07 40.79
C GLY C 33 -28.93 -31.23 40.07
N LYS C 34 -30.03 -31.08 40.81
CA LYS C 34 -31.37 -31.25 40.23
C LYS C 34 -32.38 -30.22 40.75
N ARG C 35 -33.32 -29.87 39.88
CA ARG C 35 -34.53 -29.17 40.31
C ARG C 35 -35.37 -30.11 41.16
N VAL C 36 -35.81 -29.66 42.32
CA VAL C 36 -36.64 -30.48 43.20
C VAL C 36 -37.80 -29.62 43.69
N ALA C 37 -38.89 -30.26 44.06
CA ALA C 37 -40.08 -29.56 44.55
C ALA C 37 -39.93 -29.24 46.03
N GLY C 38 -40.65 -28.21 46.48
CA GLY C 38 -40.73 -27.92 47.94
C GLY C 38 -41.63 -28.92 48.65
N THR C 39 -41.26 -29.31 49.87
CA THR C 39 -42.07 -30.23 50.67
C THR C 39 -43.02 -29.49 51.61
N SER C 40 -43.15 -28.19 51.44
CA SER C 40 -44.00 -27.40 52.35
C SER C 40 -45.38 -27.12 51.75
N GLY C 41 -45.51 -27.25 50.42
CA GLY C 41 -46.77 -26.93 49.74
C GLY C 41 -47.24 -25.49 49.98
N ARG C 42 -46.30 -24.63 50.36
CA ARG C 42 -46.52 -23.19 50.42
C ARG C 42 -45.77 -22.61 49.23
N VAL C 43 -46.41 -21.70 48.51
CA VAL C 43 -45.79 -21.04 47.37
C VAL C 43 -45.95 -19.52 47.48
N SER C 44 -45.17 -18.83 46.66
CA SER C 44 -45.29 -17.41 46.52
C SER C 44 -45.50 -17.13 45.03
N ASN C 45 -46.35 -16.15 44.73
CA ASN C 45 -46.64 -15.83 43.34
C ASN C 45 -45.53 -15.05 42.64
N ILE C 46 -45.20 -15.46 41.42
CA ILE C 46 -44.27 -14.71 40.59
C ILE C 46 -45.07 -13.92 39.57
N PHE C 47 -44.85 -12.61 39.52
CA PHE C 47 -45.59 -11.73 38.62
C PHE C 47 -44.83 -11.39 37.34
N ASN C 48 -45.58 -11.01 36.30
CA ASN C 48 -45.01 -10.25 35.20
C ASN C 48 -45.40 -8.81 35.47
N PRO C 49 -44.41 -7.97 35.85
CA PRO C 49 -44.75 -6.63 36.30
C PRO C 49 -45.21 -5.70 35.16
N ALA C 50 -44.98 -6.11 33.91
CA ALA C 50 -45.46 -5.32 32.77
C ALA C 50 -46.97 -5.42 32.64
N THR C 51 -47.52 -6.56 33.05
CA THR C 51 -48.96 -6.84 32.88
C THR C 51 -49.68 -6.82 34.20
N GLY C 52 -48.95 -7.10 35.28
CA GLY C 52 -49.54 -7.13 36.61
C GLY C 52 -50.13 -8.48 36.93
N GLU C 53 -50.02 -9.42 35.99
CA GLU C 53 -50.56 -10.77 36.14
C GLU C 53 -49.55 -11.74 36.73
N VAL C 54 -50.05 -12.70 37.48
CA VAL C 54 -49.25 -13.83 37.93
C VAL C 54 -48.83 -14.66 36.71
N GLN C 55 -47.54 -15.01 36.62
CA GLN C 55 -47.05 -15.85 35.52
C GLN C 55 -46.53 -17.20 36.01
N GLY C 56 -46.31 -17.31 37.32
CA GLY C 56 -45.80 -18.54 37.93
C GLY C 56 -45.77 -18.48 39.45
N THR C 57 -45.22 -19.52 40.07
CA THR C 57 -45.08 -19.54 41.53
C THR C 57 -43.73 -20.12 41.91
N VAL C 58 -43.29 -19.82 43.12
CA VAL C 58 -42.05 -20.35 43.65
C VAL C 58 -42.30 -20.96 45.03
N ALA C 59 -41.68 -22.13 45.27
CA ALA C 59 -41.82 -22.86 46.52
C ALA C 59 -41.14 -22.09 47.65
N LEU C 60 -41.76 -22.11 48.83
CA LEU C 60 -41.15 -21.50 50.01
C LEU C 60 -40.61 -22.59 50.93
N ALA C 61 -39.30 -22.63 51.10
CA ALA C 61 -38.62 -23.72 51.80
C ALA C 61 -39.07 -23.89 53.23
N SER C 62 -39.33 -25.14 53.59
CA SER C 62 -39.47 -25.60 54.95
C SER C 62 -38.09 -25.76 55.55
N ASP C 63 -38.03 -26.01 56.85
CA ASP C 63 -36.77 -26.32 57.53
C ASP C 63 -36.13 -27.58 56.94
N ALA C 64 -36.96 -28.57 56.62
CA ALA C 64 -36.51 -29.83 56.02
C ALA C 64 -35.86 -29.64 54.64
N ASP C 65 -36.44 -28.74 53.82
CA ASP C 65 -35.87 -28.39 52.52
C ASP C 65 -34.47 -27.80 52.67
N LEU C 66 -34.28 -26.89 53.62
CA LEU C 66 -32.99 -26.33 53.94
C LEU C 66 -32.03 -27.34 54.46
N ALA C 67 -32.51 -28.17 55.35
CA ALA C 67 -31.73 -29.27 55.94
C ALA C 67 -31.18 -30.21 54.85
N ALA C 68 -32.05 -30.58 53.91
CA ALA C 68 -31.63 -31.36 52.73
C ALA C 68 -30.52 -30.67 51.94
N ALA C 69 -30.63 -29.37 51.74
CA ALA C 69 -29.59 -28.62 51.02
C ALA C 69 -28.28 -28.57 51.79
N VAL C 70 -28.36 -28.48 53.12
CA VAL C 70 -27.15 -28.45 53.95
C VAL C 70 -26.45 -29.80 53.93
N GLU C 71 -27.23 -30.88 54.10
CA GLU C 71 -26.71 -32.24 54.02
C GLU C 71 -26.10 -32.53 52.65
N SER C 72 -26.78 -32.10 51.59
CA SER C 72 -26.23 -32.11 50.24
C SER C 72 -24.84 -31.46 50.22
N ALA C 73 -24.74 -30.24 50.76
CA ALA C 73 -23.49 -29.47 50.79
C ALA C 73 -22.42 -30.17 51.61
N LYS C 74 -22.82 -30.76 52.74
CA LYS C 74 -21.88 -31.43 53.64
C LYS C 74 -21.18 -32.61 53.00
N ALA C 75 -21.96 -33.45 52.33
CA ALA C 75 -21.42 -34.63 51.66
C ALA C 75 -20.45 -34.26 50.54
N ALA C 76 -20.70 -33.15 49.84
CA ALA C 76 -19.96 -32.82 48.63
C ALA C 76 -18.73 -31.94 48.85
N GLN C 77 -18.77 -31.09 49.87
CA GLN C 77 -17.74 -30.06 50.04
C GLN C 77 -16.29 -30.57 50.21
N PRO C 78 -16.07 -31.60 51.05
CA PRO C 78 -14.70 -32.11 51.23
C PRO C 78 -13.98 -32.49 49.91
N LYS C 79 -14.62 -33.25 49.04
CA LYS C 79 -14.01 -33.59 47.75
C LYS C 79 -13.74 -32.37 46.84
N TRP C 80 -14.66 -31.41 46.86
CA TRP C 80 -14.45 -30.14 46.16
C TRP C 80 -13.28 -29.35 46.75
N ALA C 81 -13.20 -29.27 48.09
CA ALA C 81 -12.07 -28.58 48.75
C ALA C 81 -10.75 -29.29 48.46
N ALA C 82 -10.81 -30.60 48.20
CA ALA C 82 -9.63 -31.39 47.88
C ALA C 82 -9.19 -31.26 46.41
N THR C 83 -10.05 -30.67 45.56
CA THR C 83 -9.68 -30.36 44.18
C THR C 83 -8.69 -29.19 44.12
N ASN C 84 -7.59 -29.34 43.38
CA ASN C 84 -6.58 -28.26 43.29
C ASN C 84 -7.16 -26.93 42.74
N PRO C 85 -6.53 -25.78 43.08
CA PRO C 85 -7.12 -24.49 42.72
C PRO C 85 -7.28 -24.28 41.22
N GLN C 86 -6.31 -24.74 40.44
CA GLN C 86 -6.39 -24.58 39.00
C GLN C 86 -7.62 -25.29 38.46
N ARG C 87 -7.87 -26.50 38.91
CA ARG C 87 -9.05 -27.25 38.50
C ARG C 87 -10.35 -26.57 38.95
N ARG C 88 -10.37 -25.97 40.13
CA ARG C 88 -11.56 -25.23 40.56
C ARG C 88 -11.77 -24.00 39.67
N ALA C 89 -10.69 -23.28 39.39
CA ALA C 89 -10.75 -22.12 38.49
C ALA C 89 -11.34 -22.46 37.10
N ARG C 90 -10.99 -23.63 36.55
CA ARG C 90 -11.50 -24.05 35.22
C ARG C 90 -13.02 -24.23 35.14
N VAL C 91 -13.64 -24.64 36.25
CA VAL C 91 -15.11 -24.66 36.32
C VAL C 91 -15.66 -23.25 36.01
N PHE C 92 -15.07 -22.24 36.64
CA PHE C 92 -15.45 -20.86 36.40
C PHE C 92 -15.19 -20.37 34.98
N MSE C 93 -14.08 -20.78 34.37
CA MSE C 93 -13.80 -20.42 32.97
C MSE C 93 -14.84 -20.99 32.05
O MSE C 93 -15.30 -20.31 31.13
CB MSE C 93 -12.49 -21.03 32.52
CG MSE C 93 -11.35 -20.02 32.51
SE MSE C 93 -9.73 -21.05 32.07
CE MSE C 93 -9.07 -21.50 33.88
N LYS C 94 -15.22 -22.24 32.28
CA LYS C 94 -16.28 -22.88 31.51
C LYS C 94 -17.60 -22.15 31.77
N PHE C 95 -17.85 -21.83 33.03
CA PHE C 95 -19.10 -21.16 33.42
C PHE C 95 -19.26 -19.82 32.72
N VAL C 96 -18.18 -19.05 32.68
CA VAL C 96 -18.18 -17.76 32.00
C VAL C 96 -18.62 -17.93 30.55
N GLN C 97 -18.05 -18.94 29.87
CA GLN C 97 -18.41 -19.21 28.48
C GLN C 97 -19.88 -19.59 28.35
N LEU C 98 -20.39 -20.35 29.32
CA LEU C 98 -21.80 -20.77 29.29
C LEU C 98 -22.76 -19.60 29.46
N LEU C 99 -22.38 -18.65 30.31
CA LEU C 99 -23.15 -17.42 30.51
C LEU C 99 -23.29 -16.67 29.19
N ASN C 100 -22.16 -16.48 28.49
CA ASN C 100 -22.16 -15.85 27.18
C ASN C 100 -23.03 -16.58 26.17
N ASP C 101 -22.93 -17.91 26.13
CA ASP C 101 -23.77 -18.71 25.22
C ASP C 101 -25.26 -18.59 25.53
N ASN C 102 -25.59 -18.38 26.79
CA ASN C 102 -26.98 -18.37 27.25
C ASN C 102 -27.50 -16.95 27.57
N MSE C 103 -26.73 -15.93 27.18
CA MSE C 103 -27.02 -14.55 27.54
C MSE C 103 -28.44 -14.13 27.21
O MSE C 103 -29.14 -13.59 28.06
CB MSE C 103 -26.01 -13.63 26.85
CG MSE C 103 -26.15 -12.16 27.23
SE MSE C 103 -25.75 -11.76 29.11
CE MSE C 103 -23.83 -12.22 29.23
N ASN C 104 -28.89 -14.41 26.00
CA ASN C 104 -30.21 -13.96 25.60
C ASN C 104 -31.33 -14.59 26.43
N GLU C 105 -31.22 -15.90 26.66
CA GLU C 105 -32.19 -16.65 27.46
C GLU C 105 -32.23 -16.13 28.89
N LEU C 106 -31.04 -15.95 29.48
CA LEU C 106 -30.93 -15.46 30.85
C LEU C 106 -31.55 -14.07 30.98
N ALA C 107 -31.26 -13.17 30.04
CA ALA C 107 -31.81 -11.81 30.06
C ALA C 107 -33.33 -11.84 29.96
N GLU C 108 -33.85 -12.67 29.06
CA GLU C 108 -35.29 -12.79 28.85
C GLU C 108 -36.03 -13.18 30.15
N MSE C 109 -35.51 -14.16 30.88
CA MSE C 109 -36.21 -14.68 32.05
C MSE C 109 -36.13 -13.67 33.18
O MSE C 109 -37.12 -13.46 33.89
CB MSE C 109 -35.76 -16.09 32.42
CG MSE C 109 -34.27 -16.21 32.76
SE MSE C 109 -33.90 -18.04 33.38
CE MSE C 109 -33.87 -18.99 31.66
N LEU C 110 -34.97 -13.04 33.31
CA LEU C 110 -34.74 -11.98 34.29
C LEU C 110 -35.71 -10.81 34.08
N SER C 111 -35.68 -10.21 32.88
CA SER C 111 -36.56 -9.10 32.52
C SER C 111 -38.06 -9.41 32.73
N ARG C 112 -38.46 -10.63 32.36
CA ARG C 112 -39.86 -11.04 32.47
C ARG C 112 -40.35 -11.09 33.92
N GLU C 113 -39.47 -11.39 34.86
CA GLU C 113 -39.87 -11.41 36.28
C GLU C 113 -39.62 -10.09 36.98
N HIS C 114 -38.52 -9.41 36.63
CA HIS C 114 -38.07 -8.22 37.33
C HIS C 114 -38.73 -6.95 36.81
N GLY C 115 -38.81 -6.82 35.49
CA GLY C 115 -39.36 -5.62 34.88
C GLY C 115 -38.39 -4.87 33.99
N LYS C 116 -37.11 -4.84 34.40
CA LYS C 116 -36.11 -4.03 33.69
C LYS C 116 -35.89 -4.44 32.23
N THR C 117 -35.29 -3.54 31.45
CA THR C 117 -35.09 -3.79 30.03
C THR C 117 -34.11 -4.94 29.80
N ILE C 118 -34.19 -5.55 28.63
CA ILE C 118 -33.28 -6.63 28.24
C ILE C 118 -31.81 -6.22 28.39
N ASP C 119 -31.47 -5.02 27.93
CA ASP C 119 -30.09 -4.54 28.07
C ASP C 119 -29.66 -4.40 29.52
N ASP C 120 -30.57 -3.91 30.38
CA ASP C 120 -30.33 -3.88 31.83
C ASP C 120 -30.01 -5.29 32.33
N ALA C 121 -30.87 -6.22 31.93
CA ALA C 121 -30.73 -7.61 32.34
C ALA C 121 -29.36 -8.16 31.93
N LYS C 122 -28.94 -7.90 30.69
CA LYS C 122 -27.62 -8.31 30.23
C LYS C 122 -26.49 -7.71 31.05
N GLY C 123 -26.64 -6.45 31.48
CA GLY C 123 -25.63 -5.79 32.32
C GLY C 123 -25.55 -6.43 33.70
N ASP C 124 -26.72 -6.78 34.24
CA ASP C 124 -26.87 -7.51 35.49
C ASP C 124 -26.06 -8.81 35.42
N ILE C 125 -26.33 -9.63 34.40
CA ILE C 125 -25.60 -10.88 34.17
CA ILE C 125 -25.60 -10.88 34.19
C ILE C 125 -24.10 -10.62 33.93
N VAL C 126 -23.77 -9.64 33.09
CA VAL C 126 -22.35 -9.38 32.78
C VAL C 126 -21.52 -9.04 34.02
N ARG C 127 -22.08 -8.21 34.91
CA ARG C 127 -21.39 -7.85 36.15
C ARG C 127 -21.21 -9.04 37.11
N GLY C 128 -22.12 -10.01 37.06
CA GLY C 128 -21.95 -11.28 37.78
C GLY C 128 -20.84 -12.10 37.13
N LEU C 129 -20.89 -12.13 35.80
CA LEU C 129 -19.90 -12.80 34.98
C LEU C 129 -18.51 -12.28 35.30
N GLU C 130 -18.39 -10.97 35.55
CA GLU C 130 -17.08 -10.38 35.81
C GLU C 130 -16.47 -10.83 37.13
N VAL C 131 -17.32 -11.15 38.12
CA VAL C 131 -16.84 -11.76 39.36
C VAL C 131 -16.31 -13.19 39.15
N CYS C 132 -17.01 -13.95 38.33
CA CYS C 132 -16.55 -15.27 37.91
C CYS C 132 -15.20 -15.21 37.19
N GLU C 133 -14.98 -14.16 36.38
CA GLU C 133 -13.69 -13.93 35.72
C GLU C 133 -12.57 -13.69 36.72
N PHE C 134 -12.86 -12.91 37.75
CA PHE C 134 -11.89 -12.59 38.81
C PHE C 134 -11.49 -13.84 39.61
N VAL C 135 -12.44 -14.70 39.96
CA VAL C 135 -12.09 -15.90 40.73
C VAL C 135 -11.43 -17.02 39.93
N ILE C 136 -11.32 -16.85 38.61
CA ILE C 136 -10.43 -17.72 37.83
C ILE C 136 -9.00 -17.61 38.39
N GLY C 137 -8.65 -16.43 38.93
CA GLY C 137 -7.36 -16.23 39.58
C GLY C 137 -7.25 -16.75 41.01
N ILE C 138 -8.14 -17.65 41.40
CA ILE C 138 -8.10 -18.17 42.77
C ILE C 138 -6.75 -18.82 43.20
N PRO C 139 -6.04 -19.53 42.29
CA PRO C 139 -4.74 -20.05 42.74
C PRO C 139 -3.83 -18.94 43.30
N HIS C 140 -3.75 -17.82 42.62
CA HIS C 140 -2.92 -16.73 43.14
C HIS C 140 -3.60 -16.07 44.35
N LEU C 141 -4.90 -15.86 44.25
CA LEU C 141 -5.62 -15.11 45.28
C LEU C 141 -5.65 -15.77 46.64
N GLN C 142 -5.63 -17.11 46.68
CA GLN C 142 -5.73 -17.85 47.93
C GLN C 142 -4.38 -18.09 48.62
N LYS C 143 -3.29 -17.59 48.04
CA LYS C 143 -1.96 -17.71 48.62
C LYS C 143 -1.91 -17.18 50.02
N SER C 144 -1.12 -17.82 50.87
CA SER C 144 -0.88 -17.34 52.21
C SER C 144 0.60 -17.03 52.39
N GLU C 145 0.99 -16.66 53.61
CA GLU C 145 2.33 -16.11 53.90
C GLU C 145 3.28 -17.13 54.48
N PHE C 146 4.57 -17.03 54.15
CA PHE C 146 5.60 -17.94 54.70
C PHE C 146 6.79 -17.15 55.24
N THR C 147 7.23 -17.52 56.44
CA THR C 147 8.47 -17.00 57.00
C THR C 147 9.47 -18.10 57.36
N GLU C 148 10.68 -17.98 56.82
CA GLU C 148 11.74 -18.89 57.20
C GLU C 148 12.54 -18.31 58.38
N GLY C 149 12.82 -19.15 59.36
CA GLY C 149 13.65 -18.76 60.50
C GLY C 149 13.03 -17.64 61.32
N ALA C 150 11.74 -17.76 61.61
CA ALA C 150 11.05 -16.88 62.56
C ALA C 150 11.70 -17.04 63.92
N GLY C 151 12.22 -18.23 64.20
CA GLY C 151 13.10 -18.50 65.34
C GLY C 151 14.20 -19.45 64.84
N PRO C 152 15.12 -19.89 65.73
CA PRO C 152 16.24 -20.78 65.35
C PRO C 152 15.77 -22.15 64.82
N GLY C 153 15.94 -22.38 63.53
CA GLY C 153 15.41 -23.58 62.89
C GLY C 153 13.89 -23.67 62.90
N ILE C 154 13.23 -22.54 63.14
CA ILE C 154 11.76 -22.51 63.22
C ILE C 154 11.12 -21.71 62.08
N ASP C 155 10.25 -22.37 61.32
CA ASP C 155 9.49 -21.73 60.23
C ASP C 155 8.03 -21.47 60.64
N MSE C 156 7.44 -20.44 60.04
CA MSE C 156 6.09 -20.00 60.39
C MSE C 156 5.34 -19.67 59.13
O MSE C 156 5.77 -18.84 58.32
CB MSE C 156 6.25 -18.75 61.24
CG MSE C 156 4.90 -18.27 61.76
SE MSE C 156 5.21 -16.96 63.20
CE MSE C 156 5.94 -18.16 64.58
N TYR C 157 4.20 -20.31 58.93
CA TYR C 157 3.44 -20.08 57.69
C TYR C 157 1.96 -20.29 57.88
N SER C 158 1.18 -19.53 57.10
CA SER C 158 -0.27 -19.66 57.14
C SER C 158 -0.80 -20.44 55.94
N ILE C 159 -2.06 -20.88 56.06
CA ILE C 159 -2.80 -21.54 55.01
C ILE C 159 -4.21 -20.96 55.07
N ARG C 160 -4.77 -20.60 53.93
CA ARG C 160 -6.15 -20.13 53.88
C ARG C 160 -7.03 -21.29 53.47
N GLN C 161 -7.83 -21.79 54.40
CA GLN C 161 -8.63 -22.97 54.16
C GLN C 161 -10.11 -22.59 54.09
N PRO C 162 -10.94 -23.43 53.44
CA PRO C 162 -12.37 -23.12 53.38
C PRO C 162 -12.99 -22.92 54.77
N VAL C 163 -13.99 -22.06 54.87
CA VAL C 163 -14.78 -22.02 56.10
C VAL C 163 -15.71 -23.21 56.19
N GLY C 164 -16.03 -23.83 55.04
CA GLY C 164 -16.90 -25.01 54.98
C GLY C 164 -18.12 -24.81 54.09
N ILE C 165 -19.20 -24.33 54.69
CA ILE C 165 -20.45 -24.12 53.99
C ILE C 165 -20.95 -22.71 54.24
N GLY C 166 -21.13 -21.94 53.18
CA GLY C 166 -21.67 -20.60 53.29
C GLY C 166 -23.08 -20.50 52.75
N ALA C 167 -23.70 -19.35 53.00
CA ALA C 167 -25.04 -19.07 52.50
C ALA C 167 -25.11 -17.60 52.16
N GLY C 168 -25.92 -17.28 51.17
CA GLY C 168 -26.10 -15.91 50.72
C GLY C 168 -27.56 -15.63 50.49
N ILE C 169 -28.00 -14.44 50.92
CA ILE C 169 -29.37 -14.01 50.80
C ILE C 169 -29.36 -12.74 49.94
N THR C 170 -30.11 -12.75 48.84
CA THR C 170 -30.00 -11.71 47.82
C THR C 170 -31.34 -11.04 47.53
N PRO C 171 -31.29 -9.81 46.96
CA PRO C 171 -32.52 -9.03 46.79
C PRO C 171 -33.07 -9.18 45.38
N PHE C 172 -34.24 -8.58 45.14
CA PHE C 172 -34.92 -8.70 43.85
C PHE C 172 -34.21 -8.01 42.67
N ASN C 173 -33.45 -6.94 42.93
CA ASN C 173 -33.10 -6.02 41.84
C ASN C 173 -31.97 -6.49 40.92
N PHE C 174 -31.07 -7.30 41.46
CA PHE C 174 -30.02 -7.95 40.66
C PHE C 174 -29.92 -9.44 40.99
N PRO C 175 -30.86 -10.27 40.47
CA PRO C 175 -30.88 -11.73 40.78
C PRO C 175 -29.83 -12.55 40.00
N GLY C 176 -29.07 -11.91 39.13
CA GLY C 176 -27.92 -12.55 38.51
C GLY C 176 -26.63 -12.05 39.16
N MSE C 177 -26.43 -10.73 39.11
CA MSE C 177 -25.17 -10.13 39.60
C MSE C 177 -24.89 -10.47 41.04
O MSE C 177 -23.80 -10.93 41.37
CB MSE C 177 -25.20 -8.62 39.42
CG MSE C 177 -23.92 -8.02 39.98
SE MSE C 177 -24.02 -6.08 39.78
CE MSE C 177 -25.05 -5.67 41.41
N ILE C 178 -25.82 -10.21 41.92
CA ILE C 178 -25.59 -10.42 43.34
C ILE C 178 -25.36 -11.86 43.84
N PRO C 179 -26.17 -12.82 43.41
CA PRO C 179 -25.83 -14.22 43.73
C PRO C 179 -24.40 -14.58 43.31
N MSE C 180 -24.00 -14.13 42.11
CA MSE C 180 -22.66 -14.39 41.59
C MSE C 180 -21.60 -13.69 42.41
O MSE C 180 -20.52 -14.27 42.64
CB MSE C 180 -22.50 -14.10 40.10
CG MSE C 180 -23.19 -15.19 39.28
SE MSE C 180 -22.97 -14.94 37.34
CE MSE C 180 -24.51 -13.77 36.95
N TRP C 181 -21.90 -12.46 42.85
CA TRP C 181 -20.99 -11.72 43.75
C TRP C 181 -20.49 -12.66 44.83
N MSE C 182 -21.44 -13.38 45.42
CA MSE C 182 -21.21 -14.18 46.61
C MSE C 182 -20.77 -15.59 46.31
O MSE C 182 -19.78 -16.05 46.87
CB MSE C 182 -22.54 -14.26 47.38
CG MSE C 182 -22.99 -12.92 47.96
SE MSE C 182 -24.81 -13.28 48.62
CE MSE C 182 -25.29 -11.46 49.19
N PHE C 183 -21.49 -16.28 45.46
CA PHE C 183 -21.17 -17.68 45.20
C PHE C 183 -19.87 -17.94 44.47
N ALA C 184 -19.44 -17.02 43.62
CA ALA C 184 -18.18 -17.20 42.89
C ALA C 184 -16.95 -17.28 43.82
N PRO C 185 -16.73 -16.28 44.71
CA PRO C 185 -15.56 -16.45 45.61
C PRO C 185 -15.73 -17.55 46.65
N ALA C 186 -16.95 -17.76 47.12
CA ALA C 186 -17.18 -18.77 48.13
C ALA C 186 -16.84 -20.15 47.58
N ILE C 187 -17.27 -20.41 46.34
CA ILE C 187 -17.06 -21.71 45.72
C ILE C 187 -15.60 -21.85 45.23
N ALA C 188 -15.06 -20.79 44.63
CA ALA C 188 -13.66 -20.80 44.19
C ALA C 188 -12.71 -21.12 45.38
N CYS C 189 -13.08 -20.64 46.57
CA CYS C 189 -12.25 -20.86 47.77
C CYS C 189 -12.35 -22.26 48.34
N GLY C 190 -13.29 -23.07 47.85
CA GLY C 190 -13.37 -24.49 48.21
C GLY C 190 -14.54 -24.81 49.14
N ASN C 191 -15.39 -23.82 49.37
CA ASN C 191 -16.63 -24.01 50.13
C ASN C 191 -17.78 -24.51 49.26
N ALA C 192 -18.82 -25.00 49.91
CA ALA C 192 -20.11 -25.21 49.28
C ALA C 192 -20.99 -24.01 49.65
N PHE C 193 -21.99 -23.73 48.83
CA PHE C 193 -22.77 -22.52 49.00
C PHE C 193 -24.28 -22.78 48.85
N ILE C 194 -25.05 -22.20 49.76
CA ILE C 194 -26.50 -22.24 49.69
C ILE C 194 -27.00 -20.83 49.41
N LEU C 195 -27.61 -20.67 48.23
CA LEU C 195 -28.17 -19.39 47.86
C LEU C 195 -29.64 -19.34 48.23
N LYS C 196 -30.08 -18.30 48.89
CA LYS C 196 -31.47 -18.01 49.06
C LYS C 196 -31.80 -16.70 48.40
N PRO C 197 -32.26 -16.77 47.16
CA PRO C 197 -32.52 -15.54 46.42
C PRO C 197 -33.89 -14.93 46.70
N SER C 198 -34.11 -13.73 46.18
CA SER C 198 -35.40 -13.08 46.26
C SER C 198 -36.49 -13.91 45.59
N GLU C 199 -37.61 -14.09 46.30
CA GLU C 199 -38.76 -14.85 45.79
C GLU C 199 -39.51 -14.09 44.70
N ARG C 200 -39.14 -12.82 44.48
CA ARG C 200 -39.78 -12.02 43.44
C ARG C 200 -39.45 -12.51 42.02
N ASP C 201 -38.20 -12.92 41.83
CA ASP C 201 -37.69 -13.23 40.49
C ASP C 201 -36.64 -14.34 40.54
N PRO C 202 -37.10 -15.56 40.82
CA PRO C 202 -36.21 -16.66 41.14
C PRO C 202 -35.73 -17.51 39.95
N SER C 203 -36.16 -17.22 38.73
CA SER C 203 -35.75 -18.03 37.56
C SER C 203 -34.23 -18.04 37.29
N VAL C 204 -33.64 -16.86 37.16
CA VAL C 204 -32.19 -16.74 36.94
C VAL C 204 -31.32 -17.55 37.91
N PRO C 205 -31.49 -17.37 39.25
CA PRO C 205 -30.65 -18.12 40.19
C PRO C 205 -30.62 -19.62 39.98
N ILE C 206 -31.79 -20.26 39.80
CA ILE C 206 -31.85 -21.69 39.51
C ILE C 206 -31.16 -22.04 38.19
N ARG C 207 -31.38 -21.24 37.17
CA ARG C 207 -30.71 -21.49 35.88
C ARG C 207 -29.19 -21.32 36.01
N LEU C 208 -28.74 -20.36 36.79
CA LEU C 208 -27.30 -20.21 37.08
C LEU C 208 -26.72 -21.47 37.71
N ALA C 209 -27.42 -22.02 38.70
CA ALA C 209 -27.02 -23.26 39.37
C ALA C 209 -26.96 -24.46 38.40
N GLU C 210 -27.93 -24.48 37.49
CA GLU C 210 -28.01 -25.48 36.42
C GLU C 210 -26.78 -25.38 35.54
N LEU C 211 -26.42 -24.15 35.16
CA LEU C 211 -25.25 -23.92 34.32
C LEU C 211 -23.92 -24.25 35.03
N MSE C 212 -23.87 -24.06 36.36
CA MSE C 212 -22.69 -24.44 37.14
C MSE C 212 -22.46 -25.93 36.99
O MSE C 212 -21.34 -26.35 36.73
CB MSE C 212 -22.75 -23.95 38.59
CG MSE C 212 -22.44 -22.45 38.72
SE MSE C 212 -20.52 -22.04 38.40
CE MSE C 212 -19.73 -22.49 40.15
N ILE C 213 -23.52 -26.74 37.11
CA ILE C 213 -23.42 -28.20 36.91
C ILE C 213 -22.92 -28.50 35.49
N GLU C 214 -23.47 -27.80 34.50
CA GLU C 214 -23.04 -27.94 33.09
C GLU C 214 -21.56 -27.55 32.87
N ALA C 215 -21.06 -26.66 33.71
CA ALA C 215 -19.67 -26.22 33.64
C ALA C 215 -18.72 -27.16 34.40
N GLY C 216 -19.28 -28.18 35.06
CA GLY C 216 -18.47 -29.21 35.73
C GLY C 216 -18.38 -29.14 37.25
N LEU C 217 -19.15 -28.24 37.87
CA LEU C 217 -19.19 -28.15 39.33
C LEU C 217 -19.87 -29.41 39.88
N PRO C 218 -19.30 -30.02 40.94
CA PRO C 218 -19.97 -31.21 41.49
C PRO C 218 -21.34 -30.88 42.06
N ALA C 219 -22.25 -31.86 42.07
CA ALA C 219 -23.57 -31.70 42.66
C ALA C 219 -23.46 -31.37 44.13
N GLY C 220 -24.27 -30.42 44.60
CA GLY C 220 -24.31 -30.07 46.01
C GLY C 220 -23.40 -28.91 46.42
N ILE C 221 -22.49 -28.49 45.54
CA ILE C 221 -21.62 -27.36 45.86
C ILE C 221 -22.33 -26.01 45.74
N LEU C 222 -23.22 -25.90 44.77
CA LEU C 222 -24.12 -24.74 44.71
C LEU C 222 -25.57 -25.20 44.73
N ASN C 223 -26.22 -24.99 45.86
CA ASN C 223 -27.65 -25.28 46.00
C ASN C 223 -28.47 -24.00 46.09
N VAL C 224 -29.68 -24.04 45.52
CA VAL C 224 -30.58 -22.90 45.59
C VAL C 224 -31.81 -23.30 46.40
N VAL C 225 -32.06 -22.56 47.48
CA VAL C 225 -33.19 -22.80 48.34
C VAL C 225 -34.08 -21.56 48.35
N ASN C 226 -35.22 -21.67 47.68
CA ASN C 226 -36.15 -20.55 47.63
C ASN C 226 -37.04 -20.47 48.87
N GLY C 227 -37.44 -19.25 49.21
CA GLY C 227 -38.28 -19.04 50.37
C GLY C 227 -38.24 -17.63 50.88
N ASP C 228 -38.87 -17.43 52.03
CA ASP C 228 -39.03 -16.12 52.64
C ASP C 228 -38.23 -16.04 53.94
N LYS C 229 -38.77 -15.29 54.91
CA LYS C 229 -38.19 -15.16 56.25
C LYS C 229 -37.95 -16.53 56.92
N GLY C 230 -38.87 -17.47 56.71
CA GLY C 230 -38.71 -18.83 57.23
C GLY C 230 -37.40 -19.48 56.83
N ALA C 231 -37.09 -19.44 55.53
CA ALA C 231 -35.85 -20.01 54.99
C ALA C 231 -34.63 -19.27 55.54
N VAL C 232 -34.75 -17.96 55.67
CA VAL C 232 -33.66 -17.13 56.14
C VAL C 232 -33.30 -17.49 57.58
N ASP C 233 -34.30 -17.57 58.46
CA ASP C 233 -34.09 -18.02 59.85
C ASP C 233 -33.52 -19.43 59.95
N ALA C 234 -33.97 -20.33 59.08
CA ALA C 234 -33.42 -21.68 59.02
C ALA C 234 -31.94 -21.63 58.64
N ILE C 235 -31.56 -20.73 57.72
CA ILE C 235 -30.16 -20.51 57.40
C ILE C 235 -29.39 -19.96 58.60
N LEU C 236 -29.95 -18.94 59.25
CA LEU C 236 -29.22 -18.24 60.31
C LEU C 236 -29.02 -19.09 61.59
N THR C 237 -29.86 -20.10 61.79
CA THR C 237 -29.75 -20.95 62.98
C THR C 237 -29.22 -22.36 62.72
N HIS C 238 -28.86 -22.66 61.48
CA HIS C 238 -28.32 -23.98 61.17
C HIS C 238 -26.86 -24.06 61.61
N PRO C 239 -26.55 -25.00 62.51
CA PRO C 239 -25.21 -25.04 63.12
C PRO C 239 -24.08 -25.35 62.13
N ASP C 240 -24.42 -25.93 60.99
CA ASP C 240 -23.40 -26.32 60.00
C ASP C 240 -23.03 -25.24 58.99
N ILE C 241 -23.77 -24.13 58.97
CA ILE C 241 -23.44 -23.01 58.09
C ILE C 241 -22.53 -22.02 58.82
N ALA C 242 -21.32 -21.82 58.31
CA ALA C 242 -20.30 -21.05 59.04
C ALA C 242 -20.35 -19.57 58.76
N ALA C 243 -20.95 -19.20 57.63
CA ALA C 243 -20.85 -17.83 57.14
C ALA C 243 -22.06 -17.41 56.31
N VAL C 244 -22.50 -16.17 56.52
CA VAL C 244 -23.64 -15.61 55.81
C VAL C 244 -23.30 -14.26 55.14
N SER C 245 -23.74 -14.10 53.89
CA SER C 245 -23.58 -12.87 53.18
C SER C 245 -24.99 -12.41 52.75
N PHE C 246 -25.29 -11.13 52.97
CA PHE C 246 -26.62 -10.57 52.70
C PHE C 246 -26.52 -9.26 51.93
N VAL C 247 -27.38 -9.10 50.93
CA VAL C 247 -27.52 -7.81 50.26
C VAL C 247 -29.02 -7.50 50.13
N GLY C 248 -29.43 -6.32 50.56
CA GLY C 248 -30.85 -5.94 50.54
C GLY C 248 -31.07 -4.64 51.28
N SER C 249 -32.25 -4.48 51.88
CA SER C 249 -32.53 -3.25 52.62
C SER C 249 -31.84 -3.22 53.99
N THR C 250 -31.65 -2.00 54.51
CA THR C 250 -30.99 -1.78 55.79
C THR C 250 -31.71 -2.47 56.97
N PRO C 251 -33.05 -2.38 57.05
CA PRO C 251 -33.65 -3.06 58.22
C PRO C 251 -33.38 -4.57 58.23
N ILE C 252 -33.44 -5.22 57.07
CA ILE C 252 -33.22 -6.66 57.01
C ILE C 252 -31.74 -6.99 57.20
N ALA C 253 -30.87 -6.14 56.66
CA ALA C 253 -29.42 -6.25 56.88
C ALA C 253 -29.04 -6.22 58.35
N ARG C 254 -29.64 -5.31 59.12
CA ARG C 254 -29.42 -5.23 60.56
C ARG C 254 -29.82 -6.53 61.22
N TYR C 255 -30.99 -7.03 60.84
CA TYR C 255 -31.53 -8.24 61.42
C TYR C 255 -30.66 -9.45 61.08
N VAL C 256 -30.28 -9.59 59.81
CA VAL C 256 -29.45 -10.72 59.38
C VAL C 256 -28.08 -10.66 60.06
N TYR C 257 -27.52 -9.47 60.16
CA TYR C 257 -26.17 -9.30 60.72
C TYR C 257 -26.15 -9.69 62.21
N GLY C 258 -27.03 -9.05 62.98
CA GLY C 258 -27.16 -9.33 64.41
C GLY C 258 -27.47 -10.79 64.70
N THR C 259 -28.47 -11.35 64.01
CA THR C 259 -28.89 -12.74 64.23
C THR C 259 -27.79 -13.73 63.86
N ALA C 260 -27.11 -13.49 62.73
CA ALA C 260 -25.99 -14.34 62.33
C ALA C 260 -24.94 -14.39 63.43
N ALA C 261 -24.63 -13.22 63.97
CA ALA C 261 -23.58 -13.07 64.98
C ALA C 261 -24.00 -13.72 66.30
N MSE C 262 -25.25 -13.46 66.65
CA MSE C 262 -25.77 -14.31 67.70
CA MSE C 262 -25.68 -14.33 67.67
C MSE C 262 -25.71 -15.89 67.77
O MSE C 262 -25.62 -16.77 68.71
CB MSE C 262 -27.24 -13.96 68.03
CB MSE C 262 -27.07 -13.86 68.09
CG MSE C 262 -27.49 -12.56 68.57
CG MSE C 262 -27.16 -14.03 69.59
SE MSE C 262 -26.92 -12.23 70.43
SE MSE C 262 -26.91 -12.27 70.42
CE MSE C 262 -26.24 -13.97 71.04
CE MSE C 262 -28.48 -11.59 69.43
N ASN C 263 -25.61 -16.26 66.49
CA ASN C 263 -25.45 -17.71 66.27
C ASN C 263 -23.99 -18.12 66.06
N GLY C 264 -23.08 -17.17 66.25
CA GLY C 264 -21.66 -17.46 66.17
C GLY C 264 -21.08 -17.39 64.77
N LYS C 265 -21.91 -17.09 63.77
CA LYS C 265 -21.49 -17.13 62.37
C LYS C 265 -20.70 -15.86 62.02
N ARG C 266 -19.83 -15.94 61.04
CA ARG C 266 -19.31 -14.70 60.42
C ARG C 266 -20.36 -14.15 59.44
N ALA C 267 -20.42 -12.82 59.30
CA ALA C 267 -21.44 -12.19 58.45
C ALA C 267 -20.96 -10.87 57.83
N GLN C 268 -21.48 -10.57 56.64
CA GLN C 268 -21.23 -9.30 55.97
C GLN C 268 -22.55 -8.94 55.32
N CYS C 269 -23.08 -7.76 55.63
CA CYS C 269 -24.41 -7.39 55.16
C CYS C 269 -24.40 -6.03 54.54
N PHE C 270 -25.17 -5.86 53.46
CA PHE C 270 -25.15 -4.63 52.69
C PHE C 270 -26.57 -4.09 52.50
N GLY C 271 -26.74 -2.82 52.82
CA GLY C 271 -28.08 -2.24 53.03
C GLY C 271 -28.47 -1.23 51.99
N GLY C 272 -29.26 -0.23 52.43
CA GLY C 272 -29.85 0.76 51.55
C GLY C 272 -28.98 1.96 51.21
N ALA C 273 -29.57 2.91 50.47
CA ALA C 273 -28.83 4.04 49.93
C ALA C 273 -29.72 5.25 49.74
N LYS C 274 -29.07 6.42 49.71
CA LYS C 274 -29.65 7.64 49.21
C LYS C 274 -28.50 8.44 48.58
N ASN C 275 -28.12 8.05 47.38
CA ASN C 275 -26.91 8.56 46.74
C ASN C 275 -27.08 10.00 46.21
N HIS C 276 -26.20 10.90 46.64
CA HIS C 276 -26.20 12.28 46.20
C HIS C 276 -25.16 12.50 45.08
N MSE C 277 -25.54 13.30 44.08
CA MSE C 277 -24.58 13.85 43.13
C MSE C 277 -24.50 15.33 43.38
O MSE C 277 -25.51 16.04 43.29
CB MSE C 277 -24.93 13.58 41.67
CG MSE C 277 -23.93 14.27 40.73
SE MSE C 277 -24.58 14.37 38.86
CE MSE C 277 -24.58 12.43 38.55
N ILE C 278 -23.29 15.80 43.70
CA ILE C 278 -22.99 17.23 43.89
C ILE C 278 -22.42 17.78 42.59
N ILE C 279 -22.99 18.89 42.12
CA ILE C 279 -22.55 19.50 40.86
C ILE C 279 -21.97 20.91 41.12
N MSE C 280 -20.66 21.03 40.99
CA MSE C 280 -19.96 22.29 41.20
C MSE C 280 -20.23 23.22 40.03
O MSE C 280 -20.51 22.75 38.91
CB MSE C 280 -18.47 21.98 41.37
CG MSE C 280 -18.21 21.18 42.65
SE MSE C 280 -18.55 22.27 44.28
CE MSE C 280 -17.12 23.62 44.10
N PRO C 281 -20.11 24.56 40.26
CA PRO C 281 -20.40 25.51 39.17
C PRO C 281 -19.48 25.34 37.96
N ASP C 282 -18.33 24.68 38.14
CA ASP C 282 -17.39 24.51 37.03
C ASP C 282 -17.55 23.19 36.26
N ALA C 283 -18.53 22.39 36.66
CA ALA C 283 -18.78 21.07 36.06
C ALA C 283 -19.21 21.20 34.61
N ASP C 284 -19.01 20.14 33.83
CA ASP C 284 -19.65 20.01 32.53
C ASP C 284 -21.11 19.68 32.78
N LEU C 285 -21.93 20.71 32.75
CA LEU C 285 -23.32 20.62 33.16
C LEU C 285 -24.15 19.75 32.26
N ASP C 286 -23.82 19.74 30.97
CA ASP C 286 -24.48 18.87 30.01
C ASP C 286 -24.19 17.39 30.30
N GLN C 287 -22.92 17.09 30.58
CA GLN C 287 -22.54 15.74 30.97
C GLN C 287 -23.19 15.33 32.30
N ALA C 288 -23.29 16.29 33.23
CA ALA C 288 -23.94 16.03 34.51
C ALA C 288 -25.43 15.73 34.33
N ALA C 289 -26.13 16.56 33.56
CA ALA C 289 -27.56 16.37 33.35
C ALA C 289 -27.84 15.01 32.67
N ASN C 290 -27.09 14.71 31.61
CA ASN C 290 -27.16 13.40 30.96
C ASN C 290 -26.89 12.26 31.94
N ALA C 291 -25.91 12.45 32.83
CA ALA C 291 -25.57 11.42 33.82
C ALA C 291 -26.72 11.17 34.80
N LEU C 292 -27.36 12.26 35.23
CA LEU C 292 -28.48 12.19 36.17
C LEU C 292 -29.68 11.45 35.62
N ILE C 293 -29.91 11.58 34.31
CA ILE C 293 -31.02 10.91 33.66
C ILE C 293 -30.81 9.40 33.70
N GLY C 294 -29.64 8.96 33.24
CA GLY C 294 -29.27 7.54 33.34
C GLY C 294 -29.27 7.03 34.78
N ALA C 295 -28.60 7.76 35.67
CA ALA C 295 -28.42 7.28 37.06
C ALA C 295 -29.68 7.41 37.91
N GLY C 296 -30.54 8.37 37.58
CA GLY C 296 -31.77 8.61 38.35
C GLY C 296 -32.92 7.70 37.94
N TYR C 297 -32.97 7.33 36.67
CA TYR C 297 -34.15 6.65 36.15
C TYR C 297 -33.87 5.30 35.55
N GLY C 298 -32.59 4.95 35.39
CA GLY C 298 -32.22 3.61 34.95
C GLY C 298 -32.79 2.58 35.91
N SER C 299 -33.37 1.51 35.35
CA SER C 299 -34.04 0.45 36.15
C SER C 299 -35.17 1.02 37.00
N ALA C 300 -35.73 2.14 36.54
CA ALA C 300 -36.83 2.84 37.22
C ALA C 300 -36.40 3.19 38.64
N GLY C 301 -35.13 3.51 38.79
CA GLY C 301 -34.58 3.96 40.06
C GLY C 301 -34.39 2.85 41.09
N GLU C 302 -34.65 1.60 40.71
CA GLU C 302 -34.55 0.47 41.66
C GLU C 302 -33.12 -0.03 41.80
N ARG C 303 -32.24 0.85 42.27
CA ARG C 303 -30.84 0.49 42.47
C ARG C 303 -30.31 1.15 43.73
N CYS C 304 -29.55 0.41 44.51
CA CYS C 304 -28.89 0.98 45.68
C CYS C 304 -27.72 1.87 45.27
N MSE C 305 -27.48 2.00 43.97
CA MSE C 305 -26.48 2.96 43.44
C MSE C 305 -27.14 3.93 42.46
O MSE C 305 -26.45 4.64 41.72
CB MSE C 305 -25.26 2.24 42.85
CG MSE C 305 -24.50 1.40 43.89
SE MSE C 305 -23.56 2.53 45.25
CE MSE C 305 -22.04 3.05 44.10
N ALA C 306 -28.46 3.99 42.45
CA ALA C 306 -29.15 5.08 41.75
C ALA C 306 -28.87 6.42 42.44
N ILE C 307 -28.66 7.47 41.67
CA ILE C 307 -28.65 8.81 42.20
C ILE C 307 -30.11 9.20 42.45
N SER C 308 -30.40 9.50 43.72
CA SER C 308 -31.75 9.89 44.07
C SER C 308 -31.79 11.34 44.57
N VAL C 309 -30.61 11.94 44.74
CA VAL C 309 -30.52 13.37 45.10
C VAL C 309 -29.45 14.08 44.26
N ALA C 310 -29.87 15.13 43.56
CA ALA C 310 -28.94 16.02 42.89
C ALA C 310 -28.75 17.25 43.79
N VAL C 311 -27.48 17.68 43.91
CA VAL C 311 -27.10 18.82 44.75
C VAL C 311 -26.30 19.84 43.95
N PRO C 312 -27.02 20.71 43.19
CA PRO C 312 -26.32 21.79 42.50
C PRO C 312 -25.83 22.84 43.50
N VAL C 313 -24.70 23.45 43.18
CA VAL C 313 -24.08 24.45 44.04
C VAL C 313 -24.24 25.84 43.40
N GLY C 314 -25.04 26.69 44.06
CA GLY C 314 -25.32 28.03 43.55
C GLY C 314 -26.52 28.09 42.61
N GLU C 315 -27.17 29.25 42.61
CA GLU C 315 -28.39 29.51 41.86
C GLU C 315 -28.33 29.16 40.38
N GLU C 316 -27.36 29.72 39.68
CA GLU C 316 -27.28 29.51 38.23
C GLU C 316 -27.09 28.04 37.89
N THR C 317 -26.25 27.33 38.64
CA THR C 317 -26.05 25.89 38.42
C THR C 317 -27.34 25.12 38.62
N ALA C 318 -28.08 25.43 39.68
CA ALA C 318 -29.40 24.81 39.93
C ALA C 318 -30.42 25.08 38.80
N ASN C 319 -30.62 26.37 38.49
CA ASN C 319 -31.60 26.79 37.50
C ASN C 319 -31.33 26.19 36.13
N ARG C 320 -30.07 26.20 35.72
CA ARG C 320 -29.70 25.64 34.42
C ARG C 320 -29.81 24.12 34.43
N LEU C 321 -29.42 23.48 35.54
CA LEU C 321 -29.53 22.02 35.63
C LEU C 321 -30.98 21.58 35.52
N ILE C 322 -31.84 22.15 36.36
CA ILE C 322 -33.28 21.88 36.30
C ILE C 322 -33.78 22.03 34.87
N ASP C 323 -33.42 23.11 34.20
CA ASP C 323 -33.88 23.42 32.87
C ASP C 323 -33.49 22.33 31.88
N LYS C 324 -32.28 21.79 32.01
CA LYS C 324 -31.82 20.65 31.25
C LYS C 324 -32.55 19.36 31.56
N LEU C 325 -32.82 19.12 32.82
CA LEU C 325 -33.40 17.84 33.24
C LEU C 325 -34.82 17.64 32.79
N VAL C 326 -35.65 18.67 32.94
CA VAL C 326 -37.09 18.58 32.67
C VAL C 326 -37.47 17.86 31.35
N PRO C 327 -36.97 18.33 30.19
CA PRO C 327 -37.49 17.68 29.00
C PRO C 327 -36.95 16.26 28.82
N MSE C 328 -35.84 15.95 29.47
CA MSE C 328 -35.28 14.59 29.37
C MSE C 328 -36.08 13.63 30.23
O MSE C 328 -36.36 12.52 29.79
CB MSE C 328 -33.78 14.52 29.64
CG MSE C 328 -33.08 15.16 28.44
SE MSE C 328 -31.13 14.87 28.58
CE MSE C 328 -30.75 16.16 30.02
N VAL C 329 -36.47 14.05 31.43
CA VAL C 329 -37.39 13.25 32.22
C VAL C 329 -38.73 13.07 31.46
N GLU C 330 -39.27 14.17 30.93
CA GLU C 330 -40.53 14.10 30.19
C GLU C 330 -40.50 13.13 29.01
N SER C 331 -39.39 13.06 28.28
CA SER C 331 -39.35 12.25 27.07
C SER C 331 -38.81 10.84 27.27
N LEU C 332 -38.71 10.37 28.51
CA LEU C 332 -38.28 9.00 28.75
C LEU C 332 -39.27 8.05 28.06
N ARG C 333 -38.76 7.06 27.34
CA ARG C 333 -39.60 6.01 26.78
C ARG C 333 -39.82 4.93 27.85
N ILE C 334 -41.07 4.69 28.21
CA ILE C 334 -41.43 3.74 29.28
C ILE C 334 -42.21 2.58 28.64
N GLY C 335 -41.85 1.35 28.99
CA GLY C 335 -42.51 0.19 28.40
C GLY C 335 -42.03 -1.15 28.94
N PRO C 336 -42.67 -2.25 28.47
CA PRO C 336 -42.33 -3.63 28.85
C PRO C 336 -40.99 -4.06 28.26
N TYR C 337 -40.40 -5.12 28.80
CA TYR C 337 -39.12 -5.64 28.31
C TYR C 337 -39.18 -6.01 26.81
N THR C 338 -40.37 -6.33 26.30
CA THR C 338 -40.54 -6.66 24.88
C THR C 338 -40.37 -5.45 23.95
N ASP C 339 -40.49 -4.25 24.49
CA ASP C 339 -40.22 -3.03 23.72
C ASP C 339 -38.76 -2.63 23.90
N GLU C 340 -37.94 -2.96 22.92
CA GLU C 340 -36.49 -2.74 23.04
C GLU C 340 -36.05 -1.29 22.87
N LYS C 341 -36.98 -0.35 22.72
CA LYS C 341 -36.63 1.07 22.68
C LYS C 341 -36.88 1.76 24.01
N ALA C 342 -37.45 1.04 24.97
CA ALA C 342 -37.79 1.63 26.26
C ALA C 342 -36.53 1.97 27.07
N ASP C 343 -36.57 3.09 27.77
CA ASP C 343 -35.52 3.46 28.71
C ASP C 343 -35.77 2.84 30.08
N MSE C 344 -37.03 2.50 30.37
CA MSE C 344 -37.45 2.15 31.72
C MSE C 344 -38.65 1.25 31.68
O MSE C 344 -39.50 1.39 30.81
CB MSE C 344 -37.89 3.45 32.35
CG MSE C 344 -37.65 3.50 33.85
SE MSE C 344 -38.20 5.30 34.47
CE MSE C 344 -40.16 5.07 34.37
N GLY C 345 -38.72 0.32 32.62
CA GLY C 345 -39.85 -0.60 32.71
C GLY C 345 -40.73 -0.30 33.91
N PRO C 346 -41.62 -1.24 34.28
CA PRO C 346 -42.46 -1.11 35.46
C PRO C 346 -41.63 -1.43 36.71
N VAL C 347 -42.10 -1.03 37.89
CA VAL C 347 -41.46 -1.42 39.14
C VAL C 347 -41.89 -2.84 39.49
N VAL C 348 -41.23 -3.46 40.46
CA VAL C 348 -41.29 -4.91 40.62
C VAL C 348 -42.65 -5.48 41.06
N THR C 349 -43.32 -4.83 42.01
CA THR C 349 -44.60 -5.31 42.52
C THR C 349 -45.61 -4.19 42.63
N LYS C 350 -46.86 -4.57 42.91
CA LYS C 350 -47.92 -3.64 43.28
C LYS C 350 -47.58 -2.88 44.57
N GLU C 351 -47.06 -3.61 45.55
CA GLU C 351 -46.67 -3.05 46.85
C GLU C 351 -45.65 -1.94 46.66
N ALA C 352 -44.60 -2.24 45.88
CA ALA C 352 -43.57 -1.28 45.54
C ALA C 352 -44.15 -0.07 44.86
N GLU C 353 -45.10 -0.26 43.95
CA GLU C 353 -45.74 0.85 43.28
C GLU C 353 -46.51 1.75 44.26
N GLN C 354 -47.26 1.16 45.19
CA GLN C 354 -48.06 1.93 46.15
C GLN C 354 -47.17 2.77 47.07
N ARG C 355 -46.07 2.17 47.53
CA ARG C 355 -45.15 2.84 48.41
C ARG C 355 -44.45 4.02 47.71
N ILE C 356 -44.02 3.83 46.47
CA ILE C 356 -43.47 4.93 45.66
C ILE C 356 -44.52 6.05 45.50
N ARG C 357 -45.77 5.69 45.25
CA ARG C 357 -46.80 6.70 45.07
C ARG C 357 -47.09 7.48 46.35
N SER C 358 -47.07 6.79 47.50
CA SER C 358 -47.24 7.46 48.79
C SER C 358 -46.14 8.48 49.07
N LEU C 359 -44.91 8.10 48.73
CA LEU C 359 -43.77 8.97 48.99
C LEU C 359 -43.83 10.20 48.09
N ILE C 360 -44.19 10.01 46.81
CA ILE C 360 -44.40 11.14 45.90
C ILE C 360 -45.46 12.11 46.46
N ASP C 361 -46.56 11.56 46.98
CA ASP C 361 -47.61 12.42 47.55
C ASP C 361 -47.05 13.21 48.72
N SER C 362 -46.25 12.54 49.56
CA SER C 362 -45.66 13.17 50.73
C SER C 362 -44.82 14.38 50.33
N GLY C 363 -44.05 14.25 49.25
CA GLY C 363 -43.22 15.35 48.74
C GLY C 363 -44.03 16.60 48.39
N ILE C 364 -45.15 16.39 47.72
CA ILE C 364 -46.05 17.50 47.38
C ILE C 364 -46.62 18.15 48.63
N GLU C 365 -47.06 17.36 49.60
CA GLU C 365 -47.72 17.93 50.76
C GLU C 365 -46.74 18.50 51.77
N GLN C 366 -45.46 18.18 51.62
CA GLN C 366 -44.44 18.76 52.50
C GLN C 366 -43.70 19.94 51.86
N GLY C 367 -44.12 20.33 50.64
CA GLY C 367 -43.66 21.57 50.02
C GLY C 367 -42.72 21.50 48.82
N ALA C 368 -42.28 20.31 48.43
CA ALA C 368 -41.38 20.21 47.29
C ALA C 368 -42.13 20.57 46.00
N LYS C 369 -41.38 21.07 45.01
CA LYS C 369 -41.98 21.47 43.74
C LYS C 369 -41.86 20.34 42.71
N LEU C 370 -42.97 19.67 42.41
CA LEU C 370 -42.94 18.56 41.45
C LEU C 370 -42.92 19.06 40.00
N VAL C 371 -41.72 19.33 39.49
CA VAL C 371 -41.57 19.95 38.16
C VAL C 371 -41.87 19.00 36.99
N VAL C 372 -41.60 17.72 37.16
CA VAL C 372 -42.12 16.70 36.24
C VAL C 372 -42.91 15.69 37.07
N ASP C 373 -44.19 15.57 36.72
CA ASP C 373 -45.13 14.78 37.49
C ASP C 373 -45.47 13.57 36.66
N GLY C 374 -45.01 12.39 37.08
CA GLY C 374 -45.27 11.16 36.34
C GLY C 374 -46.44 10.31 36.83
N ARG C 375 -47.20 10.84 37.79
CA ARG C 375 -48.29 10.08 38.45
C ARG C 375 -49.37 9.60 37.51
N ASP C 376 -49.69 10.42 36.51
CA ASP C 376 -50.75 10.18 35.54
C ASP C 376 -50.46 9.08 34.53
N PHE C 377 -49.17 8.78 34.34
CA PHE C 377 -48.77 7.89 33.25
C PHE C 377 -49.51 6.55 33.22
N LYS C 378 -50.05 6.20 32.05
CA LYS C 378 -50.59 4.87 31.79
C LYS C 378 -50.11 4.39 30.44
N LEU C 379 -49.83 3.10 30.33
CA LEU C 379 -49.44 2.51 29.06
C LEU C 379 -50.58 1.70 28.47
N GLN C 380 -50.96 2.06 27.24
CA GLN C 380 -52.03 1.38 26.50
C GLN C 380 -51.75 -0.12 26.44
N GLY C 381 -52.75 -0.92 26.77
CA GLY C 381 -52.64 -2.38 26.75
C GLY C 381 -51.88 -2.96 27.94
N TYR C 382 -51.36 -2.09 28.81
CA TYR C 382 -50.63 -2.52 30.00
C TYR C 382 -51.09 -1.73 31.23
N GLU C 383 -52.39 -1.48 31.30
CA GLU C 383 -52.98 -0.60 32.31
C GLU C 383 -52.81 -1.14 33.72
N ASN C 384 -52.65 -2.46 33.85
CA ASN C 384 -52.45 -3.10 35.15
C ASN C 384 -50.98 -3.37 35.52
N GLY C 385 -50.07 -3.00 34.63
CA GLY C 385 -48.64 -3.03 34.93
C GLY C 385 -48.26 -1.99 35.98
N HIS C 386 -47.12 -2.20 36.62
CA HIS C 386 -46.68 -1.35 37.71
C HIS C 386 -45.86 -0.17 37.20
N PHE C 387 -46.44 0.52 36.23
CA PHE C 387 -45.75 1.60 35.54
C PHE C 387 -45.97 2.92 36.25
N ILE C 388 -44.89 3.67 36.47
CA ILE C 388 -44.96 5.01 37.05
C ILE C 388 -44.10 5.92 36.18
N GLY C 389 -44.63 7.07 35.79
CA GLY C 389 -43.83 8.04 35.03
C GLY C 389 -42.68 8.61 35.84
N GLY C 390 -41.62 9.01 35.14
CA GLY C 390 -40.50 9.73 35.78
C GLY C 390 -40.98 10.95 36.58
N CYS C 391 -40.47 11.08 37.79
CA CYS C 391 -40.78 12.23 38.65
C CYS C 391 -39.53 13.04 39.00
N LEU C 392 -39.69 14.36 39.08
CA LEU C 392 -38.60 15.25 39.42
C LEU C 392 -39.11 16.31 40.39
N PHE C 393 -38.48 16.39 41.56
CA PHE C 393 -38.78 17.40 42.58
C PHE C 393 -37.65 18.40 42.65
N ASP C 394 -38.00 19.70 42.72
CA ASP C 394 -37.07 20.80 43.00
C ASP C 394 -37.42 21.34 44.38
N ASP C 395 -36.50 22.10 44.97
CA ASP C 395 -36.71 22.77 46.28
C ASP C 395 -36.98 21.77 47.42
N VAL C 396 -36.28 20.64 47.34
CA VAL C 396 -36.30 19.61 48.37
C VAL C 396 -35.36 20.03 49.51
N THR C 397 -35.78 19.76 50.75
CA THR C 397 -34.98 20.11 51.94
C THR C 397 -34.83 18.85 52.82
N PRO C 398 -33.81 18.82 53.69
CA PRO C 398 -33.44 17.59 54.41
C PRO C 398 -34.49 17.05 55.39
N ASP C 399 -35.50 17.84 55.73
CA ASP C 399 -36.54 17.39 56.67
C ASP C 399 -37.71 16.63 56.00
N MSE C 400 -37.66 16.47 54.69
CA MSE C 400 -38.75 15.81 53.94
C MSE C 400 -38.53 14.32 53.82
O MSE C 400 -37.39 13.85 53.71
CB MSE C 400 -38.81 16.41 52.53
CG MSE C 400 -39.07 17.91 52.54
SE MSE C 400 -39.40 18.48 50.68
CE MSE C 400 -39.74 20.39 51.04
N ASP C 401 -39.64 13.56 53.82
CA ASP C 401 -39.59 12.10 53.61
C ASP C 401 -38.93 11.69 52.30
N ILE C 402 -39.23 12.40 51.21
CA ILE C 402 -38.61 12.09 49.90
C ILE C 402 -37.09 12.20 49.97
N TYR C 403 -36.57 13.02 50.89
CA TYR C 403 -35.12 13.16 51.10
C TYR C 403 -34.54 12.11 52.04
N LYS C 404 -35.24 11.84 53.14
CA LYS C 404 -34.74 10.93 54.17
C LYS C 404 -34.89 9.47 53.79
N THR C 405 -35.93 9.14 53.03
CA THR C 405 -36.28 7.75 52.72
C THR C 405 -35.74 7.32 51.36
N GLU C 406 -35.24 6.09 51.28
CA GLU C 406 -34.87 5.46 50.01
C GLU C 406 -36.17 5.12 49.28
N ILE C 407 -36.46 5.84 48.20
CA ILE C 407 -37.70 5.62 47.44
C ILE C 407 -37.65 4.35 46.57
N PHE C 408 -36.54 4.01 45.97
CA PHE C 408 -36.41 2.85 45.08
C PHE C 408 -37.38 2.89 43.92
N GLY C 409 -37.54 4.04 43.35
CA GLY C 409 -38.50 4.27 42.26
C GLY C 409 -37.97 5.41 41.40
N PRO C 410 -38.69 5.76 40.32
CA PRO C 410 -38.16 6.77 39.39
C PRO C 410 -38.43 8.20 39.89
N VAL C 411 -37.86 8.55 41.04
CA VAL C 411 -38.09 9.85 41.66
C VAL C 411 -36.78 10.50 42.05
N LEU C 412 -36.45 11.59 41.36
CA LEU C 412 -35.22 12.33 41.64
C LEU C 412 -35.54 13.64 42.37
N SER C 413 -34.80 13.91 43.45
CA SER C 413 -34.96 15.13 44.25
C SER C 413 -33.77 16.08 44.07
N VAL C 414 -34.07 17.37 43.89
CA VAL C 414 -33.03 18.37 43.69
C VAL C 414 -32.98 19.22 44.94
N VAL C 415 -31.82 19.15 45.64
CA VAL C 415 -31.58 19.96 46.82
C VAL C 415 -30.59 21.06 46.46
N ARG C 416 -31.01 22.32 46.59
CA ARG C 416 -30.15 23.45 46.23
C ARG C 416 -29.16 23.81 47.34
N ALA C 417 -27.87 23.65 47.06
CA ALA C 417 -26.83 24.01 48.02
C ALA C 417 -26.19 25.33 47.64
N ARG C 418 -25.92 26.16 48.65
CA ARG C 418 -25.37 27.49 48.42
C ARG C 418 -23.88 27.47 48.15
N ASN C 419 -23.19 26.50 48.75
CA ASN C 419 -21.74 26.41 48.59
C ASN C 419 -21.18 25.00 48.79
N TYR C 420 -19.87 24.87 48.55
CA TYR C 420 -19.16 23.61 48.64
C TYR C 420 -19.39 22.89 49.97
N GLU C 421 -19.11 23.58 51.08
CA GLU C 421 -19.28 22.98 52.42
C GLU C 421 -20.72 22.53 52.72
N GLU C 422 -21.69 23.36 52.34
CA GLU C 422 -23.09 22.98 52.53
C GLU C 422 -23.45 21.77 51.66
N ALA C 423 -22.97 21.73 50.43
CA ALA C 423 -23.22 20.64 49.49
C ALA C 423 -22.62 19.33 50.01
N LEU C 424 -21.41 19.43 50.56
CA LEU C 424 -20.72 18.28 51.12
C LEU C 424 -21.43 17.72 52.36
N SER C 425 -22.03 18.60 53.17
CA SER C 425 -22.62 18.15 54.43
C SER C 425 -23.90 17.36 54.25
N LEU C 426 -24.57 17.48 53.11
CA LEU C 426 -25.79 16.72 52.87
C LEU C 426 -25.56 15.20 52.81
N PRO C 427 -24.69 14.70 51.89
CA PRO C 427 -24.38 13.28 51.98
C PRO C 427 -23.65 12.90 53.29
N MSE C 428 -22.86 13.83 53.83
CA MSE C 428 -22.13 13.60 55.10
C MSE C 428 -23.07 13.28 56.24
O MSE C 428 -22.82 12.36 57.02
CB MSE C 428 -21.18 14.75 55.45
CG MSE C 428 -20.30 14.46 56.67
SE MSE C 428 -18.62 13.56 56.11
CE MSE C 428 -17.68 15.10 55.29
N LYS C 429 -24.17 14.03 56.32
CA LYS C 429 -25.11 13.91 57.45
C LYS C 429 -26.16 12.83 57.23
N HIS C 430 -26.29 12.35 56.00
CA HIS C 430 -27.29 11.33 55.72
C HIS C 430 -26.99 10.02 56.45
N GLU C 431 -28.05 9.38 56.89
CA GLU C 431 -28.00 8.06 57.50
C GLU C 431 -27.34 7.05 56.56
N TYR C 432 -27.54 7.21 55.25
CA TYR C 432 -26.99 6.29 54.27
C TYR C 432 -25.65 6.76 53.69
N GLY C 433 -24.76 5.81 53.43
CA GLY C 433 -23.46 6.12 52.83
C GLY C 433 -22.99 5.08 51.83
N ASN C 434 -23.81 4.81 50.83
CA ASN C 434 -23.51 3.77 49.87
C ASN C 434 -22.60 4.34 48.80
N GLY C 435 -23.15 5.21 47.97
CA GLY C 435 -22.38 5.91 46.94
C GLY C 435 -22.58 7.42 46.99
N VAL C 436 -21.66 8.15 46.36
CA VAL C 436 -21.77 9.59 46.22
C VAL C 436 -20.98 10.00 44.98
N ALA C 437 -21.33 11.13 44.38
CA ALA C 437 -20.60 11.62 43.22
C ALA C 437 -20.37 13.13 43.31
N ILE C 438 -19.21 13.58 42.84
CA ILE C 438 -18.96 15.01 42.66
C ILE C 438 -18.60 15.31 41.20
N TYR C 439 -19.31 16.25 40.60
CA TYR C 439 -18.96 16.71 39.27
C TYR C 439 -18.28 18.07 39.35
N THR C 440 -17.05 18.16 38.81
CA THR C 440 -16.25 19.38 38.84
C THR C 440 -15.04 19.21 37.92
N ARG C 441 -14.42 20.31 37.53
CA ARG C 441 -13.17 20.24 36.77
CA ARG C 441 -13.17 20.23 36.77
C ARG C 441 -11.97 20.41 37.69
N ASP C 442 -12.25 20.85 38.92
CA ASP C 442 -11.24 21.27 39.88
C ASP C 442 -10.64 20.12 40.68
N GLY C 443 -9.34 19.88 40.49
CA GLY C 443 -8.62 18.84 41.24
C GLY C 443 -8.76 18.92 42.75
N ASP C 444 -8.62 20.13 43.28
CA ASP C 444 -8.78 20.41 44.71
C ASP C 444 -10.14 19.94 45.26
N ALA C 445 -11.23 20.44 44.67
CA ALA C 445 -12.58 20.09 45.12
C ALA C 445 -12.87 18.57 45.08
N ALA C 446 -12.50 17.91 43.98
CA ALA C 446 -12.63 16.46 43.89
C ALA C 446 -11.79 15.71 44.94
N ARG C 447 -10.51 16.03 45.05
CA ARG C 447 -9.65 15.36 46.03
C ARG C 447 -10.18 15.54 47.46
N ASP C 448 -10.49 16.79 47.81
CA ASP C 448 -10.97 17.12 49.13
C ASP C 448 -12.27 16.41 49.44
N PHE C 449 -13.19 16.46 48.49
CA PHE C 449 -14.52 15.89 48.68
C PHE C 449 -14.42 14.38 48.86
N ALA C 450 -13.68 13.74 47.96
CA ALA C 450 -13.51 12.29 48.00
C ALA C 450 -12.81 11.83 49.29
N SER C 451 -11.84 12.61 49.76
CA SER C 451 -11.11 12.30 50.98
C SER C 451 -11.97 12.35 52.27
N ARG C 452 -12.81 13.37 52.37
CA ARG C 452 -13.56 13.68 53.60
C ARG C 452 -14.91 12.96 53.75
N ILE C 453 -15.57 12.65 52.63
CA ILE C 453 -16.92 12.07 52.70
C ILE C 453 -16.97 10.70 53.40
N ASN C 454 -17.93 10.53 54.29
CA ASN C 454 -18.10 9.29 55.04
C ASN C 454 -18.95 8.25 54.26
N ILE C 455 -18.56 8.00 53.02
CA ILE C 455 -19.32 7.16 52.12
C ILE C 455 -18.35 6.22 51.41
N GLY C 456 -18.73 4.96 51.28
CA GLY C 456 -17.81 3.91 50.82
C GLY C 456 -17.35 4.01 49.38
N MSE C 457 -18.24 4.49 48.49
CA MSE C 457 -17.97 4.49 47.05
C MSE C 457 -18.16 5.88 46.49
O MSE C 457 -19.23 6.46 46.60
CB MSE C 457 -18.89 3.45 46.41
CG MSE C 457 -18.44 2.08 46.94
SE MSE C 457 -19.61 0.62 46.35
CE MSE C 457 -21.08 0.99 47.61
N VAL C 458 -17.10 6.39 45.85
CA VAL C 458 -17.06 7.78 45.43
C VAL C 458 -16.79 7.94 43.93
N GLY C 459 -17.62 8.74 43.27
CA GLY C 459 -17.43 9.04 41.87
C GLY C 459 -16.92 10.46 41.68
N VAL C 460 -15.88 10.60 40.86
CA VAL C 460 -15.43 11.92 40.44
C VAL C 460 -15.75 12.03 38.94
N ASN C 461 -16.79 12.81 38.63
CA ASN C 461 -17.37 12.88 37.29
C ASN C 461 -17.84 11.52 36.77
N VAL C 462 -18.18 10.65 37.73
CA VAL C 462 -18.72 9.32 37.49
C VAL C 462 -20.01 9.22 38.31
N PRO C 463 -21.16 8.99 37.64
CA PRO C 463 -22.42 9.05 38.36
C PRO C 463 -22.72 7.82 39.25
N ILE C 464 -22.30 6.64 38.81
CA ILE C 464 -22.62 5.40 39.54
C ILE C 464 -21.30 4.70 39.84
N PRO C 465 -20.62 5.12 40.93
CA PRO C 465 -19.25 4.66 41.16
C PRO C 465 -19.15 3.25 41.76
N VAL C 466 -19.73 2.28 41.07
CA VAL C 466 -19.72 0.89 41.44
C VAL C 466 -18.36 0.32 41.08
N PRO C 467 -17.58 -0.16 42.05
CA PRO C 467 -16.25 -0.72 41.73
C PRO C 467 -16.34 -2.03 40.92
N LEU C 468 -15.32 -2.28 40.10
CA LEU C 468 -15.27 -3.48 39.27
C LEU C 468 -14.99 -4.73 40.13
N ALA C 469 -15.31 -5.90 39.59
CA ALA C 469 -15.13 -7.19 40.27
C ALA C 469 -13.77 -7.38 40.99
N TYR C 470 -12.68 -6.86 40.41
CA TYR C 470 -11.35 -7.01 41.02
C TYR C 470 -11.01 -6.01 42.13
N HIS C 471 -11.83 -4.98 42.28
CA HIS C 471 -11.84 -4.16 43.47
C HIS C 471 -12.99 -4.65 44.35
N SER C 472 -13.46 -3.86 45.30
CA SER C 472 -14.51 -4.33 46.21
C SER C 472 -15.65 -3.34 46.42
N PHE C 473 -16.83 -3.90 46.74
CA PHE C 473 -18.06 -3.14 46.92
C PHE C 473 -18.47 -3.11 48.40
N GLY C 474 -18.77 -1.91 48.91
CA GLY C 474 -19.32 -1.75 50.25
C GLY C 474 -19.60 -0.30 50.60
N GLY C 475 -20.80 -0.02 51.12
CA GLY C 475 -21.15 1.27 51.68
C GLY C 475 -20.59 1.47 53.09
N TRP C 476 -20.81 2.65 53.64
CA TRP C 476 -20.46 2.97 55.04
C TRP C 476 -21.75 3.36 55.79
N LYS C 477 -21.60 3.79 57.05
CA LYS C 477 -22.73 4.16 57.92
C LYS C 477 -23.79 3.04 57.87
N SER C 478 -25.05 3.39 57.59
CA SER C 478 -26.16 2.40 57.56
C SER C 478 -26.15 1.45 56.38
N SER C 479 -25.33 1.74 55.37
CA SER C 479 -25.32 0.96 54.13
C SER C 479 -24.61 -0.40 54.20
N SER C 480 -23.89 -0.67 55.30
CA SER C 480 -23.21 -1.96 55.44
C SER C 480 -22.86 -2.34 56.89
N PHE C 481 -22.63 -3.63 57.11
CA PHE C 481 -22.30 -4.17 58.45
C PHE C 481 -21.24 -5.26 58.29
N GLY C 482 -20.29 -5.28 59.22
CA GLY C 482 -19.19 -6.22 59.15
C GLY C 482 -17.90 -5.48 58.85
N ASP C 483 -16.88 -6.22 58.44
CA ASP C 483 -15.59 -5.59 58.18
C ASP C 483 -14.97 -6.02 56.86
N LEU C 484 -15.73 -6.72 56.02
CA LEU C 484 -15.23 -7.18 54.72
C LEU C 484 -16.23 -6.89 53.60
N ASN C 485 -15.74 -6.32 52.51
CA ASN C 485 -16.58 -5.94 51.38
C ASN C 485 -16.99 -7.14 50.52
N GLN C 486 -17.81 -6.87 49.50
CA GLN C 486 -18.15 -7.85 48.45
C GLN C 486 -17.12 -7.86 47.33
N HIS C 487 -16.89 -9.04 46.76
CA HIS C 487 -15.82 -9.33 45.81
C HIS C 487 -14.44 -8.76 46.17
N GLY C 488 -13.57 -8.62 45.19
CA GLY C 488 -12.20 -8.20 45.48
C GLY C 488 -11.50 -9.19 46.41
N THR C 489 -10.40 -8.75 47.00
CA THR C 489 -9.65 -9.60 47.90
C THR C 489 -10.38 -9.80 49.21
N ASP C 490 -11.22 -8.83 49.58
CA ASP C 490 -12.08 -8.92 50.77
C ASP C 490 -12.92 -10.19 50.75
N SER C 491 -13.55 -10.48 49.61
CA SER C 491 -14.36 -11.68 49.49
C SER C 491 -13.52 -12.94 49.74
N ILE C 492 -12.28 -12.97 49.27
CA ILE C 492 -11.39 -14.12 49.51
C ILE C 492 -11.09 -14.30 51.00
N LYS C 493 -10.89 -13.18 51.69
CA LYS C 493 -10.77 -13.15 53.15
C LYS C 493 -12.02 -13.66 53.87
N PHE C 494 -13.19 -13.28 53.36
CA PHE C 494 -14.45 -13.63 54.02
C PHE C 494 -14.73 -15.12 53.90
N TRP C 495 -14.35 -15.70 52.75
CA TRP C 495 -14.66 -17.09 52.46
C TRP C 495 -13.59 -18.08 52.86
N THR C 496 -12.57 -17.61 53.58
CA THR C 496 -11.52 -18.48 54.10
C THR C 496 -11.26 -18.24 55.58
N ARG C 497 -10.80 -19.28 56.27
CA ARG C 497 -10.24 -19.09 57.59
C ARG C 497 -8.73 -19.33 57.60
N THR C 498 -8.06 -18.59 58.47
CA THR C 498 -6.62 -18.62 58.54
C THR C 498 -6.14 -19.66 59.53
N LYS C 499 -5.25 -20.53 59.05
CA LYS C 499 -4.52 -21.46 59.91
C LYS C 499 -3.06 -21.02 59.89
N THR C 500 -2.41 -20.96 61.04
CA THR C 500 -0.96 -20.72 61.09
C THR C 500 -0.21 -21.88 61.73
N ILE C 501 0.83 -22.34 61.04
CA ILE C 501 1.65 -23.45 61.48
C ILE C 501 3.05 -22.93 61.87
N THR C 502 3.51 -23.35 63.05
CA THR C 502 4.87 -23.07 63.52
C THR C 502 5.58 -24.42 63.66
N SER C 503 6.74 -24.52 63.02
CA SER C 503 7.29 -25.80 62.65
C SER C 503 8.79 -25.86 62.93
N ARG C 504 9.23 -26.89 63.65
CA ARG C 504 10.65 -27.20 63.82
C ARG C 504 10.81 -28.73 63.89
N TRP C 505 12.05 -29.19 63.87
CA TRP C 505 12.33 -30.61 63.91
C TRP C 505 13.47 -30.92 64.87
N PRO C 506 13.42 -32.08 65.55
CA PRO C 506 14.55 -32.48 66.38
C PRO C 506 15.63 -33.11 65.51
N SER C 507 16.82 -33.27 66.07
CA SER C 507 17.94 -33.91 65.38
C SER C 507 17.55 -35.33 64.95
N GLY C 508 17.68 -35.63 63.66
CA GLY C 508 17.24 -36.91 63.10
C GLY C 508 18.28 -37.75 62.36
N ILE C 509 17.83 -38.52 61.38
CA ILE C 509 18.70 -39.39 60.58
C ILE C 509 19.75 -38.65 59.73
N LYS C 510 19.64 -37.32 59.63
CA LYS C 510 20.69 -36.53 58.99
C LYS C 510 21.95 -36.43 59.86
N ASP C 511 21.80 -36.68 61.16
CA ASP C 511 22.91 -36.64 62.14
C ASP C 511 23.11 -37.98 62.83
N MSE D 24 -2.36 0.32 100.49
CA MSE D 24 -3.58 0.36 99.62
C MSE D 24 -3.43 1.46 98.60
O MSE D 24 -3.14 2.60 98.95
CB MSE D 24 -4.82 0.73 100.42
CG MSE D 24 -5.17 -0.28 101.52
SE MSE D 24 -5.56 -2.03 100.72
CE MSE D 24 -3.93 -2.86 101.48
N TYR D 25 -3.62 1.12 97.33
CA TYR D 25 -3.63 2.12 96.27
C TYR D 25 -4.96 2.14 95.53
N GLU D 26 -5.27 3.26 94.87
CA GLU D 26 -6.56 3.41 94.20
C GLU D 26 -6.37 3.76 92.74
N LEU D 27 -6.78 2.85 91.86
CA LEU D 27 -6.69 3.11 90.42
C LEU D 27 -8.01 3.70 89.94
N GLY D 28 -7.92 4.76 89.15
CA GLY D 28 -9.07 5.33 88.49
C GLY D 28 -9.09 4.93 87.03
N HIS D 29 -9.31 5.93 86.17
CA HIS D 29 -9.27 5.74 84.73
C HIS D 29 -8.15 6.58 84.14
N PHE D 30 -7.86 6.38 82.87
CA PHE D 30 -6.92 7.25 82.19
C PHE D 30 -7.70 7.87 81.05
N ILE D 31 -8.01 9.15 81.19
CA ILE D 31 -8.85 9.84 80.23
C ILE D 31 -8.23 11.17 79.83
N ASP D 32 -7.99 11.32 78.53
CA ASP D 32 -7.52 12.57 77.94
C ASP D 32 -6.13 13.00 78.46
N GLY D 33 -5.23 12.02 78.52
CA GLY D 33 -3.85 12.25 78.98
C GLY D 33 -3.63 12.20 80.49
N LYS D 34 -4.69 12.07 81.27
CA LYS D 34 -4.60 12.16 82.72
C LYS D 34 -5.19 10.95 83.42
N ARG D 35 -4.54 10.53 84.50
CA ARG D 35 -5.17 9.64 85.47
C ARG D 35 -6.31 10.40 86.14
N VAL D 36 -7.53 9.90 86.02
CA VAL D 36 -8.67 10.58 86.64
C VAL D 36 -9.47 9.64 87.52
N ALA D 37 -10.19 10.22 88.48
CA ALA D 37 -10.97 9.42 89.42
C ALA D 37 -12.26 8.92 88.75
N GLY D 38 -12.78 7.80 89.25
CA GLY D 38 -14.11 7.34 88.85
C GLY D 38 -15.21 8.16 89.50
N THR D 39 -16.35 8.31 88.83
CA THR D 39 -17.47 9.09 89.39
C THR D 39 -18.65 8.22 89.81
N SER D 40 -18.53 6.90 89.64
CA SER D 40 -19.59 6.00 90.06
C SER D 40 -19.54 5.71 91.56
N GLY D 41 -18.40 5.96 92.18
CA GLY D 41 -18.19 5.63 93.59
C GLY D 41 -18.01 4.14 93.86
N ARG D 42 -18.24 3.32 92.85
CA ARG D 42 -18.10 1.87 92.98
C ARG D 42 -16.69 1.43 92.65
N VAL D 43 -16.16 0.49 93.44
CA VAL D 43 -14.80 -0.02 93.26
C VAL D 43 -14.74 -1.55 93.31
N SER D 44 -13.58 -2.07 92.92
CA SER D 44 -13.35 -3.49 92.84
C SER D 44 -12.04 -3.78 93.57
N ASN D 45 -12.00 -4.85 94.35
CA ASN D 45 -10.77 -5.26 95.05
C ASN D 45 -9.69 -5.82 94.12
N ILE D 46 -8.46 -5.35 94.32
CA ILE D 46 -7.29 -5.90 93.64
C ILE D 46 -6.48 -6.71 94.65
N PHE D 47 -6.29 -7.99 94.35
CA PHE D 47 -5.60 -8.88 95.27
C PHE D 47 -4.14 -9.01 94.89
N ASN D 48 -3.31 -9.29 95.89
CA ASN D 48 -1.99 -9.87 95.70
C ASN D 48 -2.18 -11.37 95.83
N PRO D 49 -2.25 -12.10 94.70
CA PRO D 49 -2.60 -13.52 94.74
C PRO D 49 -1.65 -14.38 95.57
N ALA D 50 -0.40 -13.93 95.72
CA ALA D 50 0.58 -14.66 96.54
C ALA D 50 0.25 -14.72 98.03
N THR D 51 -0.43 -13.70 98.55
CA THR D 51 -0.74 -13.63 99.99
C THR D 51 -2.24 -13.71 100.29
N GLY D 52 -3.05 -13.46 99.28
CA GLY D 52 -4.51 -13.43 99.43
C GLY D 52 -5.09 -12.13 99.94
N GLU D 53 -4.23 -11.17 100.28
CA GLU D 53 -4.65 -9.88 100.84
C GLU D 53 -5.10 -8.93 99.74
N VAL D 54 -5.95 -7.98 100.11
CA VAL D 54 -6.34 -6.90 99.20
C VAL D 54 -5.21 -5.89 99.22
N GLN D 55 -4.73 -5.48 98.06
CA GLN D 55 -3.61 -4.53 98.00
C GLN D 55 -4.03 -3.19 97.38
N GLY D 56 -5.25 -3.13 96.85
CA GLY D 56 -5.72 -1.93 96.21
C GLY D 56 -7.11 -2.06 95.65
N THR D 57 -7.63 -0.98 95.08
CA THR D 57 -8.94 -0.97 94.46
C THR D 57 -8.91 -0.31 93.07
N VAL D 58 -9.85 -0.67 92.22
CA VAL D 58 -9.99 -0.04 90.90
C VAL D 58 -11.41 0.46 90.68
N ALA D 59 -11.54 1.70 90.20
CA ALA D 59 -12.85 2.30 89.91
C ALA D 59 -13.60 1.50 88.84
N LEU D 60 -14.90 1.28 89.04
CA LEU D 60 -15.74 0.65 88.01
C LEU D 60 -16.51 1.72 87.25
N ALA D 61 -16.21 1.86 85.97
CA ALA D 61 -16.78 2.94 85.18
C ALA D 61 -18.29 2.96 85.23
N SER D 62 -18.85 4.15 85.37
CA SER D 62 -20.26 4.37 85.10
C SER D 62 -20.46 4.66 83.62
N ASP D 63 -21.72 4.70 83.21
CA ASP D 63 -22.11 5.14 81.88
C ASP D 63 -21.54 6.52 81.57
N ALA D 64 -21.59 7.42 82.54
CA ALA D 64 -21.00 8.76 82.43
C ALA D 64 -19.48 8.76 82.19
N ASP D 65 -18.76 7.87 82.89
CA ASP D 65 -17.32 7.75 82.73
C ASP D 65 -16.97 7.33 81.31
N LEU D 66 -17.74 6.39 80.76
CA LEU D 66 -17.51 5.96 79.41
C LEU D 66 -17.77 7.02 78.39
N ALA D 67 -18.88 7.71 78.52
CA ALA D 67 -19.25 8.84 77.66
C ALA D 67 -18.16 9.90 77.61
N ALA D 68 -17.58 10.21 78.77
CA ALA D 68 -16.46 11.15 78.88
C ALA D 68 -15.25 10.69 78.07
N ALA D 69 -14.95 9.39 78.13
CA ALA D 69 -13.84 8.83 77.34
C ALA D 69 -14.12 8.92 75.84
N VAL D 70 -15.39 8.71 75.46
CA VAL D 70 -15.78 8.77 74.05
C VAL D 70 -15.71 10.22 73.53
N GLU D 71 -16.24 11.16 74.31
CA GLU D 71 -16.16 12.57 73.95
C GLU D 71 -14.70 13.03 73.77
N SER D 72 -13.83 12.53 74.63
CA SER D 72 -12.40 12.80 74.53
C SER D 72 -11.80 12.20 73.23
N ALA D 73 -12.15 10.95 72.93
CA ALA D 73 -11.72 10.27 71.71
C ALA D 73 -12.21 10.99 70.47
N LYS D 74 -13.48 11.39 70.50
CA LYS D 74 -14.07 12.07 69.36
C LYS D 74 -13.36 13.39 69.06
N ALA D 75 -12.95 14.10 70.12
CA ALA D 75 -12.29 15.38 69.97
C ALA D 75 -10.88 15.27 69.38
N ALA D 76 -10.15 14.21 69.75
CA ALA D 76 -8.75 14.06 69.33
C ALA D 76 -8.54 13.29 68.01
N GLN D 77 -9.41 12.36 67.67
CA GLN D 77 -9.12 11.46 66.54
C GLN D 77 -8.92 12.15 65.19
N PRO D 78 -9.67 13.20 64.88
CA PRO D 78 -9.46 13.84 63.58
C PRO D 78 -8.02 14.34 63.38
N LYS D 79 -7.48 15.09 64.33
CA LYS D 79 -6.10 15.59 64.20
C LYS D 79 -5.11 14.45 64.08
N TRP D 80 -5.35 13.37 64.81
CA TRP D 80 -4.48 12.21 64.78
C TRP D 80 -4.52 11.50 63.41
N ALA D 81 -5.74 11.27 62.91
CA ALA D 81 -5.94 10.71 61.57
C ALA D 81 -5.31 11.58 60.49
N ALA D 82 -5.21 12.88 60.75
CA ALA D 82 -4.61 13.86 59.80
C ALA D 82 -3.06 13.87 59.83
N THR D 83 -2.48 13.19 60.81
CA THR D 83 -1.04 13.08 60.93
C THR D 83 -0.52 12.02 59.96
N ASN D 84 0.57 12.32 59.25
CA ASN D 84 1.03 11.36 58.24
C ASN D 84 1.49 10.04 58.87
N PRO D 85 1.45 8.94 58.08
CA PRO D 85 1.74 7.61 58.65
C PRO D 85 3.17 7.45 59.20
N GLN D 86 4.13 8.20 58.65
CA GLN D 86 5.48 8.16 59.18
C GLN D 86 5.56 8.78 60.60
N ARG D 87 4.89 9.91 60.81
CA ARG D 87 4.79 10.54 62.15
C ARG D 87 4.06 9.66 63.18
N ARG D 88 2.98 9.00 62.76
CA ARG D 88 2.27 8.09 63.65
C ARG D 88 3.19 6.91 64.05
N ALA D 89 3.88 6.35 63.05
CA ALA D 89 4.84 5.26 63.27
C ALA D 89 5.93 5.62 64.28
N ARG D 90 6.35 6.89 64.27
CA ARG D 90 7.42 7.38 65.14
C ARG D 90 7.03 7.37 66.62
N VAL D 91 5.76 7.58 66.91
CA VAL D 91 5.25 7.46 68.27
C VAL D 91 5.50 6.03 68.75
N PHE D 92 5.17 5.05 67.91
CA PHE D 92 5.34 3.63 68.29
C PHE D 92 6.79 3.26 68.49
N MSE D 93 7.67 3.84 67.67
CA MSE D 93 9.10 3.64 67.79
C MSE D 93 9.63 4.11 69.12
O MSE D 93 10.43 3.40 69.78
CB MSE D 93 9.76 4.43 66.65
CG MSE D 93 10.80 3.56 66.00
SE MSE D 93 11.62 4.53 64.50
CE MSE D 93 10.05 5.24 63.54
N LYS D 94 9.19 5.29 69.55
CA LYS D 94 9.53 5.83 70.86
C LYS D 94 8.93 5.02 71.99
N PHE D 95 7.67 4.61 71.82
CA PHE D 95 7.00 3.79 72.82
C PHE D 95 7.80 2.52 73.12
N VAL D 96 8.28 1.85 72.06
CA VAL D 96 9.07 0.61 72.17
C VAL D 96 10.31 0.83 73.03
N GLN D 97 11.01 1.96 72.81
CA GLN D 97 12.16 2.31 73.64
CA GLN D 97 12.14 2.38 73.63
C GLN D 97 11.72 2.55 75.10
N LEU D 98 10.61 3.25 75.30
CA LEU D 98 10.07 3.48 76.66
C LEU D 98 9.70 2.21 77.40
N LEU D 99 9.21 1.21 76.66
CA LEU D 99 8.93 -0.10 77.24
C LEU D 99 10.20 -0.81 77.69
N ASN D 100 11.25 -0.74 76.86
CA ASN D 100 12.53 -1.34 77.20
C ASN D 100 13.09 -0.68 78.44
N ASP D 101 13.02 0.65 78.47
CA ASP D 101 13.43 1.47 79.64
C ASP D 101 12.67 1.15 80.94
N ASN D 102 11.38 0.80 80.84
CA ASN D 102 10.55 0.58 82.01
C ASN D 102 10.21 -0.90 82.27
N MSE D 103 10.94 -1.81 81.63
CA MSE D 103 10.69 -3.25 81.70
C MSE D 103 10.50 -3.74 83.12
O MSE D 103 9.45 -4.32 83.43
CB MSE D 103 11.83 -4.01 80.99
CG MSE D 103 11.60 -5.51 80.82
SE MSE D 103 9.96 -5.93 79.77
CE MSE D 103 10.36 -4.99 78.09
N ASN D 104 11.48 -3.50 84.00
CA ASN D 104 11.43 -4.01 85.37
C ASN D 104 10.25 -3.50 86.17
N GLU D 105 9.94 -2.22 86.03
CA GLU D 105 8.81 -1.64 86.77
C GLU D 105 7.49 -2.19 86.26
N LEU D 106 7.36 -2.33 84.94
CA LEU D 106 6.17 -2.91 84.33
C LEU D 106 5.96 -4.36 84.78
N ALA D 107 7.01 -5.17 84.64
CA ALA D 107 6.97 -6.56 85.06
C ALA D 107 6.60 -6.71 86.55
N GLU D 108 7.14 -5.83 87.40
CA GLU D 108 6.91 -5.87 88.83
C GLU D 108 5.45 -5.65 89.17
N MSE D 109 4.85 -4.63 88.59
CA MSE D 109 3.46 -4.31 88.91
C MSE D 109 2.58 -5.40 88.34
O MSE D 109 1.61 -5.79 88.98
CB MSE D 109 3.09 -2.89 88.45
CG MSE D 109 3.28 -2.65 86.95
SE MSE D 109 2.58 -0.87 86.45
CE MSE D 109 4.03 0.23 87.24
N LEU D 110 2.96 -5.94 87.18
CA LEU D 110 2.24 -7.04 86.54
C LEU D 110 2.18 -8.30 87.43
N SER D 111 3.37 -8.80 87.80
CA SER D 111 3.48 -9.99 88.64
C SER D 111 2.81 -9.83 89.99
N ARG D 112 2.82 -8.62 90.53
CA ARG D 112 2.27 -8.39 91.86
C ARG D 112 0.75 -8.54 91.88
N GLU D 113 0.09 -8.16 90.78
CA GLU D 113 -1.35 -8.28 90.67
C GLU D 113 -1.81 -9.61 90.05
N HIS D 114 -0.99 -10.17 89.17
CA HIS D 114 -1.40 -11.35 88.43
C HIS D 114 -1.01 -12.63 89.16
N GLY D 115 0.22 -12.64 89.68
CA GLY D 115 0.80 -13.82 90.30
C GLY D 115 1.96 -14.45 89.54
N LYS D 116 2.00 -14.30 88.21
CA LYS D 116 3.05 -14.97 87.44
C LYS D 116 4.46 -14.45 87.77
N THR D 117 5.49 -15.20 87.35
CA THR D 117 6.88 -14.83 87.64
C THR D 117 7.26 -13.55 86.91
N ILE D 118 8.33 -12.90 87.36
CA ILE D 118 8.90 -11.75 86.64
C ILE D 118 9.27 -12.08 85.18
N ASP D 119 9.93 -13.22 84.97
CA ASP D 119 10.31 -13.63 83.63
CA ASP D 119 10.31 -13.66 83.63
C ASP D 119 9.08 -13.79 82.73
N ASP D 120 7.99 -14.31 83.28
CA ASP D 120 6.73 -14.42 82.55
C ASP D 120 6.18 -13.05 82.22
N ALA D 121 6.23 -12.15 83.21
CA ALA D 121 5.68 -10.82 83.05
C ALA D 121 6.43 -10.06 81.97
N LYS D 122 7.75 -10.24 81.95
CA LYS D 122 8.61 -9.63 80.95
C LYS D 122 8.29 -10.14 79.55
N GLY D 123 7.99 -11.44 79.43
CA GLY D 123 7.54 -12.03 78.17
C GLY D 123 6.21 -11.48 77.66
N ASP D 124 5.27 -11.33 78.60
CA ASP D 124 3.97 -10.66 78.44
C ASP D 124 4.14 -9.28 77.79
N ILE D 125 4.98 -8.46 78.40
CA ILE D 125 5.29 -7.12 77.91
C ILE D 125 6.00 -7.18 76.56
N VAL D 126 7.03 -8.01 76.45
CA VAL D 126 7.77 -8.16 75.20
C VAL D 126 6.87 -8.50 74.00
N ARG D 127 5.95 -9.46 74.16
CA ARG D 127 5.10 -9.87 73.04
CA ARG D 127 5.09 -9.87 73.06
C ARG D 127 4.14 -8.75 72.62
N GLY D 128 3.74 -7.90 73.57
CA GLY D 128 2.94 -6.72 73.23
C GLY D 128 3.83 -5.71 72.52
N LEU D 129 5.08 -5.61 72.99
CA LEU D 129 6.06 -4.73 72.38
C LEU D 129 6.30 -5.11 70.90
N GLU D 130 6.29 -6.40 70.60
CA GLU D 130 6.48 -6.85 69.23
C GLU D 130 5.36 -6.42 68.25
N VAL D 131 4.14 -6.23 68.75
CA VAL D 131 3.06 -5.68 67.92
C VAL D 131 3.31 -4.19 67.64
N CYS D 132 3.81 -3.48 68.64
CA CYS D 132 4.23 -2.10 68.45
C CYS D 132 5.34 -1.96 67.40
N GLU D 133 6.27 -2.91 67.38
CA GLU D 133 7.35 -2.90 66.38
C GLU D 133 6.78 -3.11 64.98
N PHE D 134 5.79 -3.99 64.89
CA PHE D 134 5.15 -4.33 63.62
C PHE D 134 4.43 -3.13 63.04
N VAL D 135 3.67 -2.39 63.86
CA VAL D 135 2.94 -1.24 63.37
C VAL D 135 3.82 -0.01 63.06
N ILE D 136 5.09 -0.07 63.41
CA ILE D 136 6.02 0.95 62.94
C ILE D 136 5.96 1.00 61.41
N GLY D 137 5.68 -0.16 60.79
CA GLY D 137 5.57 -0.27 59.33
C GLY D 137 4.21 0.11 58.78
N ILE D 138 3.38 0.79 59.57
CA ILE D 138 2.06 1.22 59.14
C ILE D 138 2.04 1.94 57.77
N PRO D 139 3.06 2.77 57.45
CA PRO D 139 2.97 3.42 56.14
C PRO D 139 2.92 2.38 55.00
N HIS D 140 3.72 1.33 55.06
CA HIS D 140 3.58 0.24 54.09
C HIS D 140 2.28 -0.55 54.27
N LEU D 141 1.95 -0.92 55.50
CA LEU D 141 0.78 -1.75 55.80
C LEU D 141 -0.56 -1.15 55.36
N GLN D 142 -0.68 0.17 55.41
CA GLN D 142 -1.97 0.81 55.14
C GLN D 142 -2.18 1.15 53.64
N LYS D 143 -1.22 0.81 52.81
CA LYS D 143 -1.37 1.00 51.37
C LYS D 143 -2.67 0.39 50.87
N SER D 144 -3.25 1.03 49.86
CA SER D 144 -4.42 0.52 49.19
C SER D 144 -4.09 0.31 47.71
N GLU D 145 -5.09 0.05 46.89
CA GLU D 145 -4.85 -0.45 45.54
C GLU D 145 -5.22 0.60 44.47
N PHE D 146 -4.45 0.65 43.37
CA PHE D 146 -4.70 1.60 42.26
C PHE D 146 -4.78 0.90 40.90
N THR D 147 -5.77 1.29 40.10
CA THR D 147 -5.92 0.83 38.71
C THR D 147 -6.04 2.02 37.75
N GLU D 148 -5.12 2.12 36.80
CA GLU D 148 -5.24 3.09 35.71
C GLU D 148 -6.03 2.48 34.54
N GLY D 149 -6.94 3.26 33.96
CA GLY D 149 -7.65 2.80 32.77
C GLY D 149 -8.55 1.59 33.03
N ALA D 150 -9.22 1.58 34.18
CA ALA D 150 -10.23 0.55 34.45
C ALA D 150 -11.34 0.69 33.42
N GLY D 151 -11.54 1.92 32.94
CA GLY D 151 -12.37 2.21 31.80
C GLY D 151 -11.66 3.27 30.96
N PRO D 152 -12.30 3.71 29.85
CA PRO D 152 -11.69 4.71 28.95
C PRO D 152 -11.44 6.02 29.68
N GLY D 153 -10.18 6.34 29.94
CA GLY D 153 -9.84 7.55 30.67
C GLY D 153 -10.25 7.52 32.13
N ILE D 154 -10.56 6.33 32.65
CA ILE D 154 -11.08 6.16 34.01
C ILE D 154 -10.13 5.41 34.94
N ASP D 155 -9.89 5.97 36.12
CA ASP D 155 -9.04 5.32 37.12
C ASP D 155 -9.87 4.90 38.32
N MSE D 156 -9.42 3.88 39.04
CA MSE D 156 -10.16 3.31 40.15
C MSE D 156 -9.19 2.89 41.23
O MSE D 156 -8.26 2.11 40.97
CB MSE D 156 -10.91 2.10 39.61
CG MSE D 156 -11.87 1.48 40.62
SE MSE D 156 -12.75 -0.01 39.71
CE MSE D 156 -13.84 1.10 38.50
N TYR D 157 -9.40 3.41 42.43
CA TYR D 157 -8.45 3.20 43.52
C TYR D 157 -9.13 3.31 44.86
N SER D 158 -8.65 2.51 45.80
CA SER D 158 -9.20 2.50 47.14
C SER D 158 -8.30 3.32 48.07
N ILE D 159 -8.83 3.63 49.23
CA ILE D 159 -8.12 4.30 50.32
C ILE D 159 -8.56 3.59 51.61
N ARG D 160 -7.60 3.27 52.49
CA ARG D 160 -7.94 2.61 53.76
C ARG D 160 -7.95 3.65 54.87
N GLN D 161 -9.14 4.08 55.27
CA GLN D 161 -9.28 5.16 56.22
C GLN D 161 -9.72 4.62 57.56
N PRO D 162 -9.49 5.40 58.64
CA PRO D 162 -9.82 4.90 59.99
C PRO D 162 -11.30 4.55 60.12
N VAL D 163 -11.66 3.70 61.09
CA VAL D 163 -13.07 3.44 61.39
C VAL D 163 -13.62 4.52 62.32
N GLY D 164 -12.74 5.23 63.02
CA GLY D 164 -13.17 6.27 63.94
C GLY D 164 -12.71 5.94 65.34
N ILE D 165 -13.60 5.37 66.13
CA ILE D 165 -13.30 5.01 67.51
C ILE D 165 -13.46 3.52 67.78
N GLY D 166 -12.40 2.89 68.27
CA GLY D 166 -12.49 1.48 68.65
C GLY D 166 -12.49 1.27 70.13
N ALA D 167 -12.90 0.07 70.53
CA ALA D 167 -12.79 -0.38 71.92
C ALA D 167 -12.26 -1.80 72.02
N GLY D 168 -11.49 -2.08 73.08
CA GLY D 168 -10.97 -3.41 73.31
C GLY D 168 -11.20 -3.85 74.74
N ILE D 169 -11.63 -5.10 74.90
CA ILE D 169 -11.90 -5.69 76.20
C ILE D 169 -10.93 -6.84 76.35
N THR D 170 -10.19 -6.85 77.45
CA THR D 170 -9.05 -7.78 77.61
C THR D 170 -9.15 -8.54 78.92
N PRO D 171 -8.49 -9.72 79.03
CA PRO D 171 -8.64 -10.59 80.18
C PRO D 171 -7.46 -10.49 81.16
N PHE D 172 -7.55 -11.21 82.28
CA PHE D 172 -6.57 -11.05 83.34
C PHE D 172 -5.18 -11.54 82.99
N ASN D 173 -5.08 -12.56 82.14
CA ASN D 173 -3.82 -13.28 82.07
C ASN D 173 -2.66 -12.61 81.32
N PHE D 174 -2.98 -11.71 80.39
CA PHE D 174 -1.94 -10.96 79.70
C PHE D 174 -2.31 -9.49 79.65
N PRO D 175 -2.21 -8.78 80.79
CA PRO D 175 -2.66 -7.38 80.89
C PRO D 175 -1.73 -6.37 80.21
N GLY D 176 -0.63 -6.86 79.63
CA GLY D 176 0.26 -6.04 78.81
C GLY D 176 0.13 -6.42 77.34
N MSE D 177 0.39 -7.68 77.03
CA MSE D 177 0.40 -8.16 75.66
C MSE D 177 -0.90 -7.89 74.93
O MSE D 177 -0.88 -7.32 73.83
CB MSE D 177 0.75 -9.65 75.63
CG MSE D 177 0.69 -10.21 74.22
SE MSE D 177 1.01 -12.15 74.23
CE MSE D 177 -0.79 -12.84 74.68
N ILE D 178 -2.02 -8.30 75.52
CA ILE D 178 -3.30 -8.24 74.84
C ILE D 178 -3.84 -6.84 74.58
N PRO D 179 -3.79 -5.94 75.57
CA PRO D 179 -4.07 -4.55 75.27
C PRO D 179 -3.27 -4.02 74.05
N MSE D 180 -1.97 -4.30 74.03
CA MSE D 180 -1.09 -3.87 72.93
C MSE D 180 -1.45 -4.51 71.60
O MSE D 180 -1.37 -3.86 70.56
CB MSE D 180 0.36 -4.13 73.34
CG MSE D 180 0.74 -3.13 74.43
SE MSE D 180 2.70 -3.04 74.70
CE MSE D 180 2.81 -4.15 76.34
N TRP D 181 -1.87 -5.78 71.62
CA TRP D 181 -2.35 -6.46 70.41
C TRP D 181 -3.37 -5.58 69.69
N MSE D 182 -4.24 -4.96 70.49
CA MSE D 182 -5.41 -4.30 69.98
C MSE D 182 -5.09 -2.87 69.68
O MSE D 182 -5.35 -2.43 68.56
CB MSE D 182 -6.52 -4.38 71.01
CG MSE D 182 -7.02 -5.81 71.15
SE MSE D 182 -8.33 -5.75 72.60
CE MSE D 182 -8.90 -7.63 72.52
N PHE D 183 -4.58 -2.14 70.66
CA PHE D 183 -4.40 -0.71 70.50
C PHE D 183 -3.27 -0.28 69.57
N ALA D 184 -2.25 -1.12 69.40
CA ALA D 184 -1.17 -0.80 68.47
C ALA D 184 -1.68 -0.61 67.03
N PRO D 185 -2.32 -1.62 66.41
CA PRO D 185 -2.84 -1.39 65.05
C PRO D 185 -4.01 -0.41 64.98
N ALA D 186 -4.87 -0.41 66.00
CA ALA D 186 -6.00 0.52 66.06
C ALA D 186 -5.51 1.93 65.91
N ILE D 187 -4.55 2.29 66.77
CA ILE D 187 -4.01 3.64 66.81
C ILE D 187 -3.11 3.92 65.61
N ALA D 188 -2.27 2.97 65.21
CA ALA D 188 -1.42 3.17 64.03
C ALA D 188 -2.25 3.51 62.76
N CYS D 189 -3.47 2.96 62.68
CA CYS D 189 -4.39 3.16 61.56
C CYS D 189 -5.10 4.51 61.56
N GLY D 190 -4.93 5.28 62.63
CA GLY D 190 -5.54 6.59 62.75
C GLY D 190 -6.79 6.65 63.60
N ASN D 191 -7.06 5.58 64.34
CA ASN D 191 -8.26 5.53 65.20
C ASN D 191 -7.95 6.02 66.60
N ALA D 192 -8.99 6.37 67.35
CA ALA D 192 -8.87 6.54 68.80
C ALA D 192 -9.33 5.22 69.43
N PHE D 193 -8.78 4.88 70.58
CA PHE D 193 -9.03 3.58 71.18
C PHE D 193 -9.40 3.69 72.64
N ILE D 194 -10.46 2.97 73.03
CA ILE D 194 -10.87 2.87 74.43
C ILE D 194 -10.60 1.45 74.89
N LEU D 195 -9.71 1.34 75.88
CA LEU D 195 -9.36 0.05 76.46
C LEU D 195 -10.16 -0.20 77.74
N LYS D 196 -10.79 -1.35 77.85
CA LYS D 196 -11.39 -1.80 79.05
C LYS D 196 -10.68 -3.04 79.47
N PRO D 197 -9.66 -2.89 80.29
CA PRO D 197 -8.88 -4.06 80.66
C PRO D 197 -9.54 -4.84 81.80
N SER D 198 -8.97 -6.00 82.12
CA SER D 198 -9.45 -6.82 83.23
C SER D 198 -9.27 -6.07 84.54
N GLU D 199 -10.33 -6.03 85.34
CA GLU D 199 -10.29 -5.38 86.64
C GLU D 199 -9.45 -6.14 87.68
N ARG D 200 -8.97 -7.34 87.31
CA ARG D 200 -8.17 -8.16 88.22
C ARG D 200 -6.76 -7.60 88.42
N ASP D 201 -6.19 -7.09 87.33
CA ASP D 201 -4.81 -6.62 87.33
C ASP D 201 -4.64 -5.39 86.43
N PRO D 202 -5.18 -4.24 86.85
CA PRO D 202 -5.28 -3.09 85.95
C PRO D 202 -4.13 -2.07 85.98
N SER D 203 -3.07 -2.34 86.76
CA SER D 203 -1.94 -1.40 86.86
C SER D 203 -1.19 -1.20 85.55
N VAL D 204 -0.84 -2.28 84.87
CA VAL D 204 -0.09 -2.17 83.62
C VAL D 204 -0.82 -1.34 82.55
N PRO D 205 -2.10 -1.66 82.25
CA PRO D 205 -2.78 -0.91 81.18
C PRO D 205 -2.77 0.62 81.40
N ILE D 206 -3.01 1.07 82.62
CA ILE D 206 -2.91 2.50 82.87
C ILE D 206 -1.51 3.04 82.58
N ARG D 207 -0.50 2.32 83.07
CA ARG D 207 0.89 2.74 82.89
C ARG D 207 1.25 2.82 81.40
N LEU D 208 0.72 1.87 80.63
CA LEU D 208 0.94 1.81 79.20
C LEU D 208 0.36 3.05 78.50
N ALA D 209 -0.85 3.43 78.89
CA ALA D 209 -1.46 4.66 78.38
C ALA D 209 -0.59 5.90 78.69
N GLU D 210 -0.12 5.97 79.93
CA GLU D 210 0.74 7.05 80.39
C GLU D 210 2.04 7.09 79.56
N LEU D 211 2.62 5.93 79.30
CA LEU D 211 3.81 5.87 78.48
C LEU D 211 3.55 6.29 77.01
N MSE D 212 2.38 5.96 76.48
CA MSE D 212 2.00 6.38 75.12
C MSE D 212 2.06 7.88 75.05
O MSE D 212 2.60 8.42 74.08
CB MSE D 212 0.62 5.87 74.65
CG MSE D 212 0.62 4.43 74.13
SE MSE D 212 1.78 4.11 72.54
CE MSE D 212 0.52 4.68 71.13
N ILE D 213 1.50 8.57 76.06
CA ILE D 213 1.58 10.04 76.15
C ILE D 213 3.05 10.50 76.11
N GLU D 214 3.89 9.89 76.94
CA GLU D 214 5.32 10.20 76.96
C GLU D 214 5.97 9.92 75.59
N ALA D 215 5.44 8.94 74.85
CA ALA D 215 5.96 8.61 73.51
C ALA D 215 5.52 9.64 72.45
N GLY D 216 4.61 10.52 72.83
CA GLY D 216 4.18 11.60 71.94
C GLY D 216 2.80 11.42 71.34
N LEU D 217 2.06 10.40 71.81
CA LEU D 217 0.66 10.23 71.42
C LEU D 217 -0.19 11.37 71.99
N PRO D 218 -1.04 12.01 71.15
CA PRO D 218 -1.93 13.07 71.64
C PRO D 218 -2.89 12.55 72.69
N ALA D 219 -3.27 13.43 73.62
CA ALA D 219 -4.24 13.09 74.66
C ALA D 219 -5.52 12.60 74.01
N GLY D 220 -6.16 11.61 74.62
CA GLY D 220 -7.49 11.17 74.16
C GLY D 220 -7.49 10.11 73.07
N ILE D 221 -6.32 9.82 72.50
CA ILE D 221 -6.20 8.76 71.48
C ILE D 221 -6.20 7.37 72.12
N LEU D 222 -5.58 7.26 73.29
CA LEU D 222 -5.68 6.04 74.07
C LEU D 222 -6.22 6.36 75.45
N ASN D 223 -7.47 5.97 75.70
CA ASN D 223 -8.10 6.10 77.01
C ASN D 223 -8.33 4.72 77.64
N VAL D 224 -8.16 4.63 78.96
CA VAL D 224 -8.40 3.40 79.70
C VAL D 224 -9.62 3.62 80.59
N VAL D 225 -10.64 2.78 80.38
CA VAL D 225 -11.85 2.83 81.18
C VAL D 225 -11.93 1.53 81.97
N ASN D 226 -11.63 1.60 83.26
CA ASN D 226 -11.71 0.41 84.11
C ASN D 226 -13.13 0.10 84.48
N GLY D 227 -13.41 -1.15 84.85
CA GLY D 227 -14.77 -1.57 85.17
C GLY D 227 -15.07 -3.03 84.89
N ASP D 228 -16.34 -3.41 85.04
CA ASP D 228 -16.75 -4.79 84.88
C ASP D 228 -17.71 -4.90 83.71
N LYS D 229 -18.71 -5.79 83.83
CA LYS D 229 -19.78 -5.94 82.84
C LYS D 229 -20.42 -4.59 82.48
N GLY D 230 -20.69 -3.78 83.49
CA GLY D 230 -21.30 -2.46 83.31
C GLY D 230 -20.57 -1.67 82.24
N ALA D 231 -19.25 -1.55 82.39
CA ALA D 231 -18.43 -0.86 81.38
C ALA D 231 -18.46 -1.54 80.02
N VAL D 232 -18.39 -2.88 79.98
CA VAL D 232 -18.50 -3.61 78.72
C VAL D 232 -19.81 -3.27 78.00
N ASP D 233 -20.91 -3.38 78.72
CA ASP D 233 -22.23 -3.10 78.16
C ASP D 233 -22.37 -1.68 77.67
N ALA D 234 -21.77 -0.73 78.40
CA ALA D 234 -21.74 0.66 77.98
C ALA D 234 -20.98 0.87 76.65
N ILE D 235 -19.88 0.14 76.48
CA ILE D 235 -19.11 0.18 75.21
C ILE D 235 -19.95 -0.39 74.06
N LEU D 236 -20.59 -1.53 74.32
CA LEU D 236 -21.35 -2.24 73.30
C LEU D 236 -22.56 -1.45 72.81
N THR D 237 -23.17 -0.65 73.68
CA THR D 237 -24.33 0.16 73.30
C THR D 237 -24.00 1.62 72.94
N HIS D 238 -22.74 2.05 73.02
CA HIS D 238 -22.44 3.43 72.66
C HIS D 238 -22.43 3.60 71.13
N PRO D 239 -23.27 4.51 70.59
CA PRO D 239 -23.41 4.70 69.15
C PRO D 239 -22.14 5.18 68.45
N ASP D 240 -21.21 5.79 69.18
CA ASP D 240 -20.03 6.37 68.55
C ASP D 240 -18.81 5.46 68.49
N ILE D 241 -18.95 4.24 69.00
CA ILE D 241 -17.88 3.26 68.91
C ILE D 241 -18.14 2.34 67.73
N ALA D 242 -17.20 2.27 66.81
CA ALA D 242 -17.40 1.58 65.53
C ALA D 242 -17.04 0.09 65.57
N ALA D 243 -16.17 -0.29 66.51
CA ALA D 243 -15.55 -1.61 66.43
C ALA D 243 -15.08 -2.05 67.79
N VAL D 244 -15.21 -3.35 68.05
CA VAL D 244 -14.89 -3.91 69.36
C VAL D 244 -14.03 -5.17 69.19
N SER D 245 -12.93 -5.21 69.94
CA SER D 245 -12.09 -6.40 69.98
C SER D 245 -12.15 -6.98 71.38
N PHE D 246 -12.31 -8.29 71.45
CA PHE D 246 -12.45 -8.96 72.75
C PHE D 246 -11.57 -10.20 72.83
N VAL D 247 -10.95 -10.38 73.99
CA VAL D 247 -10.24 -11.62 74.27
C VAL D 247 -10.59 -12.10 75.68
N GLY D 248 -11.02 -13.34 75.81
CA GLY D 248 -11.43 -13.88 77.11
C GLY D 248 -12.05 -15.25 77.00
N SER D 249 -12.98 -15.55 77.91
CA SER D 249 -13.63 -16.86 77.90
C SER D 249 -14.63 -16.93 76.74
N THR D 250 -14.87 -18.14 76.28
CA THR D 250 -15.85 -18.39 75.24
C THR D 250 -17.25 -17.87 75.58
N PRO D 251 -17.78 -18.17 76.78
CA PRO D 251 -19.12 -17.63 77.06
C PRO D 251 -19.20 -16.10 76.86
N ILE D 252 -18.22 -15.36 77.37
CA ILE D 252 -18.25 -13.90 77.23
C ILE D 252 -17.93 -13.42 75.80
N ALA D 253 -17.07 -14.15 75.09
CA ALA D 253 -16.78 -13.79 73.69
C ALA D 253 -18.04 -13.92 72.85
N ARG D 254 -18.81 -14.97 73.13
CA ARG D 254 -20.07 -15.23 72.44
C ARG D 254 -21.04 -14.08 72.68
N TYR D 255 -21.18 -13.70 73.96
CA TYR D 255 -22.01 -12.56 74.37
C TYR D 255 -21.60 -11.23 73.72
N VAL D 256 -20.30 -10.93 73.74
CA VAL D 256 -19.80 -9.66 73.18
C VAL D 256 -19.92 -9.59 71.65
N TYR D 257 -19.65 -10.71 70.99
CA TYR D 257 -19.78 -10.78 69.54
C TYR D 257 -21.22 -10.52 69.11
N GLY D 258 -22.15 -11.23 69.75
CA GLY D 258 -23.58 -11.11 69.46
C GLY D 258 -24.11 -9.71 69.72
N THR D 259 -23.77 -9.14 70.88
CA THR D 259 -24.29 -7.83 71.30
C THR D 259 -23.73 -6.70 70.43
N ALA D 260 -22.43 -6.75 70.15
CA ALA D 260 -21.78 -5.74 69.30
C ALA D 260 -22.47 -5.67 67.96
N ALA D 261 -22.71 -6.85 67.37
CA ALA D 261 -23.35 -6.96 66.07
C ALA D 261 -24.80 -6.50 66.10
N MSE D 262 -25.54 -6.83 67.16
CA MSE D 262 -26.94 -6.38 67.31
C MSE D 262 -26.98 -4.87 67.39
O MSE D 262 -28.02 -4.27 67.21
CB MSE D 262 -27.54 -6.91 68.61
CG MSE D 262 -27.90 -8.39 68.52
SE MSE D 262 -29.41 -8.68 67.27
CE MSE D 262 -30.89 -8.11 68.46
N ASN D 263 -25.84 -4.26 67.68
CA ASN D 263 -25.72 -2.82 67.77
C ASN D 263 -25.03 -2.27 66.53
N GLY D 264 -24.85 -3.13 65.53
CA GLY D 264 -24.29 -2.70 64.26
C GLY D 264 -22.80 -2.49 64.20
N LYS D 265 -22.07 -2.88 65.24
CA LYS D 265 -20.61 -2.70 65.25
C LYS D 265 -19.89 -3.83 64.53
N ARG D 266 -18.68 -3.57 64.03
CA ARG D 266 -17.84 -4.68 63.61
C ARG D 266 -17.18 -5.24 64.87
N ALA D 267 -16.89 -6.53 64.84
CA ALA D 267 -16.38 -7.21 66.02
C ALA D 267 -15.47 -8.39 65.69
N GLN D 268 -14.50 -8.60 66.56
CA GLN D 268 -13.68 -9.80 66.56
C GLN D 268 -13.51 -10.25 68.02
N CYS D 269 -13.87 -11.50 68.30
CA CYS D 269 -13.82 -12.03 69.65
C CYS D 269 -13.08 -13.34 69.68
N PHE D 270 -12.29 -13.53 70.74
CA PHE D 270 -11.38 -14.67 70.85
C PHE D 270 -11.58 -15.32 72.22
N GLY D 271 -11.78 -16.63 72.20
CA GLY D 271 -12.33 -17.35 73.35
C GLY D 271 -11.37 -18.32 74.01
N GLY D 272 -11.93 -19.38 74.57
CA GLY D 272 -11.17 -20.34 75.38
C GLY D 272 -10.50 -21.45 74.58
N ALA D 273 -9.95 -22.43 75.30
CA ALA D 273 -9.06 -23.42 74.70
C ALA D 273 -9.03 -24.72 75.48
N LYS D 274 -8.68 -25.79 74.79
CA LYS D 274 -8.26 -27.04 75.43
C LYS D 274 -7.25 -27.65 74.47
N ASN D 275 -6.04 -27.08 74.47
CA ASN D 275 -5.01 -27.45 73.52
C ASN D 275 -4.43 -28.83 73.78
N HIS D 276 -4.44 -29.68 72.74
CA HIS D 276 -3.86 -31.03 72.84
C HIS D 276 -2.44 -31.06 72.25
N MSE D 277 -1.57 -31.88 72.84
CA MSE D 277 -0.29 -32.23 72.22
C MSE D 277 -0.29 -33.70 71.90
O MSE D 277 -0.45 -34.56 72.79
CB MSE D 277 0.91 -31.91 73.12
CG MSE D 277 2.22 -32.07 72.36
SE MSE D 277 3.78 -32.22 73.57
CE MSE D 277 4.01 -30.30 73.88
N ILE D 278 -0.11 -34.02 70.62
CA ILE D 278 -0.04 -35.42 70.18
C ILE D 278 1.43 -35.84 70.12
N ILE D 279 1.77 -36.92 70.82
CA ILE D 279 3.13 -37.45 70.80
C ILE D 279 3.17 -38.80 70.09
N MSE D 280 3.66 -38.77 68.85
CA MSE D 280 3.80 -39.95 68.00
C MSE D 280 4.92 -40.81 68.52
O MSE D 280 5.83 -40.28 69.17
CB MSE D 280 4.13 -39.49 66.57
CG MSE D 280 2.97 -38.85 65.80
SE MSE D 280 1.42 -40.06 65.68
CE MSE D 280 2.14 -41.46 64.48
N PRO D 281 4.91 -42.12 68.23
CA PRO D 281 5.90 -43.01 68.82
C PRO D 281 7.34 -42.72 68.40
N ASP D 282 7.52 -41.97 67.31
CA ASP D 282 8.87 -41.67 66.80
C ASP D 282 9.41 -40.33 67.31
N ALA D 283 8.65 -39.66 68.16
CA ALA D 283 9.02 -38.35 68.70
C ALA D 283 10.18 -38.42 69.69
N ASP D 284 10.89 -37.30 69.81
CA ASP D 284 11.89 -37.14 70.87
C ASP D 284 11.17 -36.98 72.22
N LEU D 285 11.09 -38.07 72.98
CA LEU D 285 10.28 -38.06 74.20
C LEU D 285 10.80 -37.13 75.30
N ASP D 286 12.12 -36.98 75.36
CA ASP D 286 12.74 -36.02 76.28
C ASP D 286 12.26 -34.63 76.00
N GLN D 287 12.38 -34.22 74.75
CA GLN D 287 11.96 -32.89 74.32
C GLN D 287 10.47 -32.68 74.53
N ALA D 288 9.67 -33.70 74.25
CA ALA D 288 8.23 -33.59 74.39
C ALA D 288 7.81 -33.45 75.86
N ALA D 289 8.43 -34.23 76.75
CA ALA D 289 8.17 -34.15 78.18
C ALA D 289 8.59 -32.78 78.74
N ASN D 290 9.76 -32.31 78.34
CA ASN D 290 10.23 -31.00 78.75
C ASN D 290 9.28 -29.90 78.30
N ALA D 291 8.83 -29.99 77.04
CA ALA D 291 7.88 -29.06 76.48
C ALA D 291 6.54 -29.09 77.22
N LEU D 292 6.13 -30.27 77.67
CA LEU D 292 4.87 -30.42 78.39
C LEU D 292 4.91 -29.72 79.74
N ILE D 293 6.05 -29.77 80.41
CA ILE D 293 6.20 -29.08 81.70
C ILE D 293 6.06 -27.56 81.52
N GLY D 294 6.80 -26.99 80.58
CA GLY D 294 6.70 -25.56 80.32
C GLY D 294 5.29 -25.17 79.90
N ALA D 295 4.71 -25.92 78.96
CA ALA D 295 3.43 -25.54 78.34
C ALA D 295 2.24 -25.91 79.19
N GLY D 296 2.42 -26.85 80.12
CA GLY D 296 1.33 -27.31 80.96
C GLY D 296 1.21 -26.51 82.24
N TYR D 297 2.36 -26.03 82.73
CA TYR D 297 2.46 -25.48 84.07
C TYR D 297 2.97 -24.04 84.10
N GLY D 298 3.58 -23.59 83.01
CA GLY D 298 3.95 -22.17 82.88
C GLY D 298 2.73 -21.30 83.12
N SER D 299 2.92 -20.16 83.79
CA SER D 299 1.84 -19.29 84.24
C SER D 299 0.75 -20.06 85.03
N ALA D 300 1.15 -21.11 85.73
CA ALA D 300 0.22 -22.00 86.44
C ALA D 300 -0.91 -22.50 85.53
N GLY D 301 -0.59 -22.68 84.24
CA GLY D 301 -1.56 -23.12 83.25
C GLY D 301 -2.63 -22.10 82.93
N GLU D 302 -2.43 -20.83 83.31
CA GLU D 302 -3.39 -19.77 83.03
C GLU D 302 -3.14 -19.11 81.69
N ARG D 303 -3.25 -19.91 80.63
CA ARG D 303 -3.03 -19.49 79.27
C ARG D 303 -4.03 -20.21 78.36
N CYS D 304 -4.59 -19.48 77.40
CA CYS D 304 -5.44 -20.10 76.39
C CYS D 304 -4.58 -20.76 75.33
N MSE D 305 -3.26 -20.76 75.53
CA MSE D 305 -2.39 -21.54 74.64
C MSE D 305 -1.57 -22.51 75.47
O MSE D 305 -0.58 -23.06 74.99
CB MSE D 305 -1.53 -20.64 73.75
CG MSE D 305 -2.39 -19.81 72.81
SE MSE D 305 -3.11 -20.96 71.38
CE MSE D 305 -1.40 -21.45 70.51
N ALA D 306 -2.01 -22.76 76.70
CA ALA D 306 -1.40 -23.79 77.53
C ALA D 306 -1.76 -25.16 76.95
N ILE D 307 -0.87 -26.14 77.06
CA ILE D 307 -1.27 -27.52 76.76
C ILE D 307 -1.94 -28.11 77.99
N SER D 308 -3.19 -28.53 77.83
CA SER D 308 -3.94 -29.13 78.93
C SER D 308 -4.17 -30.63 78.73
N VAL D 309 -4.03 -31.08 77.50
CA VAL D 309 -4.16 -32.50 77.18
C VAL D 309 -2.94 -33.05 76.43
N ALA D 310 -2.32 -34.08 76.98
CA ALA D 310 -1.26 -34.82 76.30
C ALA D 310 -1.88 -36.06 75.67
N VAL D 311 -1.63 -36.27 74.38
CA VAL D 311 -2.14 -37.46 73.70
C VAL D 311 -1.00 -38.32 73.14
N PRO D 312 -0.40 -39.17 74.00
CA PRO D 312 0.58 -40.12 73.48
C PRO D 312 -0.08 -41.24 72.65
N VAL D 313 0.61 -41.67 71.60
CA VAL D 313 0.13 -42.70 70.69
C VAL D 313 0.90 -43.98 70.95
N GLY D 314 0.20 -45.01 71.39
CA GLY D 314 0.81 -46.30 71.71
C GLY D 314 1.00 -46.43 73.22
N GLU D 315 0.99 -47.68 73.68
CA GLU D 315 1.20 -47.99 75.10
C GLU D 315 2.59 -47.60 75.59
N GLU D 316 3.60 -47.96 74.84
CA GLU D 316 4.92 -47.64 75.22
C GLU D 316 5.26 -46.18 75.33
N THR D 317 4.83 -45.43 74.34
CA THR D 317 4.96 -43.96 74.35
C THR D 317 4.31 -43.35 75.62
N ALA D 318 3.10 -43.76 75.95
CA ALA D 318 2.40 -43.25 77.14
C ALA D 318 3.13 -43.59 78.45
N ASN D 319 3.48 -44.87 78.61
CA ASN D 319 4.19 -45.30 79.80
C ASN D 319 5.51 -44.53 79.96
N ARG D 320 6.33 -44.50 78.91
CA ARG D 320 7.61 -43.82 78.95
C ARG D 320 7.47 -42.34 79.24
N LEU D 321 6.44 -41.72 78.66
CA LEU D 321 6.16 -40.30 78.88
C LEU D 321 5.72 -40.00 80.33
N ILE D 322 4.71 -40.73 80.82
CA ILE D 322 4.24 -40.59 82.21
C ILE D 322 5.41 -40.69 83.19
N ASP D 323 6.31 -41.59 82.91
CA ASP D 323 7.47 -41.81 83.70
C ASP D 323 8.41 -40.62 83.79
N LYS D 324 8.60 -39.92 82.70
CA LYS D 324 9.47 -38.75 82.67
C LYS D 324 8.79 -37.53 83.28
N LEU D 325 7.49 -37.39 83.03
CA LEU D 325 6.73 -36.24 83.52
C LEU D 325 6.64 -36.18 85.04
N VAL D 326 6.29 -37.31 85.66
CA VAL D 326 6.02 -37.38 87.11
C VAL D 326 7.08 -36.67 87.99
N PRO D 327 8.37 -37.10 87.92
CA PRO D 327 9.40 -36.38 88.69
C PRO D 327 9.48 -34.87 88.40
N MSE D 328 9.21 -34.46 87.17
CA MSE D 328 9.32 -33.05 86.82
C MSE D 328 8.15 -32.24 87.33
O MSE D 328 8.32 -31.11 87.76
CB MSE D 328 9.49 -32.86 85.32
CG MSE D 328 10.82 -33.43 84.84
SE MSE D 328 11.03 -32.99 82.92
CE MSE D 328 10.69 -34.76 82.15
N VAL D 329 6.95 -32.82 87.29
CA VAL D 329 5.78 -32.15 87.87
C VAL D 329 5.95 -32.04 89.39
N GLU D 330 6.33 -33.15 90.03
CA GLU D 330 6.62 -33.20 91.47
C GLU D 330 7.62 -32.15 91.95
N SER D 331 8.63 -31.86 91.15
CA SER D 331 9.70 -30.95 91.57
C SER D 331 9.59 -29.50 91.08
N LEU D 332 8.43 -29.11 90.57
CA LEU D 332 8.19 -27.71 90.20
C LEU D 332 8.46 -26.80 91.39
N ARG D 333 9.11 -25.66 91.15
CA ARG D 333 9.33 -24.70 92.23
C ARG D 333 8.22 -23.65 92.24
N ILE D 334 7.52 -23.59 93.36
CA ILE D 334 6.31 -22.79 93.49
C ILE D 334 6.53 -21.73 94.55
N GLY D 335 6.39 -20.47 94.17
CA GLY D 335 6.51 -19.37 95.12
C GLY D 335 5.98 -18.06 94.55
N PRO D 336 6.03 -16.98 95.36
CA PRO D 336 5.60 -15.66 94.91
C PRO D 336 6.56 -15.11 93.88
N TYR D 337 6.18 -14.03 93.19
CA TYR D 337 7.07 -13.43 92.20
C TYR D 337 8.36 -12.93 92.83
N THR D 338 8.34 -12.70 94.15
CA THR D 338 9.54 -12.27 94.87
C THR D 338 10.61 -13.37 94.98
N ASP D 339 10.20 -14.62 94.86
CA ASP D 339 11.13 -15.74 94.75
C ASP D 339 11.56 -15.93 93.29
N GLU D 340 12.64 -15.27 92.89
CA GLU D 340 13.10 -15.28 91.49
C GLU D 340 13.51 -16.66 90.96
N LYS D 341 13.56 -17.64 91.85
CA LYS D 341 13.87 -19.02 91.47
C LYS D 341 12.63 -19.85 91.09
N ALA D 342 11.44 -19.33 91.39
CA ALA D 342 10.18 -20.04 91.14
C ALA D 342 9.90 -20.29 89.66
N ASP D 343 9.29 -21.44 89.37
CA ASP D 343 8.84 -21.76 88.02
C ASP D 343 7.39 -21.36 87.80
N MSE D 344 6.65 -21.23 88.89
CA MSE D 344 5.20 -21.07 88.83
C MSE D 344 4.72 -20.38 90.08
O MSE D 344 5.23 -20.63 91.17
CB MSE D 344 4.64 -22.48 88.78
CG MSE D 344 3.17 -22.53 88.39
SE MSE D 344 2.56 -24.41 88.50
CE MSE D 344 2.02 -24.33 90.39
N GLY D 345 3.73 -19.50 89.93
CA GLY D 345 3.15 -18.79 91.06
C GLY D 345 1.75 -19.26 91.39
N PRO D 346 0.98 -18.42 92.10
CA PRO D 346 -0.39 -18.76 92.47
C PRO D 346 -1.35 -18.45 91.32
N VAL D 347 -2.58 -18.97 91.40
CA VAL D 347 -3.60 -18.58 90.44
C VAL D 347 -4.21 -17.24 90.86
N VAL D 348 -4.90 -16.58 89.94
CA VAL D 348 -5.27 -15.17 90.11
C VAL D 348 -6.24 -14.84 91.25
N THR D 349 -7.25 -15.68 91.48
CA THR D 349 -8.22 -15.42 92.55
C THR D 349 -8.60 -16.68 93.31
N LYS D 350 -9.20 -16.49 94.48
CA LYS D 350 -9.77 -17.57 95.29
C LYS D 350 -10.88 -18.27 94.53
N GLU D 351 -11.68 -17.49 93.79
CA GLU D 351 -12.72 -18.01 92.89
C GLU D 351 -12.14 -18.93 91.84
N ALA D 352 -11.00 -18.54 91.24
CA ALA D 352 -10.32 -19.37 90.26
C ALA D 352 -9.81 -20.65 90.93
N GLU D 353 -9.21 -20.47 92.11
CA GLU D 353 -8.67 -21.60 92.88
C GLU D 353 -9.75 -22.61 93.25
N GLN D 354 -10.88 -22.14 93.76
CA GLN D 354 -11.97 -23.06 94.11
C GLN D 354 -12.46 -23.83 92.88
N ARG D 355 -12.56 -23.13 91.74
CA ARG D 355 -13.01 -23.74 90.49
C ARG D 355 -12.09 -24.88 90.05
N ILE D 356 -10.78 -24.60 90.02
CA ILE D 356 -9.78 -25.61 89.67
C ILE D 356 -9.80 -26.83 90.62
N ARG D 357 -9.84 -26.60 91.93
CA ARG D 357 -9.87 -27.70 92.90
C ARG D 357 -11.12 -28.56 92.73
N SER D 358 -12.23 -27.88 92.45
CA SER D 358 -13.50 -28.55 92.19
C SER D 358 -13.38 -29.45 90.96
N LEU D 359 -12.76 -28.93 89.90
CA LEU D 359 -12.47 -29.73 88.72
C LEU D 359 -11.56 -30.93 88.97
N ILE D 360 -10.54 -30.74 89.80
CA ILE D 360 -9.62 -31.82 90.14
C ILE D 360 -10.39 -32.95 90.82
N ASP D 361 -11.19 -32.61 91.83
CA ASP D 361 -12.01 -33.60 92.54
C ASP D 361 -12.93 -34.36 91.58
N SER D 362 -13.50 -33.65 90.59
CA SER D 362 -14.37 -34.28 89.60
C SER D 362 -13.61 -35.30 88.76
N GLY D 363 -12.35 -35.02 88.48
CA GLY D 363 -11.50 -35.96 87.75
C GLY D 363 -11.27 -37.27 88.49
N ILE D 364 -11.05 -37.17 89.80
CA ILE D 364 -10.84 -38.36 90.63
C ILE D 364 -12.10 -39.23 90.70
N GLU D 365 -13.24 -38.60 90.98
CA GLU D 365 -14.50 -39.31 91.10
C GLU D 365 -15.02 -39.88 89.77
N GLN D 366 -14.53 -39.34 88.65
CA GLN D 366 -14.93 -39.86 87.36
C GLN D 366 -14.01 -40.96 86.82
N GLY D 367 -13.05 -41.37 87.62
CA GLY D 367 -12.25 -42.55 87.30
C GLY D 367 -10.83 -42.31 86.82
N ALA D 368 -10.41 -41.04 86.73
CA ALA D 368 -9.07 -40.73 86.25
C ALA D 368 -8.01 -40.95 87.32
N LYS D 369 -6.85 -41.46 86.91
CA LYS D 369 -5.71 -41.74 87.77
C LYS D 369 -4.87 -40.48 88.01
N LEU D 370 -4.91 -39.96 89.24
CA LEU D 370 -4.14 -38.78 89.60
C LEU D 370 -2.74 -39.19 90.04
N VAL D 371 -1.77 -39.11 89.14
CA VAL D 371 -0.42 -39.64 89.40
C VAL D 371 0.52 -38.64 90.09
N VAL D 372 0.20 -37.35 89.98
CA VAL D 372 0.83 -36.32 90.80
C VAL D 372 -0.30 -35.50 91.38
N ASP D 373 -0.36 -35.45 92.70
CA ASP D 373 -1.44 -34.81 93.45
C ASP D 373 -0.96 -33.48 94.02
N GLY D 374 -1.33 -32.38 93.40
CA GLY D 374 -0.88 -31.08 93.89
C GLY D 374 -1.77 -30.47 94.96
N ARG D 375 -2.87 -31.15 95.28
CA ARG D 375 -3.90 -30.59 96.16
C ARG D 375 -3.41 -30.27 97.56
N ASP D 376 -2.44 -31.06 98.03
CA ASP D 376 -1.87 -30.90 99.37
C ASP D 376 -1.04 -29.64 99.53
N PHE D 377 -0.55 -29.10 98.43
CA PHE D 377 0.48 -28.04 98.51
C PHE D 377 0.11 -26.83 99.37
N LYS D 378 1.00 -26.51 100.32
CA LYS D 378 0.92 -25.30 101.11
C LYS D 378 2.32 -24.71 101.20
N LEU D 379 2.43 -23.38 101.10
CA LEU D 379 3.72 -22.71 101.15
C LEU D 379 3.85 -21.91 102.42
N GLN D 380 4.97 -22.11 103.11
CA GLN D 380 5.20 -21.55 104.43
C GLN D 380 5.26 -20.02 104.39
N GLY D 381 4.38 -19.38 105.17
CA GLY D 381 4.28 -17.93 105.18
C GLY D 381 3.38 -17.40 104.08
N TYR D 382 2.90 -18.29 103.21
CA TYR D 382 1.98 -17.90 102.15
C TYR D 382 0.75 -18.78 102.19
N GLU D 383 0.25 -19.03 103.40
CA GLU D 383 -0.86 -19.95 103.62
C GLU D 383 -2.18 -19.45 103.03
N ASN D 384 -2.35 -18.14 102.94
CA ASN D 384 -3.53 -17.57 102.28
C ASN D 384 -3.40 -17.27 100.78
N GLY D 385 -2.22 -17.50 100.24
CA GLY D 385 -1.99 -17.38 98.80
C GLY D 385 -2.83 -18.38 98.03
N HIS D 386 -3.04 -18.10 96.75
CA HIS D 386 -3.87 -18.95 95.91
C HIS D 386 -3.03 -20.04 95.25
N PHE D 387 -2.29 -20.77 96.07
CA PHE D 387 -1.34 -21.75 95.59
C PHE D 387 -1.95 -23.14 95.46
N ILE D 388 -1.72 -23.77 94.31
CA ILE D 388 -2.09 -25.15 94.07
C ILE D 388 -0.88 -25.82 93.43
N GLY D 389 -0.50 -26.98 93.94
CA GLY D 389 0.61 -27.74 93.36
C GLY D 389 0.23 -28.28 92.00
N GLY D 390 1.23 -28.64 91.20
CA GLY D 390 0.98 -29.21 89.88
C GLY D 390 0.23 -30.53 89.96
N CYS D 391 -0.78 -30.69 89.11
CA CYS D 391 -1.51 -31.94 89.06
C CYS D 391 -1.32 -32.61 87.70
N LEU D 392 -1.25 -33.94 87.72
CA LEU D 392 -1.17 -34.73 86.51
C LEU D 392 -2.07 -35.94 86.60
N PHE D 393 -3.02 -36.02 85.67
CA PHE D 393 -3.92 -37.15 85.53
C PHE D 393 -3.45 -38.05 84.39
N ASP D 394 -3.66 -39.34 84.56
CA ASP D 394 -3.53 -40.34 83.51
C ASP D 394 -4.91 -40.95 83.27
N ASP D 395 -5.04 -41.71 82.19
CA ASP D 395 -6.25 -42.48 81.85
C ASP D 395 -7.49 -41.59 81.75
N VAL D 396 -7.32 -40.38 81.24
CA VAL D 396 -8.41 -39.46 81.05
C VAL D 396 -9.15 -39.89 79.80
N THR D 397 -10.48 -39.83 79.82
CA THR D 397 -11.28 -40.13 78.61
C THR D 397 -12.19 -38.96 78.22
N PRO D 398 -12.64 -38.91 76.95
CA PRO D 398 -13.32 -37.71 76.42
C PRO D 398 -14.62 -37.34 77.13
N ASP D 399 -15.18 -38.26 77.91
CA ASP D 399 -16.46 -38.03 78.57
C ASP D 399 -16.30 -37.32 79.93
N MSE D 400 -15.07 -37.17 80.40
CA MSE D 400 -14.77 -36.55 81.70
C MSE D 400 -14.74 -35.05 81.68
O MSE D 400 -14.29 -34.44 80.70
CB MSE D 400 -13.40 -37.02 82.16
CG MSE D 400 -13.38 -38.50 82.48
SE MSE D 400 -11.64 -38.91 83.29
CE MSE D 400 -11.68 -40.88 83.12
N ASP D 401 -15.18 -34.44 82.77
CA ASP D 401 -15.23 -32.99 82.91
C ASP D 401 -13.87 -32.32 82.78
N ILE D 402 -12.83 -32.96 83.32
CA ILE D 402 -11.47 -32.45 83.20
C ILE D 402 -10.97 -32.43 81.75
N TYR D 403 -11.64 -33.17 80.88
CA TYR D 403 -11.30 -33.19 79.47
C TYR D 403 -12.10 -32.15 78.69
N LYS D 404 -13.37 -32.02 79.04
CA LYS D 404 -14.29 -31.18 78.31
C LYS D 404 -14.12 -29.70 78.65
N THR D 405 -13.78 -29.42 79.90
CA THR D 405 -13.75 -28.06 80.44
C THR D 405 -12.35 -27.47 80.46
N GLU D 406 -12.22 -26.23 80.00
CA GLU D 406 -10.97 -25.51 80.20
C GLU D 406 -10.76 -25.24 81.70
N ILE D 407 -9.70 -25.82 82.27
CA ILE D 407 -9.45 -25.72 83.72
C ILE D 407 -8.75 -24.41 84.10
N PHE D 408 -7.87 -23.93 83.24
CA PHE D 408 -7.08 -22.74 83.50
C PHE D 408 -6.29 -22.80 84.81
N GLY D 409 -5.71 -23.94 85.08
CA GLY D 409 -4.91 -24.17 86.27
C GLY D 409 -3.79 -25.14 85.96
N PRO D 410 -2.95 -25.46 86.97
CA PRO D 410 -1.82 -26.35 86.71
C PRO D 410 -2.25 -27.81 86.75
N VAL D 411 -3.13 -28.18 85.83
CA VAL D 411 -3.68 -29.53 85.76
C VAL D 411 -3.53 -30.05 84.34
N LEU D 412 -2.64 -31.03 84.15
CA LEU D 412 -2.44 -31.68 82.86
C LEU D 412 -3.10 -33.06 82.81
N SER D 413 -3.80 -33.32 81.71
CA SER D 413 -4.52 -34.57 81.49
C SER D 413 -3.87 -35.38 80.37
N VAL D 414 -3.62 -36.66 80.63
CA VAL D 414 -3.09 -37.55 79.61
C VAL D 414 -4.19 -38.46 79.09
N VAL D 415 -4.40 -38.42 77.77
CA VAL D 415 -5.33 -39.34 77.10
C VAL D 415 -4.56 -40.29 76.17
N ARG D 416 -4.53 -41.56 76.54
CA ARG D 416 -3.80 -42.58 75.78
C ARG D 416 -4.48 -42.93 74.47
N ALA D 417 -3.87 -42.54 73.35
CA ALA D 417 -4.38 -42.88 72.02
C ALA D 417 -3.80 -44.20 71.51
N ARG D 418 -4.62 -44.99 70.84
CA ARG D 418 -4.18 -46.28 70.30
C ARG D 418 -3.41 -46.10 69.00
N ASN D 419 -3.85 -45.15 68.16
CA ASN D 419 -3.25 -44.92 66.85
C ASN D 419 -3.33 -43.46 66.39
N TYR D 420 -2.80 -43.19 65.21
CA TYR D 420 -2.76 -41.83 64.65
C TYR D 420 -4.15 -41.20 64.42
N GLU D 421 -5.05 -41.93 63.79
CA GLU D 421 -6.40 -41.44 63.51
C GLU D 421 -7.16 -41.21 64.81
N GLU D 422 -6.97 -42.08 65.79
CA GLU D 422 -7.59 -41.88 67.10
C GLU D 422 -7.06 -40.60 67.76
N ALA D 423 -5.74 -40.39 67.67
CA ALA D 423 -5.11 -39.20 68.27
C ALA D 423 -5.59 -37.89 67.63
N LEU D 424 -5.76 -37.91 66.30
CA LEU D 424 -6.19 -36.74 65.56
C LEU D 424 -7.66 -36.41 65.83
N SER D 425 -8.48 -37.46 65.97
CA SER D 425 -9.91 -37.27 66.21
C SER D 425 -10.20 -36.57 67.56
N LEU D 426 -9.28 -36.67 68.52
CA LEU D 426 -9.46 -36.00 69.81
C LEU D 426 -9.49 -34.44 69.72
N PRO D 427 -8.42 -33.80 69.22
CA PRO D 427 -8.57 -32.35 69.02
C PRO D 427 -9.62 -31.99 67.94
N MSE D 428 -9.86 -32.90 66.99
CA MSE D 428 -10.78 -32.66 65.87
C MSE D 428 -12.18 -32.51 66.40
O MSE D 428 -12.92 -31.62 65.98
CB MSE D 428 -10.72 -33.79 64.85
CG MSE D 428 -11.55 -33.55 63.58
SE MSE D 428 -10.64 -32.35 62.28
CE MSE D 428 -9.33 -33.65 61.59
N LYS D 429 -12.53 -33.36 67.36
CA LYS D 429 -13.88 -33.39 67.91
C LYS D 429 -14.10 -32.44 69.10
N HIS D 430 -13.04 -31.81 69.61
CA HIS D 430 -13.23 -30.92 70.76
C HIS D 430 -13.93 -29.64 70.32
N GLU D 431 -14.82 -29.15 71.16
CA GLU D 431 -15.49 -27.88 70.90
C GLU D 431 -14.47 -26.73 70.77
N TYR D 432 -13.38 -26.78 71.55
CA TYR D 432 -12.34 -25.77 71.43
C TYR D 432 -11.37 -26.13 70.31
N GLY D 433 -10.75 -25.10 69.75
CA GLY D 433 -9.84 -25.26 68.63
C GLY D 433 -8.88 -24.10 68.52
N ASN D 434 -8.23 -23.79 69.64
CA ASN D 434 -7.30 -22.67 69.68
C ASN D 434 -5.92 -23.03 69.15
N GLY D 435 -5.18 -23.83 69.90
CA GLY D 435 -3.90 -24.37 69.45
C GLY D 435 -3.89 -25.90 69.53
N VAL D 436 -2.92 -26.50 68.85
CA VAL D 436 -2.73 -27.96 68.82
C VAL D 436 -1.26 -28.16 68.45
N ALA D 437 -0.69 -29.28 68.87
CA ALA D 437 0.70 -29.58 68.55
C ALA D 437 0.86 -31.05 68.25
N ILE D 438 1.79 -31.37 67.35
CA ILE D 438 2.16 -32.74 67.07
C ILE D 438 3.66 -32.88 67.19
N TYR D 439 4.09 -33.87 67.96
CA TYR D 439 5.50 -34.22 68.11
C TYR D 439 5.79 -35.51 67.35
N THR D 440 6.67 -35.38 66.35
CA THR D 440 6.98 -36.47 65.44
C THR D 440 8.23 -36.13 64.63
N ARG D 441 8.90 -37.15 64.12
CA ARG D 441 9.98 -36.96 63.17
C ARG D 441 9.49 -37.12 61.73
N ASP D 442 8.25 -37.55 61.58
CA ASP D 442 7.71 -37.97 60.27
C ASP D 442 7.04 -36.83 59.49
N GLY D 443 7.60 -36.47 58.34
CA GLY D 443 7.02 -35.44 57.46
C GLY D 443 5.54 -35.67 57.13
N ASP D 444 5.24 -36.90 56.69
CA ASP D 444 3.87 -37.27 56.31
C ASP D 444 2.88 -37.03 57.45
N ALA D 445 3.14 -37.63 58.61
CA ALA D 445 2.31 -37.42 59.80
C ALA D 445 2.16 -35.95 60.12
N ALA D 446 3.27 -35.20 60.11
CA ALA D 446 3.25 -33.77 60.44
C ALA D 446 2.32 -32.99 59.51
N ARG D 447 2.58 -33.11 58.21
CA ARG D 447 1.80 -32.43 57.17
C ARG D 447 0.32 -32.82 57.18
N ASP D 448 0.03 -34.10 57.34
CA ASP D 448 -1.35 -34.59 57.31
C ASP D 448 -2.18 -34.06 58.50
N PHE D 449 -1.59 -34.13 59.69
CA PHE D 449 -2.19 -33.62 60.93
C PHE D 449 -2.45 -32.12 60.80
N ALA D 450 -1.41 -31.38 60.43
CA ALA D 450 -1.50 -29.93 60.31
C ALA D 450 -2.51 -29.49 59.26
N SER D 451 -2.56 -30.19 58.14
CA SER D 451 -3.51 -29.86 57.06
C SER D 451 -4.97 -30.12 57.46
N ARG D 452 -5.23 -31.24 58.13
CA ARG D 452 -6.58 -31.70 58.40
C ARG D 452 -7.23 -31.10 59.65
N ILE D 453 -6.44 -30.76 60.66
CA ILE D 453 -7.00 -30.43 61.97
C ILE D 453 -7.82 -29.13 61.90
N ASN D 454 -8.98 -29.12 62.57
CA ASN D 454 -9.86 -27.94 62.52
C ASN D 454 -9.55 -26.91 63.61
N ILE D 455 -8.26 -26.59 63.71
CA ILE D 455 -7.71 -25.76 64.78
C ILE D 455 -6.82 -24.69 64.15
N GLY D 456 -6.98 -23.44 64.61
CA GLY D 456 -6.32 -22.28 63.98
C GLY D 456 -4.82 -22.24 64.09
N MSE D 457 -4.27 -22.72 65.20
CA MSE D 457 -2.84 -22.57 65.45
C MSE D 457 -2.24 -23.93 65.70
O MSE D 457 -2.63 -24.64 66.62
CB MSE D 457 -2.63 -21.53 66.54
CG MSE D 457 -2.86 -20.12 65.98
SE MSE D 457 -3.09 -18.76 67.41
CE MSE D 457 -4.71 -19.44 68.31
N VAL D 458 -1.30 -24.31 64.83
CA VAL D 458 -0.75 -25.67 64.83
C VAL D 458 0.77 -25.69 65.05
N GLY D 459 1.23 -26.44 66.05
CA GLY D 459 2.67 -26.65 66.26
C GLY D 459 3.17 -28.00 65.75
N VAL D 460 4.25 -27.98 64.98
CA VAL D 460 4.99 -29.20 64.65
C VAL D 460 6.29 -29.15 65.44
N ASN D 461 6.33 -29.97 66.50
CA ASN D 461 7.43 -29.97 67.48
C ASN D 461 7.58 -28.63 68.20
N VAL D 462 6.46 -27.91 68.24
CA VAL D 462 6.38 -26.65 68.95
C VAL D 462 5.16 -26.72 69.87
N PRO D 463 5.36 -26.57 71.20
CA PRO D 463 4.28 -26.78 72.15
C PRO D 463 3.28 -25.62 72.21
N ILE D 464 3.74 -24.39 71.94
CA ILE D 464 2.89 -23.20 72.08
C ILE D 464 2.98 -22.38 70.81
N PRO D 465 2.25 -22.82 69.78
CA PRO D 465 2.42 -22.22 68.46
C PRO D 465 1.67 -20.89 68.32
N VAL D 466 2.00 -19.93 69.19
CA VAL D 466 1.45 -18.58 69.11
CA VAL D 466 1.44 -18.58 69.09
C VAL D 466 2.15 -17.84 67.97
N PRO D 467 1.39 -17.41 66.94
CA PRO D 467 2.12 -16.71 65.86
C PRO D 467 2.77 -15.41 66.32
N LEU D 468 3.85 -15.02 65.65
CA LEU D 468 4.49 -13.74 65.94
C LEU D 468 3.63 -12.54 65.47
N ALA D 469 3.92 -11.37 66.02
CA ALA D 469 3.18 -10.11 65.73
C ALA D 469 2.93 -9.85 64.24
N TYR D 470 3.89 -10.23 63.41
CA TYR D 470 3.76 -9.95 62.00
C TYR D 470 2.94 -11.01 61.26
N HIS D 471 2.69 -12.13 61.91
CA HIS D 471 1.65 -13.05 61.44
C HIS D 471 0.40 -12.76 62.27
N SER D 472 -0.54 -13.69 62.36
CA SER D 472 -1.79 -13.39 63.04
C SER D 472 -2.28 -14.49 63.98
N PHE D 473 -3.01 -14.09 65.02
CA PHE D 473 -3.49 -14.98 66.07
C PHE D 473 -4.98 -15.20 65.97
N GLY D 474 -5.43 -16.45 66.10
CA GLY D 474 -6.85 -16.73 66.26
C GLY D 474 -7.18 -18.20 66.13
N GLY D 475 -8.07 -18.68 67.01
CA GLY D 475 -8.51 -20.06 66.99
C GLY D 475 -9.67 -20.29 66.06
N TRP D 476 -10.13 -21.55 66.01
CA TRP D 476 -11.29 -21.94 65.18
C TRP D 476 -12.38 -22.51 66.09
N LYS D 477 -13.49 -22.92 65.50
CA LYS D 477 -14.61 -23.46 66.28
C LYS D 477 -15.02 -22.47 67.38
N SER D 478 -15.16 -22.95 68.61
CA SER D 478 -15.58 -22.11 69.75
C SER D 478 -14.54 -21.12 70.25
N SER D 479 -13.35 -21.15 69.67
CA SER D 479 -12.26 -20.31 70.20
C SER D 479 -12.19 -18.90 69.59
N SER D 480 -12.90 -18.66 68.50
CA SER D 480 -13.00 -17.31 67.96
C SER D 480 -14.35 -17.04 67.27
N PHE D 481 -14.61 -15.76 67.01
CA PHE D 481 -15.83 -15.32 66.38
C PHE D 481 -15.47 -14.14 65.52
N GLY D 482 -16.00 -14.11 64.30
CA GLY D 482 -15.70 -13.03 63.37
C GLY D 482 -14.92 -13.57 62.19
N ASP D 483 -14.37 -12.67 61.36
CA ASP D 483 -13.66 -13.08 60.16
C ASP D 483 -12.24 -12.51 60.03
N LEU D 484 -11.75 -11.85 61.08
CA LEU D 484 -10.39 -11.30 61.09
C LEU D 484 -9.66 -11.58 62.42
N ASN D 485 -8.38 -11.95 62.33
CA ASN D 485 -7.54 -12.35 63.46
C ASN D 485 -6.95 -11.14 64.19
N GLN D 486 -6.32 -11.41 65.34
CA GLN D 486 -5.52 -10.41 66.06
C GLN D 486 -4.12 -10.19 65.41
N HIS D 487 -3.65 -8.97 65.48
CA HIS D 487 -2.45 -8.49 64.78
C HIS D 487 -2.24 -8.93 63.31
N GLY D 488 -1.01 -8.93 62.82
CA GLY D 488 -0.73 -9.12 61.38
C GLY D 488 -1.53 -8.18 60.46
N THR D 489 -1.62 -8.54 59.20
CA THR D 489 -2.35 -7.74 58.22
C THR D 489 -3.85 -7.76 58.52
N ASP D 490 -4.34 -8.87 59.10
CA ASP D 490 -5.73 -8.94 59.58
C ASP D 490 -6.15 -7.75 60.44
N SER D 491 -5.33 -7.38 61.43
CA SER D 491 -5.65 -6.25 62.32
C SER D 491 -5.76 -4.90 61.59
N ILE D 492 -4.92 -4.70 60.57
CA ILE D 492 -4.96 -3.48 59.77
C ILE D 492 -6.29 -3.42 59.00
N LYS D 493 -6.73 -4.58 58.52
CA LYS D 493 -8.03 -4.73 57.85
C LYS D 493 -9.18 -4.46 58.83
N PHE D 494 -9.06 -4.92 60.07
CA PHE D 494 -10.14 -4.72 61.06
C PHE D 494 -10.29 -3.27 61.48
N TRP D 495 -9.20 -2.52 61.52
CA TRP D 495 -9.25 -1.16 62.04
C TRP D 495 -9.32 -0.10 60.97
N THR D 496 -9.56 -0.50 59.73
CA THR D 496 -9.77 0.46 58.65
C THR D 496 -11.05 0.10 57.91
N ARG D 497 -11.65 1.09 57.23
CA ARG D 497 -12.71 0.81 56.27
C ARG D 497 -12.23 1.21 54.89
N THR D 498 -12.70 0.50 53.88
CA THR D 498 -12.27 0.72 52.51
C THR D 498 -13.19 1.70 51.79
N LYS D 499 -12.58 2.69 51.15
CA LYS D 499 -13.26 3.61 50.25
C LYS D 499 -12.71 3.39 48.84
N THR D 500 -13.58 3.27 47.83
CA THR D 500 -13.15 3.16 46.45
C THR D 500 -13.59 4.38 45.60
N ILE D 501 -12.63 4.99 44.93
CA ILE D 501 -12.89 6.14 44.11
C ILE D 501 -12.77 5.71 42.66
N THR D 502 -13.80 6.05 41.89
CA THR D 502 -13.76 5.91 40.43
C THR D 502 -13.74 7.32 39.87
N SER D 503 -12.78 7.59 38.99
CA SER D 503 -12.44 8.94 38.63
C SER D 503 -12.24 9.12 37.13
N ARG D 504 -12.82 10.19 36.61
CA ARG D 504 -12.56 10.65 35.24
C ARG D 504 -12.77 12.17 35.18
N TRP D 505 -12.34 12.79 34.09
CA TRP D 505 -12.46 14.25 33.95
C TRP D 505 -13.06 14.63 32.61
N PRO D 506 -13.89 15.69 32.56
CA PRO D 506 -14.35 16.19 31.26
C PRO D 506 -13.22 16.93 30.54
N SER D 507 -13.32 17.05 29.22
CA SER D 507 -12.32 17.75 28.43
C SER D 507 -12.29 19.20 28.85
N GLY D 508 -11.11 19.70 29.23
CA GLY D 508 -10.97 21.09 29.66
C GLY D 508 -9.90 21.86 28.91
N ILE D 509 -9.15 22.67 29.66
CA ILE D 509 -8.14 23.57 29.08
C ILE D 509 -6.97 22.90 28.34
N LYS D 510 -6.62 21.67 28.67
CA LYS D 510 -5.55 20.96 27.94
C LYS D 510 -5.85 20.93 26.43
N ASP D 511 -7.13 20.98 26.07
CA ASP D 511 -7.57 21.10 24.68
C ASP D 511 -7.81 22.56 24.35
N MSE E 23 -81.47 -30.60 18.25
CA MSE E 23 -80.94 -29.97 19.50
C MSE E 23 -81.26 -28.49 19.51
O MSE E 23 -80.56 -27.70 18.87
CB MSE E 23 -79.43 -30.20 19.56
CG MSE E 23 -78.96 -30.45 20.98
SE MSE E 23 -80.34 -31.48 21.95
CE MSE E 23 -80.03 -33.24 21.13
N MSE E 24 -82.31 -28.12 20.25
CA MSE E 24 -82.78 -26.72 20.30
C MSE E 24 -81.68 -25.79 20.79
O MSE E 24 -81.02 -26.09 21.78
CB MSE E 24 -84.01 -26.54 21.20
CG MSE E 24 -85.19 -27.46 20.90
SE MSE E 24 -86.06 -27.10 19.15
CE MSE E 24 -85.20 -28.60 18.17
N TYR E 25 -81.48 -24.68 20.08
CA TYR E 25 -80.60 -23.63 20.59
C TYR E 25 -81.42 -22.47 21.13
N GLU E 26 -80.82 -21.67 22.01
CA GLU E 26 -81.54 -20.58 22.66
C GLU E 26 -80.71 -19.33 22.58
N LEU E 27 -81.05 -18.46 21.63
CA LEU E 27 -80.34 -17.21 21.47
C LEU E 27 -80.82 -16.23 22.52
N GLY E 28 -79.90 -15.40 22.99
CA GLY E 28 -80.27 -14.33 23.89
C GLY E 28 -79.95 -13.03 23.18
N HIS E 29 -79.20 -12.18 23.87
CA HIS E 29 -78.75 -10.89 23.34
C HIS E 29 -77.22 -10.87 23.25
N PHE E 30 -76.67 -9.79 22.69
CA PHE E 30 -75.24 -9.59 22.67
C PHE E 30 -74.99 -8.22 23.27
N ILE E 31 -74.51 -8.18 24.51
CA ILE E 31 -74.29 -6.92 25.21
C ILE E 31 -72.87 -6.90 25.77
N ASP E 32 -72.18 -5.81 25.56
CA ASP E 32 -70.87 -5.65 26.11
C ASP E 32 -69.88 -6.75 25.75
N GLY E 33 -69.86 -7.14 24.49
CA GLY E 33 -68.90 -8.11 23.98
C GLY E 33 -69.22 -9.57 24.27
N LYS E 34 -70.40 -9.85 24.80
CA LYS E 34 -70.74 -11.19 25.30
C LYS E 34 -72.17 -11.59 24.95
N ARG E 35 -72.36 -12.86 24.62
CA ARG E 35 -73.70 -13.44 24.57
C ARG E 35 -74.27 -13.48 25.99
N VAL E 36 -75.46 -12.90 26.19
CA VAL E 36 -76.12 -12.88 27.50
C VAL E 36 -77.53 -13.41 27.36
N ALA E 37 -78.01 -14.09 28.41
CA ALA E 37 -79.37 -14.64 28.42
C ALA E 37 -80.39 -13.51 28.55
N GLY E 38 -81.60 -13.72 28.05
CA GLY E 38 -82.65 -12.74 28.39
C GLY E 38 -82.94 -12.76 29.88
N THR E 39 -83.47 -11.67 30.44
CA THR E 39 -84.10 -11.75 31.77
C THR E 39 -85.63 -11.54 31.72
N SER E 40 -86.20 -11.51 30.51
CA SER E 40 -87.61 -11.14 30.34
C SER E 40 -88.60 -12.27 30.62
N GLY E 41 -88.15 -13.52 30.49
CA GLY E 41 -89.05 -14.67 30.53
C GLY E 41 -89.98 -14.73 29.35
N ARG E 42 -89.62 -14.03 28.28
CA ARG E 42 -90.37 -14.01 27.02
C ARG E 42 -89.46 -14.45 25.87
N VAL E 43 -89.90 -15.47 25.14
CA VAL E 43 -89.14 -16.02 24.04
C VAL E 43 -90.06 -16.17 22.84
N SER E 44 -89.44 -16.33 21.68
CA SER E 44 -90.14 -16.52 20.43
C SER E 44 -89.48 -17.70 19.72
N ASN E 45 -90.25 -18.51 19.00
CA ASN E 45 -89.69 -19.65 18.26
C ASN E 45 -88.97 -19.32 16.97
N ILE E 46 -87.87 -20.01 16.75
CA ILE E 46 -87.15 -19.94 15.47
C ILE E 46 -87.47 -21.23 14.71
N PHE E 47 -88.01 -21.08 13.50
CA PHE E 47 -88.34 -22.23 12.69
C PHE E 47 -87.21 -22.58 11.71
N ASN E 48 -87.16 -23.83 11.28
CA ASN E 48 -86.52 -24.18 10.02
C ASN E 48 -87.68 -24.25 9.03
N PRO E 49 -87.80 -23.23 8.14
CA PRO E 49 -88.95 -23.14 7.22
C PRO E 49 -88.98 -24.21 6.12
N ALA E 50 -87.84 -24.87 5.90
CA ALA E 50 -87.78 -26.06 5.03
C ALA E 50 -88.57 -27.27 5.59
N THR E 51 -88.55 -27.43 6.91
CA THR E 51 -89.22 -28.57 7.55
C THR E 51 -90.50 -28.14 8.26
N GLY E 52 -90.60 -26.86 8.61
CA GLY E 52 -91.71 -26.38 9.40
C GLY E 52 -91.54 -26.64 10.89
N GLU E 53 -90.38 -27.17 11.29
CA GLU E 53 -90.08 -27.46 12.69
C GLU E 53 -89.42 -26.29 13.42
N VAL E 54 -89.79 -26.10 14.68
CA VAL E 54 -89.06 -25.20 15.58
C VAL E 54 -87.65 -25.77 15.72
N GLN E 55 -86.64 -24.91 15.55
CA GLN E 55 -85.24 -25.32 15.73
C GLN E 55 -84.56 -24.65 16.92
N GLY E 56 -85.23 -23.68 17.53
CA GLY E 56 -84.70 -22.99 18.70
C GLY E 56 -85.59 -21.82 19.08
N THR E 57 -85.13 -21.02 20.05
CA THR E 57 -85.87 -19.86 20.53
C THR E 57 -84.96 -18.64 20.56
N VAL E 58 -85.59 -17.47 20.67
CA VAL E 58 -84.85 -16.22 20.86
C VAL E 58 -85.53 -15.41 21.96
N ALA E 59 -84.72 -14.93 22.90
CA ALA E 59 -85.20 -14.04 23.97
C ALA E 59 -85.78 -12.73 23.42
N LEU E 60 -86.85 -12.27 24.07
CA LEU E 60 -87.49 -11.02 23.71
C LEU E 60 -87.21 -10.03 24.83
N ALA E 61 -86.39 -9.04 24.55
CA ALA E 61 -85.92 -8.12 25.58
C ALA E 61 -87.04 -7.40 26.33
N SER E 62 -86.89 -7.32 27.64
CA SER E 62 -87.72 -6.44 28.46
C SER E 62 -87.16 -5.04 28.31
N ASP E 63 -87.83 -4.06 28.96
CA ASP E 63 -87.29 -2.70 29.06
C ASP E 63 -85.96 -2.65 29.81
N ALA E 64 -85.83 -3.48 30.86
CA ALA E 64 -84.59 -3.53 31.65
C ALA E 64 -83.42 -4.13 30.86
N ASP E 65 -83.69 -5.08 29.96
CA ASP E 65 -82.64 -5.61 29.05
C ASP E 65 -82.16 -4.57 28.05
N LEU E 66 -83.09 -3.81 27.50
CA LEU E 66 -82.76 -2.73 26.62
C LEU E 66 -82.00 -1.63 27.30
N ALA E 67 -82.47 -1.21 28.46
CA ALA E 67 -81.76 -0.20 29.26
C ALA E 67 -80.32 -0.61 29.56
N ALA E 68 -80.11 -1.90 29.86
CA ALA E 68 -78.77 -2.44 30.13
C ALA E 68 -77.86 -2.26 28.90
N ALA E 69 -78.41 -2.59 27.73
CA ALA E 69 -77.69 -2.39 26.47
C ALA E 69 -77.35 -0.90 26.21
N VAL E 70 -78.27 0.01 26.53
CA VAL E 70 -78.03 1.46 26.38
C VAL E 70 -76.95 1.99 27.35
N GLU E 71 -76.99 1.54 28.60
CA GLU E 71 -75.93 1.82 29.57
C GLU E 71 -74.56 1.29 29.10
N SER E 72 -74.55 0.07 28.55
CA SER E 72 -73.33 -0.47 27.97
C SER E 72 -72.79 0.44 26.86
N ALA E 73 -73.68 0.85 25.94
CA ALA E 73 -73.33 1.76 24.84
C ALA E 73 -72.84 3.11 25.34
N LYS E 74 -73.54 3.68 26.32
CA LYS E 74 -73.19 5.01 26.85
C LYS E 74 -71.79 5.06 27.48
N ALA E 75 -71.42 4.01 28.22
CA ALA E 75 -70.09 3.87 28.81
C ALA E 75 -68.98 3.70 27.74
N ALA E 76 -69.27 2.99 26.65
CA ALA E 76 -68.24 2.70 25.63
C ALA E 76 -68.06 3.80 24.60
N GLN E 77 -69.14 4.51 24.28
CA GLN E 77 -69.14 5.43 23.14
C GLN E 77 -68.08 6.56 23.21
N PRO E 78 -67.91 7.22 24.38
CA PRO E 78 -66.91 8.31 24.42
C PRO E 78 -65.52 7.85 23.98
N LYS E 79 -65.05 6.70 24.45
CA LYS E 79 -63.70 6.22 24.09
C LYS E 79 -63.59 5.84 22.60
N TRP E 80 -64.67 5.31 22.04
CA TRP E 80 -64.71 4.97 20.62
C TRP E 80 -64.71 6.22 19.73
N ALA E 81 -65.56 7.21 20.02
CA ALA E 81 -65.51 8.48 19.29
C ALA E 81 -64.16 9.22 19.44
N ALA E 82 -63.44 8.98 20.55
CA ALA E 82 -62.11 9.56 20.72
C ALA E 82 -60.98 8.84 19.94
N THR E 83 -61.29 7.68 19.37
CA THR E 83 -60.39 6.97 18.46
C THR E 83 -60.30 7.68 17.10
N ASN E 84 -59.09 7.84 16.54
CA ASN E 84 -58.95 8.53 15.25
C ASN E 84 -59.62 7.74 14.11
N PRO E 85 -60.04 8.42 13.03
CA PRO E 85 -60.87 7.80 12.00
C PRO E 85 -60.18 6.66 11.25
N GLN E 86 -58.85 6.76 11.08
CA GLN E 86 -58.07 5.69 10.45
C GLN E 86 -58.08 4.38 11.23
N ARG E 87 -58.05 4.49 12.56
CA ARG E 87 -58.09 3.32 13.44
C ARG E 87 -59.50 2.73 13.50
N ARG E 88 -60.51 3.58 13.47
CA ARG E 88 -61.89 3.11 13.37
C ARG E 88 -62.05 2.37 12.04
N ALA E 89 -61.46 2.92 10.98
CA ALA E 89 -61.55 2.30 9.67
C ALA E 89 -60.89 0.93 9.63
N ARG E 90 -59.80 0.77 10.38
CA ARG E 90 -59.09 -0.52 10.43
C ARG E 90 -59.91 -1.65 11.04
N VAL E 91 -60.81 -1.31 11.99
CA VAL E 91 -61.76 -2.30 12.51
C VAL E 91 -62.59 -2.89 11.37
N PHE E 92 -63.08 -2.02 10.48
CA PHE E 92 -63.91 -2.49 9.36
C PHE E 92 -63.14 -3.25 8.28
N MSE E 93 -61.89 -2.86 8.04
CA MSE E 93 -61.01 -3.60 7.11
C MSE E 93 -60.82 -5.01 7.59
O MSE E 93 -60.87 -5.95 6.81
CB MSE E 93 -59.63 -2.96 7.08
CG MSE E 93 -59.12 -2.65 5.67
SE MSE E 93 -57.46 -1.56 5.84
CE MSE E 93 -58.05 0.07 6.75
N LYS E 94 -60.56 -5.16 8.89
CA LYS E 94 -60.37 -6.47 9.49
C LYS E 94 -61.68 -7.26 9.50
N PHE E 95 -62.79 -6.56 9.74
CA PHE E 95 -64.13 -7.17 9.77
C PHE E 95 -64.49 -7.77 8.42
N VAL E 96 -64.10 -7.08 7.35
CA VAL E 96 -64.30 -7.56 5.98
C VAL E 96 -63.56 -8.88 5.77
N GLN E 97 -62.31 -8.95 6.21
CA GLN E 97 -61.57 -10.21 6.16
C GLN E 97 -62.25 -11.32 6.99
N LEU E 98 -62.80 -10.96 8.15
CA LEU E 98 -63.47 -11.95 8.99
C LEU E 98 -64.77 -12.46 8.36
N LEU E 99 -65.48 -11.58 7.66
CA LEU E 99 -66.66 -11.98 6.88
C LEU E 99 -66.27 -12.98 5.79
N ASN E 100 -65.19 -12.70 5.07
CA ASN E 100 -64.73 -13.61 4.04
C ASN E 100 -64.32 -14.98 4.61
N ASP E 101 -63.60 -14.98 5.75
CA ASP E 101 -63.18 -16.22 6.44
C ASP E 101 -64.36 -17.07 6.94
N ASN E 102 -65.44 -16.39 7.34
CA ASN E 102 -66.59 -17.03 7.94
C ASN E 102 -67.80 -17.14 6.99
N MSE E 103 -67.57 -16.93 5.69
CA MSE E 103 -68.64 -16.83 4.68
C MSE E 103 -69.56 -18.04 4.69
O MSE E 103 -70.80 -17.90 4.71
CB MSE E 103 -68.04 -16.59 3.28
CG MSE E 103 -69.01 -16.42 2.11
SE MSE E 103 -70.17 -14.83 2.37
CE MSE E 103 -68.79 -13.42 2.22
N ASN E 104 -68.98 -19.24 4.72
CA ASN E 104 -69.79 -20.45 4.68
C ASN E 104 -70.67 -20.61 5.93
N GLU E 105 -70.05 -20.40 7.09
CA GLU E 105 -70.73 -20.56 8.36
CA GLU E 105 -70.71 -20.51 8.41
C GLU E 105 -71.88 -19.54 8.52
N LEU E 106 -71.66 -18.31 8.05
CA LEU E 106 -72.67 -17.25 8.06
C LEU E 106 -73.85 -17.59 7.14
N ALA E 107 -73.54 -17.96 5.90
CA ALA E 107 -74.56 -18.35 4.92
C ALA E 107 -75.46 -19.49 5.40
N GLU E 108 -74.86 -20.47 6.09
CA GLU E 108 -75.56 -21.69 6.52
C GLU E 108 -76.55 -21.35 7.63
N MSE E 109 -76.11 -20.59 8.63
CA MSE E 109 -77.00 -20.18 9.71
C MSE E 109 -78.10 -19.28 9.20
O MSE E 109 -79.20 -19.31 9.73
CB MSE E 109 -76.26 -19.57 10.91
CG MSE E 109 -75.70 -18.17 10.65
SE MSE E 109 -74.73 -17.57 12.27
CE MSE E 109 -73.34 -18.97 12.33
N LEU E 110 -77.83 -18.47 8.18
CA LEU E 110 -78.82 -17.56 7.61
C LEU E 110 -79.90 -18.36 6.86
N SER E 111 -79.48 -19.21 5.91
CA SER E 111 -80.39 -20.07 5.14
C SER E 111 -81.26 -21.01 5.99
N ARG E 112 -80.67 -21.58 7.03
CA ARG E 112 -81.37 -22.50 7.92
C ARG E 112 -82.52 -21.85 8.68
N GLU E 113 -82.38 -20.55 8.98
CA GLU E 113 -83.45 -19.76 9.63
C GLU E 113 -84.35 -19.04 8.62
N HIS E 114 -83.78 -18.57 7.52
CA HIS E 114 -84.52 -17.75 6.55
C HIS E 114 -85.31 -18.60 5.55
N GLY E 115 -84.63 -19.56 4.91
CA GLY E 115 -85.23 -20.40 3.88
C GLY E 115 -84.51 -20.29 2.55
N LYS E 116 -83.93 -19.12 2.28
CA LYS E 116 -83.32 -18.84 0.98
C LYS E 116 -82.07 -19.69 0.74
N THR E 117 -81.69 -19.85 -0.53
CA THR E 117 -80.57 -20.72 -0.89
C THR E 117 -79.28 -20.21 -0.23
N ILE E 118 -78.28 -21.08 -0.16
CA ILE E 118 -76.95 -20.73 0.36
C ILE E 118 -76.35 -19.60 -0.49
N ASP E 119 -76.57 -19.70 -1.79
CA ASP E 119 -76.08 -18.72 -2.72
C ASP E 119 -76.69 -17.33 -2.49
N ASP E 120 -78.02 -17.24 -2.39
CA ASP E 120 -78.72 -16.01 -1.98
C ASP E 120 -78.16 -15.48 -0.66
N ALA E 121 -77.97 -16.38 0.32
CA ALA E 121 -77.44 -16.01 1.63
C ALA E 121 -76.03 -15.38 1.53
N LYS E 122 -75.16 -16.00 0.71
CA LYS E 122 -73.85 -15.44 0.40
C LYS E 122 -73.93 -14.02 -0.15
N GLY E 123 -74.84 -13.79 -1.09
CA GLY E 123 -75.10 -12.45 -1.61
C GLY E 123 -75.55 -11.46 -0.54
N ASP E 124 -76.41 -11.91 0.36
CA ASP E 124 -76.91 -11.16 1.51
C ASP E 124 -75.72 -10.61 2.33
N ILE E 125 -74.79 -11.49 2.68
CA ILE E 125 -73.60 -11.15 3.45
C ILE E 125 -72.69 -10.18 2.69
N VAL E 126 -72.43 -10.51 1.43
CA VAL E 126 -71.57 -9.70 0.56
C VAL E 126 -72.06 -8.25 0.42
N ARG E 127 -73.37 -8.06 0.26
CA ARG E 127 -73.91 -6.70 0.12
C ARG E 127 -73.74 -5.88 1.41
N GLY E 128 -73.77 -6.55 2.56
CA GLY E 128 -73.45 -5.88 3.82
C GLY E 128 -71.97 -5.55 3.87
N LEU E 129 -71.18 -6.53 3.42
CA LEU E 129 -69.73 -6.45 3.40
C LEU E 129 -69.31 -5.18 2.64
N GLU E 130 -69.99 -4.92 1.52
CA GLU E 130 -69.63 -3.82 0.66
C GLU E 130 -69.91 -2.48 1.31
N VAL E 131 -70.91 -2.41 2.20
CA VAL E 131 -71.09 -1.19 3.00
C VAL E 131 -69.94 -1.03 3.99
N CYS E 132 -69.49 -2.16 4.56
CA CYS E 132 -68.29 -2.16 5.41
C CYS E 132 -67.05 -1.64 4.66
N GLU E 133 -66.84 -2.09 3.42
CA GLU E 133 -65.74 -1.61 2.58
C GLU E 133 -65.86 -0.11 2.35
N PHE E 134 -67.09 0.35 2.10
CA PHE E 134 -67.37 1.76 1.89
C PHE E 134 -66.94 2.62 3.09
N VAL E 135 -67.28 2.21 4.30
CA VAL E 135 -66.95 3.01 5.49
C VAL E 135 -65.48 2.94 5.93
N ILE E 136 -64.70 2.08 5.28
CA ILE E 136 -63.24 2.15 5.43
C ILE E 136 -62.75 3.55 5.04
N GLY E 137 -63.47 4.20 4.14
CA GLY E 137 -63.15 5.56 3.71
C GLY E 137 -63.69 6.62 4.65
N ILE E 138 -64.02 6.27 5.88
CA ILE E 138 -64.58 7.22 6.83
C ILE E 138 -63.66 8.44 7.05
N PRO E 139 -62.34 8.31 7.07
CA PRO E 139 -61.58 9.55 7.30
C PRO E 139 -61.97 10.65 6.29
N HIS E 140 -62.04 10.27 5.02
CA HIS E 140 -62.46 11.18 3.95
C HIS E 140 -63.93 11.58 4.04
N LEU E 141 -64.77 10.58 4.23
CA LEU E 141 -66.23 10.76 4.28
C LEU E 141 -66.72 11.72 5.36
N GLN E 142 -66.06 11.71 6.52
CA GLN E 142 -66.51 12.51 7.64
C GLN E 142 -65.95 13.94 7.65
N LYS E 143 -65.22 14.33 6.60
CA LYS E 143 -64.72 15.71 6.49
C LYS E 143 -65.83 16.76 6.56
N SER E 144 -65.54 17.90 7.16
CA SER E 144 -66.49 19.03 7.18
C SER E 144 -65.88 20.22 6.41
N GLU E 145 -66.49 21.40 6.51
CA GLU E 145 -66.15 22.53 5.63
C GLU E 145 -65.40 23.64 6.39
N PHE E 146 -64.49 24.32 5.70
CA PHE E 146 -63.74 25.43 6.32
C PHE E 146 -63.72 26.67 5.41
N THR E 147 -63.90 27.84 6.04
CA THR E 147 -63.84 29.13 5.37
C THR E 147 -62.89 30.06 6.13
N GLU E 148 -61.87 30.57 5.44
CA GLU E 148 -61.02 31.59 6.03
C GLU E 148 -61.56 32.98 5.69
N GLY E 149 -61.56 33.87 6.68
CA GLY E 149 -61.92 35.27 6.45
C GLY E 149 -63.37 35.47 6.01
N ALA E 150 -64.27 34.61 6.52
CA ALA E 150 -65.72 34.81 6.44
C ALA E 150 -66.07 36.22 6.92
N GLY E 151 -65.34 36.70 7.90
CA GLY E 151 -65.33 38.11 8.29
C GLY E 151 -63.90 38.56 8.47
N PRO E 152 -63.69 39.83 8.92
CA PRO E 152 -62.33 40.34 9.13
C PRO E 152 -61.62 39.59 10.26
N GLY E 153 -60.63 38.78 9.90
CA GLY E 153 -59.92 37.94 10.89
C GLY E 153 -60.79 36.82 11.46
N ILE E 154 -61.92 36.56 10.83
CA ILE E 154 -62.87 35.58 11.34
C ILE E 154 -62.90 34.34 10.43
N ASP E 155 -62.68 33.18 11.03
CA ASP E 155 -62.80 31.90 10.33
C ASP E 155 -64.05 31.16 10.79
N MSE E 156 -64.57 30.29 9.92
CA MSE E 156 -65.84 29.64 10.11
C MSE E 156 -65.74 28.25 9.55
O MSE E 156 -65.43 28.05 8.37
CB MSE E 156 -66.92 30.42 9.36
CG MSE E 156 -68.34 29.88 9.61
SE MSE E 156 -69.61 31.12 8.74
CE MSE E 156 -69.38 32.67 9.97
N TYR E 157 -66.03 27.27 10.39
CA TYR E 157 -65.83 25.88 9.99
C TYR E 157 -66.74 24.98 10.78
N SER E 158 -67.13 23.89 10.15
CA SER E 158 -68.01 22.92 10.77
C SER E 158 -67.20 21.69 11.13
N ILE E 159 -67.81 20.82 11.94
CA ILE E 159 -67.24 19.56 12.36
C ILE E 159 -68.41 18.61 12.43
N ARG E 160 -68.24 17.41 11.88
CA ARG E 160 -69.31 16.43 11.87
C ARG E 160 -69.09 15.43 12.98
N GLN E 161 -69.74 15.66 14.12
CA GLN E 161 -69.51 14.84 15.31
C GLN E 161 -70.58 13.74 15.44
N PRO E 162 -70.29 12.68 16.23
CA PRO E 162 -71.26 11.59 16.41
C PRO E 162 -72.55 12.07 17.07
N VAL E 163 -73.66 11.42 16.75
CA VAL E 163 -74.92 11.75 17.41
C VAL E 163 -74.93 11.17 18.83
N GLY E 164 -74.14 10.12 19.04
CA GLY E 164 -74.03 9.43 20.32
C GLY E 164 -74.40 7.96 20.20
N ILE E 165 -75.67 7.66 20.45
CA ILE E 165 -76.16 6.27 20.40
C ILE E 165 -77.32 6.15 19.41
N GLY E 166 -77.14 5.26 18.44
CA GLY E 166 -78.15 4.96 17.47
C GLY E 166 -78.73 3.58 17.69
N ALA E 167 -79.91 3.37 17.10
CA ALA E 167 -80.58 2.11 17.11
C ALA E 167 -81.03 1.81 15.67
N GLY E 168 -81.03 0.52 15.33
CA GLY E 168 -81.51 0.07 14.03
C GLY E 168 -82.47 -1.09 14.19
N ILE E 169 -83.60 -1.04 13.48
CA ILE E 169 -84.60 -2.10 13.50
C ILE E 169 -84.68 -2.71 12.09
N THR E 170 -84.46 -4.03 11.98
CA THR E 170 -84.23 -4.67 10.68
C THR E 170 -85.25 -5.79 10.44
N PRO E 171 -85.48 -6.16 9.15
CA PRO E 171 -86.52 -7.12 8.81
C PRO E 171 -85.95 -8.55 8.62
N PHE E 172 -86.84 -9.53 8.42
CA PHE E 172 -86.44 -10.93 8.30
C PHE E 172 -85.62 -11.24 7.03
N ASN E 173 -85.90 -10.55 5.94
CA ASN E 173 -85.44 -11.00 4.63
C ASN E 173 -83.95 -10.77 4.35
N PHE E 174 -83.34 -9.78 5.02
CA PHE E 174 -81.87 -9.57 4.90
C PHE E 174 -81.19 -9.37 6.25
N PRO E 175 -81.03 -10.45 7.06
CA PRO E 175 -80.53 -10.30 8.43
C PRO E 175 -79.01 -10.09 8.53
N GLY E 176 -78.33 -10.12 7.39
CA GLY E 176 -76.92 -9.74 7.31
C GLY E 176 -76.77 -8.33 6.76
N MSE E 177 -77.24 -8.14 5.53
CA MSE E 177 -77.03 -6.93 4.75
C MSE E 177 -77.61 -5.72 5.43
O MSE E 177 -76.92 -4.69 5.58
CB MSE E 177 -77.67 -7.10 3.37
CG MSE E 177 -77.58 -5.81 2.55
SE MSE E 177 -78.54 -5.98 0.82
CE MSE E 177 -80.40 -5.57 1.37
N ILE E 178 -78.87 -5.81 5.83
CA ILE E 178 -79.55 -4.63 6.36
C ILE E 178 -78.97 -4.17 7.70
N PRO E 179 -78.72 -5.11 8.64
CA PRO E 179 -77.99 -4.71 9.84
C PRO E 179 -76.68 -3.96 9.53
N MSE E 180 -75.93 -4.46 8.55
CA MSE E 180 -74.66 -3.83 8.12
C MSE E 180 -74.83 -2.48 7.47
O MSE E 180 -73.99 -1.59 7.67
CB MSE E 180 -73.90 -4.79 7.21
CG MSE E 180 -73.44 -5.98 8.06
SE MSE E 180 -72.07 -7.10 7.17
CE MSE E 180 -73.27 -8.52 6.49
N TRP E 181 -75.88 -2.32 6.65
CA TRP E 181 -76.27 -1.02 6.08
C TRP E 181 -76.27 0.05 7.14
N MSE E 182 -76.75 -0.30 8.33
CA MSE E 182 -76.98 0.68 9.38
C MSE E 182 -75.78 0.82 10.27
O MSE E 182 -75.29 1.94 10.46
CB MSE E 182 -78.18 0.25 10.20
CG MSE E 182 -79.48 0.46 9.46
SE MSE E 182 -80.86 -0.44 10.54
CE MSE E 182 -82.41 -0.29 9.34
N PHE E 183 -75.33 -0.29 10.85
CA PHE E 183 -74.29 -0.22 11.86
C PHE E 183 -72.88 0.13 11.37
N ALA E 184 -72.57 -0.11 10.10
CA ALA E 184 -71.25 0.24 9.59
C ALA E 184 -71.08 1.76 9.58
N PRO E 185 -71.95 2.51 8.88
CA PRO E 185 -71.77 3.97 8.93
C PRO E 185 -71.94 4.59 10.32
N ALA E 186 -72.88 4.06 11.10
CA ALA E 186 -73.17 4.58 12.43
C ALA E 186 -71.94 4.43 13.31
N ILE E 187 -71.33 3.24 13.26
CA ILE E 187 -70.15 2.94 14.06
C ILE E 187 -68.88 3.62 13.49
N ALA E 188 -68.73 3.64 12.17
CA ALA E 188 -67.58 4.32 11.58
C ALA E 188 -67.56 5.81 11.91
N CYS E 189 -68.75 6.41 12.07
CA CYS E 189 -68.89 7.82 12.45
C CYS E 189 -68.56 8.13 13.93
N GLY E 190 -68.37 7.11 14.76
CA GLY E 190 -68.03 7.29 16.16
C GLY E 190 -69.20 7.11 17.15
N ASN E 191 -70.30 6.58 16.65
CA ASN E 191 -71.48 6.28 17.46
C ASN E 191 -71.40 4.88 18.05
N ALA E 192 -72.14 4.64 19.13
CA ALA E 192 -72.48 3.29 19.54
C ALA E 192 -73.81 2.95 18.89
N PHE E 193 -74.09 1.66 18.74
CA PHE E 193 -75.24 1.22 17.99
C PHE E 193 -75.92 0.02 18.66
N ILE E 194 -77.25 0.11 18.78
CA ILE E 194 -78.06 -1.00 19.27
C ILE E 194 -78.89 -1.54 18.11
N LEU E 195 -78.65 -2.80 17.77
CA LEU E 195 -79.35 -3.50 16.71
C LEU E 195 -80.50 -4.32 17.31
N LYS E 196 -81.67 -4.15 16.75
CA LYS E 196 -82.86 -4.89 17.11
C LYS E 196 -83.31 -5.61 15.87
N PRO E 197 -82.73 -6.78 15.60
CA PRO E 197 -83.02 -7.44 14.33
C PRO E 197 -84.33 -8.20 14.37
N SER E 198 -84.72 -8.74 13.22
CA SER E 198 -85.92 -9.57 13.15
C SER E 198 -85.75 -10.83 14.01
N GLU E 199 -86.81 -11.13 14.78
CA GLU E 199 -86.85 -12.33 15.62
C GLU E 199 -87.03 -13.64 14.83
N ARG E 200 -87.38 -13.55 13.54
CA ARG E 200 -87.55 -14.74 12.68
C ARG E 200 -86.22 -15.48 12.49
N ASP E 201 -85.14 -14.71 12.31
CA ASP E 201 -83.84 -15.26 11.93
C ASP E 201 -82.68 -14.49 12.53
N PRO E 202 -82.50 -14.60 13.85
CA PRO E 202 -81.56 -13.77 14.59
C PRO E 202 -80.15 -14.33 14.80
N SER E 203 -79.82 -15.52 14.24
CA SER E 203 -78.45 -16.06 14.41
C SER E 203 -77.33 -15.20 13.79
N VAL E 204 -77.52 -14.76 12.55
CA VAL E 204 -76.50 -13.97 11.87
C VAL E 204 -76.18 -12.67 12.60
N PRO E 205 -77.22 -11.86 12.98
CA PRO E 205 -76.91 -10.59 13.67
C PRO E 205 -76.04 -10.75 14.93
N ILE E 206 -76.33 -11.75 15.78
CA ILE E 206 -75.43 -12.00 16.93
C ILE E 206 -74.02 -12.39 16.46
N ARG E 207 -73.92 -13.27 15.46
CA ARG E 207 -72.61 -13.73 15.01
C ARG E 207 -71.79 -12.55 14.46
N LEU E 208 -72.47 -11.65 13.76
CA LEU E 208 -71.84 -10.40 13.31
C LEU E 208 -71.29 -9.54 14.43
N ALA E 209 -72.06 -9.37 15.51
CA ALA E 209 -71.61 -8.55 16.65
C ALA E 209 -70.36 -9.19 17.27
N GLU E 210 -70.35 -10.51 17.30
CA GLU E 210 -69.23 -11.32 17.76
C GLU E 210 -67.98 -11.10 16.92
N LEU E 211 -68.16 -11.02 15.61
CA LEU E 211 -67.06 -10.84 14.68
C LEU E 211 -66.51 -9.42 14.70
N MSE E 212 -67.36 -8.44 15.03
CA MSE E 212 -66.92 -7.05 15.27
C MSE E 212 -65.97 -7.01 16.44
O MSE E 212 -64.91 -6.37 16.35
CB MSE E 212 -68.08 -6.09 15.47
CG MSE E 212 -68.72 -5.70 14.13
SE MSE E 212 -67.57 -4.66 12.89
CE MSE E 212 -67.66 -2.85 13.67
N ILE E 213 -66.31 -7.70 17.54
CA ILE E 213 -65.39 -7.85 18.70
C ILE E 213 -64.08 -8.48 18.24
N GLU E 214 -64.17 -9.56 17.44
CA GLU E 214 -62.99 -10.22 16.94
C GLU E 214 -62.15 -9.32 16.03
N ALA E 215 -62.81 -8.40 15.34
CA ALA E 215 -62.14 -7.43 14.47
C ALA E 215 -61.54 -6.24 15.24
N GLY E 216 -61.74 -6.20 16.56
CA GLY E 216 -61.16 -5.17 17.41
C GLY E 216 -62.11 -4.07 17.80
N LEU E 217 -63.40 -4.19 17.48
CA LEU E 217 -64.38 -3.23 18.00
C LEU E 217 -64.48 -3.38 19.53
N PRO E 218 -64.43 -2.27 20.28
CA PRO E 218 -64.63 -2.30 21.74
C PRO E 218 -66.00 -2.82 22.15
N ALA E 219 -66.04 -3.51 23.27
CA ALA E 219 -67.28 -3.99 23.86
C ALA E 219 -68.25 -2.80 24.08
N GLY E 220 -69.52 -3.02 23.80
CA GLY E 220 -70.51 -1.98 24.06
C GLY E 220 -70.84 -1.09 22.89
N ILE E 221 -69.98 -1.09 21.85
CA ILE E 221 -70.19 -0.27 20.65
C ILE E 221 -71.25 -0.87 19.69
N LEU E 222 -71.22 -2.19 19.54
CA LEU E 222 -72.29 -2.88 18.83
C LEU E 222 -72.97 -3.89 19.75
N ASN E 223 -74.14 -3.52 20.27
CA ASN E 223 -74.97 -4.44 21.04
C ASN E 223 -76.15 -4.91 20.20
N VAL E 224 -76.56 -6.16 20.43
CA VAL E 224 -77.72 -6.75 19.77
C VAL E 224 -78.79 -7.07 20.82
N VAL E 225 -79.94 -6.44 20.66
CA VAL E 225 -81.07 -6.66 21.58
C VAL E 225 -82.19 -7.30 20.78
N ASN E 226 -82.43 -8.58 21.00
CA ASN E 226 -83.53 -9.27 20.35
C ASN E 226 -84.87 -8.93 20.99
N GLY E 227 -85.95 -8.93 20.21
CA GLY E 227 -87.25 -8.55 20.75
C GLY E 227 -88.33 -8.35 19.71
N ASP E 228 -89.53 -8.05 20.19
CA ASP E 228 -90.67 -7.74 19.33
C ASP E 228 -91.08 -6.27 19.50
N LYS E 229 -92.37 -5.98 19.36
CA LYS E 229 -92.92 -4.64 19.62
C LYS E 229 -92.39 -3.96 20.89
N GLY E 230 -92.35 -4.72 21.99
CA GLY E 230 -91.83 -4.25 23.29
C GLY E 230 -90.44 -3.65 23.24
N ALA E 231 -89.49 -4.35 22.61
CA ALA E 231 -88.12 -3.84 22.48
C ALA E 231 -88.08 -2.57 21.62
N VAL E 232 -88.87 -2.58 20.54
CA VAL E 232 -88.98 -1.43 19.66
C VAL E 232 -89.45 -0.22 20.46
N ASP E 233 -90.57 -0.37 21.19
CA ASP E 233 -91.14 0.72 21.98
C ASP E 233 -90.17 1.23 23.02
N ALA E 234 -89.45 0.31 23.68
CA ALA E 234 -88.41 0.67 24.63
C ALA E 234 -87.33 1.52 23.95
N ILE E 235 -87.00 1.16 22.71
CA ILE E 235 -86.00 1.90 21.93
C ILE E 235 -86.50 3.30 21.56
N LEU E 236 -87.75 3.39 21.13
CA LEU E 236 -88.28 4.65 20.64
C LEU E 236 -88.48 5.68 21.74
N THR E 237 -88.72 5.20 22.96
CA THR E 237 -88.96 6.08 24.13
C THR E 237 -87.73 6.31 25.05
N HIS E 238 -86.62 5.62 24.79
CA HIS E 238 -85.42 5.78 25.62
C HIS E 238 -84.76 7.12 25.29
N PRO E 239 -84.61 8.01 26.29
CA PRO E 239 -84.12 9.35 25.98
C PRO E 239 -82.62 9.42 25.64
N ASP E 240 -81.88 8.32 25.81
CA ASP E 240 -80.45 8.34 25.48
C ASP E 240 -80.13 7.90 24.04
N ILE E 241 -81.14 7.48 23.29
CA ILE E 241 -80.94 7.08 21.91
C ILE E 241 -81.32 8.29 21.04
N ALA E 242 -80.40 8.75 20.18
CA ALA E 242 -80.60 9.97 19.41
C ALA E 242 -81.27 9.76 18.06
N ALA E 243 -81.08 8.58 17.47
CA ALA E 243 -81.44 8.32 16.09
C ALA E 243 -81.84 6.86 15.86
N VAL E 244 -82.85 6.66 15.02
CA VAL E 244 -83.42 5.35 14.76
C VAL E 244 -83.51 5.16 13.25
N SER E 245 -83.00 4.03 12.78
CA SER E 245 -83.12 3.62 11.37
C SER E 245 -83.96 2.34 11.28
N PHE E 246 -84.86 2.29 10.29
CA PHE E 246 -85.83 1.20 10.16
C PHE E 246 -85.99 0.73 8.72
N VAL E 247 -86.00 -0.59 8.56
CA VAL E 247 -86.32 -1.24 7.29
C VAL E 247 -87.32 -2.38 7.60
N GLY E 248 -88.44 -2.40 6.88
CA GLY E 248 -89.50 -3.38 7.08
C GLY E 248 -90.75 -3.02 6.28
N SER E 249 -91.92 -3.47 6.73
CA SER E 249 -93.16 -3.16 6.04
C SER E 249 -93.52 -1.68 6.20
N THR E 250 -94.28 -1.17 5.25
CA THR E 250 -94.71 0.22 5.27
C THR E 250 -95.50 0.61 6.53
N PRO E 251 -96.50 -0.22 6.92
CA PRO E 251 -97.27 0.18 8.12
C PRO E 251 -96.38 0.34 9.36
N ILE E 252 -95.43 -0.57 9.57
CA ILE E 252 -94.52 -0.44 10.72
C ILE E 252 -93.51 0.70 10.52
N ALA E 253 -93.07 0.92 9.29
CA ALA E 253 -92.22 2.08 8.97
C ALA E 253 -92.90 3.39 9.40
N ARG E 254 -94.18 3.53 9.05
CA ARG E 254 -95.02 4.68 9.43
C ARG E 254 -95.05 4.86 10.94
N TYR E 255 -95.33 3.76 11.66
CA TYR E 255 -95.43 3.80 13.10
C TYR E 255 -94.11 4.24 13.74
N VAL E 256 -93.04 3.55 13.37
CA VAL E 256 -91.71 3.84 13.89
C VAL E 256 -91.29 5.28 13.59
N TYR E 257 -91.47 5.71 12.33
CA TYR E 257 -91.18 7.08 11.93
C TYR E 257 -91.89 8.13 12.81
N GLY E 258 -93.22 8.07 12.83
CA GLY E 258 -94.03 8.98 13.64
C GLY E 258 -93.70 8.94 15.11
N THR E 259 -93.51 7.73 15.65
CA THR E 259 -93.26 7.58 17.09
C THR E 259 -91.89 8.10 17.50
N ALA E 260 -90.89 7.86 16.65
CA ALA E 260 -89.53 8.30 16.94
C ALA E 260 -89.51 9.84 17.00
N ALA E 261 -90.23 10.47 16.06
CA ALA E 261 -90.34 11.92 15.95
C ALA E 261 -91.11 12.52 17.13
N MSE E 262 -92.19 11.85 17.56
CA MSE E 262 -92.95 12.21 18.78
C MSE E 262 -92.06 12.17 19.99
O MSE E 262 -92.33 12.86 20.97
CB MSE E 262 -94.14 11.27 19.04
CG MSE E 262 -95.34 11.54 18.13
SE MSE E 262 -96.05 13.39 18.31
CE MSE E 262 -97.93 12.88 17.99
N ASN E 263 -90.99 11.38 19.95
CA ASN E 263 -90.01 11.36 21.02
C ASN E 263 -88.78 12.24 20.78
N GLY E 264 -88.84 13.10 19.75
CA GLY E 264 -87.76 14.05 19.43
C GLY E 264 -86.54 13.49 18.70
N LYS E 265 -86.62 12.22 18.24
CA LYS E 265 -85.47 11.52 17.64
C LYS E 265 -85.38 11.83 16.17
N ARG E 266 -84.19 11.71 15.59
CA ARG E 266 -84.11 11.65 14.13
C ARG E 266 -84.41 10.21 13.66
N ALA E 267 -84.92 10.09 12.44
CA ALA E 267 -85.36 8.82 11.92
C ALA E 267 -85.34 8.78 10.40
N GLN E 268 -85.08 7.59 9.88
CA GLN E 268 -85.17 7.28 8.47
C GLN E 268 -85.79 5.90 8.42
N CYS E 269 -86.85 5.74 7.64
CA CYS E 269 -87.59 4.48 7.58
C CYS E 269 -87.90 4.12 6.15
N PHE E 270 -87.77 2.84 5.86
CA PHE E 270 -87.88 2.33 4.50
C PHE E 270 -88.83 1.17 4.55
N GLY E 271 -89.76 1.16 3.59
CA GLY E 271 -90.95 0.32 3.66
C GLY E 271 -91.13 -0.62 2.49
N GLY E 272 -92.39 -0.85 2.14
CA GLY E 272 -92.80 -1.81 1.12
C GLY E 272 -92.65 -1.36 -0.33
N ALA E 273 -93.16 -2.22 -1.24
CA ALA E 273 -92.83 -2.09 -2.64
C ALA E 273 -93.83 -2.85 -3.51
N LYS E 274 -94.03 -2.35 -4.73
CA LYS E 274 -94.68 -3.13 -5.78
C LYS E 274 -93.95 -2.75 -7.05
N ASN E 275 -92.74 -3.30 -7.21
CA ASN E 275 -91.88 -2.90 -8.30
C ASN E 275 -92.37 -3.42 -9.65
N HIS E 276 -92.44 -2.51 -10.63
CA HIS E 276 -92.90 -2.80 -12.00
C HIS E 276 -91.70 -2.84 -12.94
N MSE E 277 -91.75 -3.73 -13.93
CA MSE E 277 -90.80 -3.72 -15.06
C MSE E 277 -91.60 -3.41 -16.31
O MSE E 277 -92.51 -4.14 -16.66
CB MSE E 277 -90.09 -5.06 -15.22
CG MSE E 277 -89.01 -5.00 -16.32
SE MSE E 277 -88.35 -6.80 -16.88
CE MSE E 277 -87.25 -6.97 -15.26
N ILE E 278 -91.24 -2.34 -17.00
CA ILE E 278 -91.89 -2.00 -18.27
C ILE E 278 -91.05 -2.56 -19.41
N ILE E 279 -91.69 -3.30 -20.33
CA ILE E 279 -90.99 -3.90 -21.46
C ILE E 279 -91.54 -3.28 -22.76
N MSE E 280 -90.74 -2.39 -23.36
CA MSE E 280 -91.11 -1.73 -24.62
C MSE E 280 -91.01 -2.71 -25.77
O MSE E 280 -90.26 -3.71 -25.67
CB MSE E 280 -90.23 -0.53 -24.95
CG MSE E 280 -90.33 0.57 -23.89
SE MSE E 280 -92.13 1.39 -23.83
CE MSE E 280 -92.19 2.34 -25.57
N PRO E 281 -91.76 -2.45 -26.87
CA PRO E 281 -91.78 -3.39 -27.99
C PRO E 281 -90.39 -3.63 -28.60
N ASP E 282 -89.49 -2.66 -28.45
CA ASP E 282 -88.14 -2.76 -29.03
C ASP E 282 -87.12 -3.41 -28.08
N ALA E 283 -87.57 -3.90 -26.94
CA ALA E 283 -86.64 -4.45 -25.96
C ALA E 283 -86.06 -5.77 -26.43
N ASP E 284 -84.93 -6.15 -25.86
CA ASP E 284 -84.42 -7.50 -26.03
C ASP E 284 -85.26 -8.41 -25.12
N LEU E 285 -86.22 -9.12 -25.71
CA LEU E 285 -87.19 -9.93 -24.94
C LEU E 285 -86.57 -11.11 -24.21
N ASP E 286 -85.47 -11.65 -24.75
CA ASP E 286 -84.79 -12.80 -24.12
C ASP E 286 -84.14 -12.35 -22.79
N GLN E 287 -83.41 -11.24 -22.84
CA GLN E 287 -82.82 -10.66 -21.65
C GLN E 287 -83.91 -10.21 -20.68
N ALA E 288 -84.97 -9.58 -21.18
CA ALA E 288 -86.07 -9.16 -20.30
C ALA E 288 -86.67 -10.36 -19.55
N ALA E 289 -86.93 -11.43 -20.30
CA ALA E 289 -87.50 -12.67 -19.75
C ALA E 289 -86.57 -13.33 -18.72
N ASN E 290 -85.30 -13.52 -19.05
CA ASN E 290 -84.32 -14.05 -18.08
C ASN E 290 -84.22 -13.18 -16.84
N ALA E 291 -84.18 -11.86 -17.03
CA ALA E 291 -84.16 -10.92 -15.91
C ALA E 291 -85.40 -11.08 -15.01
N LEU E 292 -86.58 -11.23 -15.64
CA LEU E 292 -87.85 -11.41 -14.93
C LEU E 292 -87.93 -12.65 -14.07
N ILE E 293 -87.33 -13.74 -14.56
CA ILE E 293 -87.31 -14.98 -13.80
C ILE E 293 -86.51 -14.81 -12.51
N GLY E 294 -85.32 -14.23 -12.61
CA GLY E 294 -84.50 -13.96 -11.44
C GLY E 294 -85.18 -12.99 -10.49
N ALA E 295 -85.65 -11.88 -11.05
CA ALA E 295 -86.16 -10.75 -10.24
C ALA E 295 -87.54 -11.03 -9.66
N GLY E 296 -88.36 -11.81 -10.38
CA GLY E 296 -89.69 -12.21 -9.91
C GLY E 296 -89.70 -13.31 -8.85
N TYR E 297 -88.79 -14.30 -8.99
CA TYR E 297 -88.83 -15.52 -8.19
C TYR E 297 -87.64 -15.79 -7.28
N GLY E 298 -86.52 -15.09 -7.52
CA GLY E 298 -85.36 -15.18 -6.62
C GLY E 298 -85.78 -14.85 -5.20
N SER E 299 -85.23 -15.58 -4.22
CA SER E 299 -85.66 -15.49 -2.80
C SER E 299 -87.18 -15.75 -2.62
N ALA E 300 -87.77 -16.49 -3.53
CA ALA E 300 -89.23 -16.76 -3.52
C ALA E 300 -89.99 -15.45 -3.50
N GLY E 301 -89.38 -14.41 -4.07
CA GLY E 301 -89.98 -13.07 -4.12
C GLY E 301 -90.07 -12.31 -2.80
N GLU E 302 -89.33 -12.75 -1.78
CA GLU E 302 -89.34 -12.03 -0.50
C GLU E 302 -88.29 -10.91 -0.47
N ARG E 303 -88.52 -9.91 -1.32
CA ARG E 303 -87.58 -8.81 -1.54
C ARG E 303 -88.36 -7.54 -1.82
N CYS E 304 -87.96 -6.44 -1.19
CA CYS E 304 -88.58 -5.15 -1.51
C CYS E 304 -88.03 -4.58 -2.81
N MSE E 305 -87.12 -5.31 -3.48
CA MSE E 305 -86.73 -4.94 -4.85
C MSE E 305 -87.02 -6.08 -5.82
O MSE E 305 -86.53 -6.07 -6.96
CB MSE E 305 -85.27 -4.47 -4.96
CG MSE E 305 -85.05 -3.27 -4.03
SE MSE E 305 -85.89 -1.66 -4.77
CE MSE E 305 -84.53 -1.36 -6.18
N ALA E 306 -87.83 -7.04 -5.40
CA ALA E 306 -88.38 -8.05 -6.32
C ALA E 306 -89.28 -7.37 -7.36
N ILE E 307 -89.24 -7.83 -8.62
CA ILE E 307 -90.24 -7.36 -9.61
C ILE E 307 -91.52 -8.17 -9.39
N SER E 308 -92.59 -7.48 -9.04
CA SER E 308 -93.86 -8.15 -8.82
C SER E 308 -94.87 -7.86 -9.93
N VAL E 309 -94.57 -6.87 -10.78
CA VAL E 309 -95.45 -6.53 -11.93
C VAL E 309 -94.62 -6.39 -13.22
N ALA E 310 -94.96 -7.23 -14.21
CA ALA E 310 -94.39 -7.09 -15.54
C ALA E 310 -95.39 -6.31 -16.40
N VAL E 311 -94.92 -5.27 -17.08
CA VAL E 311 -95.77 -4.43 -17.91
C VAL E 311 -95.28 -4.43 -19.35
N PRO E 312 -95.60 -5.51 -20.10
CA PRO E 312 -95.25 -5.46 -21.52
C PRO E 312 -96.10 -4.42 -22.26
N VAL E 313 -95.53 -3.80 -23.29
CA VAL E 313 -96.20 -2.73 -24.03
C VAL E 313 -96.56 -3.25 -25.43
N GLY E 314 -97.86 -3.32 -25.72
CA GLY E 314 -98.35 -3.85 -26.98
C GLY E 314 -98.68 -5.33 -26.85
N GLU E 315 -99.63 -5.78 -27.66
CA GLU E 315 -100.09 -7.18 -27.64
C GLU E 315 -99.01 -8.21 -27.95
N GLU E 316 -98.22 -7.98 -29.00
CA GLU E 316 -97.22 -8.96 -29.40
C GLU E 316 -96.15 -9.11 -28.33
N THR E 317 -95.72 -7.97 -27.76
CA THR E 317 -94.74 -7.98 -26.66
C THR E 317 -95.25 -8.84 -25.51
N ALA E 318 -96.51 -8.64 -25.12
CA ALA E 318 -97.12 -9.39 -24.05
C ALA E 318 -97.19 -10.90 -24.36
N ASN E 319 -97.62 -11.23 -25.57
CA ASN E 319 -97.73 -12.63 -25.97
C ASN E 319 -96.38 -13.33 -26.02
N ARG E 320 -95.39 -12.67 -26.63
CA ARG E 320 -94.07 -13.26 -26.74
C ARG E 320 -93.39 -13.40 -25.38
N LEU E 321 -93.59 -12.41 -24.51
CA LEU E 321 -93.04 -12.41 -23.16
C LEU E 321 -93.62 -13.54 -22.33
N ILE E 322 -94.95 -13.66 -22.34
CA ILE E 322 -95.68 -14.75 -21.67
C ILE E 322 -95.16 -16.11 -22.19
N ASP E 323 -95.00 -16.26 -23.49
CA ASP E 323 -94.55 -17.48 -24.10
C ASP E 323 -93.17 -17.89 -23.58
N LYS E 324 -92.32 -16.92 -23.34
CA LYS E 324 -90.94 -17.17 -22.86
C LYS E 324 -90.88 -17.47 -21.37
N LEU E 325 -91.71 -16.78 -20.60
CA LEU E 325 -91.73 -16.86 -19.14
C LEU E 325 -92.32 -18.16 -18.60
N VAL E 326 -93.41 -18.63 -19.19
CA VAL E 326 -94.15 -19.78 -18.67
C VAL E 326 -93.31 -21.05 -18.47
N PRO E 327 -92.46 -21.45 -19.46
CA PRO E 327 -91.67 -22.67 -19.21
C PRO E 327 -90.59 -22.46 -18.13
N MSE E 328 -90.11 -21.23 -18.01
CA MSE E 328 -89.09 -20.90 -17.04
C MSE E 328 -89.62 -20.89 -15.63
O MSE E 328 -88.91 -21.29 -14.73
CB MSE E 328 -88.47 -19.56 -17.43
CG MSE E 328 -87.75 -19.67 -18.77
SE MSE E 328 -86.51 -18.15 -18.98
CE MSE E 328 -87.80 -16.76 -19.49
N VAL E 329 -90.85 -20.45 -15.43
CA VAL E 329 -91.47 -20.51 -14.12
C VAL E 329 -91.74 -21.97 -13.76
N GLU E 330 -92.32 -22.70 -14.72
CA GLU E 330 -92.65 -24.13 -14.54
C GLU E 330 -91.44 -25.00 -14.18
N SER E 331 -90.26 -24.66 -14.70
CA SER E 331 -89.08 -25.48 -14.46
C SER E 331 -88.20 -25.00 -13.30
N LEU E 332 -88.66 -24.02 -12.52
CA LEU E 332 -87.90 -23.60 -11.34
C LEU E 332 -87.69 -24.78 -10.41
N ARG E 333 -86.48 -24.94 -9.88
CA ARG E 333 -86.25 -25.99 -8.90
C ARG E 333 -86.43 -25.48 -7.48
N ILE E 334 -87.32 -26.14 -6.74
CA ILE E 334 -87.75 -25.67 -5.43
C ILE E 334 -87.24 -26.67 -4.38
N GLY E 335 -86.50 -26.18 -3.38
CA GLY E 335 -85.98 -27.07 -2.37
C GLY E 335 -85.41 -26.36 -1.16
N PRO E 336 -85.01 -27.15 -0.14
CA PRO E 336 -84.35 -26.65 1.08
C PRO E 336 -82.95 -26.18 0.73
N TYR E 337 -82.33 -25.41 1.64
CA TYR E 337 -80.98 -24.83 1.42
C TYR E 337 -79.90 -25.90 1.31
N THR E 338 -80.17 -27.11 1.81
CA THR E 338 -79.24 -28.24 1.67
C THR E 338 -79.18 -28.79 0.22
N ASP E 339 -80.16 -28.42 -0.60
CA ASP E 339 -80.18 -28.75 -2.03
C ASP E 339 -79.67 -27.53 -2.81
N GLU E 340 -78.37 -27.52 -3.09
CA GLU E 340 -77.76 -26.34 -3.68
C GLU E 340 -78.02 -26.19 -5.18
N LYS E 341 -78.74 -27.14 -5.73
CA LYS E 341 -79.30 -27.06 -7.04
C LYS E 341 -80.47 -26.12 -7.20
N ALA E 342 -81.24 -25.97 -6.15
CA ALA E 342 -82.53 -25.28 -6.16
C ALA E 342 -82.39 -23.81 -6.52
N ASP E 343 -83.42 -23.29 -7.18
CA ASP E 343 -83.56 -21.87 -7.46
C ASP E 343 -84.24 -21.14 -6.30
N MSE E 344 -85.02 -21.86 -5.49
CA MSE E 344 -85.92 -21.20 -4.57
C MSE E 344 -86.22 -22.08 -3.39
O MSE E 344 -86.39 -23.30 -3.54
CB MSE E 344 -87.21 -20.98 -5.38
CG MSE E 344 -88.08 -19.84 -4.88
SE MSE E 344 -89.63 -19.66 -6.10
CE MSE E 344 -90.88 -20.76 -5.05
N GLY E 345 -86.28 -21.46 -2.22
CA GLY E 345 -86.62 -22.18 -1.00
C GLY E 345 -88.05 -21.93 -0.57
N PRO E 346 -88.38 -22.29 0.68
CA PRO E 346 -89.69 -22.00 1.26
C PRO E 346 -89.81 -20.52 1.63
N VAL E 347 -91.01 -20.05 1.89
CA VAL E 347 -91.19 -18.75 2.52
C VAL E 347 -90.92 -18.85 4.04
N VAL E 348 -90.73 -17.70 4.68
CA VAL E 348 -90.14 -17.66 6.02
C VAL E 348 -91.01 -18.29 7.13
N THR E 349 -92.33 -18.06 7.07
CA THR E 349 -93.25 -18.53 8.10
C THR E 349 -94.51 -19.11 7.49
N LYS E 350 -95.18 -19.91 8.31
CA LYS E 350 -96.49 -20.42 7.98
C LYS E 350 -97.47 -19.27 7.74
N GLU E 351 -97.39 -18.21 8.56
CA GLU E 351 -98.26 -17.04 8.44
C GLU E 351 -98.06 -16.37 7.07
N ALA E 352 -96.81 -16.26 6.63
CA ALA E 352 -96.51 -15.63 5.35
C ALA E 352 -97.09 -16.48 4.23
N GLU E 353 -96.94 -17.80 4.35
CA GLU E 353 -97.44 -18.72 3.34
C GLU E 353 -98.96 -18.62 3.17
N GLN E 354 -99.69 -18.63 4.30
CA GLN E 354 -101.15 -18.48 4.29
C GLN E 354 -101.59 -17.18 3.62
N ARG E 355 -100.86 -16.10 3.92
CA ARG E 355 -101.18 -14.79 3.37
C ARG E 355 -100.96 -14.79 1.86
N ILE E 356 -99.82 -15.31 1.42
CA ILE E 356 -99.55 -15.48 -0.01
C ILE E 356 -100.66 -16.28 -0.73
N ARG E 357 -100.98 -17.46 -0.19
CA ARG E 357 -101.98 -18.35 -0.82
C ARG E 357 -103.36 -17.70 -0.94
N SER E 358 -103.69 -16.89 0.04
CA SER E 358 -104.96 -16.21 0.14
C SER E 358 -105.00 -15.02 -0.85
N LEU E 359 -103.86 -14.38 -1.09
CA LEU E 359 -103.75 -13.42 -2.18
C LEU E 359 -103.84 -14.04 -3.60
N ILE E 360 -103.29 -15.24 -3.77
CA ILE E 360 -103.37 -15.95 -5.05
C ILE E 360 -104.85 -16.26 -5.39
N ASP E 361 -105.59 -16.80 -4.42
CA ASP E 361 -107.01 -17.07 -4.61
C ASP E 361 -107.80 -15.80 -4.93
N SER E 362 -107.48 -14.69 -4.27
CA SER E 362 -108.13 -13.42 -4.58
C SER E 362 -107.93 -13.01 -6.05
N GLY E 363 -106.73 -13.24 -6.58
CA GLY E 363 -106.41 -13.04 -7.99
C GLY E 363 -107.30 -13.86 -8.92
N ILE E 364 -107.44 -15.15 -8.64
CA ILE E 364 -108.33 -16.02 -9.40
C ILE E 364 -109.77 -15.49 -9.34
N GLU E 365 -110.24 -15.21 -8.13
CA GLU E 365 -111.62 -14.75 -7.93
C GLU E 365 -111.92 -13.44 -8.63
N GLN E 366 -110.94 -12.54 -8.71
CA GLN E 366 -111.14 -11.22 -9.27
C GLN E 366 -110.97 -11.14 -10.80
N GLY E 367 -110.62 -12.25 -11.43
CA GLY E 367 -110.62 -12.33 -12.89
C GLY E 367 -109.29 -12.52 -13.59
N ALA E 368 -108.19 -12.60 -12.83
CA ALA E 368 -106.88 -12.71 -13.46
C ALA E 368 -106.69 -14.16 -13.93
N LYS E 369 -105.86 -14.35 -14.95
CA LYS E 369 -105.66 -15.66 -15.52
C LYS E 369 -104.39 -16.27 -14.94
N LEU E 370 -104.52 -17.35 -14.18
CA LEU E 370 -103.35 -18.01 -13.59
C LEU E 370 -102.71 -18.97 -14.61
N VAL E 371 -101.79 -18.45 -15.42
CA VAL E 371 -101.16 -19.22 -16.49
C VAL E 371 -100.08 -20.19 -15.98
N VAL E 372 -99.49 -19.87 -14.83
CA VAL E 372 -98.69 -20.87 -14.10
C VAL E 372 -99.22 -20.94 -12.68
N ASP E 373 -99.71 -22.14 -12.33
CA ASP E 373 -100.37 -22.39 -11.05
C ASP E 373 -99.45 -23.20 -10.10
N GLY E 374 -98.85 -22.52 -9.13
CA GLY E 374 -97.94 -23.20 -8.19
C GLY E 374 -98.57 -23.69 -6.89
N ARG E 375 -99.89 -23.58 -6.76
CA ARG E 375 -100.58 -23.90 -5.51
C ARG E 375 -100.47 -25.36 -5.06
N ASP E 376 -100.37 -26.28 -6.01
CA ASP E 376 -100.30 -27.73 -5.74
C ASP E 376 -98.96 -28.22 -5.23
N PHE E 377 -97.91 -27.44 -5.43
CA PHE E 377 -96.56 -27.89 -5.16
C PHE E 377 -96.40 -28.43 -3.74
N LYS E 378 -95.79 -29.62 -3.67
CA LYS E 378 -95.43 -30.31 -2.43
C LYS E 378 -94.08 -30.95 -2.65
N LEU E 379 -93.20 -30.82 -1.65
CA LEU E 379 -91.86 -31.38 -1.73
C LEU E 379 -91.80 -32.58 -0.83
N GLN E 380 -91.51 -33.73 -1.41
CA GLN E 380 -91.53 -34.97 -0.65
C GLN E 380 -90.47 -35.00 0.44
N GLY E 381 -90.90 -35.33 1.64
CA GLY E 381 -90.01 -35.29 2.80
C GLY E 381 -90.05 -33.94 3.49
N TYR E 382 -90.65 -32.95 2.84
CA TYR E 382 -90.73 -31.60 3.41
C TYR E 382 -92.14 -31.07 3.40
N GLU E 383 -93.11 -31.97 3.60
CA GLU E 383 -94.52 -31.64 3.42
C GLU E 383 -95.00 -30.58 4.40
N ASN E 384 -94.24 -30.37 5.47
CA ASN E 384 -94.61 -29.36 6.47
C ASN E 384 -93.84 -28.04 6.30
N GLY E 385 -92.86 -28.02 5.41
CA GLY E 385 -92.10 -26.79 5.11
C GLY E 385 -92.98 -25.81 4.37
N HIS E 386 -92.63 -24.52 4.42
CA HIS E 386 -93.52 -23.48 3.86
C HIS E 386 -93.29 -23.24 2.36
N PHE E 387 -93.46 -24.31 1.57
CA PHE E 387 -93.20 -24.24 0.14
C PHE E 387 -94.45 -23.87 -0.65
N ILE E 388 -94.26 -22.97 -1.62
CA ILE E 388 -95.29 -22.58 -2.59
C ILE E 388 -94.61 -22.58 -3.95
N GLY E 389 -95.22 -23.24 -4.94
CA GLY E 389 -94.70 -23.22 -6.31
C GLY E 389 -94.80 -21.80 -6.89
N GLY E 390 -94.00 -21.52 -7.91
CA GLY E 390 -94.06 -20.23 -8.59
C GLY E 390 -95.41 -20.00 -9.25
N CYS E 391 -95.90 -18.77 -9.15
CA CYS E 391 -97.18 -18.40 -9.76
C CYS E 391 -97.00 -17.28 -10.77
N LEU E 392 -97.75 -17.35 -11.87
CA LEU E 392 -97.75 -16.30 -12.89
C LEU E 392 -99.16 -15.96 -13.34
N PHE E 393 -99.60 -14.74 -13.04
CA PHE E 393 -100.90 -14.23 -13.46
C PHE E 393 -100.75 -13.35 -14.72
N ASP E 394 -101.66 -13.53 -15.66
CA ASP E 394 -101.80 -12.66 -16.82
C ASP E 394 -103.13 -11.90 -16.68
N ASP E 395 -103.34 -10.88 -17.53
CA ASP E 395 -104.56 -10.05 -17.54
C ASP E 395 -104.87 -9.42 -16.18
N VAL E 396 -103.82 -9.00 -15.49
CA VAL E 396 -104.00 -8.33 -14.20
C VAL E 396 -104.38 -6.87 -14.42
N THR E 397 -105.37 -6.39 -13.66
CA THR E 397 -105.83 -5.00 -13.76
C THR E 397 -105.53 -4.26 -12.45
N PRO E 398 -105.44 -2.91 -12.50
CA PRO E 398 -105.02 -2.14 -11.32
C PRO E 398 -105.98 -2.14 -10.13
N ASP E 399 -107.22 -2.59 -10.31
CA ASP E 399 -108.17 -2.66 -9.18
C ASP E 399 -108.12 -3.98 -8.39
N MSE E 400 -107.28 -4.92 -8.82
CA MSE E 400 -107.17 -6.21 -8.16
C MSE E 400 -106.24 -6.14 -6.97
O MSE E 400 -105.25 -5.41 -6.98
CB MSE E 400 -106.61 -7.26 -9.12
CG MSE E 400 -107.53 -7.46 -10.31
SE MSE E 400 -106.83 -8.98 -11.36
CE MSE E 400 -108.06 -8.79 -12.90
N ASP E 401 -106.56 -6.93 -5.94
CA ASP E 401 -105.73 -7.04 -4.74
C ASP E 401 -104.29 -7.47 -5.00
N ILE E 402 -104.08 -8.39 -5.95
CA ILE E 402 -102.73 -8.85 -6.31
C ILE E 402 -101.87 -7.75 -6.98
N TYR E 403 -102.53 -6.74 -7.52
CA TYR E 403 -101.84 -5.57 -8.05
C TYR E 403 -101.54 -4.53 -6.95
N LYS E 404 -102.48 -4.31 -6.03
CA LYS E 404 -102.36 -3.25 -5.00
C LYS E 404 -101.49 -3.63 -3.80
N THR E 405 -101.50 -4.91 -3.44
CA THR E 405 -100.89 -5.41 -2.23
C THR E 405 -99.55 -6.04 -2.56
N GLU E 406 -98.55 -5.74 -1.74
CA GLU E 406 -97.26 -6.37 -1.84
C GLU E 406 -97.43 -7.80 -1.35
N ILE E 407 -97.24 -8.77 -2.23
CA ILE E 407 -97.45 -10.19 -1.86
C ILE E 407 -96.26 -10.79 -1.09
N PHE E 408 -95.05 -10.38 -1.38
CA PHE E 408 -93.85 -10.88 -0.75
C PHE E 408 -93.73 -12.41 -0.87
N GLY E 409 -94.02 -12.90 -2.07
CA GLY E 409 -94.01 -14.33 -2.35
C GLY E 409 -93.74 -14.54 -3.84
N PRO E 410 -93.68 -15.81 -4.27
CA PRO E 410 -93.27 -16.16 -5.63
C PRO E 410 -94.45 -16.02 -6.62
N VAL E 411 -94.96 -14.79 -6.73
CA VAL E 411 -96.18 -14.50 -7.49
C VAL E 411 -96.00 -13.26 -8.38
N LEU E 412 -95.86 -13.48 -9.68
CA LEU E 412 -95.70 -12.38 -10.65
C LEU E 412 -96.99 -12.05 -11.39
N SER E 413 -97.27 -10.76 -11.58
CA SER E 413 -98.45 -10.29 -12.28
C SER E 413 -98.08 -9.60 -13.58
N VAL E 414 -98.78 -9.97 -14.66
CA VAL E 414 -98.62 -9.31 -15.95
C VAL E 414 -99.83 -8.39 -16.19
N VAL E 415 -99.54 -7.10 -16.30
CA VAL E 415 -100.54 -6.09 -16.67
C VAL E 415 -100.20 -5.62 -18.07
N ARG E 416 -101.13 -5.79 -19.00
CA ARG E 416 -100.88 -5.46 -20.41
C ARG E 416 -101.15 -3.97 -20.65
N ALA E 417 -100.14 -3.27 -21.13
CA ALA E 417 -100.24 -1.85 -21.45
C ALA E 417 -100.27 -1.68 -22.95
N ARG E 418 -101.05 -0.70 -23.39
CA ARG E 418 -101.26 -0.41 -24.80
C ARG E 418 -100.05 0.32 -25.41
N ASN E 419 -99.56 1.33 -24.70
CA ASN E 419 -98.46 2.15 -25.16
C ASN E 419 -97.66 2.71 -23.99
N TYR E 420 -96.62 3.47 -24.33
CA TYR E 420 -95.68 4.03 -23.39
C TYR E 420 -96.38 4.82 -22.28
N GLU E 421 -97.26 5.75 -22.64
CA GLU E 421 -97.89 6.60 -21.63
C GLU E 421 -98.73 5.78 -20.65
N GLU E 422 -99.46 4.78 -21.16
CA GLU E 422 -100.19 3.88 -20.28
C GLU E 422 -99.23 3.09 -19.36
N ALA E 423 -98.10 2.64 -19.89
CA ALA E 423 -97.16 1.83 -19.10
C ALA E 423 -96.52 2.65 -17.99
N LEU E 424 -96.10 3.87 -18.32
CA LEU E 424 -95.55 4.80 -17.31
C LEU E 424 -96.53 5.11 -16.17
N SER E 425 -97.81 5.23 -16.51
CA SER E 425 -98.81 5.66 -15.52
C SER E 425 -99.01 4.65 -14.41
N LEU E 426 -98.79 3.36 -14.71
CA LEU E 426 -98.98 2.29 -13.73
C LEU E 426 -98.08 2.40 -12.48
N PRO E 427 -96.75 2.36 -12.64
CA PRO E 427 -95.93 2.64 -11.46
C PRO E 427 -96.09 4.06 -10.89
N MSE E 428 -96.42 5.04 -11.74
CA MSE E 428 -96.62 6.44 -11.31
C MSE E 428 -97.77 6.55 -10.32
O MSE E 428 -97.66 7.20 -9.27
CB MSE E 428 -96.84 7.34 -12.54
CG MSE E 428 -96.94 8.84 -12.19
SE MSE E 428 -95.13 9.65 -12.18
CE MSE E 428 -94.83 9.61 -14.13
N LYS E 429 -98.88 5.88 -10.63
CA LYS E 429 -100.08 5.93 -9.80
C LYS E 429 -100.01 4.99 -8.60
N HIS E 430 -99.07 4.05 -8.58
CA HIS E 430 -98.95 3.16 -7.43
C HIS E 430 -98.56 3.86 -6.14
N GLU E 431 -99.17 3.40 -5.05
CA GLU E 431 -98.86 3.84 -3.69
C GLU E 431 -97.38 3.60 -3.38
N TYR E 432 -96.82 2.50 -3.88
CA TYR E 432 -95.41 2.21 -3.66
C TYR E 432 -94.49 2.78 -4.73
N GLY E 433 -93.31 3.20 -4.30
CA GLY E 433 -92.31 3.79 -5.20
C GLY E 433 -90.88 3.46 -4.86
N ASN E 434 -90.63 2.18 -4.60
CA ASN E 434 -89.28 1.71 -4.26
C ASN E 434 -88.38 1.64 -5.51
N GLY E 435 -88.62 0.65 -6.35
CA GLY E 435 -87.86 0.49 -7.58
C GLY E 435 -88.78 0.34 -8.78
N VAL E 436 -88.20 0.48 -9.97
CA VAL E 436 -88.91 0.35 -11.22
C VAL E 436 -87.89 0.14 -12.34
N ALA E 437 -88.28 -0.55 -13.40
CA ALA E 437 -87.37 -0.85 -14.49
C ALA E 437 -88.04 -0.62 -15.85
N ILE E 438 -87.26 -0.11 -16.80
CA ILE E 438 -87.71 0.00 -18.17
C ILE E 438 -86.74 -0.70 -19.12
N TYR E 439 -87.24 -1.66 -19.87
CA TYR E 439 -86.42 -2.36 -20.85
C TYR E 439 -86.78 -1.82 -22.24
N THR E 440 -85.78 -1.29 -22.94
CA THR E 440 -85.94 -0.69 -24.26
C THR E 440 -84.57 -0.50 -24.90
N ARG E 441 -84.52 -0.37 -26.23
CA ARG E 441 -83.28 0.06 -26.91
C ARG E 441 -83.22 1.58 -27.14
N ASP E 442 -84.35 2.25 -26.92
CA ASP E 442 -84.53 3.64 -27.33
C ASP E 442 -84.15 4.65 -26.24
N GLY E 443 -83.15 5.48 -26.54
CA GLY E 443 -82.63 6.46 -25.59
C GLY E 443 -83.66 7.44 -25.05
N ASP E 444 -84.51 7.92 -25.96
CA ASP E 444 -85.58 8.86 -25.62
C ASP E 444 -86.54 8.27 -24.58
N ALA E 445 -87.08 7.09 -24.89
CA ALA E 445 -87.99 6.41 -23.97
C ALA E 445 -87.35 6.16 -22.59
N ALA E 446 -86.11 5.67 -22.57
CA ALA E 446 -85.43 5.40 -21.28
C ALA E 446 -85.25 6.69 -20.45
N ARG E 447 -84.77 7.75 -21.10
CA ARG E 447 -84.44 9.01 -20.44
C ARG E 447 -85.70 9.67 -19.88
N ASP E 448 -86.75 9.68 -20.70
CA ASP E 448 -88.02 10.30 -20.38
C ASP E 448 -88.67 9.56 -19.23
N PHE E 449 -88.62 8.23 -19.29
CA PHE E 449 -89.15 7.38 -18.24
C PHE E 449 -88.46 7.63 -16.90
N ALA E 450 -87.14 7.51 -16.90
CA ALA E 450 -86.36 7.61 -15.68
C ALA E 450 -86.52 9.01 -15.08
N SER E 451 -86.64 10.02 -15.96
CA SER E 451 -86.78 11.40 -15.48
C SER E 451 -88.12 11.66 -14.78
N ARG E 452 -89.19 11.18 -15.39
CA ARG E 452 -90.53 11.47 -14.90
C ARG E 452 -91.02 10.62 -13.73
N ILE E 453 -90.62 9.35 -13.68
CA ILE E 453 -91.23 8.40 -12.73
C ILE E 453 -91.04 8.86 -11.28
N ASN E 454 -92.10 8.74 -10.46
CA ASN E 454 -92.03 9.19 -9.06
C ASN E 454 -91.51 8.10 -8.13
N ILE E 455 -90.41 7.47 -8.56
CA ILE E 455 -89.88 6.33 -7.87
C ILE E 455 -88.39 6.52 -7.64
N GLY E 456 -87.90 6.09 -6.47
CA GLY E 456 -86.51 6.38 -6.07
C GLY E 456 -85.38 5.68 -6.83
N MSE E 457 -85.62 4.44 -7.26
CA MSE E 457 -84.54 3.60 -7.81
C MSE E 457 -85.01 3.08 -9.13
O MSE E 457 -86.03 2.41 -9.22
CB MSE E 457 -84.23 2.49 -6.81
CG MSE E 457 -83.57 3.17 -5.62
SE MSE E 457 -83.23 1.91 -4.14
CE MSE E 457 -85.08 1.86 -3.43
N VAL E 458 -84.25 3.40 -10.17
CA VAL E 458 -84.71 3.19 -11.55
C VAL E 458 -83.67 2.37 -12.33
N GLY E 459 -84.13 1.33 -13.02
CA GLY E 459 -83.30 0.48 -13.84
C GLY E 459 -83.59 0.71 -15.32
N VAL E 460 -82.53 0.94 -16.10
CA VAL E 460 -82.64 0.92 -17.56
C VAL E 460 -81.96 -0.35 -18.04
N ASN E 461 -82.77 -1.32 -18.46
CA ASN E 461 -82.32 -2.68 -18.81
C ASN E 461 -81.62 -3.37 -17.64
N VAL E 462 -82.04 -2.99 -16.44
CA VAL E 462 -81.54 -3.57 -15.21
C VAL E 462 -82.78 -3.92 -14.39
N PRO E 463 -82.92 -5.21 -13.99
CA PRO E 463 -84.16 -5.62 -13.34
C PRO E 463 -84.27 -5.17 -11.88
N ILE E 464 -83.15 -5.15 -11.14
CA ILE E 464 -83.16 -4.84 -9.72
C ILE E 464 -82.16 -3.71 -9.49
N PRO E 465 -82.60 -2.46 -9.68
CA PRO E 465 -81.70 -1.30 -9.66
C PRO E 465 -81.38 -0.85 -8.21
N VAL E 466 -80.88 -1.79 -7.40
CA VAL E 466 -80.40 -1.47 -6.07
CA VAL E 466 -80.39 -1.47 -6.06
C VAL E 466 -79.04 -0.78 -6.18
N PRO E 467 -78.94 0.47 -5.67
CA PRO E 467 -77.64 1.12 -5.80
C PRO E 467 -76.60 0.38 -4.96
N LEU E 468 -75.35 0.46 -5.41
CA LEU E 468 -74.21 -0.04 -4.65
C LEU E 468 -73.96 0.78 -3.40
N ALA E 469 -73.18 0.19 -2.49
CA ALA E 469 -72.99 0.74 -1.14
C ALA E 469 -72.46 2.17 -1.12
N TYR E 470 -71.69 2.53 -2.15
CA TYR E 470 -71.14 3.87 -2.28
C TYR E 470 -72.09 4.90 -2.92
N HIS E 471 -73.21 4.44 -3.47
CA HIS E 471 -74.37 5.31 -3.73
C HIS E 471 -75.36 5.10 -2.59
N SER E 472 -76.62 5.50 -2.75
CA SER E 472 -77.57 5.41 -1.66
C SER E 472 -78.88 4.77 -2.02
N PHE E 473 -79.54 4.21 -1.02
CA PHE E 473 -80.73 3.42 -1.22
C PHE E 473 -81.92 4.14 -0.60
N GLY E 474 -83.02 4.22 -1.35
CA GLY E 474 -84.29 4.66 -0.75
C GLY E 474 -85.39 4.84 -1.76
N GLY E 475 -86.60 4.43 -1.41
CA GLY E 475 -87.75 4.59 -2.31
C GLY E 475 -88.42 5.95 -2.11
N TRP E 476 -89.50 6.17 -2.85
CA TRP E 476 -90.29 7.43 -2.73
C TRP E 476 -91.72 7.03 -2.32
N LYS E 477 -92.62 8.03 -2.27
CA LYS E 477 -94.02 7.80 -1.90
C LYS E 477 -94.14 7.00 -0.58
N SER E 478 -94.95 5.94 -0.56
CA SER E 478 -95.14 5.11 0.65
C SER E 478 -93.96 4.20 1.04
N SER E 479 -92.92 4.18 0.22
CA SER E 479 -91.75 3.30 0.43
C SER E 479 -90.65 3.84 1.34
N SER E 480 -90.75 5.12 1.73
CA SER E 480 -89.79 5.69 2.68
C SER E 480 -90.32 6.91 3.42
N PHE E 481 -89.67 7.21 4.53
CA PHE E 481 -90.04 8.31 5.39
C PHE E 481 -88.73 8.93 5.83
N GLY E 482 -88.70 10.26 5.96
CA GLY E 482 -87.50 10.97 6.39
C GLY E 482 -86.87 11.63 5.19
N ASP E 483 -85.63 12.12 5.33
CA ASP E 483 -85.02 12.88 4.24
C ASP E 483 -83.63 12.40 3.87
N LEU E 484 -83.20 11.30 4.47
CA LEU E 484 -81.89 10.72 4.14
C LEU E 484 -82.01 9.23 3.85
N ASN E 485 -81.32 8.79 2.81
CA ASN E 485 -81.32 7.41 2.36
C ASN E 485 -80.39 6.49 3.19
N GLN E 486 -80.36 5.21 2.83
CA GLN E 486 -79.43 4.23 3.41
C GLN E 486 -78.09 4.23 2.70
N HIS E 487 -77.04 3.94 3.44
CA HIS E 487 -75.63 4.03 3.00
C HIS E 487 -75.25 5.29 2.21
N GLY E 488 -74.18 5.22 1.44
CA GLY E 488 -73.71 6.39 0.69
C GLY E 488 -73.37 7.56 1.60
N THR E 489 -73.19 8.72 0.99
CA THR E 489 -72.92 9.93 1.75
C THR E 489 -74.12 10.29 2.66
N ASP E 490 -75.34 10.00 2.22
CA ASP E 490 -76.55 10.18 3.07
C ASP E 490 -76.41 9.56 4.48
N SER E 491 -75.84 8.36 4.56
CA SER E 491 -75.74 7.68 5.86
C SER E 491 -74.81 8.41 6.82
N ILE E 492 -73.68 8.89 6.32
CA ILE E 492 -72.74 9.69 7.11
C ILE E 492 -73.43 10.95 7.67
N LYS E 493 -74.29 11.54 6.84
CA LYS E 493 -75.09 12.67 7.22
C LYS E 493 -76.09 12.27 8.33
N PHE E 494 -76.73 11.11 8.17
CA PHE E 494 -77.74 10.69 9.15
C PHE E 494 -77.15 10.43 10.54
N TRP E 495 -75.93 9.90 10.56
CA TRP E 495 -75.27 9.45 11.79
C TRP E 495 -74.31 10.47 12.41
N THR E 496 -74.32 11.70 11.89
CA THR E 496 -73.50 12.76 12.49
C THR E 496 -74.34 14.01 12.73
N ARG E 497 -73.89 14.85 13.64
CA ARG E 497 -74.52 16.14 13.82
C ARG E 497 -73.51 17.23 13.51
N THR E 498 -73.99 18.29 12.88
CA THR E 498 -73.16 19.39 12.49
C THR E 498 -72.94 20.38 13.62
N LYS E 499 -71.67 20.63 13.94
CA LYS E 499 -71.31 21.75 14.79
C LYS E 499 -70.59 22.77 13.91
N THR E 500 -70.97 24.05 14.01
CA THR E 500 -70.25 25.11 13.31
C THR E 500 -69.58 26.08 14.29
N ILE E 501 -68.30 26.35 14.04
CA ILE E 501 -67.54 27.22 14.87
C ILE E 501 -67.19 28.49 14.09
N THR E 502 -67.42 29.64 14.73
CA THR E 502 -66.99 30.91 14.19
C THR E 502 -65.93 31.46 15.15
N SER E 503 -64.78 31.85 14.59
CA SER E 503 -63.61 32.05 15.38
C SER E 503 -62.80 33.30 15.04
N ARG E 504 -62.44 34.02 16.09
CA ARG E 504 -61.49 35.15 15.98
C ARG E 504 -60.69 35.30 17.27
N TRP E 505 -59.68 36.16 17.25
CA TRP E 505 -58.85 36.35 18.43
C TRP E 505 -58.59 37.82 18.65
N PRO E 506 -58.48 38.25 19.92
CA PRO E 506 -58.06 39.62 20.18
C PRO E 506 -56.56 39.77 19.97
N SER E 507 -56.12 40.99 19.69
CA SER E 507 -54.70 41.28 19.60
C SER E 507 -54.02 40.94 20.93
N GLY E 508 -52.87 40.27 20.88
CA GLY E 508 -52.08 39.96 22.07
C GLY E 508 -50.58 39.98 21.83
N ILE E 509 -49.89 38.94 22.30
CA ILE E 509 -48.42 38.85 22.28
C ILE E 509 -47.76 38.96 20.90
N LYS E 510 -48.50 38.65 19.83
CA LYS E 510 -47.95 38.82 18.48
C LYS E 510 -47.66 40.29 18.19
N ASP E 511 -48.44 41.18 18.82
CA ASP E 511 -48.25 42.63 18.66
C ASP E 511 -47.49 43.21 19.84
N GLY E 512 -46.63 42.39 20.46
CA GLY E 512 -45.85 42.79 21.64
C GLY E 512 -44.75 43.79 21.29
N MSE F 24 -106.41 51.96 10.16
CA MSE F 24 -106.37 50.47 10.19
C MSE F 24 -106.14 49.91 8.82
O MSE F 24 -106.81 50.30 7.86
CB MSE F 24 -107.68 49.85 10.70
CG MSE F 24 -108.11 50.34 12.08
SE MSE F 24 -106.75 49.91 13.45
CE MSE F 24 -105.88 51.68 13.58
N TYR F 25 -105.16 49.02 8.71
CA TYR F 25 -105.00 48.21 7.50
C TYR F 25 -105.41 46.75 7.72
N GLU F 26 -105.80 46.07 6.65
CA GLU F 26 -106.20 44.66 6.73
C GLU F 26 -105.37 43.77 5.79
N LEU F 27 -104.56 42.88 6.37
CA LEU F 27 -103.82 41.90 5.57
C LEU F 27 -104.65 40.64 5.35
N GLY F 28 -104.60 40.10 4.14
CA GLY F 28 -105.22 38.81 3.84
C GLY F 28 -104.12 37.80 3.59
N HIS F 29 -104.18 37.12 2.44
CA HIS F 29 -103.16 36.16 2.05
C HIS F 29 -102.51 36.59 0.73
N PHE F 30 -101.52 35.81 0.26
CA PHE F 30 -100.95 36.03 -1.07
C PHE F 30 -100.96 34.70 -1.82
N ILE F 31 -101.91 34.56 -2.74
CA ILE F 31 -102.14 33.31 -3.44
C ILE F 31 -102.21 33.62 -4.93
N ASP F 32 -101.49 32.85 -5.69
CA ASP F 32 -101.43 32.97 -7.11
C ASP F 32 -101.07 34.33 -7.66
N GLY F 33 -100.07 34.95 -7.07
CA GLY F 33 -99.54 36.19 -7.62
C GLY F 33 -100.23 37.46 -7.17
N LYS F 34 -101.18 37.35 -6.25
CA LYS F 34 -101.84 38.54 -5.73
C LYS F 34 -102.39 38.41 -4.30
N ARG F 35 -102.61 39.58 -3.69
CA ARG F 35 -103.18 39.68 -2.36
C ARG F 35 -104.66 39.31 -2.46
N VAL F 36 -105.08 38.35 -1.66
CA VAL F 36 -106.50 37.95 -1.62
C VAL F 36 -107.00 38.05 -0.19
N ALA F 37 -108.29 38.33 -0.04
CA ALA F 37 -108.95 38.32 1.28
C ALA F 37 -109.13 36.88 1.73
N GLY F 38 -109.25 36.66 3.03
CA GLY F 38 -109.58 35.29 3.48
C GLY F 38 -111.04 34.96 3.24
N THR F 39 -111.39 33.67 3.19
CA THR F 39 -112.82 33.29 3.18
C THR F 39 -113.36 33.01 4.59
N SER F 40 -112.48 32.95 5.58
CA SER F 40 -112.86 32.55 6.93
C SER F 40 -113.60 33.66 7.67
N GLY F 41 -113.42 34.90 7.22
CA GLY F 41 -113.95 36.06 7.92
C GLY F 41 -113.29 36.35 9.26
N ARG F 42 -112.43 35.44 9.72
CA ARG F 42 -111.76 35.57 11.03
C ARG F 42 -110.42 36.32 10.93
N VAL F 43 -110.15 37.16 11.92
CA VAL F 43 -108.95 37.99 11.94
C VAL F 43 -108.27 38.01 13.32
N SER F 44 -107.02 38.47 13.32
CA SER F 44 -106.26 38.69 14.54
C SER F 44 -105.72 40.12 14.51
N ASN F 45 -105.46 40.71 15.68
CA ASN F 45 -105.00 42.10 15.74
C ASN F 45 -103.50 42.20 15.52
N ILE F 46 -103.08 43.20 14.76
CA ILE F 46 -101.67 43.59 14.67
C ILE F 46 -101.49 44.83 15.53
N PHE F 47 -100.56 44.76 16.47
CA PHE F 47 -100.28 45.91 17.32
C PHE F 47 -99.07 46.68 16.82
N ASN F 48 -99.01 47.97 17.18
CA ASN F 48 -97.77 48.74 17.22
C ASN F 48 -97.24 48.67 18.65
N PRO F 49 -96.17 47.88 18.86
CA PRO F 49 -95.68 47.63 20.22
C PRO F 49 -95.11 48.86 20.94
N ALA F 50 -94.71 49.89 20.19
CA ALA F 50 -94.20 51.12 20.80
C ALA F 50 -95.33 51.91 21.51
N THR F 51 -96.56 51.80 21.00
CA THR F 51 -97.69 52.55 21.55
C THR F 51 -98.68 51.62 22.26
N GLY F 52 -98.66 50.35 21.92
CA GLY F 52 -99.57 49.39 22.53
C GLY F 52 -100.94 49.29 21.89
N GLU F 53 -101.19 50.07 20.84
CA GLU F 53 -102.47 49.99 20.16
C GLU F 53 -102.51 49.19 18.84
N VAL F 54 -103.73 48.77 18.50
CA VAL F 54 -104.00 48.02 17.28
C VAL F 54 -103.79 48.96 16.08
N GLN F 55 -102.98 48.52 15.11
CA GLN F 55 -102.75 49.28 13.88
C GLN F 55 -103.32 48.57 12.64
N GLY F 56 -103.74 47.33 12.82
CA GLY F 56 -104.35 46.58 11.73
C GLY F 56 -104.81 45.19 12.10
N THR F 57 -105.31 44.46 11.11
CA THR F 57 -105.70 43.07 11.29
C THR F 57 -105.05 42.19 10.22
N VAL F 58 -104.98 40.90 10.53
CA VAL F 58 -104.51 39.86 9.62
C VAL F 58 -105.54 38.73 9.58
N ALA F 59 -105.91 38.31 8.37
CA ALA F 59 -106.81 37.18 8.17
C ALA F 59 -106.24 35.88 8.73
N LEU F 60 -107.11 35.06 9.32
CA LEU F 60 -106.72 33.77 9.86
C LEU F 60 -107.28 32.68 8.94
N ALA F 61 -106.39 32.00 8.22
CA ALA F 61 -106.79 31.03 7.20
C ALA F 61 -107.64 29.89 7.73
N SER F 62 -108.69 29.59 6.99
CA SER F 62 -109.48 28.36 7.15
C SER F 62 -108.78 27.21 6.42
N ASP F 63 -109.30 26.01 6.56
CA ASP F 63 -108.78 24.86 5.82
C ASP F 63 -108.97 25.05 4.30
N ALA F 64 -110.07 25.70 3.91
CA ALA F 64 -110.33 25.99 2.50
C ALA F 64 -109.32 26.97 1.90
N ASP F 65 -108.98 28.04 2.62
CA ASP F 65 -107.94 28.96 2.16
C ASP F 65 -106.60 28.25 1.95
N LEU F 66 -106.21 27.38 2.86
CA LEU F 66 -104.98 26.62 2.75
C LEU F 66 -104.99 25.69 1.55
N ALA F 67 -106.08 24.96 1.35
CA ALA F 67 -106.31 24.14 0.14
C ALA F 67 -106.20 24.95 -1.15
N ALA F 68 -106.73 26.18 -1.13
CA ALA F 68 -106.61 27.07 -2.29
C ALA F 68 -105.14 27.35 -2.62
N ALA F 69 -104.34 27.67 -1.60
CA ALA F 69 -102.90 27.89 -1.79
C ALA F 69 -102.17 26.62 -2.29
N VAL F 70 -102.59 25.45 -1.79
CA VAL F 70 -101.98 24.19 -2.21
C VAL F 70 -102.36 23.81 -3.65
N GLU F 71 -103.63 23.98 -3.99
CA GLU F 71 -104.09 23.79 -5.38
C GLU F 71 -103.34 24.68 -6.37
N SER F 72 -103.13 25.94 -5.99
CA SER F 72 -102.35 26.89 -6.78
C SER F 72 -100.87 26.48 -6.89
N ALA F 73 -100.27 26.06 -5.76
CA ALA F 73 -98.89 25.57 -5.77
C ALA F 73 -98.75 24.39 -6.72
N LYS F 74 -99.76 23.51 -6.69
CA LYS F 74 -99.79 22.27 -7.47
C LYS F 74 -99.87 22.54 -8.96
N ALA F 75 -100.69 23.51 -9.36
CA ALA F 75 -100.77 23.90 -10.78
C ALA F 75 -99.48 24.55 -11.33
N ALA F 76 -98.74 25.24 -10.46
CA ALA F 76 -97.59 26.04 -10.90
C ALA F 76 -96.21 25.32 -10.84
N GLN F 77 -96.02 24.44 -9.87
CA GLN F 77 -94.73 23.77 -9.62
C GLN F 77 -94.09 23.00 -10.81
N PRO F 78 -94.88 22.20 -11.58
CA PRO F 78 -94.25 21.42 -12.65
C PRO F 78 -93.51 22.29 -13.68
N LYS F 79 -94.15 23.36 -14.14
CA LYS F 79 -93.52 24.27 -15.10
C LYS F 79 -92.30 24.97 -14.49
N TRP F 80 -92.38 25.28 -13.20
CA TRP F 80 -91.24 25.88 -12.49
C TRP F 80 -90.09 24.88 -12.40
N ALA F 81 -90.40 23.64 -12.06
CA ALA F 81 -89.37 22.58 -12.00
C ALA F 81 -88.78 22.33 -13.39
N ALA F 82 -89.59 22.50 -14.43
CA ALA F 82 -89.13 22.27 -15.80
C ALA F 82 -88.21 23.38 -16.31
N THR F 83 -88.13 24.47 -15.56
CA THR F 83 -87.23 25.60 -15.90
C THR F 83 -85.78 25.27 -15.52
N ASN F 84 -84.84 25.47 -16.45
CA ASN F 84 -83.43 25.13 -16.19
C ASN F 84 -82.84 25.88 -14.97
N PRO F 85 -81.87 25.26 -14.26
CA PRO F 85 -81.44 25.87 -12.98
C PRO F 85 -80.88 27.29 -13.07
N GLN F 86 -80.27 27.63 -14.20
CA GLN F 86 -79.72 28.97 -14.41
C GLN F 86 -80.81 30.03 -14.46
N ARG F 87 -81.89 29.74 -15.17
CA ARG F 87 -83.05 30.64 -15.26
C ARG F 87 -83.71 30.81 -13.89
N ARG F 88 -83.80 29.71 -13.11
CA ARG F 88 -84.31 29.80 -11.74
C ARG F 88 -83.44 30.74 -10.92
N ALA F 89 -82.13 30.56 -11.04
CA ALA F 89 -81.15 31.35 -10.30
C ALA F 89 -81.30 32.86 -10.56
N ARG F 90 -81.67 33.21 -11.80
CA ARG F 90 -81.79 34.62 -12.21
C ARG F 90 -82.95 35.33 -11.54
N VAL F 91 -83.98 34.57 -11.18
CA VAL F 91 -85.07 35.11 -10.39
C VAL F 91 -84.52 35.63 -9.06
N PHE F 92 -83.67 34.83 -8.42
CA PHE F 92 -83.08 35.24 -7.15
C PHE F 92 -82.11 36.40 -7.30
N MSE F 93 -81.41 36.46 -8.43
CA MSE F 93 -80.52 37.58 -8.70
CA MSE F 93 -80.51 37.58 -8.71
C MSE F 93 -81.34 38.84 -8.82
O MSE F 93 -80.95 39.90 -8.33
CB MSE F 93 -79.79 37.36 -10.01
CB MSE F 93 -79.66 37.40 -9.97
CG MSE F 93 -78.30 37.54 -9.83
CG MSE F 93 -79.02 36.02 -10.11
SE MSE F 93 -77.47 37.02 -11.53
SE MSE F 93 -77.93 35.96 -11.76
CE MSE F 93 -78.01 35.13 -11.65
CE MSE F 93 -77.05 37.66 -11.24
N LYS F 94 -82.49 38.75 -9.47
CA LYS F 94 -83.36 39.91 -9.63
C LYS F 94 -83.97 40.34 -8.28
N PHE F 95 -84.43 39.36 -7.51
CA PHE F 95 -85.00 39.56 -6.16
C PHE F 95 -84.03 40.26 -5.19
N VAL F 96 -82.76 39.90 -5.25
CA VAL F 96 -81.73 40.48 -4.39
C VAL F 96 -81.65 42.00 -4.63
N GLN F 97 -81.62 42.39 -5.90
CA GLN F 97 -81.65 43.79 -6.31
C GLN F 97 -82.93 44.47 -5.82
N LEU F 98 -84.06 43.77 -5.87
CA LEU F 98 -85.33 44.35 -5.44
C LEU F 98 -85.40 44.55 -3.94
N LEU F 99 -84.76 43.64 -3.19
CA LEU F 99 -84.63 43.80 -1.75
C LEU F 99 -83.82 45.07 -1.45
N ASN F 100 -82.64 45.18 -2.06
CA ASN F 100 -81.84 46.40 -1.99
C ASN F 100 -82.60 47.70 -2.34
N ASP F 101 -83.38 47.68 -3.43
CA ASP F 101 -84.22 48.84 -3.84
C ASP F 101 -85.36 49.17 -2.86
N ASN F 102 -85.86 48.15 -2.17
CA ASN F 102 -86.98 48.33 -1.24
C ASN F 102 -86.57 48.28 0.22
N MSE F 103 -85.26 48.35 0.47
CA MSE F 103 -84.72 48.18 1.83
C MSE F 103 -85.41 49.05 2.88
O MSE F 103 -85.87 48.52 3.90
CB MSE F 103 -83.20 48.31 1.78
CG MSE F 103 -82.57 48.15 3.16
SE MSE F 103 -82.63 46.27 3.79
CE MSE F 103 -81.61 45.40 2.33
N ASN F 104 -85.51 50.35 2.63
CA ASN F 104 -86.12 51.26 3.59
C ASN F 104 -87.60 50.96 3.86
N GLU F 105 -88.35 50.68 2.80
CA GLU F 105 -89.77 50.39 2.90
C GLU F 105 -90.01 49.10 3.73
N LEU F 106 -89.27 48.04 3.40
CA LEU F 106 -89.30 46.78 4.14
C LEU F 106 -88.96 46.94 5.63
N ALA F 107 -87.90 47.68 5.91
CA ALA F 107 -87.46 47.89 7.29
C ALA F 107 -88.52 48.63 8.09
N GLU F 108 -89.16 49.62 7.46
CA GLU F 108 -90.16 50.44 8.12
C GLU F 108 -91.34 49.56 8.59
N MSE F 109 -91.86 48.71 7.71
CA MSE F 109 -93.05 47.91 8.03
C MSE F 109 -92.72 46.84 9.04
O MSE F 109 -93.56 46.49 9.88
CB MSE F 109 -93.72 47.33 6.79
CG MSE F 109 -92.76 46.56 5.87
SE MSE F 109 -93.75 45.73 4.37
CE MSE F 109 -94.23 47.36 3.35
N LEU F 110 -91.48 46.34 8.98
CA LEU F 110 -91.02 45.32 9.94
C LEU F 110 -90.95 45.92 11.34
N SER F 111 -90.25 47.06 11.47
CA SER F 111 -90.05 47.76 12.76
C SER F 111 -91.36 48.24 13.40
N ARG F 112 -92.29 48.73 12.59
CA ARG F 112 -93.57 49.22 13.06
C ARG F 112 -94.47 48.10 13.65
N GLU F 113 -94.39 46.89 13.11
CA GLU F 113 -95.11 45.73 13.69
C GLU F 113 -94.32 44.99 14.79
N HIS F 114 -93.01 44.90 14.63
CA HIS F 114 -92.18 44.09 15.53
C HIS F 114 -91.74 44.86 16.78
N GLY F 115 -91.22 46.08 16.58
CA GLY F 115 -90.66 46.87 17.67
C GLY F 115 -89.19 47.21 17.53
N LYS F 116 -88.42 46.27 16.96
CA LYS F 116 -86.96 46.44 16.75
C LYS F 116 -86.62 47.72 15.97
N THR F 117 -85.39 48.20 16.18
CA THR F 117 -84.90 49.39 15.48
C THR F 117 -84.86 49.21 13.96
N ILE F 118 -84.88 50.34 13.23
CA ILE F 118 -84.79 50.33 11.78
C ILE F 118 -83.51 49.61 11.37
N ASP F 119 -82.43 49.85 12.12
CA ASP F 119 -81.14 49.20 11.90
C ASP F 119 -81.21 47.66 12.07
N ASP F 120 -81.83 47.18 13.15
CA ASP F 120 -82.11 45.73 13.33
C ASP F 120 -82.92 45.17 12.17
N ALA F 121 -83.99 45.87 11.81
CA ALA F 121 -84.85 45.46 10.71
C ALA F 121 -84.06 45.26 9.40
N LYS F 122 -83.16 46.21 9.10
CA LYS F 122 -82.26 46.10 7.93
C LYS F 122 -81.33 44.89 7.99
N GLY F 123 -80.76 44.60 9.16
CA GLY F 123 -79.95 43.39 9.34
C GLY F 123 -80.74 42.11 9.12
N ASP F 124 -81.98 42.10 9.61
CA ASP F 124 -82.97 41.03 9.42
C ASP F 124 -83.16 40.78 7.92
N ILE F 125 -83.49 41.83 7.16
CA ILE F 125 -83.66 41.73 5.69
C ILE F 125 -82.36 41.23 5.02
N VAL F 126 -81.23 41.82 5.41
CA VAL F 126 -79.93 41.49 4.82
C VAL F 126 -79.56 40.02 5.04
N ARG F 127 -79.84 39.48 6.21
CA ARG F 127 -79.59 38.10 6.52
C ARG F 127 -80.41 37.15 5.59
N GLY F 128 -81.61 37.52 5.26
CA GLY F 128 -82.44 36.74 4.35
C GLY F 128 -81.91 36.85 2.93
N LEU F 129 -81.57 38.09 2.55
CA LEU F 129 -80.95 38.41 1.26
C LEU F 129 -79.75 37.52 0.99
N GLU F 130 -78.95 37.25 2.02
CA GLU F 130 -77.73 36.44 1.86
C GLU F 130 -77.99 34.97 1.53
N VAL F 131 -79.10 34.42 2.01
CA VAL F 131 -79.50 33.07 1.61
C VAL F 131 -79.98 33.10 0.17
N CYS F 132 -80.67 34.19 -0.20
CA CYS F 132 -81.03 34.40 -1.61
C CYS F 132 -79.76 34.44 -2.49
N GLU F 133 -78.71 35.11 -2.03
CA GLU F 133 -77.42 35.16 -2.73
C GLU F 133 -76.80 33.75 -2.91
N PHE F 134 -76.91 32.93 -1.88
CA PHE F 134 -76.38 31.57 -1.87
C PHE F 134 -77.08 30.67 -2.90
N VAL F 135 -78.40 30.76 -3.01
CA VAL F 135 -79.17 29.88 -3.91
C VAL F 135 -79.07 30.30 -5.38
N ILE F 136 -78.44 31.46 -5.65
CA ILE F 136 -78.07 31.84 -7.01
C ILE F 136 -77.19 30.72 -7.59
N GLY F 137 -76.45 30.04 -6.72
CA GLY F 137 -75.57 28.94 -7.11
C GLY F 137 -76.26 27.60 -7.18
N ILE F 138 -77.58 27.58 -7.37
CA ILE F 138 -78.29 26.30 -7.42
C ILE F 138 -77.82 25.33 -8.53
N PRO F 139 -77.47 25.82 -9.75
CA PRO F 139 -76.97 24.87 -10.76
C PRO F 139 -75.84 23.96 -10.25
N HIS F 140 -74.83 24.55 -9.62
CA HIS F 140 -73.76 23.77 -9.03
C HIS F 140 -74.27 22.98 -7.81
N LEU F 141 -74.99 23.65 -6.90
CA LEU F 141 -75.46 23.02 -5.66
C LEU F 141 -76.36 21.80 -5.85
N GLN F 142 -77.14 21.79 -6.94
CA GLN F 142 -78.08 20.70 -7.16
C GLN F 142 -77.46 19.49 -7.89
N LYS F 143 -76.19 19.60 -8.28
CA LYS F 143 -75.48 18.48 -8.92
C LYS F 143 -75.61 17.16 -8.14
N SER F 144 -75.64 16.04 -8.88
CA SER F 144 -75.67 14.71 -8.30
C SER F 144 -74.45 13.91 -8.77
N GLU F 145 -74.39 12.62 -8.45
CA GLU F 145 -73.17 11.83 -8.59
C GLU F 145 -73.28 10.85 -9.74
N PHE F 146 -72.18 10.61 -10.47
CA PHE F 146 -72.16 9.68 -11.60
C PHE F 146 -71.00 8.72 -11.49
N THR F 147 -71.29 7.44 -11.74
CA THR F 147 -70.26 6.41 -11.77
C THR F 147 -70.35 5.70 -13.11
N GLU F 148 -69.26 5.68 -13.87
CA GLU F 148 -69.18 4.81 -15.05
C GLU F 148 -68.58 3.46 -14.69
N GLY F 149 -69.16 2.39 -15.23
CA GLY F 149 -68.58 1.06 -15.09
C GLY F 149 -68.76 0.48 -13.69
N ALA F 150 -69.82 0.90 -12.98
CA ALA F 150 -70.18 0.34 -11.68
C ALA F 150 -70.24 -1.18 -11.75
N GLY F 151 -70.75 -1.69 -12.87
CA GLY F 151 -70.52 -3.09 -13.31
C GLY F 151 -70.21 -3.07 -14.81
N PRO F 152 -70.09 -4.24 -15.46
CA PRO F 152 -69.73 -4.27 -16.90
C PRO F 152 -70.79 -3.64 -17.83
N GLY F 153 -70.42 -2.56 -18.52
CA GLY F 153 -71.36 -1.77 -19.35
C GLY F 153 -72.41 -1.07 -18.51
N ILE F 154 -72.26 -1.10 -17.18
CA ILE F 154 -73.29 -0.58 -16.30
C ILE F 154 -72.85 0.74 -15.69
N ASP F 155 -73.65 1.78 -15.92
CA ASP F 155 -73.45 3.06 -15.25
C ASP F 155 -74.49 3.31 -14.16
N MSE F 156 -74.12 4.12 -13.18
CA MSE F 156 -74.98 4.39 -12.04
C MSE F 156 -74.85 5.85 -11.68
O MSE F 156 -73.73 6.37 -11.49
CB MSE F 156 -74.57 3.46 -10.90
CG MSE F 156 -75.41 3.51 -9.63
SE MSE F 156 -74.66 2.17 -8.38
CE MSE F 156 -75.08 0.54 -9.43
N TYR F 157 -75.99 6.53 -11.57
CA TYR F 157 -75.98 7.96 -11.34
C TYR F 157 -77.28 8.40 -10.67
N SER F 158 -77.16 9.38 -9.78
CA SER F 158 -78.32 9.94 -9.09
C SER F 158 -78.78 11.23 -9.76
N ILE F 159 -79.99 11.67 -9.39
CA ILE F 159 -80.52 12.96 -9.76
C ILE F 159 -81.25 13.49 -8.53
N ARG F 160 -81.06 14.77 -8.26
CA ARG F 160 -81.72 15.39 -7.16
C ARG F 160 -82.92 16.17 -7.67
N GLN F 161 -84.12 15.67 -7.38
CA GLN F 161 -85.34 16.23 -7.96
C GLN F 161 -86.16 16.93 -6.87
N PRO F 162 -87.08 17.84 -7.28
CA PRO F 162 -87.91 18.56 -6.27
C PRO F 162 -88.71 17.58 -5.41
N VAL F 163 -88.97 17.94 -4.16
CA VAL F 163 -89.91 17.13 -3.35
C VAL F 163 -91.37 17.41 -3.73
N GLY F 164 -91.61 18.59 -4.33
CA GLY F 164 -92.94 18.97 -4.82
C GLY F 164 -93.38 20.27 -4.17
N ILE F 165 -94.15 20.13 -3.08
CA ILE F 165 -94.68 21.28 -2.35
C ILE F 165 -94.24 21.24 -0.89
N GLY F 166 -93.56 22.32 -0.48
CA GLY F 166 -93.08 22.46 0.89
C GLY F 166 -93.86 23.53 1.62
N ALA F 167 -93.71 23.56 2.94
CA ALA F 167 -94.32 24.60 3.76
C ALA F 167 -93.39 25.01 4.88
N GLY F 168 -93.47 26.28 5.27
CA GLY F 168 -92.63 26.84 6.33
C GLY F 168 -93.44 27.64 7.31
N ILE F 169 -93.11 27.48 8.59
CA ILE F 169 -93.82 28.14 9.68
C ILE F 169 -92.79 28.91 10.47
N THR F 170 -92.99 30.23 10.60
CA THR F 170 -91.93 31.12 11.08
C THR F 170 -92.37 31.95 12.30
N PRO F 171 -91.41 32.44 13.12
CA PRO F 171 -91.76 33.12 14.37
C PRO F 171 -91.80 34.64 14.21
N PHE F 172 -92.18 35.33 15.28
CA PHE F 172 -92.32 36.78 15.23
C PHE F 172 -91.00 37.54 15.05
N ASN F 173 -89.90 37.01 15.60
CA ASN F 173 -88.70 37.84 15.77
C ASN F 173 -87.90 38.16 14.50
N PHE F 174 -87.95 37.27 13.50
CA PHE F 174 -87.31 37.55 12.22
C PHE F 174 -88.26 37.26 11.04
N PRO F 175 -89.22 38.18 10.78
CA PRO F 175 -90.24 37.92 9.75
C PRO F 175 -89.74 38.17 8.32
N GLY F 176 -88.49 38.59 8.19
CA GLY F 176 -87.85 38.69 6.89
C GLY F 176 -86.88 37.54 6.69
N MSE F 177 -85.93 37.42 7.59
CA MSE F 177 -84.81 36.50 7.46
C MSE F 177 -85.25 35.06 7.41
O MSE F 177 -84.86 34.33 6.50
CB MSE F 177 -83.84 36.71 8.63
CG MSE F 177 -82.68 35.71 8.54
SE MSE F 177 -81.55 35.89 10.16
CE MSE F 177 -82.70 34.89 11.41
N ILE F 178 -86.04 34.63 8.39
CA ILE F 178 -86.39 33.22 8.50
C ILE F 178 -87.24 32.73 7.32
N PRO F 179 -88.28 33.49 6.90
CA PRO F 179 -88.98 33.05 5.70
C PRO F 179 -88.05 32.79 4.51
N MSE F 180 -87.15 33.75 4.25
CA MSE F 180 -86.15 33.63 3.18
C MSE F 180 -85.21 32.45 3.41
O MSE F 180 -84.87 31.76 2.44
CB MSE F 180 -85.37 34.93 3.03
CG MSE F 180 -86.28 35.99 2.42
SE MSE F 180 -85.27 37.62 1.91
CE MSE F 180 -85.64 38.74 3.50
N TRP F 181 -84.78 32.19 4.65
CA TRP F 181 -84.03 30.96 4.99
C TRP F 181 -84.66 29.75 4.29
N MSE F 182 -85.98 29.66 4.38
CA MSE F 182 -86.69 28.47 3.92
C MSE F 182 -87.11 28.57 2.49
O MSE F 182 -86.91 27.63 1.73
CB MSE F 182 -87.93 28.24 4.78
CG MSE F 182 -87.63 28.04 6.26
SE MSE F 182 -89.36 28.23 7.21
CE MSE F 182 -88.76 27.74 9.02
N PHE F 183 -87.72 29.66 2.08
CA PHE F 183 -88.27 29.66 0.73
C PHE F 183 -87.23 29.75 -0.40
N ALA F 184 -86.11 30.40 -0.15
CA ALA F 184 -85.05 30.52 -1.15
C ALA F 184 -84.49 29.16 -1.61
N PRO F 185 -83.96 28.32 -0.69
CA PRO F 185 -83.56 26.98 -1.17
C PRO F 185 -84.72 26.13 -1.68
N ALA F 186 -85.87 26.15 -1.00
CA ALA F 186 -87.01 25.35 -1.46
C ALA F 186 -87.40 25.71 -2.90
N ILE F 187 -87.51 27.00 -3.20
CA ILE F 187 -87.94 27.46 -4.53
C ILE F 187 -86.82 27.29 -5.57
N ALA F 188 -85.58 27.59 -5.21
CA ALA F 188 -84.43 27.39 -6.11
C ALA F 188 -84.30 25.94 -6.59
N CYS F 189 -84.61 25.00 -5.70
CA CYS F 189 -84.54 23.55 -6.00
C CYS F 189 -85.69 23.06 -6.89
N GLY F 190 -86.64 23.94 -7.20
CA GLY F 190 -87.78 23.61 -8.07
C GLY F 190 -89.08 23.21 -7.39
N ASN F 191 -89.19 23.48 -6.09
CA ASN F 191 -90.43 23.25 -5.34
C ASN F 191 -91.29 24.50 -5.32
N ALA F 192 -92.59 24.33 -5.08
CA ALA F 192 -93.43 25.45 -4.69
C ALA F 192 -93.46 25.43 -3.16
N PHE F 193 -93.79 26.57 -2.57
CA PHE F 193 -93.61 26.76 -1.14
C PHE F 193 -94.77 27.54 -0.55
N ILE F 194 -95.33 27.00 0.54
CA ILE F 194 -96.37 27.72 1.28
C ILE F 194 -95.82 28.28 2.59
N LEU F 195 -95.82 29.61 2.70
CA LEU F 195 -95.32 30.28 3.89
C LEU F 195 -96.47 30.60 4.87
N LYS F 196 -96.31 30.24 6.12
CA LYS F 196 -97.23 30.56 7.18
C LYS F 196 -96.46 31.36 8.22
N PRO F 197 -96.43 32.68 8.07
CA PRO F 197 -95.59 33.47 8.95
C PRO F 197 -96.28 33.79 10.29
N SER F 198 -95.51 34.33 11.23
CA SER F 198 -96.09 34.80 12.48
C SER F 198 -97.19 35.81 12.21
N GLU F 199 -98.31 35.62 12.90
CA GLU F 199 -99.42 36.53 12.80
C GLU F 199 -99.16 37.86 13.52
N ARG F 200 -98.09 37.93 14.31
CA ARG F 200 -97.71 39.17 15.05
C ARG F 200 -97.25 40.32 14.15
N ASP F 201 -96.59 39.99 13.04
CA ASP F 201 -95.91 40.98 12.19
C ASP F 201 -95.86 40.50 10.73
N PRO F 202 -97.04 40.47 10.05
CA PRO F 202 -97.22 39.76 8.81
C PRO F 202 -97.03 40.59 7.52
N SER F 203 -96.78 41.89 7.66
CA SER F 203 -96.58 42.76 6.49
C SER F 203 -95.38 42.40 5.59
N VAL F 204 -94.23 42.22 6.17
CA VAL F 204 -93.06 41.87 5.39
C VAL F 204 -93.17 40.53 4.61
N PRO F 205 -93.67 39.46 5.20
CA PRO F 205 -93.85 38.25 4.40
C PRO F 205 -94.68 38.43 3.14
N ILE F 206 -95.80 39.15 3.21
CA ILE F 206 -96.61 39.39 2.02
C ILE F 206 -95.86 40.23 0.99
N ARG F 207 -95.17 41.29 1.44
CA ARG F 207 -94.40 42.13 0.54
C ARG F 207 -93.28 41.33 -0.17
N LEU F 208 -92.58 40.48 0.57
CA LEU F 208 -91.58 39.59 -0.02
C LEU F 208 -92.13 38.75 -1.18
N ALA F 209 -93.32 38.18 -1.01
CA ALA F 209 -93.92 37.35 -2.07
C ALA F 209 -94.30 38.21 -3.29
N GLU F 210 -94.80 39.40 -3.01
CA GLU F 210 -95.06 40.39 -4.04
C GLU F 210 -93.78 40.72 -4.83
N LEU F 211 -92.67 40.88 -4.12
CA LEU F 211 -91.38 41.19 -4.77
C LEU F 211 -90.84 40.01 -5.58
N MSE F 212 -91.12 38.77 -5.18
CA MSE F 212 -90.73 37.58 -5.95
C MSE F 212 -91.43 37.57 -7.28
O MSE F 212 -90.81 37.26 -8.30
CB MSE F 212 -90.95 36.27 -5.19
CG MSE F 212 -89.89 36.03 -4.11
SE MSE F 212 -88.10 35.56 -4.84
CE MSE F 212 -88.49 33.68 -5.32
N ILE F 213 -92.72 37.93 -7.30
CA ILE F 213 -93.48 38.09 -8.55
C ILE F 213 -92.81 39.15 -9.42
N GLU F 214 -92.48 40.30 -8.82
CA GLU F 214 -91.80 41.35 -9.57
C GLU F 214 -90.43 40.90 -10.11
N ALA F 215 -89.80 39.97 -9.39
CA ALA F 215 -88.49 39.43 -9.77
C ALA F 215 -88.58 38.38 -10.88
N GLY F 216 -89.81 37.99 -11.24
CA GLY F 216 -90.01 37.00 -12.29
C GLY F 216 -90.49 35.64 -11.84
N LEU F 217 -90.81 35.49 -10.56
CA LEU F 217 -91.30 34.22 -10.03
C LEU F 217 -92.71 33.96 -10.52
N PRO F 218 -92.97 32.74 -11.06
CA PRO F 218 -94.32 32.45 -11.53
C PRO F 218 -95.32 32.51 -10.38
N ALA F 219 -96.56 32.91 -10.69
CA ALA F 219 -97.66 32.89 -9.73
C ALA F 219 -97.85 31.48 -9.16
N GLY F 220 -98.13 31.39 -7.86
CA GLY F 220 -98.37 30.10 -7.23
C GLY F 220 -97.14 29.39 -6.69
N ILE F 221 -95.94 29.84 -7.08
CA ILE F 221 -94.69 29.20 -6.59
C ILE F 221 -94.35 29.60 -5.14
N LEU F 222 -94.58 30.88 -4.78
CA LEU F 222 -94.49 31.31 -3.38
C LEU F 222 -95.83 31.93 -2.92
N ASN F 223 -96.54 31.19 -2.07
CA ASN F 223 -97.81 31.63 -1.49
C ASN F 223 -97.66 31.90 0.02
N VAL F 224 -98.35 32.92 0.52
CA VAL F 224 -98.33 33.28 1.94
C VAL F 224 -99.73 33.04 2.49
N VAL F 225 -99.81 32.19 3.51
CA VAL F 225 -101.07 31.84 4.17
C VAL F 225 -100.96 32.26 5.62
N ASN F 226 -101.69 33.29 6.00
CA ASN F 226 -101.67 33.76 7.37
C ASN F 226 -102.64 33.00 8.27
N GLY F 227 -102.28 32.87 9.54
CA GLY F 227 -103.12 32.19 10.51
C GLY F 227 -102.43 31.80 11.80
N ASP F 228 -103.16 31.08 12.64
CA ASP F 228 -102.67 30.60 13.92
C ASP F 228 -102.56 29.08 13.85
N LYS F 229 -102.76 28.40 14.99
CA LYS F 229 -102.75 26.94 15.05
C LYS F 229 -103.61 26.28 13.95
N GLY F 230 -104.75 26.90 13.64
CA GLY F 230 -105.64 26.40 12.60
C GLY F 230 -104.92 26.18 11.28
N ALA F 231 -104.21 27.20 10.80
CA ALA F 231 -103.47 27.11 9.55
C ALA F 231 -102.30 26.11 9.63
N VAL F 232 -101.64 26.05 10.79
CA VAL F 232 -100.55 25.09 11.01
C VAL F 232 -101.04 23.62 10.90
N ASP F 233 -102.13 23.31 11.60
CA ASP F 233 -102.72 21.98 11.53
C ASP F 233 -103.18 21.59 10.12
N ALA F 234 -103.73 22.56 9.39
CA ALA F 234 -104.15 22.34 8.02
C ALA F 234 -102.95 22.00 7.13
N ILE F 235 -101.83 22.67 7.36
CA ILE F 235 -100.57 22.39 6.64
C ILE F 235 -100.06 20.98 6.96
N LEU F 236 -100.07 20.63 8.25
CA LEU F 236 -99.52 19.35 8.73
C LEU F 236 -100.31 18.13 8.22
N THR F 237 -101.60 18.33 7.99
CA THR F 237 -102.46 17.23 7.58
C THR F 237 -102.74 17.24 6.08
N HIS F 238 -102.34 18.30 5.37
CA HIS F 238 -102.52 18.27 3.92
C HIS F 238 -101.63 17.22 3.23
N PRO F 239 -102.25 16.22 2.57
CA PRO F 239 -101.48 15.13 1.97
C PRO F 239 -100.56 15.56 0.81
N ASP F 240 -100.83 16.72 0.21
CA ASP F 240 -100.04 17.20 -0.93
C ASP F 240 -98.81 18.03 -0.56
N ILE F 241 -98.62 18.28 0.74
CA ILE F 241 -97.43 18.98 1.21
C ILE F 241 -96.41 17.93 1.65
N ALA F 242 -95.24 17.95 1.03
CA ALA F 242 -94.21 16.92 1.23
C ALA F 242 -93.28 17.15 2.44
N ALA F 243 -93.10 18.41 2.80
CA ALA F 243 -92.01 18.80 3.70
C ALA F 243 -92.36 20.07 4.51
N VAL F 244 -91.97 20.08 5.78
CA VAL F 244 -92.29 21.19 6.66
C VAL F 244 -91.04 21.70 7.39
N SER F 245 -90.84 23.01 7.31
CA SER F 245 -89.74 23.64 8.03
C SER F 245 -90.34 24.57 9.09
N PHE F 246 -89.87 24.41 10.33
CA PHE F 246 -90.36 25.21 11.45
C PHE F 246 -89.23 25.88 12.20
N VAL F 247 -89.47 27.13 12.57
CA VAL F 247 -88.61 27.88 13.48
C VAL F 247 -89.51 28.64 14.46
N GLY F 248 -89.20 28.49 15.76
CA GLY F 248 -89.98 29.09 16.85
C GLY F 248 -89.59 28.54 18.20
N SER F 249 -90.52 28.53 19.15
CA SER F 249 -90.27 27.99 20.49
C SER F 249 -90.17 26.44 20.53
N THR F 250 -89.49 25.90 21.54
CA THR F 250 -89.30 24.44 21.66
C THR F 250 -90.59 23.59 21.75
N PRO F 251 -91.55 23.95 22.64
CA PRO F 251 -92.79 23.16 22.68
C PRO F 251 -93.51 23.10 21.33
N ILE F 252 -93.60 24.24 20.62
CA ILE F 252 -94.26 24.23 19.31
C ILE F 252 -93.44 23.45 18.30
N ALA F 253 -92.11 23.61 18.36
CA ALA F 253 -91.20 22.82 17.52
C ALA F 253 -91.43 21.31 17.71
N ARG F 254 -91.52 20.85 18.97
CA ARG F 254 -91.80 19.42 19.28
C ARG F 254 -93.11 18.95 18.66
N TYR F 255 -94.15 19.76 18.84
CA TYR F 255 -95.46 19.45 18.30
C TYR F 255 -95.43 19.35 16.78
N VAL F 256 -94.89 20.37 16.10
CA VAL F 256 -94.86 20.40 14.63
C VAL F 256 -94.04 19.23 14.07
N TYR F 257 -92.90 18.96 14.69
CA TYR F 257 -92.02 17.86 14.30
C TYR F 257 -92.73 16.50 14.44
N GLY F 258 -93.25 16.20 15.63
CA GLY F 258 -94.01 14.97 15.85
C GLY F 258 -95.21 14.81 14.93
N THR F 259 -96.01 15.87 14.79
CA THR F 259 -97.25 15.81 13.96
C THR F 259 -96.93 15.67 12.46
N ALA F 260 -95.91 16.39 11.99
CA ALA F 260 -95.45 16.30 10.60
C ALA F 260 -95.06 14.85 10.25
N ALA F 261 -94.27 14.25 11.14
CA ALA F 261 -93.81 12.89 10.99
C ALA F 261 -94.96 11.90 11.04
N MSE F 262 -95.95 12.17 11.91
CA MSE F 262 -97.13 11.31 12.06
C MSE F 262 -97.92 11.35 10.78
O MSE F 262 -98.64 10.42 10.45
CB MSE F 262 -98.00 11.76 13.23
CG MSE F 262 -97.50 11.32 14.61
SE MSE F 262 -97.49 9.35 14.79
CE MSE F 262 -97.08 9.21 16.71
N ASN F 263 -97.77 12.42 10.01
CA ASN F 263 -98.44 12.51 8.72
C ASN F 263 -97.55 12.09 7.53
N GLY F 264 -96.41 11.48 7.83
CA GLY F 264 -95.50 10.93 6.80
C GLY F 264 -94.56 11.92 6.13
N LYS F 265 -94.63 13.19 6.54
CA LYS F 265 -93.87 14.27 5.93
C LYS F 265 -92.42 14.28 6.39
N ARG F 266 -91.54 14.89 5.60
CA ARG F 266 -90.21 15.20 6.12
C ARG F 266 -90.26 16.53 6.86
N ALA F 267 -89.43 16.66 7.91
CA ALA F 267 -89.51 17.81 8.82
C ALA F 267 -88.16 18.20 9.41
N GLN F 268 -87.99 19.50 9.59
CA GLN F 268 -86.86 20.09 10.31
C GLN F 268 -87.41 21.21 11.19
N CYS F 269 -87.10 21.15 12.48
CA CYS F 269 -87.67 22.11 13.41
C CYS F 269 -86.59 22.65 14.35
N PHE F 270 -86.71 23.92 14.68
CA PHE F 270 -85.67 24.66 15.39
C PHE F 270 -86.35 25.44 16.52
N GLY F 271 -85.83 25.25 17.73
CA GLY F 271 -86.49 25.72 18.94
C GLY F 271 -85.79 26.86 19.68
N GLY F 272 -85.97 26.86 20.99
CA GLY F 272 -85.47 27.92 21.87
C GLY F 272 -84.01 27.80 22.28
N ALA F 273 -83.61 28.66 23.22
CA ALA F 273 -82.20 28.80 23.59
C ALA F 273 -82.03 29.35 25.00
N LYS F 274 -80.86 29.08 25.58
CA LYS F 274 -80.36 29.85 26.71
C LYS F 274 -78.85 29.92 26.50
N ASN F 275 -78.42 30.80 25.60
CA ASN F 275 -77.02 30.88 25.19
C ASN F 275 -76.11 31.48 26.28
N HIS F 276 -75.09 30.70 26.67
CA HIS F 276 -74.06 31.11 27.65
C HIS F 276 -72.82 31.68 26.95
N MSE F 277 -72.24 32.73 27.52
CA MSE F 277 -70.92 33.22 27.14
C MSE F 277 -70.00 32.92 28.32
O MSE F 277 -70.27 33.33 29.45
CB MSE F 277 -70.90 34.70 26.76
CG MSE F 277 -69.46 35.10 26.48
SE MSE F 277 -69.12 37.06 26.32
CE MSE F 277 -70.29 37.21 24.76
N ILE F 278 -68.93 32.16 28.05
CA ILE F 278 -67.95 31.86 29.09
C ILE F 278 -66.79 32.82 28.86
N ILE F 279 -66.39 33.51 29.93
CA ILE F 279 -65.30 34.47 29.88
C ILE F 279 -64.14 33.97 30.76
N MSE F 280 -63.07 33.49 30.12
CA MSE F 280 -61.89 33.01 30.83
C MSE F 280 -61.13 34.18 31.39
O MSE F 280 -61.31 35.32 30.93
CB MSE F 280 -61.01 32.23 29.84
CG MSE F 280 -61.74 30.97 29.36
SE MSE F 280 -61.88 29.66 30.85
CE MSE F 280 -59.98 29.18 31.05
N PRO F 281 -60.26 33.94 32.40
CA PRO F 281 -59.54 35.03 33.05
C PRO F 281 -58.57 35.78 32.14
N ASP F 282 -58.19 35.18 31.01
CA ASP F 282 -57.18 35.79 30.13
C ASP F 282 -57.83 36.52 28.93
N ALA F 283 -59.16 36.54 28.90
CA ALA F 283 -59.90 37.16 27.81
C ALA F 283 -59.71 38.66 27.77
N ASP F 284 -59.92 39.22 26.59
CA ASP F 284 -60.11 40.66 26.46
C ASP F 284 -61.46 41.03 27.07
N LEU F 285 -61.44 41.48 28.33
CA LEU F 285 -62.67 41.82 29.04
C LEU F 285 -63.43 42.99 28.43
N ASP F 286 -62.71 43.94 27.83
CA ASP F 286 -63.34 45.06 27.14
C ASP F 286 -64.19 44.56 25.98
N GLN F 287 -63.59 43.71 25.13
CA GLN F 287 -64.32 43.10 24.00
C GLN F 287 -65.45 42.20 24.48
N ALA F 288 -65.21 41.43 25.53
CA ALA F 288 -66.25 40.56 26.10
C ALA F 288 -67.42 41.41 26.61
N ALA F 289 -67.10 42.52 27.27
CA ALA F 289 -68.10 43.42 27.84
C ALA F 289 -68.98 44.06 26.76
N ASN F 290 -68.35 44.62 25.73
CA ASN F 290 -69.11 45.22 24.61
C ASN F 290 -69.97 44.18 23.91
N ALA F 291 -69.40 42.99 23.69
CA ALA F 291 -70.13 41.86 23.11
C ALA F 291 -71.35 41.48 23.96
N LEU F 292 -71.19 41.45 25.29
CA LEU F 292 -72.32 41.13 26.16
C LEU F 292 -73.45 42.16 26.05
N ILE F 293 -73.09 43.44 25.96
CA ILE F 293 -74.07 44.53 25.77
C ILE F 293 -74.89 44.35 24.47
N GLY F 294 -74.20 44.18 23.34
CA GLY F 294 -74.85 43.95 22.06
C GLY F 294 -75.63 42.65 22.02
N ALA F 295 -75.04 41.57 22.52
CA ALA F 295 -75.67 40.25 22.39
C ALA F 295 -76.74 40.04 23.44
N GLY F 296 -76.58 40.68 24.60
CA GLY F 296 -77.54 40.56 25.71
C GLY F 296 -78.79 41.39 25.50
N TYR F 297 -78.63 42.57 24.87
CA TYR F 297 -79.70 43.56 24.83
C TYR F 297 -80.17 43.94 23.42
N GLY F 298 -79.41 43.55 22.38
CA GLY F 298 -79.84 43.74 21.00
C GLY F 298 -81.22 43.13 20.80
N SER F 299 -82.09 43.86 20.07
CA SER F 299 -83.49 43.45 19.84
C SER F 299 -84.27 43.21 21.14
N ALA F 300 -83.90 43.93 22.20
CA ALA F 300 -84.45 43.74 23.56
C ALA F 300 -84.38 42.27 24.01
N GLY F 301 -83.32 41.59 23.56
CA GLY F 301 -83.09 40.19 23.86
C GLY F 301 -84.05 39.20 23.19
N GLU F 302 -84.83 39.66 22.22
CA GLU F 302 -85.77 38.76 21.53
C GLU F 302 -85.09 37.94 20.43
N ARG F 303 -84.08 37.17 20.81
CA ARG F 303 -83.32 36.35 19.85
C ARG F 303 -83.03 34.98 20.42
N CYS F 304 -83.15 33.96 19.57
CA CYS F 304 -82.70 32.60 19.95
C CYS F 304 -81.19 32.51 19.94
N MSE F 305 -80.51 33.61 19.55
CA MSE F 305 -79.06 33.66 19.60
C MSE F 305 -78.57 34.81 20.48
O MSE F 305 -77.37 35.14 20.50
CB MSE F 305 -78.43 33.63 18.20
CG MSE F 305 -78.75 32.34 17.42
SE MSE F 305 -77.80 30.76 18.13
CE MSE F 305 -76.01 31.21 17.41
N ALA F 306 -79.47 35.39 21.27
CA ALA F 306 -79.09 36.34 22.33
C ALA F 306 -78.27 35.60 23.39
N ILE F 307 -77.25 36.27 23.92
CA ILE F 307 -76.58 35.75 25.11
C ILE F 307 -77.48 36.13 26.27
N SER F 308 -77.93 35.13 27.02
CA SER F 308 -78.77 35.37 28.18
C SER F 308 -78.06 35.02 29.49
N VAL F 309 -76.92 34.32 29.40
CA VAL F 309 -76.13 33.92 30.57
C VAL F 309 -74.66 34.27 30.35
N ALA F 310 -74.11 35.10 31.23
CA ALA F 310 -72.66 35.34 31.23
C ALA F 310 -72.02 34.45 32.30
N VAL F 311 -70.94 33.76 31.93
CA VAL F 311 -70.25 32.88 32.87
C VAL F 311 -68.77 33.26 33.04
N PRO F 312 -68.49 34.30 33.85
CA PRO F 312 -67.10 34.65 34.13
C PRO F 312 -66.43 33.57 34.98
N VAL F 313 -65.17 33.26 34.66
CA VAL F 313 -64.43 32.24 35.41
C VAL F 313 -63.52 32.95 36.39
N GLY F 314 -63.74 32.72 37.68
CA GLY F 314 -62.93 33.35 38.74
C GLY F 314 -63.55 34.63 39.28
N GLU F 315 -63.24 34.94 40.53
CA GLU F 315 -63.80 36.12 41.22
C GLU F 315 -63.44 37.44 40.56
N GLU F 316 -62.17 37.61 40.22
CA GLU F 316 -61.70 38.88 39.63
C GLU F 316 -62.32 39.16 38.24
N THR F 317 -62.34 38.14 37.39
CA THR F 317 -62.99 38.26 36.09
C THR F 317 -64.46 38.68 36.24
N ALA F 318 -65.18 38.02 37.16
CA ALA F 318 -66.58 38.37 37.44
C ALA F 318 -66.75 39.83 37.92
N ASN F 319 -65.96 40.23 38.92
CA ASN F 319 -66.04 41.57 39.48
C ASN F 319 -65.73 42.67 38.46
N ARG F 320 -64.64 42.48 37.70
CA ARG F 320 -64.26 43.42 36.65
C ARG F 320 -65.28 43.43 35.51
N LEU F 321 -65.85 42.27 35.21
CA LEU F 321 -66.86 42.19 34.15
C LEU F 321 -68.13 42.94 34.53
N ILE F 322 -68.63 42.72 35.75
CA ILE F 322 -69.79 43.44 36.27
C ILE F 322 -69.53 44.96 36.31
N ASP F 323 -68.34 45.36 36.72
CA ASP F 323 -67.93 46.76 36.81
C ASP F 323 -68.02 47.45 35.45
N LYS F 324 -67.60 46.77 34.39
CA LYS F 324 -67.82 47.24 33.03
C LYS F 324 -69.26 47.24 32.56
N LEU F 325 -70.00 46.21 32.88
CA LEU F 325 -71.35 46.02 32.33
C LEU F 325 -72.37 47.02 32.83
N VAL F 326 -72.36 47.27 34.14
CA VAL F 326 -73.40 48.06 34.79
C VAL F 326 -73.61 49.44 34.11
N PRO F 327 -72.55 50.24 33.94
CA PRO F 327 -72.80 51.58 33.35
C PRO F 327 -73.34 51.55 31.92
N MSE F 328 -72.95 50.53 31.16
CA MSE F 328 -73.41 50.36 29.79
C MSE F 328 -74.83 49.88 29.69
O MSE F 328 -75.54 50.25 28.75
CB MSE F 328 -72.46 49.47 29.01
CG MSE F 328 -71.13 50.17 28.82
SE MSE F 328 -70.03 49.28 27.43
CE MSE F 328 -69.52 47.64 28.42
N VAL F 329 -75.27 49.04 30.63
CA VAL F 329 -76.68 48.65 30.70
C VAL F 329 -77.52 49.88 31.09
N GLU F 330 -77.04 50.62 32.09
CA GLU F 330 -77.75 51.81 32.56
C GLU F 330 -77.92 52.85 31.47
N SER F 331 -76.95 52.98 30.58
CA SER F 331 -77.02 54.03 29.56
C SER F 331 -77.64 53.60 28.23
N LEU F 332 -78.20 52.39 28.16
CA LEU F 332 -78.92 51.95 26.96
C LEU F 332 -80.03 52.93 26.62
N ARG F 333 -80.08 53.36 25.37
CA ARG F 333 -81.17 54.22 24.95
C ARG F 333 -82.35 53.40 24.44
N ILE F 334 -83.52 53.60 25.05
CA ILE F 334 -84.71 52.83 24.73
C ILE F 334 -85.72 53.74 24.04
N GLY F 335 -86.24 53.32 22.89
CA GLY F 335 -87.20 54.13 22.14
C GLY F 335 -87.94 53.41 21.03
N PRO F 336 -88.91 54.11 20.40
CA PRO F 336 -89.65 53.60 19.24
C PRO F 336 -88.76 53.59 17.99
N TYR F 337 -89.12 52.80 16.99
CA TYR F 337 -88.30 52.66 15.78
C TYR F 337 -88.06 54.02 15.09
N THR F 338 -88.97 54.97 15.31
CA THR F 338 -88.85 56.37 14.81
C THR F 338 -87.71 57.18 15.45
N ASP F 339 -87.18 56.69 16.57
CA ASP F 339 -85.98 57.26 17.20
C ASP F 339 -84.78 56.41 16.83
N GLU F 340 -84.05 56.83 15.80
CA GLU F 340 -82.95 56.04 15.25
C GLU F 340 -81.69 55.98 16.13
N LYS F 341 -81.72 56.68 17.27
CA LYS F 341 -80.62 56.64 18.24
C LYS F 341 -80.76 55.49 19.23
N ALA F 342 -81.98 54.99 19.38
CA ALA F 342 -82.26 53.90 20.32
C ALA F 342 -81.35 52.71 20.10
N ASP F 343 -80.83 52.15 21.20
CA ASP F 343 -80.19 50.83 21.17
C ASP F 343 -81.24 49.71 21.15
N MSE F 344 -82.47 50.03 21.55
CA MSE F 344 -83.46 49.00 21.87
C MSE F 344 -84.86 49.52 21.75
O MSE F 344 -85.13 50.70 22.06
CB MSE F 344 -83.24 48.70 23.34
CG MSE F 344 -83.71 47.31 23.74
SE MSE F 344 -83.00 46.91 25.53
CE MSE F 344 -84.38 47.73 26.66
N GLY F 345 -85.76 48.67 21.29
CA GLY F 345 -87.19 48.99 21.20
C GLY F 345 -88.03 48.28 22.25
N PRO F 346 -89.37 48.31 22.08
CA PRO F 346 -90.25 47.55 22.97
C PRO F 346 -90.24 46.05 22.62
N VAL F 347 -90.80 45.23 23.52
CA VAL F 347 -91.04 43.83 23.25
C VAL F 347 -92.36 43.70 22.48
N VAL F 348 -92.59 42.53 21.88
CA VAL F 348 -93.59 42.38 20.82
C VAL F 348 -95.05 42.52 21.29
N THR F 349 -95.35 42.03 22.48
CA THR F 349 -96.72 42.09 23.02
C THR F 349 -96.76 42.44 24.51
N LYS F 350 -97.96 42.76 24.98
CA LYS F 350 -98.24 42.94 26.39
C LYS F 350 -98.01 41.64 27.16
N GLU F 351 -98.41 40.51 26.56
CA GLU F 351 -98.21 39.18 27.15
C GLU F 351 -96.73 38.87 27.35
N ALA F 352 -95.92 39.08 26.31
CA ALA F 352 -94.47 38.90 26.38
C ALA F 352 -93.92 39.75 27.53
N GLU F 353 -94.29 41.05 27.54
CA GLU F 353 -93.89 41.95 28.62
C GLU F 353 -94.28 41.41 30.00
N GLN F 354 -95.49 40.87 30.11
CA GLN F 354 -95.99 40.35 31.40
C GLN F 354 -95.22 39.11 31.85
N ARG F 355 -94.92 38.21 30.91
CA ARG F 355 -94.13 37.00 31.17
CA ARG F 355 -94.12 37.01 31.19
C ARG F 355 -92.70 37.37 31.61
N ILE F 356 -92.11 38.36 30.94
CA ILE F 356 -90.76 38.85 31.28
C ILE F 356 -90.71 39.48 32.70
N ARG F 357 -91.62 40.42 32.98
CA ARG F 357 -91.71 41.05 34.31
C ARG F 357 -91.93 40.03 35.43
N SER F 358 -92.68 38.98 35.11
CA SER F 358 -92.93 37.89 36.05
C SER F 358 -91.63 37.09 36.33
N LEU F 359 -90.86 36.78 35.28
CA LEU F 359 -89.59 36.13 35.47
C LEU F 359 -88.59 37.03 36.19
N ILE F 360 -88.54 38.31 35.85
CA ILE F 360 -87.67 39.25 36.59
C ILE F 360 -87.98 39.22 38.10
N ASP F 361 -89.26 39.22 38.46
CA ASP F 361 -89.64 39.18 39.87
C ASP F 361 -89.21 37.88 40.56
N SER F 362 -89.30 36.76 39.84
CA SER F 362 -88.89 35.45 40.38
C SER F 362 -87.39 35.33 40.67
N GLY F 363 -86.56 36.06 39.91
CA GLY F 363 -85.12 36.15 40.16
C GLY F 363 -84.80 36.89 41.45
N ILE F 364 -85.46 38.04 41.65
CA ILE F 364 -85.43 38.73 42.95
C ILE F 364 -85.87 37.77 44.06
N GLU F 365 -87.05 37.18 43.91
CA GLU F 365 -87.61 36.27 44.93
C GLU F 365 -86.67 35.12 45.28
N GLN F 366 -85.96 34.60 44.28
CA GLN F 366 -85.14 33.40 44.47
C GLN F 366 -83.70 33.69 44.88
N GLY F 367 -83.41 34.95 45.15
CA GLY F 367 -82.11 35.34 45.68
C GLY F 367 -81.06 35.87 44.69
N ALA F 368 -81.46 36.13 43.45
CA ALA F 368 -80.53 36.73 42.48
C ALA F 368 -80.37 38.22 42.79
N LYS F 369 -79.18 38.77 42.54
CA LYS F 369 -78.94 40.19 42.81
C LYS F 369 -79.19 41.05 41.56
N LEU F 370 -80.17 41.95 41.66
CA LEU F 370 -80.52 42.79 40.52
C LEU F 370 -79.68 44.06 40.51
N VAL F 371 -78.49 44.01 39.91
CA VAL F 371 -77.55 45.14 39.92
C VAL F 371 -77.93 46.28 38.96
N VAL F 372 -78.64 45.97 37.87
CA VAL F 372 -79.32 47.01 37.08
C VAL F 372 -80.80 46.64 36.99
N ASP F 373 -81.63 47.54 37.50
CA ASP F 373 -83.08 47.34 37.64
C ASP F 373 -83.86 48.18 36.61
N GLY F 374 -84.31 47.55 35.54
CA GLY F 374 -85.03 48.27 34.50
C GLY F 374 -86.54 48.28 34.66
N ARG F 375 -87.03 47.70 35.75
CA ARG F 375 -88.48 47.45 35.91
C ARG F 375 -89.32 48.73 35.89
N ASP F 376 -88.73 49.81 36.39
CA ASP F 376 -89.38 51.12 36.50
C ASP F 376 -89.53 51.88 35.19
N PHE F 377 -88.74 51.52 34.18
CA PHE F 377 -88.62 52.35 32.99
C PHE F 377 -89.96 52.68 32.33
N LYS F 378 -90.12 53.94 31.97
CA LYS F 378 -91.32 54.40 31.28
C LYS F 378 -90.90 55.53 30.38
N LEU F 379 -91.38 55.49 29.13
CA LEU F 379 -91.02 56.46 28.12
C LEU F 379 -92.17 57.45 27.91
N GLN F 380 -91.88 58.74 28.13
CA GLN F 380 -92.92 59.78 28.04
C GLN F 380 -93.60 59.72 26.69
N GLY F 381 -94.93 59.82 26.68
CA GLY F 381 -95.72 59.74 25.45
C GLY F 381 -95.84 58.34 24.86
N TYR F 382 -95.19 57.36 25.48
CA TYR F 382 -95.32 55.96 25.07
C TYR F 382 -95.62 55.10 26.29
N GLU F 383 -96.50 55.61 27.15
CA GLU F 383 -96.83 54.95 28.41
C GLU F 383 -97.37 53.53 28.22
N ASN F 384 -98.15 53.30 27.17
CA ASN F 384 -98.74 51.97 26.95
C ASN F 384 -97.96 51.05 26.01
N GLY F 385 -96.80 51.51 25.57
CA GLY F 385 -95.88 50.67 24.80
C GLY F 385 -95.27 49.58 25.67
N HIS F 386 -94.85 48.48 25.04
CA HIS F 386 -94.35 47.32 25.76
C HIS F 386 -92.86 47.47 26.09
N PHE F 387 -92.51 48.59 26.73
CA PHE F 387 -91.12 48.94 27.09
C PHE F 387 -90.69 48.44 28.47
N ILE F 388 -89.57 47.75 28.51
CA ILE F 388 -88.92 47.25 29.74
C ILE F 388 -87.50 47.76 29.67
N GLY F 389 -87.01 48.37 30.76
CA GLY F 389 -85.62 48.79 30.84
C GLY F 389 -84.71 47.58 30.96
N GLY F 390 -83.44 47.75 30.59
CA GLY F 390 -82.46 46.68 30.69
C GLY F 390 -82.24 46.19 32.11
N CYS F 391 -82.20 44.87 32.29
CA CYS F 391 -81.94 44.26 33.60
C CYS F 391 -80.68 43.41 33.62
N LEU F 392 -79.94 43.48 34.72
CA LEU F 392 -78.74 42.66 34.89
C LEU F 392 -78.73 42.01 36.27
N PHE F 393 -78.73 40.68 36.27
CA PHE F 393 -78.70 39.88 37.49
C PHE F 393 -77.29 39.32 37.72
N ASP F 394 -76.82 39.45 38.96
CA ASP F 394 -75.59 38.79 39.43
C ASP F 394 -75.99 37.67 40.41
N ASP F 395 -75.03 36.79 40.73
CA ASP F 395 -75.25 35.68 41.66
C ASP F 395 -76.41 34.75 41.29
N VAL F 396 -76.63 34.58 40.00
CA VAL F 396 -77.62 33.64 39.50
C VAL F 396 -77.05 32.22 39.66
N THR F 397 -77.92 31.26 39.96
CA THR F 397 -77.49 29.86 40.11
C THR F 397 -78.45 28.96 39.32
N PRO F 398 -77.97 27.77 38.91
CA PRO F 398 -78.69 26.83 38.00
C PRO F 398 -80.08 26.40 38.43
N ASP F 399 -80.41 26.52 39.71
CA ASP F 399 -81.74 26.14 40.21
C ASP F 399 -82.83 27.22 40.02
N MSE F 400 -82.43 28.42 39.58
CA MSE F 400 -83.36 29.54 39.43
C MSE F 400 -84.08 29.53 38.10
O MSE F 400 -83.52 29.10 37.09
CB MSE F 400 -82.60 30.86 39.53
CG MSE F 400 -81.96 31.05 40.90
SE MSE F 400 -81.17 32.85 40.99
CE MSE F 400 -80.17 32.64 42.69
N ASP F 401 -85.31 30.04 38.10
CA ASP F 401 -86.15 30.10 36.89
C ASP F 401 -85.59 30.98 35.77
N ILE F 402 -85.02 32.13 36.16
CA ILE F 402 -84.38 33.04 35.20
C ILE F 402 -83.18 32.40 34.48
N TYR F 403 -82.58 31.40 35.14
CA TYR F 403 -81.56 30.57 34.54
C TYR F 403 -82.15 29.45 33.66
N LYS F 404 -83.16 28.75 34.16
CA LYS F 404 -83.73 27.59 33.43
C LYS F 404 -84.56 27.99 32.19
N THR F 405 -85.24 29.14 32.29
CA THR F 405 -86.22 29.57 31.30
C THR F 405 -85.68 30.62 30.31
N GLU F 406 -85.92 30.40 29.03
CA GLU F 406 -85.66 31.44 28.03
C GLU F 406 -86.60 32.63 28.31
N ILE F 407 -86.02 33.75 28.75
CA ILE F 407 -86.79 34.97 29.07
CA ILE F 407 -86.81 34.96 29.07
C ILE F 407 -87.22 35.72 27.80
N PHE F 408 -86.41 35.70 26.76
CA PHE F 408 -86.71 36.38 25.52
C PHE F 408 -86.95 37.89 25.71
N GLY F 409 -86.18 38.50 26.57
CA GLY F 409 -86.33 39.91 26.92
C GLY F 409 -84.99 40.48 27.40
N PRO F 410 -84.94 41.80 27.66
CA PRO F 410 -83.67 42.47 27.97
C PRO F 410 -83.20 42.16 29.39
N VAL F 411 -82.85 40.90 29.64
CA VAL F 411 -82.49 40.42 30.98
C VAL F 411 -81.28 39.49 30.89
N LEU F 412 -80.12 40.01 31.32
CA LEU F 412 -78.89 39.24 31.36
C LEU F 412 -78.58 38.72 32.76
N SER F 413 -78.25 37.43 32.83
CA SER F 413 -77.90 36.73 34.07
C SER F 413 -76.40 36.43 34.12
N VAL F 414 -75.79 36.68 35.27
CA VAL F 414 -74.38 36.35 35.47
C VAL F 414 -74.27 35.20 36.47
N VAL F 415 -73.69 34.09 36.05
CA VAL F 415 -73.44 32.94 36.92
C VAL F 415 -71.92 32.84 37.10
N ARG F 416 -71.48 32.83 38.35
CA ARG F 416 -70.04 32.88 38.65
C ARG F 416 -69.43 31.49 38.72
N ALA F 417 -68.67 31.10 37.69
CA ALA F 417 -67.95 29.82 37.72
C ALA F 417 -66.57 29.95 38.35
N ARG F 418 -66.19 28.93 39.12
CA ARG F 418 -64.92 28.98 39.85
C ARG F 418 -63.73 28.51 39.01
N ASN F 419 -64.00 27.74 37.96
CA ASN F 419 -62.96 27.16 37.11
C ASN F 419 -63.53 26.75 35.76
N TYR F 420 -62.63 26.33 34.86
CA TYR F 420 -62.99 25.97 33.48
C TYR F 420 -64.04 24.87 33.41
N GLU F 421 -63.80 23.76 34.12
CA GLU F 421 -64.71 22.61 34.05
C GLU F 421 -66.08 22.97 34.60
N GLU F 422 -66.12 23.79 35.65
CA GLU F 422 -67.40 24.26 36.18
C GLU F 422 -68.14 25.14 35.17
N ALA F 423 -67.41 26.00 34.47
CA ALA F 423 -67.98 26.90 33.48
C ALA F 423 -68.51 26.13 32.28
N LEU F 424 -67.74 25.12 31.84
CA LEU F 424 -68.16 24.26 30.72
C LEU F 424 -69.42 23.46 31.05
N SER F 425 -69.54 22.97 32.29
CA SER F 425 -70.67 22.12 32.68
C SER F 425 -72.01 22.85 32.62
N LEU F 426 -71.98 24.17 32.69
CA LEU F 426 -73.22 24.96 32.72
C LEU F 426 -73.99 24.88 31.39
N PRO F 427 -73.37 25.27 30.25
CA PRO F 427 -74.11 25.08 29.02
C PRO F 427 -74.22 23.61 28.64
N MSE F 428 -73.29 22.78 29.10
CA MSE F 428 -73.29 21.33 28.80
C MSE F 428 -74.56 20.72 29.31
O MSE F 428 -75.25 19.97 28.60
CB MSE F 428 -72.07 20.64 29.41
CG MSE F 428 -71.95 19.15 29.04
SE MSE F 428 -71.12 18.90 27.25
CE MSE F 428 -69.23 19.25 27.72
N LYS F 429 -74.90 21.09 30.54
CA LYS F 429 -76.02 20.48 31.24
C LYS F 429 -77.34 21.18 30.96
N HIS F 430 -77.34 22.29 30.29
CA HIS F 430 -78.60 22.95 29.97
C HIS F 430 -79.46 22.21 28.93
N GLU F 431 -80.75 22.32 29.08
CA GLU F 431 -81.72 21.75 28.22
C GLU F 431 -81.54 22.24 26.79
N TYR F 432 -81.24 23.52 26.66
CA TYR F 432 -81.00 24.17 25.35
C TYR F 432 -79.55 24.06 24.87
N GLY F 433 -79.38 24.00 23.55
CA GLY F 433 -78.06 23.90 22.94
C GLY F 433 -77.99 24.60 21.59
N ASN F 434 -78.48 25.85 21.56
CA ASN F 434 -78.51 26.59 20.33
C ASN F 434 -77.13 27.18 20.00
N GLY F 435 -76.72 28.16 20.80
CA GLY F 435 -75.40 28.78 20.67
C GLY F 435 -74.67 28.83 22.00
N VAL F 436 -73.35 28.97 21.92
CA VAL F 436 -72.49 29.11 23.09
C VAL F 436 -71.24 29.88 22.63
N ALA F 437 -70.57 30.55 23.56
CA ALA F 437 -69.35 31.31 23.22
C ALA F 437 -68.34 31.18 24.34
N ILE F 438 -67.07 31.14 23.96
CA ILE F 438 -65.98 31.25 24.91
C ILE F 438 -65.07 32.41 24.48
N TYR F 439 -64.77 33.26 25.46
CA TYR F 439 -63.82 34.34 25.26
C TYR F 439 -62.54 33.99 26.01
N THR F 440 -61.45 33.91 25.26
CA THR F 440 -60.16 33.50 25.78
C THR F 440 -59.07 33.84 24.77
N ARG F 441 -57.84 33.92 25.25
CA ARG F 441 -56.68 34.11 24.36
C ARG F 441 -56.01 32.76 24.17
N ASP F 442 -56.47 31.76 24.92
CA ASP F 442 -55.78 30.48 25.02
C ASP F 442 -56.29 29.48 23.97
N GLY F 443 -55.40 29.11 23.05
CA GLY F 443 -55.73 28.16 21.99
C GLY F 443 -56.31 26.86 22.51
N ASP F 444 -55.71 26.36 23.60
CA ASP F 444 -56.09 25.08 24.21
C ASP F 444 -57.48 25.11 24.83
N ALA F 445 -57.72 26.08 25.70
CA ALA F 445 -59.06 26.28 26.26
C ALA F 445 -60.12 26.39 25.15
N ALA F 446 -59.84 27.19 24.11
CA ALA F 446 -60.81 27.39 23.02
C ALA F 446 -61.10 26.10 22.25
N ARG F 447 -60.05 25.40 21.84
CA ARG F 447 -60.19 24.16 21.07
C ARG F 447 -60.94 23.11 21.88
N ASP F 448 -60.57 22.95 23.14
CA ASP F 448 -61.13 21.93 24.00
C ASP F 448 -62.62 22.18 24.28
N PHE F 449 -62.93 23.43 24.65
CA PHE F 449 -64.30 23.85 24.89
C PHE F 449 -65.18 23.61 23.68
N ALA F 450 -64.73 24.08 22.52
CA ALA F 450 -65.51 23.97 21.28
C ALA F 450 -65.68 22.52 20.83
N SER F 451 -64.67 21.69 21.09
CA SER F 451 -64.73 20.28 20.69
C SER F 451 -65.76 19.56 21.54
N ARG F 452 -65.75 19.87 22.83
CA ARG F 452 -66.50 19.08 23.80
C ARG F 452 -67.96 19.49 23.96
N ILE F 453 -68.26 20.77 23.79
CA ILE F 453 -69.59 21.29 24.09
C ILE F 453 -70.72 20.66 23.25
N ASN F 454 -71.84 20.30 23.89
CA ASN F 454 -72.94 19.65 23.18
C ASN F 454 -73.93 20.68 22.56
N ILE F 455 -73.37 21.64 21.86
CA ILE F 455 -74.12 22.78 21.36
C ILE F 455 -73.72 22.96 19.89
N GLY F 456 -74.71 23.24 19.03
CA GLY F 456 -74.50 23.22 17.58
C GLY F 456 -73.63 24.34 17.03
N MSE F 457 -73.69 25.51 17.67
CA MSE F 457 -73.05 26.73 17.12
C MSE F 457 -72.16 27.37 18.17
O MSE F 457 -72.64 27.74 19.25
CB MSE F 457 -74.13 27.70 16.57
CG MSE F 457 -74.88 27.06 15.39
SE MSE F 457 -76.44 28.11 14.76
CE MSE F 457 -77.76 27.49 16.09
N VAL F 458 -70.87 27.46 17.89
CA VAL F 458 -69.89 27.84 18.89
C VAL F 458 -69.10 29.04 18.43
N GLY F 459 -68.97 30.01 19.32
CA GLY F 459 -68.19 31.22 19.05
C GLY F 459 -66.93 31.27 19.90
N VAL F 460 -65.81 31.54 19.24
CA VAL F 460 -64.55 31.75 19.92
C VAL F 460 -64.25 33.23 19.73
N ASN F 461 -64.40 33.97 20.83
CA ASN F 461 -64.30 35.42 20.87
C ASN F 461 -65.31 36.09 19.93
N VAL F 462 -66.47 35.42 19.79
CA VAL F 462 -67.53 35.84 18.89
C VAL F 462 -68.82 35.57 19.68
N PRO F 463 -69.62 36.62 19.90
CA PRO F 463 -70.74 36.49 20.86
C PRO F 463 -71.98 35.77 20.28
N ILE F 464 -72.23 35.93 18.99
CA ILE F 464 -73.43 35.37 18.35
C ILE F 464 -72.96 34.56 17.15
N PRO F 465 -72.62 33.30 17.38
CA PRO F 465 -71.98 32.49 16.33
C PRO F 465 -73.01 31.91 15.33
N VAL F 466 -73.82 32.76 14.71
CA VAL F 466 -74.74 32.35 13.67
C VAL F 466 -73.98 32.20 12.35
N PRO F 467 -73.97 30.99 11.84
CA PRO F 467 -73.23 30.75 10.59
C PRO F 467 -73.81 31.54 9.44
N LEU F 468 -72.98 31.83 8.44
CA LEU F 468 -73.42 32.55 7.28
C LEU F 468 -74.25 31.63 6.36
N ALA F 469 -74.95 32.24 5.41
CA ALA F 469 -75.87 31.55 4.50
C ALA F 469 -75.26 30.32 3.83
N TYR F 470 -73.97 30.41 3.48
CA TYR F 470 -73.31 29.30 2.78
C TYR F 470 -72.81 28.21 3.73
N HIS F 471 -72.83 28.50 5.02
CA HIS F 471 -72.72 27.42 6.02
C HIS F 471 -74.16 27.10 6.43
N SER F 472 -74.35 26.43 7.55
CA SER F 472 -75.69 25.98 7.91
C SER F 472 -75.97 26.30 9.37
N PHE F 473 -77.24 26.52 9.70
CA PHE F 473 -77.69 26.92 11.05
C PHE F 473 -78.40 25.78 11.77
N GLY F 474 -78.09 25.58 13.05
CA GLY F 474 -78.82 24.58 13.80
C GLY F 474 -78.28 24.28 15.19
N GLY F 475 -79.19 24.23 16.16
CA GLY F 475 -78.85 23.92 17.55
C GLY F 475 -78.91 22.42 17.81
N TRP F 476 -78.49 22.01 19.01
CA TRP F 476 -78.49 20.60 19.43
C TRP F 476 -79.43 20.46 20.63
N LYS F 477 -79.50 19.24 21.16
CA LYS F 477 -80.36 18.94 22.32
C LYS F 477 -81.77 19.45 22.02
N SER F 478 -82.41 20.16 22.93
CA SER F 478 -83.80 20.52 22.68
C SER F 478 -83.99 21.75 21.77
N SER F 479 -82.89 22.26 21.20
CA SER F 479 -82.96 23.42 20.31
C SER F 479 -83.25 23.09 18.84
N SER F 480 -83.28 21.79 18.51
CA SER F 480 -83.66 21.35 17.15
C SER F 480 -84.10 19.91 17.06
N PHE F 481 -84.70 19.59 15.91
CA PHE F 481 -85.33 18.29 15.65
C PHE F 481 -85.17 17.99 14.19
N GLY F 482 -84.79 16.74 13.89
CA GLY F 482 -84.55 16.30 12.52
C GLY F 482 -83.06 16.11 12.32
N ASP F 483 -82.64 16.00 11.07
CA ASP F 483 -81.24 15.68 10.79
C ASP F 483 -80.56 16.60 9.75
N LEU F 484 -81.27 17.66 9.33
CA LEU F 484 -80.72 18.64 8.41
C LEU F 484 -80.93 20.09 8.90
N ASN F 485 -79.91 20.92 8.70
CA ASN F 485 -79.92 22.32 9.15
C ASN F 485 -80.63 23.27 8.18
N GLN F 486 -80.74 24.53 8.62
CA GLN F 486 -81.19 25.65 7.78
C GLN F 486 -80.06 26.16 6.88
N HIS F 487 -80.44 26.57 5.68
CA HIS F 487 -79.52 26.97 4.61
C HIS F 487 -78.30 26.06 4.43
N GLY F 488 -77.28 26.57 3.76
CA GLY F 488 -76.12 25.75 3.43
C GLY F 488 -76.51 24.58 2.54
N THR F 489 -75.62 23.62 2.44
CA THR F 489 -75.87 22.47 1.59
C THR F 489 -76.91 21.57 2.22
N ASP F 490 -77.06 21.64 3.55
CA ASP F 490 -78.13 20.93 4.25
C ASP F 490 -79.51 21.25 3.70
N SER F 491 -79.78 22.53 3.48
CA SER F 491 -81.10 22.94 2.97
C SER F 491 -81.39 22.36 1.57
N ILE F 492 -80.36 22.26 0.72
CA ILE F 492 -80.50 21.68 -0.62
C ILE F 492 -80.87 20.21 -0.50
N LYS F 493 -80.32 19.57 0.52
CA LYS F 493 -80.65 18.19 0.80
C LYS F 493 -82.11 18.05 1.28
N PHE F 494 -82.55 18.98 2.14
CA PHE F 494 -83.89 18.88 2.71
C PHE F 494 -84.99 19.06 1.66
N TRP F 495 -84.75 19.94 0.67
CA TRP F 495 -85.75 20.29 -0.34
C TRP F 495 -85.62 19.52 -1.66
N THR F 496 -84.81 18.45 -1.68
CA THR F 496 -84.72 17.58 -2.83
C THR F 496 -84.84 16.12 -2.44
N ARG F 497 -85.27 15.29 -3.38
CA ARG F 497 -85.26 13.86 -3.18
C ARG F 497 -84.32 13.19 -4.18
N THR F 498 -83.70 12.11 -3.73
CA THR F 498 -82.68 11.45 -4.48
C THR F 498 -83.29 10.30 -5.23
N LYS F 499 -82.99 10.28 -6.53
CA LYS F 499 -83.35 9.21 -7.41
C LYS F 499 -82.03 8.67 -7.89
N THR F 500 -81.90 7.35 -7.98
CA THR F 500 -80.71 6.73 -8.54
C THR F 500 -81.08 5.78 -9.66
N ILE F 501 -80.39 5.95 -10.78
CA ILE F 501 -80.60 5.18 -11.97
C ILE F 501 -79.39 4.26 -12.21
N THR F 502 -79.67 2.99 -12.46
CA THR F 502 -78.67 2.02 -12.91
C THR F 502 -79.05 1.64 -14.33
N SER F 503 -78.10 1.75 -15.24
CA SER F 503 -78.39 1.77 -16.67
C SER F 503 -77.42 0.94 -17.50
N ARG F 504 -77.95 0.18 -18.45
CA ARG F 504 -77.14 -0.58 -19.40
C ARG F 504 -77.95 -0.79 -20.67
N TRP F 505 -77.32 -1.32 -21.70
CA TRP F 505 -77.97 -1.50 -22.99
C TRP F 505 -77.65 -2.85 -23.59
N PRO F 506 -78.66 -3.49 -24.21
CA PRO F 506 -78.40 -4.69 -25.01
C PRO F 506 -77.64 -4.30 -26.27
N SER F 507 -76.89 -5.25 -26.81
CA SER F 507 -76.22 -5.07 -28.09
C SER F 507 -77.25 -4.77 -29.19
N GLY F 508 -76.99 -3.74 -30.00
CA GLY F 508 -77.93 -3.34 -31.06
C GLY F 508 -77.28 -3.07 -32.40
N ILE F 509 -77.78 -2.02 -33.07
CA ILE F 509 -77.30 -1.63 -34.40
C ILE F 509 -75.80 -1.30 -34.53
N LYS F 510 -75.14 -0.96 -33.43
CA LYS F 510 -73.70 -0.73 -33.45
C LYS F 510 -72.87 -1.97 -33.88
N ASP F 511 -73.44 -3.16 -33.70
CA ASP F 511 -72.73 -4.44 -33.89
C ASP F 511 -73.05 -5.11 -35.22
N MSE G 24 -23.00 -10.17 -2.64
CA MSE G 24 -23.51 -9.18 -3.64
C MSE G 24 -24.80 -9.63 -4.26
O MSE G 24 -24.87 -10.73 -4.81
CB MSE G 24 -22.56 -8.97 -4.82
CG MSE G 24 -21.12 -8.67 -4.45
SE MSE G 24 -20.90 -6.81 -3.83
CE MSE G 24 -21.10 -7.26 -1.92
N TYR G 25 -25.83 -8.81 -4.20
CA TYR G 25 -27.05 -9.09 -4.94
C TYR G 25 -27.15 -8.20 -6.20
N GLU G 26 -27.94 -8.61 -7.18
CA GLU G 26 -28.09 -7.85 -8.42
C GLU G 26 -29.53 -7.57 -8.72
N LEU G 27 -29.90 -6.29 -8.68
CA LEU G 27 -31.27 -5.90 -8.96
C LEU G 27 -31.43 -5.49 -10.43
N GLY G 28 -32.51 -5.97 -11.05
CA GLY G 28 -32.87 -5.59 -12.40
C GLY G 28 -34.06 -4.63 -12.41
N HIS G 29 -35.07 -4.99 -13.17
CA HIS G 29 -36.31 -4.22 -13.23
C HIS G 29 -37.44 -5.15 -12.89
N PHE G 30 -38.65 -4.61 -12.81
CA PHE G 30 -39.82 -5.42 -12.67
C PHE G 30 -40.79 -5.06 -13.78
N ILE G 31 -40.95 -5.97 -14.74
CA ILE G 31 -41.78 -5.75 -15.90
C ILE G 31 -42.62 -7.00 -16.12
N ASP G 32 -43.91 -6.81 -16.37
CA ASP G 32 -44.89 -7.88 -16.63
C ASP G 32 -44.99 -8.96 -15.55
N GLY G 33 -44.93 -8.53 -14.29
CA GLY G 33 -45.15 -9.46 -13.18
C GLY G 33 -43.91 -10.23 -12.77
N LYS G 34 -42.80 -9.97 -13.46
CA LYS G 34 -41.56 -10.70 -13.20
C LYS G 34 -40.39 -9.77 -12.98
N ARG G 35 -39.47 -10.17 -12.11
CA ARG G 35 -38.15 -9.57 -12.05
C ARG G 35 -37.42 -9.88 -13.34
N VAL G 36 -36.91 -8.86 -14.00
CA VAL G 36 -36.12 -9.06 -15.24
C VAL G 36 -34.77 -8.37 -15.13
N ALA G 37 -33.81 -8.88 -15.90
CA ALA G 37 -32.45 -8.38 -15.89
C ALA G 37 -32.33 -7.07 -16.64
N GLY G 38 -33.22 -6.84 -17.60
CA GLY G 38 -33.07 -5.76 -18.58
C GLY G 38 -31.99 -6.10 -19.61
N THR G 39 -31.77 -5.21 -20.58
CA THR G 39 -30.82 -5.47 -21.67
C THR G 39 -29.63 -4.48 -21.72
N SER G 40 -29.70 -3.42 -20.91
CA SER G 40 -28.63 -2.41 -20.84
C SER G 40 -27.26 -3.00 -20.58
N GLY G 41 -27.14 -3.71 -19.45
CA GLY G 41 -25.84 -4.22 -19.00
C GLY G 41 -25.15 -3.31 -17.99
N ARG G 42 -25.48 -2.01 -18.01
CA ARG G 42 -24.95 -1.02 -17.07
C ARG G 42 -25.59 -1.11 -15.67
N VAL G 43 -24.80 -0.84 -14.65
CA VAL G 43 -25.23 -0.93 -13.25
C VAL G 43 -24.65 0.22 -12.43
N SER G 44 -25.25 0.50 -11.27
CA SER G 44 -24.60 1.34 -10.27
C SER G 44 -24.59 0.63 -8.92
N ASN G 45 -23.64 1.02 -8.07
CA ASN G 45 -23.40 0.36 -6.81
C ASN G 45 -24.44 0.69 -5.74
N ILE G 46 -24.87 -0.32 -5.00
CA ILE G 46 -25.71 -0.13 -3.82
C ILE G 46 -24.84 -0.29 -2.59
N PHE G 47 -24.84 0.72 -1.73
CA PHE G 47 -23.99 0.68 -0.53
C PHE G 47 -24.76 0.24 0.70
N ASN G 48 -24.01 -0.30 1.66
CA ASN G 48 -24.47 -0.37 3.04
C ASN G 48 -23.81 0.82 3.75
N PRO G 49 -24.59 1.88 3.98
CA PRO G 49 -24.06 3.13 4.51
C PRO G 49 -23.47 3.02 5.91
N ALA G 50 -23.91 2.02 6.68
CA ALA G 50 -23.30 1.74 7.98
C ALA G 50 -21.85 1.31 7.88
N THR G 51 -21.51 0.51 6.88
CA THR G 51 -20.12 0.03 6.71
C THR G 51 -19.31 0.77 5.66
N GLY G 52 -20.00 1.42 4.72
CA GLY G 52 -19.34 2.10 3.60
C GLY G 52 -19.06 1.17 2.43
N GLU G 53 -19.38 -0.10 2.61
CA GLU G 53 -19.08 -1.12 1.61
C GLU G 53 -20.20 -1.27 0.59
N VAL G 54 -19.82 -1.63 -0.63
CA VAL G 54 -20.78 -2.03 -1.66
C VAL G 54 -21.43 -3.36 -1.24
N GLN G 55 -22.75 -3.43 -1.30
CA GLN G 55 -23.48 -4.69 -0.99
C GLN G 55 -24.21 -5.27 -2.21
N GLY G 56 -24.38 -4.44 -3.25
CA GLY G 56 -25.05 -4.91 -4.46
C GLY G 56 -24.99 -3.95 -5.63
N THR G 57 -25.70 -4.29 -6.70
CA THR G 57 -25.79 -3.40 -7.85
C THR G 57 -27.23 -3.36 -8.33
N VAL G 58 -27.57 -2.27 -9.03
CA VAL G 58 -28.86 -2.12 -9.63
C VAL G 58 -28.68 -1.76 -11.10
N ALA G 59 -29.49 -2.37 -11.96
CA ALA G 59 -29.45 -2.12 -13.39
C ALA G 59 -29.89 -0.68 -13.71
N LEU G 60 -29.27 -0.09 -14.75
CA LEU G 60 -29.57 1.26 -15.21
C LEU G 60 -30.21 1.18 -16.60
N ALA G 61 -31.47 1.55 -16.69
CA ALA G 61 -32.28 1.24 -17.87
C ALA G 61 -31.88 2.01 -19.11
N SER G 62 -31.81 1.29 -20.22
CA SER G 62 -31.68 1.89 -21.53
C SER G 62 -33.03 2.42 -21.99
N ASP G 63 -33.02 3.22 -23.04
CA ASP G 63 -34.26 3.67 -23.66
C ASP G 63 -35.14 2.48 -24.04
N ALA G 64 -34.54 1.43 -24.60
CA ALA G 64 -35.27 0.23 -24.97
C ALA G 64 -35.86 -0.53 -23.77
N ASP G 65 -35.18 -0.49 -22.62
CA ASP G 65 -35.72 -1.09 -21.39
C ASP G 65 -37.00 -0.34 -20.98
N LEU G 66 -36.95 0.98 -20.99
CA LEU G 66 -38.10 1.80 -20.72
C LEU G 66 -39.22 1.59 -21.71
N ALA G 67 -38.91 1.49 -22.99
CA ALA G 67 -39.90 1.18 -24.00
C ALA G 67 -40.62 -0.14 -23.69
N ALA G 68 -39.85 -1.18 -23.34
CA ALA G 68 -40.44 -2.49 -22.96
C ALA G 68 -41.41 -2.40 -21.77
N ALA G 69 -41.11 -1.56 -20.79
CA ALA G 69 -42.06 -1.32 -19.69
C ALA G 69 -43.33 -0.60 -20.17
N VAL G 70 -43.20 0.35 -21.10
CA VAL G 70 -44.34 1.09 -21.66
C VAL G 70 -45.26 0.19 -22.52
N GLU G 71 -44.65 -0.63 -23.37
CA GLU G 71 -45.39 -1.60 -24.20
C GLU G 71 -46.18 -2.58 -23.33
N SER G 72 -45.53 -3.03 -22.25
CA SER G 72 -46.15 -3.87 -21.25
C SER G 72 -47.34 -3.15 -20.60
N ALA G 73 -47.13 -1.92 -20.14
CA ALA G 73 -48.21 -1.12 -19.57
C ALA G 73 -49.36 -0.96 -20.56
N LYS G 74 -49.03 -0.71 -21.81
CA LYS G 74 -50.02 -0.42 -22.84
C LYS G 74 -50.94 -1.61 -23.12
N ALA G 75 -50.38 -2.82 -23.08
CA ALA G 75 -51.15 -4.03 -23.29
C ALA G 75 -52.11 -4.29 -22.13
N ALA G 76 -51.67 -3.96 -20.91
CA ALA G 76 -52.40 -4.34 -19.69
C ALA G 76 -53.46 -3.31 -19.27
N GLN G 77 -53.19 -2.04 -19.54
CA GLN G 77 -54.04 -0.97 -19.00
C GLN G 77 -55.54 -1.04 -19.36
N PRO G 78 -55.89 -1.36 -20.62
CA PRO G 78 -57.34 -1.36 -20.95
C PRO G 78 -58.18 -2.37 -20.14
N LYS G 79 -57.65 -3.57 -19.92
CA LYS G 79 -58.38 -4.57 -19.14
C LYS G 79 -58.51 -4.13 -17.67
N TRP G 80 -57.45 -3.51 -17.16
CA TRP G 80 -57.48 -2.96 -15.81
C TRP G 80 -58.47 -1.77 -15.71
N ALA G 81 -58.46 -0.85 -16.67
CA ALA G 81 -59.42 0.27 -16.67
C ALA G 81 -60.87 -0.23 -16.77
N ALA G 82 -61.06 -1.39 -17.41
CA ALA G 82 -62.39 -2.00 -17.59
C ALA G 82 -62.88 -2.76 -16.35
N THR G 83 -62.04 -2.84 -15.31
CA THR G 83 -62.37 -3.58 -14.09
C THR G 83 -63.13 -2.64 -13.16
N ASN G 84 -64.19 -3.12 -12.50
CA ASN G 84 -65.02 -2.19 -11.73
C ASN G 84 -64.31 -1.60 -10.50
N PRO G 85 -64.71 -0.38 -10.06
CA PRO G 85 -63.92 0.32 -9.02
C PRO G 85 -63.80 -0.45 -7.71
N GLN G 86 -64.86 -1.17 -7.35
CA GLN G 86 -64.86 -1.99 -6.14
C GLN G 86 -63.85 -3.13 -6.20
N ARG G 87 -63.70 -3.74 -7.38
CA ARG G 87 -62.70 -4.79 -7.58
C ARG G 87 -61.29 -4.21 -7.60
N ARG G 88 -61.14 -3.02 -8.19
CA ARG G 88 -59.82 -2.39 -8.16
C ARG G 88 -59.43 -2.09 -6.70
N ALA G 89 -60.39 -1.62 -5.91
CA ALA G 89 -60.16 -1.30 -4.50
C ALA G 89 -59.77 -2.54 -3.67
N ARG G 90 -60.37 -3.69 -3.99
CA ARG G 90 -60.00 -4.95 -3.30
C ARG G 90 -58.54 -5.39 -3.47
N VAL G 91 -57.93 -5.07 -4.59
CA VAL G 91 -56.48 -5.30 -4.75
C VAL G 91 -55.70 -4.55 -3.67
N PHE G 92 -56.03 -3.26 -3.49
CA PHE G 92 -55.40 -2.45 -2.47
C PHE G 92 -55.67 -2.95 -1.05
N MSE G 93 -56.90 -3.40 -0.81
CA MSE G 93 -57.24 -4.04 0.46
C MSE G 93 -56.35 -5.23 0.74
O MSE G 93 -55.83 -5.35 1.84
CB MSE G 93 -58.70 -4.49 0.43
CG MSE G 93 -59.37 -4.10 1.74
SE MSE G 93 -61.31 -4.49 1.59
CE MSE G 93 -61.82 -3.70 -0.15
N LYS G 94 -56.15 -6.09 -0.23
CA LYS G 94 -55.22 -7.19 -0.07
C LYS G 94 -53.80 -6.75 0.17
N PHE G 95 -53.37 -5.73 -0.55
CA PHE G 95 -52.00 -5.24 -0.54
C PHE G 95 -51.67 -4.72 0.86
N VAL G 96 -52.59 -3.97 1.45
CA VAL G 96 -52.45 -3.46 2.81
C VAL G 96 -52.18 -4.63 3.76
N GLN G 97 -52.98 -5.70 3.67
CA GLN G 97 -52.72 -6.92 4.46
C GLN G 97 -51.32 -7.51 4.21
N LEU G 98 -50.88 -7.50 2.95
CA LEU G 98 -49.57 -8.05 2.59
C LEU G 98 -48.39 -7.21 3.13
N LEU G 99 -48.59 -5.89 3.19
CA LEU G 99 -47.55 -5.02 3.75
C LEU G 99 -47.40 -5.26 5.23
N ASN G 100 -48.53 -5.45 5.92
CA ASN G 100 -48.52 -5.76 7.33
C ASN G 100 -47.81 -7.08 7.62
N ASP G 101 -48.02 -8.10 6.78
CA ASP G 101 -47.36 -9.41 6.93
C ASP G 101 -45.87 -9.39 6.60
N ASN G 102 -45.46 -8.48 5.72
CA ASN G 102 -44.06 -8.42 5.28
C ASN G 102 -43.30 -7.23 5.87
N MSE G 103 -43.88 -6.62 6.92
CA MSE G 103 -43.35 -5.39 7.52
C MSE G 103 -41.90 -5.54 7.90
O MSE G 103 -41.06 -4.70 7.52
CB MSE G 103 -44.23 -5.02 8.71
CG MSE G 103 -43.82 -3.73 9.40
SE MSE G 103 -44.06 -2.20 8.18
CE MSE G 103 -46.02 -2.22 7.87
N ASN G 104 -41.59 -6.58 8.66
CA ASN G 104 -40.22 -6.81 9.11
C ASN G 104 -39.21 -6.94 7.97
N GLU G 105 -39.56 -7.76 6.98
CA GLU G 105 -38.69 -7.98 5.81
C GLU G 105 -38.53 -6.69 4.99
N LEU G 106 -39.65 -6.02 4.70
CA LEU G 106 -39.61 -4.72 4.02
C LEU G 106 -38.72 -3.72 4.76
N ALA G 107 -38.90 -3.60 6.08
CA ALA G 107 -38.12 -2.64 6.87
C ALA G 107 -36.62 -2.96 6.84
N GLU G 108 -36.28 -4.24 6.94
CA GLU G 108 -34.90 -4.67 6.97
C GLU G 108 -34.18 -4.32 5.68
N MSE G 109 -34.77 -4.62 4.53
CA MSE G 109 -34.13 -4.27 3.25
C MSE G 109 -34.03 -2.76 3.08
O MSE G 109 -33.04 -2.26 2.54
CB MSE G 109 -34.78 -4.96 2.05
CG MSE G 109 -36.22 -4.53 1.80
SE MSE G 109 -36.98 -5.50 0.25
CE MSE G 109 -37.21 -7.25 1.13
N LEU G 110 -35.03 -2.02 3.56
CA LEU G 110 -35.02 -0.55 3.48
C LEU G 110 -33.83 0.02 4.24
N SER G 111 -33.74 -0.34 5.52
CA SER G 111 -32.73 0.17 6.43
C SER G 111 -31.31 -0.18 5.98
N ARG G 112 -31.15 -1.39 5.49
CA ARG G 112 -29.86 -1.90 5.06
C ARG G 112 -29.27 -1.04 3.94
N GLU G 113 -30.14 -0.53 3.07
CA GLU G 113 -29.71 0.26 1.92
C GLU G 113 -29.72 1.75 2.20
N HIS G 114 -30.63 2.19 3.08
CA HIS G 114 -30.82 3.61 3.33
C HIS G 114 -29.96 4.15 4.47
N GLY G 115 -29.95 3.43 5.60
CA GLY G 115 -29.22 3.87 6.79
C GLY G 115 -30.11 4.03 8.02
N LYS G 116 -31.35 4.47 7.80
CA LYS G 116 -32.31 4.79 8.87
C LYS G 116 -32.64 3.61 9.79
N THR G 117 -33.14 3.89 10.99
CA THR G 117 -33.44 2.81 11.94
C THR G 117 -34.60 1.94 11.41
N ILE G 118 -34.74 0.75 11.97
CA ILE G 118 -35.82 -0.15 11.60
C ILE G 118 -37.19 0.49 11.84
N ASP G 119 -37.34 1.18 12.98
CA ASP G 119 -38.59 1.87 13.29
C ASP G 119 -38.87 2.98 12.28
N ASP G 120 -37.83 3.72 11.86
CA ASP G 120 -37.98 4.73 10.79
C ASP G 120 -38.48 4.09 9.51
N ALA G 121 -37.87 2.95 9.16
CA ALA G 121 -38.23 2.23 7.95
C ALA G 121 -39.68 1.73 8.00
N LYS G 122 -40.11 1.22 9.15
CA LYS G 122 -41.52 0.84 9.36
C LYS G 122 -42.46 2.03 9.22
N GLY G 123 -42.08 3.19 9.78
CA GLY G 123 -42.84 4.43 9.58
C GLY G 123 -42.97 4.80 8.11
N ASP G 124 -41.85 4.71 7.38
CA ASP G 124 -41.80 4.87 5.91
C ASP G 124 -42.88 4.01 5.22
N ILE G 125 -42.85 2.71 5.47
CA ILE G 125 -43.81 1.76 4.89
CA ILE G 125 -43.81 1.77 4.88
C ILE G 125 -45.26 2.06 5.31
N VAL G 126 -45.46 2.36 6.58
CA VAL G 126 -46.82 2.62 7.07
C VAL G 126 -47.45 3.83 6.37
N ARG G 127 -46.69 4.91 6.18
CA ARG G 127 -47.24 6.08 5.53
C ARG G 127 -47.61 5.77 4.07
N GLY G 128 -46.84 4.91 3.41
CA GLY G 128 -47.22 4.46 2.08
C GLY G 128 -48.48 3.63 2.13
N LEU G 129 -48.59 2.80 3.18
CA LEU G 129 -49.75 1.96 3.42
C LEU G 129 -51.03 2.78 3.56
N GLU G 130 -50.92 3.95 4.19
CA GLU G 130 -52.10 4.77 4.45
C GLU G 130 -52.70 5.39 3.17
N VAL G 131 -51.87 5.59 2.14
CA VAL G 131 -52.37 6.01 0.83
C VAL G 131 -53.15 4.85 0.19
N CYS G 132 -52.61 3.63 0.29
CA CYS G 132 -53.29 2.43 -0.13
C CYS G 132 -54.65 2.26 0.56
N GLU G 133 -54.71 2.51 1.88
CA GLU G 133 -55.98 2.48 2.61
C GLU G 133 -56.96 3.52 2.05
N PHE G 134 -56.43 4.69 1.70
CA PHE G 134 -57.24 5.79 1.23
C PHE G 134 -57.88 5.50 -0.12
N VAL G 135 -57.11 4.88 -1.03
CA VAL G 135 -57.62 4.58 -2.39
C VAL G 135 -58.57 3.38 -2.43
N ILE G 136 -58.70 2.67 -1.31
CA ILE G 136 -59.73 1.63 -1.18
C ILE G 136 -61.10 2.29 -1.41
N GLY G 137 -61.17 3.58 -1.07
CA GLY G 137 -62.38 4.37 -1.26
C GLY G 137 -62.53 4.93 -2.65
N ILE G 138 -61.76 4.41 -3.61
CA ILE G 138 -61.80 4.88 -5.01
C ILE G 138 -63.24 4.92 -5.63
N PRO G 139 -64.14 3.97 -5.27
CA PRO G 139 -65.46 4.06 -5.89
C PRO G 139 -66.14 5.41 -5.61
N HIS G 140 -66.13 5.82 -4.35
CA HIS G 140 -66.63 7.14 -4.00
C HIS G 140 -65.78 8.26 -4.58
N LEU G 141 -64.46 8.13 -4.46
CA LEU G 141 -63.52 9.20 -4.82
C LEU G 141 -63.51 9.56 -6.29
N GLN G 142 -63.85 8.59 -7.14
CA GLN G 142 -63.82 8.80 -8.59
C GLN G 142 -65.14 9.30 -9.19
N LYS G 143 -66.17 9.49 -8.36
CA LYS G 143 -67.44 10.00 -8.84
C LYS G 143 -67.30 11.33 -9.57
N SER G 144 -68.15 11.52 -10.58
CA SER G 144 -68.24 12.77 -11.31
C SER G 144 -69.62 13.42 -11.09
N GLU G 145 -69.93 14.46 -11.86
CA GLU G 145 -71.10 15.29 -11.56
C GLU G 145 -72.20 15.09 -12.61
N PHE G 146 -73.46 15.19 -12.19
CA PHE G 146 -74.60 15.05 -13.09
C PHE G 146 -75.58 16.20 -12.93
N THR G 147 -76.07 16.72 -14.06
CA THR G 147 -77.13 17.72 -14.11
C THR G 147 -78.24 17.27 -15.06
N GLU G 148 -79.46 17.22 -14.54
CA GLU G 148 -80.65 16.95 -15.33
C GLU G 148 -81.28 18.27 -15.73
N GLY G 149 -81.65 18.39 -17.00
CA GLY G 149 -82.34 19.56 -17.48
C GLY G 149 -81.47 20.81 -17.51
N ALA G 150 -80.20 20.62 -17.85
CA ALA G 150 -79.30 21.75 -18.12
C ALA G 150 -79.94 22.65 -19.18
N GLY G 151 -80.60 22.00 -20.13
CA GLY G 151 -81.53 22.64 -21.05
C GLY G 151 -82.80 21.82 -21.12
N PRO G 152 -83.76 22.23 -21.97
CA PRO G 152 -85.00 21.45 -22.12
C PRO G 152 -84.75 20.07 -22.76
N GLY G 153 -85.02 19.01 -22.00
CA GLY G 153 -84.75 17.64 -22.46
C GLY G 153 -83.27 17.31 -22.51
N ILE G 154 -82.43 18.18 -21.97
CA ILE G 154 -80.98 18.03 -22.07
C ILE G 154 -80.28 17.80 -20.73
N ASP G 155 -79.56 16.68 -20.65
CA ASP G 155 -78.79 16.32 -19.47
C ASP G 155 -77.30 16.57 -19.71
N MSE G 156 -76.56 16.83 -18.63
CA MSE G 156 -75.14 17.20 -18.74
C MSE G 156 -74.43 16.55 -17.60
O MSE G 156 -74.75 16.79 -16.42
CB MSE G 156 -74.97 18.71 -18.62
CG MSE G 156 -73.56 19.18 -18.94
SE MSE G 156 -73.63 21.15 -19.09
CE MSE G 156 -74.62 21.29 -20.78
N TYR G 157 -73.43 15.73 -17.94
CA TYR G 157 -72.69 14.97 -16.93
C TYR G 157 -71.26 14.65 -17.34
N SER G 158 -70.39 14.54 -16.36
CA SER G 158 -69.00 14.24 -16.59
C SER G 158 -68.66 12.82 -16.17
N ILE G 159 -67.48 12.37 -16.59
CA ILE G 159 -66.91 11.07 -16.23
C ILE G 159 -65.42 11.30 -16.05
N ARG G 160 -64.87 10.76 -14.97
CA ARG G 160 -63.44 10.87 -14.72
C ARG G 160 -62.78 9.59 -15.20
N GLN G 161 -62.10 9.67 -16.33
CA GLN G 161 -61.54 8.47 -16.95
C GLN G 161 -60.01 8.45 -16.75
N PRO G 162 -59.39 7.26 -16.88
CA PRO G 162 -57.93 7.17 -16.68
C PRO G 162 -57.17 8.07 -17.65
N VAL G 163 -56.03 8.63 -17.23
CA VAL G 163 -55.16 9.32 -18.19
C VAL G 163 -54.43 8.32 -19.10
N GLY G 164 -54.33 7.06 -18.65
CA GLY G 164 -53.69 5.99 -19.42
C GLY G 164 -52.46 5.43 -18.74
N ILE G 165 -51.30 5.97 -19.08
CA ILE G 165 -50.05 5.52 -18.50
C ILE G 165 -49.33 6.69 -17.84
N GLY G 166 -49.07 6.57 -16.54
CA GLY G 166 -48.29 7.57 -15.83
C GLY G 166 -46.96 7.03 -15.35
N ALA G 167 -46.08 7.93 -14.93
CA ALA G 167 -44.80 7.52 -14.39
C ALA G 167 -44.50 8.34 -13.16
N GLY G 168 -43.69 7.78 -12.28
CA GLY G 168 -43.27 8.47 -11.08
C GLY G 168 -41.79 8.31 -10.85
N ILE G 169 -41.17 9.39 -10.38
CA ILE G 169 -39.74 9.44 -10.12
C ILE G 169 -39.58 9.86 -8.67
N THR G 170 -38.84 9.07 -7.89
CA THR G 170 -38.88 9.17 -6.42
C THR G 170 -37.47 9.26 -5.83
N PRO G 171 -37.32 9.84 -4.63
CA PRO G 171 -35.98 10.11 -4.10
C PRO G 171 -35.49 9.00 -3.16
N PHE G 172 -34.25 9.09 -2.67
CA PHE G 172 -33.71 8.04 -1.78
C PHE G 172 -34.36 7.91 -0.40
N ASN G 173 -34.87 9.01 0.13
CA ASN G 173 -35.15 9.07 1.57
C ASN G 173 -36.38 8.30 2.03
N PHE G 174 -37.38 8.14 1.15
CA PHE G 174 -38.55 7.31 1.47
C PHE G 174 -38.89 6.42 0.27
N PRO G 175 -38.15 5.31 0.09
CA PRO G 175 -38.34 4.40 -1.04
C PRO G 175 -39.55 3.48 -0.88
N GLY G 176 -40.28 3.63 0.21
CA GLY G 176 -41.53 2.91 0.38
C GLY G 176 -42.68 3.87 0.21
N MSE G 177 -42.70 4.91 1.05
CA MSE G 177 -43.81 5.84 1.14
C MSE G 177 -44.09 6.50 -0.16
O MSE G 177 -45.22 6.49 -0.65
CB MSE G 177 -43.49 6.91 2.19
CG MSE G 177 -44.68 7.84 2.43
SE MSE G 177 -44.18 9.21 3.77
CE MSE G 177 -42.87 10.25 2.71
N ILE G 178 -43.06 7.10 -0.75
CA ILE G 178 -43.27 8.00 -1.88
C ILE G 178 -43.69 7.27 -3.17
N PRO G 179 -43.08 6.11 -3.46
CA PRO G 179 -43.65 5.32 -4.56
C PRO G 179 -45.14 5.04 -4.35
N MSE G 180 -45.51 4.70 -3.11
CA MSE G 180 -46.91 4.38 -2.82
C MSE G 180 -47.79 5.60 -2.92
O MSE G 180 -48.92 5.49 -3.39
CB MSE G 180 -47.08 3.66 -1.49
CG MSE G 180 -46.46 2.26 -1.59
SE MSE G 180 -46.89 1.21 0.01
CE MSE G 180 -45.20 1.44 0.99
N TRP G 181 -47.29 6.76 -2.48
CA TRP G 181 -48.00 8.04 -2.65
C TRP G 181 -48.50 8.14 -4.08
N MSE G 182 -47.66 7.73 -5.03
CA MSE G 182 -47.94 7.97 -6.45
C MSE G 182 -48.70 6.82 -7.08
O MSE G 182 -49.74 7.05 -7.68
CB MSE G 182 -46.63 8.17 -7.20
CG MSE G 182 -45.91 9.43 -6.76
SE MSE G 182 -44.17 9.35 -7.69
CE MSE G 182 -43.33 10.98 -7.00
N PHE G 183 -48.18 5.61 -6.95
CA PHE G 183 -48.78 4.49 -7.66
C PHE G 183 -50.15 4.04 -7.16
N ALA G 184 -50.44 4.25 -5.88
CA ALA G 184 -51.77 3.88 -5.35
C ALA G 184 -52.93 4.66 -6.00
N PRO G 185 -52.90 6.01 -5.97
CA PRO G 185 -53.97 6.70 -6.69
C PRO G 185 -53.92 6.50 -8.20
N ALA G 186 -52.72 6.46 -8.77
CA ALA G 186 -52.57 6.25 -10.19
C ALA G 186 -53.28 4.95 -10.61
N ILE G 187 -52.95 3.85 -9.96
CA ILE G 187 -53.51 2.54 -10.32
C ILE G 187 -54.98 2.40 -9.93
N ALA G 188 -55.34 2.85 -8.72
CA ALA G 188 -56.75 2.80 -8.30
C ALA G 188 -57.69 3.47 -9.32
N CYS G 189 -57.20 4.54 -9.96
CA CYS G 189 -57.97 5.28 -10.97
C CYS G 189 -58.04 4.57 -12.33
N GLY G 190 -57.30 3.45 -12.48
CA GLY G 190 -57.39 2.62 -13.68
C GLY G 190 -56.29 2.87 -14.71
N ASN G 191 -55.21 3.50 -14.27
CA ASN G 191 -54.02 3.72 -15.08
C ASN G 191 -53.04 2.57 -14.89
N ALA G 192 -52.10 2.43 -15.82
CA ALA G 192 -50.86 1.70 -15.56
C ALA G 192 -49.83 2.74 -15.11
N PHE G 193 -48.80 2.29 -14.41
CA PHE G 193 -47.85 3.20 -13.78
C PHE G 193 -46.46 2.59 -13.89
N ILE G 194 -45.50 3.43 -14.25
CA ILE G 194 -44.11 3.03 -14.35
C ILE G 194 -43.35 3.77 -13.25
N LEU G 195 -42.80 3.01 -12.30
CA LEU G 195 -42.02 3.60 -11.22
C LEU G 195 -40.54 3.63 -11.56
N LYS G 196 -39.92 4.76 -11.38
CA LYS G 196 -38.49 4.92 -11.52
C LYS G 196 -37.99 5.43 -10.19
N PRO G 197 -37.65 4.52 -9.27
CA PRO G 197 -37.26 4.88 -7.92
C PRO G 197 -35.80 5.31 -7.84
N SER G 198 -35.37 5.83 -6.69
CA SER G 198 -33.97 6.19 -6.50
C SER G 198 -33.06 4.96 -6.61
N GLU G 199 -31.96 5.13 -7.35
CA GLU G 199 -30.98 4.05 -7.53
C GLU G 199 -30.15 3.79 -6.25
N ARG G 200 -30.23 4.69 -5.28
CA ARG G 200 -29.49 4.51 -4.01
C ARG G 200 -29.95 3.27 -3.23
N ASP G 201 -31.27 3.06 -3.19
CA ASP G 201 -31.90 2.05 -2.36
C ASP G 201 -33.14 1.43 -3.01
N PRO G 202 -32.94 0.61 -4.05
CA PRO G 202 -34.03 0.18 -4.90
C PRO G 202 -34.68 -1.16 -4.54
N SER G 203 -34.28 -1.79 -3.43
CA SER G 203 -34.86 -3.10 -3.07
C SER G 203 -36.35 -3.06 -2.76
N VAL G 204 -36.76 -2.12 -1.90
CA VAL G 204 -38.19 -2.00 -1.50
C VAL G 204 -39.14 -1.84 -2.70
N PRO G 205 -38.86 -0.88 -3.60
CA PRO G 205 -39.78 -0.66 -4.73
C PRO G 205 -40.05 -1.92 -5.58
N ILE G 206 -39.04 -2.78 -5.77
CA ILE G 206 -39.25 -4.04 -6.51
C ILE G 206 -40.11 -5.01 -5.72
N ARG G 207 -39.85 -5.11 -4.42
CA ARG G 207 -40.64 -5.98 -3.57
C ARG G 207 -42.10 -5.53 -3.48
N LEU G 208 -42.33 -4.21 -3.45
CA LEU G 208 -43.70 -3.68 -3.45
C LEU G 208 -44.43 -4.07 -4.73
N ALA G 209 -43.71 -4.05 -5.84
CA ALA G 209 -44.26 -4.41 -7.14
C ALA G 209 -44.63 -5.91 -7.19
N GLU G 210 -43.75 -6.76 -6.66
CA GLU G 210 -44.02 -8.19 -6.43
C GLU G 210 -45.29 -8.41 -5.61
N LEU G 211 -45.34 -7.77 -4.45
CA LEU G 211 -46.49 -7.87 -3.55
C LEU G 211 -47.78 -7.35 -4.22
N MSE G 212 -47.67 -6.39 -5.14
CA MSE G 212 -48.87 -5.91 -5.85
C MSE G 212 -49.43 -7.07 -6.68
O MSE G 212 -50.65 -7.28 -6.69
CB MSE G 212 -48.68 -4.63 -6.64
CG MSE G 212 -48.76 -3.39 -5.73
SE MSE G 212 -50.60 -2.95 -5.07
CE MSE G 212 -51.45 -2.29 -6.72
N ILE G 213 -48.56 -7.82 -7.33
CA ILE G 213 -48.94 -9.06 -8.04
C ILE G 213 -49.62 -10.05 -7.08
N GLU G 214 -48.98 -10.32 -5.95
CA GLU G 214 -49.51 -11.24 -4.96
C GLU G 214 -50.92 -10.83 -4.47
N ALA G 215 -51.20 -9.52 -4.46
CA ALA G 215 -52.50 -8.98 -4.05
C ALA G 215 -53.54 -9.02 -5.15
N GLY G 216 -53.15 -9.45 -6.35
CA GLY G 216 -54.09 -9.57 -7.45
C GLY G 216 -53.99 -8.52 -8.55
N LEU G 217 -52.99 -7.64 -8.49
CA LEU G 217 -52.80 -6.68 -9.58
C LEU G 217 -52.34 -7.41 -10.84
N PRO G 218 -53.00 -7.14 -12.00
CA PRO G 218 -52.53 -7.82 -13.20
C PRO G 218 -51.10 -7.40 -13.56
N ALA G 219 -50.35 -8.32 -14.15
CA ALA G 219 -49.03 -8.02 -14.68
C ALA G 219 -49.07 -6.80 -15.60
N GLY G 220 -48.06 -5.95 -15.53
CA GLY G 220 -47.94 -4.81 -16.43
C GLY G 220 -48.54 -3.49 -15.92
N ILE G 221 -49.37 -3.56 -14.89
CA ILE G 221 -50.05 -2.39 -14.34
C ILE G 221 -49.12 -1.57 -13.42
N LEU G 222 -48.23 -2.25 -12.71
CA LEU G 222 -47.17 -1.62 -11.96
C LEU G 222 -45.82 -2.19 -12.39
N ASN G 223 -45.10 -1.44 -13.23
CA ASN G 223 -43.75 -1.81 -13.63
C ASN G 223 -42.71 -0.93 -12.95
N VAL G 224 -41.51 -1.48 -12.74
CA VAL G 224 -40.46 -0.74 -12.06
C VAL G 224 -39.24 -0.71 -12.94
N VAL G 225 -38.81 0.51 -13.29
CA VAL G 225 -37.68 0.69 -14.17
C VAL G 225 -36.58 1.45 -13.43
N ASN G 226 -35.52 0.74 -13.07
CA ASN G 226 -34.40 1.38 -12.39
C ASN G 226 -33.47 2.05 -13.38
N GLY G 227 -32.79 3.09 -12.92
CA GLY G 227 -31.89 3.86 -13.76
C GLY G 227 -31.61 5.23 -13.17
N ASP G 228 -30.85 6.02 -13.91
CA ASP G 228 -30.48 7.39 -13.51
C ASP G 228 -31.17 8.40 -14.44
N LYS G 229 -30.48 9.50 -14.74
CA LYS G 229 -30.94 10.52 -15.68
C LYS G 229 -31.41 9.96 -17.03
N GLY G 230 -30.68 8.98 -17.56
CA GLY G 230 -31.12 8.27 -18.77
C GLY G 230 -32.54 7.76 -18.70
N ALA G 231 -32.88 7.08 -17.62
CA ALA G 231 -34.25 6.56 -17.46
C ALA G 231 -35.29 7.69 -17.35
N VAL G 232 -34.96 8.72 -16.57
CA VAL G 232 -35.83 9.89 -16.40
C VAL G 232 -36.13 10.55 -17.75
N ASP G 233 -35.08 10.79 -18.53
CA ASP G 233 -35.24 11.40 -19.86
C ASP G 233 -36.04 10.56 -20.82
N ALA G 234 -35.82 9.25 -20.78
CA ALA G 234 -36.59 8.32 -21.59
C ALA G 234 -38.09 8.37 -21.25
N ILE G 235 -38.41 8.46 -19.96
CA ILE G 235 -39.80 8.63 -19.51
C ILE G 235 -40.40 9.95 -20.03
N LEU G 236 -39.65 11.04 -19.86
CA LEU G 236 -40.16 12.39 -20.13
C LEU G 236 -40.41 12.62 -21.60
N THR G 237 -39.64 11.95 -22.45
CA THR G 237 -39.80 12.13 -23.89
C THR G 237 -40.61 11.02 -24.56
N HIS G 238 -41.01 10.01 -23.79
CA HIS G 238 -41.78 8.92 -24.38
C HIS G 238 -43.22 9.34 -24.61
N PRO G 239 -43.68 9.29 -25.88
CA PRO G 239 -45.00 9.84 -26.25
C PRO G 239 -46.22 9.11 -25.68
N ASP G 240 -46.07 7.90 -25.14
CA ASP G 240 -47.24 7.18 -24.61
C ASP G 240 -47.46 7.36 -23.11
N ILE G 241 -46.53 8.06 -22.45
CA ILE G 241 -46.68 8.44 -21.05
C ILE G 241 -47.36 9.80 -20.95
N ALA G 242 -48.53 9.83 -20.29
CA ALA G 242 -49.40 10.97 -20.28
C ALA G 242 -49.12 11.95 -19.14
N ALA G 243 -48.57 11.43 -18.04
CA ALA G 243 -48.47 12.18 -16.79
C ALA G 243 -47.24 11.76 -16.01
N VAL G 244 -46.59 12.72 -15.36
CA VAL G 244 -45.38 12.45 -14.57
C VAL G 244 -45.48 13.05 -13.17
N SER G 245 -45.15 12.27 -12.15
CA SER G 245 -45.09 12.77 -10.78
C SER G 245 -43.64 12.65 -10.31
N PHE G 246 -43.14 13.72 -9.68
CA PHE G 246 -41.75 13.72 -9.20
C PHE G 246 -41.63 14.21 -7.79
N VAL G 247 -40.81 13.54 -7.00
CA VAL G 247 -40.44 14.03 -5.69
C VAL G 247 -38.93 13.94 -5.51
N GLY G 248 -38.31 15.07 -5.17
CA GLY G 248 -36.86 15.12 -4.93
C GLY G 248 -36.36 16.53 -4.72
N SER G 249 -35.11 16.78 -5.10
CA SER G 249 -34.50 18.08 -4.89
C SER G 249 -35.15 19.10 -5.82
N THR G 250 -35.09 20.36 -5.41
CA THR G 250 -35.64 21.47 -6.19
C THR G 250 -35.08 21.56 -7.60
N PRO G 251 -33.73 21.56 -7.75
CA PRO G 251 -33.22 21.71 -9.12
C PRO G 251 -33.73 20.61 -10.05
N ILE G 252 -33.82 19.38 -9.56
CA ILE G 252 -34.29 18.30 -10.43
C ILE G 252 -35.80 18.44 -10.65
N ALA G 253 -36.52 18.86 -9.61
CA ALA G 253 -37.96 19.14 -9.75
C ALA G 253 -38.26 20.14 -10.88
N ARG G 254 -37.49 21.24 -10.95
CA ARG G 254 -37.65 22.23 -12.00
C ARG G 254 -37.46 21.60 -13.37
N TYR G 255 -36.37 20.82 -13.48
CA TYR G 255 -35.99 20.24 -14.75
C TYR G 255 -37.06 19.27 -15.23
N VAL G 256 -37.51 18.39 -14.34
CA VAL G 256 -38.54 17.42 -14.66
C VAL G 256 -39.83 18.17 -15.02
N TYR G 257 -40.20 19.16 -14.20
CA TYR G 257 -41.41 19.94 -14.48
C TYR G 257 -41.40 20.60 -15.86
N GLY G 258 -40.36 21.41 -16.12
CA GLY G 258 -40.24 22.06 -17.41
C GLY G 258 -40.21 21.07 -18.58
N THR G 259 -39.39 20.04 -18.45
CA THR G 259 -39.20 19.06 -19.54
C THR G 259 -40.48 18.27 -19.84
N ALA G 260 -41.20 17.86 -18.80
CA ALA G 260 -42.46 17.12 -18.97
C ALA G 260 -43.46 17.98 -19.72
N ALA G 261 -43.58 19.23 -19.25
CA ALA G 261 -44.45 20.21 -19.88
C ALA G 261 -44.05 20.50 -21.33
N MSE G 262 -42.75 20.57 -21.61
CA MSE G 262 -42.25 20.78 -22.96
C MSE G 262 -42.64 19.61 -23.83
O MSE G 262 -42.76 19.75 -25.01
CB MSE G 262 -40.75 20.99 -23.06
CG MSE G 262 -40.23 22.36 -22.68
SE MSE G 262 -40.80 23.78 -23.88
CE MSE G 262 -41.72 23.10 -25.41
N ASN G 263 -42.85 18.46 -23.24
CA ASN G 263 -43.30 17.28 -24.00
C ASN G 263 -44.81 17.08 -24.03
N GLY G 264 -45.53 18.01 -23.42
CA GLY G 264 -46.99 18.02 -23.48
C GLY G 264 -47.66 17.18 -22.42
N LYS G 265 -46.89 16.69 -21.46
CA LYS G 265 -47.39 15.83 -20.40
C LYS G 265 -47.92 16.65 -19.24
N ARG G 266 -48.82 16.07 -18.45
CA ARG G 266 -49.16 16.70 -17.18
C ARG G 266 -48.12 16.33 -16.13
N ALA G 267 -47.87 17.25 -15.20
CA ALA G 267 -46.78 17.08 -14.24
C ALA G 267 -47.06 17.69 -12.88
N GLN G 268 -46.60 17.00 -11.85
CA GLN G 268 -46.57 17.57 -10.51
C GLN G 268 -45.21 17.24 -9.95
N CYS G 269 -44.52 18.23 -9.42
CA CYS G 269 -43.17 18.02 -8.91
C CYS G 269 -43.01 18.65 -7.56
N PHE G 270 -42.27 17.98 -6.69
CA PHE G 270 -42.13 18.41 -5.31
C PHE G 270 -40.65 18.40 -4.94
N GLY G 271 -40.21 19.52 -4.38
CA GLY G 271 -38.79 19.81 -4.21
C GLY G 271 -38.28 19.86 -2.78
N GLY G 272 -37.27 20.70 -2.57
CA GLY G 272 -36.59 20.81 -1.30
C GLY G 272 -37.26 21.73 -0.28
N ALA G 273 -36.54 21.97 0.81
CA ALA G 273 -37.10 22.56 2.02
C ALA G 273 -36.03 23.15 2.92
N LYS G 274 -36.41 24.18 3.68
CA LYS G 274 -35.68 24.59 4.87
C LYS G 274 -36.72 24.98 5.91
N ASN G 275 -37.31 23.97 6.56
CA ASN G 275 -38.41 24.19 7.49
C ASN G 275 -37.97 24.86 8.77
N HIS G 276 -38.68 25.95 9.12
CA HIS G 276 -38.47 26.71 10.35
C HIS G 276 -39.51 26.34 11.39
N MSE G 277 -39.10 26.27 12.66
CA MSE G 277 -40.03 26.23 13.79
C MSE G 277 -39.84 27.51 14.59
O MSE G 277 -38.76 27.78 15.08
CB MSE G 277 -39.77 25.06 14.74
CG MSE G 277 -40.69 25.10 15.97
SE MSE G 277 -40.10 23.87 17.44
CE MSE G 277 -40.36 22.23 16.38
N ILE G 278 -40.92 28.27 14.72
CA ILE G 278 -40.91 29.51 15.49
C ILE G 278 -41.37 29.18 16.90
N ILE G 279 -40.60 29.61 17.90
CA ILE G 279 -40.97 29.37 19.29
C ILE G 279 -41.25 30.71 19.98
N MSE G 280 -42.53 30.95 20.28
CA MSE G 280 -42.96 32.20 20.94
C MSE G 280 -42.63 32.07 22.41
O MSE G 280 -42.49 30.95 22.90
CB MSE G 280 -44.47 32.32 20.73
CG MSE G 280 -44.91 32.61 19.29
SE MSE G 280 -44.15 34.34 18.66
CE MSE G 280 -45.29 35.57 19.71
N PRO G 281 -42.50 33.21 23.13
CA PRO G 281 -42.08 33.12 24.56
C PRO G 281 -43.11 32.42 25.47
N ASP G 282 -44.34 32.28 25.01
CA ASP G 282 -45.36 31.63 25.81
C ASP G 282 -45.49 30.13 25.50
N ALA G 283 -44.64 29.61 24.60
CA ALA G 283 -44.71 28.20 24.21
C ALA G 283 -44.31 27.26 25.34
N ASP G 284 -44.78 26.01 25.30
CA ASP G 284 -44.27 24.98 26.20
C ASP G 284 -42.86 24.64 25.72
N LEU G 285 -41.86 25.27 26.36
CA LEU G 285 -40.47 25.16 25.93
C LEU G 285 -39.96 23.74 25.90
N ASP G 286 -40.36 22.95 26.89
CA ASP G 286 -39.90 21.57 27.01
C ASP G 286 -40.44 20.71 25.88
N GLN G 287 -41.72 20.84 25.58
CA GLN G 287 -42.29 20.16 24.42
C GLN G 287 -41.67 20.63 23.10
N ALA G 288 -41.37 21.92 22.99
CA ALA G 288 -40.69 22.46 21.81
C ALA G 288 -39.30 21.86 21.65
N ALA G 289 -38.54 21.86 22.75
CA ALA G 289 -37.20 21.28 22.79
C ALA G 289 -37.24 19.80 22.40
N ASN G 290 -38.10 19.04 23.04
CA ASN G 290 -38.25 17.62 22.71
C ASN G 290 -38.62 17.41 21.24
N ALA G 291 -39.56 18.21 20.75
CA ALA G 291 -39.99 18.14 19.34
C ALA G 291 -38.85 18.42 18.37
N LEU G 292 -38.01 19.40 18.71
CA LEU G 292 -36.85 19.77 17.89
C LEU G 292 -35.84 18.64 17.71
N ILE G 293 -35.66 17.83 18.75
CA ILE G 293 -34.72 16.72 18.70
C ILE G 293 -35.18 15.67 17.68
N GLY G 294 -36.44 15.24 17.79
CA GLY G 294 -37.01 14.30 16.83
C GLY G 294 -37.06 14.86 15.41
N ALA G 295 -37.55 16.08 15.27
CA ALA G 295 -37.70 16.69 13.94
C ALA G 295 -36.38 17.13 13.33
N GLY G 296 -35.42 17.51 14.17
CA GLY G 296 -34.11 17.97 13.70
C GLY G 296 -33.18 16.82 13.35
N TYR G 297 -33.21 15.76 14.17
CA TYR G 297 -32.21 14.71 14.07
C TYR G 297 -32.76 13.36 13.63
N GLY G 298 -34.09 13.17 13.70
CA GLY G 298 -34.69 11.94 13.18
C GLY G 298 -34.27 11.72 11.74
N SER G 299 -33.98 10.46 11.39
CA SER G 299 -33.49 10.09 10.05
C SER G 299 -32.22 10.84 9.69
N ALA G 300 -31.48 11.26 10.71
CA ALA G 300 -30.27 12.08 10.53
C ALA G 300 -30.53 13.34 9.69
N GLY G 301 -31.72 13.90 9.83
CA GLY G 301 -32.09 15.15 9.15
C GLY G 301 -32.35 15.02 7.65
N GLU G 302 -32.38 13.78 7.16
CA GLU G 302 -32.63 13.52 5.72
C GLU G 302 -34.12 13.48 5.37
N ARG G 303 -34.82 14.56 5.68
CA ARG G 303 -36.24 14.68 5.34
C ARG G 303 -36.53 16.08 4.85
N CYS G 304 -37.44 16.18 3.88
CA CYS G 304 -37.89 17.47 3.39
C CYS G 304 -38.87 18.10 4.38
N MSE G 305 -39.21 17.38 5.45
CA MSE G 305 -40.01 17.95 6.52
C MSE G 305 -39.26 17.92 7.84
O MSE G 305 -39.84 18.13 8.90
CB MSE G 305 -41.39 17.27 6.60
CG MSE G 305 -42.19 17.41 5.31
SE MSE G 305 -42.87 19.25 5.06
CE MSE G 305 -44.28 19.10 6.43
N ALA G 306 -37.95 17.70 7.79
CA ALA G 306 -37.12 17.94 8.96
C ALA G 306 -37.19 19.43 9.33
N ILE G 307 -37.12 19.72 10.63
CA ILE G 307 -36.88 21.10 11.05
C ILE G 307 -35.37 21.36 10.98
N SER G 308 -34.98 22.33 10.17
CA SER G 308 -33.57 22.63 9.97
C SER G 308 -33.20 24.01 10.52
N VAL G 309 -34.22 24.78 10.88
CA VAL G 309 -34.02 26.08 11.53
C VAL G 309 -35.00 26.24 12.68
N ALA G 310 -34.47 26.50 13.88
CA ALA G 310 -35.31 26.85 15.03
C ALA G 310 -35.23 28.36 15.24
N VAL G 311 -36.39 28.99 15.41
CA VAL G 311 -36.47 30.44 15.56
C VAL G 311 -37.13 30.82 16.90
N PRO G 312 -36.34 30.84 17.99
CA PRO G 312 -36.89 31.29 19.27
C PRO G 312 -37.11 32.79 19.24
N VAL G 313 -38.20 33.25 19.88
CA VAL G 313 -38.54 34.67 19.89
C VAL G 313 -38.18 35.27 21.23
N GLY G 314 -37.22 36.18 21.23
CA GLY G 314 -36.72 36.82 22.46
C GLY G 314 -35.47 36.19 23.03
N GLU G 315 -34.70 37.00 23.77
CA GLU G 315 -33.44 36.56 24.39
C GLU G 315 -33.59 35.37 25.32
N GLU G 316 -34.53 35.44 26.26
CA GLU G 316 -34.69 34.37 27.24
C GLU G 316 -35.10 33.04 26.62
N THR G 317 -36.10 33.06 25.77
CA THR G 317 -36.54 31.85 25.07
C THR G 317 -35.37 31.17 24.36
N ALA G 318 -34.54 31.97 23.71
CA ALA G 318 -33.39 31.46 22.97
C ALA G 318 -32.37 30.82 23.89
N ASN G 319 -31.99 31.52 24.96
CA ASN G 319 -31.02 30.97 25.91
C ASN G 319 -31.50 29.68 26.56
N ARG G 320 -32.74 29.67 27.02
CA ARG G 320 -33.31 28.46 27.65
C ARG G 320 -33.45 27.31 26.65
N LEU G 321 -33.91 27.63 25.43
CA LEU G 321 -34.03 26.61 24.39
C LEU G 321 -32.68 25.98 24.08
N ILE G 322 -31.64 26.80 23.90
CA ILE G 322 -30.31 26.28 23.60
C ILE G 322 -29.80 25.40 24.75
N ASP G 323 -30.04 25.85 25.96
CA ASP G 323 -29.63 25.10 27.14
C ASP G 323 -30.34 23.75 27.24
N LYS G 324 -31.58 23.67 26.76
CA LYS G 324 -32.34 22.41 26.75
C LYS G 324 -31.87 21.47 25.65
N LEU G 325 -31.52 22.04 24.49
CA LEU G 325 -31.18 21.26 23.30
C LEU G 325 -29.85 20.54 23.38
N VAL G 326 -28.84 21.24 23.90
CA VAL G 326 -27.45 20.76 23.94
C VAL G 326 -27.28 19.35 24.54
N PRO G 327 -27.77 19.09 25.78
CA PRO G 327 -27.51 17.73 26.27
C PRO G 327 -28.18 16.67 25.40
N MSE G 328 -29.33 17.00 24.83
CA MSE G 328 -30.11 16.00 24.11
C MSE G 328 -29.47 15.73 22.78
O MSE G 328 -29.43 14.58 22.34
CB MSE G 328 -31.58 16.37 24.00
CG MSE G 328 -32.25 16.30 25.36
SE MSE G 328 -34.23 16.39 25.17
CE MSE G 328 -34.39 18.35 24.97
N VAL G 329 -28.92 16.77 22.14
CA VAL G 329 -28.15 16.56 20.91
C VAL G 329 -26.90 15.72 21.24
N GLU G 330 -26.28 16.01 22.39
CA GLU G 330 -25.07 15.27 22.78
C GLU G 330 -25.31 13.79 23.06
N SER G 331 -26.45 13.44 23.67
CA SER G 331 -26.68 12.06 24.03
C SER G 331 -27.52 11.25 23.03
N LEU G 332 -27.62 11.74 21.80
CA LEU G 332 -28.20 10.93 20.71
C LEU G 332 -27.39 9.64 20.52
N ARG G 333 -28.08 8.49 20.49
CA ARG G 333 -27.40 7.24 20.22
C ARG G 333 -27.28 7.07 18.71
N ILE G 334 -26.05 6.96 18.23
CA ILE G 334 -25.83 6.82 16.79
C ILE G 334 -25.40 5.40 16.47
N GLY G 335 -26.06 4.76 15.53
CA GLY G 335 -25.68 3.40 15.18
C GLY G 335 -26.24 2.89 13.87
N PRO G 336 -25.77 1.69 13.46
CA PRO G 336 -26.30 0.95 12.31
C PRO G 336 -27.71 0.43 12.61
N TYR G 337 -28.48 0.11 11.58
CA TYR G 337 -29.86 -0.40 11.72
C TYR G 337 -29.95 -1.66 12.61
N THR G 338 -28.85 -2.39 12.71
CA THR G 338 -28.80 -3.61 13.54
C THR G 338 -28.81 -3.30 15.04
N ASP G 339 -28.39 -2.09 15.43
CA ASP G 339 -28.51 -1.64 16.81
C ASP G 339 -29.87 -0.94 16.99
N GLU G 340 -30.78 -1.62 17.69
CA GLU G 340 -32.16 -1.13 17.74
C GLU G 340 -32.38 -0.10 18.85
N LYS G 341 -31.30 0.29 19.52
CA LYS G 341 -31.34 1.38 20.49
C LYS G 341 -30.97 2.73 19.86
N ALA G 342 -30.45 2.71 18.63
CA ALA G 342 -29.99 3.94 17.99
C ALA G 342 -31.15 4.88 17.68
N ASP G 343 -30.93 6.18 17.88
CA ASP G 343 -31.89 7.21 17.48
C ASP G 343 -31.61 7.63 16.04
N MSE G 344 -30.39 7.38 15.59
CA MSE G 344 -29.93 7.90 14.30
C MSE G 344 -28.93 6.98 13.66
O MSE G 344 -28.14 6.33 14.34
CB MSE G 344 -29.27 9.25 14.62
CG MSE G 344 -29.21 10.17 13.43
SE MSE G 344 -28.55 11.91 14.08
CE MSE G 344 -26.64 11.67 13.68
N GLY G 345 -28.97 6.93 12.34
CA GLY G 345 -28.02 6.13 11.55
C GLY G 345 -27.09 6.99 10.72
N PRO G 346 -26.44 6.39 9.69
CA PRO G 346 -25.53 7.19 8.88
C PRO G 346 -26.29 7.89 7.77
N VAL G 347 -25.67 8.88 7.12
CA VAL G 347 -26.27 9.45 5.93
C VAL G 347 -26.08 8.49 4.76
N VAL G 348 -26.75 8.74 3.65
CA VAL G 348 -26.92 7.73 2.59
C VAL G 348 -25.67 7.34 1.78
N THR G 349 -24.84 8.31 1.39
CA THR G 349 -23.64 8.03 0.61
C THR G 349 -22.44 8.81 1.14
N LYS G 350 -21.25 8.46 0.65
CA LYS G 350 -20.04 9.24 0.95
C LYS G 350 -20.20 10.69 0.47
N GLU G 351 -20.76 10.85 -0.73
CA GLU G 351 -21.04 12.16 -1.33
C GLU G 351 -21.86 13.06 -0.38
N ALA G 352 -22.99 12.54 0.11
CA ALA G 352 -23.84 13.31 1.03
C ALA G 352 -23.08 13.72 2.28
N GLU G 353 -22.33 12.78 2.86
CA GLU G 353 -21.52 13.06 4.05
C GLU G 353 -20.53 14.19 3.80
N GLN G 354 -19.90 14.17 2.62
CA GLN G 354 -18.89 15.18 2.29
C GLN G 354 -19.55 16.56 2.14
N ARG G 355 -20.72 16.58 1.51
CA ARG G 355 -21.42 17.83 1.28
C ARG G 355 -21.83 18.45 2.61
N ILE G 356 -22.33 17.61 3.52
CA ILE G 356 -22.73 18.06 4.85
C ILE G 356 -21.56 18.62 5.66
N ARG G 357 -20.41 17.95 5.62
CA ARG G 357 -19.24 18.41 6.35
C ARG G 357 -18.74 19.77 5.83
N SER G 358 -18.82 19.98 4.51
CA SER G 358 -18.41 21.28 3.93
C SER G 358 -19.32 22.39 4.42
N LEU G 359 -20.61 22.09 4.48
CA LEU G 359 -21.59 23.05 4.93
C LEU G 359 -21.40 23.37 6.41
N ILE G 360 -21.18 22.35 7.24
CA ILE G 360 -20.82 22.56 8.66
C ILE G 360 -19.60 23.48 8.73
N ASP G 361 -18.56 23.15 7.98
CA ASP G 361 -17.37 23.99 7.88
C ASP G 361 -17.67 25.42 7.44
N SER G 362 -18.55 25.60 6.46
CA SER G 362 -18.97 26.93 6.01
C SER G 362 -19.60 27.74 7.14
N GLY G 363 -20.34 27.05 8.02
CA GLY G 363 -21.01 27.69 9.15
C GLY G 363 -20.03 28.26 10.14
N ILE G 364 -19.06 27.44 10.53
CA ILE G 364 -17.94 27.88 11.37
C ILE G 364 -17.25 29.10 10.74
N GLU G 365 -16.81 28.96 9.49
CA GLU G 365 -16.10 30.05 8.80
C GLU G 365 -16.91 31.34 8.66
N GLN G 366 -18.23 31.22 8.53
CA GLN G 366 -19.08 32.40 8.41
C GLN G 366 -19.50 33.01 9.75
N GLY G 367 -19.06 32.40 10.85
CA GLY G 367 -19.21 32.98 12.18
C GLY G 367 -20.35 32.47 13.04
N ALA G 368 -20.96 31.35 12.67
CA ALA G 368 -22.01 30.73 13.48
C ALA G 368 -21.38 30.05 14.67
N LYS G 369 -22.09 30.00 15.81
CA LYS G 369 -21.57 29.37 17.03
C LYS G 369 -21.92 27.87 17.13
N LEU G 370 -20.96 27.00 16.84
CA LEU G 370 -21.21 25.55 16.90
C LEU G 370 -21.21 25.02 18.34
N VAL G 371 -22.36 25.10 19.01
CA VAL G 371 -22.49 24.68 20.41
C VAL G 371 -22.46 23.17 20.66
N VAL G 372 -22.82 22.37 19.65
CA VAL G 372 -22.64 20.92 19.68
C VAL G 372 -21.98 20.51 18.38
N ASP G 373 -20.72 20.08 18.49
CA ASP G 373 -19.86 19.77 17.34
C ASP G 373 -19.80 18.26 17.15
N GLY G 374 -20.46 17.77 16.11
CA GLY G 374 -20.48 16.33 15.87
C GLY G 374 -19.54 15.86 14.78
N ARG G 375 -18.58 16.71 14.39
CA ARG G 375 -17.63 16.36 13.33
C ARG G 375 -16.69 15.23 13.72
N ASP G 376 -16.27 15.20 15.00
CA ASP G 376 -15.33 14.20 15.54
C ASP G 376 -15.88 12.79 15.73
N PHE G 377 -17.19 12.61 15.62
CA PHE G 377 -17.80 11.33 15.95
C PHE G 377 -17.30 10.18 15.09
N LYS G 378 -16.98 9.05 15.73
CA LYS G 378 -16.54 7.84 15.06
C LYS G 378 -17.13 6.63 15.77
N LEU G 379 -17.69 5.71 14.99
CA LEU G 379 -18.25 4.48 15.55
C LEU G 379 -17.29 3.32 15.35
N GLN G 380 -16.83 2.75 16.46
CA GLN G 380 -15.85 1.67 16.43
C GLN G 380 -16.43 0.49 15.68
N GLY G 381 -15.64 -0.07 14.79
CA GLY G 381 -16.09 -1.19 13.96
C GLY G 381 -16.85 -0.72 12.72
N TYR G 382 -17.12 0.58 12.65
CA TYR G 382 -17.87 1.16 11.53
C TYR G 382 -17.20 2.43 11.02
N GLU G 383 -15.87 2.43 11.06
CA GLU G 383 -15.06 3.60 10.78
C GLU G 383 -15.29 4.15 9.37
N ASN G 384 -15.66 3.29 8.43
CA ASN G 384 -15.96 3.71 7.05
C ASN G 384 -17.45 3.97 6.74
N GLY G 385 -18.31 3.80 7.73
CA GLY G 385 -19.72 4.18 7.62
C GLY G 385 -19.88 5.68 7.48
N HIS G 386 -21.05 6.12 7.02
CA HIS G 386 -21.25 7.54 6.73
C HIS G 386 -21.87 8.26 7.92
N PHE G 387 -21.24 8.07 9.07
CA PHE G 387 -21.71 8.61 10.33
C PHE G 387 -21.18 10.01 10.58
N ILE G 388 -22.08 10.91 10.97
CA ILE G 388 -21.77 12.26 11.41
C ILE G 388 -22.51 12.44 12.73
N GLY G 389 -21.83 12.94 13.75
CA GLY G 389 -22.50 13.27 15.02
C GLY G 389 -23.44 14.44 14.84
N GLY G 390 -24.43 14.55 15.71
CA GLY G 390 -25.35 15.69 15.72
C GLY G 390 -24.64 17.02 15.86
N CYS G 391 -25.06 18.00 15.07
CA CYS G 391 -24.49 19.34 15.11
C CYS G 391 -25.57 20.35 15.39
N LEU G 392 -25.25 21.29 16.28
CA LEU G 392 -26.15 22.37 16.63
C LEU G 392 -25.45 23.72 16.57
N PHE G 393 -25.98 24.63 15.75
CA PHE G 393 -25.43 25.96 15.55
C PHE G 393 -26.30 27.01 16.22
N ASP G 394 -25.64 28.01 16.81
CA ASP G 394 -26.34 29.16 17.40
C ASP G 394 -25.80 30.41 16.69
N ASP G 395 -26.54 31.52 16.83
CA ASP G 395 -26.20 32.80 16.23
C ASP G 395 -26.13 32.71 14.71
N VAL G 396 -27.05 31.95 14.11
CA VAL G 396 -27.09 31.82 12.68
C VAL G 396 -27.88 33.01 12.11
N THR G 397 -27.44 33.53 10.97
CA THR G 397 -28.09 34.67 10.32
C THR G 397 -28.49 34.34 8.87
N PRO G 398 -29.49 35.03 8.32
CA PRO G 398 -30.02 34.64 7.00
C PRO G 398 -29.01 34.77 5.85
N ASP G 399 -27.90 35.45 6.08
CA ASP G 399 -26.86 35.58 5.05
C ASP G 399 -25.94 34.35 4.92
N MSE G 400 -25.99 33.44 5.89
CA MSE G 400 -25.09 32.27 5.91
C MSE G 400 -25.55 31.12 5.05
O MSE G 400 -26.76 30.88 4.92
CB MSE G 400 -24.98 31.73 7.33
CG MSE G 400 -24.36 32.79 8.23
SE MSE G 400 -24.12 31.99 10.01
CE MSE G 400 -23.34 33.61 10.81
N ASP G 401 -24.61 30.39 4.47
CA ASP G 401 -24.92 29.23 3.63
C ASP G 401 -25.72 28.14 4.35
N ILE G 402 -25.42 27.92 5.63
CA ILE G 402 -26.18 26.94 6.43
C ILE G 402 -27.64 27.34 6.65
N TYR G 403 -27.96 28.61 6.45
CA TYR G 403 -29.35 29.07 6.53
C TYR G 403 -30.06 28.93 5.18
N LYS G 404 -29.34 29.25 4.12
CA LYS G 404 -29.91 29.34 2.79
C LYS G 404 -30.03 27.96 2.12
N THR G 405 -29.12 27.06 2.43
CA THR G 405 -28.98 25.79 1.74
C THR G 405 -29.63 24.68 2.53
N GLU G 406 -30.38 23.82 1.84
CA GLU G 406 -30.91 22.61 2.45
C GLU G 406 -29.74 21.64 2.71
N ILE G 407 -29.39 21.44 3.97
CA ILE G 407 -28.24 20.61 4.32
C ILE G 407 -28.56 19.12 4.15
N PHE G 408 -29.75 18.71 4.61
CA PHE G 408 -30.21 17.31 4.51
C PHE G 408 -29.31 16.40 5.34
N GLY G 409 -28.94 16.89 6.52
CA GLY G 409 -28.09 16.17 7.43
C GLY G 409 -28.43 16.56 8.86
N PRO G 410 -27.72 15.97 9.85
CA PRO G 410 -28.09 16.18 11.25
C PRO G 410 -27.52 17.50 11.79
N VAL G 411 -27.98 18.61 11.21
CA VAL G 411 -27.46 19.95 11.49
C VAL G 411 -28.62 20.92 11.71
N LEU G 412 -28.88 21.28 12.97
CA LEU G 412 -29.94 22.21 13.31
C LEU G 412 -29.36 23.61 13.55
N SER G 413 -29.95 24.62 12.89
CA SER G 413 -29.49 26.01 13.00
C SER G 413 -30.44 26.81 13.88
N VAL G 414 -29.91 27.67 14.74
CA VAL G 414 -30.76 28.51 15.58
C VAL G 414 -30.58 29.98 15.21
N VAL G 415 -31.68 30.59 14.74
CA VAL G 415 -31.73 32.02 14.38
C VAL G 415 -32.55 32.75 15.44
N ARG G 416 -31.91 33.68 16.13
CA ARG G 416 -32.57 34.42 17.21
C ARG G 416 -33.38 35.59 16.65
N ALA G 417 -34.69 35.52 16.78
CA ALA G 417 -35.56 36.60 16.34
C ALA G 417 -35.92 37.45 17.53
N ARG G 418 -36.05 38.76 17.32
CA ARG G 418 -36.32 39.69 18.41
C ARG G 418 -37.81 39.78 18.74
N ASN G 419 -38.66 39.45 17.77
CA ASN G 419 -40.10 39.58 17.93
C ASN G 419 -40.85 38.73 16.90
N TYR G 420 -42.17 38.71 17.03
CA TYR G 420 -43.05 37.90 16.17
C TYR G 420 -42.88 38.23 14.69
N GLU G 421 -42.95 39.50 14.31
CA GLU G 421 -42.87 39.88 12.89
C GLU G 421 -41.53 39.51 12.23
N GLU G 422 -40.42 39.73 12.94
CA GLU G 422 -39.11 39.33 12.46
C GLU G 422 -39.04 37.79 12.32
N ALA G 423 -39.61 37.09 13.30
CA ALA G 423 -39.72 35.63 13.25
C ALA G 423 -40.53 35.13 12.05
N LEU G 424 -41.70 35.73 11.82
CA LEU G 424 -42.53 35.34 10.66
C LEU G 424 -41.80 35.61 9.33
N SER G 425 -41.09 36.74 9.25
CA SER G 425 -40.41 37.13 8.00
C SER G 425 -39.34 36.12 7.53
N LEU G 426 -38.72 35.40 8.47
CA LEU G 426 -37.69 34.42 8.12
C LEU G 426 -38.19 33.31 7.17
N PRO G 427 -39.17 32.48 7.60
CA PRO G 427 -39.72 31.51 6.64
C PRO G 427 -40.45 32.15 5.45
N MSE G 428 -41.01 33.35 5.64
CA MSE G 428 -41.74 34.04 4.57
C MSE G 428 -40.82 34.40 3.42
O MSE G 428 -41.16 34.19 2.23
CB MSE G 428 -42.38 35.32 5.12
CG MSE G 428 -43.23 36.11 4.12
SE MSE G 428 -45.08 35.42 4.02
CE MSE G 428 -45.70 36.08 5.79
N LYS G 429 -39.64 34.91 3.78
CA LYS G 429 -38.65 35.34 2.79
C LYS G 429 -37.81 34.20 2.21
N HIS G 430 -37.84 33.04 2.83
CA HIS G 430 -37.06 31.93 2.34
C HIS G 430 -37.53 31.40 0.99
N GLU G 431 -36.56 31.06 0.15
CA GLU G 431 -36.78 30.43 -1.15
C GLU G 431 -37.69 29.19 -1.04
N TYR G 432 -37.53 28.43 0.04
CA TYR G 432 -38.29 27.20 0.28
C TYR G 432 -39.51 27.47 1.12
N GLY G 433 -40.61 26.78 0.81
CA GLY G 433 -41.87 26.90 1.55
C GLY G 433 -42.56 25.55 1.72
N ASN G 434 -41.81 24.56 2.19
CA ASN G 434 -42.37 23.22 2.33
C ASN G 434 -43.24 23.11 3.56
N GLY G 435 -42.60 23.07 4.74
CA GLY G 435 -43.32 23.08 6.01
C GLY G 435 -42.83 24.18 6.95
N VAL G 436 -43.65 24.48 7.96
CA VAL G 436 -43.31 25.48 8.95
C VAL G 436 -44.10 25.17 10.21
N ALA G 437 -43.62 25.61 11.36
CA ALA G 437 -44.30 25.33 12.63
C ALA G 437 -44.19 26.52 13.56
N ILE G 438 -45.26 26.77 14.31
CA ILE G 438 -45.22 27.79 15.37
C ILE G 438 -45.66 27.12 16.67
N TYR G 439 -44.85 27.35 17.70
CA TYR G 439 -45.13 26.88 19.03
C TYR G 439 -45.51 28.05 19.92
N THR G 440 -46.72 27.98 20.47
CA THR G 440 -47.34 29.11 21.17
C THR G 440 -48.61 28.59 21.84
N ARG G 441 -49.04 29.29 22.88
CA ARG G 441 -50.30 28.98 23.54
CA ARG G 441 -50.30 29.00 23.55
C ARG G 441 -51.37 29.94 23.06
N ASP G 442 -50.93 31.01 22.38
CA ASP G 442 -51.79 32.12 22.00
C ASP G 442 -52.52 31.89 20.66
N GLY G 443 -53.84 31.89 20.69
CA GLY G 443 -54.65 31.66 19.48
C GLY G 443 -54.48 32.71 18.39
N ASP G 444 -54.39 33.97 18.79
CA ASP G 444 -54.11 35.07 17.87
C ASP G 444 -52.84 34.82 17.02
N ALA G 445 -51.70 34.60 17.68
CA ALA G 445 -50.42 34.40 17.00
C ALA G 445 -50.43 33.20 16.07
N ALA G 446 -51.04 32.09 16.50
CA ALA G 446 -51.12 30.88 15.70
C ALA G 446 -51.97 31.06 14.44
N ARG G 447 -53.17 31.62 14.63
CA ARG G 447 -54.07 31.88 13.50
C ARG G 447 -53.42 32.86 12.50
N ASP G 448 -52.86 33.93 13.01
CA ASP G 448 -52.25 34.98 12.18
C ASP G 448 -51.07 34.43 11.36
N PHE G 449 -50.14 33.78 12.08
CA PHE G 449 -49.01 33.12 11.50
C PHE G 449 -49.44 32.17 10.37
N ALA G 450 -50.34 31.24 10.70
CA ALA G 450 -50.75 30.20 9.77
C ALA G 450 -51.46 30.78 8.56
N SER G 451 -52.22 31.84 8.80
CA SER G 451 -52.96 32.47 7.72
C SER G 451 -52.01 33.14 6.73
N ARG G 452 -51.03 33.86 7.26
CA ARG G 452 -50.18 34.71 6.45
C ARG G 452 -49.02 34.00 5.77
N ILE G 453 -48.44 33.00 6.44
CA ILE G 453 -47.21 32.36 5.94
C ILE G 453 -47.36 31.79 4.52
N ASN G 454 -46.35 32.01 3.69
CA ASN G 454 -46.43 31.59 2.29
C ASN G 454 -45.85 30.19 2.08
N ILE G 455 -46.32 29.26 2.91
CA ILE G 455 -45.81 27.91 3.00
C ILE G 455 -46.99 26.94 3.06
N GLY G 456 -46.88 25.80 2.38
CA GLY G 456 -48.01 24.89 2.18
C GLY G 456 -48.53 24.09 3.37
N MSE G 457 -47.63 23.73 4.28
CA MSE G 457 -47.96 22.81 5.38
C MSE G 457 -47.51 23.47 6.65
O MSE G 457 -46.33 23.78 6.81
CB MSE G 457 -47.31 21.44 5.09
CG MSE G 457 -47.91 20.85 3.80
SE MSE G 457 -46.98 19.20 3.25
CE MSE G 457 -45.38 20.01 2.43
N VAL G 458 -48.47 23.70 7.55
CA VAL G 458 -48.26 24.50 8.75
C VAL G 458 -48.59 23.67 10.00
N GLY G 459 -47.64 23.58 10.93
CA GLY G 459 -47.90 22.97 12.23
C GLY G 459 -48.16 24.03 13.29
N VAL G 460 -49.20 23.84 14.11
CA VAL G 460 -49.39 24.65 15.30
C VAL G 460 -49.13 23.69 16.46
N ASN G 461 -48.01 23.89 17.15
CA ASN G 461 -47.54 22.97 18.19
C ASN G 461 -47.39 21.53 17.67
N VAL G 462 -47.12 21.44 16.37
CA VAL G 462 -46.86 20.20 15.66
C VAL G 462 -45.57 20.46 14.87
N PRO G 463 -44.53 19.63 15.09
CA PRO G 463 -43.24 19.92 14.48
C PRO G 463 -43.08 19.46 13.02
N ILE G 464 -43.76 18.37 12.65
CA ILE G 464 -43.67 17.85 11.29
C ILE G 464 -45.07 17.75 10.71
N PRO G 465 -45.59 18.88 10.20
CA PRO G 465 -47.00 18.97 9.78
C PRO G 465 -47.31 18.29 8.44
N VAL G 466 -46.82 17.07 8.27
CA VAL G 466 -47.11 16.24 7.09
C VAL G 466 -48.57 15.82 7.16
N PRO G 467 -49.41 16.29 6.21
CA PRO G 467 -50.83 15.88 6.22
C PRO G 467 -50.99 14.37 6.02
N LEU G 468 -52.03 13.82 6.63
CA LEU G 468 -52.33 12.40 6.46
C LEU G 468 -52.78 12.09 5.02
N ALA G 469 -52.77 10.82 4.67
CA ALA G 469 -53.10 10.32 3.33
C ALA G 469 -54.43 10.83 2.74
N TYR G 470 -55.45 11.05 3.58
CA TYR G 470 -56.75 11.51 3.10
C TYR G 470 -56.84 13.02 2.89
N HIS G 471 -55.84 13.74 3.40
CA HIS G 471 -55.63 15.15 3.03
C HIS G 471 -54.53 15.16 1.96
N SER G 472 -53.91 16.30 1.70
CA SER G 472 -52.93 16.32 0.62
C SER G 472 -51.59 16.96 0.98
N PHE G 473 -50.52 16.55 0.30
CA PHE G 473 -49.16 17.04 0.53
C PHE G 473 -48.70 17.97 -0.59
N GLY G 474 -48.17 19.13 -0.21
CA GLY G 474 -47.39 19.95 -1.15
C GLY G 474 -46.90 21.25 -0.56
N GLY G 475 -45.65 21.60 -0.88
CA GLY G 475 -45.09 22.88 -0.48
C GLY G 475 -45.48 24.01 -1.42
N TRP G 476 -45.03 25.23 -1.09
CA TRP G 476 -45.25 26.41 -1.92
C TRP G 476 -43.89 26.95 -2.35
N LYS G 477 -43.90 28.08 -3.06
CA LYS G 477 -42.69 28.73 -3.52
C LYS G 477 -41.85 27.73 -4.33
N SER G 478 -40.56 27.59 -4.03
CA SER G 478 -39.73 26.70 -4.85
C SER G 478 -39.78 25.22 -4.42
N SER G 479 -40.68 24.89 -3.49
CA SER G 479 -40.84 23.51 -3.01
C SER G 479 -41.80 22.67 -3.83
N SER G 480 -42.54 23.27 -4.76
CA SER G 480 -43.42 22.49 -5.61
C SER G 480 -43.73 23.20 -6.92
N PHE G 481 -44.23 22.44 -7.88
CA PHE G 481 -44.53 22.93 -9.22
C PHE G 481 -45.77 22.22 -9.73
N GLY G 482 -46.65 22.97 -10.38
CA GLY G 482 -47.90 22.40 -10.89
C GLY G 482 -49.02 22.93 -10.05
N ASP G 483 -50.20 22.34 -10.19
CA ASP G 483 -51.36 22.84 -9.48
C ASP G 483 -52.07 21.77 -8.67
N LEU G 484 -51.50 20.57 -8.59
CA LEU G 484 -52.10 19.50 -7.80
C LEU G 484 -51.12 18.84 -6.83
N ASN G 485 -51.59 18.59 -5.61
CA ASN G 485 -50.78 18.03 -4.54
C ASN G 485 -50.67 16.51 -4.65
N GLN G 486 -49.91 15.90 -3.73
CA GLN G 486 -49.79 14.44 -3.61
C GLN G 486 -50.90 13.92 -2.72
N HIS G 487 -51.32 12.70 -2.97
CA HIS G 487 -52.49 12.07 -2.36
C HIS G 487 -53.74 12.94 -2.16
N GLY G 488 -54.59 12.56 -1.22
CA GLY G 488 -55.87 13.26 -1.05
C GLY G 488 -56.70 13.26 -2.34
N THR G 489 -57.69 14.13 -2.43
CA THR G 489 -58.51 14.21 -3.62
C THR G 489 -57.75 14.86 -4.79
N ASP G 490 -56.71 15.63 -4.50
CA ASP G 490 -55.83 16.19 -5.54
C ASP G 490 -55.28 15.11 -6.47
N SER G 491 -54.82 14.01 -5.88
CA SER G 491 -54.22 12.94 -6.66
C SER G 491 -55.21 12.24 -7.59
N ILE G 492 -56.46 12.12 -7.17
CA ILE G 492 -57.49 11.49 -7.99
C ILE G 492 -57.72 12.38 -9.20
N LYS G 493 -57.64 13.68 -8.98
CA LYS G 493 -57.73 14.67 -10.02
C LYS G 493 -56.54 14.60 -11.00
N PHE G 494 -55.34 14.38 -10.47
CA PHE G 494 -54.13 14.34 -11.30
C PHE G 494 -54.12 13.12 -12.22
N TRP G 495 -54.68 12.02 -11.75
CA TRP G 495 -54.60 10.75 -12.44
C TRP G 495 -55.82 10.41 -13.27
N THR G 496 -56.70 11.40 -13.47
CA THR G 496 -57.89 11.18 -14.28
C THR G 496 -58.03 12.36 -15.23
N ARG G 497 -58.60 12.13 -16.40
CA ARG G 497 -59.03 13.21 -17.27
C ARG G 497 -60.56 13.28 -17.32
N THR G 498 -61.08 14.49 -17.32
CA THR G 498 -62.52 14.74 -17.32
C THR G 498 -63.10 14.71 -18.72
N LYS G 499 -64.21 14.00 -18.86
CA LYS G 499 -64.99 13.98 -20.10
C LYS G 499 -66.38 14.49 -19.76
N THR G 500 -66.94 15.39 -20.56
CA THR G 500 -68.29 15.87 -20.29
C THR G 500 -69.23 15.57 -21.45
N ILE G 501 -70.35 14.96 -21.12
CA ILE G 501 -71.35 14.56 -22.09
C ILE G 501 -72.59 15.44 -21.96
N THR G 502 -73.00 16.01 -23.10
CA THR G 502 -74.26 16.72 -23.23
C THR G 502 -75.17 15.88 -24.10
N SER G 503 -76.35 15.58 -23.57
CA SER G 503 -77.18 14.50 -24.08
C SER G 503 -78.66 14.89 -24.23
N ARG G 504 -79.24 14.58 -25.39
CA ARG G 504 -80.68 14.73 -25.63
C ARG G 504 -81.10 13.71 -26.68
N TRP G 505 -82.40 13.56 -26.86
CA TRP G 505 -82.90 12.54 -27.77
C TRP G 505 -83.94 13.08 -28.73
N PRO G 506 -83.93 12.59 -30.00
CA PRO G 506 -85.04 12.93 -30.89
C PRO G 506 -86.26 12.13 -30.49
N SER G 507 -87.43 12.51 -30.95
CA SER G 507 -88.56 11.66 -30.60
C SER G 507 -88.46 10.35 -31.32
N GLY G 508 -88.72 9.32 -30.55
CA GLY G 508 -88.58 7.90 -30.95
C GLY G 508 -89.88 7.10 -30.79
N ILE G 509 -89.73 5.85 -30.36
CA ILE G 509 -90.85 4.89 -30.19
C ILE G 509 -91.94 5.27 -29.17
N LYS G 510 -91.66 6.20 -28.25
CA LYS G 510 -92.66 6.61 -27.27
C LYS G 510 -93.75 7.53 -27.87
N ASP G 511 -93.45 8.11 -29.04
CA ASP G 511 -94.33 9.10 -29.68
C ASP G 511 -94.87 8.66 -31.05
N MSE H 24 -61.56 56.48 -37.24
CA MSE H 24 -60.32 55.78 -36.80
C MSE H 24 -60.10 55.98 -35.33
O MSE H 24 -59.88 57.11 -34.87
CB MSE H 24 -59.14 56.38 -37.53
CG MSE H 24 -59.12 55.95 -38.99
SE MSE H 24 -57.96 54.36 -39.14
CE MSE H 24 -56.30 55.05 -38.31
N TYR H 25 -60.14 54.89 -34.54
CA TYR H 25 -59.96 54.98 -33.09
C TYR H 25 -58.67 54.30 -32.62
N GLU H 26 -58.17 54.68 -31.44
CA GLU H 26 -56.94 54.12 -30.91
C GLU H 26 -57.13 53.50 -29.54
N LEU H 27 -56.79 52.23 -29.41
CA LEU H 27 -56.89 51.53 -28.13
C LEU H 27 -55.53 51.42 -27.47
N GLY H 28 -55.50 51.64 -26.17
CA GLY H 28 -54.29 51.41 -25.40
C GLY H 28 -54.47 50.19 -24.52
N HIS H 29 -54.05 50.31 -23.27
CA HIS H 29 -54.26 49.27 -22.27
C HIS H 29 -55.27 49.75 -21.23
N PHE H 30 -55.65 48.86 -20.33
CA PHE H 30 -56.44 49.23 -19.17
C PHE H 30 -55.62 48.84 -17.96
N ILE H 31 -55.10 49.84 -17.27
CA ILE H 31 -54.19 49.59 -16.17
C ILE H 31 -54.64 50.47 -15.03
N ASP H 32 -54.79 49.86 -13.86
CA ASP H 32 -55.10 50.59 -12.64
C ASP H 32 -56.41 51.39 -12.75
N GLY H 33 -57.42 50.77 -13.35
CA GLY H 33 -58.75 51.36 -13.44
C GLY H 33 -58.93 52.42 -14.51
N LYS H 34 -57.99 52.55 -15.43
CA LYS H 34 -58.05 53.60 -16.44
C LYS H 34 -57.55 53.12 -17.77
N ARG H 35 -58.15 53.63 -18.85
CA ARG H 35 -57.59 53.47 -20.18
C ARG H 35 -56.29 54.27 -20.26
N VAL H 36 -55.23 53.64 -20.75
CA VAL H 36 -53.93 54.32 -20.85
C VAL H 36 -53.25 53.97 -22.16
N ALA H 37 -52.49 54.91 -22.70
CA ALA H 37 -51.74 54.68 -23.94
C ALA H 37 -50.49 53.87 -23.63
N GLY H 38 -50.04 53.08 -24.60
CA GLY H 38 -48.80 52.33 -24.44
C GLY H 38 -47.58 53.24 -24.49
N THR H 39 -46.46 52.78 -23.95
CA THR H 39 -45.22 53.53 -24.02
C THR H 39 -44.30 53.05 -25.14
N SER H 40 -44.66 51.94 -25.80
CA SER H 40 -43.80 51.39 -26.83
C SER H 40 -43.89 52.16 -28.15
N GLY H 41 -45.01 52.85 -28.37
CA GLY H 41 -45.26 53.58 -29.60
C GLY H 41 -45.66 52.70 -30.79
N ARG H 42 -45.50 51.39 -30.64
CA ARG H 42 -45.84 50.43 -31.67
C ARG H 42 -47.31 50.01 -31.59
N VAL H 43 -47.92 49.87 -32.75
CA VAL H 43 -49.35 49.57 -32.85
C VAL H 43 -49.63 48.48 -33.89
N SER H 44 -50.84 47.95 -33.82
CA SER H 44 -51.32 46.94 -34.73
C SER H 44 -52.66 47.41 -35.26
N ASN H 45 -52.97 47.10 -36.52
CA ASN H 45 -54.21 47.52 -37.14
C ASN H 45 -55.42 46.71 -36.68
N ILE H 46 -56.55 47.38 -36.50
CA ILE H 46 -57.82 46.70 -36.24
C ILE H 46 -58.71 46.88 -37.48
N PHE H 47 -59.15 45.77 -38.05
CA PHE H 47 -59.94 45.80 -39.27
C PHE H 47 -61.43 45.77 -38.99
N ASN H 48 -62.20 46.24 -39.97
CA ASN H 48 -63.60 45.86 -40.11
C ASN H 48 -63.59 44.80 -41.19
N PRO H 49 -63.79 43.55 -40.80
CA PRO H 49 -63.64 42.46 -41.77
C PRO H 49 -64.72 42.46 -42.86
N ALA H 50 -65.79 43.23 -42.67
CA ALA H 50 -66.87 43.29 -43.66
C ALA H 50 -66.50 44.16 -44.85
N THR H 51 -65.66 45.16 -44.63
CA THR H 51 -65.22 46.05 -45.70
C THR H 51 -63.76 45.82 -46.09
N GLY H 52 -62.99 45.22 -45.18
CA GLY H 52 -61.56 45.06 -45.40
C GLY H 52 -60.71 46.26 -45.04
N GLU H 53 -61.34 47.32 -44.51
CA GLU H 53 -60.65 48.57 -44.17
C GLU H 53 -60.10 48.53 -42.75
N VAL H 54 -59.02 49.25 -42.52
CA VAL H 54 -58.52 49.51 -41.17
C VAL H 54 -59.49 50.49 -40.50
N GLN H 55 -59.99 50.14 -39.32
CA GLN H 55 -60.89 51.03 -38.59
C GLN H 55 -60.28 51.61 -37.32
N GLY H 56 -59.16 51.06 -36.89
CA GLY H 56 -58.48 51.57 -35.72
C GLY H 56 -57.18 50.85 -35.46
N THR H 57 -56.51 51.21 -34.36
CA THR H 57 -55.26 50.58 -33.96
C THR H 57 -55.28 50.21 -32.47
N VAL H 58 -54.37 49.32 -32.08
CA VAL H 58 -54.25 48.89 -30.68
C VAL H 58 -52.78 48.87 -30.29
N ALA H 59 -52.48 49.39 -29.10
CA ALA H 59 -51.10 49.42 -28.60
C ALA H 59 -50.55 48.00 -28.45
N LEU H 60 -49.28 47.82 -28.81
CA LEU H 60 -48.58 46.57 -28.53
C LEU H 60 -47.63 46.75 -27.36
N ALA H 61 -48.03 46.25 -26.19
CA ALA H 61 -47.27 46.43 -24.95
C ALA H 61 -45.78 46.16 -25.06
N SER H 62 -45.00 47.06 -24.47
CA SER H 62 -43.58 46.84 -24.21
C SER H 62 -43.45 46.03 -22.91
N ASP H 63 -42.24 45.54 -22.64
CA ASP H 63 -41.95 44.90 -21.35
C ASP H 63 -42.33 45.85 -20.21
N ALA H 64 -41.99 47.12 -20.36
CA ALA H 64 -42.32 48.16 -19.38
C ALA H 64 -43.83 48.33 -19.14
N ASP H 65 -44.63 48.24 -20.21
CA ASP H 65 -46.10 48.29 -20.09
C ASP H 65 -46.61 47.13 -19.22
N LEU H 66 -46.08 45.93 -19.47
CA LEU H 66 -46.47 44.73 -18.71
C LEU H 66 -46.03 44.86 -17.27
N ALA H 67 -44.80 45.36 -17.07
CA ALA H 67 -44.24 45.56 -15.74
C ALA H 67 -45.14 46.46 -14.89
N ALA H 68 -45.69 47.49 -15.52
CA ALA H 68 -46.58 48.45 -14.86
C ALA H 68 -47.93 47.80 -14.46
N ALA H 69 -48.42 46.89 -15.28
CA ALA H 69 -49.66 46.18 -14.97
C ALA H 69 -49.47 45.20 -13.80
N VAL H 70 -48.29 44.58 -13.72
CA VAL H 70 -47.95 43.72 -12.61
C VAL H 70 -47.78 44.50 -11.31
N GLU H 71 -47.04 45.62 -11.34
CA GLU H 71 -46.86 46.44 -10.13
C GLU H 71 -48.19 46.95 -9.60
N SER H 72 -49.11 47.27 -10.52
CA SER H 72 -50.47 47.66 -10.18
C SER H 72 -51.26 46.50 -9.55
N ALA H 73 -51.11 45.30 -10.12
CA ALA H 73 -51.71 44.08 -9.56
C ALA H 73 -51.17 43.81 -8.16
N LYS H 74 -49.85 43.93 -8.03
CA LYS H 74 -49.13 43.64 -6.80
C LYS H 74 -49.61 44.53 -5.66
N ALA H 75 -49.77 45.82 -5.94
CA ALA H 75 -50.23 46.78 -4.93
C ALA H 75 -51.67 46.52 -4.52
N ALA H 76 -52.48 46.03 -5.44
CA ALA H 76 -53.92 45.92 -5.22
C ALA H 76 -54.37 44.56 -4.66
N GLN H 77 -53.70 43.49 -5.04
CA GLN H 77 -54.19 42.14 -4.70
C GLN H 77 -54.42 41.83 -3.20
N PRO H 78 -53.47 42.21 -2.32
CA PRO H 78 -53.64 41.89 -0.89
C PRO H 78 -54.96 42.36 -0.30
N LYS H 79 -55.28 43.64 -0.50
CA LYS H 79 -56.55 44.18 -0.03
C LYS H 79 -57.75 43.45 -0.61
N TRP H 80 -57.69 43.09 -1.90
CA TRP H 80 -58.76 42.31 -2.53
C TRP H 80 -58.88 40.92 -1.90
N ALA H 81 -57.76 40.22 -1.75
CA ALA H 81 -57.77 38.91 -1.06
C ALA H 81 -58.31 39.04 0.37
N ALA H 82 -58.06 40.20 1.01
CA ALA H 82 -58.50 40.46 2.38
C ALA H 82 -60.00 40.76 2.49
N THR H 83 -60.65 41.03 1.35
CA THR H 83 -62.11 41.23 1.28
C THR H 83 -62.85 39.89 1.36
N ASN H 84 -63.91 39.83 2.17
CA ASN H 84 -64.64 38.56 2.39
C ASN H 84 -65.35 38.01 1.13
N PRO H 85 -65.60 36.67 1.07
CA PRO H 85 -66.08 36.05 -0.17
C PRO H 85 -67.40 36.62 -0.69
N GLN H 86 -68.32 36.92 0.23
CA GLN H 86 -69.62 37.47 -0.14
C GLN H 86 -69.48 38.85 -0.80
N ARG H 87 -68.62 39.69 -0.25
CA ARG H 87 -68.35 41.00 -0.85
C ARG H 87 -67.70 40.84 -2.23
N ARG H 88 -66.76 39.90 -2.35
CA ARG H 88 -66.17 39.62 -3.67
C ARG H 88 -67.24 39.19 -4.68
N ALA H 89 -68.15 38.31 -4.26
CA ALA H 89 -69.25 37.85 -5.11
C ALA H 89 -70.16 38.99 -5.60
N ARG H 90 -70.44 39.95 -4.73
CA ARG H 90 -71.29 41.10 -5.07
C ARG H 90 -70.76 41.92 -6.22
N VAL H 91 -69.44 42.01 -6.37
CA VAL H 91 -68.90 42.65 -7.57
C VAL H 91 -69.43 41.94 -8.82
N PHE H 92 -69.41 40.60 -8.81
CA PHE H 92 -69.86 39.83 -9.96
C PHE H 92 -71.36 39.95 -10.22
N MSE H 93 -72.14 39.94 -9.14
CA MSE H 93 -73.59 40.18 -9.25
C MSE H 93 -73.86 41.48 -9.97
O MSE H 93 -74.66 41.51 -10.90
CB MSE H 93 -74.16 40.23 -7.86
CG MSE H 93 -75.06 39.05 -7.59
SE MSE H 93 -75.74 39.21 -5.75
CE MSE H 93 -74.18 38.63 -4.70
N LYS H 94 -73.20 42.56 -9.55
CA LYS H 94 -73.37 43.86 -10.17
C LYS H 94 -72.85 43.86 -11.63
N PHE H 95 -71.71 43.22 -11.86
CA PHE H 95 -71.17 43.08 -13.19
C PHE H 95 -72.15 42.40 -14.16
N VAL H 96 -72.80 41.32 -13.71
CA VAL H 96 -73.81 40.63 -14.50
C VAL H 96 -74.90 41.60 -14.97
N GLN H 97 -75.43 42.43 -14.07
CA GLN H 97 -76.44 43.39 -14.45
C GLN H 97 -75.89 44.43 -15.45
N LEU H 98 -74.65 44.86 -15.24
CA LEU H 98 -74.02 45.79 -16.17
C LEU H 98 -73.84 45.21 -17.57
N LEU H 99 -73.56 43.90 -17.66
CA LEU H 99 -73.45 43.23 -18.95
C LEU H 99 -74.80 43.21 -19.68
N ASN H 100 -75.86 42.89 -18.94
CA ASN H 100 -77.21 42.98 -19.47
C ASN H 100 -77.60 44.38 -19.93
N ASP H 101 -77.21 45.40 -19.16
CA ASP H 101 -77.46 46.79 -19.52
C ASP H 101 -76.70 47.22 -20.77
N ASN H 102 -75.50 46.70 -20.94
CA ASN H 102 -74.65 47.06 -22.09
C ASN H 102 -74.60 46.01 -23.20
N MSE H 103 -75.53 45.06 -23.15
CA MSE H 103 -75.54 43.93 -24.09
C MSE H 103 -75.43 44.43 -25.53
O MSE H 103 -74.56 43.97 -26.29
CB MSE H 103 -76.79 43.10 -23.81
CG MSE H 103 -76.95 41.89 -24.73
SE MSE H 103 -75.46 40.63 -24.47
CE MSE H 103 -75.77 40.24 -22.55
N ASN H 104 -76.29 45.38 -25.91
CA ASN H 104 -76.28 45.87 -27.28
C ASN H 104 -74.98 46.55 -27.72
N GLU H 105 -74.42 47.41 -26.88
CA GLU H 105 -73.18 48.11 -27.26
C GLU H 105 -71.99 47.17 -27.33
N LEU H 106 -71.97 46.18 -26.44
CA LEU H 106 -70.92 45.17 -26.41
C LEU H 106 -70.95 44.29 -27.68
N ALA H 107 -72.13 43.78 -28.02
CA ALA H 107 -72.31 42.98 -29.23
C ALA H 107 -71.90 43.78 -30.47
N GLU H 108 -72.26 45.07 -30.48
CA GLU H 108 -72.00 45.96 -31.61
C GLU H 108 -70.50 46.10 -31.87
N MSE H 109 -69.73 46.43 -30.84
CA MSE H 109 -68.27 46.58 -30.98
C MSE H 109 -67.60 45.25 -31.27
O MSE H 109 -66.57 45.21 -31.95
CB MSE H 109 -67.65 47.30 -29.78
CG MSE H 109 -67.82 46.54 -28.45
SE MSE H 109 -66.99 47.52 -26.95
CE MSE H 109 -68.41 48.88 -26.79
N LEU H 110 -68.17 44.17 -30.76
CA LEU H 110 -67.64 42.83 -31.01
C LEU H 110 -67.81 42.48 -32.47
N SER H 111 -69.04 42.55 -32.97
CA SER H 111 -69.31 42.21 -34.35
C SER H 111 -68.53 43.09 -35.33
N ARG H 112 -68.38 44.37 -35.00
CA ARG H 112 -67.71 45.33 -35.90
C ARG H 112 -66.24 44.97 -36.13
N GLU H 113 -65.62 44.36 -35.12
CA GLU H 113 -64.21 43.99 -35.15
C GLU H 113 -63.97 42.52 -35.56
N HIS H 114 -64.80 41.62 -35.02
CA HIS H 114 -64.67 40.20 -35.29
C HIS H 114 -65.30 39.81 -36.62
N GLY H 115 -66.49 40.33 -36.90
CA GLY H 115 -67.23 40.01 -38.13
C GLY H 115 -68.49 39.18 -37.98
N LYS H 116 -68.64 38.49 -36.84
CA LYS H 116 -69.81 37.62 -36.63
C LYS H 116 -71.08 38.42 -36.38
N THR H 117 -72.23 37.75 -36.53
CA THR H 117 -73.52 38.43 -36.45
C THR H 117 -73.70 39.00 -35.04
N ILE H 118 -74.61 39.98 -34.91
CA ILE H 118 -74.96 40.57 -33.61
C ILE H 118 -75.46 39.50 -32.63
N ASP H 119 -76.31 38.60 -33.12
CA ASP H 119 -76.91 37.54 -32.33
C ASP H 119 -75.83 36.59 -31.80
N ASP H 120 -74.89 36.28 -32.64
CA ASP H 120 -73.75 35.55 -32.23
C ASP H 120 -72.92 36.21 -31.17
N ALA H 121 -72.66 37.49 -31.37
CA ALA H 121 -71.85 38.24 -30.42
C ALA H 121 -72.56 38.32 -29.07
N LYS H 122 -73.89 38.38 -29.12
CA LYS H 122 -74.68 38.32 -27.89
C LYS H 122 -74.49 37.01 -27.15
N GLY H 123 -74.44 35.89 -27.88
CA GLY H 123 -74.17 34.57 -27.28
C GLY H 123 -72.77 34.44 -26.67
N ASP H 124 -71.78 35.04 -27.35
CA ASP H 124 -70.41 35.23 -26.86
C ASP H 124 -70.47 35.89 -25.48
N ILE H 125 -71.10 37.06 -25.42
CA ILE H 125 -71.18 37.84 -24.18
C ILE H 125 -71.94 37.02 -23.13
N VAL H 126 -73.08 36.44 -23.53
CA VAL H 126 -73.89 35.69 -22.58
C VAL H 126 -73.12 34.52 -21.95
N ARG H 127 -72.30 33.83 -22.74
CA ARG H 127 -71.57 32.67 -22.21
C ARG H 127 -70.49 33.09 -21.22
N GLY H 128 -69.95 34.29 -21.38
CA GLY H 128 -69.02 34.84 -20.39
C GLY H 128 -69.79 35.26 -19.15
N LEU H 129 -70.93 35.91 -19.38
CA LEU H 129 -71.84 36.29 -18.30
C LEU H 129 -72.13 35.10 -17.37
N GLU H 130 -72.34 33.91 -17.93
CA GLU H 130 -72.71 32.73 -17.14
C GLU H 130 -71.60 32.22 -16.20
N VAL H 131 -70.33 32.40 -16.56
CA VAL H 131 -69.22 32.10 -15.64
C VAL H 131 -69.22 33.10 -14.48
N CYS H 132 -69.52 34.36 -14.80
CA CYS H 132 -69.68 35.39 -13.78
C CYS H 132 -70.83 35.04 -12.83
N GLU H 133 -71.96 34.55 -13.35
CA GLU H 133 -73.05 34.04 -12.48
C GLU H 133 -72.59 32.88 -11.60
N PHE H 134 -71.78 31.99 -12.17
CA PHE H 134 -71.20 30.85 -11.45
C PHE H 134 -70.30 31.24 -10.26
N VAL H 135 -69.44 32.23 -10.46
CA VAL H 135 -68.54 32.68 -9.39
C VAL H 135 -69.21 33.52 -8.28
N ILE H 136 -70.42 34.02 -8.53
CA ILE H 136 -71.23 34.56 -7.42
C ILE H 136 -71.27 33.52 -6.28
N GLY H 137 -71.12 32.23 -6.65
CA GLY H 137 -71.10 31.13 -5.68
C GLY H 137 -69.75 30.88 -4.99
N ILE H 138 -68.80 31.81 -5.16
CA ILE H 138 -67.45 31.62 -4.63
C ILE H 138 -67.37 31.36 -3.11
N PRO H 139 -68.26 31.98 -2.28
CA PRO H 139 -68.15 31.60 -0.87
C PRO H 139 -68.28 30.08 -0.66
N HIS H 140 -69.25 29.46 -1.33
CA HIS H 140 -69.39 28.01 -1.20
C HIS H 140 -68.26 27.26 -1.92
N LEU H 141 -67.98 27.66 -3.15
CA LEU H 141 -66.96 26.99 -3.99
C LEU H 141 -65.54 26.99 -3.37
N GLN H 142 -65.20 28.01 -2.59
CA GLN H 142 -63.82 28.11 -2.10
C GLN H 142 -63.60 27.36 -0.77
N LYS H 143 -64.64 26.69 -0.28
CA LYS H 143 -64.55 25.89 0.93
C LYS H 143 -63.42 24.90 0.85
N SER H 144 -62.80 24.65 2.00
CA SER H 144 -61.80 23.60 2.14
C SER H 144 -62.25 22.58 3.18
N GLU H 145 -61.36 21.67 3.58
CA GLU H 145 -61.75 20.50 4.35
C GLU H 145 -61.24 20.56 5.80
N PHE H 146 -62.04 20.04 6.73
CA PHE H 146 -61.66 19.96 8.16
C PHE H 146 -61.82 18.53 8.69
N THR H 147 -60.84 18.10 9.50
CA THR H 147 -60.88 16.85 10.24
C THR H 147 -60.61 17.11 11.73
N GLU H 148 -61.54 16.70 12.59
CA GLU H 148 -61.29 16.77 14.02
C GLU H 148 -60.70 15.45 14.47
N GLY H 149 -59.68 15.52 15.33
CA GLY H 149 -59.11 14.30 15.90
C GLY H 149 -58.42 13.40 14.89
N ALA H 150 -57.71 14.00 13.94
CA ALA H 150 -56.84 13.24 13.03
C ALA H 150 -55.83 12.44 13.85
N GLY H 151 -55.36 13.06 14.92
CA GLY H 151 -54.61 12.39 15.97
C GLY H 151 -55.20 12.84 17.30
N PRO H 152 -54.62 12.39 18.43
CA PRO H 152 -55.17 12.69 19.75
C PRO H 152 -55.10 14.18 20.10
N GLY H 153 -56.22 14.87 20.02
CA GLY H 153 -56.25 16.29 20.33
C GLY H 153 -55.72 17.10 19.16
N ILE H 154 -55.57 16.44 18.02
CA ILE H 154 -54.96 17.04 16.83
C ILE H 154 -56.01 17.22 15.74
N ASP H 155 -56.15 18.46 15.29
CA ASP H 155 -57.05 18.76 14.17
C ASP H 155 -56.24 19.03 12.91
N MSE H 156 -56.84 18.76 11.75
CA MSE H 156 -56.16 18.96 10.47
C MSE H 156 -57.13 19.52 9.49
O MSE H 156 -58.23 19.01 9.32
CB MSE H 156 -55.71 17.59 9.97
CG MSE H 156 -54.87 17.58 8.70
SE MSE H 156 -54.25 15.72 8.46
CE MSE H 156 -53.11 15.58 10.06
N TYR H 157 -56.74 20.60 8.82
CA TYR H 157 -57.65 21.27 7.93
C TYR H 157 -56.89 22.06 6.90
N SER H 158 -57.51 22.20 5.73
CA SER H 158 -56.89 22.91 4.62
C SER H 158 -57.56 24.27 4.44
N ILE H 159 -56.88 25.16 3.71
CA ILE H 159 -57.42 26.47 3.38
C ILE H 159 -57.06 26.70 1.92
N ARG H 160 -58.00 27.18 1.13
CA ARG H 160 -57.72 27.49 -0.27
C ARG H 160 -57.45 28.97 -0.41
N GLN H 161 -56.17 29.32 -0.61
CA GLN H 161 -55.77 30.72 -0.67
C GLN H 161 -55.41 31.10 -2.10
N PRO H 162 -55.47 32.40 -2.43
CA PRO H 162 -55.13 32.83 -3.80
C PRO H 162 -53.72 32.43 -4.24
N VAL H 163 -53.50 32.25 -5.54
CA VAL H 163 -52.13 32.07 -6.03
C VAL H 163 -51.39 33.41 -6.09
N GLY H 164 -52.14 34.51 -6.17
CA GLY H 164 -51.54 35.85 -6.23
C GLY H 164 -51.96 36.61 -7.48
N ILE H 165 -51.11 36.56 -8.51
CA ILE H 165 -51.34 37.25 -9.77
C ILE H 165 -51.34 36.23 -10.91
N GLY H 166 -52.41 36.21 -11.68
CA GLY H 166 -52.52 35.30 -12.79
C GLY H 166 -52.62 36.09 -14.08
N ALA H 167 -52.45 35.38 -15.19
CA ALA H 167 -52.56 35.99 -16.50
C ALA H 167 -53.35 35.06 -17.39
N GLY H 168 -53.99 35.65 -18.41
CA GLY H 168 -54.77 34.89 -19.37
C GLY H 168 -54.49 35.41 -20.77
N ILE H 169 -54.37 34.48 -21.72
CA ILE H 169 -54.07 34.84 -23.10
C ILE H 169 -55.21 34.25 -23.95
N THR H 170 -55.89 35.11 -24.73
CA THR H 170 -57.15 34.71 -25.36
C THR H 170 -57.15 34.94 -26.87
N PRO H 171 -57.96 34.16 -27.62
CA PRO H 171 -57.92 34.20 -29.07
C PRO H 171 -58.95 35.17 -29.66
N PHE H 172 -58.97 35.31 -30.99
CA PHE H 172 -59.85 36.29 -31.61
C PHE H 172 -61.30 35.87 -31.60
N ASN H 173 -61.57 34.57 -31.64
CA ASN H 173 -62.94 34.12 -31.90
C ASN H 173 -64.00 34.43 -30.84
N PHE H 174 -63.59 34.53 -29.60
CA PHE H 174 -64.54 34.84 -28.51
C PHE H 174 -63.94 35.84 -27.54
N PRO H 175 -63.86 37.14 -27.94
CA PRO H 175 -63.19 38.13 -27.10
C PRO H 175 -64.04 38.55 -25.90
N GLY H 176 -65.23 37.97 -25.76
CA GLY H 176 -66.07 38.26 -24.61
C GLY H 176 -66.05 37.07 -23.68
N MSE H 177 -66.48 35.93 -24.20
CA MSE H 177 -66.64 34.69 -23.41
C MSE H 177 -65.37 34.21 -22.77
O MSE H 177 -65.36 33.89 -21.59
CB MSE H 177 -67.17 33.60 -24.31
CG MSE H 177 -67.34 32.28 -23.58
SE MSE H 177 -68.01 30.93 -24.85
CE MSE H 177 -66.29 30.55 -25.76
N ILE H 178 -64.30 34.13 -23.56
CA ILE H 178 -63.07 33.47 -23.08
C ILE H 178 -62.31 34.29 -22.04
N PRO H 179 -62.17 35.61 -22.25
CA PRO H 179 -61.57 36.35 -21.14
C PRO H 179 -62.36 36.16 -19.85
N MSE H 180 -63.69 36.06 -19.96
CA MSE H 180 -64.57 35.91 -18.78
C MSE H 180 -64.42 34.54 -18.15
O MSE H 180 -64.40 34.43 -16.93
CB MSE H 180 -66.03 36.28 -19.07
CG MSE H 180 -66.18 37.79 -19.33
SE MSE H 180 -68.06 38.40 -19.26
CE MSE H 180 -68.46 38.46 -21.20
N TRP H 181 -64.30 33.48 -18.97
CA TRP H 181 -63.94 32.14 -18.50
C TRP H 181 -62.81 32.22 -17.45
N MSE H 182 -61.79 33.00 -17.76
CA MSE H 182 -60.57 33.04 -16.97
C MSE H 182 -60.65 34.06 -15.87
O MSE H 182 -60.36 33.73 -14.71
CB MSE H 182 -59.39 33.36 -17.87
CG MSE H 182 -59.11 32.31 -18.95
SE MSE H 182 -57.75 33.13 -20.12
CE MSE H 182 -57.48 31.61 -21.34
N PHE H 183 -60.97 35.30 -16.20
CA PHE H 183 -60.91 36.33 -15.17
C PHE H 183 -61.96 36.21 -14.04
N ALA H 184 -63.12 35.63 -14.32
CA ALA H 184 -64.13 35.48 -13.26
C ALA H 184 -63.64 34.61 -12.10
N PRO H 185 -63.33 33.33 -12.33
CA PRO H 185 -62.83 32.51 -11.20
C PRO H 185 -61.53 33.00 -10.59
N ALA H 186 -60.61 33.50 -11.42
CA ALA H 186 -59.34 34.05 -10.93
C ALA H 186 -59.57 35.19 -9.94
N ILE H 187 -60.42 36.14 -10.31
CA ILE H 187 -60.67 37.30 -9.47
C ILE H 187 -61.54 36.91 -8.28
N ALA H 188 -62.52 36.04 -8.51
CA ALA H 188 -63.41 35.61 -7.42
C ALA H 188 -62.61 34.95 -6.29
N CYS H 189 -61.57 34.18 -6.65
CA CYS H 189 -60.74 33.46 -5.70
C CYS H 189 -59.81 34.38 -4.92
N GLY H 190 -59.77 35.64 -5.27
CA GLY H 190 -58.94 36.59 -4.52
C GLY H 190 -57.63 36.96 -5.20
N ASN H 191 -57.46 36.55 -6.46
CA ASN H 191 -56.29 36.97 -7.23
C ASN H 191 -56.49 38.29 -7.96
N ALA H 192 -55.37 38.88 -8.38
CA ALA H 192 -55.36 39.88 -9.41
C ALA H 192 -55.11 39.18 -10.74
N PHE H 193 -55.51 39.81 -11.85
CA PHE H 193 -55.50 39.15 -13.14
C PHE H 193 -55.08 40.10 -14.25
N ILE H 194 -54.17 39.63 -15.08
CA ILE H 194 -53.73 40.39 -16.25
C ILE H 194 -54.21 39.66 -17.48
N LEU H 195 -55.04 40.34 -18.26
CA LEU H 195 -55.59 39.79 -19.49
C LEU H 195 -54.77 40.27 -20.70
N LYS H 196 -54.40 39.36 -21.57
CA LYS H 196 -53.81 39.67 -22.85
C LYS H 196 -54.69 39.11 -23.93
N PRO H 197 -55.60 39.91 -24.44
CA PRO H 197 -56.58 39.36 -25.37
C PRO H 197 -56.05 39.42 -26.80
N SER H 198 -56.78 38.82 -27.75
CA SER H 198 -56.39 38.93 -29.14
C SER H 198 -56.37 40.37 -29.62
N GLU H 199 -55.26 40.76 -30.23
CA GLU H 199 -55.13 42.08 -30.84
C GLU H 199 -55.99 42.27 -32.12
N ARG H 200 -56.66 41.22 -32.58
CA ARG H 200 -57.54 41.36 -33.75
C ARG H 200 -58.81 42.14 -33.41
N ASP H 201 -59.32 41.96 -32.19
CA ASP H 201 -60.60 42.54 -31.79
C ASP H 201 -60.62 42.87 -30.29
N PRO H 202 -59.85 43.90 -29.87
CA PRO H 202 -59.66 44.15 -28.45
C PRO H 202 -60.64 45.14 -27.81
N SER H 203 -61.59 45.72 -28.55
CA SER H 203 -62.58 46.65 -27.96
C SER H 203 -63.32 46.05 -26.76
N VAL H 204 -63.87 44.85 -26.91
CA VAL H 204 -64.66 44.24 -25.84
C VAL H 204 -63.88 44.04 -24.53
N PRO H 205 -62.66 43.45 -24.60
CA PRO H 205 -61.94 43.24 -23.34
C PRO H 205 -61.74 44.49 -22.50
N ILE H 206 -61.37 45.61 -23.13
CA ILE H 206 -61.14 46.85 -22.38
C ILE H 206 -62.44 47.35 -21.77
N ARG H 207 -63.53 47.22 -22.52
CA ARG H 207 -64.84 47.65 -22.04
C ARG H 207 -65.28 46.78 -20.85
N LEU H 208 -64.98 45.48 -20.92
CA LEU H 208 -65.25 44.57 -19.80
C LEU H 208 -64.47 44.96 -18.55
N ALA H 209 -63.19 45.30 -18.70
CA ALA H 209 -62.36 45.77 -17.58
C ALA H 209 -62.93 47.05 -17.00
N GLU H 210 -63.41 47.91 -17.88
CA GLU H 210 -64.02 49.17 -17.51
C GLU H 210 -65.28 48.94 -16.69
N LEU H 211 -66.11 47.99 -17.14
CA LEU H 211 -67.37 47.67 -16.48
C LEU H 211 -67.17 47.01 -15.12
N MSE H 212 -66.05 46.30 -14.97
CA MSE H 212 -65.70 45.70 -13.68
C MSE H 212 -65.44 46.79 -12.66
O MSE H 212 -65.87 46.67 -11.51
CB MSE H 212 -64.47 44.79 -13.78
CG MSE H 212 -64.75 43.36 -14.25
SE MSE H 212 -65.96 42.28 -13.11
CE MSE H 212 -64.68 41.55 -11.82
N ILE H 213 -64.75 47.86 -13.07
CA ILE H 213 -64.56 49.04 -12.22
C ILE H 213 -65.91 49.61 -11.77
N GLU H 214 -66.82 49.85 -12.72
CA GLU H 214 -68.19 50.30 -12.43
C GLU H 214 -68.97 49.34 -11.50
N ALA H 215 -68.69 48.04 -11.60
CA ALA H 215 -69.30 47.06 -10.70
C ALA H 215 -68.68 47.09 -9.31
N GLY H 216 -67.63 47.89 -9.15
CA GLY H 216 -66.94 48.03 -7.85
C GLY H 216 -65.65 47.23 -7.68
N LEU H 217 -65.12 46.63 -8.74
CA LEU H 217 -63.81 45.98 -8.62
C LEU H 217 -62.76 47.07 -8.37
N PRO H 218 -61.86 46.86 -7.38
CA PRO H 218 -60.80 47.85 -7.14
C PRO H 218 -59.83 47.94 -8.32
N ALA H 219 -59.32 49.13 -8.57
CA ALA H 219 -58.33 49.37 -9.63
C ALA H 219 -57.12 48.45 -9.42
N GLY H 220 -56.55 47.92 -10.49
CA GLY H 220 -55.39 47.03 -10.35
C GLY H 220 -55.71 45.55 -10.37
N ILE H 221 -56.96 45.19 -10.04
CA ILE H 221 -57.36 43.79 -9.94
C ILE H 221 -57.61 43.12 -11.29
N LEU H 222 -58.23 43.84 -12.22
CA LEU H 222 -58.29 43.38 -13.60
C LEU H 222 -57.63 44.38 -14.53
N ASN H 223 -56.44 44.03 -15.02
CA ASN H 223 -55.74 44.83 -16.01
C ASN H 223 -55.78 44.16 -17.37
N VAL H 224 -55.85 44.98 -18.42
CA VAL H 224 -55.82 44.50 -19.79
C VAL H 224 -54.54 45.04 -20.42
N VAL H 225 -53.67 44.15 -20.85
CA VAL H 225 -52.44 44.53 -21.53
C VAL H 225 -52.53 43.98 -22.94
N ASN H 226 -52.66 44.88 -23.91
CA ASN H 226 -52.77 44.49 -25.29
C ASN H 226 -51.40 44.30 -25.93
N GLY H 227 -51.34 43.42 -26.91
CA GLY H 227 -50.08 43.11 -27.58
C GLY H 227 -50.08 41.82 -28.37
N ASP H 228 -48.88 41.44 -28.80
CA ASP H 228 -48.71 40.23 -29.56
C ASP H 228 -47.79 39.28 -28.80
N LYS H 229 -46.99 38.53 -29.57
CA LYS H 229 -45.96 37.64 -29.04
C LYS H 229 -45.13 38.31 -27.92
N GLY H 230 -44.72 39.56 -28.14
CA GLY H 230 -43.93 40.31 -27.16
C GLY H 230 -44.61 40.36 -25.81
N ALA H 231 -45.86 40.77 -25.79
CA ALA H 231 -46.64 40.77 -24.57
C ALA H 231 -46.72 39.37 -23.93
N VAL H 232 -46.93 38.35 -24.76
CA VAL H 232 -47.03 36.97 -24.24
C VAL H 232 -45.73 36.52 -23.56
N ASP H 233 -44.60 36.68 -24.26
CA ASP H 233 -43.27 36.36 -23.71
C ASP H 233 -42.93 37.14 -22.45
N ALA H 234 -43.35 38.40 -22.37
CA ALA H 234 -43.17 39.17 -21.14
C ALA H 234 -43.98 38.59 -19.97
N ILE H 235 -45.20 38.15 -20.26
CA ILE H 235 -46.03 37.50 -19.24
C ILE H 235 -45.38 36.19 -18.77
N LEU H 236 -44.95 35.37 -19.72
CA LEU H 236 -44.39 34.05 -19.40
C LEU H 236 -43.08 34.10 -18.59
N THR H 237 -42.29 35.15 -18.78
CA THR H 237 -41.01 35.27 -18.08
C THR H 237 -41.05 36.21 -16.87
N HIS H 238 -42.19 36.83 -16.60
CA HIS H 238 -42.29 37.69 -15.43
C HIS H 238 -42.40 36.84 -14.18
N PRO H 239 -41.47 37.04 -13.21
CA PRO H 239 -41.41 36.18 -12.03
C PRO H 239 -42.54 36.38 -11.02
N ASP H 240 -43.29 37.47 -11.12
CA ASP H 240 -44.35 37.73 -10.15
C ASP H 240 -45.71 37.21 -10.59
N ILE H 241 -45.77 36.61 -11.78
CA ILE H 241 -46.98 35.98 -12.27
C ILE H 241 -46.91 34.49 -11.96
N ALA H 242 -47.88 34.01 -11.19
CA ALA H 242 -47.87 32.64 -10.69
C ALA H 242 -48.53 31.66 -11.64
N ALA H 243 -49.45 32.13 -12.49
CA ALA H 243 -50.28 31.19 -13.25
C ALA H 243 -50.74 31.76 -14.58
N VAL H 244 -50.80 30.90 -15.59
CA VAL H 244 -51.14 31.31 -16.95
C VAL H 244 -52.23 30.41 -17.55
N SER H 245 -53.30 31.02 -18.04
CA SER H 245 -54.30 30.30 -18.79
C SER H 245 -54.25 30.74 -20.26
N PHE H 246 -54.35 29.79 -21.18
CA PHE H 246 -54.25 30.09 -22.60
C PHE H 246 -55.33 29.37 -23.37
N VAL H 247 -55.95 30.07 -24.32
CA VAL H 247 -56.85 29.45 -25.27
C VAL H 247 -56.51 29.98 -26.66
N GLY H 248 -56.30 29.07 -27.61
CA GLY H 248 -55.84 29.46 -28.95
C GLY H 248 -55.45 28.27 -29.78
N SER H 249 -54.56 28.48 -30.75
CA SER H 249 -54.11 27.39 -31.60
C SER H 249 -53.19 26.43 -30.84
N THR H 250 -53.21 25.16 -31.25
CA THR H 250 -52.40 24.12 -30.63
C THR H 250 -50.92 24.47 -30.61
N PRO H 251 -50.36 24.92 -31.76
CA PRO H 251 -48.94 25.26 -31.76
C PRO H 251 -48.61 26.27 -30.67
N ILE H 252 -49.40 27.33 -30.58
CA ILE H 252 -49.16 28.36 -29.56
C ILE H 252 -49.45 27.88 -28.13
N ALA H 253 -50.45 26.99 -28.01
CA ALA H 253 -50.76 26.37 -26.71
C ALA H 253 -49.57 25.56 -26.17
N ARG H 254 -48.94 24.78 -27.05
CA ARG H 254 -47.73 24.02 -26.74
C ARG H 254 -46.61 24.91 -26.25
N TYR H 255 -46.31 25.93 -27.04
CA TYR H 255 -45.31 26.92 -26.70
C TYR H 255 -45.58 27.56 -25.34
N VAL H 256 -46.79 28.10 -25.15
CA VAL H 256 -47.14 28.77 -23.89
C VAL H 256 -47.06 27.81 -22.69
N TYR H 257 -47.59 26.61 -22.87
CA TYR H 257 -47.53 25.57 -21.82
C TYR H 257 -46.08 25.21 -21.40
N GLY H 258 -45.25 24.89 -22.38
CA GLY H 258 -43.84 24.57 -22.13
C GLY H 258 -43.07 25.73 -21.50
N THR H 259 -43.25 26.92 -22.05
CA THR H 259 -42.49 28.10 -21.61
C THR H 259 -42.89 28.46 -20.19
N ALA H 260 -44.19 28.44 -19.91
CA ALA H 260 -44.65 28.75 -18.56
C ALA H 260 -44.11 27.79 -17.52
N ALA H 261 -44.13 26.50 -17.83
CA ALA H 261 -43.59 25.47 -16.94
C ALA H 261 -42.10 25.63 -16.75
N MSE H 262 -41.36 25.98 -17.79
CA MSE H 262 -39.93 26.22 -17.70
C MSE H 262 -39.66 27.37 -16.77
O MSE H 262 -38.63 27.45 -16.21
CB MSE H 262 -39.31 26.52 -19.04
CG MSE H 262 -39.07 25.38 -20.04
SE MSE H 262 -37.95 23.93 -19.46
CE MSE H 262 -37.12 24.67 -17.93
N ASN H 263 -40.63 28.25 -16.63
CA ASN H 263 -40.52 29.38 -15.71
C ASN H 263 -41.11 29.07 -14.34
N GLY H 264 -41.54 27.83 -14.14
CA GLY H 264 -42.10 27.39 -12.88
C GLY H 264 -43.54 27.78 -12.55
N LYS H 265 -44.29 28.27 -13.53
CA LYS H 265 -45.66 28.71 -13.29
C LYS H 265 -46.55 27.51 -13.42
N ARG H 266 -47.72 27.54 -12.77
CA ARG H 266 -48.78 26.63 -13.20
C ARG H 266 -49.39 27.12 -14.53
N ALA H 267 -49.90 26.19 -15.33
CA ALA H 267 -50.45 26.48 -16.66
C ALA H 267 -51.58 25.54 -17.05
N GLN H 268 -52.54 26.09 -17.78
CA GLN H 268 -53.58 25.32 -18.44
C GLN H 268 -53.75 25.92 -19.83
N CYS H 269 -53.59 25.10 -20.86
CA CYS H 269 -53.69 25.61 -22.24
C CYS H 269 -54.63 24.74 -23.04
N PHE H 270 -55.38 25.38 -23.95
CA PHE H 270 -56.45 24.71 -24.70
C PHE H 270 -56.34 25.11 -26.16
N GLY H 271 -56.41 24.10 -27.02
CA GLY H 271 -55.86 24.19 -28.39
C GLY H 271 -56.89 24.03 -29.48
N GLY H 272 -56.45 23.50 -30.60
CA GLY H 272 -57.29 23.35 -31.79
C GLY H 272 -58.26 22.18 -31.83
N ALA H 273 -58.95 22.03 -32.97
CA ALA H 273 -60.01 21.05 -33.08
C ALA H 273 -60.22 20.56 -34.50
N LYS H 274 -60.77 19.35 -34.62
CA LYS H 274 -61.39 18.89 -35.84
C LYS H 274 -62.55 18.00 -35.41
N ASN H 275 -63.61 18.65 -34.98
CA ASN H 275 -64.76 17.96 -34.42
C ASN H 275 -65.57 17.24 -35.49
N HIS H 276 -65.90 15.98 -35.19
CA HIS H 276 -66.63 15.10 -36.08
C HIS H 276 -68.06 14.89 -35.56
N MSE H 277 -69.02 14.83 -36.46
CA MSE H 277 -70.37 14.39 -36.11
C MSE H 277 -70.62 13.07 -36.79
O MSE H 277 -70.51 12.95 -38.02
CB MSE H 277 -71.42 15.41 -36.53
CG MSE H 277 -72.78 15.01 -35.94
SE MSE H 277 -74.22 16.04 -36.82
CE MSE H 277 -73.88 17.66 -35.79
N ILE H 278 -70.95 12.07 -36.00
CA ILE H 278 -71.26 10.75 -36.52
C ILE H 278 -72.78 10.61 -36.62
N ILE H 279 -73.26 10.18 -37.78
CA ILE H 279 -74.68 10.10 -38.01
C ILE H 279 -75.03 8.63 -38.23
N MSE H 280 -75.63 8.01 -37.24
CA MSE H 280 -76.11 6.65 -37.36
C MSE H 280 -77.33 6.55 -38.27
O MSE H 280 -78.03 7.54 -38.44
CB MSE H 280 -76.40 6.09 -35.99
CG MSE H 280 -75.13 5.96 -35.18
SE MSE H 280 -73.85 4.73 -35.89
CE MSE H 280 -74.94 3.21 -35.53
N PRO H 281 -77.55 5.38 -38.86
CA PRO H 281 -78.69 5.24 -39.79
C PRO H 281 -80.07 5.38 -39.13
N ASP H 282 -80.15 5.30 -37.81
CA ASP H 282 -81.44 5.47 -37.14
C ASP H 282 -81.70 6.93 -36.75
N ALA H 283 -80.75 7.82 -37.04
CA ALA H 283 -80.83 9.23 -36.61
C ALA H 283 -81.96 9.97 -37.32
N ASP H 284 -82.46 11.03 -36.70
CA ASP H 284 -83.39 11.93 -37.38
C ASP H 284 -82.53 12.76 -38.33
N LEU H 285 -82.68 12.49 -39.63
CA LEU H 285 -81.79 13.08 -40.60
C LEU H 285 -81.99 14.58 -40.80
N ASP H 286 -83.24 15.02 -40.71
CA ASP H 286 -83.58 16.43 -40.84
C ASP H 286 -82.95 17.24 -39.74
N GLN H 287 -83.05 16.71 -38.51
CA GLN H 287 -82.41 17.28 -37.34
C GLN H 287 -80.89 17.31 -37.47
N ALA H 288 -80.31 16.21 -37.92
CA ALA H 288 -78.86 16.12 -38.12
C ALA H 288 -78.37 17.12 -39.16
N ALA H 289 -79.10 17.20 -40.28
CA ALA H 289 -78.79 18.16 -41.33
C ALA H 289 -78.82 19.60 -40.80
N ASN H 290 -79.94 20.01 -40.19
CA ASN H 290 -80.06 21.36 -39.60
C ASN H 290 -78.96 21.67 -38.61
N ALA H 291 -78.67 20.71 -37.74
CA ALA H 291 -77.57 20.83 -36.79
C ALA H 291 -76.22 20.99 -37.49
N LEU H 292 -75.99 20.21 -38.56
CA LEU H 292 -74.75 20.34 -39.34
C LEU H 292 -74.56 21.73 -39.95
N ILE H 293 -75.64 22.31 -40.47
CA ILE H 293 -75.61 23.66 -41.04
C ILE H 293 -75.25 24.70 -39.97
N GLY H 294 -75.89 24.61 -38.80
CA GLY H 294 -75.64 25.55 -37.72
C GLY H 294 -74.23 25.44 -37.16
N ALA H 295 -73.84 24.20 -36.90
CA ALA H 295 -72.55 23.88 -36.29
C ALA H 295 -71.39 23.96 -37.26
N GLY H 296 -71.66 23.78 -38.54
CA GLY H 296 -70.60 23.82 -39.54
C GLY H 296 -70.34 25.22 -40.06
N TYR H 297 -71.37 26.05 -40.07
CA TYR H 297 -71.27 27.33 -40.76
C TYR H 297 -71.54 28.56 -39.87
N GLY H 298 -72.04 28.33 -38.66
CA GLY H 298 -72.18 29.39 -37.66
C GLY H 298 -70.81 30.02 -37.47
N SER H 299 -70.76 31.34 -37.26
CA SER H 299 -69.49 32.08 -37.13
C SER H 299 -68.50 31.83 -38.27
N ALA H 300 -69.03 31.44 -39.44
CA ALA H 300 -68.20 31.09 -40.58
C ALA H 300 -67.22 29.96 -40.23
N GLY H 301 -67.64 29.10 -39.29
CA GLY H 301 -66.84 27.96 -38.88
C GLY H 301 -65.63 28.34 -38.04
N GLU H 302 -65.57 29.60 -37.59
CA GLU H 302 -64.47 30.04 -36.73
C GLU H 302 -64.73 29.72 -35.25
N ARG H 303 -64.90 28.42 -34.96
CA ARG H 303 -65.05 27.94 -33.59
CA ARG H 303 -65.09 27.92 -33.59
C ARG H 303 -64.23 26.67 -33.40
N CYS H 304 -63.67 26.50 -32.21
CA CYS H 304 -62.98 25.25 -31.89
C CYS H 304 -63.97 24.15 -31.54
N MSE H 305 -65.27 24.48 -31.55
CA MSE H 305 -66.32 23.48 -31.33
C MSE H 305 -67.22 23.45 -32.55
O MSE H 305 -68.36 22.98 -32.49
CB MSE H 305 -67.10 23.80 -30.05
CG MSE H 305 -66.22 23.68 -28.81
SE MSE H 305 -65.63 21.81 -28.54
CE MSE H 305 -67.36 21.13 -27.88
N ALA H 306 -66.71 23.96 -33.67
CA ALA H 306 -67.41 23.85 -34.95
C ALA H 306 -67.31 22.40 -35.40
N ILE H 307 -68.39 21.86 -35.93
CA ILE H 307 -68.30 20.57 -36.61
C ILE H 307 -67.66 20.83 -37.98
N SER H 308 -66.51 20.19 -38.24
CA SER H 308 -65.82 20.33 -39.50
C SER H 308 -65.80 19.01 -40.29
N VAL H 309 -66.17 17.91 -39.63
CA VAL H 309 -66.34 16.62 -40.32
C VAL H 309 -67.68 15.97 -40.03
N ALA H 310 -68.43 15.68 -41.08
CA ALA H 310 -69.65 14.88 -40.96
C ALA H 310 -69.32 13.45 -41.33
N VAL H 311 -69.70 12.51 -40.49
CA VAL H 311 -69.41 11.09 -40.71
C VAL H 311 -70.72 10.28 -40.70
N PRO H 312 -71.44 10.31 -41.85
CA PRO H 312 -72.59 9.42 -42.03
C PRO H 312 -72.11 7.97 -42.08
N VAL H 313 -72.94 7.07 -41.57
CA VAL H 313 -72.62 5.66 -41.49
C VAL H 313 -73.50 4.95 -42.52
N GLY H 314 -72.87 4.29 -43.48
CA GLY H 314 -73.59 3.61 -44.56
C GLY H 314 -73.93 4.56 -45.70
N GLU H 315 -74.19 3.98 -46.86
CA GLU H 315 -74.35 4.75 -48.10
C GLU H 315 -75.64 5.56 -48.20
N GLU H 316 -76.75 5.00 -47.73
CA GLU H 316 -78.03 5.67 -47.88
C GLU H 316 -78.11 6.93 -47.01
N THR H 317 -77.55 6.84 -45.81
CA THR H 317 -77.46 7.98 -44.88
C THR H 317 -76.59 9.08 -45.49
N ALA H 318 -75.41 8.71 -46.00
CA ALA H 318 -74.54 9.65 -46.68
C ALA H 318 -75.29 10.39 -47.79
N ASN H 319 -75.96 9.61 -48.64
CA ASN H 319 -76.59 10.15 -49.84
C ASN H 319 -77.77 11.06 -49.54
N ARG H 320 -78.65 10.60 -48.66
CA ARG H 320 -79.77 11.39 -48.22
C ARG H 320 -79.30 12.64 -47.48
N LEU H 321 -78.18 12.53 -46.78
CA LEU H 321 -77.61 13.67 -46.04
C LEU H 321 -77.06 14.76 -46.96
N ILE H 322 -76.25 14.35 -47.93
CA ILE H 322 -75.73 15.24 -48.96
C ILE H 322 -76.86 16.01 -49.68
N ASP H 323 -77.91 15.30 -50.07
CA ASP H 323 -79.06 15.96 -50.73
C ASP H 323 -79.72 17.03 -49.88
N LYS H 324 -79.79 16.80 -48.57
CA LYS H 324 -80.35 17.78 -47.63
C LYS H 324 -79.41 18.95 -47.40
N LEU H 325 -78.11 18.67 -47.26
CA LEU H 325 -77.13 19.71 -46.93
C LEU H 325 -76.94 20.71 -48.06
N VAL H 326 -76.78 20.20 -49.28
CA VAL H 326 -76.43 21.00 -50.46
C VAL H 326 -77.28 22.27 -50.63
N PRO H 327 -78.63 22.11 -50.74
CA PRO H 327 -79.50 23.29 -50.83
C PRO H 327 -79.35 24.29 -49.67
N MSE H 328 -79.02 23.79 -48.48
CA MSE H 328 -78.97 24.64 -47.29
C MSE H 328 -77.67 25.41 -47.24
O MSE H 328 -77.65 26.58 -46.85
CB MSE H 328 -79.16 23.78 -46.04
CG MSE H 328 -80.55 23.14 -45.98
SE MSE H 328 -80.84 22.40 -44.17
CE MSE H 328 -79.86 20.71 -44.42
N VAL H 329 -76.58 24.76 -47.62
CA VAL H 329 -75.28 25.42 -47.76
C VAL H 329 -75.35 26.49 -48.86
N GLU H 330 -75.92 26.13 -50.02
CA GLU H 330 -76.10 27.08 -51.13
C GLU H 330 -76.87 28.33 -50.72
N SER H 331 -77.91 28.15 -49.90
CA SER H 331 -78.81 29.27 -49.58
C SER H 331 -78.43 30.07 -48.33
N LEU H 332 -77.28 29.79 -47.72
CA LEU H 332 -76.83 30.56 -46.57
C LEU H 332 -76.86 32.06 -46.86
N ARG H 333 -77.46 32.83 -45.96
CA ARG H 333 -77.46 34.29 -46.07
C ARG H 333 -76.16 34.85 -45.52
N ILE H 334 -75.34 35.38 -46.42
CA ILE H 334 -74.02 35.90 -46.04
C ILE H 334 -74.03 37.42 -46.17
N GLY H 335 -73.52 38.09 -45.14
CA GLY H 335 -73.48 39.54 -45.12
C GLY H 335 -72.81 40.12 -43.88
N PRO H 336 -72.71 41.47 -43.81
CA PRO H 336 -72.10 42.18 -42.69
C PRO H 336 -72.98 42.11 -41.46
N TYR H 337 -72.43 42.42 -40.28
CA TYR H 337 -73.20 42.36 -39.03
C TYR H 337 -74.37 43.36 -39.03
N THR H 338 -74.26 44.39 -39.87
CA THR H 338 -75.34 45.38 -40.05
C THR H 338 -76.59 44.76 -40.70
N ASP H 339 -76.40 43.70 -41.48
CA ASP H 339 -77.52 42.94 -42.05
C ASP H 339 -77.96 41.87 -41.05
N GLU H 340 -79.03 42.16 -40.31
CA GLU H 340 -79.45 41.29 -39.22
C GLU H 340 -80.19 40.03 -39.67
N LYS H 341 -80.40 39.91 -40.97
CA LYS H 341 -80.94 38.67 -41.54
C LYS H 341 -79.84 37.64 -41.86
N ALA H 342 -78.57 38.08 -41.83
CA ALA H 342 -77.44 37.21 -42.17
C ALA H 342 -77.27 36.01 -41.24
N ASP H 343 -76.90 34.87 -41.82
CA ASP H 343 -76.55 33.68 -41.06
C ASP H 343 -75.07 33.66 -40.67
N MSE H 344 -74.25 34.37 -41.45
CA MSE H 344 -72.80 34.20 -41.39
C MSE H 344 -72.16 35.43 -41.97
O MSE H 344 -72.66 36.02 -42.92
CB MSE H 344 -72.49 33.00 -42.26
CG MSE H 344 -71.01 32.64 -42.35
SE MSE H 344 -70.87 31.00 -43.43
CE MSE H 344 -70.03 31.77 -45.04
N GLY H 345 -71.02 35.81 -41.40
CA GLY H 345 -70.30 37.00 -41.83
C GLY H 345 -68.98 36.65 -42.44
N PRO H 346 -68.07 37.62 -42.53
CA PRO H 346 -66.74 37.42 -43.10
C PRO H 346 -65.80 36.71 -42.12
N VAL H 347 -64.66 36.24 -42.61
CA VAL H 347 -63.63 35.71 -41.71
C VAL H 347 -62.81 36.89 -41.18
N VAL H 348 -62.05 36.67 -40.10
CA VAL H 348 -61.45 37.77 -39.34
C VAL H 348 -60.41 38.60 -40.10
N THR H 349 -59.54 37.94 -40.89
CA THR H 349 -58.49 38.65 -41.62
C THR H 349 -58.29 38.15 -43.05
N LYS H 350 -57.64 39.00 -43.83
CA LYS H 350 -57.16 38.65 -45.18
C LYS H 350 -56.23 37.43 -45.12
N GLU H 351 -55.40 37.37 -44.09
CA GLU H 351 -54.48 36.24 -43.86
C GLU H 351 -55.27 34.95 -43.65
N ALA H 352 -56.32 35.01 -42.83
CA ALA H 352 -57.16 33.85 -42.57
C ALA H 352 -57.93 33.43 -43.83
N GLU H 353 -58.44 34.43 -44.56
CA GLU H 353 -59.16 34.18 -45.80
C GLU H 353 -58.28 33.44 -46.80
N GLN H 354 -57.03 33.88 -46.93
CA GLN H 354 -56.09 33.28 -47.86
C GLN H 354 -55.75 31.83 -47.50
N ARG H 355 -55.58 31.56 -46.21
CA ARG H 355 -55.29 30.23 -45.70
C ARG H 355 -56.43 29.24 -46.03
N ILE H 356 -57.65 29.63 -45.68
CA ILE H 356 -58.84 28.87 -46.04
C ILE H 356 -58.95 28.60 -47.54
N ARG H 357 -58.83 29.64 -48.37
CA ARG H 357 -58.92 29.47 -49.82
C ARG H 357 -57.91 28.45 -50.30
N SER H 358 -56.70 28.56 -49.78
CA SER H 358 -55.64 27.65 -50.15
C SER H 358 -55.95 26.20 -49.74
N LEU H 359 -56.46 26.01 -48.52
CA LEU H 359 -56.88 24.69 -48.09
C LEU H 359 -58.00 24.11 -48.96
N ILE H 360 -58.99 24.94 -49.29
CA ILE H 360 -60.06 24.52 -50.20
C ILE H 360 -59.49 23.97 -51.51
N ASP H 361 -58.51 24.67 -52.07
CA ASP H 361 -57.85 24.24 -53.31
C ASP H 361 -57.17 22.87 -53.17
N SER H 362 -56.53 22.63 -52.04
CA SER H 362 -55.81 21.39 -51.81
C SER H 362 -56.78 20.21 -51.77
N GLY H 363 -58.00 20.46 -51.29
CA GLY H 363 -59.06 19.43 -51.30
C GLY H 363 -59.46 19.04 -52.72
N ILE H 364 -59.57 20.04 -53.59
CA ILE H 364 -59.80 19.77 -55.02
C ILE H 364 -58.66 18.94 -55.63
N GLU H 365 -57.42 19.37 -55.43
CA GLU H 365 -56.29 18.66 -56.03
C GLU H 365 -56.03 17.27 -55.44
N GLN H 366 -56.42 17.06 -54.19
CA GLN H 366 -56.28 15.76 -53.54
C GLN H 366 -57.48 14.84 -53.78
N GLY H 367 -58.40 15.28 -54.64
CA GLY H 367 -59.47 14.43 -55.13
C GLY H 367 -60.80 14.46 -54.40
N ALA H 368 -60.99 15.38 -53.46
CA ALA H 368 -62.30 15.51 -52.79
C ALA H 368 -63.32 16.09 -53.76
N LYS H 369 -64.60 15.80 -53.53
CA LYS H 369 -65.64 16.33 -54.40
C LYS H 369 -66.26 17.59 -53.81
N LEU H 370 -66.04 18.74 -54.45
CA LEU H 370 -66.65 20.00 -54.01
C LEU H 370 -68.10 20.11 -54.52
N VAL H 371 -69.04 19.64 -53.72
CA VAL H 371 -70.47 19.65 -54.09
C VAL H 371 -71.12 21.02 -53.91
N VAL H 372 -70.57 21.83 -53.02
CA VAL H 372 -70.97 23.22 -52.92
C VAL H 372 -69.68 24.04 -52.89
N ASP H 373 -69.53 24.91 -53.88
CA ASP H 373 -68.32 25.70 -54.05
C ASP H 373 -68.58 27.19 -53.79
N GLY H 374 -68.08 27.68 -52.65
CA GLY H 374 -68.29 29.08 -52.29
C GLY H 374 -67.16 30.03 -52.65
N ARG H 375 -66.15 29.51 -53.34
CA ARG H 375 -64.98 30.31 -53.69
C ARG H 375 -65.32 31.55 -54.51
N ASP H 376 -66.38 31.48 -55.32
CA ASP H 376 -66.78 32.58 -56.20
C ASP H 376 -67.50 33.69 -55.46
N PHE H 377 -67.95 33.43 -54.24
CA PHE H 377 -68.83 34.37 -53.55
C PHE H 377 -68.25 35.78 -53.42
N LYS H 378 -69.04 36.76 -53.84
CA LYS H 378 -68.69 38.17 -53.70
C LYS H 378 -69.95 38.88 -53.25
N LEU H 379 -69.78 39.83 -52.34
CA LEU H 379 -70.91 40.58 -51.85
C LEU H 379 -70.81 42.00 -52.39
N GLN H 380 -71.86 42.42 -53.07
CA GLN H 380 -71.91 43.72 -53.74
C GLN H 380 -71.73 44.84 -52.73
N GLY H 381 -70.81 45.75 -53.02
CA GLY H 381 -70.50 46.84 -52.10
C GLY H 381 -69.57 46.46 -50.95
N TYR H 382 -69.27 45.17 -50.83
CA TYR H 382 -68.32 44.71 -49.82
C TYR H 382 -67.23 43.89 -50.48
N GLU H 383 -66.76 44.38 -51.62
CA GLU H 383 -65.81 43.64 -52.45
C GLU H 383 -64.47 43.36 -51.75
N ASN H 384 -64.05 44.23 -50.83
CA ASN H 384 -62.82 43.98 -50.08
C ASN H 384 -63.00 43.29 -48.73
N GLY H 385 -64.25 43.04 -48.34
CA GLY H 385 -64.58 42.26 -47.16
C GLY H 385 -64.08 40.83 -47.25
N HIS H 386 -63.82 40.22 -46.10
CA HIS H 386 -63.19 38.92 -46.09
C HIS H 386 -64.24 37.81 -46.20
N PHE H 387 -65.01 37.85 -47.29
CA PHE H 387 -66.15 36.95 -47.46
C PHE H 387 -65.80 35.73 -48.27
N ILE H 388 -66.23 34.58 -47.76
CA ILE H 388 -66.05 33.28 -48.42
C ILE H 388 -67.39 32.55 -48.38
N GLY H 389 -67.86 32.09 -49.53
CA GLY H 389 -69.10 31.33 -49.59
C GLY H 389 -68.96 30.00 -48.89
N GLY H 390 -70.09 29.43 -48.45
CA GLY H 390 -70.09 28.10 -47.82
C GLY H 390 -69.49 27.04 -48.73
N CYS H 391 -68.68 26.15 -48.15
CA CYS H 391 -68.12 25.03 -48.89
C CYS H 391 -68.46 23.70 -48.27
N LEU H 392 -68.79 22.74 -49.12
CA LEU H 392 -69.12 21.39 -48.68
C LEU H 392 -68.42 20.41 -49.61
N PHE H 393 -67.57 19.57 -49.00
CA PHE H 393 -66.83 18.52 -49.71
C PHE H 393 -67.45 17.16 -49.42
N ASP H 394 -67.64 16.36 -50.46
CA ASP H 394 -68.01 14.97 -50.29
C ASP H 394 -66.78 14.09 -50.63
N ASP H 395 -66.87 12.81 -50.29
CA ASP H 395 -65.80 11.84 -50.53
C ASP H 395 -64.43 12.24 -49.95
N VAL H 396 -64.43 12.77 -48.72
CA VAL H 396 -63.18 13.18 -48.09
C VAL H 396 -62.58 11.94 -47.42
N THR H 397 -61.25 11.83 -47.45
CA THR H 397 -60.54 10.71 -46.83
C THR H 397 -59.46 11.20 -45.84
N PRO H 398 -59.09 10.36 -44.85
CA PRO H 398 -58.20 10.79 -43.76
C PRO H 398 -56.80 11.26 -44.16
N ASP H 399 -56.38 10.98 -45.38
CA ASP H 399 -55.04 11.39 -45.83
C ASP H 399 -55.05 12.80 -46.42
N MSE H 400 -56.22 13.40 -46.54
CA MSE H 400 -56.31 14.75 -47.11
C MSE H 400 -56.07 15.80 -46.07
O MSE H 400 -56.42 15.63 -44.89
CB MSE H 400 -57.65 14.96 -47.77
CG MSE H 400 -57.87 13.97 -48.90
SE MSE H 400 -59.63 14.39 -49.65
CE MSE H 400 -59.82 12.98 -51.02
N ASP H 401 -55.44 16.90 -46.50
CA ASP H 401 -55.12 18.03 -45.65
C ASP H 401 -56.36 18.73 -45.08
N ILE H 402 -57.41 18.87 -45.89
CA ILE H 402 -58.69 19.38 -45.40
C ILE H 402 -59.25 18.52 -44.26
N TYR H 403 -58.76 17.27 -44.13
CA TYR H 403 -59.21 16.39 -43.06
C TYR H 403 -58.32 16.49 -41.83
N LYS H 404 -57.01 16.56 -42.05
CA LYS H 404 -56.04 16.61 -40.96
C LYS H 404 -55.94 17.98 -40.30
N THR H 405 -56.20 19.03 -41.08
CA THR H 405 -55.97 20.41 -40.66
C THR H 405 -57.27 21.06 -40.21
N GLU H 406 -57.20 21.87 -39.15
CA GLU H 406 -58.29 22.70 -38.72
C GLU H 406 -58.35 23.90 -39.66
N ILE H 407 -59.41 23.99 -40.46
CA ILE H 407 -59.47 25.02 -41.48
C ILE H 407 -59.90 26.37 -40.86
N PHE H 408 -60.76 26.30 -39.84
CA PHE H 408 -61.31 27.50 -39.18
C PHE H 408 -62.01 28.43 -40.18
N GLY H 409 -62.85 27.82 -41.00
CA GLY H 409 -63.54 28.53 -42.06
C GLY H 409 -64.78 27.77 -42.44
N PRO H 410 -65.58 28.34 -43.36
CA PRO H 410 -66.86 27.74 -43.67
C PRO H 410 -66.74 26.56 -44.67
N VAL H 411 -66.02 25.53 -44.25
CA VAL H 411 -65.69 24.36 -45.05
C VAL H 411 -66.02 23.08 -44.25
N LEU H 412 -67.10 22.41 -44.64
CA LEU H 412 -67.49 21.16 -44.01
C LEU H 412 -67.10 20.00 -44.93
N SER H 413 -66.44 19.01 -44.34
CA SER H 413 -66.01 17.78 -45.01
C SER H 413 -66.89 16.59 -44.63
N VAL H 414 -67.29 15.82 -45.64
CA VAL H 414 -68.08 14.62 -45.42
C VAL H 414 -67.23 13.38 -45.66
N VAL H 415 -67.00 12.61 -44.59
CA VAL H 415 -66.30 11.33 -44.70
C VAL H 415 -67.30 10.20 -44.59
N ARG H 416 -67.34 9.35 -45.61
CA ARG H 416 -68.30 8.26 -45.68
C ARG H 416 -67.80 7.02 -44.94
N ALA H 417 -68.40 6.74 -43.78
CA ALA H 417 -68.03 5.57 -43.01
C ALA H 417 -68.95 4.41 -43.35
N ARG H 418 -68.39 3.20 -43.41
CA ARG H 418 -69.14 1.99 -43.78
C ARG H 418 -69.94 1.41 -42.63
N ASN H 419 -69.41 1.50 -41.41
CA ASN H 419 -70.05 0.95 -40.21
C ASN H 419 -69.72 1.78 -38.95
N TYR H 420 -70.20 1.31 -37.81
CA TYR H 420 -70.04 2.00 -36.53
C TYR H 420 -68.58 2.09 -36.05
N GLU H 421 -67.87 0.96 -36.12
CA GLU H 421 -66.47 0.90 -35.69
C GLU H 421 -65.58 1.80 -36.52
N GLU H 422 -65.77 1.78 -37.84
CA GLU H 422 -65.03 2.64 -38.76
C GLU H 422 -65.34 4.13 -38.51
N ALA H 423 -66.61 4.44 -38.24
CA ALA H 423 -67.03 5.82 -37.91
C ALA H 423 -66.44 6.30 -36.58
N LEU H 424 -66.40 5.40 -35.60
CA LEU H 424 -65.76 5.69 -34.30
C LEU H 424 -64.24 5.93 -34.45
N SER H 425 -63.55 5.13 -35.25
CA SER H 425 -62.09 5.25 -35.36
C SER H 425 -61.62 6.57 -35.94
N LEU H 426 -62.48 7.22 -36.73
CA LEU H 426 -62.09 8.52 -37.31
C LEU H 426 -61.78 9.60 -36.24
N PRO H 427 -62.75 9.96 -35.38
CA PRO H 427 -62.42 10.87 -34.27
C PRO H 427 -61.35 10.31 -33.30
N MSE H 428 -61.38 9.00 -33.07
CA MSE H 428 -60.39 8.31 -32.23
C MSE H 428 -58.97 8.50 -32.73
O MSE H 428 -58.07 8.81 -31.94
CB MSE H 428 -60.72 6.82 -32.14
CG MSE H 428 -59.90 6.09 -31.07
SE MSE H 428 -60.76 6.26 -29.30
CE MSE H 428 -62.27 5.02 -29.59
N LYS H 429 -58.74 8.34 -34.02
CA LYS H 429 -57.38 8.44 -34.55
C LYS H 429 -56.90 9.86 -34.79
N HIS H 430 -57.80 10.82 -34.91
CA HIS H 430 -57.42 12.20 -35.15
C HIS H 430 -56.53 12.78 -34.04
N GLU H 431 -55.51 13.53 -34.47
CA GLU H 431 -54.62 14.30 -33.61
C GLU H 431 -55.40 15.15 -32.56
N TYR H 432 -56.49 15.79 -32.99
CA TYR H 432 -57.28 16.65 -32.10
C TYR H 432 -58.37 15.88 -31.39
N GLY H 433 -58.72 16.33 -30.19
CA GLY H 433 -59.80 15.69 -29.42
C GLY H 433 -60.61 16.67 -28.60
N ASN H 434 -61.12 17.71 -29.26
CA ASN H 434 -61.82 18.77 -28.53
C ASN H 434 -63.27 18.38 -28.27
N GLY H 435 -64.07 18.32 -29.34
CA GLY H 435 -65.45 17.87 -29.27
C GLY H 435 -65.78 16.79 -30.29
N VAL H 436 -66.89 16.11 -30.06
CA VAL H 436 -67.41 15.07 -30.97
C VAL H 436 -68.88 14.88 -30.67
N ALA H 437 -69.63 14.46 -31.67
CA ALA H 437 -71.05 14.23 -31.51
C ALA H 437 -71.43 12.94 -32.20
N ILE H 438 -72.44 12.27 -31.65
CA ILE H 438 -73.05 11.15 -32.34
C ILE H 438 -74.55 11.38 -32.38
N TYR H 439 -75.12 11.25 -33.56
CA TYR H 439 -76.57 11.32 -33.73
C TYR H 439 -77.14 9.93 -33.90
N THR H 440 -78.06 9.56 -33.02
CA THR H 440 -78.65 8.22 -33.00
C THR H 440 -79.86 8.16 -32.06
N ARG H 441 -80.75 7.19 -32.27
CA ARG H 441 -81.84 6.91 -31.34
C ARG H 441 -81.49 5.76 -30.42
N ASP H 442 -80.43 5.05 -30.76
CA ASP H 442 -80.00 3.86 -30.04
C ASP H 442 -79.21 4.19 -28.74
N GLY H 443 -79.73 3.74 -27.60
CA GLY H 443 -79.04 3.94 -26.32
C GLY H 443 -77.67 3.27 -26.22
N ASP H 444 -77.57 2.05 -26.76
CA ASP H 444 -76.31 1.29 -26.81
C ASP H 444 -75.19 2.01 -27.56
N ALA H 445 -75.50 2.39 -28.80
CA ALA H 445 -74.54 3.11 -29.64
C ALA H 445 -74.05 4.39 -28.97
N ALA H 446 -74.98 5.19 -28.43
CA ALA H 446 -74.68 6.44 -27.76
C ALA H 446 -73.73 6.22 -26.56
N ARG H 447 -74.16 5.40 -25.61
CA ARG H 447 -73.36 5.09 -24.43
C ARG H 447 -71.96 4.59 -24.80
N ASP H 448 -71.91 3.55 -25.62
CA ASP H 448 -70.65 2.94 -26.05
C ASP H 448 -69.72 3.99 -26.67
N PHE H 449 -70.24 4.76 -27.62
CA PHE H 449 -69.45 5.79 -28.31
C PHE H 449 -68.88 6.80 -27.32
N ALA H 450 -69.74 7.31 -26.44
CA ALA H 450 -69.37 8.35 -25.48
C ALA H 450 -68.35 7.83 -24.46
N SER H 451 -68.50 6.57 -24.09
CA SER H 451 -67.59 5.93 -23.14
C SER H 451 -66.17 5.78 -23.67
N ARG H 452 -66.07 5.38 -24.94
CA ARG H 452 -64.79 4.96 -25.53
C ARG H 452 -63.99 6.08 -26.17
N ILE H 453 -64.68 7.09 -26.72
CA ILE H 453 -64.01 8.10 -27.52
C ILE H 453 -62.98 8.89 -26.69
N ASN H 454 -61.78 9.07 -27.26
CA ASN H 454 -60.70 9.74 -26.55
C ASN H 454 -60.78 11.27 -26.71
N ILE H 455 -61.97 11.80 -26.43
CA ILE H 455 -62.29 13.19 -26.72
C ILE H 455 -63.00 13.78 -25.52
N GLY H 456 -62.62 15.00 -25.12
CA GLY H 456 -63.09 15.61 -23.87
C GLY H 456 -64.55 15.95 -23.77
N MSE H 457 -65.15 16.39 -24.89
CA MSE H 457 -66.53 16.86 -24.85
C MSE H 457 -67.35 16.11 -25.89
O MSE H 457 -66.99 16.08 -27.06
CB MSE H 457 -66.50 18.40 -25.02
CG MSE H 457 -65.80 19.06 -23.82
SE MSE H 457 -65.47 20.98 -24.10
CE MSE H 457 -63.90 20.74 -25.27
N VAL H 458 -68.44 15.49 -25.44
CA VAL H 458 -69.21 14.55 -26.28
C VAL H 458 -70.69 14.93 -26.36
N GLY H 459 -71.18 15.07 -27.59
CA GLY H 459 -72.60 15.33 -27.80
C GLY H 459 -73.34 14.06 -28.15
N VAL H 460 -74.46 13.82 -27.46
CA VAL H 460 -75.41 12.80 -27.93
C VAL H 460 -76.63 13.54 -28.48
N ASN H 461 -76.75 13.54 -29.81
CA ASN H 461 -77.77 14.34 -30.51
C ASN H 461 -77.67 15.83 -30.21
N VAL H 462 -76.45 16.27 -29.92
CA VAL H 462 -76.12 17.64 -29.59
C VAL H 462 -74.89 17.94 -30.44
N PRO H 463 -74.98 18.95 -31.33
CA PRO H 463 -73.88 19.17 -32.27
C PRO H 463 -72.69 19.94 -31.68
N ILE H 464 -72.92 20.81 -30.70
CA ILE H 464 -71.86 21.61 -30.10
C ILE H 464 -71.90 21.41 -28.58
N PRO H 465 -71.28 20.31 -28.09
CA PRO H 465 -71.41 19.93 -26.69
C PRO H 465 -70.47 20.69 -25.76
N VAL H 466 -70.53 22.02 -25.80
CA VAL H 466 -69.73 22.86 -24.94
C VAL H 466 -70.41 22.87 -23.54
N PRO H 467 -69.69 22.41 -22.50
CA PRO H 467 -70.33 22.39 -21.17
C PRO H 467 -70.72 23.78 -20.67
N LEU H 468 -71.72 23.84 -19.80
CA LEU H 468 -72.11 25.12 -19.21
C LEU H 468 -71.10 25.56 -18.16
N ALA H 469 -71.19 26.84 -17.78
CA ALA H 469 -70.22 27.48 -16.88
C ALA H 469 -70.03 26.75 -15.55
N TYR H 470 -71.05 26.03 -15.11
CA TYR H 470 -70.95 25.31 -13.85
C TYR H 470 -70.38 23.88 -13.96
N HIS H 471 -70.26 23.39 -15.18
CA HIS H 471 -69.45 22.21 -15.48
C HIS H 471 -68.12 22.76 -16.01
N SER H 472 -67.31 21.94 -16.70
CA SER H 472 -65.98 22.41 -17.12
C SER H 472 -65.66 22.10 -18.58
N PHE H 473 -64.79 22.92 -19.17
CA PHE H 473 -64.44 22.83 -20.58
C PHE H 473 -62.99 22.36 -20.77
N GLY H 474 -62.80 21.36 -21.63
CA GLY H 474 -61.46 21.05 -22.13
C GLY H 474 -61.39 19.82 -23.00
N GLY H 475 -60.55 19.89 -24.02
CA GLY H 475 -60.31 18.76 -24.91
C GLY H 475 -59.25 17.82 -24.41
N TRP H 476 -59.04 16.74 -25.16
CA TRP H 476 -58.04 15.73 -24.84
C TRP H 476 -57.05 15.73 -25.98
N LYS H 477 -56.07 14.81 -25.94
CA LYS H 477 -55.03 14.74 -26.98
C LYS H 477 -54.37 16.10 -27.17
N SER H 478 -54.18 16.54 -28.42
CA SER H 478 -53.43 17.79 -28.64
C SER H 478 -54.32 19.04 -28.58
N SER H 479 -55.53 18.88 -28.06
CA SER H 479 -56.47 19.98 -27.89
C SER H 479 -56.37 20.65 -26.52
N SER H 480 -55.63 20.03 -25.60
CA SER H 480 -55.36 20.67 -24.31
C SER H 480 -54.08 20.18 -23.65
N PHE H 481 -53.61 20.97 -22.68
CA PHE H 481 -52.37 20.72 -21.96
C PHE H 481 -52.58 21.13 -20.52
N GLY H 482 -52.11 20.30 -19.60
CA GLY H 482 -52.29 20.55 -18.17
C GLY H 482 -53.26 19.55 -17.56
N ASP H 483 -53.68 19.80 -16.33
CA ASP H 483 -54.47 18.82 -15.62
C ASP H 483 -55.78 19.39 -15.04
N LEU H 484 -56.10 20.63 -15.39
CA LEU H 484 -57.34 21.28 -14.95
C LEU H 484 -58.03 22.02 -16.10
N ASN H 485 -59.35 21.83 -16.19
CA ASN H 485 -60.19 22.46 -17.21
C ASN H 485 -60.51 23.93 -16.96
N GLN H 486 -61.19 24.54 -17.93
CA GLN H 486 -61.75 25.89 -17.83
C GLN H 486 -63.10 25.91 -17.11
N HIS H 487 -63.38 27.00 -16.40
CA HIS H 487 -64.52 27.12 -15.50
C HIS H 487 -64.85 25.90 -14.64
N GLY H 488 -66.09 25.75 -14.21
CA GLY H 488 -66.44 24.67 -13.25
C GLY H 488 -65.59 24.70 -11.99
N THR H 489 -65.58 23.60 -11.25
CA THR H 489 -64.81 23.55 -10.00
C THR H 489 -63.31 23.44 -10.28
N ASP H 490 -62.94 22.89 -11.42
CA ASP H 490 -61.55 22.86 -11.88
C ASP H 490 -60.90 24.23 -11.82
N SER H 491 -61.62 25.26 -12.27
CA SER H 491 -61.06 26.62 -12.35
C SER H 491 -60.75 27.20 -10.96
N ILE H 492 -61.53 26.81 -9.96
CA ILE H 492 -61.33 27.23 -8.58
C ILE H 492 -60.07 26.56 -8.05
N LYS H 493 -59.85 25.34 -8.52
CA LYS H 493 -58.66 24.59 -8.19
C LYS H 493 -57.42 25.23 -8.83
N PHE H 494 -57.54 25.66 -10.10
CA PHE H 494 -56.43 26.24 -10.81
C PHE H 494 -56.04 27.58 -10.18
N TRP H 495 -57.03 28.30 -9.66
CA TRP H 495 -56.76 29.66 -9.20
C TRP H 495 -56.54 29.83 -7.70
N THR H 496 -56.43 28.70 -6.99
CA THR H 496 -56.06 28.69 -5.57
C THR H 496 -54.92 27.73 -5.29
N ARG H 497 -54.18 27.96 -4.21
CA ARG H 497 -53.23 26.96 -3.74
C ARG H 497 -53.71 26.41 -2.40
N THR H 498 -53.42 25.14 -2.15
CA THR H 498 -53.85 24.50 -0.92
C THR H 498 -52.81 24.67 0.18
N LYS H 499 -53.30 24.99 1.39
CA LYS H 499 -52.50 25.07 2.60
C LYS H 499 -53.16 24.11 3.61
N THR H 500 -52.36 23.27 4.27
CA THR H 500 -52.88 22.35 5.27
C THR H 500 -52.21 22.67 6.62
N ILE H 501 -53.06 22.86 7.62
CA ILE H 501 -52.66 23.12 8.98
C ILE H 501 -52.90 21.86 9.82
N THR H 502 -51.90 21.47 10.59
CA THR H 502 -52.09 20.46 11.62
C THR H 502 -51.87 21.15 12.98
N SER H 503 -52.79 20.93 13.89
CA SER H 503 -52.94 21.81 15.02
C SER H 503 -53.23 21.08 16.33
N ARG H 504 -52.50 21.48 17.38
CA ARG H 504 -52.76 21.01 18.74
C ARG H 504 -52.21 22.05 19.73
N TRP H 505 -52.52 21.88 21.00
CA TRP H 505 -52.16 22.83 22.03
C TRP H 505 -51.62 22.10 23.25
N PRO H 506 -50.62 22.69 23.96
CA PRO H 506 -50.19 22.17 25.25
C PRO H 506 -51.24 22.46 26.34
N SER H 507 -51.13 21.74 27.45
CA SER H 507 -52.01 21.99 28.58
C SER H 507 -51.73 23.41 29.08
N GLY H 508 -52.79 24.13 29.42
CA GLY H 508 -52.65 25.51 29.89
C GLY H 508 -53.66 25.83 30.95
N ILE H 509 -54.20 27.05 30.90
CA ILE H 509 -55.09 27.60 31.93
C ILE H 509 -56.38 26.80 32.20
N LYS H 510 -56.87 26.07 31.20
CA LYS H 510 -58.10 25.30 31.35
C LYS H 510 -57.96 24.17 32.39
N ASP H 511 -56.71 23.87 32.76
CA ASP H 511 -56.40 22.81 33.74
C ASP H 511 -55.88 23.39 35.06
N GLY H 512 -55.94 24.72 35.18
CA GLY H 512 -55.38 25.45 36.33
C GLY H 512 -56.14 25.24 37.62
N MSE I 24 -15.51 -38.69 -26.94
CA MSE I 24 -16.11 -37.34 -26.73
C MSE I 24 -15.06 -36.39 -26.24
O MSE I 24 -14.39 -36.68 -25.24
CB MSE I 24 -17.20 -37.35 -25.67
CG MSE I 24 -18.40 -38.21 -26.04
SE MSE I 24 -19.32 -37.47 -27.63
CE MSE I 24 -18.73 -38.88 -28.89
N TYR I 25 -14.89 -35.26 -26.92
CA TYR I 25 -13.98 -34.24 -26.43
C TYR I 25 -14.73 -33.04 -25.85
N GLU I 26 -14.09 -32.33 -24.93
CA GLU I 26 -14.70 -31.20 -24.24
C GLU I 26 -13.84 -29.96 -24.41
N LEU I 27 -14.30 -29.02 -25.23
CA LEU I 27 -13.60 -27.76 -25.41
C LEU I 27 -14.04 -26.74 -24.37
N GLY I 28 -13.08 -26.07 -23.75
CA GLY I 28 -13.36 -24.93 -22.86
C GLY I 28 -13.05 -23.61 -23.55
N HIS I 29 -12.26 -22.76 -22.87
CA HIS I 29 -11.83 -21.49 -23.39
C HIS I 29 -10.31 -21.44 -23.48
N PHE I 30 -9.80 -20.37 -24.09
CA PHE I 30 -8.36 -20.17 -24.11
C PHE I 30 -8.06 -18.81 -23.51
N ILE I 31 -7.59 -18.82 -22.27
CA ILE I 31 -7.37 -17.59 -21.54
C ILE I 31 -5.96 -17.60 -20.97
N ASP I 32 -5.23 -16.51 -21.17
CA ASP I 32 -3.91 -16.33 -20.60
C ASP I 32 -2.92 -17.44 -20.97
N GLY I 33 -2.87 -17.79 -22.25
CA GLY I 33 -1.94 -18.81 -22.75
C GLY I 33 -2.32 -20.27 -22.48
N LYS I 34 -3.46 -20.50 -21.83
CA LYS I 34 -3.87 -21.83 -21.38
C LYS I 34 -5.27 -22.18 -21.82
N ARG I 35 -5.48 -23.45 -22.15
CA ARG I 35 -6.84 -23.97 -22.24
C ARG I 35 -7.43 -24.02 -20.83
N VAL I 36 -8.64 -23.49 -20.68
CA VAL I 36 -9.29 -23.46 -19.37
C VAL I 36 -10.74 -23.91 -19.47
N ALA I 37 -11.17 -24.73 -18.51
CA ALA I 37 -12.59 -25.06 -18.36
C ALA I 37 -13.33 -23.78 -18.00
N GLY I 38 -14.53 -23.60 -18.51
CA GLY I 38 -15.32 -22.43 -18.12
C GLY I 38 -15.86 -22.67 -16.72
N THR I 39 -16.50 -21.68 -16.12
CA THR I 39 -17.11 -21.93 -14.80
C THR I 39 -18.62 -22.02 -14.84
N SER I 40 -19.22 -21.75 -16.01
CA SER I 40 -20.68 -21.69 -16.15
C SER I 40 -21.36 -23.05 -16.02
N GLY I 41 -20.60 -24.12 -16.23
CA GLY I 41 -21.13 -25.49 -16.20
C GLY I 41 -21.91 -25.86 -17.44
N ARG I 42 -22.31 -24.86 -18.23
CA ARG I 42 -23.14 -25.07 -19.41
C ARG I 42 -22.32 -25.37 -20.68
N VAL I 43 -22.82 -26.28 -21.49
CA VAL I 43 -22.15 -26.68 -22.71
C VAL I 43 -23.14 -26.74 -23.88
N SER I 44 -22.59 -26.78 -25.09
CA SER I 44 -23.33 -26.94 -26.32
C SER I 44 -22.74 -28.13 -27.07
N ASN I 45 -23.53 -28.76 -27.93
CA ASN I 45 -23.07 -29.95 -28.66
C ASN I 45 -22.32 -29.64 -29.97
N ILE I 46 -21.22 -30.35 -30.18
CA ILE I 46 -20.48 -30.30 -31.44
C ILE I 46 -20.82 -31.57 -32.20
N PHE I 47 -21.27 -31.39 -33.43
CA PHE I 47 -21.69 -32.51 -34.27
C PHE I 47 -20.62 -32.82 -35.31
N ASN I 48 -20.54 -34.09 -35.71
CA ASN I 48 -19.91 -34.44 -36.97
C ASN I 48 -21.03 -34.49 -38.01
N PRO I 49 -21.09 -33.46 -38.89
CA PRO I 49 -22.25 -33.31 -39.78
C PRO I 49 -22.35 -34.42 -40.82
N ALA I 50 -21.24 -35.13 -41.03
CA ALA I 50 -21.18 -36.27 -41.94
C ALA I 50 -21.94 -37.48 -41.39
N THR I 51 -21.94 -37.65 -40.07
CA THR I 51 -22.64 -38.78 -39.46
C THR I 51 -23.89 -38.33 -38.74
N GLY I 52 -23.97 -37.03 -38.44
CA GLY I 52 -25.11 -36.49 -37.70
C GLY I 52 -24.98 -36.75 -36.21
N GLU I 53 -23.87 -37.38 -35.80
CA GLU I 53 -23.62 -37.73 -34.40
C GLU I 53 -22.93 -36.59 -33.64
N VAL I 54 -23.16 -36.54 -32.33
CA VAL I 54 -22.42 -35.67 -31.44
C VAL I 54 -21.02 -36.25 -31.26
N GLN I 55 -20.00 -35.41 -31.35
CA GLN I 55 -18.60 -35.84 -31.19
C GLN I 55 -17.89 -35.10 -30.05
N GLY I 56 -18.56 -34.12 -29.45
CA GLY I 56 -17.97 -33.36 -28.36
C GLY I 56 -18.83 -32.21 -27.91
N THR I 57 -18.34 -31.49 -26.90
CA THR I 57 -19.04 -30.32 -26.37
C THR I 57 -18.15 -29.09 -26.36
N VAL I 58 -18.76 -27.91 -26.37
CA VAL I 58 -18.05 -26.66 -26.18
C VAL I 58 -18.66 -25.89 -25.01
N ALA I 59 -17.81 -25.43 -24.09
CA ALA I 59 -18.27 -24.62 -22.97
C ALA I 59 -18.92 -23.32 -23.46
N LEU I 60 -20.01 -22.92 -22.81
CA LEU I 60 -20.68 -21.66 -23.10
C LEU I 60 -20.35 -20.67 -22.00
N ALA I 61 -19.63 -19.60 -22.35
CA ALA I 61 -19.11 -18.66 -21.36
C ALA I 61 -20.20 -17.94 -20.58
N SER I 62 -20.01 -17.89 -19.26
CA SER I 62 -20.75 -17.02 -18.38
C SER I 62 -20.11 -15.62 -18.41
N ASP I 63 -20.81 -14.63 -17.88
CA ASP I 63 -20.26 -13.28 -17.79
C ASP I 63 -18.94 -13.24 -17.01
N ALA I 64 -18.81 -14.12 -16.03
CA ALA I 64 -17.56 -14.22 -15.26
C ALA I 64 -16.41 -14.76 -16.11
N ASP I 65 -16.70 -15.70 -17.01
CA ASP I 65 -15.69 -16.20 -17.93
C ASP I 65 -15.18 -15.10 -18.86
N LEU I 66 -16.08 -14.29 -19.36
CA LEU I 66 -15.75 -13.18 -20.16
C LEU I 66 -14.97 -12.11 -19.43
N ALA I 67 -15.38 -11.76 -18.23
CA ALA I 67 -14.70 -10.76 -17.40
C ALA I 67 -13.27 -11.22 -17.11
N ALA I 68 -13.09 -12.52 -16.88
CA ALA I 68 -11.78 -13.10 -16.66
C ALA I 68 -10.86 -12.94 -17.89
N ALA I 69 -11.42 -13.13 -19.08
CA ALA I 69 -10.68 -12.93 -20.33
C ALA I 69 -10.31 -11.45 -20.51
N VAL I 70 -11.24 -10.57 -20.14
CA VAL I 70 -11.01 -9.12 -20.26
C VAL I 70 -9.89 -8.65 -19.32
N GLU I 71 -9.94 -9.10 -18.07
CA GLU I 71 -8.90 -8.78 -17.09
C GLU I 71 -7.53 -9.28 -17.55
N SER I 72 -7.49 -10.50 -18.10
CA SER I 72 -6.28 -11.06 -18.64
C SER I 72 -5.76 -10.19 -19.79
N ALA I 73 -6.67 -9.75 -20.65
CA ALA I 73 -6.33 -8.87 -21.77
C ALA I 73 -5.79 -7.53 -21.26
N LYS I 74 -6.44 -6.98 -20.24
CA LYS I 74 -6.04 -5.70 -19.62
C LYS I 74 -4.63 -5.74 -19.04
N ALA I 75 -4.26 -6.86 -18.43
CA ALA I 75 -2.95 -6.98 -17.84
C ALA I 75 -1.85 -7.07 -18.89
N ALA I 76 -2.13 -7.71 -20.02
CA ALA I 76 -1.10 -8.00 -21.03
C ALA I 76 -0.92 -6.90 -22.04
N GLN I 77 -2.00 -6.16 -22.34
CA GLN I 77 -2.02 -5.24 -23.49
C GLN I 77 -0.96 -4.11 -23.49
N PRO I 78 -0.75 -3.43 -22.33
CA PRO I 78 0.19 -2.28 -22.36
C PRO I 78 1.59 -2.69 -22.81
N LYS I 79 2.06 -3.84 -22.33
CA LYS I 79 3.40 -4.33 -22.62
C LYS I 79 3.53 -4.77 -24.07
N TRP I 80 2.44 -5.30 -24.61
CA TRP I 80 2.46 -5.68 -26.01
C TRP I 80 2.44 -4.42 -26.87
N ALA I 81 1.64 -3.43 -26.48
CA ALA I 81 1.65 -2.12 -27.15
C ALA I 81 2.99 -1.37 -27.03
N ALA I 82 3.75 -1.62 -25.96
CA ALA I 82 5.10 -1.04 -25.82
C ALA I 82 6.18 -1.81 -26.64
N THR I 83 5.79 -2.88 -27.31
CA THR I 83 6.72 -3.65 -28.13
C THR I 83 6.79 -2.96 -29.49
N ASN I 84 8.00 -2.74 -30.01
CA ASN I 84 8.20 -2.02 -31.28
C ASN I 84 7.56 -2.79 -32.45
N PRO I 85 7.07 -2.08 -33.48
CA PRO I 85 6.28 -2.75 -34.53
C PRO I 85 7.01 -3.87 -35.27
N GLN I 86 8.33 -3.75 -35.43
CA GLN I 86 9.12 -4.80 -36.08
C GLN I 86 9.08 -6.11 -35.30
N ARG I 87 9.17 -6.01 -33.97
CA ARG I 87 9.09 -7.18 -33.10
C ARG I 87 7.69 -7.77 -33.11
N ARG I 88 6.67 -6.92 -33.15
CA ARG I 88 5.29 -7.43 -33.24
C ARG I 88 5.10 -8.17 -34.55
N ALA I 89 5.63 -7.61 -35.64
CA ALA I 89 5.55 -8.23 -36.97
C ALA I 89 6.24 -9.61 -37.02
N ARG I 90 7.35 -9.78 -36.29
CA ARG I 90 8.03 -11.09 -36.23
C ARG I 90 7.16 -12.20 -35.63
N VAL I 91 6.22 -11.84 -34.76
CA VAL I 91 5.31 -12.85 -34.19
C VAL I 91 4.48 -13.48 -35.32
N PHE I 92 3.96 -12.63 -36.20
CA PHE I 92 3.18 -13.08 -37.36
C PHE I 92 3.99 -13.85 -38.40
N MSE I 93 5.23 -13.45 -38.59
CA MSE I 93 6.10 -14.17 -39.51
C MSE I 93 6.25 -15.58 -39.02
O MSE I 93 6.14 -16.53 -39.80
CB MSE I 93 7.48 -13.53 -39.51
CG MSE I 93 7.78 -12.81 -40.80
SE MSE I 93 9.53 -11.94 -40.56
CE MSE I 93 8.98 -10.19 -39.83
N LYS I 94 6.53 -15.75 -37.74
CA LYS I 94 6.60 -17.06 -37.15
C LYS I 94 5.27 -17.79 -37.21
N PHE I 95 4.20 -17.09 -36.97
CA PHE I 95 2.87 -17.70 -37.01
C PHE I 95 2.53 -18.27 -38.39
N VAL I 96 2.93 -17.57 -39.45
CA VAL I 96 2.70 -18.05 -40.82
C VAL I 96 3.40 -19.38 -41.04
N GLN I 97 4.64 -19.49 -40.58
CA GLN I 97 5.38 -20.74 -40.66
C GLN I 97 4.68 -21.86 -39.87
N LEU I 98 4.22 -21.54 -38.65
CA LEU I 98 3.48 -22.48 -37.83
C LEU I 98 2.19 -22.97 -38.48
N LEU I 99 1.48 -22.08 -39.17
CA LEU I 99 0.28 -22.47 -39.92
C LEU I 99 0.62 -23.50 -40.99
N ASN I 100 1.70 -23.25 -41.75
CA ASN I 100 2.16 -24.19 -42.76
C ASN I 100 2.56 -25.55 -42.15
N ASP I 101 3.27 -25.53 -41.01
CA ASP I 101 3.68 -26.75 -40.31
C ASP I 101 2.49 -27.58 -39.83
N ASN I 102 1.35 -26.92 -39.62
CA ASN I 102 0.19 -27.52 -39.00
C ASN I 102 -1.00 -27.62 -39.93
N MSE I 103 -0.78 -27.36 -41.22
CA MSE I 103 -1.85 -27.26 -42.21
C MSE I 103 -2.76 -28.47 -42.19
O MSE I 103 -3.98 -28.33 -42.13
CB MSE I 103 -1.16 -27.06 -43.57
CG MSE I 103 -2.12 -26.82 -44.74
SE MSE I 103 -3.26 -25.24 -44.42
CE MSE I 103 -1.83 -23.86 -44.41
N ASN I 104 -2.18 -29.67 -42.20
CA ASN I 104 -2.98 -30.89 -42.22
C ASN I 104 -3.84 -31.12 -40.98
N GLU I 105 -3.24 -30.89 -39.82
CA GLU I 105 -3.91 -31.00 -38.53
C GLU I 105 -5.03 -29.98 -38.40
N LEU I 106 -4.79 -28.74 -38.85
CA LEU I 106 -5.81 -27.70 -38.80
C LEU I 106 -6.96 -28.05 -39.72
N ALA I 107 -6.64 -28.49 -40.92
CA ALA I 107 -7.66 -28.88 -41.90
C ALA I 107 -8.55 -30.00 -41.37
N GLU I 108 -7.94 -31.04 -40.78
CA GLU I 108 -8.68 -32.21 -40.34
C GLU I 108 -9.73 -31.87 -39.28
N MSE I 109 -9.33 -31.05 -38.30
CA MSE I 109 -10.22 -30.67 -37.19
C MSE I 109 -11.30 -29.73 -37.69
O MSE I 109 -12.41 -29.73 -37.15
CB MSE I 109 -9.43 -30.15 -35.99
CG MSE I 109 -8.67 -28.85 -36.26
SE MSE I 109 -7.92 -28.08 -34.62
CE MSE I 109 -6.42 -29.32 -34.26
N LEU I 110 -11.00 -28.95 -38.71
CA LEU I 110 -11.97 -28.01 -39.30
C LEU I 110 -13.04 -28.76 -40.10
N SER I 111 -12.62 -29.62 -41.02
CA SER I 111 -13.55 -30.40 -41.82
C SER I 111 -14.40 -31.33 -40.96
N ARG I 112 -13.80 -31.89 -39.91
CA ARG I 112 -14.48 -32.84 -39.05
C ARG I 112 -15.68 -32.22 -38.33
N GLU I 113 -15.56 -30.94 -37.95
CA GLU I 113 -16.67 -30.21 -37.30
C GLU I 113 -17.58 -29.49 -38.29
N HIS I 114 -16.99 -28.95 -39.36
CA HIS I 114 -17.73 -28.13 -40.32
C HIS I 114 -18.48 -28.94 -41.39
N GLY I 115 -17.78 -29.89 -42.02
CA GLY I 115 -18.35 -30.70 -43.11
C GLY I 115 -17.62 -30.57 -44.43
N LYS I 116 -17.11 -29.38 -44.74
CA LYS I 116 -16.40 -29.14 -46.01
C LYS I 116 -15.19 -30.03 -46.23
N THR I 117 -14.79 -30.16 -47.49
CA THR I 117 -13.66 -31.02 -47.85
C THR I 117 -12.37 -30.51 -47.20
N ILE I 118 -11.43 -31.43 -46.97
CA ILE I 118 -10.08 -31.09 -46.49
C ILE I 118 -9.43 -30.00 -47.35
N ASP I 119 -9.57 -30.13 -48.67
CA ASP I 119 -9.07 -29.13 -49.61
C ASP I 119 -9.73 -27.75 -49.41
N ASP I 120 -11.03 -27.70 -49.10
CA ASP I 120 -11.70 -26.41 -48.83
C ASP I 120 -11.13 -25.83 -47.55
N ALA I 121 -10.97 -26.69 -46.53
CA ALA I 121 -10.47 -26.32 -45.22
C ALA I 121 -9.07 -25.70 -45.31
N LYS I 122 -8.21 -26.30 -46.14
CA LYS I 122 -6.88 -25.72 -46.38
C LYS I 122 -6.98 -24.33 -47.01
N GLY I 123 -7.93 -24.14 -47.93
CA GLY I 123 -8.20 -22.83 -48.51
C GLY I 123 -8.62 -21.82 -47.46
N ASP I 124 -9.41 -22.27 -46.49
CA ASP I 124 -9.89 -21.52 -45.33
C ASP I 124 -8.68 -21.00 -44.51
N ILE I 125 -7.84 -21.94 -44.07
CA ILE I 125 -6.62 -21.62 -43.33
C ILE I 125 -5.70 -20.67 -44.12
N VAL I 126 -5.47 -20.97 -45.39
CA VAL I 126 -4.58 -20.18 -46.24
C VAL I 126 -5.03 -18.72 -46.38
N ARG I 127 -6.33 -18.50 -46.55
CA ARG I 127 -6.87 -17.13 -46.67
C ARG I 127 -6.67 -16.32 -45.39
N GLY I 128 -6.77 -16.96 -44.24
CA GLY I 128 -6.44 -16.31 -42.97
C GLY I 128 -4.95 -16.02 -42.90
N LEU I 129 -4.17 -17.05 -43.25
CA LEU I 129 -2.72 -16.96 -43.33
C LEU I 129 -2.30 -15.72 -44.11
N GLU I 130 -2.99 -15.43 -45.20
CA GLU I 130 -2.62 -14.30 -46.05
C GLU I 130 -2.86 -12.94 -45.38
N VAL I 131 -3.81 -12.88 -44.44
CA VAL I 131 -3.96 -11.66 -43.66
C VAL I 131 -2.80 -11.52 -42.68
N CYS I 132 -2.37 -12.64 -42.10
CA CYS I 132 -1.18 -12.64 -41.25
C CYS I 132 0.07 -12.17 -42.01
N GLU I 133 0.21 -12.54 -43.28
CA GLU I 133 1.32 -12.04 -44.10
C GLU I 133 1.22 -10.54 -44.33
N PHE I 134 0.00 -10.05 -44.53
CA PHE I 134 -0.22 -8.65 -44.77
C PHE I 134 0.21 -7.82 -43.57
N VAL I 135 -0.10 -8.28 -42.36
CA VAL I 135 0.20 -7.48 -41.18
C VAL I 135 1.66 -7.54 -40.74
N ILE I 136 2.43 -8.44 -41.35
CA ILE I 136 3.88 -8.41 -41.20
C ILE I 136 4.42 -6.99 -41.55
N GLY I 137 3.70 -6.30 -42.43
CA GLY I 137 4.05 -4.93 -42.87
C GLY I 137 3.52 -3.85 -41.94
N ILE I 138 3.11 -4.22 -40.74
CA ILE I 138 2.58 -3.25 -39.78
C ILE I 138 3.49 -2.01 -39.50
N PRO I 139 4.84 -2.16 -39.47
CA PRO I 139 5.60 -0.91 -39.28
C PRO I 139 5.31 0.16 -40.35
N HIS I 140 5.31 -0.20 -41.63
CA HIS I 140 4.85 0.75 -42.66
C HIS I 140 3.37 1.12 -42.55
N LEU I 141 2.50 0.12 -42.35
CA LEU I 141 1.04 0.31 -42.28
C LEU I 141 0.57 1.22 -41.16
N GLN I 142 1.29 1.23 -40.04
CA GLN I 142 0.85 2.01 -38.89
C GLN I 142 1.39 3.45 -38.91
N LYS I 143 2.19 3.83 -39.90
CA LYS I 143 2.69 5.22 -40.00
C LYS I 143 1.56 6.24 -39.96
N SER I 144 1.84 7.39 -39.35
CA SER I 144 0.97 8.56 -39.38
C SER I 144 1.64 9.70 -40.13
N GLU I 145 1.10 10.91 -39.96
CA GLU I 145 1.38 12.04 -40.86
C GLU I 145 2.09 13.17 -40.11
N PHE I 146 3.03 13.83 -40.78
CA PHE I 146 3.79 14.94 -40.17
C PHE I 146 3.82 16.15 -41.09
N THR I 147 3.56 17.32 -40.49
CA THR I 147 3.68 18.60 -41.16
C THR I 147 4.64 19.52 -40.37
N GLU I 148 5.71 20.00 -41.01
CA GLU I 148 6.53 21.02 -40.38
C GLU I 148 6.00 22.40 -40.74
N GLY I 149 6.01 23.30 -39.76
CA GLY I 149 5.60 24.68 -39.98
C GLY I 149 4.16 24.85 -40.39
N ALA I 150 3.28 24.04 -39.83
CA ALA I 150 1.82 24.26 -39.95
C ALA I 150 1.45 25.70 -39.50
N GLY I 151 2.17 26.20 -38.50
CA GLY I 151 2.15 27.62 -38.12
C GLY I 151 3.60 28.06 -37.85
N PRO I 152 3.81 29.32 -37.42
CA PRO I 152 5.21 29.81 -37.25
C PRO I 152 6.00 29.10 -36.13
N GLY I 153 6.92 28.21 -36.50
CA GLY I 153 7.68 27.41 -35.51
C GLY I 153 6.84 26.31 -34.86
N ILE I 154 5.71 26.00 -35.47
CA ILE I 154 4.75 25.03 -34.93
C ILE I 154 4.69 23.80 -35.85
N ASP I 155 4.90 22.63 -35.27
CA ASP I 155 4.79 21.38 -36.02
C ASP I 155 3.48 20.65 -35.67
N MSE I 156 2.96 19.88 -36.62
CA MSE I 156 1.69 19.18 -36.43
C MSE I 156 1.83 17.78 -36.94
O MSE I 156 2.23 17.57 -38.09
CB MSE I 156 0.60 19.92 -37.20
CG MSE I 156 -0.81 19.44 -36.87
SE MSE I 156 -2.14 20.64 -37.73
CE MSE I 156 -2.00 22.06 -36.37
N TYR I 157 1.51 16.79 -36.11
CA TYR I 157 1.66 15.39 -36.50
C TYR I 157 0.72 14.49 -35.73
N SER I 158 0.28 13.43 -36.40
CA SER I 158 -0.61 12.47 -35.76
C SER I 158 0.18 11.24 -35.38
N ILE I 159 -0.42 10.42 -34.51
CA ILE I 159 0.11 9.12 -34.09
C ILE I 159 -1.06 8.15 -34.04
N ARG I 160 -0.89 6.96 -34.60
CA ARG I 160 -1.96 5.99 -34.60
C ARG I 160 -1.70 5.00 -33.48
N GLN I 161 -2.45 5.11 -32.40
CA GLN I 161 -2.23 4.29 -31.22
C GLN I 161 -3.30 3.20 -31.12
N PRO I 162 -3.04 2.13 -30.33
CA PRO I 162 -4.05 1.06 -30.14
C PRO I 162 -5.38 1.58 -29.59
N VAL I 163 -6.48 0.93 -29.94
CA VAL I 163 -7.75 1.22 -29.28
C VAL I 163 -7.80 0.64 -27.87
N GLY I 164 -7.02 -0.42 -27.65
CA GLY I 164 -6.96 -1.06 -26.34
C GLY I 164 -7.31 -2.53 -26.46
N ILE I 165 -8.59 -2.85 -26.25
CA ILE I 165 -9.05 -4.24 -26.28
C ILE I 165 -10.23 -4.37 -27.24
N GLY I 166 -10.11 -5.27 -28.20
CA GLY I 166 -11.16 -5.50 -29.16
C GLY I 166 -11.72 -6.90 -29.08
N ALA I 167 -12.83 -7.13 -29.76
CA ALA I 167 -13.46 -8.43 -29.74
C ALA I 167 -13.97 -8.73 -31.13
N GLY I 168 -14.05 -10.01 -31.44
CA GLY I 168 -14.53 -10.43 -32.73
C GLY I 168 -15.50 -11.58 -32.60
N ILE I 169 -16.56 -11.53 -33.40
CA ILE I 169 -17.61 -12.53 -33.38
C ILE I 169 -17.71 -13.08 -34.79
N THR I 170 -17.49 -14.39 -34.93
CA THR I 170 -17.30 -15.04 -36.24
C THR I 170 -18.32 -16.18 -36.48
N PRO I 171 -18.57 -16.55 -37.76
CA PRO I 171 -19.58 -17.56 -38.07
C PRO I 171 -18.99 -18.95 -38.29
N PHE I 172 -19.86 -19.94 -38.56
CA PHE I 172 -19.43 -21.33 -38.68
C PHE I 172 -18.61 -21.60 -39.92
N ASN I 173 -18.85 -20.88 -41.02
CA ASN I 173 -18.41 -21.36 -42.32
C ASN I 173 -16.92 -21.17 -42.63
N PHE I 174 -16.30 -20.19 -41.99
CA PHE I 174 -14.84 -20.01 -42.07
C PHE I 174 -14.25 -19.79 -40.67
N PRO I 175 -14.09 -20.87 -39.88
CA PRO I 175 -13.61 -20.71 -38.50
C PRO I 175 -12.09 -20.55 -38.36
N GLY I 176 -11.38 -20.57 -39.50
CA GLY I 176 -9.96 -20.23 -39.56
C GLY I 176 -9.78 -18.82 -40.10
N MSE I 177 -10.30 -18.60 -41.32
CA MSE I 177 -10.05 -17.37 -42.07
C MSE I 177 -10.58 -16.13 -41.38
O MSE I 177 -9.89 -15.13 -41.32
CB MSE I 177 -10.64 -17.50 -43.47
CG MSE I 177 -10.58 -16.16 -44.19
SE MSE I 177 -11.45 -16.35 -45.94
CE MSE I 177 -13.29 -15.87 -45.40
N ILE I 178 -11.82 -16.19 -40.90
CA ILE I 178 -12.46 -14.99 -40.35
C ILE I 178 -11.86 -14.56 -38.99
N PRO I 179 -11.67 -15.52 -38.06
CA PRO I 179 -10.92 -15.15 -36.86
C PRO I 179 -9.63 -14.38 -37.16
N MSE I 180 -8.86 -14.89 -38.14
CA MSE I 180 -7.59 -14.31 -38.57
C MSE I 180 -7.74 -12.97 -39.24
O MSE I 180 -6.90 -12.08 -39.03
CB MSE I 180 -6.81 -15.26 -39.48
CG MSE I 180 -6.27 -16.41 -38.64
SE MSE I 180 -4.98 -17.53 -39.61
CE MSE I 180 -6.20 -18.94 -40.23
N TRP I 181 -8.78 -12.82 -40.09
CA TRP I 181 -9.14 -11.52 -40.66
C TRP I 181 -9.13 -10.43 -39.61
N MSE I 182 -9.70 -10.74 -38.45
CA MSE I 182 -9.89 -9.76 -37.38
C MSE I 182 -8.70 -9.66 -36.47
O MSE I 182 -8.21 -8.56 -36.22
CB MSE I 182 -11.09 -10.16 -36.53
CG MSE I 182 -12.40 -10.00 -37.28
SE MSE I 182 -13.76 -10.95 -36.22
CE MSE I 182 -15.23 -10.61 -37.47
N PHE I 183 -8.22 -10.80 -35.94
CA PHE I 183 -7.22 -10.71 -34.88
C PHE I 183 -5.83 -10.36 -35.38
N ALA I 184 -5.54 -10.61 -36.65
CA ALA I 184 -4.22 -10.28 -37.18
C ALA I 184 -3.98 -8.77 -37.18
N PRO I 185 -4.88 -8.00 -37.81
CA PRO I 185 -4.65 -6.54 -37.75
C PRO I 185 -4.86 -5.94 -36.35
N ALA I 186 -5.78 -6.51 -35.56
CA ALA I 186 -6.05 -5.97 -34.22
C ALA I 186 -4.80 -6.08 -33.35
N ILE I 187 -4.21 -7.27 -33.37
CA ILE I 187 -3.05 -7.59 -32.54
C ILE I 187 -1.79 -6.94 -33.09
N ALA I 188 -1.65 -6.89 -34.41
CA ALA I 188 -0.50 -6.24 -35.02
C ALA I 188 -0.44 -4.75 -34.68
N CYS I 189 -1.61 -4.14 -34.55
CA CYS I 189 -1.72 -2.72 -34.17
C CYS I 189 -1.46 -2.43 -32.68
N GLY I 190 -1.16 -3.45 -31.87
CA GLY I 190 -0.90 -3.25 -30.43
C GLY I 190 -2.05 -3.49 -29.46
N ASN I 191 -3.15 -4.07 -29.95
CA ASN I 191 -4.33 -4.34 -29.12
C ASN I 191 -4.31 -5.75 -28.57
N ALA I 192 -5.09 -6.00 -27.52
CA ALA I 192 -5.44 -7.36 -27.14
C ALA I 192 -6.78 -7.69 -27.81
N PHE I 193 -7.08 -8.98 -27.95
CA PHE I 193 -8.23 -9.40 -28.74
C PHE I 193 -8.95 -10.58 -28.08
N ILE I 194 -10.27 -10.46 -27.94
CA ILE I 194 -11.08 -11.55 -27.45
C ILE I 194 -11.91 -12.10 -28.60
N LEU I 195 -11.65 -13.35 -28.97
CA LEU I 195 -12.40 -14.02 -30.03
C LEU I 195 -13.58 -14.82 -29.47
N LYS I 196 -14.74 -14.65 -30.07
CA LYS I 196 -15.92 -15.42 -29.78
C LYS I 196 -16.39 -16.08 -31.04
N PRO I 197 -15.85 -17.25 -31.35
CA PRO I 197 -16.15 -17.88 -32.62
C PRO I 197 -17.47 -18.65 -32.58
N SER I 198 -17.94 -19.11 -33.75
CA SER I 198 -19.11 -19.97 -33.80
C SER I 198 -18.95 -21.22 -32.95
N GLU I 199 -20.00 -21.53 -32.19
CA GLU I 199 -20.00 -22.69 -31.31
C GLU I 199 -20.20 -23.99 -32.09
N ARG I 200 -20.42 -23.89 -33.40
CA ARG I 200 -20.67 -25.06 -34.23
C ARG I 200 -19.38 -25.85 -34.41
N ASP I 201 -18.27 -25.12 -34.60
CA ASP I 201 -16.99 -25.69 -34.98
C ASP I 201 -15.83 -24.94 -34.36
N PRO I 202 -15.63 -25.09 -33.04
CA PRO I 202 -14.70 -24.25 -32.28
C PRO I 202 -13.27 -24.79 -32.08
N SER I 203 -12.95 -25.97 -32.61
CA SER I 203 -11.59 -26.54 -32.47
C SER I 203 -10.47 -25.71 -33.12
N VAL I 204 -10.69 -25.22 -34.33
CA VAL I 204 -9.68 -24.39 -35.00
C VAL I 204 -9.33 -23.09 -34.24
N PRO I 205 -10.34 -22.29 -33.80
CA PRO I 205 -9.96 -21.05 -33.10
C PRO I 205 -9.07 -21.22 -31.85
N ILE I 206 -9.33 -22.25 -31.03
CA ILE I 206 -8.49 -22.49 -29.86
C ILE I 206 -7.08 -22.89 -30.30
N ARG I 207 -7.00 -23.73 -31.33
CA ARG I 207 -5.73 -24.18 -31.83
C ARG I 207 -4.92 -23.01 -32.38
N LEU I 208 -5.59 -22.09 -33.09
CA LEU I 208 -4.93 -20.89 -33.57
C LEU I 208 -4.36 -20.07 -32.42
N ALA I 209 -5.11 -19.93 -31.34
CA ALA I 209 -4.61 -19.16 -30.20
C ALA I 209 -3.39 -19.83 -29.55
N GLU I 210 -3.42 -21.16 -29.47
CA GLU I 210 -2.28 -21.94 -28.98
C GLU I 210 -1.04 -21.71 -29.83
N LEU I 211 -1.23 -21.65 -31.14
CA LEU I 211 -0.13 -21.43 -32.09
C LEU I 211 0.44 -20.01 -32.02
N MSE I 212 -0.41 -19.03 -31.68
CA MSE I 212 0.08 -17.66 -31.48
C MSE I 212 1.00 -17.61 -30.27
O MSE I 212 2.04 -16.96 -30.30
CB MSE I 212 -1.08 -16.68 -31.36
CG MSE I 212 -1.74 -16.33 -32.70
SE MSE I 212 -0.57 -15.23 -33.87
CE MSE I 212 -0.76 -13.47 -33.01
N ILE I 213 0.64 -18.33 -29.22
CA ILE I 213 1.56 -18.51 -28.06
C ILE I 213 2.89 -19.13 -28.52
N GLU I 214 2.81 -20.19 -29.34
CA GLU I 214 4.01 -20.83 -29.85
C GLU I 214 4.83 -19.87 -30.74
N ALA I 215 4.15 -18.98 -31.45
CA ALA I 215 4.84 -18.00 -32.28
C ALA I 215 5.47 -16.86 -31.48
N GLY I 216 5.34 -16.89 -30.16
CA GLY I 216 5.87 -15.83 -29.30
C GLY I 216 4.90 -14.73 -28.82
N LEU I 217 3.61 -14.86 -29.13
CA LEU I 217 2.64 -13.88 -28.62
C LEU I 217 2.53 -13.98 -27.09
N PRO I 218 2.52 -12.83 -26.37
CA PRO I 218 2.35 -12.90 -24.93
C PRO I 218 1.01 -13.48 -24.52
N ALA I 219 1.02 -14.18 -23.40
CA ALA I 219 -0.20 -14.68 -22.78
C ALA I 219 -1.19 -13.52 -22.61
N GLY I 220 -2.46 -13.77 -22.87
CA GLY I 220 -3.46 -12.74 -22.65
C GLY I 220 -3.79 -11.83 -23.82
N ILE I 221 -2.94 -11.80 -24.85
CA ILE I 221 -3.13 -10.92 -26.01
C ILE I 221 -4.18 -11.46 -27.01
N LEU I 222 -4.22 -12.79 -27.15
CA LEU I 222 -5.29 -13.43 -27.90
C LEU I 222 -5.97 -14.45 -27.02
N ASN I 223 -7.16 -14.09 -26.57
CA ASN I 223 -8.01 -14.99 -25.82
C ASN I 223 -9.22 -15.47 -26.62
N VAL I 224 -9.63 -16.71 -26.39
CA VAL I 224 -10.82 -17.27 -27.02
C VAL I 224 -11.87 -17.58 -25.96
N VAL I 225 -13.05 -17.00 -26.14
CA VAL I 225 -14.16 -17.19 -25.22
C VAL I 225 -15.27 -17.81 -26.04
N ASN I 226 -15.59 -19.05 -25.74
CA ASN I 226 -16.65 -19.75 -26.44
C ASN I 226 -18.02 -19.49 -25.82
N GLY I 227 -19.05 -19.45 -26.66
CA GLY I 227 -20.39 -19.22 -26.17
C GLY I 227 -21.43 -18.91 -27.23
N ASP I 228 -22.62 -18.54 -26.76
CA ASP I 228 -23.75 -18.25 -27.64
C ASP I 228 -24.12 -16.77 -27.51
N LYS I 229 -25.42 -16.46 -27.58
CA LYS I 229 -25.89 -15.09 -27.37
C LYS I 229 -25.43 -14.53 -26.02
N GLY I 230 -25.33 -15.40 -25.02
CA GLY I 230 -24.85 -14.98 -23.68
C GLY I 230 -23.49 -14.31 -23.71
N ALA I 231 -22.51 -14.98 -24.33
CA ALA I 231 -21.15 -14.46 -24.42
C ALA I 231 -21.11 -13.19 -25.25
N VAL I 232 -21.88 -13.17 -26.34
CA VAL I 232 -21.96 -11.99 -27.23
C VAL I 232 -22.48 -10.76 -26.48
N ASP I 233 -23.59 -10.91 -25.76
CA ASP I 233 -24.12 -9.80 -24.98
C ASP I 233 -23.16 -9.34 -23.91
N ALA I 234 -22.48 -10.29 -23.26
CA ALA I 234 -21.44 -9.95 -22.29
C ALA I 234 -20.36 -9.10 -22.96
N ILE I 235 -19.96 -9.47 -24.18
CA ILE I 235 -18.97 -8.70 -24.94
C ILE I 235 -19.50 -7.29 -25.25
N LEU I 236 -20.73 -7.22 -25.72
CA LEU I 236 -21.28 -5.94 -26.17
C LEU I 236 -21.41 -4.94 -25.04
N THR I 237 -21.60 -5.43 -23.82
CA THR I 237 -21.82 -4.56 -22.68
C THR I 237 -20.60 -4.33 -21.78
N HIS I 238 -19.47 -4.98 -22.08
CA HIS I 238 -18.29 -4.83 -21.21
C HIS I 238 -17.61 -3.50 -21.45
N PRO I 239 -17.50 -2.66 -20.41
CA PRO I 239 -17.04 -1.30 -20.67
C PRO I 239 -15.58 -1.18 -21.09
N ASP I 240 -14.78 -2.24 -20.90
CA ASP I 240 -13.37 -2.20 -21.27
C ASP I 240 -13.07 -2.71 -22.68
N ILE I 241 -14.10 -3.11 -23.39
CA ILE I 241 -13.94 -3.52 -24.79
C ILE I 241 -14.29 -2.32 -25.65
N ALA I 242 -13.34 -1.89 -26.50
CA ALA I 242 -13.49 -0.66 -27.26
C ALA I 242 -14.10 -0.83 -28.65
N ALA I 243 -14.00 -2.03 -29.22
CA ALA I 243 -14.22 -2.22 -30.65
C ALA I 243 -14.72 -3.64 -30.94
N VAL I 244 -15.71 -3.77 -31.80
CA VAL I 244 -16.26 -5.09 -32.15
C VAL I 244 -16.35 -5.30 -33.65
N SER I 245 -15.80 -6.43 -34.09
CA SER I 245 -15.92 -6.88 -35.47
C SER I 245 -16.84 -8.11 -35.52
N PHE I 246 -17.79 -8.08 -36.46
CA PHE I 246 -18.75 -9.19 -36.61
C PHE I 246 -18.84 -9.67 -38.05
N VAL I 247 -18.88 -10.98 -38.23
CA VAL I 247 -19.20 -11.57 -39.52
C VAL I 247 -20.22 -12.68 -39.29
N GLY I 248 -21.32 -12.68 -40.05
CA GLY I 248 -22.41 -13.63 -39.87
C GLY I 248 -23.64 -13.25 -40.68
N SER I 249 -24.82 -13.64 -40.21
CA SER I 249 -26.06 -13.34 -40.93
C SER I 249 -26.46 -11.88 -40.75
N THR I 250 -27.20 -11.34 -41.70
CA THR I 250 -27.63 -9.94 -41.63
C THR I 250 -28.43 -9.63 -40.35
N PRO I 251 -29.48 -10.43 -40.05
CA PRO I 251 -30.21 -10.05 -38.84
C PRO I 251 -29.31 -9.92 -37.60
N ILE I 252 -28.34 -10.81 -37.41
CA ILE I 252 -27.47 -10.73 -36.24
C ILE I 252 -26.46 -9.58 -36.41
N ALA I 253 -25.98 -9.37 -37.64
CA ALA I 253 -25.11 -8.23 -37.91
C ALA I 253 -25.78 -6.91 -37.51
N ARG I 254 -27.07 -6.76 -37.85
CA ARG I 254 -27.86 -5.57 -37.46
C ARG I 254 -27.92 -5.39 -35.96
N TYR I 255 -28.17 -6.49 -35.25
CA TYR I 255 -28.27 -6.48 -33.79
C TYR I 255 -26.93 -6.12 -33.15
N VAL I 256 -25.86 -6.76 -33.60
CA VAL I 256 -24.53 -6.51 -33.04
C VAL I 256 -24.07 -5.07 -33.33
N TYR I 257 -24.27 -4.64 -34.58
CA TYR I 257 -23.96 -3.28 -34.97
C TYR I 257 -24.64 -2.26 -34.04
N GLY I 258 -25.97 -2.32 -33.97
CA GLY I 258 -26.75 -1.38 -33.15
C GLY I 258 -26.39 -1.43 -31.68
N THR I 259 -26.24 -2.65 -31.15
CA THR I 259 -25.97 -2.85 -29.71
C THR I 259 -24.60 -2.35 -29.29
N ALA I 260 -23.57 -2.66 -30.08
CA ALA I 260 -22.25 -2.13 -29.81
C ALA I 260 -22.25 -0.59 -29.77
N ALA I 261 -22.90 0.03 -30.74
CA ALA I 261 -22.96 1.48 -30.82
C ALA I 261 -23.69 2.07 -29.62
N MSE I 262 -24.74 1.39 -29.17
CA MSE I 262 -25.54 1.85 -28.03
C MSE I 262 -24.73 1.84 -26.78
O MSE I 262 -25.02 2.56 -25.84
CB MSE I 262 -26.79 0.99 -27.79
CG MSE I 262 -27.94 1.39 -28.68
SE MSE I 262 -28.69 3.16 -28.20
CE MSE I 262 -30.14 3.12 -29.53
N ASN I 263 -23.68 1.00 -26.76
CA ASN I 263 -22.73 0.94 -25.65
C ASN I 263 -21.49 1.81 -25.89
N GLY I 264 -21.51 2.60 -26.96
CA GLY I 264 -20.45 3.57 -27.25
C GLY I 264 -19.23 3.05 -28.00
N LYS I 265 -19.26 1.77 -28.40
CA LYS I 265 -18.12 1.09 -29.02
C LYS I 265 -18.07 1.38 -30.51
N ARG I 266 -16.89 1.28 -31.12
CA ARG I 266 -16.84 1.26 -32.57
C ARG I 266 -17.17 -0.15 -33.04
N ALA I 267 -17.75 -0.26 -34.24
CA ALA I 267 -18.21 -1.53 -34.78
C ALA I 267 -18.16 -1.55 -36.29
N GLN I 268 -17.96 -2.75 -36.83
CA GLN I 268 -18.04 -3.06 -38.26
C GLN I 268 -18.66 -4.44 -38.35
N CYS I 269 -19.76 -4.56 -39.09
CA CYS I 269 -20.48 -5.82 -39.15
C CYS I 269 -20.77 -6.23 -40.58
N PHE I 270 -20.62 -7.52 -40.85
CA PHE I 270 -20.73 -8.03 -42.20
C PHE I 270 -21.74 -9.18 -42.28
N GLY I 271 -22.64 -9.08 -43.27
CA GLY I 271 -23.89 -9.85 -43.27
C GLY I 271 -24.05 -10.82 -44.43
N GLY I 272 -25.29 -11.05 -44.82
CA GLY I 272 -25.62 -12.03 -45.84
C GLY I 272 -25.44 -11.61 -47.30
N ALA I 273 -25.87 -12.48 -48.20
CA ALA I 273 -25.56 -12.35 -49.60
C ALA I 273 -26.59 -13.03 -50.47
N LYS I 274 -26.71 -12.56 -51.71
CA LYS I 274 -27.39 -13.32 -52.75
C LYS I 274 -26.68 -12.95 -54.02
N ASN I 275 -25.51 -13.54 -54.21
CA ASN I 275 -24.63 -13.14 -55.30
C ASN I 275 -25.11 -13.62 -56.66
N HIS I 276 -25.21 -12.66 -57.61
CA HIS I 276 -25.62 -12.89 -58.99
C HIS I 276 -24.40 -12.97 -59.92
N MSE I 277 -24.45 -13.87 -60.91
CA MSE I 277 -23.50 -13.83 -62.04
C MSE I 277 -24.32 -13.51 -63.27
O MSE I 277 -25.24 -14.23 -63.61
CB MSE I 277 -22.72 -15.15 -62.14
CG MSE I 277 -21.60 -15.11 -63.18
SE MSE I 277 -21.08 -16.89 -63.85
CE MSE I 277 -19.95 -17.28 -62.29
N ILE I 278 -24.00 -12.40 -63.94
CA ILE I 278 -24.64 -12.05 -65.22
C ILE I 278 -23.81 -12.65 -66.35
N ILE I 279 -24.45 -13.37 -67.27
CA ILE I 279 -23.75 -13.95 -68.41
C ILE I 279 -24.25 -13.31 -69.71
N MSE I 280 -23.43 -12.42 -70.27
CA MSE I 280 -23.72 -11.77 -71.56
C MSE I 280 -23.58 -12.77 -72.67
O MSE I 280 -22.89 -13.79 -72.51
CB MSE I 280 -22.74 -10.63 -71.85
CG MSE I 280 -22.86 -9.46 -70.88
SE MSE I 280 -24.68 -8.69 -70.88
CE MSE I 280 -24.69 -7.81 -72.65
N PRO I 281 -24.23 -12.50 -73.83
CA PRO I 281 -24.26 -13.49 -74.91
C PRO I 281 -22.91 -13.64 -75.61
N ASP I 282 -21.96 -12.74 -75.32
CA ASP I 282 -20.62 -12.86 -75.88
C ASP I 282 -19.63 -13.55 -74.93
N ALA I 283 -20.10 -14.01 -73.77
CA ALA I 283 -19.21 -14.64 -72.79
C ALA I 283 -18.64 -15.98 -73.28
N ASP I 284 -17.51 -16.37 -72.71
CA ASP I 284 -17.01 -17.73 -72.88
C ASP I 284 -17.87 -18.63 -71.99
N LEU I 285 -18.83 -19.33 -72.59
CA LEU I 285 -19.83 -20.07 -71.83
C LEU I 285 -19.27 -21.29 -71.13
N ASP I 286 -18.21 -21.87 -71.69
CA ASP I 286 -17.53 -23.01 -71.05
C ASP I 286 -16.91 -22.58 -69.73
N GLN I 287 -16.17 -21.47 -69.76
CA GLN I 287 -15.60 -20.90 -68.55
C GLN I 287 -16.69 -20.44 -67.57
N ALA I 288 -17.73 -19.77 -68.10
CA ALA I 288 -18.88 -19.39 -67.26
C ALA I 288 -19.47 -20.60 -66.53
N ALA I 289 -19.75 -21.65 -67.29
CA ALA I 289 -20.32 -22.88 -66.77
C ALA I 289 -19.41 -23.57 -65.75
N ASN I 290 -18.11 -23.67 -66.04
CA ASN I 290 -17.16 -24.25 -65.09
C ASN I 290 -17.05 -23.43 -63.81
N ALA I 291 -17.06 -22.11 -63.96
CA ALA I 291 -17.03 -21.20 -62.83
C ALA I 291 -18.31 -21.28 -61.98
N LEU I 292 -19.48 -21.43 -62.62
CA LEU I 292 -20.77 -21.58 -61.89
C LEU I 292 -20.86 -22.83 -61.03
N ILE I 293 -20.31 -23.95 -61.52
CA ILE I 293 -20.28 -25.18 -60.75
C ILE I 293 -19.46 -25.01 -59.47
N GLY I 294 -18.24 -24.50 -59.60
CA GLY I 294 -17.42 -24.22 -58.45
C GLY I 294 -18.06 -23.23 -57.50
N ALA I 295 -18.57 -22.13 -58.04
CA ALA I 295 -19.09 -21.03 -57.19
C ALA I 295 -20.45 -21.34 -56.58
N GLY I 296 -21.24 -22.17 -57.24
CA GLY I 296 -22.58 -22.47 -56.78
C GLY I 296 -22.62 -23.58 -55.75
N TYR I 297 -21.72 -24.54 -55.89
CA TYR I 297 -21.81 -25.77 -55.12
C TYR I 297 -20.61 -26.04 -54.22
N GLY I 298 -19.52 -25.28 -54.43
CA GLY I 298 -18.37 -25.35 -53.53
C GLY I 298 -18.83 -25.06 -52.11
N SER I 299 -18.30 -25.79 -51.14
CA SER I 299 -18.71 -25.72 -49.73
C SER I 299 -20.21 -26.00 -49.57
N ALA I 300 -20.79 -26.77 -50.48
CA ALA I 300 -22.24 -27.01 -50.52
C ALA I 300 -23.00 -25.67 -50.46
N GLY I 301 -22.45 -24.65 -51.10
CA GLY I 301 -23.08 -23.35 -51.18
C GLY I 301 -23.10 -22.55 -49.89
N GLU I 302 -22.39 -23.02 -48.87
CA GLU I 302 -22.36 -22.35 -47.57
C GLU I 302 -21.32 -21.21 -47.50
N ARG I 303 -21.48 -20.21 -48.37
CA ARG I 303 -20.54 -19.09 -48.45
C ARG I 303 -21.30 -17.80 -48.72
N CYS I 304 -20.90 -16.71 -48.05
CA CYS I 304 -21.47 -15.40 -48.39
C CYS I 304 -20.96 -14.87 -49.73
N MSE I 305 -20.07 -15.61 -50.39
CA MSE I 305 -19.64 -15.21 -51.73
C MSE I 305 -19.95 -16.28 -52.75
O MSE I 305 -19.47 -16.24 -53.89
CB MSE I 305 -18.16 -14.80 -51.73
CG MSE I 305 -17.94 -13.54 -50.87
SE MSE I 305 -18.71 -11.93 -51.69
CE MSE I 305 -17.48 -11.75 -53.22
N ALA I 306 -20.77 -17.24 -52.37
CA ALA I 306 -21.24 -18.24 -53.31
C ALA I 306 -22.16 -17.57 -54.32
N ILE I 307 -22.07 -17.95 -55.59
CA ILE I 307 -23.03 -17.51 -56.59
C ILE I 307 -24.30 -18.35 -56.43
N SER I 308 -25.41 -17.70 -56.11
CA SER I 308 -26.67 -18.39 -55.90
C SER I 308 -27.69 -18.04 -57.00
N VAL I 309 -27.37 -17.06 -57.84
CA VAL I 309 -28.25 -16.71 -58.95
C VAL I 309 -27.47 -16.55 -60.25
N ALA I 310 -27.83 -17.33 -61.27
CA ALA I 310 -27.22 -17.13 -62.59
C ALA I 310 -28.18 -16.34 -63.44
N VAL I 311 -27.67 -15.30 -64.10
CA VAL I 311 -28.51 -14.43 -64.92
C VAL I 311 -28.01 -14.41 -66.36
N PRO I 312 -28.41 -15.42 -67.16
CA PRO I 312 -28.06 -15.37 -68.57
C PRO I 312 -28.90 -14.30 -69.27
N VAL I 313 -28.29 -13.62 -70.24
CA VAL I 313 -28.97 -12.62 -71.05
C VAL I 313 -29.29 -13.22 -72.41
N GLY I 314 -30.58 -13.22 -72.75
CA GLY I 314 -31.02 -13.78 -74.02
C GLY I 314 -31.32 -15.27 -73.93
N GLU I 315 -32.23 -15.72 -74.79
CA GLU I 315 -32.71 -17.10 -74.80
C GLU I 315 -31.63 -18.13 -75.08
N GLU I 316 -30.84 -17.87 -76.11
CA GLU I 316 -29.82 -18.81 -76.54
C GLU I 316 -28.77 -19.01 -75.43
N THR I 317 -28.31 -17.92 -74.83
CA THR I 317 -27.34 -18.01 -73.75
C THR I 317 -27.89 -18.88 -72.62
N ALA I 318 -29.11 -18.58 -72.18
CA ALA I 318 -29.78 -19.38 -71.17
C ALA I 318 -29.85 -20.88 -71.51
N ASN I 319 -30.36 -21.20 -72.69
CA ASN I 319 -30.48 -22.59 -73.13
C ASN I 319 -29.12 -23.31 -73.19
N ARG I 320 -28.13 -22.65 -73.76
CA ARG I 320 -26.81 -23.26 -73.86
C ARG I 320 -26.15 -23.43 -72.50
N LEU I 321 -26.29 -22.42 -71.64
CA LEU I 321 -25.71 -22.48 -70.29
C LEU I 321 -26.30 -23.62 -69.47
N ILE I 322 -27.63 -23.73 -69.43
CA ILE I 322 -28.34 -24.82 -68.76
C ILE I 322 -27.89 -26.17 -69.32
N ASP I 323 -27.76 -26.27 -70.64
CA ASP I 323 -27.35 -27.51 -71.23
C ASP I 323 -25.98 -27.95 -70.73
N LYS I 324 -25.09 -27.00 -70.54
CA LYS I 324 -23.74 -27.28 -70.02
C LYS I 324 -23.75 -27.55 -68.53
N LEU I 325 -24.65 -26.88 -67.82
CA LEU I 325 -24.69 -26.90 -66.36
C LEU I 325 -25.23 -28.21 -65.77
N VAL I 326 -26.33 -28.68 -66.34
CA VAL I 326 -27.06 -29.85 -65.80
C VAL I 326 -26.17 -31.10 -65.59
N PRO I 327 -25.48 -31.57 -66.64
CA PRO I 327 -24.64 -32.75 -66.41
C PRO I 327 -23.57 -32.56 -65.33
N MSE I 328 -23.08 -31.33 -65.20
CA MSE I 328 -22.05 -31.02 -64.19
C MSE I 328 -22.60 -31.04 -62.79
O MSE I 328 -21.96 -31.59 -61.90
CB MSE I 328 -21.38 -29.70 -64.53
CG MSE I 328 -20.66 -29.78 -65.87
SE MSE I 328 -19.41 -28.26 -66.06
CE MSE I 328 -20.72 -26.83 -66.38
N VAL I 329 -23.78 -30.46 -62.57
CA VAL I 329 -24.43 -30.58 -61.26
C VAL I 329 -24.69 -32.07 -60.95
N GLU I 330 -25.29 -32.79 -61.89
CA GLU I 330 -25.61 -34.21 -61.72
C GLU I 330 -24.39 -35.06 -61.34
N SER I 331 -23.20 -34.71 -61.86
CA SER I 331 -22.01 -35.54 -61.64
C SER I 331 -21.14 -35.15 -60.44
N LEU I 332 -21.63 -34.26 -59.60
CA LEU I 332 -20.94 -33.85 -58.37
C LEU I 332 -20.71 -35.04 -57.44
N ARG I 333 -19.50 -35.19 -56.95
CA ARG I 333 -19.26 -36.25 -55.98
C ARG I 333 -19.52 -35.69 -54.59
N ILE I 334 -20.34 -36.39 -53.83
CA ILE I 334 -20.79 -35.93 -52.52
C ILE I 334 -20.32 -36.92 -51.45
N GLY I 335 -19.63 -36.43 -50.42
CA GLY I 335 -19.16 -37.32 -49.38
C GLY I 335 -18.61 -36.64 -48.14
N PRO I 336 -18.19 -37.45 -47.16
CA PRO I 336 -17.56 -36.98 -45.95
C PRO I 336 -16.15 -36.47 -46.24
N TYR I 337 -15.59 -35.69 -45.32
CA TYR I 337 -14.25 -35.14 -45.49
C TYR I 337 -13.20 -36.25 -45.62
N THR I 338 -13.50 -37.44 -45.09
CA THR I 338 -12.61 -38.60 -45.29
C THR I 338 -12.60 -39.11 -46.75
N ASP I 339 -13.59 -38.76 -47.55
CA ASP I 339 -13.53 -39.05 -49.00
C ASP I 339 -12.94 -37.86 -49.73
N GLU I 340 -11.62 -37.87 -49.90
CA GLU I 340 -10.91 -36.73 -50.48
C GLU I 340 -11.11 -36.57 -51.99
N LYS I 341 -11.97 -37.39 -52.54
CA LYS I 341 -12.41 -37.27 -53.89
C LYS I 341 -13.65 -36.42 -54.09
N ALA I 342 -14.36 -36.12 -53.01
CA ALA I 342 -15.63 -35.41 -53.02
C ALA I 342 -15.51 -33.94 -53.43
N ASP I 343 -16.52 -33.47 -54.16
CA ASP I 343 -16.64 -32.07 -54.52
C ASP I 343 -17.31 -31.29 -53.39
N MSE I 344 -18.15 -31.95 -52.62
CA MSE I 344 -18.88 -31.27 -51.55
C MSE I 344 -19.31 -32.20 -50.46
O MSE I 344 -19.56 -33.38 -50.69
CB MSE I 344 -20.04 -30.44 -52.14
CG MSE I 344 -21.43 -31.05 -52.08
SE MSE I 344 -22.60 -29.90 -53.20
CE MSE I 344 -24.19 -31.05 -53.20
N GLY I 345 -19.37 -31.65 -49.25
CA GLY I 345 -19.77 -32.39 -48.07
C GLY I 345 -21.18 -32.08 -47.65
N PRO I 346 -21.53 -32.45 -46.40
CA PRO I 346 -22.86 -32.18 -45.85
C PRO I 346 -22.96 -30.74 -45.39
N VAL I 347 -24.18 -30.25 -45.18
CA VAL I 347 -24.40 -28.97 -44.53
C VAL I 347 -24.14 -29.08 -43.02
N VAL I 348 -23.99 -27.94 -42.34
CA VAL I 348 -23.41 -27.91 -41.00
C VAL I 348 -24.27 -28.54 -39.89
N THR I 349 -25.59 -28.43 -40.00
CA THR I 349 -26.51 -28.90 -38.96
C THR I 349 -27.80 -29.44 -39.56
N LYS I 350 -28.45 -30.33 -38.83
CA LYS I 350 -29.79 -30.79 -39.16
C LYS I 350 -30.73 -29.60 -39.39
N GLU I 351 -30.64 -28.60 -38.51
CA GLU I 351 -31.43 -27.38 -38.62
C GLU I 351 -31.24 -26.67 -39.97
N ALA I 352 -30.00 -26.54 -40.43
CA ALA I 352 -29.73 -25.94 -41.73
C ALA I 352 -30.30 -26.77 -42.88
N GLU I 353 -30.11 -28.08 -42.81
CA GLU I 353 -30.67 -29.00 -43.79
C GLU I 353 -32.19 -28.83 -43.96
N GLN I 354 -32.91 -28.69 -42.85
CA GLN I 354 -34.36 -28.50 -42.86
C GLN I 354 -34.73 -27.21 -43.58
N ARG I 355 -34.07 -26.12 -43.21
CA ARG I 355 -34.31 -24.81 -43.79
CA ARG I 355 -34.33 -24.81 -43.81
C ARG I 355 -34.08 -24.84 -45.30
N ILE I 356 -32.94 -25.40 -45.71
CA ILE I 356 -32.65 -25.54 -47.13
C ILE I 356 -33.74 -26.37 -47.84
N ARG I 357 -34.09 -27.54 -47.27
CA ARG I 357 -35.12 -28.41 -47.88
C ARG I 357 -36.48 -27.73 -48.02
N SER I 358 -36.85 -26.99 -46.97
CA SER I 358 -38.08 -26.23 -46.95
C SER I 358 -38.05 -25.15 -48.03
N LEU I 359 -36.92 -24.48 -48.17
CA LEU I 359 -36.75 -23.53 -49.27
C LEU I 359 -36.85 -24.18 -50.66
N ILE I 360 -36.23 -25.35 -50.83
CA ILE I 360 -36.30 -26.08 -52.10
C ILE I 360 -37.77 -26.38 -52.45
N ASP I 361 -38.50 -26.92 -51.50
CA ASP I 361 -39.93 -27.19 -51.68
C ASP I 361 -40.72 -25.94 -52.11
N SER I 362 -40.35 -24.77 -51.56
CA SER I 362 -41.06 -23.52 -51.88
C SER I 362 -40.88 -23.11 -53.34
N GLY I 363 -39.71 -23.41 -53.90
CA GLY I 363 -39.41 -23.09 -55.30
C GLY I 363 -40.30 -23.86 -56.26
N ILE I 364 -40.45 -25.15 -56.00
CA ILE I 364 -41.35 -26.02 -56.75
C ILE I 364 -42.76 -25.46 -56.62
N GLU I 365 -43.19 -25.21 -55.39
CA GLU I 365 -44.53 -24.73 -55.13
C GLU I 365 -44.84 -23.39 -55.79
N GLN I 366 -43.83 -22.54 -55.92
CA GLN I 366 -44.04 -21.21 -56.49
C GLN I 366 -43.88 -21.15 -58.01
N GLY I 367 -43.61 -22.28 -58.64
CA GLY I 367 -43.63 -22.36 -60.11
C GLY I 367 -42.30 -22.51 -60.84
N ALA I 368 -41.18 -22.56 -60.12
CA ALA I 368 -39.87 -22.69 -60.75
C ALA I 368 -39.63 -24.10 -61.24
N LYS I 369 -38.76 -24.25 -62.25
CA LYS I 369 -38.50 -25.52 -62.90
C LYS I 369 -37.26 -26.18 -62.29
N LEU I 370 -37.46 -27.23 -61.51
CA LEU I 370 -36.33 -27.91 -60.87
C LEU I 370 -35.67 -28.85 -61.87
N VAL I 371 -34.64 -28.37 -62.58
CA VAL I 371 -34.01 -29.15 -63.65
C VAL I 371 -32.96 -30.15 -63.15
N VAL I 372 -32.37 -29.91 -61.99
CA VAL I 372 -31.64 -30.95 -61.28
C VAL I 372 -32.16 -31.02 -59.85
N ASP I 373 -32.66 -32.21 -59.48
CA ASP I 373 -33.33 -32.45 -58.22
C ASP I 373 -32.46 -33.32 -57.31
N GLY I 374 -31.84 -32.72 -56.30
CA GLY I 374 -30.97 -33.46 -55.38
C GLY I 374 -31.62 -33.90 -54.07
N ARG I 375 -32.93 -33.74 -53.96
CA ARG I 375 -33.66 -34.00 -52.72
C ARG I 375 -33.59 -35.43 -52.19
N ASP I 376 -33.55 -36.40 -53.11
CA ASP I 376 -33.53 -37.83 -52.77
C ASP I 376 -32.17 -38.34 -52.33
N PHE I 377 -31.13 -37.53 -52.49
CA PHE I 377 -29.77 -38.02 -52.27
C PHE I 377 -29.59 -38.58 -50.86
N LYS I 378 -29.03 -39.78 -50.80
CA LYS I 378 -28.67 -40.45 -49.55
C LYS I 378 -27.32 -41.10 -49.76
N LEU I 379 -26.46 -40.99 -48.75
CA LEU I 379 -25.14 -41.56 -48.84
C LEU I 379 -25.04 -42.79 -47.96
N GLN I 380 -24.74 -43.93 -48.58
CA GLN I 380 -24.70 -45.21 -47.90
C GLN I 380 -23.67 -45.21 -46.78
N GLY I 381 -24.10 -45.56 -45.58
CA GLY I 381 -23.23 -45.50 -44.40
C GLY I 381 -23.31 -44.17 -43.65
N TYR I 382 -23.85 -43.14 -44.31
CA TYR I 382 -24.00 -41.81 -43.73
C TYR I 382 -25.44 -41.30 -43.87
N GLU I 383 -26.41 -42.17 -43.56
CA GLU I 383 -27.83 -41.87 -43.73
C GLU I 383 -28.31 -40.74 -42.82
N ASN I 384 -27.69 -40.61 -41.65
CA ASN I 384 -27.99 -39.52 -40.74
C ASN I 384 -27.13 -38.27 -40.91
N GLY I 385 -26.26 -38.28 -41.91
CA GLY I 385 -25.44 -37.09 -42.18
C GLY I 385 -26.27 -36.03 -42.86
N HIS I 386 -25.87 -34.77 -42.72
CA HIS I 386 -26.69 -33.68 -43.25
C HIS I 386 -26.43 -33.46 -44.74
N PHE I 387 -26.53 -34.52 -45.53
CA PHE I 387 -26.26 -34.42 -46.97
C PHE I 387 -27.51 -34.02 -47.76
N ILE I 388 -27.35 -33.07 -48.66
CA ILE I 388 -28.34 -32.73 -49.68
C ILE I 388 -27.64 -32.74 -51.05
N GLY I 389 -28.30 -33.30 -52.05
CA GLY I 389 -27.77 -33.31 -53.40
C GLY I 389 -27.91 -31.94 -54.05
N GLY I 390 -27.08 -31.67 -55.04
CA GLY I 390 -27.12 -30.39 -55.75
C GLY I 390 -28.48 -30.15 -56.37
N CYS I 391 -28.95 -28.92 -56.31
CA CYS I 391 -30.20 -28.52 -56.94
C CYS I 391 -29.98 -27.36 -57.90
N LEU I 392 -30.73 -27.37 -59.00
CA LEU I 392 -30.68 -26.31 -59.99
C LEU I 392 -32.10 -25.97 -60.41
N PHE I 393 -32.50 -24.73 -60.12
CA PHE I 393 -33.78 -24.22 -60.59
C PHE I 393 -33.60 -23.38 -61.84
N ASP I 394 -34.50 -23.57 -62.82
CA ASP I 394 -34.60 -22.69 -63.99
C ASP I 394 -35.92 -21.92 -63.88
N ASP I 395 -36.12 -20.92 -64.74
CA ASP I 395 -37.32 -20.06 -64.73
C ASP I 395 -37.66 -19.49 -63.34
N VAL I 396 -36.63 -19.04 -62.62
CA VAL I 396 -36.84 -18.38 -61.34
C VAL I 396 -37.20 -16.91 -61.58
N THR I 397 -38.16 -16.40 -60.83
CA THR I 397 -38.56 -14.98 -60.92
C THR I 397 -38.32 -14.27 -59.58
N PRO I 398 -38.12 -12.93 -59.60
CA PRO I 398 -37.84 -12.11 -58.39
C PRO I 398 -38.85 -12.16 -57.24
N ASP I 399 -40.05 -12.68 -57.48
CA ASP I 399 -41.05 -12.74 -56.40
C ASP I 399 -40.99 -14.03 -55.58
N MSE I 400 -40.14 -14.97 -56.01
CA MSE I 400 -40.01 -16.25 -55.30
C MSE I 400 -39.09 -16.18 -54.11
O MSE I 400 -38.12 -15.43 -54.10
CB MSE I 400 -39.50 -17.31 -56.27
CG MSE I 400 -40.55 -17.67 -57.31
SE MSE I 400 -39.69 -18.91 -58.57
CE MSE I 400 -41.06 -18.89 -60.00
N ASP I 401 -39.38 -17.00 -53.09
CA ASP I 401 -38.57 -17.06 -51.87
C ASP I 401 -37.15 -17.58 -52.08
N ILE I 402 -36.97 -18.51 -53.02
CA ILE I 402 -35.63 -19.02 -53.34
C ILE I 402 -34.75 -17.94 -53.93
N TYR I 403 -35.36 -16.94 -54.57
CA TYR I 403 -34.65 -15.78 -55.08
C TYR I 403 -34.38 -14.74 -53.98
N LYS I 404 -35.38 -14.49 -53.13
CA LYS I 404 -35.27 -13.41 -52.15
C LYS I 404 -34.39 -13.79 -50.96
N THR I 405 -34.43 -15.07 -50.59
CA THR I 405 -33.79 -15.54 -49.37
C THR I 405 -32.43 -16.13 -49.66
N GLU I 406 -31.47 -15.86 -48.78
CA GLU I 406 -30.18 -16.51 -48.82
C GLU I 406 -30.36 -17.95 -48.35
N ILE I 407 -30.15 -18.90 -49.25
CA ILE I 407 -30.38 -20.32 -48.91
C ILE I 407 -29.21 -20.93 -48.13
N PHE I 408 -27.98 -20.52 -48.45
CA PHE I 408 -26.78 -21.04 -47.78
C PHE I 408 -26.77 -22.56 -47.88
N GLY I 409 -27.14 -23.04 -49.07
CA GLY I 409 -27.12 -24.45 -49.40
C GLY I 409 -26.81 -24.69 -50.86
N PRO I 410 -26.81 -25.95 -51.28
CA PRO I 410 -26.40 -26.27 -52.65
C PRO I 410 -27.55 -26.12 -53.65
N VAL I 411 -28.01 -24.89 -53.83
CA VAL I 411 -29.22 -24.59 -54.63
C VAL I 411 -28.94 -23.39 -55.51
N LEU I 412 -28.80 -23.62 -56.81
CA LEU I 412 -28.56 -22.53 -57.75
C LEU I 412 -29.84 -22.18 -58.52
N SER I 413 -30.08 -20.89 -58.67
CA SER I 413 -31.27 -20.40 -59.35
C SER I 413 -30.89 -19.72 -60.64
N VAL I 414 -31.59 -20.07 -61.72
CA VAL I 414 -31.37 -19.39 -62.98
C VAL I 414 -32.53 -18.44 -63.28
N VAL I 415 -32.22 -17.15 -63.38
CA VAL I 415 -33.19 -16.15 -63.79
C VAL I 415 -32.87 -15.66 -65.21
N ARG I 416 -33.81 -15.85 -66.12
CA ARG I 416 -33.60 -15.49 -67.53
C ARG I 416 -33.82 -14.01 -67.76
N ALA I 417 -32.74 -13.27 -67.99
CA ALA I 417 -32.87 -11.85 -68.32
C ALA I 417 -32.95 -11.67 -69.82
N ARG I 418 -33.72 -10.67 -70.25
CA ARG I 418 -33.95 -10.44 -71.68
C ARG I 418 -32.90 -9.57 -72.32
N ASN I 419 -32.31 -8.67 -71.53
CA ASN I 419 -31.29 -7.73 -72.00
C ASN I 419 -30.37 -7.30 -70.87
N TYR I 420 -29.32 -6.56 -71.23
CA TYR I 420 -28.35 -6.02 -70.29
C TYR I 420 -29.00 -5.23 -69.14
N GLU I 421 -29.88 -4.29 -69.49
CA GLU I 421 -30.49 -3.43 -68.45
C GLU I 421 -31.30 -4.29 -67.47
N GLU I 422 -32.03 -5.26 -67.99
CA GLU I 422 -32.80 -6.18 -67.14
C GLU I 422 -31.90 -7.00 -66.21
N ALA I 423 -30.82 -7.55 -66.77
CA ALA I 423 -29.85 -8.32 -65.98
C ALA I 423 -29.18 -7.48 -64.87
N LEU I 424 -28.84 -6.24 -65.20
CA LEU I 424 -28.28 -5.33 -64.20
C LEU I 424 -29.27 -5.01 -63.07
N SER I 425 -30.53 -4.81 -63.41
CA SER I 425 -31.52 -4.42 -62.40
C SER I 425 -31.74 -5.48 -61.29
N LEU I 426 -31.46 -6.75 -61.59
CA LEU I 426 -31.66 -7.83 -60.60
C LEU I 426 -30.77 -7.72 -59.36
N PRO I 427 -29.42 -7.73 -59.53
CA PRO I 427 -28.61 -7.48 -58.33
C PRO I 427 -28.79 -6.06 -57.74
N MSE I 428 -29.05 -5.07 -58.60
CA MSE I 428 -29.26 -3.67 -58.21
C MSE I 428 -30.41 -3.56 -57.25
O MSE I 428 -30.32 -2.88 -56.24
CB MSE I 428 -29.49 -2.79 -59.44
CG MSE I 428 -29.59 -1.31 -59.11
SE MSE I 428 -27.77 -0.52 -59.06
CE MSE I 428 -27.50 -0.38 -61.00
N LYS I 429 -31.49 -4.26 -57.56
CA LYS I 429 -32.68 -4.19 -56.72
C LYS I 429 -32.64 -5.12 -55.51
N HIS I 430 -31.68 -6.03 -55.45
CA HIS I 430 -31.65 -6.98 -54.33
C HIS I 430 -31.29 -6.30 -53.01
N GLU I 431 -31.88 -6.81 -51.94
CA GLU I 431 -31.63 -6.35 -50.58
C GLU I 431 -30.16 -6.59 -50.24
N TYR I 432 -29.57 -7.65 -50.81
CA TYR I 432 -28.17 -7.98 -50.59
C TYR I 432 -27.27 -7.37 -51.64
N GLY I 433 -26.05 -7.02 -51.20
CA GLY I 433 -25.06 -6.38 -52.05
C GLY I 433 -23.65 -6.78 -51.72
N ASN I 434 -23.40 -8.08 -51.65
CA ASN I 434 -22.10 -8.58 -51.20
C ASN I 434 -21.15 -8.68 -52.39
N GLY I 435 -21.39 -9.64 -53.28
CA GLY I 435 -20.61 -9.79 -54.51
C GLY I 435 -21.49 -9.92 -55.74
N VAL I 436 -20.89 -9.70 -56.90
CA VAL I 436 -21.61 -9.80 -58.17
C VAL I 436 -20.57 -10.04 -59.27
N ALA I 437 -20.98 -10.73 -60.33
CA ALA I 437 -20.08 -10.98 -61.45
C ALA I 437 -20.77 -10.75 -62.79
N ILE I 438 -20.01 -10.23 -63.73
CA ILE I 438 -20.45 -10.17 -65.12
C ILE I 438 -19.43 -10.93 -65.97
N TYR I 439 -19.93 -11.84 -66.82
CA TYR I 439 -19.09 -12.53 -67.78
C TYR I 439 -19.38 -12.00 -69.17
N THR I 440 -18.34 -11.51 -69.83
CA THR I 440 -18.47 -10.86 -71.14
C THR I 440 -17.10 -10.63 -71.76
N ARG I 441 -17.07 -10.45 -73.09
CA ARG I 441 -15.84 -10.07 -73.78
CA ARG I 441 -15.85 -10.07 -73.79
C ARG I 441 -15.81 -8.57 -74.02
N ASP I 442 -16.95 -7.92 -73.77
CA ASP I 442 -17.12 -6.50 -74.08
C ASP I 442 -16.63 -5.56 -72.98
N GLY I 443 -15.64 -4.74 -73.32
CA GLY I 443 -15.09 -3.76 -72.39
C GLY I 443 -16.12 -2.77 -71.89
N ASP I 444 -16.95 -2.25 -72.80
CA ASP I 444 -18.00 -1.29 -72.45
C ASP I 444 -19.00 -1.81 -71.43
N ALA I 445 -19.50 -3.03 -71.66
CA ALA I 445 -20.49 -3.65 -70.77
C ALA I 445 -19.92 -3.98 -69.38
N ALA I 446 -18.70 -4.52 -69.34
CA ALA I 446 -17.99 -4.74 -68.06
C ALA I 446 -17.82 -3.45 -67.27
N ARG I 447 -17.25 -2.41 -67.90
CA ARG I 447 -16.97 -1.15 -67.22
C ARG I 447 -18.24 -0.52 -66.64
N ASP I 448 -19.26 -0.43 -67.48
CA ASP I 448 -20.52 0.20 -67.15
C ASP I 448 -21.22 -0.52 -66.00
N PHE I 449 -21.25 -1.85 -66.10
CA PHE I 449 -21.80 -2.72 -65.07
C PHE I 449 -21.06 -2.54 -63.74
N ALA I 450 -19.75 -2.68 -63.76
CA ALA I 450 -18.94 -2.58 -62.56
C ALA I 450 -19.08 -1.20 -61.90
N SER I 451 -19.23 -0.18 -62.74
CA SER I 451 -19.35 1.20 -62.26
C SER I 451 -20.67 1.44 -61.54
N ARG I 452 -21.75 0.93 -62.14
CA ARG I 452 -23.08 1.28 -61.71
C ARG I 452 -23.60 0.47 -60.55
N ILE I 453 -23.26 -0.83 -60.54
CA ILE I 453 -23.88 -1.75 -59.60
C ILE I 453 -23.66 -1.32 -58.14
N ASN I 454 -24.71 -1.44 -57.31
CA ASN I 454 -24.60 -1.00 -55.91
C ASN I 454 -24.09 -2.09 -54.97
N ILE I 455 -22.97 -2.71 -55.37
CA ILE I 455 -22.48 -3.88 -54.71
C ILE I 455 -20.98 -3.71 -54.48
N GLY I 456 -20.50 -4.12 -53.30
CA GLY I 456 -19.13 -3.82 -52.89
C GLY I 456 -18.02 -4.55 -53.63
N MSE I 457 -18.26 -5.81 -54.01
CA MSE I 457 -17.21 -6.62 -54.62
C MSE I 457 -17.72 -7.17 -55.93
O MSE I 457 -18.72 -7.88 -55.99
CB MSE I 457 -16.80 -7.70 -53.62
CG MSE I 457 -16.25 -7.04 -52.34
SE MSE I 457 -15.95 -8.39 -50.93
CE MSE I 457 -17.80 -8.46 -50.25
N VAL I 458 -17.01 -6.83 -57.00
CA VAL I 458 -17.48 -7.04 -58.37
C VAL I 458 -16.48 -7.85 -59.19
N GLY I 459 -16.94 -8.91 -59.83
CA GLY I 459 -16.06 -9.72 -60.67
C GLY I 459 -16.32 -9.53 -62.15
N VAL I 460 -15.26 -9.28 -62.91
CA VAL I 460 -15.36 -9.24 -64.37
C VAL I 460 -14.70 -10.51 -64.91
N ASN I 461 -15.53 -11.47 -65.35
CA ASN I 461 -15.11 -12.83 -65.72
C ASN I 461 -14.43 -13.54 -64.54
N VAL I 462 -14.78 -13.12 -63.32
CA VAL I 462 -14.30 -13.75 -62.09
C VAL I 462 -15.55 -14.12 -61.29
N PRO I 463 -15.68 -15.40 -60.90
CA PRO I 463 -16.94 -15.80 -60.25
C PRO I 463 -17.09 -15.40 -58.78
N ILE I 464 -15.98 -15.33 -58.05
CA ILE I 464 -16.03 -15.09 -56.62
C ILE I 464 -15.04 -13.95 -56.34
N PRO I 465 -15.52 -12.70 -56.44
CA PRO I 465 -14.57 -11.57 -56.42
C PRO I 465 -14.16 -11.12 -55.02
N VAL I 466 -13.69 -12.08 -54.21
CA VAL I 466 -13.21 -11.80 -52.87
C VAL I 466 -11.85 -11.11 -52.98
N PRO I 467 -11.72 -9.87 -52.50
CA PRO I 467 -10.43 -9.18 -52.58
C PRO I 467 -9.35 -9.91 -51.77
N LEU I 468 -8.11 -9.80 -52.21
CA LEU I 468 -6.98 -10.31 -51.43
C LEU I 468 -6.74 -9.53 -50.14
N ALA I 469 -6.00 -10.17 -49.23
CA ALA I 469 -5.72 -9.63 -47.88
C ALA I 469 -5.25 -8.19 -47.86
N TYR I 470 -4.53 -7.78 -48.90
CA TYR I 470 -3.95 -6.44 -48.96
C TYR I 470 -4.88 -5.39 -49.54
N HIS I 471 -5.98 -5.85 -50.12
CA HIS I 471 -7.13 -5.01 -50.42
C HIS I 471 -8.12 -5.26 -49.29
N SER I 472 -9.39 -4.95 -49.47
CA SER I 472 -10.31 -5.07 -48.34
C SER I 472 -11.65 -5.65 -48.75
N PHE I 473 -12.30 -6.27 -47.79
CA PHE I 473 -13.53 -6.99 -48.03
C PHE I 473 -14.67 -6.25 -47.37
N GLY I 474 -15.79 -6.14 -48.10
CA GLY I 474 -17.02 -5.58 -47.56
C GLY I 474 -18.11 -5.44 -48.61
N GLY I 475 -19.32 -5.85 -48.26
CA GLY I 475 -20.46 -5.72 -49.15
C GLY I 475 -21.16 -4.38 -48.94
N TRP I 476 -22.15 -4.07 -49.77
CA TRP I 476 -22.95 -2.85 -49.61
C TRP I 476 -24.38 -3.22 -49.22
N LYS I 477 -25.28 -2.23 -49.23
CA LYS I 477 -26.69 -2.42 -48.86
C LYS I 477 -26.81 -3.22 -47.56
N SER I 478 -27.69 -4.22 -47.47
CA SER I 478 -27.84 -4.91 -46.18
C SER I 478 -26.72 -5.93 -45.84
N SER I 479 -25.65 -5.96 -46.63
CA SER I 479 -24.53 -6.90 -46.43
C SER I 479 -23.42 -6.37 -45.49
N SER I 480 -23.47 -5.09 -45.15
CA SER I 480 -22.50 -4.53 -44.17
C SER I 480 -23.05 -3.33 -43.43
N PHE I 481 -22.37 -2.99 -42.33
CA PHE I 481 -22.73 -1.93 -41.43
C PHE I 481 -21.42 -1.35 -40.89
N GLY I 482 -21.34 -0.02 -40.81
CA GLY I 482 -20.12 0.67 -40.40
C GLY I 482 -19.46 1.31 -41.62
N ASP I 483 -18.24 1.79 -41.45
CA ASP I 483 -17.64 2.59 -42.52
C ASP I 483 -16.22 2.13 -42.89
N LEU I 484 -15.86 0.96 -42.35
CA LEU I 484 -14.53 0.37 -42.56
C LEU I 484 -14.65 -1.11 -42.87
N ASN I 485 -13.95 -1.53 -43.91
CA ASN I 485 -13.95 -2.92 -44.34
C ASN I 485 -13.06 -3.83 -43.52
N GLN I 486 -13.07 -5.13 -43.87
CA GLN I 486 -12.22 -6.16 -43.29
C GLN I 486 -10.88 -6.17 -43.99
N HIS I 487 -9.81 -6.46 -43.25
CA HIS I 487 -8.42 -6.37 -43.71
C HIS I 487 -8.05 -5.13 -44.55
N GLY I 488 -6.93 -5.18 -45.27
CA GLY I 488 -6.47 -4.01 -46.00
C GLY I 488 -6.09 -2.88 -45.06
N THR I 489 -5.94 -1.69 -45.61
CA THR I 489 -5.61 -0.53 -44.79
C THR I 489 -6.81 -0.10 -43.96
N ASP I 490 -8.01 -0.46 -44.39
CA ASP I 490 -9.21 -0.26 -43.55
C ASP I 490 -9.13 -0.88 -42.17
N SER I 491 -8.67 -2.13 -42.07
CA SER I 491 -8.58 -2.78 -40.77
C SER I 491 -7.60 -2.05 -39.84
N ILE I 492 -6.48 -1.60 -40.38
CA ILE I 492 -5.47 -0.83 -39.62
C ILE I 492 -6.13 0.42 -39.04
N LYS I 493 -6.96 1.06 -39.84
CA LYS I 493 -7.77 2.19 -39.42
C LYS I 493 -8.77 1.85 -38.30
N PHE I 494 -9.46 0.71 -38.43
CA PHE I 494 -10.46 0.33 -37.44
C PHE I 494 -9.82 0.00 -36.09
N TRP I 495 -8.62 -0.56 -36.12
CA TRP I 495 -7.97 -1.00 -34.89
C TRP I 495 -7.00 -0.01 -34.27
N THR I 496 -7.01 1.24 -34.75
CA THR I 496 -6.17 2.28 -34.16
C THR I 496 -6.98 3.54 -33.90
N ARG I 497 -6.51 4.34 -32.98
CA ARG I 497 -7.07 5.62 -32.78
C ARG I 497 -6.07 6.75 -33.03
N THR I 498 -6.54 7.79 -33.66
CA THR I 498 -5.69 8.88 -34.07
C THR I 498 -5.55 9.89 -32.94
N LYS I 499 -4.30 10.25 -32.64
CA LYS I 499 -3.98 11.36 -31.77
C LYS I 499 -3.21 12.35 -32.61
N THR I 500 -3.54 13.64 -32.50
CA THR I 500 -2.79 14.67 -33.18
C THR I 500 -2.15 15.61 -32.18
N ILE I 501 -0.86 15.88 -32.40
CA ILE I 501 -0.09 16.72 -31.52
C ILE I 501 0.26 17.97 -32.31
N THR I 502 0.03 19.13 -31.69
CA THR I 502 0.53 20.40 -32.21
C THR I 502 1.56 20.94 -31.23
N SER I 503 2.73 21.30 -31.74
CA SER I 503 3.90 21.48 -30.91
C SER I 503 4.69 22.71 -31.29
N ARG I 504 5.11 23.46 -30.28
CA ARG I 504 6.02 24.61 -30.44
C ARG I 504 6.79 24.79 -29.14
N TRP I 505 7.80 25.66 -29.14
CA TRP I 505 8.59 25.85 -27.94
C TRP I 505 8.89 27.30 -27.67
N PRO I 506 8.98 27.70 -26.39
CA PRO I 506 9.41 29.07 -26.11
C PRO I 506 10.91 29.21 -26.33
N SER I 507 11.39 30.42 -26.59
CA SER I 507 12.83 30.65 -26.73
C SER I 507 13.54 30.23 -25.44
N GLY I 508 14.69 29.56 -25.56
CA GLY I 508 15.43 29.09 -24.39
C GLY I 508 16.93 29.21 -24.54
N ILE I 509 17.65 28.23 -24.01
CA ILE I 509 19.11 28.23 -24.00
C ILE I 509 19.78 28.43 -25.37
N LYS I 510 19.14 27.99 -26.44
CA LYS I 510 19.68 28.22 -27.78
C LYS I 510 19.94 29.71 -28.04
N ASP I 511 19.18 30.58 -27.36
CA ASP I 511 19.23 32.03 -27.59
C ASP I 511 20.04 32.83 -26.55
N GLY I 512 20.49 32.17 -25.49
CA GLY I 512 21.24 32.86 -24.43
C GLY I 512 22.27 31.99 -23.76
N MSE J 24 -38.15 41.90 -36.94
CA MSE J 24 -38.37 40.53 -36.41
C MSE J 24 -38.48 39.54 -37.54
O MSE J 24 -39.55 39.41 -38.15
CB MSE J 24 -39.61 40.53 -35.54
CG MSE J 24 -39.23 40.70 -34.08
SE MSE J 24 -39.16 38.98 -33.11
CE MSE J 24 -40.54 37.86 -34.01
N TYR J 25 -37.39 38.82 -37.83
CA TYR J 25 -37.30 37.98 -39.02
C TYR J 25 -37.68 36.52 -38.79
N GLU J 26 -38.06 35.83 -39.86
CA GLU J 26 -38.48 34.44 -39.77
C GLU J 26 -37.70 33.55 -40.72
N LEU J 27 -36.95 32.61 -40.16
CA LEU J 27 -36.20 31.64 -40.96
C LEU J 27 -37.00 30.36 -41.14
N GLY J 28 -37.00 29.84 -42.38
CA GLY J 28 -37.55 28.51 -42.66
C GLY J 28 -36.42 27.53 -42.95
N HIS J 29 -36.52 26.85 -44.08
CA HIS J 29 -35.52 25.89 -44.49
C HIS J 29 -34.85 26.33 -45.80
N PHE J 30 -33.85 25.58 -46.24
CA PHE J 30 -33.28 25.78 -47.57
C PHE J 30 -33.32 24.48 -48.34
N ILE J 31 -34.27 24.40 -49.27
CA ILE J 31 -34.54 23.15 -49.97
C ILE J 31 -34.54 23.43 -51.45
N ASP J 32 -33.81 22.62 -52.21
CA ASP J 32 -33.78 22.72 -53.66
C ASP J 32 -33.41 24.12 -54.18
N GLY J 33 -32.39 24.71 -53.58
CA GLY J 33 -31.87 26.00 -54.04
C GLY J 33 -32.66 27.23 -53.60
N LYS J 34 -33.65 27.05 -52.74
CA LYS J 34 -34.50 28.16 -52.31
C LYS J 34 -34.77 28.14 -50.82
N ARG J 35 -34.89 29.34 -50.24
CA ARG J 35 -35.44 29.51 -48.90
C ARG J 35 -36.90 29.16 -48.95
N VAL J 36 -37.36 28.31 -48.06
CA VAL J 36 -38.76 27.89 -48.05
C VAL J 36 -39.29 27.91 -46.62
N ALA J 37 -40.58 28.19 -46.49
CA ALA J 37 -41.23 28.23 -45.20
C ALA J 37 -41.43 26.80 -44.71
N GLY J 38 -41.54 26.63 -43.40
CA GLY J 38 -41.83 25.30 -42.85
C GLY J 38 -43.32 25.01 -42.98
N THR J 39 -43.69 23.74 -42.85
CA THR J 39 -45.09 23.36 -42.97
C THR J 39 -45.65 22.83 -41.65
N SER J 40 -44.84 22.83 -40.60
CA SER J 40 -45.24 22.27 -39.31
C SER J 40 -46.06 23.25 -38.47
N GLY J 41 -46.02 24.53 -38.84
CA GLY J 41 -46.64 25.58 -38.04
C GLY J 41 -45.92 25.88 -36.74
N ARG J 42 -44.78 25.24 -36.53
CA ARG J 42 -44.07 25.33 -35.25
C ARG J 42 -42.73 26.04 -35.40
N VAL J 43 -42.44 26.94 -34.46
CA VAL J 43 -41.19 27.68 -34.48
C VAL J 43 -40.52 27.72 -33.11
N SER J 44 -39.26 28.10 -33.12
CA SER J 44 -38.46 28.29 -31.94
C SER J 44 -37.88 29.72 -31.96
N ASN J 45 -37.70 30.35 -30.79
CA ASN J 45 -37.20 31.73 -30.71
C ASN J 45 -35.70 31.89 -31.02
N ILE J 46 -35.36 32.92 -31.79
CA ILE J 46 -33.98 33.33 -31.95
C ILE J 46 -33.70 34.58 -31.12
N PHE J 47 -32.77 34.47 -30.17
CA PHE J 47 -32.45 35.57 -29.28
C PHE J 47 -31.25 36.39 -29.76
N ASN J 48 -31.20 37.66 -29.32
CA ASN J 48 -29.95 38.42 -29.29
C ASN J 48 -29.44 38.38 -27.85
N PRO J 49 -28.41 37.57 -27.60
CA PRO J 49 -27.95 37.34 -26.24
C PRO J 49 -27.34 38.58 -25.60
N ALA J 50 -27.02 39.61 -26.38
CA ALA J 50 -26.48 40.86 -25.81
C ALA J 50 -27.56 41.67 -25.10
N THR J 51 -28.81 41.54 -25.54
CA THR J 51 -29.91 42.28 -24.93
C THR J 51 -30.87 41.35 -24.19
N GLY J 52 -30.86 40.07 -24.56
CA GLY J 52 -31.79 39.09 -24.00
C GLY J 52 -33.11 39.00 -24.74
N GLU J 53 -33.27 39.82 -25.79
CA GLU J 53 -34.53 39.92 -26.53
C GLU J 53 -34.60 38.90 -27.64
N VAL J 54 -35.81 38.44 -27.92
CA VAL J 54 -36.08 37.66 -29.13
C VAL J 54 -35.91 38.62 -30.31
N GLN J 55 -35.20 38.19 -31.35
CA GLN J 55 -35.02 39.02 -32.54
C GLN J 55 -35.62 38.32 -33.76
N GLY J 56 -35.99 37.06 -33.60
CA GLY J 56 -36.60 36.30 -34.69
C GLY J 56 -37.01 34.89 -34.33
N THR J 57 -37.44 34.13 -35.35
CA THR J 57 -37.84 32.74 -35.16
C THR J 57 -37.29 31.84 -36.26
N VAL J 58 -37.17 30.56 -35.93
CA VAL J 58 -36.71 29.54 -36.87
C VAL J 58 -37.75 28.41 -36.91
N ALA J 59 -38.13 28.00 -38.12
CA ALA J 59 -39.08 26.88 -38.31
C ALA J 59 -38.52 25.57 -37.75
N LEU J 60 -39.37 24.77 -37.13
CA LEU J 60 -38.96 23.45 -36.64
C LEU J 60 -39.56 22.40 -37.55
N ALA J 61 -38.70 21.76 -38.35
CA ALA J 61 -39.14 20.81 -39.38
C ALA J 61 -40.08 19.72 -38.89
N SER J 62 -41.13 19.49 -39.66
CA SER J 62 -41.96 18.30 -39.51
C SER J 62 -41.26 17.18 -40.25
N ASP J 63 -41.80 15.97 -40.12
CA ASP J 63 -41.31 14.83 -40.87
C ASP J 63 -41.46 15.03 -42.38
N ALA J 64 -42.54 15.69 -42.80
CA ALA J 64 -42.79 16.00 -44.20
C ALA J 64 -41.76 16.97 -44.80
N ASP J 65 -41.35 17.96 -44.01
CA ASP J 65 -40.27 18.86 -44.41
C ASP J 65 -38.97 18.09 -44.72
N LEU J 66 -38.58 17.19 -43.83
CA LEU J 66 -37.40 16.40 -43.98
C LEU J 66 -37.43 15.50 -45.17
N ALA J 67 -38.56 14.83 -45.37
CA ALA J 67 -38.80 13.97 -46.53
C ALA J 67 -38.66 14.78 -47.82
N ALA J 68 -39.14 16.02 -47.79
CA ALA J 68 -39.00 16.93 -48.93
C ALA J 68 -37.54 17.24 -49.25
N ALA J 69 -36.73 17.47 -48.20
CA ALA J 69 -35.30 17.67 -48.38
C ALA J 69 -34.62 16.41 -48.93
N VAL J 70 -35.04 15.25 -48.45
CA VAL J 70 -34.48 13.99 -48.92
C VAL J 70 -34.83 13.72 -50.38
N GLU J 71 -36.09 13.90 -50.77
CA GLU J 71 -36.49 13.73 -52.17
C GLU J 71 -35.72 14.68 -53.09
N SER J 72 -35.57 15.93 -52.66
CA SER J 72 -34.74 16.89 -53.37
C SER J 72 -33.28 16.38 -53.57
N ALA J 73 -32.71 15.84 -52.49
CA ALA J 73 -31.36 15.27 -52.53
C ALA J 73 -31.25 14.09 -53.51
N LYS J 74 -32.24 13.21 -53.48
CA LYS J 74 -32.27 12.01 -54.33
C LYS J 74 -32.32 12.37 -55.81
N ALA J 75 -33.11 13.39 -56.15
CA ALA J 75 -33.23 13.81 -57.53
C ALA J 75 -31.93 14.46 -58.02
N ALA J 76 -31.18 15.09 -57.13
CA ALA J 76 -29.98 15.82 -57.52
C ALA J 76 -28.66 15.02 -57.51
N GLN J 77 -28.51 14.16 -56.50
CA GLN J 77 -27.23 13.48 -56.27
C GLN J 77 -26.64 12.75 -57.50
N PRO J 78 -27.45 11.97 -58.26
CA PRO J 78 -26.77 11.27 -59.35
C PRO J 78 -26.01 12.15 -60.36
N LYS J 79 -26.60 13.24 -60.82
CA LYS J 79 -25.93 14.08 -61.82
C LYS J 79 -24.73 14.79 -61.23
N TRP J 80 -24.82 15.15 -59.95
CA TRP J 80 -23.68 15.68 -59.21
C TRP J 80 -22.53 14.65 -59.11
N ALA J 81 -22.83 13.41 -58.73
CA ALA J 81 -21.77 12.39 -58.63
C ALA J 81 -21.15 12.09 -59.99
N ALA J 82 -21.95 12.26 -61.05
CA ALA J 82 -21.47 12.06 -62.43
C ALA J 82 -20.65 13.26 -62.97
N THR J 83 -20.53 14.31 -62.18
CA THR J 83 -19.65 15.43 -62.50
C THR J 83 -18.21 15.05 -62.13
N ASN J 84 -17.26 15.24 -63.04
CA ASN J 84 -15.85 14.89 -62.77
C ASN J 84 -15.29 15.65 -61.56
N PRO J 85 -14.29 15.07 -60.86
CA PRO J 85 -13.87 15.68 -59.58
C PRO J 85 -13.23 17.06 -59.69
N GLN J 86 -12.60 17.36 -60.83
CA GLN J 86 -12.02 18.69 -61.02
C GLN J 86 -13.11 19.76 -61.04
N ARG J 87 -14.20 19.47 -61.75
CA ARG J 87 -15.36 20.36 -61.81
C ARG J 87 -16.05 20.51 -60.46
N ARG J 88 -16.15 19.41 -59.71
CA ARG J 88 -16.67 19.46 -58.34
C ARG J 88 -15.79 20.35 -57.44
N ALA J 89 -14.47 20.19 -57.58
CA ALA J 89 -13.49 21.00 -56.85
C ALA J 89 -13.64 22.50 -57.15
N ARG J 90 -13.99 22.85 -58.38
CA ARG J 90 -14.11 24.26 -58.76
C ARG J 90 -15.28 25.00 -58.08
N VAL J 91 -16.31 24.26 -57.70
CA VAL J 91 -17.39 24.82 -56.88
C VAL J 91 -16.84 25.34 -55.55
N PHE J 92 -16.06 24.50 -54.84
CA PHE J 92 -15.43 24.90 -53.59
C PHE J 92 -14.44 26.06 -53.75
N MSE J 93 -13.76 26.14 -54.89
CA MSE J 93 -12.86 27.25 -55.18
C MSE J 93 -13.63 28.55 -55.26
O MSE J 93 -13.20 29.57 -54.68
CB MSE J 93 -12.17 27.00 -56.49
CG MSE J 93 -10.66 27.10 -56.35
SE MSE J 93 -9.84 26.52 -58.05
CE MSE J 93 -10.31 24.61 -58.20
N LYS J 94 -14.75 28.55 -56.00
CA LYS J 94 -15.62 29.72 -56.09
C LYS J 94 -16.18 30.05 -54.71
N PHE J 95 -16.56 29.01 -53.97
CA PHE J 95 -17.18 29.18 -52.65
C PHE J 95 -16.25 29.85 -51.64
N VAL J 96 -14.96 29.49 -51.67
CA VAL J 96 -13.97 30.15 -50.83
C VAL J 96 -13.92 31.66 -51.16
N GLN J 97 -13.87 31.97 -52.45
CA GLN J 97 -13.85 33.36 -52.91
C GLN J 97 -15.07 34.09 -52.40
N LEU J 98 -16.23 33.45 -52.48
CA LEU J 98 -17.48 34.03 -51.99
C LEU J 98 -17.48 34.22 -50.47
N LEU J 99 -16.91 33.27 -49.74
CA LEU J 99 -16.80 33.43 -48.29
C LEU J 99 -15.97 34.67 -47.92
N ASN J 100 -14.84 34.86 -48.62
CA ASN J 100 -14.05 36.10 -48.45
C ASN J 100 -14.81 37.36 -48.82
N ASP J 101 -15.56 37.32 -49.93
CA ASP J 101 -16.36 38.47 -50.34
C ASP J 101 -17.46 38.85 -49.34
N ASN J 102 -17.96 37.87 -48.60
CA ASN J 102 -19.12 38.06 -47.73
C ASN J 102 -18.75 37.99 -46.26
N MSE J 103 -17.45 37.97 -45.98
CA MSE J 103 -16.91 37.78 -44.64
C MSE J 103 -17.58 38.62 -43.57
O MSE J 103 -17.99 38.09 -42.55
CB MSE J 103 -15.39 38.02 -44.70
CG MSE J 103 -14.64 37.77 -43.39
SE MSE J 103 -14.81 35.90 -42.77
CE MSE J 103 -13.52 35.07 -44.02
N ASN J 104 -17.72 39.93 -43.82
CA ASN J 104 -18.31 40.86 -42.84
C ASN J 104 -19.78 40.62 -42.58
N GLU J 105 -20.54 40.39 -43.65
CA GLU J 105 -21.95 40.08 -43.54
C GLU J 105 -22.16 38.80 -42.71
N LEU J 106 -21.40 37.75 -43.02
CA LEU J 106 -21.47 36.48 -42.33
C LEU J 106 -21.13 36.64 -40.84
N ALA J 107 -20.03 37.34 -40.57
CA ALA J 107 -19.60 37.56 -39.21
C ALA J 107 -20.67 38.29 -38.38
N GLU J 108 -21.33 39.27 -38.99
CA GLU J 108 -22.37 40.07 -38.33
C GLU J 108 -23.58 39.23 -37.91
N MSE J 109 -24.12 38.45 -38.83
CA MSE J 109 -25.29 37.64 -38.54
C MSE J 109 -24.93 36.54 -37.55
O MSE J 109 -25.75 36.16 -36.72
CB MSE J 109 -25.98 37.12 -39.83
CG MSE J 109 -25.08 36.24 -40.69
SE MSE J 109 -26.07 35.42 -42.19
CE MSE J 109 -26.28 36.99 -43.36
N LEU J 110 -23.69 36.05 -37.62
CA LEU J 110 -23.22 35.04 -36.65
C LEU J 110 -23.19 35.63 -35.24
N SER J 111 -22.40 36.68 -35.06
CA SER J 111 -22.28 37.37 -33.76
C SER J 111 -23.64 37.82 -33.16
N ARG J 112 -24.48 38.43 -33.97
CA ARG J 112 -25.77 38.93 -33.53
C ARG J 112 -26.63 37.83 -32.87
N GLU J 113 -26.63 36.62 -33.44
CA GLU J 113 -27.37 35.48 -32.86
C GLU J 113 -26.58 34.71 -31.80
N HIS J 114 -25.28 34.59 -31.99
CA HIS J 114 -24.47 33.74 -31.12
C HIS J 114 -24.01 34.45 -29.85
N GLY J 115 -23.49 35.66 -30.01
CA GLY J 115 -22.99 36.47 -28.89
C GLY J 115 -21.53 36.83 -28.98
N LYS J 116 -20.73 35.96 -29.60
CA LYS J 116 -19.27 36.19 -29.70
C LYS J 116 -18.86 37.36 -30.57
N THR J 117 -17.61 37.79 -30.40
CA THR J 117 -17.10 38.99 -31.06
C THR J 117 -17.04 38.79 -32.57
N ILE J 118 -17.03 39.89 -33.31
CA ILE J 118 -16.92 39.86 -34.75
C ILE J 118 -15.64 39.11 -35.16
N ASP J 119 -14.59 39.33 -34.39
CA ASP J 119 -13.30 38.68 -34.61
C ASP J 119 -13.39 37.15 -34.42
N ASP J 120 -14.09 36.70 -33.37
CA ASP J 120 -14.31 35.25 -33.16
C ASP J 120 -15.13 34.68 -34.30
N ALA J 121 -16.19 35.41 -34.64
CA ALA J 121 -17.08 35.03 -35.73
C ALA J 121 -16.31 34.85 -37.05
N LYS J 122 -15.39 35.76 -37.34
CA LYS J 122 -14.55 35.66 -38.53
C LYS J 122 -13.66 34.43 -38.49
N GLY J 123 -13.10 34.13 -37.31
CA GLY J 123 -12.29 32.93 -37.11
C GLY J 123 -13.08 31.65 -37.36
N ASP J 124 -14.33 31.67 -36.90
CA ASP J 124 -15.32 30.59 -37.07
C ASP J 124 -15.50 30.35 -38.57
N ILE J 125 -15.79 31.42 -39.32
CA ILE J 125 -15.94 31.33 -40.76
C ILE J 125 -14.67 30.79 -41.46
N VAL J 126 -13.53 31.35 -41.09
CA VAL J 126 -12.24 31.02 -41.73
C VAL J 126 -11.85 29.57 -41.54
N ARG J 127 -12.10 29.04 -40.34
CA ARG J 127 -11.77 27.62 -40.08
C ARG J 127 -12.69 26.68 -40.88
N GLY J 128 -13.91 27.13 -41.17
CA GLY J 128 -14.79 26.41 -42.09
C GLY J 128 -14.24 26.49 -43.50
N LEU J 129 -13.83 27.70 -43.89
CA LEU J 129 -13.30 27.99 -45.21
C LEU J 129 -12.10 27.11 -45.53
N GLU J 130 -11.26 26.88 -44.53
CA GLU J 130 -10.08 26.04 -44.69
C GLU J 130 -10.38 24.56 -44.95
N VAL J 131 -11.56 24.06 -44.54
CA VAL J 131 -11.97 22.72 -44.96
C VAL J 131 -12.34 22.75 -46.44
N CYS J 132 -13.04 23.81 -46.85
CA CYS J 132 -13.36 24.01 -48.26
C CYS J 132 -12.11 24.06 -49.11
N GLU J 133 -11.05 24.70 -48.61
CA GLU J 133 -9.76 24.78 -49.32
C GLU J 133 -9.17 23.40 -49.49
N PHE J 134 -9.31 22.59 -48.45
CA PHE J 134 -8.78 21.23 -48.43
C PHE J 134 -9.47 20.33 -49.45
N VAL J 135 -10.79 20.44 -49.57
CA VAL J 135 -11.52 19.61 -50.52
C VAL J 135 -11.36 20.01 -51.98
N ILE J 136 -10.75 21.17 -52.24
CA ILE J 136 -10.32 21.52 -53.60
C ILE J 136 -9.43 20.41 -54.14
N GLY J 137 -8.70 19.74 -53.25
CA GLY J 137 -7.90 18.57 -53.61
C GLY J 137 -8.64 17.24 -53.72
N ILE J 138 -9.95 17.25 -53.90
CA ILE J 138 -10.72 16.00 -54.00
C ILE J 138 -10.24 15.12 -55.17
N PRO J 139 -9.85 15.66 -56.30
CA PRO J 139 -9.36 14.72 -57.33
C PRO J 139 -8.26 13.77 -56.82
N HIS J 140 -7.22 14.32 -56.19
CA HIS J 140 -6.21 13.48 -55.58
C HIS J 140 -6.70 12.69 -54.36
N LEU J 141 -7.50 13.34 -53.50
CA LEU J 141 -7.93 12.71 -52.24
C LEU J 141 -8.84 11.50 -52.41
N GLN J 142 -9.61 11.48 -53.49
CA GLN J 142 -10.57 10.41 -53.71
C GLN J 142 -9.96 9.22 -54.48
N LYS J 143 -8.66 9.30 -54.79
CA LYS J 143 -7.98 8.21 -55.50
C LYS J 143 -8.16 6.87 -54.81
N SER J 144 -8.18 5.80 -55.60
CA SER J 144 -8.29 4.47 -55.03
C SER J 144 -7.07 3.63 -55.47
N GLU J 145 -7.03 2.35 -55.09
CA GLU J 145 -5.81 1.55 -55.23
C GLU J 145 -5.90 0.57 -56.38
N PHE J 146 -4.77 0.33 -57.08
CA PHE J 146 -4.74 -0.59 -58.22
C PHE J 146 -3.59 -1.57 -58.11
N THR J 147 -3.88 -2.85 -58.41
CA THR J 147 -2.89 -3.92 -58.45
C THR J 147 -2.95 -4.65 -59.81
N GLU J 148 -1.84 -4.65 -60.54
CA GLU J 148 -1.75 -5.49 -61.72
C GLU J 148 -1.25 -6.86 -61.33
N GLY J 149 -1.85 -7.91 -61.89
CA GLY J 149 -1.33 -9.26 -61.72
C GLY J 149 -1.44 -9.82 -60.32
N ALA J 150 -2.51 -9.44 -59.61
CA ALA J 150 -2.88 -10.06 -58.34
C ALA J 150 -2.98 -11.58 -58.50
N GLY J 151 -3.45 -12.01 -59.67
CA GLY J 151 -3.36 -13.40 -60.11
C GLY J 151 -2.99 -13.41 -61.60
N PRO J 152 -2.92 -14.61 -62.20
CA PRO J 152 -2.50 -14.77 -63.61
C PRO J 152 -3.41 -14.01 -64.57
N GLY J 153 -2.94 -12.88 -65.09
CA GLY J 153 -3.76 -12.04 -65.96
C GLY J 153 -4.96 -11.41 -65.25
N ILE J 154 -4.86 -11.28 -63.93
CA ILE J 154 -5.99 -10.77 -63.13
C ILE J 154 -5.60 -9.47 -62.45
N ASP J 155 -6.33 -8.40 -62.73
CA ASP J 155 -6.09 -7.14 -62.07
C ASP J 155 -7.12 -6.92 -60.97
N MSE J 156 -6.75 -6.16 -59.95
CA MSE J 156 -7.63 -5.92 -58.80
C MSE J 156 -7.50 -4.48 -58.39
O MSE J 156 -6.40 -4.00 -58.11
CB MSE J 156 -7.20 -6.83 -57.64
CG MSE J 156 -8.09 -6.78 -56.40
SE MSE J 156 -7.40 -8.14 -55.13
CE MSE J 156 -8.05 -9.77 -56.04
N TYR J 157 -8.63 -3.76 -58.36
CA TYR J 157 -8.62 -2.33 -58.07
C TYR J 157 -9.91 -1.90 -57.37
N SER J 158 -9.78 -0.91 -56.49
CA SER J 158 -10.91 -0.37 -55.77
C SER J 158 -11.32 0.93 -56.40
N ILE J 159 -12.53 1.37 -56.06
CA ILE J 159 -13.07 2.66 -56.47
C ILE J 159 -13.79 3.21 -55.25
N ARG J 160 -13.58 4.48 -54.95
CA ARG J 160 -14.30 5.09 -53.86
C ARG J 160 -15.45 5.90 -54.43
N GLN J 161 -16.66 5.40 -54.19
CA GLN J 161 -17.85 5.99 -54.77
C GLN J 161 -18.65 6.64 -53.65
N PRO J 162 -19.57 7.57 -53.98
CA PRO J 162 -20.34 8.28 -52.95
C PRO J 162 -21.19 7.33 -52.12
N VAL J 163 -21.47 7.68 -50.87
CA VAL J 163 -22.39 6.87 -50.06
C VAL J 163 -23.82 7.07 -50.50
N GLY J 164 -24.11 8.22 -51.11
CA GLY J 164 -25.45 8.61 -51.54
C GLY J 164 -25.89 9.93 -50.92
N ILE J 165 -26.66 9.85 -49.84
CA ILE J 165 -27.17 11.06 -49.16
C ILE J 165 -26.72 11.07 -47.69
N GLY J 166 -26.04 12.14 -47.28
CA GLY J 166 -25.58 12.28 -45.90
C GLY J 166 -26.32 13.36 -45.13
N ALA J 167 -26.21 13.34 -43.81
CA ALA J 167 -26.80 14.39 -42.98
C ALA J 167 -25.84 14.80 -41.85
N GLY J 168 -25.91 16.07 -41.48
CA GLY J 168 -25.07 16.60 -40.41
C GLY J 168 -25.89 17.35 -39.39
N ILE J 169 -25.60 17.09 -38.12
CA ILE J 169 -26.27 17.74 -36.99
C ILE J 169 -25.20 18.49 -36.21
N THR J 170 -25.38 19.80 -36.06
CA THR J 170 -24.33 20.69 -35.53
C THR J 170 -24.79 21.51 -34.32
N PRO J 171 -23.84 22.01 -33.49
CA PRO J 171 -24.15 22.70 -32.25
C PRO J 171 -24.13 24.22 -32.42
N PHE J 172 -24.49 24.95 -31.37
CA PHE J 172 -24.64 26.41 -31.48
C PHE J 172 -23.32 27.14 -31.61
N ASN J 173 -22.25 26.59 -31.05
CA ASN J 173 -21.07 27.42 -30.80
C ASN J 173 -20.26 27.74 -32.07
N PHE J 174 -20.34 26.88 -33.07
CA PHE J 174 -19.66 27.14 -34.34
C PHE J 174 -20.60 26.88 -35.53
N PRO J 175 -21.59 27.78 -35.73
CA PRO J 175 -22.59 27.55 -36.77
C PRO J 175 -22.06 27.78 -38.18
N GLY J 176 -20.81 28.23 -38.31
CA GLY J 176 -20.19 28.32 -39.62
C GLY J 176 -19.25 27.15 -39.85
N MSE J 177 -18.32 26.98 -38.92
CA MSE J 177 -17.21 26.04 -39.07
C MSE J 177 -17.66 24.61 -39.13
O MSE J 177 -17.25 23.85 -40.01
CB MSE J 177 -16.25 26.24 -37.89
CG MSE J 177 -15.02 25.35 -38.01
SE MSE J 177 -13.91 25.48 -36.40
CE MSE J 177 -15.09 24.62 -35.08
N ILE J 178 -18.49 24.20 -38.18
CA ILE J 178 -18.85 22.80 -38.10
C ILE J 178 -19.72 22.34 -39.28
N PRO J 179 -20.75 23.12 -39.67
CA PRO J 179 -21.40 22.76 -40.94
C PRO J 179 -20.43 22.51 -42.11
N MSE J 180 -19.43 23.37 -42.26
CA MSE J 180 -18.47 23.25 -43.36
C MSE J 180 -17.58 22.04 -43.17
O MSE J 180 -17.29 21.34 -44.14
CB MSE J 180 -17.69 24.56 -43.52
CG MSE J 180 -18.60 25.64 -44.11
SE MSE J 180 -17.60 27.27 -44.64
CE MSE J 180 -17.90 28.33 -43.00
N TRP J 181 -17.14 21.77 -41.94
CA TRP J 181 -16.40 20.54 -41.61
C TRP J 181 -17.03 19.33 -42.30
N MSE J 182 -18.34 19.22 -42.19
CA MSE J 182 -19.07 18.07 -42.64
C MSE J 182 -19.45 18.17 -44.10
O MSE J 182 -19.19 17.24 -44.86
CB MSE J 182 -20.35 17.95 -41.83
CG MSE J 182 -20.09 17.73 -40.33
SE MSE J 182 -21.84 17.86 -39.47
CE MSE J 182 -21.36 17.50 -37.59
N PHE J 183 -20.09 19.26 -44.50
CA PHE J 183 -20.65 19.29 -45.84
C PHE J 183 -19.64 19.42 -46.96
N ALA J 184 -18.50 20.04 -46.67
CA ALA J 184 -17.42 20.15 -47.66
C ALA J 184 -16.91 18.79 -48.15
N PRO J 185 -16.38 17.94 -47.27
CA PRO J 185 -15.94 16.63 -47.81
C PRO J 185 -17.08 15.77 -48.32
N ALA J 186 -18.26 15.87 -47.71
CA ALA J 186 -19.39 15.04 -48.11
C ALA J 186 -19.79 15.35 -49.55
N ILE J 187 -19.97 16.65 -49.84
CA ILE J 187 -20.34 17.12 -51.16
C ILE J 187 -19.17 16.97 -52.14
N ALA J 188 -17.93 17.16 -51.66
CA ALA J 188 -16.78 17.03 -52.57
C ALA J 188 -16.70 15.60 -53.10
N CYS J 189 -17.07 14.64 -52.25
CA CYS J 189 -17.04 13.22 -52.63
C CYS J 189 -18.20 12.77 -53.53
N GLY J 190 -19.09 13.68 -53.92
CA GLY J 190 -20.20 13.35 -54.82
C GLY J 190 -21.52 13.02 -54.12
N ASN J 191 -21.59 13.26 -52.82
CA ASN J 191 -22.84 13.06 -52.08
C ASN J 191 -23.74 14.29 -52.10
N ALA J 192 -25.01 14.06 -51.76
CA ALA J 192 -25.93 15.12 -51.39
C ALA J 192 -25.88 15.20 -49.87
N PHE J 193 -26.19 16.36 -49.30
CA PHE J 193 -26.06 16.54 -47.86
C PHE J 193 -27.22 17.34 -47.28
N ILE J 194 -27.74 16.87 -46.15
CA ILE J 194 -28.80 17.57 -45.43
C ILE J 194 -28.24 18.09 -44.10
N LEU J 195 -28.21 19.41 -43.96
CA LEU J 195 -27.65 20.02 -42.76
C LEU J 195 -28.76 20.30 -41.78
N LYS J 196 -28.62 19.86 -40.56
CA LYS J 196 -29.53 20.23 -39.49
C LYS J 196 -28.78 21.02 -38.45
N PRO J 197 -28.74 22.33 -38.63
CA PRO J 197 -27.92 23.19 -37.80
C PRO J 197 -28.60 23.48 -36.47
N SER J 198 -27.85 24.05 -35.50
CA SER J 198 -28.45 24.40 -34.22
C SER J 198 -29.53 25.45 -34.37
N GLU J 199 -30.64 25.28 -33.65
CA GLU J 199 -31.73 26.25 -33.73
C GLU J 199 -31.44 27.57 -33.01
N ARG J 200 -30.39 27.61 -32.20
CA ARG J 200 -30.02 28.84 -31.48
C ARG J 200 -29.61 29.96 -32.44
N ASP J 201 -28.88 29.59 -33.50
CA ASP J 201 -28.26 30.58 -34.39
C ASP J 201 -28.20 30.13 -35.87
N PRO J 202 -29.36 30.16 -36.55
CA PRO J 202 -29.48 29.50 -37.84
C PRO J 202 -29.27 30.37 -39.08
N SER J 203 -29.00 31.67 -38.93
CA SER J 203 -28.81 32.53 -40.10
C SER J 203 -27.67 32.10 -41.03
N VAL J 204 -26.48 31.91 -40.45
CA VAL J 204 -25.29 31.56 -41.22
C VAL J 204 -25.49 30.27 -42.06
N PRO J 205 -25.98 29.17 -41.44
CA PRO J 205 -26.14 27.96 -42.25
C PRO J 205 -26.96 28.17 -43.53
N ILE J 206 -28.05 28.91 -43.45
CA ILE J 206 -28.88 29.16 -44.64
C ILE J 206 -28.15 29.99 -45.69
N ARG J 207 -27.46 31.04 -45.23
CA ARG J 207 -26.63 31.86 -46.13
C ARG J 207 -25.52 31.04 -46.81
N LEU J 208 -24.86 30.16 -46.05
CA LEU J 208 -23.85 29.27 -46.63
C LEU J 208 -24.43 28.41 -47.75
N ALA J 209 -25.63 27.86 -47.55
CA ALA J 209 -26.27 27.06 -48.60
C ALA J 209 -26.58 27.90 -49.84
N GLU J 210 -27.09 29.11 -49.59
CA GLU J 210 -27.32 30.11 -50.62
C GLU J 210 -26.05 30.39 -51.44
N LEU J 211 -24.93 30.60 -50.75
CA LEU J 211 -23.65 30.91 -51.39
C LEU J 211 -23.09 29.74 -52.19
N MSE J 212 -23.43 28.51 -51.79
CA MSE J 212 -23.01 27.31 -52.54
C MSE J 212 -23.72 27.31 -53.86
O MSE J 212 -23.09 27.06 -54.89
CB MSE J 212 -23.23 25.98 -51.79
CG MSE J 212 -22.21 25.79 -50.66
SE MSE J 212 -20.43 25.24 -51.34
CE MSE J 212 -20.76 23.32 -51.66
N ILE J 213 -25.02 27.62 -53.87
CA ILE J 213 -25.78 27.79 -55.12
C ILE J 213 -25.06 28.79 -56.02
N GLU J 214 -24.75 29.95 -55.47
CA GLU J 214 -24.04 31.00 -56.20
C GLU J 214 -22.65 30.55 -56.69
N ALA J 215 -22.02 29.63 -55.96
CA ALA J 215 -20.71 29.10 -56.35
C ALA J 215 -20.82 28.06 -57.46
N GLY J 216 -22.06 27.65 -57.75
CA GLY J 216 -22.33 26.75 -58.87
C GLY J 216 -22.82 25.38 -58.46
N LEU J 217 -23.11 25.18 -57.18
CA LEU J 217 -23.59 23.88 -56.69
C LEU J 217 -25.02 23.66 -57.16
N PRO J 218 -25.29 22.51 -57.79
CA PRO J 218 -26.65 22.26 -58.26
C PRO J 218 -27.62 22.26 -57.10
N ALA J 219 -28.84 22.73 -57.35
CA ALA J 219 -29.91 22.74 -56.35
C ALA J 219 -30.14 21.34 -55.79
N GLY J 220 -30.44 21.25 -54.50
CA GLY J 220 -30.73 19.98 -53.85
C GLY J 220 -29.53 19.24 -53.27
N ILE J 221 -28.31 19.65 -53.66
CA ILE J 221 -27.10 18.99 -53.16
C ILE J 221 -26.76 19.36 -51.71
N LEU J 222 -26.95 20.63 -51.37
CA LEU J 222 -26.90 21.08 -49.96
C LEU J 222 -28.23 21.68 -49.53
N ASN J 223 -28.95 20.92 -48.72
CA ASN J 223 -30.24 21.35 -48.18
C ASN J 223 -30.10 21.65 -46.69
N VAL J 224 -30.76 22.70 -46.21
CA VAL J 224 -30.78 23.01 -44.78
C VAL J 224 -32.16 22.77 -44.19
N VAL J 225 -32.23 21.88 -43.22
CA VAL J 225 -33.48 21.61 -42.52
C VAL J 225 -33.32 22.03 -41.08
N ASN J 226 -34.06 23.07 -40.68
CA ASN J 226 -34.04 23.53 -39.30
C ASN J 226 -34.98 22.77 -38.39
N GLY J 227 -34.64 22.71 -37.09
CA GLY J 227 -35.51 22.03 -36.15
C GLY J 227 -34.82 21.55 -34.89
N ASP J 228 -35.55 20.76 -34.09
CA ASP J 228 -35.05 20.25 -32.81
C ASP J 228 -34.96 18.71 -32.84
N LYS J 229 -35.18 18.07 -31.69
CA LYS J 229 -35.21 16.60 -31.61
C LYS J 229 -36.05 15.97 -32.72
N GLY J 230 -37.16 16.60 -33.07
CA GLY J 230 -38.06 16.12 -34.13
C GLY J 230 -37.34 15.92 -35.45
N ALA J 231 -36.68 16.96 -35.94
CA ALA J 231 -35.90 16.88 -37.18
C ALA J 231 -34.79 15.80 -37.09
N VAL J 232 -34.12 15.73 -35.94
CA VAL J 232 -33.02 14.77 -35.72
C VAL J 232 -33.52 13.33 -35.84
N ASP J 233 -34.61 13.03 -35.13
CA ASP J 233 -35.26 11.73 -35.20
C ASP J 233 -35.75 11.38 -36.60
N ALA J 234 -36.34 12.35 -37.30
CA ALA J 234 -36.74 12.14 -38.68
C ALA J 234 -35.54 11.78 -39.55
N ILE J 235 -34.40 12.42 -39.27
CA ILE J 235 -33.16 12.13 -39.99
C ILE J 235 -32.62 10.72 -39.68
N LEU J 236 -32.63 10.35 -38.39
CA LEU J 236 -32.07 9.05 -37.99
C LEU J 236 -32.88 7.88 -38.52
N THR J 237 -34.17 8.10 -38.75
CA THR J 237 -35.06 7.01 -39.19
C THR J 237 -35.36 7.03 -40.68
N HIS J 238 -34.88 8.04 -41.41
CA HIS J 238 -35.12 8.04 -42.84
C HIS J 238 -34.27 6.99 -43.56
N PRO J 239 -34.93 6.06 -44.28
CA PRO J 239 -34.25 4.95 -44.93
C PRO J 239 -33.26 5.38 -46.01
N ASP J 240 -33.47 6.54 -46.61
CA ASP J 240 -32.65 6.99 -47.74
C ASP J 240 -31.42 7.81 -47.32
N ILE J 241 -31.20 7.98 -46.02
CA ILE J 241 -30.00 8.69 -45.54
C ILE J 241 -28.97 7.67 -45.07
N ALA J 242 -27.80 7.67 -45.71
CA ALA J 242 -26.81 6.62 -45.49
C ALA J 242 -25.87 6.86 -44.30
N ALA J 243 -25.70 8.13 -43.95
CA ALA J 243 -24.60 8.51 -43.09
C ALA J 243 -24.89 9.78 -42.29
N VAL J 244 -24.46 9.80 -41.03
CA VAL J 244 -24.76 10.90 -40.11
C VAL J 244 -23.51 11.33 -39.35
N SER J 245 -23.31 12.64 -39.29
CA SER J 245 -22.22 13.24 -38.53
C SER J 245 -22.84 14.19 -37.49
N PHE J 246 -22.36 14.08 -36.25
CA PHE J 246 -22.88 14.88 -35.15
C PHE J 246 -21.75 15.52 -34.37
N VAL J 247 -21.94 16.80 -34.03
CA VAL J 247 -21.06 17.45 -33.07
C VAL J 247 -21.93 18.20 -32.05
N GLY J 248 -21.65 18.00 -30.76
CA GLY J 248 -22.45 18.63 -29.68
C GLY J 248 -22.13 18.07 -28.31
N SER J 249 -23.10 18.05 -27.40
CA SER J 249 -22.84 17.52 -26.06
C SER J 249 -22.67 15.98 -26.07
N THR J 250 -21.92 15.43 -25.11
CA THR J 250 -21.76 13.97 -25.01
C THR J 250 -23.08 13.17 -24.96
N PRO J 251 -24.03 13.57 -24.09
CA PRO J 251 -25.26 12.76 -24.01
C PRO J 251 -26.03 12.70 -25.34
N ILE J 252 -26.05 13.78 -26.10
CA ILE J 252 -26.75 13.75 -27.39
C ILE J 252 -25.93 12.97 -28.43
N ALA J 253 -24.61 13.12 -28.38
CA ALA J 253 -23.73 12.30 -29.21
C ALA J 253 -23.99 10.80 -29.02
N ARG J 254 -24.08 10.35 -27.78
CA ARG J 254 -24.40 8.94 -27.49
C ARG J 254 -25.70 8.53 -28.15
N TYR J 255 -26.74 9.31 -27.89
CA TYR J 255 -28.08 9.03 -28.42
C TYR J 255 -28.06 8.98 -29.94
N VAL J 256 -27.44 9.96 -30.57
CA VAL J 256 -27.40 10.03 -32.03
C VAL J 256 -26.55 8.89 -32.61
N TYR J 257 -25.42 8.58 -31.96
CA TYR J 257 -24.56 7.46 -32.40
C TYR J 257 -25.31 6.13 -32.34
N GLY J 258 -25.91 5.84 -31.19
CA GLY J 258 -26.65 4.60 -31.01
C GLY J 258 -27.85 4.46 -31.93
N THR J 259 -28.65 5.53 -32.03
CA THR J 259 -29.88 5.48 -32.83
C THR J 259 -29.54 5.30 -34.33
N ALA J 260 -28.56 6.06 -34.81
CA ALA J 260 -28.13 5.98 -36.20
C ALA J 260 -27.77 4.54 -36.55
N ALA J 261 -26.95 3.93 -35.69
CA ALA J 261 -26.51 2.56 -35.87
C ALA J 261 -27.65 1.56 -35.77
N MSE J 262 -28.64 1.81 -34.90
CA MSE J 262 -29.81 0.91 -34.80
C MSE J 262 -30.61 0.97 -36.08
O MSE J 262 -31.31 0.03 -36.42
CB MSE J 262 -30.74 1.28 -33.64
CG MSE J 262 -30.23 0.84 -32.28
SE MSE J 262 -30.30 -1.13 -32.10
CE MSE J 262 -29.76 -1.29 -30.21
N ASN J 263 -30.47 2.08 -36.81
CA ASN J 263 -31.12 2.22 -38.11
C ASN J 263 -30.25 1.80 -39.29
N GLY J 264 -29.07 1.26 -38.99
CA GLY J 264 -28.18 0.74 -40.03
C GLY J 264 -27.20 1.72 -40.65
N LYS J 265 -27.33 3.01 -40.31
CA LYS J 265 -26.47 4.06 -40.85
C LYS J 265 -25.04 4.00 -40.33
N ARG J 266 -24.11 4.53 -41.13
CA ARG J 266 -22.79 4.83 -40.60
C ARG J 266 -22.87 6.16 -39.84
N ALA J 267 -22.01 6.33 -38.85
CA ALA J 267 -22.09 7.50 -37.98
C ALA J 267 -20.77 7.86 -37.31
N GLN J 268 -20.57 9.16 -37.14
CA GLN J 268 -19.43 9.69 -36.38
C GLN J 268 -19.95 10.81 -35.49
N CYS J 269 -19.68 10.69 -34.19
CA CYS J 269 -20.23 11.65 -33.25
C CYS J 269 -19.16 12.20 -32.31
N PHE J 270 -19.23 13.51 -32.06
CA PHE J 270 -18.22 14.21 -31.27
C PHE J 270 -18.88 15.00 -30.15
N GLY J 271 -18.38 14.78 -28.92
CA GLY J 271 -19.02 15.23 -27.70
C GLY J 271 -18.31 16.32 -26.92
N GLY J 272 -18.53 16.34 -25.61
CA GLY J 272 -18.05 17.40 -24.75
C GLY J 272 -16.59 17.27 -24.34
N ALA J 273 -16.20 18.12 -23.40
CA ALA J 273 -14.79 18.31 -23.05
C ALA J 273 -14.62 18.85 -21.65
N LYS J 274 -13.43 18.60 -21.08
CA LYS J 274 -12.91 19.30 -19.92
C LYS J 274 -11.40 19.37 -20.11
N ASN J 275 -10.95 20.30 -20.96
CA ASN J 275 -9.56 20.38 -21.38
C ASN J 275 -8.63 20.94 -20.29
N HIS J 276 -7.61 20.16 -19.93
CA HIS J 276 -6.62 20.54 -18.91
C HIS J 276 -5.37 21.16 -19.58
N MSE J 277 -4.79 22.18 -18.95
CA MSE J 277 -3.46 22.64 -19.34
C MSE J 277 -2.57 22.30 -18.17
O MSE J 277 -2.83 22.76 -17.06
CB MSE J 277 -3.42 24.14 -19.63
CG MSE J 277 -1.97 24.53 -19.98
SE MSE J 277 -1.72 26.50 -20.13
CE MSE J 277 -2.75 26.74 -21.76
N ILE J 278 -1.51 21.52 -18.40
CA ILE J 278 -0.52 21.24 -17.33
C ILE J 278 0.66 22.21 -17.53
N ILE J 279 1.07 22.86 -16.44
CA ILE J 279 2.16 23.82 -16.49
C ILE J 279 3.30 23.31 -15.64
N MSE J 280 4.37 22.88 -16.29
CA MSE J 280 5.54 22.39 -15.57
C MSE J 280 6.32 23.55 -15.00
O MSE J 280 6.20 24.68 -15.50
CB MSE J 280 6.40 21.58 -16.54
CG MSE J 280 5.66 20.32 -17.01
SE MSE J 280 5.52 19.02 -15.51
CE MSE J 280 7.40 18.45 -15.33
N PRO J 281 7.14 23.30 -13.95
CA PRO J 281 7.89 24.36 -13.28
C PRO J 281 8.91 25.06 -14.17
N ASP J 282 9.28 24.44 -15.29
CA ASP J 282 10.27 25.02 -16.18
C ASP J 282 9.62 25.78 -17.35
N ALA J 283 8.30 25.84 -17.35
CA ALA J 283 7.58 26.52 -18.43
C ALA J 283 7.82 28.03 -18.50
N ASP J 284 7.64 28.60 -19.69
CA ASP J 284 7.57 30.03 -19.81
C ASP J 284 6.21 30.47 -19.25
N LEU J 285 6.22 30.92 -17.99
CA LEU J 285 4.99 31.25 -17.27
C LEU J 285 4.18 32.40 -17.88
N ASP J 286 4.88 33.38 -18.46
CA ASP J 286 4.22 34.52 -19.09
C ASP J 286 3.39 34.06 -20.28
N GLN J 287 4.00 33.20 -21.11
CA GLN J 287 3.30 32.63 -22.24
C GLN J 287 2.15 31.72 -21.80
N ALA J 288 2.37 30.91 -20.76
CA ALA J 288 1.30 30.05 -20.23
C ALA J 288 0.13 30.90 -19.69
N ALA J 289 0.47 31.98 -18.98
CA ALA J 289 -0.55 32.82 -18.39
C ALA J 289 -1.38 33.47 -19.49
N ASN J 290 -0.69 34.05 -20.47
CA ASN J 290 -1.36 34.65 -21.65
C ASN J 290 -2.22 33.65 -22.42
N ALA J 291 -1.68 32.44 -22.61
CA ALA J 291 -2.41 31.35 -23.24
C ALA J 291 -3.70 31.01 -22.49
N LEU J 292 -3.65 31.02 -21.17
CA LEU J 292 -4.82 30.67 -20.34
C LEU J 292 -5.95 31.69 -20.42
N ILE J 293 -5.58 32.97 -20.52
CA ILE J 293 -6.55 34.03 -20.72
C ILE J 293 -7.31 33.85 -22.04
N GLY J 294 -6.58 33.66 -23.14
CA GLY J 294 -7.18 33.41 -24.45
C GLY J 294 -8.04 32.16 -24.47
N ALA J 295 -7.48 31.05 -23.98
CA ALA J 295 -8.14 29.73 -24.08
C ALA J 295 -9.23 29.50 -23.01
N GLY J 296 -9.07 30.09 -21.84
CA GLY J 296 -10.07 29.97 -20.77
C GLY J 296 -11.25 30.88 -21.01
N TYR J 297 -10.99 32.08 -21.54
CA TYR J 297 -12.02 33.10 -21.66
C TYR J 297 -12.46 33.49 -23.08
N GLY J 298 -11.68 33.11 -24.10
CA GLY J 298 -12.13 33.33 -25.49
C GLY J 298 -13.53 32.75 -25.68
N SER J 299 -14.37 33.43 -26.47
CA SER J 299 -15.79 33.02 -26.65
C SER J 299 -16.55 32.81 -25.33
N ALA J 300 -16.18 33.54 -24.28
CA ALA J 300 -16.77 33.34 -22.96
C ALA J 300 -16.72 31.87 -22.51
N GLY J 301 -15.70 31.14 -22.96
CA GLY J 301 -15.50 29.75 -22.57
C GLY J 301 -16.41 28.74 -23.24
N GLU J 302 -17.16 29.18 -24.25
CA GLU J 302 -18.13 28.32 -24.94
C GLU J 302 -17.51 27.54 -26.09
N ARG J 303 -16.51 26.73 -25.76
CA ARG J 303 -15.79 25.93 -26.76
C ARG J 303 -15.48 24.57 -26.21
N CYS J 304 -15.57 23.54 -27.05
CA CYS J 304 -15.17 22.21 -26.64
C CYS J 304 -13.65 22.06 -26.62
N MSE J 305 -12.92 23.12 -27.01
CA MSE J 305 -11.46 23.11 -26.95
C MSE J 305 -10.97 24.27 -26.09
O MSE J 305 -9.77 24.60 -26.10
CB MSE J 305 -10.89 23.11 -28.37
CG MSE J 305 -11.20 21.83 -29.16
SE MSE J 305 -10.26 20.27 -28.39
CE MSE J 305 -8.45 20.63 -29.10
N ALA J 306 -11.89 24.87 -25.33
CA ALA J 306 -11.52 25.81 -24.27
C ALA J 306 -10.69 25.11 -23.20
N ILE J 307 -9.72 25.80 -22.63
CA ILE J 307 -9.05 25.27 -21.44
C ILE J 307 -9.89 25.62 -20.22
N SER J 308 -10.36 24.61 -19.50
CA SER J 308 -11.18 24.84 -18.32
C SER J 308 -10.51 24.44 -17.01
N VAL J 309 -9.39 23.71 -17.08
CA VAL J 309 -8.62 23.34 -15.89
C VAL J 309 -7.16 23.67 -16.15
N ALA J 310 -6.55 24.49 -15.30
CA ALA J 310 -5.13 24.73 -15.36
C ALA J 310 -4.50 23.85 -14.30
N VAL J 311 -3.44 23.13 -14.65
CA VAL J 311 -2.81 22.25 -13.67
C VAL J 311 -1.34 22.62 -13.46
N PRO J 312 -1.07 23.64 -12.63
CA PRO J 312 0.31 23.96 -12.27
C PRO J 312 0.93 22.88 -11.40
N VAL J 313 2.22 22.61 -11.64
CA VAL J 313 2.94 21.59 -10.88
C VAL J 313 3.87 22.25 -9.86
N GLY J 314 3.64 21.98 -8.57
CA GLY J 314 4.45 22.55 -7.51
C GLY J 314 3.92 23.89 -7.01
N GLU J 315 4.20 24.19 -5.76
CA GLU J 315 3.67 25.39 -5.12
C GLU J 315 4.06 26.70 -5.82
N GLU J 316 5.34 26.83 -6.16
CA GLU J 316 5.84 28.10 -6.67
C GLU J 316 5.22 28.41 -8.03
N THR J 317 5.15 27.41 -8.90
CA THR J 317 4.48 27.56 -10.19
C THR J 317 3.01 28.01 -10.04
N ALA J 318 2.27 27.35 -9.15
CA ALA J 318 0.88 27.72 -8.90
C ALA J 318 0.76 29.18 -8.42
N ASN J 319 1.54 29.54 -7.41
CA ASN J 319 1.46 30.88 -6.84
C ASN J 319 1.79 31.96 -7.86
N ARG J 320 2.89 31.76 -8.59
CA ARG J 320 3.31 32.73 -9.59
C ARG J 320 2.28 32.82 -10.72
N LEU J 321 1.72 31.68 -11.10
CA LEU J 321 0.73 31.65 -12.16
C LEU J 321 -0.57 32.37 -11.77
N ILE J 322 -1.05 32.16 -10.54
CA ILE J 322 -2.24 32.84 -10.04
C ILE J 322 -1.98 34.35 -10.00
N ASP J 323 -0.78 34.72 -9.56
CA ASP J 323 -0.39 36.13 -9.46
C ASP J 323 -0.50 36.82 -10.83
N LYS J 324 -0.14 36.10 -11.88
CA LYS J 324 -0.18 36.62 -13.24
C LYS J 324 -1.61 36.65 -13.79
N LEU J 325 -2.41 35.65 -13.43
CA LEU J 325 -3.72 35.48 -14.02
C LEU J 325 -4.73 36.50 -13.52
N VAL J 326 -4.73 36.72 -12.21
CA VAL J 326 -5.76 37.52 -11.53
C VAL J 326 -5.98 38.90 -12.16
N PRO J 327 -4.91 39.71 -12.34
CA PRO J 327 -5.16 41.03 -12.92
C PRO J 327 -5.68 40.99 -14.37
N MSE J 328 -5.29 39.95 -15.12
CA MSE J 328 -5.69 39.81 -16.52
C MSE J 328 -7.12 39.35 -16.62
O MSE J 328 -7.86 39.78 -17.50
CB MSE J 328 -4.76 38.87 -17.28
CG MSE J 328 -3.34 39.45 -17.29
SE MSE J 328 -2.34 38.67 -18.80
CE MSE J 328 -1.72 37.07 -17.82
N VAL J 329 -7.54 38.46 -15.71
CA VAL J 329 -8.96 38.07 -15.67
C VAL J 329 -9.80 39.30 -15.30
N GLU J 330 -9.34 40.06 -14.30
CA GLU J 330 -10.07 41.23 -13.83
C GLU J 330 -10.26 42.30 -14.90
N SER J 331 -9.30 42.42 -15.80
CA SER J 331 -9.33 43.48 -16.80
C SER J 331 -9.93 43.06 -18.14
N LEU J 332 -10.52 41.86 -18.19
CA LEU J 332 -11.22 41.44 -19.40
C LEU J 332 -12.31 42.47 -19.74
N ARG J 333 -12.36 42.85 -21.01
CA ARG J 333 -13.39 43.77 -21.48
C ARG J 333 -14.56 42.98 -22.02
N ILE J 334 -15.75 43.26 -21.51
CA ILE J 334 -16.94 42.48 -21.79
C ILE J 334 -17.96 43.39 -22.45
N GLY J 335 -18.54 42.93 -23.56
CA GLY J 335 -19.50 43.75 -24.29
C GLY J 335 -20.20 43.01 -25.42
N PRO J 336 -21.17 43.69 -26.08
CA PRO J 336 -21.82 43.20 -27.28
C PRO J 336 -20.85 43.17 -28.46
N TYR J 337 -21.22 42.46 -29.52
CA TYR J 337 -20.39 42.36 -30.73
C TYR J 337 -20.19 43.73 -31.41
N THR J 338 -21.08 44.68 -31.13
CA THR J 338 -20.97 46.04 -31.64
C THR J 338 -19.82 46.82 -30.98
N ASP J 339 -19.32 46.29 -29.86
CA ASP J 339 -18.14 46.83 -29.22
C ASP J 339 -16.96 45.96 -29.62
N GLU J 340 -16.23 46.41 -30.64
CA GLU J 340 -15.15 45.60 -31.19
C GLU J 340 -13.88 45.61 -30.35
N LYS J 341 -13.90 46.29 -29.20
CA LYS J 341 -12.80 46.22 -28.25
C LYS J 341 -12.99 45.08 -27.25
N ALA J 342 -14.20 44.56 -27.15
CA ALA J 342 -14.50 43.54 -26.16
C ALA J 342 -13.65 42.28 -26.35
N ASP J 343 -13.16 41.72 -25.24
CA ASP J 343 -12.53 40.40 -25.26
C ASP J 343 -13.56 39.28 -25.35
N MSE J 344 -14.71 39.50 -24.78
CA MSE J 344 -15.67 38.49 -24.61
C MSE J 344 -17.09 39.03 -24.65
O MSE J 344 -17.31 40.14 -24.22
CB MSE J 344 -15.23 38.07 -23.25
CG MSE J 344 -16.13 37.07 -22.60
SE MSE J 344 -15.36 36.41 -20.99
CE MSE J 344 -16.09 37.16 -19.39
N GLY J 345 -18.04 38.25 -25.13
CA GLY J 345 -19.45 38.62 -25.14
C GLY J 345 -20.32 37.85 -24.14
N PRO J 346 -21.64 37.87 -24.36
CA PRO J 346 -22.55 37.12 -23.49
C PRO J 346 -22.58 35.62 -23.83
N VAL J 347 -23.13 34.83 -22.93
CA VAL J 347 -23.40 33.42 -23.24
C VAL J 347 -24.70 33.30 -24.04
N VAL J 348 -24.86 32.20 -24.75
CA VAL J 348 -25.89 32.06 -25.80
C VAL J 348 -27.36 32.23 -25.35
N THR J 349 -27.70 31.74 -24.16
CA THR J 349 -29.08 31.75 -23.68
C THR J 349 -29.13 32.07 -22.19
N LYS J 350 -30.34 32.38 -21.74
CA LYS J 350 -30.66 32.57 -20.34
C LYS J 350 -30.46 31.26 -19.57
N GLU J 351 -30.74 30.13 -20.23
CA GLU J 351 -30.57 28.80 -19.63
C GLU J 351 -29.10 28.46 -19.43
N ALA J 352 -28.29 28.73 -20.45
CA ALA J 352 -26.84 28.58 -20.32
C ALA J 352 -26.34 29.43 -19.14
N GLU J 353 -26.69 30.72 -19.14
CA GLU J 353 -26.35 31.63 -18.04
C GLU J 353 -26.73 31.09 -16.66
N GLN J 354 -27.95 30.59 -16.51
CA GLN J 354 -28.39 30.03 -15.24
C GLN J 354 -27.63 28.76 -14.84
N ARG J 355 -27.38 27.88 -15.82
CA ARG J 355 -26.59 26.67 -15.55
C ARG J 355 -25.18 27.02 -15.07
N ILE J 356 -24.53 27.95 -15.76
CA ILE J 356 -23.20 28.46 -15.38
C ILE J 356 -23.19 29.07 -13.96
N ARG J 357 -24.14 29.95 -13.69
CA ARG J 357 -24.25 30.61 -12.37
C ARG J 357 -24.46 29.59 -11.25
N SER J 358 -25.25 28.56 -11.54
CA SER J 358 -25.46 27.46 -10.62
C SER J 358 -24.18 26.63 -10.38
N LEU J 359 -23.42 26.39 -11.45
CA LEU J 359 -22.15 25.67 -11.29
C LEU J 359 -21.14 26.49 -10.48
N ILE J 360 -21.06 27.78 -10.79
CA ILE J 360 -20.22 28.69 -10.01
C ILE J 360 -20.53 28.61 -8.51
N ASP J 361 -21.81 28.63 -8.15
CA ASP J 361 -22.19 28.53 -6.74
C ASP J 361 -21.76 27.21 -6.09
N SER J 362 -21.87 26.12 -6.85
CA SER J 362 -21.49 24.79 -6.34
C SER J 362 -20.01 24.73 -5.99
N GLY J 363 -19.19 25.51 -6.71
CA GLY J 363 -17.74 25.61 -6.47
C GLY J 363 -17.41 26.24 -5.13
N ILE J 364 -18.06 27.36 -4.83
CA ILE J 364 -17.94 27.99 -3.52
C ILE J 364 -18.37 27.01 -2.43
N GLU J 365 -19.55 26.40 -2.62
CA GLU J 365 -20.09 25.46 -1.65
C GLU J 365 -19.14 24.27 -1.40
N GLN J 366 -18.55 23.73 -2.46
CA GLN J 366 -17.75 22.52 -2.29
C GLN J 366 -16.31 22.79 -1.80
N GLY J 367 -16.00 24.06 -1.52
CA GLY J 367 -14.71 24.44 -0.92
C GLY J 367 -13.72 25.21 -1.77
N ALA J 368 -14.00 25.41 -3.06
CA ALA J 368 -13.06 26.06 -3.97
C ALA J 368 -12.90 27.55 -3.64
N LYS J 369 -11.71 28.10 -3.90
CA LYS J 369 -11.42 29.50 -3.61
C LYS J 369 -11.65 30.35 -4.88
N LEU J 370 -12.66 31.22 -4.83
CA LEU J 370 -12.99 32.05 -5.99
C LEU J 370 -12.19 33.33 -5.96
N VAL J 371 -10.99 33.31 -6.56
CA VAL J 371 -10.07 34.44 -6.44
C VAL J 371 -10.42 35.62 -7.36
N VAL J 372 -11.13 35.34 -8.46
CA VAL J 372 -11.74 36.40 -9.27
C VAL J 372 -13.22 36.08 -9.44
N ASP J 373 -14.04 36.99 -8.93
CA ASP J 373 -15.48 36.78 -8.81
C ASP J 373 -16.21 37.66 -9.82
N GLY J 374 -16.72 37.03 -10.88
CA GLY J 374 -17.46 37.77 -11.91
C GLY J 374 -18.98 37.68 -11.80
N ARG J 375 -19.48 37.16 -10.67
CA ARG J 375 -20.92 36.93 -10.51
C ARG J 375 -21.74 38.21 -10.60
N ASP J 376 -21.20 39.30 -10.06
CA ASP J 376 -21.88 40.58 -9.91
C ASP J 376 -21.82 41.48 -11.14
N PHE J 377 -21.05 41.09 -12.16
CA PHE J 377 -20.90 41.93 -13.35
C PHE J 377 -22.22 42.23 -14.05
N LYS J 378 -22.44 43.50 -14.36
CA LYS J 378 -23.57 43.92 -15.17
C LYS J 378 -23.10 45.01 -16.12
N LEU J 379 -23.64 45.02 -17.33
CA LEU J 379 -23.21 45.94 -18.37
C LEU J 379 -24.29 46.98 -18.62
N GLN J 380 -23.97 48.24 -18.35
CA GLN J 380 -24.94 49.33 -18.46
C GLN J 380 -25.60 49.32 -19.83
N GLY J 381 -26.92 49.38 -19.85
CA GLY J 381 -27.68 49.37 -21.10
C GLY J 381 -27.91 47.98 -21.69
N TYR J 382 -27.35 46.96 -21.04
CA TYR J 382 -27.52 45.59 -21.50
C TYR J 382 -27.76 44.68 -20.30
N GLU J 383 -28.55 45.17 -19.34
CA GLU J 383 -28.78 44.43 -18.09
C GLU J 383 -29.50 43.09 -18.27
N ASN J 384 -30.27 42.95 -19.35
CA ASN J 384 -30.97 41.71 -19.64
C ASN J 384 -30.18 40.75 -20.52
N GLY J 385 -28.99 41.18 -20.95
CA GLY J 385 -28.09 40.35 -21.74
C GLY J 385 -27.46 39.28 -20.87
N HIS J 386 -27.06 38.18 -21.50
CA HIS J 386 -26.56 37.02 -20.77
C HIS J 386 -25.08 37.16 -20.43
N PHE J 387 -24.73 38.29 -19.81
CA PHE J 387 -23.35 38.60 -19.46
C PHE J 387 -22.96 38.06 -18.10
N ILE J 388 -21.81 37.38 -18.04
CA ILE J 388 -21.22 36.91 -16.79
C ILE J 388 -19.77 37.36 -16.82
N GLY J 389 -19.31 37.99 -15.74
CA GLY J 389 -17.89 38.32 -15.60
C GLY J 389 -17.00 37.08 -15.46
N GLY J 390 -15.72 37.24 -15.81
CA GLY J 390 -14.78 36.14 -15.71
C GLY J 390 -14.64 35.64 -14.28
N CYS J 391 -14.60 34.32 -14.11
CA CYS J 391 -14.36 33.76 -12.79
C CYS J 391 -13.13 32.88 -12.81
N LEU J 392 -12.41 32.90 -11.69
CA LEU J 392 -11.21 32.10 -11.52
C LEU J 392 -11.20 31.43 -10.16
N PHE J 393 -11.22 30.09 -10.18
CA PHE J 393 -11.20 29.28 -8.97
C PHE J 393 -9.78 28.71 -8.74
N ASP J 394 -9.32 28.75 -7.49
CA ASP J 394 -8.09 28.10 -7.05
C ASP J 394 -8.49 27.01 -6.05
N ASP J 395 -7.59 26.08 -5.77
CA ASP J 395 -7.83 25.00 -4.80
C ASP J 395 -8.98 24.08 -5.17
N VAL J 396 -9.20 23.91 -6.46
CA VAL J 396 -10.20 22.97 -6.95
C VAL J 396 -9.65 21.56 -6.84
N THR J 397 -10.51 20.62 -6.47
CA THR J 397 -10.10 19.22 -6.32
C THR J 397 -10.99 18.36 -7.22
N PRO J 398 -10.52 17.15 -7.58
CA PRO J 398 -11.20 16.29 -8.55
C PRO J 398 -12.61 15.81 -8.19
N ASP J 399 -13.04 15.97 -6.95
CA ASP J 399 -14.39 15.53 -6.61
C ASP J 399 -15.44 16.65 -6.66
N MSE J 400 -15.04 17.82 -7.14
CA MSE J 400 -15.97 18.94 -7.25
C MSE J 400 -16.67 18.95 -8.58
O MSE J 400 -16.12 18.54 -9.61
CB MSE J 400 -15.22 20.25 -7.09
CG MSE J 400 -14.71 20.45 -5.66
SE MSE J 400 -13.76 22.18 -5.62
CE MSE J 400 -13.05 22.10 -3.78
N ASP J 401 -17.91 19.45 -8.56
CA ASP J 401 -18.73 19.58 -9.77
C ASP J 401 -18.13 20.51 -10.81
N ILE J 402 -17.51 21.60 -10.37
CA ILE J 402 -16.85 22.52 -11.33
C ILE J 402 -15.67 21.88 -12.06
N TYR J 403 -15.12 20.80 -11.48
CA TYR J 403 -14.06 20.03 -12.11
C TYR J 403 -14.63 18.91 -12.97
N LYS J 404 -15.65 18.23 -12.44
CA LYS J 404 -16.24 17.08 -13.13
C LYS J 404 -17.06 17.48 -14.35
N THR J 405 -17.74 18.62 -14.28
CA THR J 405 -18.74 19.02 -15.27
C THR J 405 -18.22 20.04 -16.27
N GLU J 406 -18.60 19.89 -17.52
CA GLU J 406 -18.30 20.91 -18.52
C GLU J 406 -19.18 22.13 -18.29
N ILE J 407 -18.57 23.23 -17.87
CA ILE J 407 -19.30 24.46 -17.53
C ILE J 407 -19.74 25.26 -18.78
N PHE J 408 -18.88 25.28 -19.80
CA PHE J 408 -19.18 25.99 -21.05
C PHE J 408 -19.48 27.48 -20.81
N GLY J 409 -18.70 28.07 -19.90
CA GLY J 409 -18.82 29.48 -19.53
C GLY J 409 -17.45 30.03 -19.17
N PRO J 410 -17.36 31.33 -18.79
CA PRO J 410 -16.06 31.93 -18.47
C PRO J 410 -15.58 31.59 -17.06
N VAL J 411 -15.29 30.31 -16.83
CA VAL J 411 -14.91 29.84 -15.50
C VAL J 411 -13.72 28.90 -15.65
N LEU J 412 -12.57 29.33 -15.10
CA LEU J 412 -11.34 28.55 -15.15
C LEU J 412 -10.98 28.04 -13.76
N SER J 413 -10.68 26.75 -13.69
CA SER J 413 -10.36 26.09 -12.43
C SER J 413 -8.89 25.74 -12.36
N VAL J 414 -8.28 26.08 -11.23
CA VAL J 414 -6.90 25.73 -11.01
C VAL J 414 -6.83 24.59 -10.01
N VAL J 415 -6.19 23.49 -10.44
CA VAL J 415 -5.95 22.33 -9.58
C VAL J 415 -4.44 22.22 -9.35
N ARG J 416 -4.02 22.28 -8.10
CA ARG J 416 -2.59 22.27 -7.80
C ARG J 416 -2.09 20.84 -7.68
N ALA J 417 -1.24 20.41 -8.62
CA ALA J 417 -0.60 19.10 -8.55
C ALA J 417 0.79 19.20 -7.95
N ARG J 418 1.18 18.18 -7.20
CA ARG J 418 2.50 18.18 -6.56
C ARG J 418 3.61 17.76 -7.50
N ASN J 419 3.30 16.91 -8.47
CA ASN J 419 4.31 16.40 -9.39
C ASN J 419 3.74 16.06 -10.76
N TYR J 420 4.64 15.70 -11.66
CA TYR J 420 4.30 15.34 -13.02
C TYR J 420 3.31 14.18 -13.07
N GLU J 421 3.53 13.13 -12.27
CA GLU J 421 2.65 11.97 -12.34
C GLU J 421 1.25 12.30 -11.86
N GLU J 422 1.17 13.11 -10.80
CA GLU J 422 -0.12 13.58 -10.31
C GLU J 422 -0.83 14.47 -11.34
N ALA J 423 -0.04 15.31 -12.02
CA ALA J 423 -0.57 16.26 -13.01
C ALA J 423 -1.12 15.53 -14.22
N LEU J 424 -0.35 14.56 -14.72
CA LEU J 424 -0.76 13.73 -15.86
C LEU J 424 -2.05 12.95 -15.57
N SER J 425 -2.13 12.39 -14.37
CA SER J 425 -3.26 11.55 -13.98
C SER J 425 -4.61 12.29 -13.97
N LEU J 426 -4.59 13.62 -13.85
CA LEU J 426 -5.84 14.39 -13.84
C LEU J 426 -6.61 14.29 -15.17
N PRO J 427 -6.01 14.72 -16.30
CA PRO J 427 -6.72 14.53 -17.57
C PRO J 427 -6.86 13.06 -17.95
N MSE J 428 -5.92 12.23 -17.52
CA MSE J 428 -5.95 10.77 -17.80
C MSE J 428 -7.15 10.14 -17.18
O MSE J 428 -7.82 9.33 -17.83
CB MSE J 428 -4.70 10.06 -17.29
CG MSE J 428 -4.67 8.57 -17.63
SE MSE J 428 -3.74 8.30 -19.36
CE MSE J 428 -1.92 8.84 -18.85
N LYS J 429 -7.48 10.50 -15.94
CA LYS J 429 -8.63 9.90 -15.26
C LYS J 429 -9.97 10.56 -15.62
N HIS J 430 -9.95 11.70 -16.29
CA HIS J 430 -11.20 12.37 -16.62
C HIS J 430 -12.05 11.62 -17.60
N GLU J 431 -13.37 11.73 -17.42
CA GLU J 431 -14.35 11.17 -18.34
C GLU J 431 -14.15 11.70 -19.78
N TYR J 432 -13.83 13.00 -19.89
CA TYR J 432 -13.65 13.65 -21.19
C TYR J 432 -12.22 13.56 -21.68
N GLY J 433 -12.05 13.50 -23.00
CA GLY J 433 -10.73 13.35 -23.59
C GLY J 433 -10.60 14.06 -24.91
N ASN J 434 -11.09 15.30 -24.97
CA ASN J 434 -11.07 16.07 -26.22
C ASN J 434 -9.68 16.62 -26.50
N GLY J 435 -9.28 17.64 -25.75
CA GLY J 435 -7.97 18.23 -25.88
C GLY J 435 -7.25 18.30 -24.55
N VAL J 436 -5.94 18.50 -24.62
CA VAL J 436 -5.08 18.64 -23.44
C VAL J 436 -3.82 19.41 -23.86
N ALA J 437 -3.22 20.14 -22.92
CA ALA J 437 -1.99 20.86 -23.22
C ALA J 437 -0.94 20.63 -22.14
N ILE J 438 0.33 20.58 -22.55
CA ILE J 438 1.43 20.65 -21.58
C ILE J 438 2.37 21.82 -21.91
N TYR J 439 2.63 22.63 -20.88
CA TYR J 439 3.58 23.72 -21.04
C TYR J 439 4.86 23.36 -20.28
N THR J 440 5.98 23.39 -21.01
CA THR J 440 7.28 22.93 -20.53
C THR J 440 8.38 23.21 -21.58
N ARG J 441 9.61 23.33 -21.12
CA ARG J 441 10.77 23.45 -22.02
CA ARG J 441 10.77 23.46 -22.01
C ARG J 441 11.42 22.08 -22.24
N ASP J 442 11.05 21.12 -21.39
CA ASP J 442 11.69 19.82 -21.34
C ASP J 442 11.16 18.86 -22.41
N GLY J 443 12.04 18.40 -23.31
CA GLY J 443 11.67 17.47 -24.37
C GLY J 443 11.11 16.15 -23.87
N ASP J 444 11.69 15.66 -22.79
CA ASP J 444 11.28 14.40 -22.16
C ASP J 444 9.87 14.47 -21.58
N ALA J 445 9.59 15.52 -20.80
CA ALA J 445 8.28 15.66 -20.18
C ALA J 445 7.18 15.78 -21.25
N ALA J 446 7.45 16.59 -22.28
CA ALA J 446 6.48 16.78 -23.37
C ALA J 446 6.18 15.51 -24.17
N ARG J 447 7.22 14.78 -24.55
CA ARG J 447 7.07 13.57 -25.35
C ARG J 447 6.36 12.50 -24.55
N ASP J 448 6.78 12.33 -23.29
CA ASP J 448 6.20 11.30 -22.44
C ASP J 448 4.73 11.58 -22.24
N PHE J 449 4.43 12.83 -21.88
CA PHE J 449 3.06 13.28 -21.64
C PHE J 449 2.17 13.04 -22.87
N ALA J 450 2.61 13.53 -24.03
CA ALA J 450 1.80 13.44 -25.24
C ALA J 450 1.56 11.98 -25.60
N SER J 451 2.58 11.17 -25.37
CA SER J 451 2.56 9.75 -25.72
C SER J 451 1.54 9.00 -24.89
N ARG J 452 1.56 9.19 -23.59
CA ARG J 452 0.77 8.39 -22.67
C ARG J 452 -0.68 8.81 -22.53
N ILE J 453 -0.95 10.09 -22.71
CA ILE J 453 -2.26 10.65 -22.36
C ILE J 453 -3.38 10.07 -23.24
N ASN J 454 -4.53 9.78 -22.63
CA ASN J 454 -5.63 9.11 -23.33
C ASN J 454 -6.58 10.12 -23.97
N ILE J 455 -6.00 11.05 -24.72
CA ILE J 455 -6.72 12.21 -25.23
C ILE J 455 -6.35 12.42 -26.68
N GLY J 456 -7.33 12.74 -27.51
CA GLY J 456 -7.13 12.80 -28.95
C GLY J 456 -6.25 13.91 -29.48
N MSE J 457 -6.29 15.07 -28.83
CA MSE J 457 -5.63 16.26 -29.39
C MSE J 457 -4.76 16.87 -28.34
O MSE J 457 -5.24 17.22 -27.25
CB MSE J 457 -6.71 17.19 -29.92
CG MSE J 457 -7.30 16.66 -31.25
SE MSE J 457 -8.93 17.63 -31.77
CE MSE J 457 -10.18 17.11 -30.32
N VAL J 458 -3.46 16.98 -28.63
CA VAL J 458 -2.46 17.33 -27.63
C VAL J 458 -1.66 18.54 -28.06
N GLY J 459 -1.60 19.56 -27.20
CA GLY J 459 -0.75 20.71 -27.45
C GLY J 459 0.52 20.68 -26.61
N VAL J 460 1.66 20.96 -27.24
CA VAL J 460 2.90 21.14 -26.49
C VAL J 460 3.23 22.62 -26.60
N ASN J 461 3.06 23.35 -25.49
CA ASN J 461 3.18 24.80 -25.50
C ASN J 461 2.20 25.44 -26.52
N VAL J 462 1.07 24.77 -26.70
CA VAL J 462 0.00 25.24 -27.55
C VAL J 462 -1.26 25.00 -26.74
N PRO J 463 -2.10 26.03 -26.55
CA PRO J 463 -3.24 25.91 -25.62
C PRO J 463 -4.49 25.25 -26.20
N ILE J 464 -4.74 25.44 -27.48
CA ILE J 464 -5.93 24.92 -28.13
C ILE J 464 -5.44 24.13 -29.34
N PRO J 465 -5.08 22.85 -29.13
CA PRO J 465 -4.49 22.09 -30.23
C PRO J 465 -5.52 21.51 -31.19
N VAL J 466 -6.33 22.37 -31.80
CA VAL J 466 -7.27 21.94 -32.84
C VAL J 466 -6.49 21.69 -34.13
N PRO J 467 -6.59 20.49 -34.70
CA PRO J 467 -5.82 20.29 -35.92
C PRO J 467 -6.35 21.08 -37.11
N LEU J 468 -5.45 21.42 -38.02
CA LEU J 468 -5.85 22.14 -39.22
C LEU J 468 -6.65 21.24 -40.16
N ALA J 469 -7.31 21.85 -41.13
CA ALA J 469 -8.25 21.17 -42.01
C ALA J 469 -7.70 19.91 -42.70
N TYR J 470 -6.42 19.95 -43.04
CA TYR J 470 -5.79 18.85 -43.77
C TYR J 470 -5.32 17.72 -42.86
N HIS J 471 -5.33 17.97 -41.55
CA HIS J 471 -5.23 16.90 -40.56
C HIS J 471 -6.68 16.61 -40.12
N SER J 472 -6.87 15.92 -39.00
CA SER J 472 -8.22 15.53 -38.62
C SER J 472 -8.49 15.81 -37.16
N PHE J 473 -9.77 16.00 -36.83
CA PHE J 473 -10.23 16.39 -35.50
C PHE J 473 -11.01 15.26 -34.84
N GLY J 474 -10.70 14.99 -33.57
CA GLY J 474 -11.57 14.15 -32.74
C GLY J 474 -11.00 13.80 -31.38
N GLY J 475 -11.86 13.82 -30.37
CA GLY J 475 -11.46 13.46 -29.01
C GLY J 475 -11.46 11.96 -28.82
N TRP J 476 -11.05 11.53 -27.62
CA TRP J 476 -11.11 10.13 -27.20
C TRP J 476 -12.06 10.00 -26.01
N LYS J 477 -12.03 8.82 -25.38
CA LYS J 477 -12.90 8.48 -24.26
C LYS J 477 -14.31 8.93 -24.58
N SER J 478 -15.00 9.58 -23.66
CA SER J 478 -16.39 9.92 -23.92
C SER J 478 -16.58 11.17 -24.78
N SER J 479 -15.52 11.68 -25.42
CA SER J 479 -15.63 12.86 -26.31
C SER J 479 -15.87 12.55 -27.80
N SER J 480 -15.83 11.27 -28.17
CA SER J 480 -16.18 10.90 -29.54
C SER J 480 -16.70 9.47 -29.66
N PHE J 481 -17.32 9.17 -30.80
CA PHE J 481 -17.94 7.88 -31.04
C PHE J 481 -17.76 7.56 -32.50
N GLY J 482 -17.37 6.33 -32.79
CA GLY J 482 -17.12 5.92 -34.17
C GLY J 482 -15.64 5.68 -34.42
N ASP J 483 -15.25 5.57 -35.67
CA ASP J 483 -13.86 5.21 -35.96
C ASP J 483 -13.22 6.13 -36.96
N LEU J 484 -13.92 7.21 -37.32
CA LEU J 484 -13.40 8.20 -38.27
C LEU J 484 -13.57 9.63 -37.75
N ASN J 485 -12.48 10.42 -37.83
CA ASN J 485 -12.45 11.79 -37.32
C ASN J 485 -13.13 12.74 -38.29
N GLN J 486 -13.25 14.00 -37.89
CA GLN J 486 -13.73 15.10 -38.78
C GLN J 486 -12.58 15.64 -39.64
N HIS J 487 -12.95 16.18 -40.79
CA HIS J 487 -12.04 16.55 -41.87
C HIS J 487 -10.85 15.63 -42.15
N GLY J 488 -9.84 16.15 -42.83
CA GLY J 488 -8.68 15.30 -43.18
C GLY J 488 -9.07 14.14 -44.07
N THR J 489 -8.18 13.17 -44.22
CA THR J 489 -8.43 12.04 -45.09
C THR J 489 -9.49 11.13 -44.45
N ASP J 490 -9.61 11.18 -43.12
CA ASP J 490 -10.67 10.49 -42.41
C ASP J 490 -12.05 10.79 -42.98
N SER J 491 -12.34 12.06 -43.24
CA SER J 491 -13.65 12.46 -43.74
C SER J 491 -13.91 11.93 -45.14
N ILE J 492 -12.85 11.85 -45.96
CA ILE J 492 -13.00 11.33 -47.33
C ILE J 492 -13.41 9.87 -47.26
N LYS J 493 -12.89 9.21 -46.23
CA LYS J 493 -13.21 7.83 -45.90
C LYS J 493 -14.66 7.70 -45.41
N PHE J 494 -15.09 8.60 -44.51
CA PHE J 494 -16.44 8.53 -43.99
C PHE J 494 -17.49 8.72 -45.09
N TRP J 495 -17.20 9.54 -46.10
CA TRP J 495 -18.20 9.92 -47.08
C TRP J 495 -18.12 9.15 -48.39
N THR J 496 -17.34 8.08 -48.43
CA THR J 496 -17.33 7.21 -49.59
C THR J 496 -17.47 5.77 -49.14
N ARG J 497 -17.91 4.92 -50.05
CA ARG J 497 -17.86 3.50 -49.82
C ARG J 497 -16.93 2.89 -50.86
N THR J 498 -16.25 1.83 -50.46
CA THR J 498 -15.29 1.15 -51.28
C THR J 498 -15.93 0.04 -52.10
N LYS J 499 -15.57 0.00 -53.37
CA LYS J 499 -15.95 -1.05 -54.29
C LYS J 499 -14.65 -1.63 -54.78
N THR J 500 -14.55 -2.96 -54.83
CA THR J 500 -13.37 -3.58 -55.37
C THR J 500 -13.74 -4.47 -56.55
N ILE J 501 -13.04 -4.27 -57.64
CA ILE J 501 -13.21 -5.07 -58.84
C ILE J 501 -12.05 -6.02 -59.04
N THR J 502 -12.36 -7.28 -59.32
CA THR J 502 -11.36 -8.25 -59.75
C THR J 502 -11.73 -8.61 -61.18
N SER J 503 -10.74 -8.54 -62.08
CA SER J 503 -10.98 -8.52 -63.51
C SER J 503 -10.01 -9.38 -64.30
N ARG J 504 -10.56 -10.19 -65.19
CA ARG J 504 -9.78 -10.95 -66.17
C ARG J 504 -10.61 -11.05 -67.46
N TRP J 505 -10.00 -11.54 -68.53
CA TRP J 505 -10.69 -11.68 -69.79
C TRP J 505 -10.37 -13.01 -70.42
N PRO J 506 -11.35 -13.65 -71.09
CA PRO J 506 -11.01 -14.87 -71.81
C PRO J 506 -10.24 -14.51 -73.07
N SER J 507 -9.55 -15.50 -73.64
CA SER J 507 -8.89 -15.34 -74.92
C SER J 507 -9.90 -15.01 -76.03
N GLY J 508 -9.58 -14.01 -76.87
CA GLY J 508 -10.47 -13.58 -77.94
C GLY J 508 -9.75 -13.18 -79.22
N ILE J 509 -10.19 -12.07 -79.81
CA ILE J 509 -9.67 -11.60 -81.11
C ILE J 509 -8.15 -11.35 -81.19
N LYS J 510 -7.49 -11.07 -80.05
CA LYS J 510 -6.04 -10.94 -80.07
C LYS J 510 -5.35 -12.24 -80.57
N ASP J 511 -5.99 -13.37 -80.35
CA ASP J 511 -5.40 -14.64 -80.71
C ASP J 511 -5.88 -15.23 -82.04
N MSE K 24 43.95 -21.14 -48.80
CA MSE K 24 43.57 -20.08 -49.79
CA MSE K 24 43.56 -20.09 -49.78
C MSE K 24 42.29 -20.48 -50.48
O MSE K 24 42.22 -21.56 -51.07
CB MSE K 24 44.62 -19.94 -50.89
CB MSE K 24 44.66 -19.92 -50.81
CG MSE K 24 46.02 -19.57 -50.39
CG MSE K 24 45.74 -18.96 -50.33
SE MSE K 24 45.99 -17.82 -49.49
SE MSE K 24 45.79 -17.42 -51.55
CE MSE K 24 46.00 -18.58 -47.66
CE MSE K 24 46.02 -18.39 -53.24
N TYR K 25 41.28 -19.63 -50.43
CA TYR K 25 40.06 -19.88 -51.17
C TYR K 25 39.98 -18.96 -52.40
N GLU K 26 39.18 -19.35 -53.38
CA GLU K 26 39.08 -18.57 -54.61
C GLU K 26 37.62 -18.34 -54.92
N LEU K 27 37.19 -17.08 -54.83
CA LEU K 27 35.82 -16.70 -55.15
C LEU K 27 35.72 -16.27 -56.60
N GLY K 28 34.64 -16.69 -57.27
CA GLY K 28 34.36 -16.22 -58.61
C GLY K 28 33.15 -15.30 -58.61
N HIS K 29 32.18 -15.65 -59.43
CA HIS K 29 30.95 -14.89 -59.57
C HIS K 29 29.77 -15.79 -59.18
N PHE K 30 28.58 -15.22 -59.14
CA PHE K 30 27.37 -16.00 -58.99
C PHE K 30 26.44 -15.65 -60.12
N ILE K 31 26.35 -16.53 -61.11
CA ILE K 31 25.53 -16.26 -62.29
C ILE K 31 24.61 -17.43 -62.56
N ASP K 32 23.35 -17.10 -62.83
CA ASP K 32 22.34 -18.09 -63.18
C ASP K 32 22.24 -19.25 -62.17
N GLY K 33 22.28 -18.90 -60.89
CA GLY K 33 21.96 -19.82 -59.80
C GLY K 33 23.13 -20.64 -59.28
N LYS K 34 24.33 -20.33 -59.76
CA LYS K 34 25.54 -21.12 -59.57
C LYS K 34 26.76 -20.24 -59.30
N ARG K 35 27.64 -20.73 -58.43
CA ARG K 35 29.00 -20.19 -58.31
C ARG K 35 29.75 -20.54 -59.59
N VAL K 36 30.32 -19.54 -60.24
CA VAL K 36 31.03 -19.75 -61.50
C VAL K 36 32.39 -19.05 -61.45
N ALA K 37 33.35 -19.59 -62.20
CA ALA K 37 34.63 -18.94 -62.36
C ALA K 37 34.44 -17.84 -63.42
N GLY K 38 35.31 -16.85 -63.47
CA GLY K 38 35.18 -15.87 -64.56
C GLY K 38 35.83 -16.39 -65.83
N THR K 39 35.79 -15.59 -66.90
CA THR K 39 36.52 -15.93 -68.14
C THR K 39 37.92 -15.28 -68.13
N SER K 40 38.05 -14.15 -67.43
CA SER K 40 39.26 -13.33 -67.47
C SER K 40 40.47 -13.98 -66.79
N GLY K 41 40.23 -14.80 -65.76
CA GLY K 41 41.32 -15.36 -64.98
C GLY K 41 42.06 -14.35 -64.10
N ARG K 42 41.66 -13.08 -64.15
CA ARG K 42 42.25 -12.02 -63.30
C ARG K 42 41.65 -12.03 -61.89
N VAL K 43 42.49 -11.83 -60.88
CA VAL K 43 42.03 -11.85 -59.49
C VAL K 43 42.67 -10.73 -58.67
N SER K 44 42.06 -10.38 -57.54
CA SER K 44 42.75 -9.58 -56.52
C SER K 44 42.70 -10.30 -55.17
N ASN K 45 43.62 -9.95 -54.28
CA ASN K 45 43.77 -10.64 -53.02
C ASN K 45 42.75 -10.22 -51.97
N ILE K 46 42.29 -11.20 -51.20
CA ILE K 46 41.45 -10.95 -50.04
C ILE K 46 42.35 -11.15 -48.83
N PHE K 47 42.35 -10.17 -47.93
CA PHE K 47 43.16 -10.22 -46.72
C PHE K 47 42.36 -10.64 -45.49
N ASN K 48 43.06 -11.20 -44.51
CA ASN K 48 42.58 -11.26 -43.14
C ASN K 48 43.23 -10.09 -42.43
N PRO K 49 42.43 -9.05 -42.11
CA PRO K 49 43.07 -7.83 -41.60
C PRO K 49 43.59 -7.96 -40.16
N ALA K 50 43.17 -9.01 -39.46
CA ALA K 50 43.72 -9.29 -38.13
C ALA K 50 45.18 -9.74 -38.19
N THR K 51 45.52 -10.49 -39.23
CA THR K 51 46.88 -11.01 -39.39
C THR K 51 47.66 -10.29 -40.48
N GLY K 52 46.96 -9.57 -41.35
CA GLY K 52 47.62 -8.92 -42.49
C GLY K 52 47.93 -9.89 -43.63
N GLU K 53 47.61 -11.17 -43.45
CA GLU K 53 47.93 -12.19 -44.46
C GLU K 53 46.88 -12.27 -45.55
N VAL K 54 47.27 -12.70 -46.74
CA VAL K 54 46.31 -12.98 -47.81
C VAL K 54 45.66 -14.31 -47.44
N GLN K 55 44.33 -14.35 -47.51
CA GLN K 55 43.61 -15.57 -47.19
C GLN K 55 42.85 -16.10 -48.41
N GLY K 56 42.76 -15.29 -49.46
CA GLY K 56 42.08 -15.71 -50.67
C GLY K 56 42.18 -14.74 -51.83
N THR K 57 41.47 -15.08 -52.91
CA THR K 57 41.37 -14.23 -54.08
C THR K 57 39.92 -14.16 -54.56
N VAL K 58 39.62 -13.09 -55.29
CA VAL K 58 38.32 -12.90 -55.90
C VAL K 58 38.54 -12.56 -57.36
N ALA K 59 37.74 -13.18 -58.22
CA ALA K 59 37.85 -12.98 -59.65
C ALA K 59 37.41 -11.55 -60.00
N LEU K 60 38.11 -10.94 -60.95
CA LEU K 60 37.73 -9.61 -61.40
C LEU K 60 37.05 -9.76 -62.74
N ALA K 61 35.82 -9.28 -62.83
CA ALA K 61 35.00 -9.53 -64.03
C ALA K 61 35.45 -8.78 -65.26
N SER K 62 35.57 -9.52 -66.36
CA SER K 62 35.71 -8.97 -67.70
C SER K 62 34.35 -8.46 -68.18
N ASP K 63 34.35 -7.77 -69.32
CA ASP K 63 33.09 -7.36 -69.97
C ASP K 63 32.26 -8.56 -70.40
N ALA K 64 32.93 -9.63 -70.85
CA ALA K 64 32.22 -10.87 -71.18
C ALA K 64 31.58 -11.53 -69.95
N ASP K 65 32.22 -11.41 -68.79
CA ASP K 65 31.63 -11.93 -67.56
C ASP K 65 30.37 -11.14 -67.24
N LEU K 66 30.41 -9.84 -67.40
CA LEU K 66 29.27 -8.99 -67.19
C LEU K 66 28.13 -9.18 -68.16
N ALA K 67 28.46 -9.35 -69.43
CA ALA K 67 27.49 -9.65 -70.48
C ALA K 67 26.73 -10.95 -70.17
N ALA K 68 27.45 -11.97 -69.68
CA ALA K 68 26.84 -13.23 -69.28
C ALA K 68 25.84 -13.08 -68.12
N ALA K 69 26.15 -12.18 -67.18
CA ALA K 69 25.25 -11.90 -66.06
C ALA K 69 23.98 -11.18 -66.52
N VAL K 70 24.15 -10.18 -67.37
CA VAL K 70 23.03 -9.50 -68.01
C VAL K 70 22.14 -10.44 -68.85
N GLU K 71 22.75 -11.32 -69.66
CA GLU K 71 21.94 -12.25 -70.50
C GLU K 71 21.20 -13.25 -69.61
N SER K 72 21.86 -13.67 -68.55
CA SER K 72 21.19 -14.50 -67.55
C SER K 72 19.98 -13.73 -66.99
N ALA K 73 20.19 -12.45 -66.68
CA ALA K 73 19.17 -11.61 -66.07
C ALA K 73 17.99 -11.41 -67.02
N LYS K 74 18.29 -11.16 -68.29
CA LYS K 74 17.26 -10.91 -69.31
C LYS K 74 16.33 -12.08 -69.55
N ALA K 75 16.87 -13.29 -69.52
CA ALA K 75 16.08 -14.49 -69.77
C ALA K 75 15.15 -14.81 -68.59
N ALA K 76 15.57 -14.50 -67.37
CA ALA K 76 14.81 -14.86 -66.17
C ALA K 76 13.79 -13.80 -65.75
N GLN K 77 14.10 -12.53 -65.99
CA GLN K 77 13.26 -11.42 -65.50
C GLN K 77 11.76 -11.47 -65.89
N PRO K 78 11.43 -11.68 -67.18
CA PRO K 78 10.00 -11.73 -67.54
C PRO K 78 9.15 -12.70 -66.70
N LYS K 79 9.60 -13.93 -66.54
CA LYS K 79 8.85 -14.92 -65.75
C LYS K 79 8.72 -14.49 -64.28
N TRP K 80 9.78 -13.88 -63.74
CA TRP K 80 9.77 -13.37 -62.38
C TRP K 80 8.78 -12.20 -62.22
N ALA K 81 8.85 -11.23 -63.12
CA ALA K 81 7.86 -10.14 -63.13
C ALA K 81 6.42 -10.66 -63.26
N ALA K 82 6.21 -11.79 -63.93
CA ALA K 82 4.86 -12.39 -64.13
C ALA K 82 4.38 -13.16 -62.91
N THR K 83 5.25 -13.32 -61.94
CA THR K 83 4.92 -14.00 -60.69
C THR K 83 4.13 -13.01 -59.81
N ASN K 84 3.00 -13.44 -59.22
CA ASN K 84 2.17 -12.51 -58.43
C ASN K 84 2.91 -11.89 -57.22
N PRO K 85 2.42 -10.74 -56.70
CA PRO K 85 3.24 -10.05 -55.70
C PRO K 85 3.40 -10.85 -54.41
N GLN K 86 2.37 -11.57 -54.03
CA GLN K 86 2.41 -12.39 -52.81
C GLN K 86 3.41 -13.52 -52.92
N ARG K 87 3.47 -14.18 -54.09
CA ARG K 87 4.46 -15.23 -54.33
C ARG K 87 5.87 -14.65 -54.33
N ARG K 88 6.06 -13.47 -54.88
CA ARG K 88 7.37 -12.81 -54.80
C ARG K 88 7.76 -12.53 -53.34
N ALA K 89 6.80 -12.03 -52.55
CA ALA K 89 6.98 -11.73 -51.14
C ALA K 89 7.39 -12.95 -50.31
N ARG K 90 6.87 -14.14 -50.65
CA ARG K 90 7.18 -15.36 -49.88
C ARG K 90 8.63 -15.79 -50.03
N VAL K 91 9.23 -15.52 -51.19
CA VAL K 91 10.68 -15.72 -51.32
C VAL K 91 11.40 -14.95 -50.22
N PHE K 92 11.03 -13.68 -50.04
CA PHE K 92 11.65 -12.88 -48.98
C PHE K 92 11.42 -13.38 -47.55
N MSE K 93 10.22 -13.86 -47.29
CA MSE K 93 9.90 -14.41 -46.03
C MSE K 93 10.74 -15.63 -45.77
O MSE K 93 11.31 -15.76 -44.71
CB MSE K 93 8.44 -14.68 -46.08
CG MSE K 93 7.78 -14.71 -44.75
SE MSE K 93 5.85 -14.89 -44.93
CE MSE K 93 5.43 -14.31 -46.65
N LYS K 94 10.89 -16.46 -46.75
CA LYS K 94 11.75 -17.64 -46.67
C LYS K 94 13.22 -17.23 -46.46
N PHE K 95 13.65 -16.19 -47.17
CA PHE K 95 15.03 -15.69 -47.09
C PHE K 95 15.36 -15.20 -45.69
N VAL K 96 14.41 -14.50 -45.07
CA VAL K 96 14.59 -14.02 -43.71
C VAL K 96 14.86 -15.17 -42.72
N GLN K 97 14.07 -16.23 -42.78
CA GLN K 97 14.36 -17.39 -41.94
C GLN K 97 15.74 -17.99 -42.23
N LEU K 98 16.10 -18.10 -43.51
CA LEU K 98 17.43 -18.60 -43.89
C LEU K 98 18.58 -17.73 -43.37
N LEU K 99 18.39 -16.42 -43.32
CA LEU K 99 19.39 -15.52 -42.75
C LEU K 99 19.58 -15.77 -41.26
N ASN K 100 18.49 -15.97 -40.55
CA ASN K 100 18.52 -16.32 -39.14
C ASN K 100 19.19 -17.66 -38.86
N ASP K 101 18.93 -18.66 -39.71
CA ASP K 101 19.56 -19.98 -39.59
C ASP K 101 21.06 -19.93 -39.85
N ASN K 102 21.48 -19.03 -40.74
CA ASN K 102 22.88 -18.92 -41.14
C ASN K 102 23.58 -17.73 -40.52
N MSE K 103 22.96 -17.12 -39.51
CA MSE K 103 23.48 -15.89 -38.92
C MSE K 103 24.93 -16.03 -38.48
O MSE K 103 25.75 -15.17 -38.80
CB MSE K 103 22.56 -15.51 -37.75
CG MSE K 103 23.02 -14.26 -37.02
SE MSE K 103 22.90 -12.67 -38.21
CE MSE K 103 20.93 -12.63 -38.35
N ASN K 104 25.26 -17.10 -37.77
CA ASN K 104 26.60 -17.25 -37.22
C ASN K 104 27.63 -17.44 -38.31
N GLU K 105 27.27 -18.20 -39.33
CA GLU K 105 28.16 -18.46 -40.46
C GLU K 105 28.40 -17.20 -41.26
N LEU K 106 27.34 -16.43 -41.50
CA LEU K 106 27.45 -15.19 -42.26
C LEU K 106 28.34 -14.18 -41.54
N ALA K 107 28.19 -14.09 -40.22
CA ALA K 107 28.95 -13.14 -39.44
C ALA K 107 30.43 -13.51 -39.42
N GLU K 108 30.69 -14.81 -39.27
CA GLU K 108 32.06 -15.31 -39.22
C GLU K 108 32.78 -14.99 -40.53
N MSE K 109 32.15 -15.23 -41.67
CA MSE K 109 32.83 -14.97 -42.95
C MSE K 109 32.97 -13.48 -43.17
O MSE K 109 33.96 -13.01 -43.75
CB MSE K 109 32.20 -15.74 -44.13
CG MSE K 109 30.82 -15.21 -44.52
SE MSE K 109 30.10 -16.15 -46.10
CE MSE K 109 29.59 -17.81 -45.18
N LEU K 110 32.01 -12.70 -42.69
CA LEU K 110 32.05 -11.24 -42.82
C LEU K 110 33.22 -10.67 -42.01
N SER K 111 33.23 -10.98 -40.72
CA SER K 111 34.28 -10.54 -39.78
C SER K 111 35.70 -10.95 -40.18
N ARG K 112 35.84 -12.14 -40.77
CA ARG K 112 37.15 -12.66 -41.17
C ARG K 112 37.78 -11.89 -42.35
N GLU K 113 36.95 -11.35 -43.24
CA GLU K 113 37.42 -10.50 -44.34
C GLU K 113 37.43 -8.99 -44.00
N HIS K 114 36.40 -8.53 -43.28
CA HIS K 114 36.26 -7.11 -42.97
C HIS K 114 37.17 -6.67 -41.81
N GLY K 115 37.14 -7.43 -40.71
CA GLY K 115 37.87 -7.07 -39.51
C GLY K 115 37.00 -6.80 -38.30
N LYS K 116 35.79 -6.29 -38.54
CA LYS K 116 34.85 -5.91 -37.46
C LYS K 116 34.48 -7.10 -36.57
N THR K 117 33.97 -6.82 -35.38
CA THR K 117 33.61 -7.89 -34.44
C THR K 117 32.43 -8.72 -34.94
N ILE K 118 32.33 -9.94 -34.41
CA ILE K 118 31.18 -10.81 -34.66
C ILE K 118 29.85 -10.08 -34.43
N ASP K 119 29.72 -9.41 -33.29
CA ASP K 119 28.51 -8.63 -33.02
C ASP K 119 28.24 -7.50 -34.01
N ASP K 120 29.28 -6.80 -34.48
CA ASP K 120 29.08 -5.79 -35.55
C ASP K 120 28.57 -6.47 -36.82
N ALA K 121 29.16 -7.62 -37.13
CA ALA K 121 28.84 -8.35 -38.35
C ALA K 121 27.39 -8.87 -38.31
N LYS K 122 26.95 -9.36 -37.16
CA LYS K 122 25.54 -9.73 -36.99
C LYS K 122 24.61 -8.53 -37.16
N GLY K 123 25.02 -7.37 -36.65
CA GLY K 123 24.24 -6.13 -36.79
C GLY K 123 24.09 -5.73 -38.25
N ASP K 124 25.19 -5.87 -38.99
CA ASP K 124 25.28 -5.69 -40.46
C ASP K 124 24.27 -6.59 -41.18
N ILE K 125 24.29 -7.88 -40.85
CA ILE K 125 23.37 -8.83 -41.47
CA ILE K 125 23.37 -8.85 -41.46
C ILE K 125 21.92 -8.53 -41.06
N VAL K 126 21.71 -8.28 -39.76
CA VAL K 126 20.36 -7.99 -39.25
C VAL K 126 19.70 -6.79 -39.96
N ARG K 127 20.46 -5.72 -40.01
CA ARG K 127 20.08 -4.58 -40.84
CA ARG K 127 20.05 -4.63 -40.86
C ARG K 127 19.51 -4.76 -42.36
N GLY K 128 20.32 -5.68 -42.91
CA GLY K 128 19.93 -6.13 -44.25
C GLY K 128 18.66 -6.98 -44.21
N LEU K 129 18.58 -7.88 -43.25
CA LEU K 129 17.39 -8.70 -43.04
C LEU K 129 16.13 -7.84 -42.84
N GLU K 130 16.27 -6.67 -42.23
CA GLU K 130 15.11 -5.81 -41.96
C GLU K 130 14.53 -5.17 -43.22
N VAL K 131 15.37 -4.96 -44.23
CA VAL K 131 14.87 -4.51 -45.53
C VAL K 131 14.12 -5.66 -46.24
N CYS K 132 14.63 -6.87 -46.09
CA CYS K 132 13.95 -8.05 -46.60
C CYS K 132 12.56 -8.21 -45.95
N GLU K 133 12.46 -7.95 -44.64
CA GLU K 133 11.18 -7.98 -43.92
C GLU K 133 10.21 -6.92 -44.46
N PHE K 134 10.75 -5.76 -44.81
CA PHE K 134 9.96 -4.65 -45.30
C PHE K 134 9.35 -5.01 -46.66
N VAL K 135 10.13 -5.63 -47.54
CA VAL K 135 9.62 -5.93 -48.89
C VAL K 135 8.68 -7.14 -48.91
N ILE K 136 8.54 -7.84 -47.78
CA ILE K 136 7.43 -8.80 -47.65
C ILE K 136 6.09 -8.08 -47.95
N GLY K 137 6.02 -6.77 -47.68
CA GLY K 137 4.81 -5.98 -47.91
C GLY K 137 4.72 -5.41 -49.32
N ILE K 138 5.43 -6.03 -50.25
CA ILE K 138 5.43 -5.55 -51.63
C ILE K 138 4.03 -5.47 -52.28
N PRO K 139 3.10 -6.42 -51.95
CA PRO K 139 1.78 -6.28 -52.58
C PRO K 139 1.08 -4.97 -52.27
N HIS K 140 1.12 -4.55 -51.00
CA HIS K 140 0.61 -3.22 -50.65
C HIS K 140 1.51 -2.11 -51.19
N LEU K 141 2.81 -2.27 -51.05
CA LEU K 141 3.76 -1.23 -51.41
C LEU K 141 3.74 -0.87 -52.89
N GLN K 142 3.52 -1.85 -53.76
CA GLN K 142 3.54 -1.64 -55.21
C GLN K 142 2.21 -1.11 -55.81
N LYS K 143 1.20 -0.96 -54.96
CA LYS K 143 -0.08 -0.36 -55.36
C LYS K 143 0.11 0.94 -56.13
N SER K 144 -0.74 1.13 -57.15
CA SER K 144 -0.82 2.37 -57.93
C SER K 144 -2.21 3.00 -57.74
N GLU K 145 -2.50 4.09 -58.43
CA GLU K 145 -3.70 4.91 -58.18
C GLU K 145 -4.81 4.77 -59.25
N PHE K 146 -6.08 4.82 -58.84
CA PHE K 146 -7.22 4.69 -59.76
C PHE K 146 -8.18 5.87 -59.58
N THR K 147 -8.65 6.43 -60.69
CA THR K 147 -9.65 7.50 -60.68
C THR K 147 -10.81 7.06 -61.58
N GLU K 148 -12.03 7.07 -61.05
CA GLU K 148 -13.20 6.83 -61.87
C GLU K 148 -13.79 8.16 -62.29
N GLY K 149 -14.24 8.24 -63.55
CA GLY K 149 -14.89 9.43 -64.06
C GLY K 149 -14.00 10.66 -64.11
N ALA K 150 -12.73 10.47 -64.47
CA ALA K 150 -11.82 11.59 -64.69
C ALA K 150 -12.44 12.50 -65.75
N GLY K 151 -13.06 11.87 -66.76
CA GLY K 151 -14.01 12.52 -67.66
C GLY K 151 -15.24 11.63 -67.84
N PRO K 152 -16.20 12.04 -68.69
CA PRO K 152 -17.45 11.30 -68.79
C PRO K 152 -17.24 9.92 -69.44
N GLY K 153 -17.47 8.87 -68.67
CA GLY K 153 -17.20 7.51 -69.13
C GLY K 153 -15.72 7.16 -69.19
N ILE K 154 -14.88 8.05 -68.68
CA ILE K 154 -13.41 7.87 -68.73
C ILE K 154 -12.77 7.59 -67.37
N ASP K 155 -12.13 6.44 -67.24
CA ASP K 155 -11.33 6.09 -66.04
C ASP K 155 -9.83 6.33 -66.29
N MSE K 156 -9.06 6.55 -65.22
CA MSE K 156 -7.63 6.92 -65.35
C MSE K 156 -6.89 6.29 -64.21
O MSE K 156 -7.21 6.52 -63.05
CB MSE K 156 -7.48 8.44 -65.28
CG MSE K 156 -6.03 8.90 -65.46
SE MSE K 156 -6.00 10.87 -65.64
CE MSE K 156 -6.89 11.04 -67.38
N TYR K 157 -5.87 5.50 -64.53
CA TYR K 157 -5.17 4.74 -63.50
C TYR K 157 -3.74 4.42 -63.91
N SER K 158 -2.86 4.32 -62.92
CA SER K 158 -1.47 3.98 -63.19
C SER K 158 -1.18 2.55 -62.77
N ILE K 159 -0.04 2.05 -63.24
CA ILE K 159 0.49 0.77 -62.86
C ILE K 159 1.98 1.00 -62.63
N ARG K 160 2.51 0.48 -61.52
CA ARG K 160 3.94 0.54 -61.29
C ARG K 160 4.57 -0.75 -61.76
N GLN K 161 5.29 -0.70 -62.86
CA GLN K 161 5.87 -1.91 -63.45
C GLN K 161 7.39 -1.93 -63.25
N PRO K 162 8.01 -3.12 -63.34
CA PRO K 162 9.48 -3.25 -63.19
C PRO K 162 10.22 -2.32 -64.16
N VAL K 163 11.41 -1.83 -63.78
CA VAL K 163 12.25 -1.09 -64.72
C VAL K 163 12.99 -2.06 -65.64
N GLY K 164 13.14 -3.31 -65.19
CA GLY K 164 13.76 -4.39 -65.98
C GLY K 164 14.94 -5.00 -65.25
N ILE K 165 16.13 -4.52 -65.58
CA ILE K 165 17.34 -5.04 -64.97
C ILE K 165 18.05 -3.89 -64.26
N GLY K 166 18.42 -4.12 -63.00
CA GLY K 166 19.16 -3.13 -62.21
C GLY K 166 20.52 -3.60 -61.74
N ALA K 167 21.32 -2.66 -61.29
CA ALA K 167 22.64 -2.99 -60.80
C ALA K 167 22.91 -2.16 -59.58
N GLY K 168 23.67 -2.74 -58.65
CA GLY K 168 24.09 -2.07 -57.43
C GLY K 168 25.56 -2.24 -57.16
N ILE K 169 26.20 -1.16 -56.74
CA ILE K 169 27.63 -1.16 -56.47
C ILE K 169 27.79 -0.78 -55.00
N THR K 170 28.46 -1.66 -54.24
CA THR K 170 28.46 -1.53 -52.78
C THR K 170 29.86 -1.45 -52.20
N PRO K 171 30.00 -0.86 -51.01
CA PRO K 171 31.31 -0.60 -50.45
C PRO K 171 31.75 -1.72 -49.50
N PHE K 172 32.99 -1.65 -49.00
CA PHE K 172 33.52 -2.71 -48.14
C PHE K 172 32.87 -2.80 -46.78
N ASN K 173 32.32 -1.70 -46.29
CA ASN K 173 32.06 -1.66 -44.85
C ASN K 173 30.80 -2.37 -44.37
N PHE K 174 29.82 -2.50 -45.24
CA PHE K 174 28.61 -3.28 -44.97
C PHE K 174 28.30 -4.19 -46.15
N PRO K 175 29.03 -5.32 -46.28
CA PRO K 175 28.86 -6.24 -47.42
C PRO K 175 27.61 -7.13 -47.31
N GLY K 176 26.89 -7.03 -46.20
CA GLY K 176 25.63 -7.73 -46.04
C GLY K 176 24.47 -6.76 -46.14
N MSE K 177 24.46 -5.74 -45.28
CA MSE K 177 23.37 -4.78 -45.23
C MSE K 177 23.11 -4.05 -46.54
O MSE K 177 21.97 -4.00 -47.02
CB MSE K 177 23.66 -3.77 -44.12
CG MSE K 177 22.60 -2.67 -44.06
SE MSE K 177 23.07 -1.35 -42.67
CE MSE K 177 24.31 -0.20 -43.69
N ILE K 178 24.16 -3.47 -47.12
CA ILE K 178 23.99 -2.58 -48.28
C ILE K 178 23.61 -3.32 -49.57
N PRO K 179 24.22 -4.48 -49.85
CA PRO K 179 23.63 -5.28 -50.92
C PRO K 179 22.12 -5.55 -50.74
N MSE K 180 21.70 -5.89 -49.52
CA MSE K 180 20.29 -6.17 -49.23
C MSE K 180 19.41 -4.94 -49.34
O MSE K 180 18.25 -5.05 -49.76
CB MSE K 180 20.14 -6.86 -47.86
CG MSE K 180 20.68 -8.29 -47.95
SE MSE K 180 20.23 -9.35 -46.35
CE MSE K 180 21.86 -9.11 -45.25
N TRP K 181 19.92 -3.77 -48.95
CA TRP K 181 19.20 -2.50 -49.10
C TRP K 181 18.70 -2.36 -50.53
N MSE K 182 19.56 -2.71 -51.49
CA MSE K 182 19.30 -2.52 -52.91
C MSE K 182 18.56 -3.68 -53.53
O MSE K 182 17.54 -3.46 -54.19
CB MSE K 182 20.64 -2.38 -53.63
CG MSE K 182 21.39 -1.13 -53.19
SE MSE K 182 23.14 -1.27 -54.12
CE MSE K 182 23.94 0.39 -53.43
N PHE K 183 19.04 -4.89 -53.33
CA PHE K 183 18.45 -6.01 -54.04
C PHE K 183 17.08 -6.45 -53.54
N ALA K 184 16.77 -6.19 -52.28
CA ALA K 184 15.45 -6.56 -51.75
C ALA K 184 14.33 -5.78 -52.45
N PRO K 185 14.36 -4.42 -52.40
CA PRO K 185 13.30 -3.72 -53.13
C PRO K 185 13.32 -3.97 -54.63
N ALA K 186 14.51 -4.05 -55.23
CA ALA K 186 14.62 -4.19 -56.69
C ALA K 186 13.99 -5.50 -57.17
N ILE K 187 14.32 -6.59 -56.47
CA ILE K 187 13.80 -7.91 -56.82
C ILE K 187 12.32 -8.07 -56.41
N ALA K 188 11.93 -7.51 -55.27
CA ALA K 188 10.52 -7.58 -54.86
C ALA K 188 9.63 -6.90 -55.91
N CYS K 189 10.13 -5.83 -56.52
CA CYS K 189 9.38 -5.10 -57.55
C CYS K 189 9.29 -5.86 -58.89
N GLY K 190 10.03 -6.96 -59.03
CA GLY K 190 9.98 -7.78 -60.25
C GLY K 190 11.09 -7.52 -61.24
N ASN K 191 12.16 -6.88 -60.78
CA ASN K 191 13.37 -6.70 -61.58
C ASN K 191 14.36 -7.86 -61.38
N ALA K 192 15.31 -7.98 -62.31
CA ALA K 192 16.50 -8.77 -62.06
C ALA K 192 17.56 -7.78 -61.56
N PHE K 193 18.58 -8.28 -60.90
CA PHE K 193 19.53 -7.41 -60.25
C PHE K 193 20.95 -7.98 -60.31
N ILE K 194 21.87 -7.12 -60.70
CA ILE K 194 23.29 -7.47 -60.73
C ILE K 194 24.01 -6.70 -59.64
N LEU K 195 24.56 -7.44 -58.68
CA LEU K 195 25.32 -6.88 -57.58
C LEU K 195 26.82 -6.87 -57.89
N LYS K 196 27.45 -5.75 -57.67
CA LYS K 196 28.88 -5.60 -57.79
C LYS K 196 29.43 -5.15 -56.44
N PRO K 197 29.65 -6.11 -55.56
CA PRO K 197 30.05 -5.76 -54.21
C PRO K 197 31.53 -5.40 -54.15
N SER K 198 31.96 -4.85 -53.01
CA SER K 198 33.36 -4.54 -52.79
C SER K 198 34.22 -5.79 -52.87
N GLU K 199 35.31 -5.69 -53.61
CA GLU K 199 36.26 -6.77 -53.77
C GLU K 199 37.15 -6.97 -52.52
N ARG K 200 36.96 -6.14 -51.49
CA ARG K 200 37.72 -6.30 -50.25
C ARG K 200 37.22 -7.51 -49.43
N ASP K 201 35.92 -7.74 -49.47
CA ASP K 201 35.28 -8.74 -48.61
C ASP K 201 34.03 -9.34 -49.27
N PRO K 202 34.23 -10.16 -50.32
CA PRO K 202 33.15 -10.58 -51.21
C PRO K 202 32.46 -11.89 -50.85
N SER K 203 32.87 -12.53 -49.75
CA SER K 203 32.27 -13.81 -49.36
C SER K 203 30.76 -13.73 -49.11
N VAL K 204 30.37 -12.83 -48.20
CA VAL K 204 28.95 -12.65 -47.84
C VAL K 204 28.01 -12.47 -49.07
N PRO K 205 28.28 -11.48 -49.95
CA PRO K 205 27.40 -11.31 -51.12
C PRO K 205 27.14 -12.58 -51.94
N ILE K 206 28.17 -13.39 -52.21
CA ILE K 206 27.93 -14.65 -52.91
C ILE K 206 27.04 -15.58 -52.09
N ARG K 207 27.35 -15.71 -50.79
CA ARG K 207 26.53 -16.55 -49.93
C ARG K 207 25.06 -16.05 -49.88
N LEU K 208 24.85 -14.74 -49.88
CA LEU K 208 23.49 -14.17 -49.89
C LEU K 208 22.70 -14.55 -51.16
N ALA K 209 23.36 -14.50 -52.31
CA ALA K 209 22.74 -14.86 -53.58
C ALA K 209 22.42 -16.36 -53.62
N GLU K 210 23.29 -17.14 -52.97
CA GLU K 210 23.13 -18.59 -52.85
C GLU K 210 21.92 -18.93 -52.00
N LEU K 211 21.74 -18.20 -50.90
CA LEU K 211 20.59 -18.38 -50.01
C LEU K 211 19.27 -17.92 -50.64
N MSE K 212 19.34 -16.91 -51.52
CA MSE K 212 18.15 -16.48 -52.28
C MSE K 212 17.63 -17.60 -53.15
O MSE K 212 16.41 -17.81 -53.22
CB MSE K 212 18.44 -15.24 -53.11
CG MSE K 212 18.40 -13.96 -52.26
SE MSE K 212 16.60 -13.48 -51.55
CE MSE K 212 15.97 -12.44 -53.11
N ILE K 213 18.53 -18.34 -53.81
CA ILE K 213 18.16 -19.53 -54.59
C ILE K 213 17.46 -20.54 -53.68
N GLU K 214 18.09 -20.88 -52.56
CA GLU K 214 17.54 -21.81 -51.59
C GLU K 214 16.17 -21.33 -51.07
N ALA K 215 15.96 -20.02 -51.04
CA ALA K 215 14.68 -19.40 -50.67
C ALA K 215 13.60 -19.46 -51.76
N GLY K 216 13.97 -19.85 -52.99
CA GLY K 216 13.00 -19.97 -54.09
C GLY K 216 13.12 -18.95 -55.21
N LEU K 217 14.12 -18.07 -55.13
CA LEU K 217 14.33 -17.09 -56.18
C LEU K 217 14.77 -17.81 -57.44
N PRO K 218 14.13 -17.52 -58.58
CA PRO K 218 14.58 -18.16 -59.82
C PRO K 218 16.04 -17.83 -60.12
N ALA K 219 16.73 -18.79 -60.74
CA ALA K 219 18.08 -18.58 -61.26
C ALA K 219 18.11 -17.36 -62.17
N GLY K 220 19.11 -16.49 -61.98
CA GLY K 220 19.31 -15.37 -62.87
C GLY K 220 18.72 -14.06 -62.40
N ILE K 221 17.91 -14.10 -61.34
CA ILE K 221 17.27 -12.90 -60.83
C ILE K 221 18.22 -12.12 -59.90
N LEU K 222 19.04 -12.83 -59.14
CA LEU K 222 20.12 -12.18 -58.38
C LEU K 222 21.46 -12.79 -58.78
N ASN K 223 22.21 -12.07 -59.62
CA ASN K 223 23.56 -12.46 -59.98
C ASN K 223 24.55 -11.57 -59.28
N VAL K 224 25.73 -12.11 -58.97
CA VAL K 224 26.80 -11.37 -58.34
C VAL K 224 28.01 -11.36 -59.25
N VAL K 225 28.44 -10.16 -59.61
CA VAL K 225 29.59 -10.01 -60.48
C VAL K 225 30.65 -9.26 -59.72
N ASN K 226 31.76 -9.94 -59.42
CA ASN K 226 32.85 -9.35 -58.69
C ASN K 226 33.82 -8.67 -59.63
N GLY K 227 34.52 -7.68 -59.10
CA GLY K 227 35.46 -6.92 -59.88
C GLY K 227 35.70 -5.53 -59.35
N ASP K 228 36.45 -4.76 -60.15
CA ASP K 228 36.86 -3.43 -59.73
C ASP K 228 36.18 -2.39 -60.62
N LYS K 229 36.92 -1.31 -60.93
CA LYS K 229 36.46 -0.25 -61.78
C LYS K 229 36.01 -0.76 -63.16
N GLY K 230 36.71 -1.78 -63.69
CA GLY K 230 36.34 -2.42 -64.96
C GLY K 230 34.91 -2.93 -64.99
N ALA K 231 34.54 -3.70 -63.97
CA ALA K 231 33.18 -4.21 -63.82
C ALA K 231 32.14 -3.07 -63.72
N VAL K 232 32.45 -2.04 -62.93
CA VAL K 232 31.59 -0.87 -62.78
C VAL K 232 31.36 -0.19 -64.11
N ASP K 233 32.44 0.05 -64.84
CA ASP K 233 32.33 0.70 -66.15
C ASP K 233 31.50 -0.11 -67.14
N ALA K 234 31.71 -1.42 -67.16
CA ALA K 234 30.88 -2.32 -67.98
C ALA K 234 29.40 -2.24 -67.59
N ILE K 235 29.11 -2.23 -66.28
CA ILE K 235 27.73 -1.99 -65.83
C ILE K 235 27.18 -0.66 -66.36
N LEU K 236 27.96 0.41 -66.19
CA LEU K 236 27.48 1.75 -66.47
C LEU K 236 27.22 1.98 -67.96
N THR K 237 27.93 1.25 -68.83
CA THR K 237 27.72 1.41 -70.27
C THR K 237 26.88 0.30 -70.89
N HIS K 238 26.51 -0.74 -70.13
CA HIS K 238 25.64 -1.77 -70.72
C HIS K 238 24.23 -1.25 -71.05
N PRO K 239 23.85 -1.28 -72.36
CA PRO K 239 22.55 -0.74 -72.77
C PRO K 239 21.34 -1.44 -72.12
N ASP K 240 21.49 -2.66 -71.60
CA ASP K 240 20.33 -3.38 -71.07
C ASP K 240 20.03 -3.17 -69.60
N ILE K 241 20.93 -2.48 -68.89
CA ILE K 241 20.75 -2.14 -67.50
C ILE K 241 20.10 -0.77 -67.40
N ALA K 242 18.96 -0.71 -66.72
CA ALA K 242 18.13 0.49 -66.67
C ALA K 242 18.45 1.42 -65.50
N ALA K 243 18.99 0.87 -64.43
CA ALA K 243 19.08 1.60 -63.18
C ALA K 243 20.28 1.17 -62.36
N VAL K 244 20.92 2.15 -61.74
CA VAL K 244 22.10 1.90 -60.94
C VAL K 244 21.95 2.52 -59.55
N SER K 245 22.25 1.74 -58.52
CA SER K 245 22.36 2.25 -57.15
C SER K 245 23.81 2.11 -56.68
N PHE K 246 24.34 3.13 -56.03
CA PHE K 246 25.72 3.13 -55.57
C PHE K 246 25.79 3.63 -54.14
N VAL K 247 26.64 3.00 -53.34
CA VAL K 247 26.96 3.47 -52.00
C VAL K 247 28.47 3.32 -51.81
N GLY K 248 29.15 4.40 -51.41
CA GLY K 248 30.60 4.41 -51.33
C GLY K 248 31.13 5.78 -51.00
N SER K 249 32.36 6.07 -51.42
CA SER K 249 32.96 7.36 -51.15
C SER K 249 32.34 8.42 -52.06
N THR K 250 32.40 9.68 -51.62
CA THR K 250 31.85 10.76 -52.42
C THR K 250 32.44 10.84 -53.84
N PRO K 251 33.79 10.83 -53.99
CA PRO K 251 34.30 10.97 -55.37
C PRO K 251 33.78 9.87 -56.32
N ILE K 252 33.67 8.65 -55.84
CA ILE K 252 33.18 7.58 -56.71
C ILE K 252 31.67 7.69 -56.89
N ALA K 253 30.97 8.15 -55.85
CA ALA K 253 29.54 8.43 -55.99
C ALA K 253 29.26 9.40 -57.15
N ARG K 254 30.00 10.51 -57.22
CA ARG K 254 29.86 11.53 -58.28
C ARG K 254 30.14 10.96 -59.65
N TYR K 255 31.24 10.21 -59.75
CA TYR K 255 31.63 9.59 -61.01
C TYR K 255 30.52 8.65 -61.51
N VAL K 256 30.07 7.77 -60.62
CA VAL K 256 29.04 6.79 -60.95
C VAL K 256 27.73 7.50 -61.29
N TYR K 257 27.39 8.54 -60.52
CA TYR K 257 26.16 9.27 -60.78
C TYR K 257 26.16 9.93 -62.16
N GLY K 258 27.22 10.68 -62.45
CA GLY K 258 27.40 11.35 -63.75
C GLY K 258 27.52 10.42 -64.94
N THR K 259 28.28 9.32 -64.82
CA THR K 259 28.45 8.38 -65.93
C THR K 259 27.16 7.59 -66.21
N ALA K 260 26.46 7.19 -65.14
CA ALA K 260 25.16 6.53 -65.27
C ALA K 260 24.18 7.40 -66.06
N ALA K 261 24.07 8.66 -65.65
CA ALA K 261 23.18 9.60 -66.35
C ALA K 261 23.62 9.89 -67.79
N MSE K 262 24.93 9.95 -68.04
CA MSE K 262 25.43 10.20 -69.40
C MSE K 262 25.02 9.05 -70.26
O MSE K 262 24.88 9.21 -71.47
CB MSE K 262 26.96 10.33 -69.50
CG MSE K 262 27.55 11.67 -69.04
SE MSE K 262 26.92 13.16 -70.17
CE MSE K 262 28.41 14.42 -69.89
N ASN K 263 24.86 7.87 -69.67
CA ASN K 263 24.39 6.70 -70.40
C ASN K 263 22.87 6.55 -70.41
N GLY K 264 22.18 7.54 -69.84
CA GLY K 264 20.73 7.58 -69.86
C GLY K 264 20.04 6.78 -68.79
N LYS K 265 20.79 6.25 -67.83
CA LYS K 265 20.25 5.38 -66.79
C LYS K 265 19.68 6.25 -65.66
N ARG K 266 18.72 5.71 -64.93
CA ARG K 266 18.36 6.31 -63.65
C ARG K 266 19.42 5.91 -62.61
N ALA K 267 19.70 6.81 -61.67
CA ALA K 267 20.77 6.58 -60.72
C ALA K 267 20.45 7.19 -59.38
N GLN K 268 20.85 6.49 -58.31
CA GLN K 268 20.86 7.05 -56.97
C GLN K 268 22.24 6.72 -56.38
N CYS K 269 22.92 7.75 -55.87
CA CYS K 269 24.27 7.54 -55.31
C CYS K 269 24.47 8.15 -53.94
N PHE K 270 25.19 7.42 -53.09
CA PHE K 270 25.32 7.81 -51.68
C PHE K 270 26.78 7.78 -51.29
N GLY K 271 27.22 8.85 -50.64
CA GLY K 271 28.63 9.16 -50.54
C GLY K 271 29.17 9.19 -49.12
N GLY K 272 30.14 10.07 -48.89
CA GLY K 272 30.84 10.14 -47.60
C GLY K 272 30.20 11.02 -46.52
N ALA K 273 30.92 11.16 -45.40
CA ALA K 273 30.40 11.81 -44.20
C ALA K 273 31.47 12.44 -43.33
N LYS K 274 31.07 13.49 -42.60
CA LYS K 274 31.78 13.93 -41.40
C LYS K 274 30.72 14.31 -40.38
N ASN K 275 30.10 13.29 -39.77
CA ASN K 275 29.01 13.51 -38.83
C ASN K 275 29.47 14.17 -37.54
N HIS K 276 28.78 15.27 -37.19
CA HIS K 276 28.99 16.03 -35.98
C HIS K 276 27.95 15.65 -34.90
N MSE K 277 28.35 15.59 -33.64
CA MSE K 277 27.38 15.59 -32.53
C MSE K 277 27.57 16.87 -31.77
O MSE K 277 28.68 17.18 -31.30
CB MSE K 277 27.60 14.43 -31.54
CG MSE K 277 26.73 14.57 -30.28
SE MSE K 277 27.25 13.29 -28.85
CE MSE K 277 26.96 11.68 -29.93
N ILE K 278 26.48 17.61 -31.60
CA ILE K 278 26.51 18.86 -30.85
C ILE K 278 26.05 18.54 -29.43
N ILE K 279 26.83 18.94 -28.45
CA ILE K 279 26.48 18.69 -27.06
C ILE K 279 26.19 20.01 -26.37
N MSE K 280 24.90 20.25 -26.08
CA MSE K 280 24.46 21.49 -25.42
C MSE K 280 24.77 21.40 -23.95
O MSE K 280 24.91 20.30 -23.41
CB MSE K 280 22.95 21.70 -25.58
CG MSE K 280 22.52 21.96 -27.02
SE MSE K 280 23.26 23.66 -27.72
CE MSE K 280 22.30 24.94 -26.56
N PRO K 281 24.82 22.57 -23.25
CA PRO K 281 25.19 22.59 -21.83
C PRO K 281 24.21 21.86 -20.91
N ASP K 282 22.98 21.63 -21.36
CA ASP K 282 21.97 20.99 -20.54
C ASP K 282 21.85 19.50 -20.81
N ALA K 283 22.77 18.96 -21.61
CA ALA K 283 22.67 17.56 -22.04
C ALA K 283 22.97 16.61 -20.90
N ASP K 284 22.49 15.38 -21.01
CA ASP K 284 22.95 14.31 -20.10
C ASP K 284 24.35 13.96 -20.60
N LEU K 285 25.36 14.50 -19.92
CA LEU K 285 26.74 14.38 -20.37
C LEU K 285 27.25 12.96 -20.30
N ASP K 286 26.73 12.20 -19.31
CA ASP K 286 27.06 10.79 -19.17
C ASP K 286 26.57 9.96 -20.34
N GLN K 287 25.30 10.16 -20.71
CA GLN K 287 24.78 9.51 -21.89
C GLN K 287 25.46 9.94 -23.18
N ALA K 288 25.75 11.23 -23.31
CA ALA K 288 26.48 11.74 -24.48
C ALA K 288 27.87 11.11 -24.60
N ALA K 289 28.58 11.00 -23.49
CA ALA K 289 29.93 10.48 -23.53
C ALA K 289 29.90 8.99 -23.89
N ASN K 290 28.96 8.25 -23.32
CA ASN K 290 28.82 6.84 -23.68
C ASN K 290 28.45 6.64 -25.15
N ALA K 291 27.55 7.49 -25.67
CA ALA K 291 27.18 7.50 -27.09
C ALA K 291 28.39 7.72 -27.98
N LEU K 292 29.22 8.70 -27.61
CA LEU K 292 30.39 9.08 -28.41
C LEU K 292 31.42 7.94 -28.52
N ILE K 293 31.60 7.18 -27.45
CA ILE K 293 32.52 6.05 -27.49
C ILE K 293 32.04 4.97 -28.46
N GLY K 294 30.77 4.62 -28.39
CA GLY K 294 30.19 3.65 -29.33
C GLY K 294 30.22 4.18 -30.76
N ALA K 295 29.84 5.44 -30.95
CA ALA K 295 29.64 5.97 -32.31
C ALA K 295 30.94 6.45 -32.95
N GLY K 296 31.85 6.90 -32.11
CA GLY K 296 33.18 7.30 -32.56
C GLY K 296 34.14 6.15 -32.87
N TYR K 297 34.00 5.05 -32.15
CA TYR K 297 35.00 3.97 -32.20
C TYR K 297 34.45 2.59 -32.62
N GLY K 298 33.13 2.42 -32.58
CA GLY K 298 32.52 1.19 -33.13
C GLY K 298 32.94 0.96 -34.58
N SER K 299 33.18 -0.31 -34.96
CA SER K 299 33.74 -0.68 -36.27
C SER K 299 35.03 0.08 -36.62
N ALA K 300 35.80 0.43 -35.58
CA ALA K 300 37.02 1.23 -35.74
C ALA K 300 36.77 2.53 -36.52
N GLY K 301 35.57 3.09 -36.35
CA GLY K 301 35.18 4.36 -36.98
C GLY K 301 34.92 4.25 -38.48
N GLU K 302 34.92 3.01 -38.99
CA GLU K 302 34.74 2.76 -40.42
C GLU K 302 33.28 2.76 -40.82
N ARG K 303 32.59 3.87 -40.55
CA ARG K 303 31.18 3.96 -40.90
C ARG K 303 30.90 5.35 -41.46
N CYS K 304 29.99 5.42 -42.43
CA CYS K 304 29.56 6.71 -42.95
C CYS K 304 28.56 7.35 -41.99
N MSE K 305 28.24 6.65 -40.90
CA MSE K 305 27.39 7.25 -39.85
C MSE K 305 28.10 7.24 -38.50
O MSE K 305 27.50 7.49 -37.47
CB MSE K 305 26.02 6.56 -39.81
CG MSE K 305 25.21 6.78 -41.09
SE MSE K 305 24.55 8.63 -41.33
CE MSE K 305 23.13 8.58 -39.97
N ALA K 306 29.40 6.97 -38.50
CA ALA K 306 30.22 7.21 -37.31
C ALA K 306 30.19 8.70 -36.94
N ILE K 307 30.23 9.00 -35.65
CA ILE K 307 30.47 10.38 -35.24
C ILE K 307 31.98 10.63 -35.24
N SER K 308 32.42 11.56 -36.06
CA SER K 308 33.84 11.86 -36.15
C SER K 308 34.17 13.24 -35.58
N VAL K 309 33.13 14.03 -35.27
CA VAL K 309 33.31 15.36 -34.64
C VAL K 309 32.34 15.54 -33.46
N ALA K 310 32.89 15.80 -32.28
CA ALA K 310 32.09 16.17 -31.12
C ALA K 310 32.16 17.68 -31.00
N VAL K 311 31.01 18.33 -30.84
CA VAL K 311 30.95 19.80 -30.73
C VAL K 311 30.30 20.21 -29.40
N PRO K 312 31.10 20.22 -28.33
CA PRO K 312 30.52 20.68 -27.06
C PRO K 312 30.35 22.19 -27.10
N VAL K 313 29.30 22.67 -26.44
CA VAL K 313 28.95 24.07 -26.43
C VAL K 313 29.31 24.67 -25.08
N GLY K 314 30.27 25.59 -25.10
CA GLY K 314 30.75 26.24 -23.88
C GLY K 314 31.90 25.47 -23.25
N GLU K 315 32.70 26.20 -22.48
CA GLU K 315 33.91 25.71 -21.82
C GLU K 315 33.70 24.54 -20.87
N GLU K 316 32.79 24.72 -19.93
CA GLU K 316 32.60 23.70 -18.92
C GLU K 316 32.14 22.40 -19.57
N THR K 317 31.21 22.49 -20.51
CA THR K 317 30.71 21.32 -21.24
C THR K 317 31.86 20.56 -21.91
N ALA K 318 32.74 21.30 -22.59
CA ALA K 318 33.89 20.69 -23.25
C ALA K 318 34.83 20.01 -22.27
N ASN K 319 35.19 20.73 -21.20
CA ASN K 319 36.12 20.17 -20.22
C ASN K 319 35.58 18.87 -19.59
N ARG K 320 34.31 18.89 -19.20
CA ARG K 320 33.69 17.72 -18.56
C ARG K 320 33.53 16.54 -19.53
N LEU K 321 33.06 16.84 -20.74
CA LEU K 321 32.97 15.85 -21.78
C LEU K 321 34.33 15.19 -22.07
N ILE K 322 35.37 15.99 -22.28
CA ILE K 322 36.71 15.46 -22.51
C ILE K 322 37.15 14.60 -21.33
N ASP K 323 36.85 15.04 -20.12
CA ASP K 323 37.19 14.33 -18.90
C ASP K 323 36.56 12.96 -18.88
N LYS K 324 35.34 12.84 -19.36
CA LYS K 324 34.61 11.57 -19.40
C LYS K 324 35.10 10.63 -20.51
N LEU K 325 35.44 11.20 -21.66
CA LEU K 325 35.83 10.41 -22.83
C LEU K 325 37.18 9.72 -22.70
N VAL K 326 38.15 10.45 -22.17
CA VAL K 326 39.54 10.01 -22.22
C VAL K 326 39.72 8.61 -21.62
N PRO K 327 39.30 8.40 -20.34
CA PRO K 327 39.49 7.08 -19.76
C PRO K 327 38.82 5.97 -20.60
N MSE K 328 37.69 6.30 -21.21
CA MSE K 328 36.92 5.31 -21.97
C MSE K 328 37.59 5.02 -23.28
O MSE K 328 37.57 3.89 -23.74
CB MSE K 328 35.47 5.74 -22.16
CG MSE K 328 34.78 5.70 -20.80
SE MSE K 328 32.82 5.68 -21.04
CE MSE K 328 32.62 7.59 -21.43
N VAL K 329 38.24 6.00 -23.89
CA VAL K 329 38.99 5.74 -25.12
C VAL K 329 40.22 4.89 -24.79
N GLU K 330 40.89 5.20 -23.69
CA GLU K 330 42.10 4.48 -23.30
C GLU K 330 41.83 3.04 -22.91
N SER K 331 40.65 2.74 -22.37
CA SER K 331 40.37 1.39 -21.97
C SER K 331 39.62 0.53 -23.01
N LEU K 332 39.55 1.00 -24.25
CA LEU K 332 38.95 0.22 -25.33
C LEU K 332 39.73 -1.06 -25.54
N ARG K 333 39.03 -2.18 -25.64
CA ARG K 333 39.69 -3.43 -25.92
C ARG K 333 39.76 -3.66 -27.42
N ILE K 334 40.97 -3.84 -27.93
CA ILE K 334 41.18 -3.96 -29.37
C ILE K 334 41.68 -5.38 -29.65
N GLY K 335 41.10 -6.02 -30.67
CA GLY K 335 41.45 -7.40 -30.96
C GLY K 335 40.83 -7.92 -32.25
N PRO K 336 41.22 -9.15 -32.64
CA PRO K 336 40.65 -9.84 -33.80
C PRO K 336 39.21 -10.29 -33.52
N TYR K 337 38.47 -10.67 -34.57
CA TYR K 337 37.07 -11.09 -34.37
C TYR K 337 36.97 -12.32 -33.48
N THR K 338 38.05 -13.08 -33.38
CA THR K 338 38.11 -14.30 -32.56
C THR K 338 38.14 -13.99 -31.07
N ASP K 339 38.53 -12.76 -30.73
CA ASP K 339 38.44 -12.27 -29.35
C ASP K 339 37.07 -11.66 -29.13
N GLU K 340 36.19 -12.35 -28.43
CA GLU K 340 34.83 -11.92 -28.36
C GLU K 340 34.61 -10.86 -27.29
N LYS K 341 35.68 -10.46 -26.65
CA LYS K 341 35.64 -9.34 -25.71
C LYS K 341 36.02 -8.01 -26.37
N ALA K 342 36.58 -8.06 -27.58
CA ALA K 342 37.10 -6.87 -28.22
C ALA K 342 35.98 -5.86 -28.53
N ASP K 343 36.28 -4.57 -28.33
CA ASP K 343 35.33 -3.49 -28.69
C ASP K 343 35.52 -3.04 -30.13
N MSE K 344 36.66 -3.32 -30.69
CA MSE K 344 37.01 -2.88 -32.01
C MSE K 344 38.08 -3.75 -32.62
O MSE K 344 38.90 -4.29 -31.94
CB MSE K 344 37.45 -1.44 -31.71
CG MSE K 344 37.96 -0.60 -32.83
SE MSE K 344 38.60 1.11 -32.16
CE MSE K 344 40.43 0.95 -32.54
N GLY K 345 38.10 -3.83 -33.92
CA GLY K 345 39.07 -4.68 -34.62
C GLY K 345 40.07 -3.87 -35.45
N PRO K 346 40.80 -4.54 -36.36
CA PRO K 346 41.74 -3.86 -37.25
C PRO K 346 40.96 -3.09 -38.30
N VAL K 347 41.61 -2.18 -39.01
CA VAL K 347 40.98 -1.54 -40.17
C VAL K 347 41.15 -2.47 -41.39
N VAL K 348 40.55 -2.13 -42.53
CA VAL K 348 40.33 -3.12 -43.57
C VAL K 348 41.59 -3.52 -44.37
N THR K 349 42.45 -2.55 -44.66
CA THR K 349 43.67 -2.82 -45.40
C THR K 349 44.84 -2.15 -44.71
N LYS K 350 46.04 -2.64 -45.04
CA LYS K 350 47.29 -1.98 -44.72
C LYS K 350 47.29 -0.51 -45.20
N GLU K 351 46.71 -0.25 -46.38
CA GLU K 351 46.66 1.11 -46.94
C GLU K 351 45.76 2.02 -46.10
N ALA K 352 44.61 1.50 -45.69
CA ALA K 352 43.68 2.27 -44.87
C ALA K 352 44.35 2.69 -43.57
N GLU K 353 45.13 1.77 -42.98
CA GLU K 353 45.85 2.03 -41.74
C GLU K 353 46.87 3.16 -41.93
N GLN K 354 47.67 3.08 -42.99
CA GLN K 354 48.70 4.07 -43.20
C GLN K 354 48.05 5.43 -43.52
N ARG K 355 46.92 5.41 -44.20
CA ARG K 355 46.20 6.65 -44.51
C ARG K 355 45.64 7.33 -43.24
N ILE K 356 45.08 6.53 -42.34
CA ILE K 356 44.67 7.05 -41.05
C ILE K 356 45.87 7.62 -40.27
N ARG K 357 47.01 6.92 -40.26
CA ARG K 357 48.20 7.42 -39.57
C ARG K 357 48.70 8.73 -40.19
N SER K 358 48.62 8.81 -41.52
CA SER K 358 48.97 10.02 -42.22
C SER K 358 48.09 11.20 -41.75
N LEU K 359 46.80 10.96 -41.62
CA LEU K 359 45.90 12.01 -41.17
C LEU K 359 46.10 12.39 -39.69
N ILE K 360 46.37 11.40 -38.85
CA ILE K 360 46.68 11.67 -37.44
C ILE K 360 47.89 12.60 -37.34
N ASP K 361 48.95 12.26 -38.06
CA ASP K 361 50.15 13.06 -38.04
C ASP K 361 49.88 14.51 -38.49
N SER K 362 48.98 14.68 -39.46
CA SER K 362 48.61 16.01 -39.94
C SER K 362 47.93 16.86 -38.86
N GLY K 363 47.10 16.22 -38.05
CA GLY K 363 46.43 16.88 -36.94
C GLY K 363 47.39 17.41 -35.89
N ILE K 364 48.36 16.58 -35.49
CA ILE K 364 49.44 17.03 -34.63
C ILE K 364 50.16 18.22 -35.29
N GLU K 365 50.59 18.06 -36.55
CA GLU K 365 51.34 19.11 -37.23
C GLU K 365 50.59 20.44 -37.35
N GLN K 366 49.27 20.38 -37.47
CA GLN K 366 48.47 21.59 -37.64
C GLN K 366 48.00 22.19 -36.32
N GLY K 367 48.45 21.62 -35.21
CA GLY K 367 48.18 22.23 -33.90
C GLY K 367 47.08 21.63 -33.04
N ALA K 368 46.45 20.53 -33.45
CA ALA K 368 45.41 19.92 -32.61
C ALA K 368 46.07 19.24 -31.42
N LYS K 369 45.33 19.05 -30.34
CA LYS K 369 45.87 18.43 -29.12
C LYS K 369 45.47 16.96 -29.02
N LEU K 370 46.45 16.07 -29.13
CA LEU K 370 46.19 14.64 -29.08
C LEU K 370 46.10 14.13 -27.64
N VAL K 371 44.93 14.21 -27.02
CA VAL K 371 44.76 13.84 -25.62
C VAL K 371 44.73 12.33 -25.40
N VAL K 372 44.36 11.56 -26.43
CA VAL K 372 44.54 10.12 -26.39
C VAL K 372 45.24 9.70 -27.68
N ASP K 373 46.42 9.09 -27.53
CA ASP K 373 47.31 8.81 -28.64
C ASP K 373 47.36 7.30 -28.87
N GLY K 374 46.73 6.84 -29.93
CA GLY K 374 46.68 5.40 -30.19
C GLY K 374 47.71 4.89 -31.19
N ARG K 375 48.66 5.74 -31.59
CA ARG K 375 49.62 5.40 -32.65
C ARG K 375 50.52 4.24 -32.29
N ASP K 376 50.85 4.10 -31.01
CA ASP K 376 51.80 3.10 -30.54
C ASP K 376 51.23 1.71 -30.37
N PHE K 377 49.91 1.58 -30.44
CA PHE K 377 49.28 0.29 -30.20
C PHE K 377 49.83 -0.86 -31.05
N LYS K 378 50.19 -1.96 -30.39
CA LYS K 378 50.60 -3.20 -31.06
C LYS K 378 49.94 -4.34 -30.32
N LEU K 379 49.38 -5.28 -31.08
CA LEU K 379 48.77 -6.46 -30.49
C LEU K 379 49.68 -7.68 -30.62
N GLN K 380 50.06 -8.28 -29.49
CA GLN K 380 50.95 -9.44 -29.50
C GLN K 380 50.35 -10.58 -30.32
N GLY K 381 51.17 -11.20 -31.16
CA GLY K 381 50.70 -12.25 -32.05
C GLY K 381 50.00 -11.74 -33.30
N TYR K 382 49.69 -10.44 -33.35
CA TYR K 382 49.03 -9.85 -34.52
C TYR K 382 49.75 -8.59 -34.97
N GLU K 383 51.07 -8.64 -34.97
CA GLU K 383 51.92 -7.49 -35.30
C GLU K 383 51.75 -6.97 -36.72
N ASN K 384 51.43 -7.83 -37.68
CA ASN K 384 51.16 -7.39 -39.05
C ASN K 384 49.69 -7.10 -39.36
N GLY K 385 48.80 -7.34 -38.40
CA GLY K 385 47.39 -6.95 -38.53
C GLY K 385 47.24 -5.44 -38.58
N HIS K 386 46.13 -4.95 -39.10
CA HIS K 386 45.99 -3.53 -39.38
C HIS K 386 45.37 -2.77 -38.20
N PHE K 387 46.01 -2.89 -37.04
CA PHE K 387 45.51 -2.32 -35.80
C PHE K 387 46.02 -0.91 -35.51
N ILE K 388 45.11 0.00 -35.13
CA ILE K 388 45.48 1.34 -34.64
C ILE K 388 44.68 1.56 -33.37
N GLY K 389 45.31 2.12 -32.35
CA GLY K 389 44.61 2.44 -31.11
C GLY K 389 43.69 3.63 -31.31
N GLY K 390 42.65 3.74 -30.47
CA GLY K 390 41.77 4.91 -30.47
C GLY K 390 42.56 6.22 -30.35
N CYS K 391 42.16 7.23 -31.13
CA CYS K 391 42.73 8.56 -30.98
C CYS K 391 41.65 9.58 -30.66
N LEU K 392 42.02 10.56 -29.84
CA LEU K 392 41.09 11.65 -29.49
C LEU K 392 41.83 12.98 -29.56
N PHE K 393 41.37 13.85 -30.45
CA PHE K 393 41.94 15.19 -30.63
C PHE K 393 41.06 16.23 -29.95
N ASP K 394 41.68 17.20 -29.29
CA ASP K 394 40.98 18.35 -28.75
C ASP K 394 41.51 19.57 -29.49
N ASP K 395 40.81 20.69 -29.35
CA ASP K 395 41.20 21.97 -29.95
C ASP K 395 41.34 21.89 -31.47
N VAL K 396 40.44 21.14 -32.08
CA VAL K 396 40.40 21.02 -33.53
C VAL K 396 39.67 22.23 -34.09
N THR K 397 40.12 22.73 -35.23
CA THR K 397 39.49 23.87 -35.89
C THR K 397 39.16 23.54 -37.35
N PRO K 398 38.22 24.29 -37.97
CA PRO K 398 37.70 23.92 -39.30
C PRO K 398 38.70 23.94 -40.45
N ASP K 399 39.83 24.60 -40.26
CA ASP K 399 40.84 24.63 -41.30
C ASP K 399 41.74 23.39 -41.31
N MSE K 400 41.56 22.48 -40.35
CA MSE K 400 42.44 21.32 -40.28
C MSE K 400 41.96 20.20 -41.16
O MSE K 400 40.75 20.00 -41.32
CB MSE K 400 42.53 20.83 -38.84
CG MSE K 400 43.35 21.79 -37.99
SE MSE K 400 43.38 21.07 -36.15
CE MSE K 400 44.05 22.74 -35.34
N ASP K 401 42.91 19.47 -41.74
CA ASP K 401 42.59 18.27 -42.52
C ASP K 401 41.82 17.20 -41.76
N ILE K 402 42.10 17.00 -40.48
CA ILE K 402 41.34 16.03 -39.69
C ILE K 402 39.87 16.43 -39.51
N TYR K 403 39.57 17.70 -39.71
CA TYR K 403 38.20 18.21 -39.68
C TYR K 403 37.53 18.11 -41.06
N LYS K 404 38.29 18.48 -42.09
CA LYS K 404 37.76 18.53 -43.44
C LYS K 404 37.57 17.16 -44.09
N THR K 405 38.43 16.21 -43.73
CA THR K 405 38.53 14.90 -44.40
C THR K 405 37.90 13.77 -43.58
N GLU K 406 37.14 12.92 -44.26
CA GLU K 406 36.60 11.71 -43.67
C GLU K 406 37.76 10.75 -43.43
N ILE K 407 38.10 10.53 -42.17
CA ILE K 407 39.24 9.67 -41.84
C ILE K 407 38.88 8.18 -41.98
N PHE K 408 37.64 7.86 -41.63
CA PHE K 408 37.20 6.48 -41.70
C PHE K 408 38.07 5.59 -40.80
N GLY K 409 38.40 6.10 -39.62
CA GLY K 409 39.24 5.39 -38.68
C GLY K 409 38.89 5.77 -37.25
N PRO K 410 39.56 5.15 -36.25
CA PRO K 410 39.26 5.36 -34.85
C PRO K 410 39.82 6.69 -34.33
N VAL K 411 39.38 7.79 -34.94
CA VAL K 411 39.87 9.12 -34.63
C VAL K 411 38.73 10.13 -34.46
N LEU K 412 38.49 10.53 -33.21
CA LEU K 412 37.46 11.51 -32.90
C LEU K 412 38.05 12.90 -32.66
N SER K 413 37.45 13.91 -33.28
CA SER K 413 37.88 15.30 -33.13
C SER K 413 36.88 16.10 -32.30
N VAL K 414 37.39 16.89 -31.35
CA VAL K 414 36.57 17.77 -30.56
C VAL K 414 36.78 19.20 -31.00
N VAL K 415 35.69 19.85 -31.41
CA VAL K 415 35.75 21.25 -31.79
C VAL K 415 34.94 22.03 -30.77
N ARG K 416 35.57 23.00 -30.14
CA ARG K 416 34.91 23.69 -29.04
C ARG K 416 34.06 24.85 -29.57
N ALA K 417 32.75 24.78 -29.41
CA ALA K 417 31.91 25.89 -29.85
C ALA K 417 31.52 26.76 -28.67
N ARG K 418 31.40 28.07 -28.88
CA ARG K 418 31.09 29.01 -27.80
C ARG K 418 29.60 29.14 -27.54
N ASN K 419 28.80 28.92 -28.57
CA ASN K 419 27.35 29.03 -28.44
C ASN K 419 26.63 28.14 -29.46
N TYR K 420 25.31 28.12 -29.39
CA TYR K 420 24.49 27.30 -30.25
C TYR K 420 24.65 27.64 -31.74
N GLU K 421 24.60 28.92 -32.05
CA GLU K 421 24.70 29.32 -33.44
C GLU K 421 26.04 28.92 -34.06
N GLU K 422 27.12 29.07 -33.31
CA GLU K 422 28.44 28.64 -33.78
C GLU K 422 28.48 27.11 -33.95
N ALA K 423 27.87 26.39 -33.01
CA ALA K 423 27.80 24.92 -33.06
C ALA K 423 27.03 24.44 -34.30
N LEU K 424 25.85 25.00 -34.50
CA LEU K 424 25.04 24.71 -35.67
C LEU K 424 25.80 24.97 -36.97
N SER K 425 26.54 26.08 -37.03
CA SER K 425 27.23 26.48 -38.27
C SER K 425 28.27 25.46 -38.75
N LEU K 426 28.84 24.70 -37.81
CA LEU K 426 29.87 23.72 -38.14
C LEU K 426 29.35 22.63 -39.09
N PRO K 427 28.34 21.81 -38.66
CA PRO K 427 27.79 20.88 -39.67
C PRO K 427 27.09 21.57 -40.88
N MSE K 428 26.52 22.75 -40.67
CA MSE K 428 25.87 23.48 -41.77
C MSE K 428 26.83 23.81 -42.90
O MSE K 428 26.50 23.63 -44.08
CB MSE K 428 25.21 24.74 -41.22
CG MSE K 428 24.40 25.50 -42.25
SE MSE K 428 22.56 24.78 -42.28
CE MSE K 428 21.90 25.57 -40.60
N LYS K 429 28.03 24.24 -42.54
CA LYS K 429 29.01 24.65 -43.58
C LYS K 429 29.86 23.49 -44.08
N HIS K 430 29.74 22.33 -43.47
CA HIS K 430 30.55 21.22 -43.92
C HIS K 430 30.09 20.72 -45.28
N GLU K 431 31.06 20.37 -46.12
CA GLU K 431 30.84 19.75 -47.43
C GLU K 431 29.94 18.49 -47.33
N TYR K 432 30.12 17.70 -46.27
CA TYR K 432 29.29 16.53 -46.07
C TYR K 432 28.04 16.79 -45.26
N GLY K 433 26.97 16.07 -45.60
CA GLY K 433 25.69 16.20 -44.90
C GLY K 433 24.97 14.89 -44.72
N ASN K 434 25.71 13.89 -44.25
CA ASN K 434 25.10 12.55 -44.04
C ASN K 434 24.23 12.49 -42.79
N GLY K 435 24.85 12.43 -41.63
CA GLY K 435 24.14 12.41 -40.34
C GLY K 435 24.65 13.51 -39.42
N VAL K 436 23.83 13.86 -38.42
CA VAL K 436 24.20 14.82 -37.39
C VAL K 436 23.36 14.49 -36.13
N ALA K 437 23.86 14.88 -34.96
CA ALA K 437 23.15 14.67 -33.71
C ALA K 437 23.21 15.91 -32.84
N ILE K 438 22.16 16.13 -32.05
CA ILE K 438 22.19 17.12 -31.01
C ILE K 438 21.76 16.50 -29.68
N TYR K 439 22.59 16.74 -28.68
CA TYR K 439 22.28 16.25 -27.36
C TYR K 439 21.89 17.45 -26.52
N THR K 440 20.64 17.43 -26.06
CA THR K 440 20.08 18.45 -25.22
C THR K 440 18.82 17.92 -24.55
N ARG K 441 18.40 18.58 -23.49
CA ARG K 441 17.13 18.32 -22.84
CA ARG K 441 17.12 18.33 -22.83
C ARG K 441 16.08 19.33 -23.31
N ASP K 442 16.52 20.32 -24.08
CA ASP K 442 15.68 21.48 -24.43
C ASP K 442 14.90 21.28 -25.72
N GLY K 443 13.57 21.27 -25.62
CA GLY K 443 12.71 21.04 -26.78
C GLY K 443 12.93 22.05 -27.89
N ASP K 444 13.11 23.31 -27.52
CA ASP K 444 13.36 24.38 -28.48
C ASP K 444 14.63 24.16 -29.29
N ALA K 445 15.73 23.88 -28.61
CA ALA K 445 17.02 23.78 -29.27
C ALA K 445 17.04 22.58 -30.23
N ALA K 446 16.45 21.48 -29.77
CA ALA K 446 16.36 20.27 -30.60
C ALA K 446 15.53 20.51 -31.87
N ARG K 447 14.36 21.11 -31.72
CA ARG K 447 13.44 21.31 -32.82
C ARG K 447 14.05 22.28 -33.82
N ASP K 448 14.62 23.37 -33.33
CA ASP K 448 15.22 24.38 -34.17
C ASP K 448 16.40 23.80 -34.96
N PHE K 449 17.27 23.07 -34.26
CA PHE K 449 18.47 22.48 -34.85
C PHE K 449 18.09 21.52 -35.96
N ALA K 450 17.20 20.59 -35.63
CA ALA K 450 16.76 19.57 -36.56
C ALA K 450 16.05 20.20 -37.75
N SER K 451 15.36 21.30 -37.51
CA SER K 451 14.63 21.95 -38.59
C SER K 451 15.57 22.59 -39.61
N ARG K 452 16.57 23.31 -39.10
CA ARG K 452 17.43 24.15 -39.91
C ARG K 452 18.58 23.42 -40.59
N ILE K 453 19.10 22.36 -39.97
CA ILE K 453 20.33 21.78 -40.45
C ILE K 453 20.20 21.20 -41.85
N ASN K 454 21.21 21.46 -42.70
CA ASN K 454 21.18 21.00 -44.10
C ASN K 454 21.71 19.58 -44.25
N ILE K 455 21.23 18.70 -43.36
CA ILE K 455 21.72 17.33 -43.28
C ILE K 455 20.54 16.34 -43.24
N GLY K 456 20.67 15.25 -43.97
CA GLY K 456 19.55 14.35 -44.22
C GLY K 456 19.03 13.53 -43.08
N MSE K 457 19.91 13.16 -42.15
CA MSE K 457 19.53 12.25 -41.09
C MSE K 457 19.93 12.87 -39.78
O MSE K 457 21.11 13.19 -39.56
CB MSE K 457 20.20 10.89 -41.39
CG MSE K 457 19.49 10.23 -42.58
SE MSE K 457 20.42 8.59 -43.14
CE MSE K 457 22.02 9.40 -43.96
N VAL K 458 18.95 13.06 -38.89
CA VAL K 458 19.20 13.85 -37.69
C VAL K 458 18.83 13.08 -36.46
N GLY K 459 19.77 13.03 -35.50
CA GLY K 459 19.50 12.43 -34.20
C GLY K 459 19.27 13.47 -33.12
N VAL K 460 18.21 13.29 -32.34
CA VAL K 460 17.98 14.09 -31.13
C VAL K 460 18.23 13.15 -29.94
N ASN K 461 19.36 13.33 -29.25
CA ASN K 461 19.82 12.41 -28.21
C ASN K 461 20.01 10.97 -28.74
N VAL K 462 20.32 10.88 -30.02
CA VAL K 462 20.55 9.62 -30.75
C VAL K 462 21.83 9.86 -31.56
N PRO K 463 22.85 9.00 -31.39
CA PRO K 463 24.13 9.34 -32.00
C PRO K 463 24.28 8.90 -33.46
N ILE K 464 23.60 7.83 -33.84
CA ILE K 464 23.70 7.30 -35.17
C ILE K 464 22.28 7.20 -35.74
N PRO K 465 21.75 8.32 -36.24
CA PRO K 465 20.34 8.38 -36.62
C PRO K 465 20.08 7.71 -37.96
N VAL K 466 20.47 6.45 -38.06
CA VAL K 466 20.19 5.64 -39.25
C VAL K 466 18.73 5.21 -39.21
N PRO K 467 17.93 5.67 -40.18
CA PRO K 467 16.54 5.26 -40.19
C PRO K 467 16.36 3.75 -40.39
N LEU K 468 15.24 3.23 -39.89
CA LEU K 468 14.95 1.82 -40.08
C LEU K 468 14.45 1.56 -41.49
N ALA K 469 14.37 0.26 -41.82
CA ALA K 469 14.07 -0.23 -43.18
C ALA K 469 12.81 0.33 -43.81
N TYR K 470 11.78 0.57 -43.00
CA TYR K 470 10.49 1.06 -43.50
C TYR K 470 10.41 2.58 -43.55
N HIS K 471 11.44 3.24 -43.03
CA HIS K 471 11.71 4.65 -43.41
C HIS K 471 12.82 4.63 -44.45
N SER K 472 13.46 5.75 -44.72
CA SER K 472 14.44 5.78 -45.81
C SER K 472 15.76 6.41 -45.41
N PHE K 473 16.83 6.07 -46.15
CA PHE K 473 18.20 6.51 -45.82
C PHE K 473 18.74 7.43 -46.92
N GLY K 474 19.27 8.58 -46.52
CA GLY K 474 20.06 9.39 -47.46
C GLY K 474 20.55 10.68 -46.85
N GLY K 475 21.79 11.06 -47.21
CA GLY K 475 22.38 12.32 -46.79
C GLY K 475 22.06 13.43 -47.77
N TRP K 476 22.47 14.66 -47.44
CA TRP K 476 22.31 15.81 -48.32
C TRP K 476 23.70 16.30 -48.73
N LYS K 477 23.72 17.45 -49.39
CA LYS K 477 24.96 18.06 -49.87
C LYS K 477 25.80 17.02 -50.63
N SER K 478 27.11 16.94 -50.38
CA SER K 478 27.97 16.00 -51.14
CA SER K 478 27.94 16.00 -51.16
C SER K 478 27.79 14.54 -50.72
N SER K 479 26.86 14.27 -49.80
CA SER K 479 26.66 12.89 -49.32
C SER K 479 25.67 12.05 -50.11
N SER K 480 24.93 12.65 -51.04
CA SER K 480 24.06 11.90 -51.93
C SER K 480 23.87 12.59 -53.26
N PHE K 481 23.44 11.82 -54.25
CA PHE K 481 23.11 12.31 -55.56
C PHE K 481 21.88 11.60 -56.07
N GLY K 482 20.97 12.38 -56.66
CA GLY K 482 19.70 11.86 -57.16
C GLY K 482 18.53 12.41 -56.37
N ASP K 483 17.36 11.80 -56.55
CA ASP K 483 16.17 12.34 -55.90
C ASP K 483 15.38 11.30 -55.10
N LEU K 484 15.95 10.10 -54.95
CA LEU K 484 15.31 9.04 -54.19
C LEU K 484 16.27 8.37 -53.20
N ASN K 485 15.82 8.19 -51.98
CA ASN K 485 16.64 7.56 -50.91
C ASN K 485 16.76 6.03 -51.02
N GLN K 486 17.59 5.44 -50.16
CA GLN K 486 17.66 3.96 -50.03
C GLN K 486 16.50 3.45 -49.15
N HIS K 487 16.10 2.20 -49.37
CA HIS K 487 14.91 1.57 -48.78
C HIS K 487 13.66 2.46 -48.63
N GLY K 488 12.77 2.14 -47.71
CA GLY K 488 11.53 2.88 -47.56
C GLY K 488 10.71 2.81 -48.84
N THR K 489 9.70 3.67 -48.91
CA THR K 489 8.88 3.80 -50.11
C THR K 489 9.66 4.42 -51.28
N ASP K 490 10.73 5.16 -50.97
CA ASP K 490 11.57 5.75 -52.03
C ASP K 490 12.11 4.65 -52.89
N SER K 491 12.55 3.56 -52.25
CA SER K 491 13.17 2.46 -53.00
C SER K 491 12.19 1.80 -53.97
N ILE K 492 10.92 1.72 -53.59
CA ILE K 492 9.90 1.18 -54.50
C ILE K 492 9.68 2.11 -55.72
N LYS K 493 9.79 3.39 -55.51
CA LYS K 493 9.78 4.37 -56.57
C LYS K 493 10.93 4.22 -57.52
N PHE K 494 12.07 3.97 -56.98
CA PHE K 494 13.30 3.89 -57.77
C PHE K 494 13.30 2.70 -58.69
N TRP K 495 12.73 1.59 -58.21
CA TRP K 495 12.77 0.33 -58.92
C TRP K 495 11.54 0.00 -59.76
N THR K 496 10.61 0.95 -59.85
CA THR K 496 9.48 0.82 -60.76
C THR K 496 9.42 2.01 -61.71
N ARG K 497 8.82 1.80 -62.88
CA ARG K 497 8.44 2.92 -63.73
C ARG K 497 6.92 2.99 -63.80
N THR K 498 6.39 4.21 -63.85
CA THR K 498 4.96 4.45 -63.86
C THR K 498 4.39 4.40 -65.26
N LYS K 499 3.30 3.68 -65.41
CA LYS K 499 2.53 3.63 -66.65
C LYS K 499 1.13 4.17 -66.32
N THR K 500 0.60 5.10 -67.11
CA THR K 500 -0.77 5.60 -66.88
C THR K 500 -1.71 5.31 -68.04
N ILE K 501 -2.84 4.71 -67.70
CA ILE K 501 -3.83 4.28 -68.68
C ILE K 501 -5.06 5.18 -68.60
N THR K 502 -5.51 5.68 -69.75
CA THR K 502 -6.76 6.42 -69.83
C THR K 502 -7.71 5.62 -70.70
N SER K 503 -8.88 5.35 -70.16
CA SER K 503 -9.73 4.32 -70.70
C SER K 503 -11.20 4.73 -70.87
N ARG K 504 -11.74 4.38 -72.03
CA ARG K 504 -13.17 4.53 -72.29
C ARG K 504 -13.58 3.53 -73.36
N TRP K 505 -14.87 3.38 -73.56
CA TRP K 505 -15.41 2.40 -74.50
C TRP K 505 -16.55 3.00 -75.32
N PRO K 506 -16.65 2.62 -76.61
CA PRO K 506 -17.80 3.13 -77.37
C PRO K 506 -19.05 2.33 -77.02
N SER K 507 -20.20 2.81 -77.49
CA SER K 507 -21.45 2.11 -77.29
C SER K 507 -21.31 0.72 -77.93
N GLY K 508 -21.73 -0.31 -77.18
CA GLY K 508 -21.66 -1.69 -77.65
C GLY K 508 -22.91 -2.50 -77.39
N ILE K 509 -22.73 -3.80 -77.15
CA ILE K 509 -23.82 -4.76 -76.97
C ILE K 509 -24.76 -4.52 -75.77
N LYS K 510 -24.30 -3.75 -74.78
CA LYS K 510 -25.15 -3.42 -73.64
C LYS K 510 -26.37 -2.59 -74.06
N ASP K 511 -26.28 -1.95 -75.23
CA ASP K 511 -27.34 -1.07 -75.73
C ASP K 511 -28.23 -1.76 -76.76
N MSE L 24 6.93 46.70 -83.43
CA MSE L 24 7.95 45.78 -82.81
C MSE L 24 7.95 45.88 -81.31
O MSE L 24 7.74 46.97 -80.76
CB MSE L 24 9.33 46.20 -83.29
CG MSE L 24 9.45 46.08 -84.81
SE MSE L 24 10.18 44.30 -85.22
CE MSE L 24 11.97 44.50 -84.42
N TYR L 25 8.15 44.75 -80.64
CA TYR L 25 8.30 44.73 -79.18
C TYR L 25 9.59 44.02 -78.73
N GLU L 26 10.07 44.34 -77.53
CA GLU L 26 11.35 43.80 -77.05
C GLU L 26 11.16 43.16 -75.68
N LEU L 27 11.40 41.87 -75.60
CA LEU L 27 11.28 41.18 -74.31
C LEU L 27 12.66 41.08 -73.67
N GLY L 28 12.69 41.26 -72.36
CA GLY L 28 13.88 41.02 -71.56
C GLY L 28 13.70 39.82 -70.66
N HIS L 29 14.10 39.96 -69.41
CA HIS L 29 13.94 38.90 -68.43
C HIS L 29 12.95 39.37 -67.39
N PHE L 30 12.59 38.48 -66.47
CA PHE L 30 11.77 38.85 -65.35
C PHE L 30 12.50 38.41 -64.09
N ILE L 31 13.04 39.38 -63.36
CA ILE L 31 13.89 39.14 -62.19
C ILE L 31 13.43 40.06 -61.05
N ASP L 32 13.27 39.48 -59.85
CA ASP L 32 12.85 40.24 -58.65
C ASP L 32 11.58 41.08 -58.83
N GLY L 33 10.57 40.50 -59.46
CA GLY L 33 9.26 41.14 -59.61
C GLY L 33 9.16 42.19 -60.70
N LYS L 34 10.15 42.24 -61.58
CA LYS L 34 10.20 43.30 -62.59
C LYS L 34 10.72 42.77 -63.90
N ARG L 35 10.19 43.32 -64.99
CA ARG L 35 10.83 43.25 -66.30
C ARG L 35 12.15 44.02 -66.28
N VAL L 36 13.19 43.40 -66.84
CA VAL L 36 14.53 43.98 -66.89
C VAL L 36 15.18 43.59 -68.20
N ALA L 37 16.06 44.46 -68.71
CA ALA L 37 16.81 44.18 -69.92
C ALA L 37 17.95 43.24 -69.58
N GLY L 38 18.51 42.57 -70.59
CA GLY L 38 19.66 41.70 -70.38
C GLY L 38 20.93 42.54 -70.48
N THR L 39 21.95 42.18 -69.70
CA THR L 39 23.19 42.96 -69.64
C THR L 39 24.04 42.89 -70.91
N SER L 40 23.83 41.89 -71.77
CA SER L 40 24.69 41.72 -72.94
C SER L 40 24.18 42.49 -74.14
N GLY L 41 22.90 42.87 -74.09
CA GLY L 41 22.25 43.56 -75.20
C GLY L 41 21.89 42.66 -76.38
N ARG L 42 22.35 41.40 -76.34
CA ARG L 42 22.09 40.41 -77.39
C ARG L 42 20.66 39.94 -77.36
N VAL L 43 20.04 39.92 -78.55
CA VAL L 43 18.65 39.52 -78.73
C VAL L 43 18.48 38.42 -79.77
N SER L 44 17.31 37.79 -79.76
CA SER L 44 16.91 36.76 -80.71
C SER L 44 15.59 37.21 -81.32
N ASN L 45 15.34 36.83 -82.58
CA ASN L 45 14.13 37.26 -83.31
C ASN L 45 12.87 36.45 -83.00
N ILE L 46 11.77 37.12 -82.67
CA ILE L 46 10.49 36.45 -82.50
C ILE L 46 9.67 36.68 -83.76
N PHE L 47 9.24 35.58 -84.39
CA PHE L 47 8.49 35.63 -85.62
C PHE L 47 6.99 35.50 -85.37
N ASN L 48 6.22 36.05 -86.30
CA ASN L 48 4.84 35.65 -86.48
C ASN L 48 4.82 34.61 -87.59
N PRO L 49 4.57 33.33 -87.23
CA PRO L 49 4.61 32.24 -88.22
C PRO L 49 3.51 32.33 -89.27
N ALA L 50 2.44 33.07 -88.99
CA ALA L 50 1.40 33.28 -89.99
C ALA L 50 1.91 34.10 -91.18
N THR L 51 2.72 35.11 -90.91
CA THR L 51 3.21 36.05 -91.94
C THR L 51 4.66 35.78 -92.39
N GLY L 52 5.43 35.14 -91.52
CA GLY L 52 6.87 34.94 -91.74
C GLY L 52 7.74 36.11 -91.30
N GLU L 53 7.10 37.21 -90.91
CA GLU L 53 7.80 38.45 -90.52
C GLU L 53 8.32 38.38 -89.09
N VAL L 54 9.34 39.20 -88.80
CA VAL L 54 9.80 39.39 -87.43
C VAL L 54 8.84 40.39 -86.77
N GLN L 55 8.40 40.09 -85.56
CA GLN L 55 7.44 40.94 -84.85
C GLN L 55 8.01 41.48 -83.55
N GLY L 56 9.08 40.85 -83.06
CA GLY L 56 9.76 41.32 -81.86
C GLY L 56 11.09 40.62 -81.62
N THR L 57 11.69 40.91 -80.46
CA THR L 57 12.96 40.32 -80.04
C THR L 57 12.94 39.93 -78.55
N VAL L 58 13.85 39.06 -78.16
CA VAL L 58 13.94 38.61 -76.78
C VAL L 58 15.43 38.55 -76.38
N ALA L 59 15.73 38.96 -75.15
CA ALA L 59 17.11 38.95 -74.64
C ALA L 59 17.70 37.53 -74.57
N LEU L 60 18.97 37.41 -74.93
CA LEU L 60 19.71 36.17 -74.75
C LEU L 60 20.59 36.33 -73.52
N ALA L 61 20.25 35.60 -72.46
CA ALA L 61 20.89 35.78 -71.15
C ALA L 61 22.40 35.61 -71.16
N SER L 62 23.09 36.50 -70.44
CA SER L 62 24.50 36.33 -70.15
C SER L 62 24.64 35.51 -68.86
N ASP L 63 25.86 35.07 -68.54
CA ASP L 63 26.11 34.43 -67.26
C ASP L 63 25.69 35.33 -66.11
N ALA L 64 25.99 36.63 -66.22
CA ALA L 64 25.63 37.61 -65.20
C ALA L 64 24.12 37.85 -65.06
N ASP L 65 23.37 37.65 -66.14
CA ASP L 65 21.91 37.69 -66.10
C ASP L 65 21.40 36.59 -65.18
N LEU L 66 21.77 35.35 -65.51
CA LEU L 66 21.45 34.18 -64.69
C LEU L 66 21.95 34.34 -63.26
N ALA L 67 23.16 34.88 -63.09
CA ALA L 67 23.70 35.14 -61.76
C ALA L 67 22.80 36.05 -60.92
N ALA L 68 22.28 37.11 -61.55
CA ALA L 68 21.33 38.00 -60.89
C ALA L 68 20.02 37.27 -60.52
N ALA L 69 19.52 36.42 -61.40
CA ALA L 69 18.33 35.62 -61.06
C ALA L 69 18.57 34.70 -59.86
N VAL L 70 19.75 34.07 -59.81
CA VAL L 70 20.09 33.17 -58.71
C VAL L 70 20.20 33.93 -57.39
N GLU L 71 20.83 35.12 -57.43
CA GLU L 71 20.96 35.95 -56.24
C GLU L 71 19.62 36.49 -55.73
N SER L 72 18.75 36.83 -56.67
CA SER L 72 17.37 37.18 -56.39
C SER L 72 16.60 36.00 -55.75
N ALA L 73 16.86 34.79 -56.24
CA ALA L 73 16.19 33.62 -55.71
C ALA L 73 16.65 33.34 -54.28
N LYS L 74 17.97 33.36 -54.07
CA LYS L 74 18.57 33.14 -52.75
C LYS L 74 18.08 34.08 -51.68
N ALA L 75 17.96 35.37 -52.01
CA ALA L 75 17.50 36.34 -51.02
C ALA L 75 16.07 36.06 -50.60
N ALA L 76 15.24 35.62 -51.55
CA ALA L 76 13.80 35.48 -51.30
C ALA L 76 13.38 34.08 -50.80
N GLN L 77 14.09 33.03 -51.21
CA GLN L 77 13.60 31.67 -50.94
C GLN L 77 13.39 31.32 -49.45
N PRO L 78 14.29 31.78 -48.54
CA PRO L 78 14.09 31.36 -47.15
C PRO L 78 12.77 31.82 -46.56
N LYS L 79 12.40 33.07 -46.80
CA LYS L 79 11.17 33.62 -46.27
C LYS L 79 9.93 32.96 -46.91
N TRP L 80 10.01 32.61 -48.18
CA TRP L 80 8.92 31.86 -48.83
C TRP L 80 8.77 30.47 -48.18
N ALA L 81 9.87 29.76 -48.02
CA ALA L 81 9.90 28.44 -47.37
C ALA L 81 9.32 28.52 -45.96
N ALA L 82 9.52 29.67 -45.31
CA ALA L 82 9.06 29.89 -43.94
C ALA L 82 7.59 30.28 -43.85
N THR L 83 6.93 30.44 -45.00
CA THR L 83 5.49 30.73 -45.08
C THR L 83 4.70 29.42 -44.99
N ASN L 84 3.66 29.37 -44.12
CA ASN L 84 2.92 28.11 -43.94
C ASN L 84 2.29 27.58 -45.25
N PRO L 85 2.06 26.26 -45.35
CA PRO L 85 1.55 25.61 -46.57
C PRO L 85 0.23 26.17 -47.07
N GLN L 86 -0.67 26.51 -46.14
CA GLN L 86 -1.98 27.06 -46.53
C GLN L 86 -1.80 28.41 -47.20
N ARG L 87 -0.90 29.22 -46.64
CA ARG L 87 -0.64 30.55 -47.19
C ARG L 87 0.04 30.46 -48.57
N ARG L 88 0.97 29.53 -48.75
CA ARG L 88 1.56 29.31 -50.07
C ARG L 88 0.49 28.90 -51.10
N ALA L 89 -0.43 28.03 -50.70
CA ALA L 89 -1.50 27.53 -51.55
C ALA L 89 -2.49 28.63 -51.97
N ARG L 90 -2.69 29.63 -51.11
CA ARG L 90 -3.58 30.74 -51.44
C ARG L 90 -3.07 31.58 -52.59
N VAL L 91 -1.76 31.68 -52.75
CA VAL L 91 -1.19 32.34 -53.91
C VAL L 91 -1.67 31.63 -55.18
N PHE L 92 -1.63 30.29 -55.19
CA PHE L 92 -2.07 29.53 -56.36
C PHE L 92 -3.57 29.66 -56.61
N MSE L 93 -4.36 29.76 -55.54
CA MSE L 93 -5.80 29.98 -55.66
CA MSE L 93 -5.79 29.97 -55.68
C MSE L 93 -6.02 31.28 -56.40
O MSE L 93 -6.79 31.36 -57.35
CB MSE L 93 -6.49 30.04 -54.30
CB MSE L 93 -6.48 29.97 -54.32
CG MSE L 93 -6.26 28.79 -53.43
CG MSE L 93 -7.70 29.08 -54.36
SE MSE L 93 -7.40 28.86 -51.81
SE MSE L 93 -8.47 28.94 -52.55
CE MSE L 93 -9.07 29.05 -52.84
CE MSE L 93 -6.86 28.43 -51.53
N LYS L 94 -5.34 32.33 -55.95
CA LYS L 94 -5.50 33.63 -56.56
C LYS L 94 -4.97 33.61 -58.00
N PHE L 95 -3.85 32.95 -58.22
CA PHE L 95 -3.29 32.83 -59.56
C PHE L 95 -4.26 32.17 -60.53
N VAL L 96 -4.94 31.11 -60.07
CA VAL L 96 -5.91 30.42 -60.91
C VAL L 96 -6.99 31.39 -61.37
N GLN L 97 -7.50 32.21 -60.46
CA GLN L 97 -8.47 33.23 -60.84
C GLN L 97 -7.87 34.26 -61.84
N LEU L 98 -6.63 34.67 -61.64
CA LEU L 98 -6.04 35.62 -62.56
C LEU L 98 -5.86 35.05 -63.97
N LEU L 99 -5.55 33.77 -64.07
CA LEU L 99 -5.46 33.07 -65.35
C LEU L 99 -6.78 33.13 -66.11
N ASN L 100 -7.90 32.90 -65.40
CA ASN L 100 -9.23 32.98 -65.99
C ASN L 100 -9.53 34.41 -66.45
N ASP L 101 -9.23 35.40 -65.61
CA ASP L 101 -9.48 36.81 -65.93
C ASP L 101 -8.70 37.28 -67.15
N ASN L 102 -7.52 36.71 -67.36
CA ASN L 102 -6.62 37.10 -68.43
C ASN L 102 -6.51 36.07 -69.55
N MSE L 103 -7.49 35.17 -69.63
CA MSE L 103 -7.44 34.04 -70.57
C MSE L 103 -7.26 34.48 -72.01
O MSE L 103 -6.42 33.93 -72.73
CB MSE L 103 -8.68 33.17 -70.34
CG MSE L 103 -8.81 31.95 -71.26
SE MSE L 103 -7.36 30.65 -70.95
CE MSE L 103 -7.66 30.23 -69.04
N ASN L 104 -8.03 35.47 -72.45
CA ASN L 104 -8.01 35.86 -73.87
C ASN L 104 -6.70 36.54 -74.31
N GLU L 105 -6.24 37.49 -73.50
CA GLU L 105 -4.98 38.16 -73.78
C GLU L 105 -3.79 37.18 -73.71
N LEU L 106 -3.87 36.19 -72.83
CA LEU L 106 -2.84 35.15 -72.79
C LEU L 106 -2.84 34.35 -74.11
N ALA L 107 -4.04 33.90 -74.51
CA ALA L 107 -4.19 33.12 -75.72
C ALA L 107 -3.73 33.88 -76.97
N GLU L 108 -4.10 35.16 -77.05
CA GLU L 108 -3.72 35.99 -78.19
C GLU L 108 -2.20 36.01 -78.36
N MSE L 109 -1.48 36.39 -77.30
CA MSE L 109 -0.02 36.48 -77.34
C MSE L 109 0.61 35.13 -77.62
O MSE L 109 1.64 35.04 -78.30
CB MSE L 109 0.51 37.22 -76.09
CG MSE L 109 0.25 36.50 -74.76
SE MSE L 109 1.25 37.33 -73.26
CE MSE L 109 0.00 38.74 -72.69
N LEU L 110 -0.02 34.06 -77.13
CA LEU L 110 0.47 32.71 -77.36
C LEU L 110 0.36 32.40 -78.87
N SER L 111 -0.86 32.47 -79.38
CA SER L 111 -1.14 32.16 -80.78
C SER L 111 -0.27 32.95 -81.75
N ARG L 112 -0.06 34.23 -81.44
CA ARG L 112 0.63 35.15 -82.35
C ARG L 112 2.10 34.78 -82.58
N GLU L 113 2.73 34.23 -81.53
CA GLU L 113 4.13 33.84 -81.58
C GLU L 113 4.27 32.37 -81.98
N HIS L 114 3.39 31.54 -81.44
CA HIS L 114 3.45 30.11 -81.68
C HIS L 114 2.88 29.69 -83.04
N GLY L 115 1.66 30.12 -83.32
CA GLY L 115 1.00 29.76 -84.57
C GLY L 115 -0.29 28.97 -84.41
N LYS L 116 -0.41 28.22 -83.31
CA LYS L 116 -1.63 27.45 -83.02
C LYS L 116 -2.86 28.37 -82.87
N THR L 117 -4.05 27.77 -82.99
CA THR L 117 -5.32 28.50 -82.92
C THR L 117 -5.58 29.03 -81.52
N ILE L 118 -6.40 30.06 -81.42
CA ILE L 118 -6.78 30.60 -80.12
C ILE L 118 -7.33 29.51 -79.18
N ASP L 119 -8.15 28.65 -79.76
CA ASP L 119 -8.55 27.51 -78.96
CA ASP L 119 -8.58 27.48 -79.03
C ASP L 119 -7.59 26.42 -78.32
N ASP L 120 -6.63 26.29 -79.24
CA ASP L 120 -5.47 25.48 -78.82
C ASP L 120 -4.69 26.23 -77.72
N ALA L 121 -4.47 27.53 -77.93
CA ALA L 121 -3.79 28.36 -76.93
C ALA L 121 -4.51 28.33 -75.59
N LYS L 122 -5.84 28.46 -75.62
CA LYS L 122 -6.63 28.40 -74.39
C LYS L 122 -6.49 27.07 -73.67
N GLY L 123 -6.46 25.98 -74.42
CA GLY L 123 -6.27 24.65 -73.87
C GLY L 123 -4.89 24.45 -73.24
N ASP L 124 -3.87 25.08 -73.84
CA ASP L 124 -2.48 25.13 -73.37
C ASP L 124 -2.48 25.76 -71.97
N ILE L 125 -3.14 26.91 -71.85
CA ILE L 125 -3.20 27.66 -70.61
C ILE L 125 -3.97 26.91 -69.53
N VAL L 126 -5.12 26.35 -69.92
CA VAL L 126 -5.96 25.60 -68.99
C VAL L 126 -5.24 24.38 -68.41
N ARG L 127 -4.51 23.64 -69.23
CA ARG L 127 -3.78 22.47 -68.73
C ARG L 127 -2.67 22.85 -67.76
N GLY L 128 -2.09 24.05 -67.96
CA GLY L 128 -1.21 24.65 -66.96
C GLY L 128 -1.97 25.01 -65.69
N LEU L 129 -3.10 25.68 -65.86
CA LEU L 129 -3.99 26.06 -64.77
C LEU L 129 -4.36 24.87 -63.86
N GLU L 130 -4.62 23.71 -64.45
CA GLU L 130 -5.00 22.51 -63.68
C GLU L 130 -3.90 21.96 -62.76
N VAL L 131 -2.63 22.12 -63.15
CA VAL L 131 -1.52 21.84 -62.23
C VAL L 131 -1.50 22.83 -61.05
N CYS L 132 -1.82 24.09 -61.33
CA CYS L 132 -1.91 25.10 -60.28
C CYS L 132 -3.03 24.76 -59.28
N GLU L 133 -4.15 24.27 -59.80
CA GLU L 133 -5.28 23.78 -58.99
C GLU L 133 -4.88 22.59 -58.11
N PHE L 134 -4.06 21.70 -58.65
CA PHE L 134 -3.56 20.53 -57.94
C PHE L 134 -2.61 20.89 -56.78
N VAL L 135 -1.73 21.86 -56.99
CA VAL L 135 -0.81 22.27 -55.92
C VAL L 135 -1.48 23.14 -54.84
N ILE L 136 -2.71 23.61 -55.08
CA ILE L 136 -3.52 24.15 -53.98
C ILE L 136 -3.59 23.16 -52.80
N GLY L 137 -3.52 21.86 -53.09
CA GLY L 137 -3.48 20.81 -52.07
C GLY L 137 -2.12 20.50 -51.46
N ILE L 138 -1.17 21.43 -51.60
CA ILE L 138 0.20 21.22 -51.07
C ILE L 138 0.29 20.91 -49.56
N PRO L 139 -0.61 21.49 -48.72
CA PRO L 139 -0.49 21.11 -47.30
C PRO L 139 -0.64 19.60 -47.08
N HIS L 140 -1.63 18.99 -47.70
CA HIS L 140 -1.78 17.55 -47.66
C HIS L 140 -0.66 16.85 -48.43
N LEU L 141 -0.36 17.33 -49.63
CA LEU L 141 0.62 16.69 -50.51
C LEU L 141 2.05 16.65 -49.96
N GLN L 142 2.41 17.63 -49.15
CA GLN L 142 3.79 17.71 -48.62
C GLN L 142 4.00 16.95 -47.30
N LYS L 143 2.94 16.29 -46.82
CA LYS L 143 3.00 15.54 -45.57
C LYS L 143 4.08 14.48 -45.59
N SER L 144 4.68 14.24 -44.44
CA SER L 144 5.66 13.20 -44.35
C SER L 144 5.21 12.15 -43.30
N GLU L 145 6.10 11.22 -42.96
CA GLU L 145 5.68 10.04 -42.18
C GLU L 145 6.17 10.07 -40.73
N PHE L 146 5.37 9.52 -39.80
CA PHE L 146 5.71 9.48 -38.36
C PHE L 146 5.48 8.06 -37.78
N THR L 147 6.47 7.59 -37.02
CA THR L 147 6.40 6.33 -36.28
C THR L 147 6.71 6.61 -34.81
N GLU L 148 5.80 6.19 -33.93
CA GLU L 148 6.07 6.25 -32.51
C GLU L 148 6.62 4.89 -32.08
N GLY L 149 7.66 4.91 -31.25
CA GLY L 149 8.15 3.71 -30.63
C GLY L 149 8.87 2.82 -31.63
N ALA L 150 9.50 3.45 -32.61
CA ALA L 150 10.38 2.74 -33.52
C ALA L 150 11.41 1.95 -32.71
N GLY L 151 11.90 2.56 -31.63
CA GLY L 151 12.66 1.88 -30.58
C GLY L 151 12.07 2.31 -29.23
N PRO L 152 12.68 1.86 -28.11
CA PRO L 152 12.19 2.09 -26.75
C PRO L 152 12.24 3.56 -26.35
N GLY L 153 11.07 4.21 -26.30
CA GLY L 153 11.00 5.66 -26.08
C GLY L 153 11.58 6.49 -27.24
N ILE L 154 11.67 5.89 -28.41
CA ILE L 154 12.32 6.51 -29.59
C ILE L 154 11.30 6.68 -30.71
N ASP L 155 11.14 7.92 -31.21
CA ASP L 155 10.28 8.20 -32.35
C ASP L 155 11.11 8.53 -33.61
N MSE L 156 10.53 8.29 -34.78
CA MSE L 156 11.24 8.44 -36.05
C MSE L 156 10.27 9.03 -36.99
O MSE L 156 9.15 8.53 -37.15
CB MSE L 156 11.64 7.06 -36.52
CG MSE L 156 12.51 7.03 -37.76
SE MSE L 156 13.12 5.18 -38.01
CE MSE L 156 14.27 5.07 -36.41
N TYR L 157 10.68 10.11 -37.66
CA TYR L 157 9.79 10.84 -38.55
C TYR L 157 10.55 11.59 -39.63
N SER L 158 9.96 11.66 -40.82
CA SER L 158 10.58 12.39 -41.92
C SER L 158 9.95 13.77 -42.02
N ILE L 159 10.60 14.67 -42.76
CA ILE L 159 10.08 16.00 -43.09
C ILE L 159 10.46 16.21 -44.55
N ARG L 160 9.54 16.71 -45.36
CA ARG L 160 9.87 17.00 -46.76
C ARG L 160 10.09 18.49 -46.91
N GLN L 161 11.37 18.86 -47.03
CA GLN L 161 11.77 20.26 -47.08
C GLN L 161 12.18 20.64 -48.52
N PRO L 162 12.18 21.93 -48.86
CA PRO L 162 12.53 22.40 -50.22
C PRO L 162 13.93 21.99 -50.62
N VAL L 163 14.16 21.77 -51.92
CA VAL L 163 15.52 21.54 -52.39
C VAL L 163 16.33 22.86 -52.43
N GLY L 164 15.63 24.00 -52.43
CA GLY L 164 16.27 25.32 -52.48
C GLY L 164 15.87 26.07 -53.74
N ILE L 165 16.71 26.00 -54.76
CA ILE L 165 16.44 26.70 -56.02
C ILE L 165 16.48 25.71 -57.16
N GLY L 166 15.42 25.73 -57.97
CA GLY L 166 15.32 24.86 -59.12
C GLY L 166 15.19 25.63 -60.42
N ALA L 167 15.40 24.93 -61.53
CA ALA L 167 15.31 25.54 -62.86
C ALA L 167 14.55 24.61 -63.79
N GLY L 168 13.87 25.22 -64.76
CA GLY L 168 13.08 24.49 -65.70
C GLY L 168 13.39 25.01 -67.09
N ILE L 169 13.56 24.08 -68.03
CA ILE L 169 13.88 24.44 -69.39
C ILE L 169 12.76 23.84 -70.22
N THR L 170 12.10 24.67 -71.03
CA THR L 170 10.84 24.30 -71.69
C THR L 170 10.90 24.58 -73.20
N PRO L 171 10.06 23.86 -73.98
CA PRO L 171 10.07 23.89 -75.44
C PRO L 171 9.04 24.86 -76.05
N PHE L 172 9.12 25.06 -77.37
CA PHE L 172 8.27 26.06 -78.03
C PHE L 172 6.79 25.72 -77.98
N ASN L 173 6.44 24.44 -77.97
CA ASN L 173 5.06 24.05 -78.27
C ASN L 173 3.98 24.31 -77.22
N PHE L 174 4.35 24.32 -75.95
CA PHE L 174 3.40 24.62 -74.87
C PHE L 174 4.04 25.60 -73.89
N PRO L 175 4.14 26.88 -74.29
CA PRO L 175 4.78 27.87 -73.42
C PRO L 175 3.93 28.34 -72.23
N GLY L 176 2.72 27.81 -72.09
CA GLY L 176 1.93 28.04 -70.88
C GLY L 176 2.00 26.82 -69.98
N MSE L 177 1.46 25.73 -70.51
CA MSE L 177 1.30 24.49 -69.78
C MSE L 177 2.58 24.01 -69.15
O MSE L 177 2.60 23.76 -67.96
CB MSE L 177 0.75 23.45 -70.75
CG MSE L 177 0.69 22.08 -70.08
SE MSE L 177 -0.10 20.77 -71.30
CE MSE L 177 1.53 20.23 -72.26
N ILE L 178 3.65 23.88 -69.93
CA ILE L 178 4.86 23.22 -69.46
C ILE L 178 5.64 24.02 -68.42
N PRO L 179 5.78 25.35 -68.62
CA PRO L 179 6.33 26.10 -67.50
C PRO L 179 5.53 25.89 -66.22
N MSE L 180 4.20 25.85 -66.33
CA MSE L 180 3.32 25.69 -65.16
C MSE L 180 3.45 24.31 -64.57
O MSE L 180 3.51 24.17 -63.35
CB MSE L 180 1.88 26.06 -65.47
CG MSE L 180 1.76 27.58 -65.70
SE MSE L 180 -0.13 28.14 -65.72
CE MSE L 180 -0.42 28.36 -67.66
N TRP L 181 3.52 23.27 -65.42
CA TRP L 181 3.86 21.91 -64.95
C TRP L 181 4.97 21.92 -63.92
N MSE L 182 6.02 22.71 -64.18
CA MSE L 182 7.25 22.69 -63.41
C MSE L 182 7.22 23.68 -62.26
O MSE L 182 7.56 23.31 -61.14
CB MSE L 182 8.40 23.10 -64.35
CG MSE L 182 8.64 22.05 -65.43
SE MSE L 182 10.10 22.81 -66.50
CE MSE L 182 10.28 21.37 -67.85
N PHE L 183 6.83 24.91 -62.52
CA PHE L 183 6.92 25.92 -61.49
C PHE L 183 5.86 25.86 -60.41
N ALA L 184 4.71 25.26 -60.71
CA ALA L 184 3.66 25.13 -59.70
C ALA L 184 4.09 24.25 -58.52
N PRO L 185 4.47 22.97 -58.77
CA PRO L 185 4.94 22.14 -57.64
C PRO L 185 6.24 22.63 -57.01
N ALA L 186 7.15 23.17 -57.81
CA ALA L 186 8.42 23.65 -57.30
C ALA L 186 8.21 24.76 -56.28
N ILE L 187 7.39 25.74 -56.65
CA ILE L 187 7.11 26.88 -55.79
C ILE L 187 6.17 26.51 -54.64
N ALA L 188 5.19 25.66 -54.90
CA ALA L 188 4.26 25.27 -53.83
C ALA L 188 5.00 24.56 -52.69
N CYS L 189 6.03 23.77 -53.05
CA CYS L 189 6.87 23.04 -52.10
C CYS L 189 7.80 23.94 -51.29
N GLY L 190 7.87 25.21 -51.65
CA GLY L 190 8.71 26.16 -50.92
C GLY L 190 10.04 26.52 -51.57
N ASN L 191 10.22 26.15 -52.84
CA ASN L 191 11.41 26.49 -53.58
C ASN L 191 11.26 27.82 -54.29
N ALA L 192 12.39 28.45 -54.63
CA ALA L 192 12.42 29.46 -55.66
C ALA L 192 12.72 28.76 -57.00
N PHE L 193 12.36 29.39 -58.11
CA PHE L 193 12.39 28.69 -59.39
C PHE L 193 12.83 29.61 -60.52
N ILE L 194 13.77 29.14 -61.33
CA ILE L 194 14.23 29.92 -62.48
C ILE L 194 13.77 29.23 -63.77
N LEU L 195 12.92 29.92 -64.53
CA LEU L 195 12.39 29.39 -65.78
C LEU L 195 13.18 29.88 -67.00
N LYS L 196 13.54 28.98 -67.86
CA LYS L 196 14.18 29.30 -69.10
C LYS L 196 13.31 28.77 -70.22
N PRO L 197 12.37 29.59 -70.66
CA PRO L 197 11.42 29.13 -71.66
C PRO L 197 12.04 29.07 -73.07
N SER L 198 11.32 28.49 -74.01
CA SER L 198 11.71 28.60 -75.43
C SER L 198 11.85 30.06 -75.87
N GLU L 199 12.94 30.34 -76.60
CA GLU L 199 13.16 31.68 -77.16
C GLU L 199 12.26 32.00 -78.36
N ARG L 200 11.59 31.00 -78.94
CA ARG L 200 10.65 31.21 -80.05
C ARG L 200 9.39 31.98 -79.65
N ASP L 201 8.80 31.64 -78.51
CA ASP L 201 7.53 32.25 -78.07
C ASP L 201 7.54 32.60 -76.58
N PRO L 202 8.32 33.64 -76.23
CA PRO L 202 8.62 33.98 -74.84
C PRO L 202 7.63 34.94 -74.13
N SER L 203 6.64 35.47 -74.85
CA SER L 203 5.69 36.42 -74.22
C SER L 203 4.88 35.84 -73.06
N VAL L 204 4.30 34.67 -73.25
CA VAL L 204 3.47 34.07 -72.21
C VAL L 204 4.23 33.82 -70.88
N PRO L 205 5.43 33.19 -70.94
CA PRO L 205 6.15 32.95 -69.69
C PRO L 205 6.39 34.19 -68.82
N ILE L 206 6.80 35.31 -69.42
CA ILE L 206 6.94 36.59 -68.69
C ILE L 206 5.61 37.06 -68.07
N ARG L 207 4.53 37.03 -68.87
CA ARG L 207 3.20 37.42 -68.35
C ARG L 207 2.76 36.59 -67.11
N LEU L 208 3.04 35.29 -67.15
CA LEU L 208 2.72 34.38 -66.04
C LEU L 208 3.48 34.76 -64.78
N ALA L 209 4.77 35.07 -64.93
CA ALA L 209 5.62 35.52 -63.82
C ALA L 209 5.06 36.81 -63.20
N GLU L 210 4.52 37.66 -64.07
CA GLU L 210 3.95 38.94 -63.65
C GLU L 210 2.65 38.73 -62.90
N LEU L 211 1.86 37.76 -63.36
CA LEU L 211 0.61 37.40 -62.71
C LEU L 211 0.84 36.72 -61.36
N MSE L 212 1.93 35.95 -61.23
CA MSE L 212 2.31 35.37 -59.94
C MSE L 212 2.54 36.48 -58.94
O MSE L 212 2.02 36.40 -57.82
CB MSE L 212 3.49 34.41 -59.99
CG MSE L 212 3.17 33.03 -60.57
SE MSE L 212 1.91 31.97 -59.46
CE MSE L 212 3.11 31.51 -57.95
N ILE L 213 3.29 37.52 -59.32
CA ILE L 213 3.46 38.71 -58.46
C ILE L 213 2.11 39.27 -58.04
N GLU L 214 1.23 39.48 -59.02
CA GLU L 214 -0.13 39.95 -58.76
C GLU L 214 -0.94 39.05 -57.84
N ALA L 215 -0.71 37.74 -57.95
CA ALA L 215 -1.33 36.74 -57.08
C ALA L 215 -0.75 36.76 -55.67
N GLY L 216 0.35 37.48 -55.46
CA GLY L 216 0.93 37.59 -54.12
C GLY L 216 2.23 36.85 -53.88
N LEU L 217 2.78 36.22 -54.91
CA LEU L 217 4.07 35.58 -54.77
C LEU L 217 5.15 36.65 -54.57
N PRO L 218 6.04 36.49 -53.57
CA PRO L 218 7.12 37.44 -53.37
C PRO L 218 8.02 37.54 -54.58
N ALA L 219 8.63 38.71 -54.75
CA ALA L 219 9.60 38.93 -55.79
C ALA L 219 10.76 37.96 -55.60
N GLY L 220 11.24 37.39 -56.71
CA GLY L 220 12.40 36.51 -56.66
C GLY L 220 12.12 35.02 -56.63
N ILE L 221 10.88 34.66 -56.31
CA ILE L 221 10.50 33.24 -56.20
C ILE L 221 10.27 32.59 -57.56
N LEU L 222 9.75 33.37 -58.50
CA LEU L 222 9.66 32.95 -59.90
C LEU L 222 10.34 33.99 -60.79
N ASN L 223 11.58 33.69 -61.19
CA ASN L 223 12.30 34.49 -62.14
C ASN L 223 12.30 33.83 -63.52
N VAL L 224 12.19 34.66 -64.56
CA VAL L 224 12.28 34.18 -65.94
C VAL L 224 13.58 34.70 -66.57
N VAL L 225 14.38 33.77 -67.09
CA VAL L 225 15.63 34.12 -67.72
C VAL L 225 15.55 33.58 -69.15
N ASN L 226 15.47 34.50 -70.11
CA ASN L 226 15.34 34.12 -71.50
C ASN L 226 16.70 33.89 -72.16
N GLY L 227 16.77 32.96 -73.09
CA GLY L 227 18.02 32.70 -73.81
C GLY L 227 18.05 31.41 -74.61
N ASP L 228 19.25 30.99 -74.98
CA ASP L 228 19.44 29.76 -75.76
C ASP L 228 20.37 28.81 -75.01
N LYS L 229 21.14 28.03 -75.76
CA LYS L 229 22.13 27.10 -75.20
C LYS L 229 23.00 27.76 -74.14
N GLY L 230 23.37 29.02 -74.37
CA GLY L 230 24.20 29.77 -73.42
C GLY L 230 23.56 29.85 -72.04
N ALA L 231 22.29 30.22 -72.02
CA ALA L 231 21.52 30.28 -70.78
C ALA L 231 21.37 28.87 -70.16
N VAL L 232 21.10 27.86 -70.98
CA VAL L 232 20.97 26.49 -70.48
C VAL L 232 22.25 26.01 -69.76
N ASP L 233 23.39 26.16 -70.42
CA ASP L 233 24.68 25.73 -69.87
C ASP L 233 25.05 26.50 -68.61
N ALA L 234 24.65 27.76 -68.54
CA ALA L 234 24.85 28.57 -67.35
C ALA L 234 24.04 28.02 -66.17
N ILE L 235 22.79 27.65 -66.44
CA ILE L 235 21.92 27.04 -65.43
C ILE L 235 22.49 25.72 -64.96
N LEU L 236 22.94 24.89 -65.91
CA LEU L 236 23.50 23.56 -65.61
C LEU L 236 24.76 23.58 -64.75
N THR L 237 25.61 24.58 -64.96
CA THR L 237 26.87 24.63 -64.27
C THR L 237 26.85 25.56 -63.04
N HIS L 238 25.70 26.19 -62.75
CA HIS L 238 25.64 27.09 -61.59
C HIS L 238 25.51 26.29 -60.29
N PRO L 239 26.46 26.47 -59.34
CA PRO L 239 26.51 25.60 -58.16
C PRO L 239 25.30 25.70 -57.22
N ASP L 240 24.54 26.80 -57.27
CA ASP L 240 23.45 27.04 -56.32
C ASP L 240 22.07 26.62 -56.83
N ILE L 241 22.03 26.05 -58.04
CA ILE L 241 20.79 25.49 -58.55
C ILE L 241 20.79 23.99 -58.26
N ALA L 242 19.82 23.55 -57.47
CA ALA L 242 19.78 22.19 -56.94
C ALA L 242 19.19 21.15 -57.92
N ALA L 243 18.23 21.59 -58.73
CA ALA L 243 17.39 20.67 -59.48
C ALA L 243 16.95 21.27 -60.81
N VAL L 244 16.89 20.44 -61.84
CA VAL L 244 16.62 20.87 -63.21
C VAL L 244 15.56 19.98 -63.83
N SER L 245 14.54 20.61 -64.41
CA SER L 245 13.52 19.89 -65.14
C SER L 245 13.52 20.37 -66.59
N PHE L 246 13.41 19.42 -67.51
CA PHE L 246 13.52 19.72 -68.93
C PHE L 246 12.48 18.97 -69.74
N VAL L 247 11.87 19.68 -70.69
CA VAL L 247 10.95 19.09 -71.67
C VAL L 247 11.33 19.63 -73.06
N GLY L 248 11.46 18.74 -74.03
CA GLY L 248 11.90 19.10 -75.37
C GLY L 248 12.29 17.90 -76.19
N SER L 249 13.21 18.07 -77.15
CA SER L 249 13.63 16.95 -78.01
C SER L 249 14.58 16.00 -77.28
N THR L 250 14.50 14.73 -77.65
CA THR L 250 15.34 13.68 -77.06
C THR L 250 16.84 14.00 -77.06
N PRO L 251 17.41 14.45 -78.19
CA PRO L 251 18.85 14.76 -78.16
C PRO L 251 19.23 15.78 -77.07
N ILE L 252 18.41 16.81 -76.86
CA ILE L 252 18.71 17.84 -75.86
C ILE L 252 18.39 17.33 -74.45
N ALA L 253 17.34 16.53 -74.34
CA ALA L 253 16.99 15.94 -73.06
C ALA L 253 18.15 15.10 -72.55
N ARG L 254 18.74 14.29 -73.43
CA ARG L 254 19.90 13.44 -73.08
C ARG L 254 21.02 14.29 -72.57
N TYR L 255 21.31 15.36 -73.33
CA TYR L 255 22.37 16.30 -73.02
C TYR L 255 22.19 16.97 -71.67
N VAL L 256 21.00 17.53 -71.45
CA VAL L 256 20.70 18.22 -70.20
C VAL L 256 20.73 17.25 -69.02
N TYR L 257 20.12 16.09 -69.19
CA TYR L 257 20.13 15.06 -68.16
C TYR L 257 21.56 14.69 -67.75
N GLY L 258 22.36 14.31 -68.74
CA GLY L 258 23.76 13.98 -68.52
C GLY L 258 24.53 15.12 -67.89
N THR L 259 24.39 16.32 -68.43
CA THR L 259 25.19 17.45 -67.94
C THR L 259 24.80 17.86 -66.51
N ALA L 260 23.49 17.86 -66.23
CA ALA L 260 22.99 18.16 -64.88
C ALA L 260 23.57 17.21 -63.85
N ALA L 261 23.54 15.91 -64.16
CA ALA L 261 24.09 14.88 -63.30
C ALA L 261 25.59 15.00 -63.10
N MSE L 262 26.31 15.39 -64.17
CA MSE L 262 27.77 15.61 -64.09
C MSE L 262 28.04 16.75 -63.17
O MSE L 262 29.14 16.88 -62.64
CB MSE L 262 28.42 15.99 -65.43
CG MSE L 262 28.58 14.88 -66.44
SE MSE L 262 29.71 13.37 -65.83
CE MSE L 262 30.74 13.97 -64.25
N ASN L 263 27.03 17.60 -62.96
CA ASN L 263 27.19 18.77 -62.09
C ASN L 263 26.62 18.57 -60.69
N GLY L 264 26.16 17.34 -60.41
CA GLY L 264 25.67 16.94 -59.10
C GLY L 264 24.20 17.23 -58.85
N LYS L 265 23.51 17.77 -59.86
CA LYS L 265 22.12 18.19 -59.71
C LYS L 265 21.17 17.00 -59.85
N ARG L 266 20.00 17.06 -59.21
CA ARG L 266 18.91 16.15 -59.59
C ARG L 266 18.27 16.65 -60.89
N ALA L 267 17.77 15.71 -61.70
CA ALA L 267 17.30 15.98 -63.07
C ALA L 267 16.15 15.06 -63.45
N GLN L 268 15.20 15.62 -64.19
CA GLN L 268 14.14 14.86 -64.82
C GLN L 268 13.96 15.50 -66.20
N CYS L 269 14.04 14.68 -67.25
CA CYS L 269 14.00 15.18 -68.62
C CYS L 269 13.06 14.37 -69.48
N PHE L 270 12.36 15.06 -70.38
CA PHE L 270 11.29 14.46 -71.18
C PHE L 270 11.47 14.82 -72.64
N GLY L 271 11.34 13.82 -73.50
CA GLY L 271 11.87 13.88 -74.85
C GLY L 271 10.85 13.83 -75.95
N GLY L 272 11.27 13.22 -77.07
CA GLY L 272 10.44 13.11 -78.27
C GLY L 272 9.48 11.93 -78.28
N ALA L 273 8.74 11.78 -79.38
CA ALA L 273 7.68 10.80 -79.45
C ALA L 273 7.47 10.35 -80.89
N LYS L 274 6.94 9.14 -81.04
CA LYS L 274 6.32 8.70 -82.29
C LYS L 274 5.10 7.87 -81.92
N ASN L 275 4.03 8.54 -81.52
CA ASN L 275 2.87 7.84 -80.95
C ASN L 275 2.05 7.08 -81.99
N HIS L 276 1.90 5.77 -81.78
CA HIS L 276 1.08 4.89 -82.63
C HIS L 276 -0.35 4.72 -82.10
N MSE L 277 -1.33 4.68 -83.00
CA MSE L 277 -2.70 4.25 -82.69
C MSE L 277 -2.93 2.92 -83.36
O MSE L 277 -2.84 2.79 -84.59
CB MSE L 277 -3.74 5.29 -83.13
CG MSE L 277 -5.10 5.03 -82.49
SE MSE L 277 -6.55 5.87 -83.54
CE MSE L 277 -6.52 7.60 -82.62
N ILE L 278 -3.23 1.89 -82.57
CA ILE L 278 -3.54 0.58 -83.13
C ILE L 278 -5.06 0.49 -83.27
N ILE L 279 -5.55 0.18 -84.47
CA ILE L 279 -7.00 0.05 -84.70
C ILE L 279 -7.34 -1.41 -85.00
N MSE L 280 -8.03 -2.05 -84.05
CA MSE L 280 -8.46 -3.43 -84.20
C MSE L 280 -9.68 -3.49 -85.12
O MSE L 280 -10.36 -2.48 -85.29
CB MSE L 280 -8.80 -4.00 -82.83
CG MSE L 280 -7.58 -4.03 -81.90
SE MSE L 280 -6.26 -5.34 -82.55
CE MSE L 280 -7.18 -7.03 -82.17
N PRO L 281 -9.95 -4.66 -85.73
CA PRO L 281 -11.11 -4.82 -86.62
C PRO L 281 -12.49 -4.59 -85.96
N ASP L 282 -12.58 -4.76 -84.65
CA ASP L 282 -13.85 -4.57 -83.92
C ASP L 282 -14.10 -3.12 -83.43
N ALA L 283 -13.11 -2.24 -83.60
CA ALA L 283 -13.21 -0.85 -83.18
C ALA L 283 -14.31 -0.09 -83.89
N ASP L 284 -14.84 0.94 -83.24
CA ASP L 284 -15.71 1.90 -83.92
C ASP L 284 -14.86 2.74 -84.85
N LEU L 285 -14.91 2.42 -86.12
CA LEU L 285 -14.10 3.05 -87.12
C LEU L 285 -14.34 4.53 -87.34
N ASP L 286 -15.56 4.98 -87.21
CA ASP L 286 -15.89 6.40 -87.34
C ASP L 286 -15.18 7.19 -86.25
N GLN L 287 -15.32 6.73 -85.02
CA GLN L 287 -14.74 7.42 -83.87
C GLN L 287 -13.22 7.43 -83.93
N ALA L 288 -12.66 6.32 -84.43
CA ALA L 288 -11.21 6.19 -84.60
C ALA L 288 -10.69 7.12 -85.71
N ALA L 289 -11.43 7.19 -86.82
CA ALA L 289 -11.11 8.12 -87.91
C ALA L 289 -11.13 9.58 -87.47
N ASN L 290 -12.15 9.96 -86.70
CA ASN L 290 -12.27 11.34 -86.20
C ASN L 290 -11.15 11.67 -85.22
N ALA L 291 -10.86 10.73 -84.33
CA ALA L 291 -9.78 10.87 -83.37
C ALA L 291 -8.43 11.09 -84.06
N LEU L 292 -8.20 10.40 -85.17
CA LEU L 292 -6.92 10.52 -85.89
C LEU L 292 -6.71 11.90 -86.51
N ILE L 293 -7.79 12.54 -86.94
CA ILE L 293 -7.70 13.91 -87.48
C ILE L 293 -7.33 14.90 -86.38
N GLY L 294 -8.03 14.86 -85.26
CA GLY L 294 -7.70 15.71 -84.11
C GLY L 294 -6.29 15.47 -83.65
N ALA L 295 -6.00 14.20 -83.28
CA ALA L 295 -4.69 13.83 -82.73
C ALA L 295 -3.53 13.93 -83.74
N GLY L 296 -3.82 13.80 -85.03
CA GLY L 296 -2.79 13.84 -86.05
C GLY L 296 -2.45 15.22 -86.57
N TYR L 297 -3.48 16.06 -86.68
CA TYR L 297 -3.36 17.37 -87.35
C TYR L 297 -3.59 18.59 -86.46
N GLY L 298 -4.15 18.38 -85.27
CA GLY L 298 -4.28 19.46 -84.28
C GLY L 298 -2.91 20.06 -83.98
N SER L 299 -2.85 21.39 -83.82
CA SER L 299 -1.58 22.12 -83.67
C SER L 299 -0.56 21.75 -84.74
N ALA L 300 -1.05 21.49 -85.95
CA ALA L 300 -0.21 21.07 -87.07
C ALA L 300 0.75 19.94 -86.74
N GLY L 301 0.30 19.03 -85.88
CA GLY L 301 1.09 17.88 -85.44
C GLY L 301 2.30 18.22 -84.59
N GLU L 302 2.29 19.41 -83.99
CA GLU L 302 3.43 19.87 -83.21
C GLU L 302 3.24 19.57 -81.74
N ARG L 303 3.12 18.26 -81.44
CA ARG L 303 2.89 17.79 -80.09
C ARG L 303 3.63 16.49 -79.87
N CYS L 304 4.18 16.33 -78.67
CA CYS L 304 4.80 15.08 -78.30
C CYS L 304 3.75 14.03 -77.96
N MSE L 305 2.48 14.41 -77.85
CA MSE L 305 1.39 13.41 -77.73
C MSE L 305 0.50 13.34 -78.97
O MSE L 305 -0.61 12.81 -78.94
CB MSE L 305 0.59 13.62 -76.44
CG MSE L 305 1.43 13.45 -75.17
SE MSE L 305 2.08 11.59 -75.03
CE MSE L 305 0.34 10.78 -74.57
N ALA L 306 1.00 13.86 -80.10
CA ALA L 306 0.30 13.69 -81.37
C ALA L 306 0.42 12.25 -81.84
N ILE L 307 -0.62 11.76 -82.52
CA ILE L 307 -0.55 10.46 -83.21
C ILE L 307 0.08 10.66 -84.58
N SER L 308 1.25 10.07 -84.79
CA SER L 308 1.94 10.16 -86.07
C SER L 308 1.93 8.82 -86.83
N VAL L 309 1.53 7.74 -86.16
CA VAL L 309 1.42 6.43 -86.82
C VAL L 309 0.07 5.77 -86.54
N ALA L 310 -0.73 5.60 -87.60
CA ALA L 310 -1.97 4.82 -87.51
C ALA L 310 -1.65 3.39 -87.91
N VAL L 311 -2.03 2.44 -87.06
CA VAL L 311 -1.76 1.02 -87.29
C VAL L 311 -3.06 0.20 -87.36
N PRO L 312 -3.71 0.20 -88.53
CA PRO L 312 -4.88 -0.63 -88.76
C PRO L 312 -4.50 -2.11 -88.79
N VAL L 313 -5.36 -2.94 -88.23
CA VAL L 313 -5.10 -4.37 -88.20
C VAL L 313 -6.04 -5.02 -89.21
N GLY L 314 -5.45 -5.71 -90.18
CA GLY L 314 -6.21 -6.40 -91.24
C GLY L 314 -6.39 -5.52 -92.46
N GLU L 315 -6.55 -6.16 -93.62
CA GLU L 315 -6.73 -5.43 -94.88
C GLU L 315 -7.97 -4.54 -94.89
N GLU L 316 -9.11 -5.08 -94.46
CA GLU L 316 -10.37 -4.34 -94.53
C GLU L 316 -10.39 -3.10 -93.64
N THR L 317 -9.95 -3.26 -92.40
CA THR L 317 -9.82 -2.14 -91.46
C THR L 317 -8.97 -1.03 -92.09
N ALA L 318 -7.83 -1.40 -92.67
CA ALA L 318 -6.94 -0.43 -93.31
C ALA L 318 -7.64 0.34 -94.44
N ASN L 319 -8.26 -0.39 -95.36
CA ASN L 319 -8.92 0.25 -96.51
C ASN L 319 -10.08 1.15 -96.10
N ARG L 320 -10.90 0.67 -95.19
CA ARG L 320 -12.02 1.44 -94.67
C ARG L 320 -11.59 2.72 -93.93
N LEU L 321 -10.47 2.63 -93.20
CA LEU L 321 -9.94 3.79 -92.49
C LEU L 321 -9.44 4.86 -93.45
N ILE L 322 -8.54 4.46 -94.35
CA ILE L 322 -8.03 5.33 -95.41
C ILE L 322 -9.16 6.06 -96.14
N ASP L 323 -10.25 5.34 -96.43
CA ASP L 323 -11.42 5.93 -97.10
C ASP L 323 -12.11 7.04 -96.31
N LYS L 324 -12.16 6.89 -95.00
CA LYS L 324 -12.80 7.87 -94.13
C LYS L 324 -11.84 9.01 -93.83
N LEU L 325 -10.55 8.66 -93.79
CA LEU L 325 -9.51 9.58 -93.38
C LEU L 325 -9.24 10.61 -94.48
N VAL L 326 -9.07 10.11 -95.70
CA VAL L 326 -8.62 10.90 -96.87
C VAL L 326 -9.41 12.21 -97.09
N PRO L 327 -10.76 12.15 -97.16
CA PRO L 327 -11.51 13.39 -97.36
C PRO L 327 -11.44 14.35 -96.17
N MSE L 328 -11.17 13.82 -94.97
CA MSE L 328 -11.11 14.64 -93.77
C MSE L 328 -9.81 15.40 -93.71
O MSE L 328 -9.78 16.57 -93.32
CB MSE L 328 -11.30 13.75 -92.54
CG MSE L 328 -12.74 13.25 -92.42
SE MSE L 328 -13.11 12.50 -90.63
CE MSE L 328 -14.83 11.62 -91.09
N VAL L 329 -8.73 14.74 -94.11
CA VAL L 329 -7.42 15.36 -94.22
C VAL L 329 -7.43 16.39 -95.35
N GLU L 330 -7.98 15.98 -96.49
CA GLU L 330 -8.16 16.89 -97.64
C GLU L 330 -8.98 18.15 -97.32
N SER L 331 -9.86 18.08 -96.33
CA SER L 331 -10.84 19.15 -96.14
C SER L 331 -10.52 20.13 -95.03
N LEU L 332 -9.45 19.85 -94.29
CA LEU L 332 -9.02 20.68 -93.17
C LEU L 332 -8.90 22.16 -93.50
N ARG L 333 -9.46 23.01 -92.66
CA ARG L 333 -9.32 24.45 -92.82
C ARG L 333 -7.98 24.88 -92.20
N ILE L 334 -7.12 25.45 -93.03
CA ILE L 334 -5.80 25.92 -92.61
C ILE L 334 -5.84 27.45 -92.58
N GLY L 335 -5.26 28.05 -91.55
CA GLY L 335 -5.30 29.50 -91.42
C GLY L 335 -4.54 30.08 -90.23
N PRO L 336 -4.45 31.42 -90.17
CA PRO L 336 -3.83 32.09 -89.05
C PRO L 336 -4.76 32.08 -87.83
N TYR L 337 -4.19 32.33 -86.65
CA TYR L 337 -4.96 32.40 -85.41
C TYR L 337 -6.06 33.48 -85.44
N THR L 338 -5.93 34.46 -86.33
CA THR L 338 -6.94 35.51 -86.48
C THR L 338 -8.21 34.97 -87.14
N ASP L 339 -8.10 33.81 -87.79
CA ASP L 339 -9.25 33.11 -88.37
C ASP L 339 -9.73 32.04 -87.39
N GLU L 340 -10.74 32.37 -86.61
CA GLU L 340 -11.19 31.48 -85.54
C GLU L 340 -12.01 30.27 -86.00
N LYS L 341 -11.99 30.05 -87.31
CA LYS L 341 -12.65 28.91 -87.91
C LYS L 341 -11.61 27.88 -88.31
N ALA L 342 -10.34 28.26 -88.31
CA ALA L 342 -9.25 27.36 -88.73
C ALA L 342 -9.11 26.10 -87.86
N ASP L 343 -8.75 25.00 -88.50
CA ASP L 343 -8.44 23.74 -87.81
C ASP L 343 -7.00 23.71 -87.36
N MSE L 344 -6.12 24.31 -88.16
CA MSE L 344 -4.68 24.22 -87.92
C MSE L 344 -3.98 25.43 -88.50
O MSE L 344 -4.41 26.00 -89.52
CB MSE L 344 -4.24 22.85 -88.48
CG MSE L 344 -3.05 22.87 -89.42
SE MSE L 344 -2.76 21.01 -90.02
CE MSE L 344 -2.49 21.39 -91.93
N GLY L 345 -2.92 25.84 -87.81
CA GLY L 345 -2.15 27.02 -88.19
C GLY L 345 -0.83 26.68 -88.85
N PRO L 346 0.09 27.63 -88.89
CA PRO L 346 1.42 27.40 -89.44
C PRO L 346 2.31 26.69 -88.43
N VAL L 347 3.42 26.14 -88.91
CA VAL L 347 4.43 25.60 -88.02
C VAL L 347 5.35 26.73 -87.53
N VAL L 348 6.04 26.50 -86.41
CA VAL L 348 6.68 27.57 -85.64
C VAL L 348 7.78 28.39 -86.35
N THR L 349 8.57 27.77 -87.23
CA THR L 349 9.65 28.46 -87.94
C THR L 349 9.85 27.99 -89.36
N LYS L 350 10.56 28.81 -90.14
CA LYS L 350 10.99 28.47 -91.49
C LYS L 350 11.83 27.19 -91.47
N GLU L 351 12.75 27.11 -90.50
CA GLU L 351 13.60 25.93 -90.30
C GLU L 351 12.80 24.64 -90.06
N ALA L 352 11.74 24.73 -89.25
CA ALA L 352 10.90 23.56 -88.97
C ALA L 352 10.20 23.13 -90.26
N GLU L 353 9.68 24.11 -91.01
CA GLU L 353 8.99 23.87 -92.27
C GLU L 353 9.82 23.07 -93.27
N GLN L 354 11.06 23.53 -93.51
CA GLN L 354 11.98 22.82 -94.40
C GLN L 354 12.26 21.42 -93.90
N ARG L 355 12.51 21.29 -92.59
CA ARG L 355 12.76 20.00 -91.98
C ARG L 355 11.59 19.05 -92.28
N ILE L 356 10.37 19.52 -92.05
CA ILE L 356 9.16 18.76 -92.37
C ILE L 356 9.06 18.39 -93.86
N ARG L 357 9.17 19.39 -94.73
CA ARG L 357 9.03 19.17 -96.17
C ARG L 357 10.09 18.20 -96.70
N SER L 358 11.28 18.31 -96.13
CA SER L 358 12.39 17.42 -96.44
C SER L 358 12.05 15.97 -96.07
N LEU L 359 11.40 15.80 -94.92
CA LEU L 359 10.96 14.47 -94.48
C LEU L 359 9.83 13.92 -95.35
N ILE L 360 8.90 14.77 -95.76
CA ILE L 360 7.83 14.37 -96.68
C ILE L 360 8.42 13.83 -97.99
N ASP L 361 9.44 14.50 -98.54
CA ASP L 361 10.07 14.03 -99.78
C ASP L 361 10.75 12.66 -99.64
N SER L 362 11.37 12.41 -98.48
CA SER L 362 12.03 11.13 -98.24
C SER L 362 11.05 9.96 -98.26
N GLY L 363 9.84 10.19 -97.74
CA GLY L 363 8.77 9.18 -97.75
C GLY L 363 8.43 8.78 -99.18
N ILE L 364 8.20 9.79 -100.02
CA ILE L 364 7.90 9.58 -101.43
C ILE L 364 8.97 8.71 -102.08
N GLU L 365 10.23 9.12 -101.99
CA GLU L 365 11.31 8.34 -102.63
C GLU L 365 11.65 7.00 -101.99
N GLN L 366 11.34 6.83 -100.71
CA GLN L 366 11.57 5.53 -100.08
C GLN L 366 10.43 4.55 -100.32
N GLY L 367 9.40 5.00 -101.02
CA GLY L 367 8.36 4.11 -101.53
C GLY L 367 6.98 4.29 -100.95
N ALA L 368 6.86 5.09 -99.88
CA ALA L 368 5.54 5.30 -99.25
C ALA L 368 4.57 5.96 -100.23
N LYS L 369 3.28 5.71 -100.04
CA LYS L 369 2.25 6.25 -100.92
C LYS L 369 1.61 7.48 -100.27
N LEU L 370 1.83 8.65 -100.86
CA LEU L 370 1.25 9.89 -100.34
C LEU L 370 -0.17 10.07 -100.83
N VAL L 371 -1.14 9.61 -100.04
CA VAL L 371 -2.55 9.64 -100.46
C VAL L 371 -3.20 11.02 -100.33
N VAL L 372 -2.62 11.89 -99.50
CA VAL L 372 -3.00 13.31 -99.48
C VAL L 372 -1.72 14.14 -99.50
N ASP L 373 -1.57 14.94 -100.54
CA ASP L 373 -0.38 15.76 -100.76
C ASP L 373 -0.68 17.22 -100.44
N GLY L 374 -0.16 17.69 -99.31
CA GLY L 374 -0.37 19.08 -98.90
C GLY L 374 0.80 19.99 -99.21
N ARG L 375 1.83 19.44 -99.87
CA ARG L 375 3.03 20.19 -100.23
C ARG L 375 2.75 21.45 -101.04
N ASP L 376 1.75 21.38 -101.92
CA ASP L 376 1.40 22.52 -102.79
C ASP L 376 0.62 23.63 -102.08
N PHE L 377 0.13 23.37 -100.87
CA PHE L 377 -0.77 24.33 -100.23
C PHE L 377 -0.14 25.70 -99.94
N LYS L 378 -0.84 26.75 -100.34
CA LYS L 378 -0.50 28.11 -99.94
C LYS L 378 -1.76 28.91 -99.61
N LEU L 379 -1.61 29.93 -98.77
CA LEU L 379 -2.74 30.71 -98.30
C LEU L 379 -2.58 32.14 -98.76
N GLN L 380 -3.65 32.69 -99.33
CA GLN L 380 -3.62 34.01 -99.94
C GLN L 380 -3.40 35.12 -98.93
N GLY L 381 -2.39 35.95 -99.20
CA GLY L 381 -2.00 37.06 -98.32
C GLY L 381 -1.02 36.68 -97.23
N TYR L 382 -0.82 35.38 -97.02
CA TYR L 382 0.10 34.87 -96.01
C TYR L 382 1.13 33.99 -96.69
N GLU L 383 1.74 34.51 -97.76
CA GLU L 383 2.55 33.72 -98.67
C GLU L 383 3.86 33.25 -98.07
N ASN L 384 4.42 34.04 -97.17
CA ASN L 384 5.68 33.71 -96.53
C ASN L 384 5.51 33.11 -95.14
N GLY L 385 4.26 32.91 -94.75
CA GLY L 385 3.93 32.18 -93.52
C GLY L 385 4.28 30.72 -93.68
N HIS L 386 4.61 30.06 -92.58
CA HIS L 386 5.11 28.69 -92.61
C HIS L 386 3.98 27.67 -92.63
N PHE L 387 3.08 27.79 -93.60
CA PHE L 387 1.95 26.87 -93.76
C PHE L 387 2.32 25.66 -94.60
N ILE L 388 1.93 24.48 -94.11
CA ILE L 388 2.11 23.20 -94.80
C ILE L 388 0.76 22.50 -94.78
N GLY L 389 0.33 21.98 -95.93
CA GLY L 389 -0.93 21.25 -96.04
C GLY L 389 -0.84 19.89 -95.37
N GLY L 390 -1.97 19.37 -94.88
CA GLY L 390 -2.00 18.07 -94.22
C GLY L 390 -1.48 16.97 -95.15
N CYS L 391 -0.61 16.11 -94.64
CA CYS L 391 -0.13 14.96 -95.43
C CYS L 391 -0.50 13.62 -94.80
N LEU L 392 -0.96 12.70 -95.64
CA LEU L 392 -1.27 11.33 -95.22
C LEU L 392 -0.51 10.32 -96.09
N PHE L 393 0.35 9.52 -95.45
CA PHE L 393 1.05 8.45 -96.13
C PHE L 393 0.41 7.09 -95.83
N ASP L 394 0.26 6.27 -96.87
CA ASP L 394 -0.12 4.87 -96.72
C ASP L 394 1.08 3.98 -97.09
N ASP L 395 1.01 2.70 -96.73
CA ASP L 395 2.06 1.71 -97.02
C ASP L 395 3.45 2.15 -96.51
N VAL L 396 3.48 2.66 -95.27
CA VAL L 396 4.73 3.04 -94.60
C VAL L 396 5.32 1.79 -93.96
N THR L 397 6.64 1.62 -94.08
CA THR L 397 7.31 0.48 -93.46
C THR L 397 8.30 0.93 -92.38
N PRO L 398 8.61 0.03 -91.41
CA PRO L 398 9.46 0.42 -90.27
C PRO L 398 10.85 0.95 -90.65
N ASP L 399 11.32 0.66 -91.85
CA ASP L 399 12.65 1.08 -92.27
C ASP L 399 12.70 2.49 -92.90
N MSE L 400 11.54 3.12 -93.05
CA MSE L 400 11.49 4.45 -93.64
C MSE L 400 11.73 5.53 -92.62
O MSE L 400 11.31 5.40 -91.47
CB MSE L 400 10.12 4.70 -94.25
CG MSE L 400 9.83 3.68 -95.34
SE MSE L 400 8.15 4.26 -96.18
CE MSE L 400 7.82 2.77 -97.44
N ASP L 401 12.38 6.60 -93.07
CA ASP L 401 12.67 7.76 -92.20
C ASP L 401 11.42 8.45 -91.68
N ILE L 402 10.35 8.48 -92.49
CA ILE L 402 9.07 9.05 -92.01
C ILE L 402 8.49 8.26 -90.84
N TYR L 403 8.86 6.98 -90.72
CA TYR L 403 8.42 6.17 -89.60
C TYR L 403 9.38 6.31 -88.42
N LYS L 404 10.68 6.33 -88.72
CA LYS L 404 11.70 6.31 -87.66
C LYS L 404 11.86 7.65 -86.94
N THR L 405 11.71 8.74 -87.69
CA THR L 405 11.94 10.09 -87.16
C THR L 405 10.65 10.74 -86.69
N GLU L 406 10.72 11.50 -85.59
CA GLU L 406 9.65 12.40 -85.17
C GLU L 406 9.59 13.57 -86.16
N ILE L 407 8.54 13.64 -86.96
CA ILE L 407 8.38 14.71 -87.97
C ILE L 407 8.01 16.06 -87.34
N PHE L 408 7.19 16.01 -86.28
CA PHE L 408 6.66 17.18 -85.58
C PHE L 408 5.91 18.14 -86.49
N GLY L 409 5.21 17.56 -87.46
CA GLY L 409 4.41 18.31 -88.40
C GLY L 409 3.12 17.58 -88.73
N PRO L 410 2.33 18.12 -89.69
CA PRO L 410 1.04 17.55 -90.06
C PRO L 410 1.22 16.42 -91.08
N VAL L 411 1.92 15.37 -90.66
CA VAL L 411 2.22 14.23 -91.51
C VAL L 411 1.90 12.96 -90.75
N LEU L 412 0.83 12.28 -91.19
CA LEU L 412 0.36 11.05 -90.55
C LEU L 412 0.69 9.85 -91.41
N SER L 413 1.37 8.88 -90.82
CA SER L 413 1.76 7.67 -91.53
C SER L 413 0.92 6.48 -91.14
N VAL L 414 0.47 5.73 -92.14
CA VAL L 414 -0.34 4.55 -91.91
C VAL L 414 0.52 3.30 -92.16
N VAL L 415 0.61 2.45 -91.16
CA VAL L 415 1.36 1.20 -91.26
C VAL L 415 0.42 0.02 -91.08
N ARG L 416 0.28 -0.78 -92.12
CA ARG L 416 -0.67 -1.87 -92.13
C ARG L 416 -0.12 -3.09 -91.40
N ALA L 417 -0.76 -3.44 -90.30
CA ALA L 417 -0.40 -4.67 -89.59
C ALA L 417 -1.34 -5.78 -90.02
N ARG L 418 -0.80 -6.99 -90.11
CA ARG L 418 -1.59 -8.18 -90.48
C ARG L 418 -2.39 -8.74 -89.31
N ASN L 419 -1.83 -8.66 -88.10
CA ASN L 419 -2.49 -9.18 -86.89
C ASN L 419 -2.14 -8.39 -85.62
N TYR L 420 -2.82 -8.70 -84.52
CA TYR L 420 -2.60 -8.04 -83.22
C TYR L 420 -1.13 -8.01 -82.77
N GLU L 421 -0.46 -9.17 -82.84
CA GLU L 421 0.91 -9.27 -82.35
C GLU L 421 1.86 -8.45 -83.21
N GLU L 422 1.60 -8.39 -84.52
CA GLU L 422 2.40 -7.54 -85.41
C GLU L 422 2.14 -6.05 -85.13
N ALA L 423 0.89 -5.70 -84.81
CA ALA L 423 0.52 -4.32 -84.50
C ALA L 423 1.23 -3.87 -83.23
N LEU L 424 1.19 -4.71 -82.20
CA LEU L 424 1.83 -4.42 -80.93
C LEU L 424 3.34 -4.17 -81.07
N SER L 425 4.01 -5.01 -81.86
CA SER L 425 5.46 -5.00 -81.93
C SER L 425 6.02 -3.69 -82.53
N LEU L 426 5.20 -2.97 -83.29
CA LEU L 426 5.61 -1.70 -83.87
C LEU L 426 5.96 -0.62 -82.82
N PRO L 427 5.00 -0.21 -81.96
CA PRO L 427 5.39 0.72 -80.89
C PRO L 427 6.33 0.09 -79.86
N MSE L 428 6.25 -1.23 -79.68
CA MSE L 428 7.15 -1.94 -78.76
C MSE L 428 8.58 -1.79 -79.22
O MSE L 428 9.45 -1.45 -78.41
CB MSE L 428 6.75 -3.42 -78.68
CG MSE L 428 7.56 -4.23 -77.66
SE MSE L 428 6.76 -4.01 -75.86
CE MSE L 428 5.12 -5.08 -76.10
N LYS L 429 8.85 -2.02 -80.51
CA LYS L 429 10.21 -1.93 -81.03
C LYS L 429 10.69 -0.49 -81.26
N HIS L 430 9.79 0.47 -81.25
CA HIS L 430 10.16 1.85 -81.54
C HIS L 430 11.08 2.47 -80.48
N GLU L 431 12.04 3.28 -80.93
CA GLU L 431 12.98 4.02 -80.09
C GLU L 431 12.22 4.88 -79.05
N TYR L 432 11.11 5.49 -79.47
CA TYR L 432 10.30 6.36 -78.62
C TYR L 432 9.16 5.61 -77.91
N GLY L 433 8.79 6.13 -76.74
CA GLY L 433 7.75 5.49 -75.91
C GLY L 433 6.96 6.47 -75.07
N ASN L 434 6.40 7.51 -75.70
CA ASN L 434 5.69 8.53 -74.96
C ASN L 434 4.26 8.09 -74.72
N GLY L 435 3.46 8.09 -75.78
CA GLY L 435 2.07 7.66 -75.75
C GLY L 435 1.77 6.60 -76.79
N VAL L 436 0.65 5.89 -76.59
CA VAL L 436 0.20 4.86 -77.49
C VAL L 436 -1.28 4.64 -77.21
N ALA L 437 -2.05 4.33 -78.26
CA ALA L 437 -3.48 4.04 -78.12
C ALA L 437 -3.87 2.75 -78.81
N ILE L 438 -4.85 2.05 -78.24
CA ILE L 438 -5.47 0.93 -78.90
C ILE L 438 -6.97 1.24 -78.96
N TYR L 439 -7.54 1.12 -80.16
CA TYR L 439 -8.98 1.22 -80.34
C TYR L 439 -9.57 -0.18 -80.58
N THR L 440 -10.52 -0.56 -79.74
CA THR L 440 -11.09 -1.92 -79.73
C THR L 440 -12.31 -1.94 -78.81
N ARG L 441 -13.20 -2.90 -79.06
CA ARG L 441 -14.31 -3.15 -78.13
C ARG L 441 -13.97 -4.29 -77.19
N ASP L 442 -12.86 -4.97 -77.44
CA ASP L 442 -12.51 -6.22 -76.76
C ASP L 442 -11.68 -6.01 -75.50
N GLY L 443 -12.19 -6.46 -74.35
CA GLY L 443 -11.50 -6.27 -73.07
C GLY L 443 -10.11 -6.91 -73.00
N ASP L 444 -10.03 -8.14 -73.51
CA ASP L 444 -8.79 -8.90 -73.56
C ASP L 444 -7.71 -8.18 -74.33
N ALA L 445 -8.05 -7.74 -75.55
CA ALA L 445 -7.09 -7.06 -76.40
C ALA L 445 -6.59 -5.80 -75.72
N ALA L 446 -7.50 -5.04 -75.09
CA ALA L 446 -7.16 -3.77 -74.45
C ALA L 446 -6.27 -3.96 -73.21
N ARG L 447 -6.67 -4.88 -72.33
CA ARG L 447 -5.90 -5.16 -71.11
C ARG L 447 -4.51 -5.69 -71.49
N ASP L 448 -4.48 -6.58 -72.48
CA ASP L 448 -3.23 -7.24 -72.84
C ASP L 448 -2.24 -6.24 -73.41
N PHE L 449 -2.74 -5.40 -74.32
CA PHE L 449 -1.95 -4.38 -74.97
C PHE L 449 -1.39 -3.41 -73.93
N ALA L 450 -2.26 -2.95 -73.03
CA ALA L 450 -1.86 -1.92 -72.07
C ALA L 450 -0.84 -2.46 -71.09
N SER L 451 -1.01 -3.72 -70.70
CA SER L 451 -0.12 -4.39 -69.78
C SER L 451 1.28 -4.48 -70.35
N ARG L 452 1.38 -4.94 -71.58
CA ARG L 452 2.66 -5.35 -72.15
C ARG L 452 3.48 -4.21 -72.74
N ILE L 453 2.81 -3.21 -73.31
CA ILE L 453 3.47 -2.20 -74.12
C ILE L 453 4.50 -1.45 -73.29
N ASN L 454 5.67 -1.22 -73.88
CA ASN L 454 6.75 -0.58 -73.14
C ASN L 454 6.71 0.95 -73.26
N ILE L 455 5.52 1.50 -73.06
CA ILE L 455 5.26 2.91 -73.26
C ILE L 455 4.56 3.49 -72.04
N GLY L 456 4.87 4.73 -71.68
CA GLY L 456 4.46 5.32 -70.40
C GLY L 456 2.99 5.63 -70.24
N MSE L 457 2.37 6.12 -71.32
CA MSE L 457 0.99 6.60 -71.26
C MSE L 457 0.21 5.88 -72.35
O MSE L 457 0.59 5.92 -73.53
CB MSE L 457 1.01 8.12 -71.44
CG MSE L 457 1.72 8.80 -70.27
SE MSE L 457 2.10 10.73 -70.59
CE MSE L 457 3.74 10.52 -71.69
N VAL L 458 -0.88 5.23 -71.93
CA VAL L 458 -1.66 4.33 -72.79
C VAL L 458 -3.12 4.75 -72.83
N GLY L 459 -3.69 4.83 -74.03
CA GLY L 459 -5.10 5.12 -74.20
C GLY L 459 -5.87 3.90 -74.70
N VAL L 460 -7.01 3.65 -74.07
CA VAL L 460 -7.95 2.65 -74.57
C VAL L 460 -9.15 3.41 -75.10
N ASN L 461 -9.26 3.46 -76.42
CA ASN L 461 -10.26 4.27 -77.12
C ASN L 461 -10.15 5.76 -76.78
N VAL L 462 -8.92 6.18 -76.53
CA VAL L 462 -8.58 7.56 -76.19
C VAL L 462 -7.31 7.87 -77.01
N PRO L 463 -7.36 8.89 -77.87
CA PRO L 463 -6.24 9.10 -78.81
C PRO L 463 -5.00 9.80 -78.20
N ILE L 464 -5.23 10.67 -77.21
CA ILE L 464 -4.15 11.44 -76.59
C ILE L 464 -4.23 11.22 -75.09
N PRO L 465 -3.62 10.12 -74.59
CA PRO L 465 -3.80 9.76 -73.20
C PRO L 465 -2.88 10.52 -72.26
N VAL L 466 -2.85 11.84 -72.40
CA VAL L 466 -2.14 12.75 -71.51
C VAL L 466 -2.81 12.67 -70.16
N PRO L 467 -2.08 12.25 -69.12
CA PRO L 467 -2.74 12.14 -67.81
C PRO L 467 -3.05 13.52 -67.24
N LEU L 468 -4.08 13.61 -66.40
CA LEU L 468 -4.47 14.88 -65.79
C LEU L 468 -3.46 15.29 -64.73
N ALA L 469 -3.57 16.54 -64.27
CA ALA L 469 -2.58 17.14 -63.38
C ALA L 469 -2.40 16.37 -62.07
N TYR L 470 -3.47 15.75 -61.58
CA TYR L 470 -3.36 15.04 -60.29
C TYR L 470 -2.80 13.61 -60.43
N HIS L 471 -2.73 13.13 -61.66
CA HIS L 471 -1.93 11.97 -62.00
C HIS L 471 -0.61 12.52 -62.54
N SER L 472 0.16 11.72 -63.26
CA SER L 472 1.52 12.14 -63.62
C SER L 472 1.87 11.83 -65.06
N PHE L 473 2.77 12.63 -65.63
CA PHE L 473 3.16 12.58 -67.04
C PHE L 473 4.59 12.11 -67.26
N GLY L 474 4.76 11.12 -68.14
CA GLY L 474 6.10 10.73 -68.58
C GLY L 474 6.14 9.52 -69.50
N GLY L 475 7.08 9.57 -70.45
CA GLY L 475 7.27 8.48 -71.38
C GLY L 475 8.31 7.49 -70.89
N TRP L 476 8.52 6.44 -71.68
CA TRP L 476 9.52 5.41 -71.38
C TRP L 476 10.51 5.37 -72.53
N LYS L 477 11.44 4.41 -72.51
CA LYS L 477 12.49 4.28 -73.54
C LYS L 477 13.18 5.63 -73.74
N SER L 478 13.39 6.07 -74.98
CA SER L 478 14.10 7.35 -75.16
C SER L 478 13.23 8.61 -74.99
N SER L 479 12.03 8.45 -74.43
CA SER L 479 11.12 9.59 -74.24
C SER L 479 11.25 10.27 -72.87
N SER L 480 11.96 9.65 -71.93
CA SER L 480 12.25 10.33 -70.66
C SER L 480 13.54 9.84 -70.00
N PHE L 481 14.02 10.67 -69.08
CA PHE L 481 15.25 10.39 -68.36
C PHE L 481 15.02 10.76 -66.90
N GLY L 482 15.47 9.86 -66.01
CA GLY L 482 15.34 10.08 -64.59
C GLY L 482 14.32 9.12 -64.04
N ASP L 483 13.90 9.36 -62.80
CA ASP L 483 13.05 8.42 -62.11
C ASP L 483 11.78 9.03 -61.55
N LEU L 484 11.51 10.29 -61.89
CA LEU L 484 10.29 10.94 -61.42
C LEU L 484 9.62 11.67 -62.58
N ASN L 485 8.31 11.52 -62.67
CA ASN L 485 7.46 12.13 -63.69
C ASN L 485 7.12 13.61 -63.41
N GLN L 486 6.43 14.22 -64.37
CA GLN L 486 5.91 15.60 -64.28
C GLN L 486 4.56 15.60 -63.57
N HIS L 487 4.29 16.68 -62.86
CA HIS L 487 3.16 16.82 -61.94
C HIS L 487 2.80 15.58 -61.10
N GLY L 488 1.57 15.53 -60.61
CA GLY L 488 1.17 14.43 -59.71
C GLY L 488 2.02 14.40 -58.45
N THR L 489 1.94 13.30 -57.71
CA THR L 489 2.74 13.18 -56.50
C THR L 489 4.25 13.07 -56.81
N ASP L 490 4.61 12.55 -57.98
CA ASP L 490 6.00 12.50 -58.45
C ASP L 490 6.70 13.87 -58.43
N SER L 491 6.01 14.92 -58.84
CA SER L 491 6.59 16.27 -58.81
C SER L 491 6.86 16.79 -57.39
N ILE L 492 6.04 16.38 -56.42
CA ILE L 492 6.26 16.82 -55.06
C ILE L 492 7.53 16.14 -54.50
N LYS L 493 7.72 14.87 -54.86
CA LYS L 493 8.96 14.13 -54.59
C LYS L 493 10.17 14.79 -55.23
N PHE L 494 10.06 15.19 -56.50
CA PHE L 494 11.19 15.81 -57.19
C PHE L 494 11.59 17.13 -56.54
N TRP L 495 10.61 17.92 -56.09
CA TRP L 495 10.93 19.26 -55.60
C TRP L 495 11.14 19.37 -54.09
N THR L 496 11.28 18.23 -53.43
CA THR L 496 11.57 18.19 -51.98
C THR L 496 12.71 17.21 -51.70
N ARG L 497 13.46 17.46 -50.63
CA ARG L 497 14.41 16.47 -50.11
C ARG L 497 13.90 15.99 -48.77
N THR L 498 14.16 14.72 -48.47
CA THR L 498 13.66 14.04 -47.29
C THR L 498 14.69 14.17 -46.17
N LYS L 499 14.21 14.54 -44.98
CA LYS L 499 15.01 14.56 -43.77
C LYS L 499 14.34 13.60 -42.83
N THR L 500 15.11 12.73 -42.17
CA THR L 500 14.54 11.84 -41.16
C THR L 500 15.15 12.09 -39.80
N ILE L 501 14.28 12.28 -38.81
CA ILE L 501 14.70 12.49 -37.44
C ILE L 501 14.40 11.27 -36.57
N THR L 502 15.41 10.87 -35.81
CA THR L 502 15.25 9.88 -34.78
C THR L 502 15.49 10.59 -33.45
N SER L 503 14.55 10.44 -32.54
CA SER L 503 14.44 11.33 -31.40
C SER L 503 14.15 10.56 -30.11
N ARG L 504 14.87 10.86 -29.05
CA ARG L 504 14.58 10.34 -27.71
C ARG L 504 15.08 11.37 -26.69
N TRP L 505 14.80 11.17 -25.42
CA TRP L 505 15.13 12.16 -24.42
C TRP L 505 15.65 11.49 -23.16
N PRO L 506 16.63 12.12 -22.49
CA PRO L 506 17.09 11.55 -21.23
C PRO L 506 16.06 11.83 -20.15
N SER L 507 16.04 11.01 -19.10
CA SER L 507 15.15 11.28 -17.97
C SER L 507 15.50 12.62 -17.33
N GLY L 508 14.49 13.45 -17.07
CA GLY L 508 14.70 14.73 -16.35
C GLY L 508 13.59 15.06 -15.37
N ILE L 509 13.15 16.33 -15.39
CA ILE L 509 12.18 16.85 -14.42
C ILE L 509 10.90 16.04 -14.17
N LYS L 510 10.38 15.35 -15.18
CA LYS L 510 9.18 14.52 -14.99
C LYS L 510 9.37 13.41 -13.93
N ASP L 511 10.63 13.04 -13.69
CA ASP L 511 10.98 12.00 -12.72
C ASP L 511 11.48 12.66 -11.45
N GLY L 512 11.66 13.97 -11.49
CA GLY L 512 12.07 14.75 -10.32
C GLY L 512 13.49 15.28 -10.45
N MSE M 24 77.86 -38.58 -44.34
CA MSE M 24 78.67 -37.52 -43.66
CA MSE M 24 78.67 -37.51 -43.68
C MSE M 24 77.81 -36.30 -43.43
O MSE M 24 77.14 -35.82 -44.34
CB MSE M 24 79.89 -37.12 -44.49
CB MSE M 24 79.82 -37.12 -44.60
CG MSE M 24 80.84 -38.28 -44.79
CG MSE M 24 80.95 -38.13 -44.56
SE MSE M 24 81.81 -38.86 -43.17
SE MSE M 24 82.55 -37.32 -43.74
CE MSE M 24 80.99 -40.66 -43.13
CE MSE M 24 82.57 -35.63 -44.75
N TYR M 25 77.81 -35.81 -42.20
CA TYR M 25 77.06 -34.60 -41.88
C TYR M 25 77.99 -33.43 -41.57
N GLU M 26 77.49 -32.22 -41.80
CA GLU M 26 78.25 -31.01 -41.57
C GLU M 26 77.52 -30.10 -40.60
N LEU M 27 78.13 -29.85 -39.45
CA LEU M 27 77.56 -28.97 -38.45
C LEU M 27 78.18 -27.59 -38.56
N GLY M 28 77.33 -26.56 -38.49
CA GLY M 28 77.81 -25.18 -38.45
C GLY M 28 77.65 -24.60 -37.05
N HIS M 29 76.93 -23.49 -36.96
CA HIS M 29 76.70 -22.78 -35.72
C HIS M 29 75.21 -22.64 -35.52
N PHE M 30 74.79 -22.20 -34.35
CA PHE M 30 73.39 -21.86 -34.13
C PHE M 30 73.33 -20.40 -33.74
N ILE M 31 72.93 -19.57 -34.67
CA ILE M 31 72.85 -18.14 -34.42
C ILE M 31 71.47 -17.64 -34.80
N ASP M 32 70.90 -16.80 -33.94
CA ASP M 32 69.63 -16.12 -34.20
C ASP M 32 68.49 -17.08 -34.51
N GLY M 33 68.45 -18.23 -33.83
CA GLY M 33 67.35 -19.16 -33.97
C GLY M 33 67.48 -20.11 -35.14
N LYS M 34 68.61 -20.01 -35.85
CA LYS M 34 68.83 -20.73 -37.10
C LYS M 34 70.15 -21.47 -37.05
N ARG M 35 70.17 -22.70 -37.59
CA ARG M 35 71.45 -23.31 -37.93
C ARG M 35 72.02 -22.51 -39.08
N VAL M 36 73.30 -22.18 -39.01
CA VAL M 36 73.99 -21.46 -40.07
C VAL M 36 75.40 -22.01 -40.25
N ALA M 37 75.85 -22.09 -41.51
CA ALA M 37 77.21 -22.52 -41.83
C ALA M 37 78.17 -21.42 -41.43
N GLY M 38 79.39 -21.78 -41.10
CA GLY M 38 80.37 -20.76 -40.73
C GLY M 38 80.80 -19.96 -41.95
N THR M 39 81.69 -18.99 -41.76
CA THR M 39 82.26 -18.29 -42.91
C THR M 39 83.76 -18.53 -43.03
N SER M 40 84.32 -19.29 -42.09
CA SER M 40 85.76 -19.56 -42.10
C SER M 40 86.14 -20.60 -43.14
N GLY M 41 85.16 -21.35 -43.64
CA GLY M 41 85.41 -22.52 -44.49
C GLY M 41 86.40 -23.51 -43.90
N ARG M 42 86.67 -23.38 -42.62
CA ARG M 42 87.52 -24.33 -41.88
C ARG M 42 86.66 -25.26 -41.01
N VAL M 43 87.03 -26.54 -41.02
CA VAL M 43 86.27 -27.54 -40.29
C VAL M 43 87.18 -28.49 -39.52
N SER M 44 86.57 -29.22 -38.60
CA SER M 44 87.23 -30.23 -37.80
C SER M 44 86.46 -31.55 -37.91
N ASN M 45 87.15 -32.68 -37.94
CA ASN M 45 86.45 -33.97 -38.08
C ASN M 45 85.77 -34.45 -36.79
N ILE M 46 84.55 -34.97 -36.94
CA ILE M 46 83.84 -35.65 -35.86
C ILE M 46 83.98 -37.14 -36.11
N PHE M 47 84.43 -37.89 -35.11
CA PHE M 47 84.63 -39.32 -35.26
C PHE M 47 83.49 -40.11 -34.64
N ASN M 48 83.28 -41.33 -35.13
CA ASN M 48 82.52 -42.33 -34.35
C ASN M 48 83.54 -43.22 -33.65
N PRO M 49 83.74 -42.99 -32.34
CA PRO M 49 84.82 -43.61 -31.59
C PRO M 49 84.75 -45.13 -31.52
N ALA M 50 83.57 -45.68 -31.78
CA ALA M 50 83.36 -47.13 -31.77
C ALA M 50 83.99 -47.79 -32.99
N THR M 51 84.06 -47.05 -34.10
CA THR M 51 84.63 -47.57 -35.32
C THR M 51 85.96 -46.88 -35.67
N GLY M 52 86.20 -45.72 -35.08
CA GLY M 52 87.38 -44.92 -35.40
C GLY M 52 87.25 -44.12 -36.70
N GLU M 53 86.11 -44.23 -37.35
CA GLU M 53 85.82 -43.56 -38.62
C GLU M 53 85.36 -42.12 -38.44
N VAL M 54 85.62 -41.28 -39.44
CA VAL M 54 85.05 -39.94 -39.48
C VAL M 54 83.58 -40.08 -39.86
N GLN M 55 82.69 -39.42 -39.12
CA GLN M 55 81.27 -39.45 -39.46
C GLN M 55 80.69 -38.08 -39.86
N GLY M 56 81.47 -37.02 -39.67
CA GLY M 56 81.01 -35.70 -40.04
C GLY M 56 82.03 -34.65 -39.71
N THR M 57 81.70 -33.40 -40.03
CA THR M 57 82.57 -32.26 -39.71
C THR M 57 81.83 -31.19 -38.90
N VAL M 58 82.60 -30.34 -38.23
CA VAL M 58 82.07 -29.20 -37.50
C VAL M 58 82.84 -27.95 -37.88
N ALA M 59 82.12 -26.85 -38.11
CA ALA M 59 82.75 -25.58 -38.48
C ALA M 59 83.57 -25.00 -37.34
N LEU M 60 84.74 -24.47 -37.66
CA LEU M 60 85.57 -23.76 -36.69
C LEU M 60 85.36 -22.25 -36.89
N ALA M 61 84.69 -21.62 -35.94
CA ALA M 61 84.32 -20.21 -36.01
C ALA M 61 85.49 -19.28 -36.25
N SER M 62 85.34 -18.39 -37.23
CA SER M 62 86.21 -17.24 -37.37
C SER M 62 85.85 -16.21 -36.31
N ASP M 63 86.70 -15.19 -36.19
CA ASP M 63 86.40 -14.03 -35.35
C ASP M 63 85.10 -13.37 -35.78
N ALA M 64 84.90 -13.26 -37.09
CA ALA M 64 83.67 -12.70 -37.66
C ALA M 64 82.44 -13.49 -37.23
N ASP M 65 82.51 -14.82 -37.28
CA ASP M 65 81.41 -15.66 -36.83
C ASP M 65 81.01 -15.40 -35.37
N LEU M 66 81.97 -15.34 -34.45
CA LEU M 66 81.74 -15.00 -33.07
C LEU M 66 81.18 -13.61 -32.91
N ALA M 67 81.72 -12.64 -33.65
CA ALA M 67 81.17 -11.28 -33.69
C ALA M 67 79.68 -11.27 -34.03
N ALA M 68 79.27 -12.08 -35.00
CA ALA M 68 77.87 -12.22 -35.37
C ALA M 68 76.98 -12.80 -34.25
N ALA M 69 77.49 -13.80 -33.54
CA ALA M 69 76.77 -14.32 -32.40
C ALA M 69 76.57 -13.23 -31.35
N VAL M 70 77.62 -12.46 -31.08
CA VAL M 70 77.57 -11.39 -30.08
C VAL M 70 76.56 -10.29 -30.45
N GLU M 71 76.55 -9.88 -31.72
CA GLU M 71 75.64 -8.84 -32.20
C GLU M 71 74.19 -9.31 -32.11
N SER M 72 73.96 -10.56 -32.42
CA SER M 72 72.68 -11.15 -32.30
C SER M 72 72.20 -11.18 -30.83
N ALA M 73 73.11 -11.52 -29.97
CA ALA M 73 72.86 -11.52 -28.53
C ALA M 73 72.57 -10.12 -28.02
N LYS M 74 73.27 -9.11 -28.53
CA LYS M 74 73.06 -7.73 -28.10
C LYS M 74 71.66 -7.22 -28.47
N ALA M 75 71.20 -7.58 -29.67
CA ALA M 75 69.91 -7.12 -30.16
C ALA M 75 68.75 -7.78 -29.41
N ALA M 76 68.97 -8.98 -28.88
CA ALA M 76 67.90 -9.77 -28.26
C ALA M 76 67.82 -9.60 -26.76
N GLN M 77 68.97 -9.36 -26.12
CA GLN M 77 69.05 -9.42 -24.66
C GLN M 77 68.14 -8.46 -23.86
N PRO M 78 68.08 -7.17 -24.25
CA PRO M 78 67.27 -6.25 -23.44
C PRO M 78 65.81 -6.67 -23.29
N LYS M 79 65.21 -7.19 -24.36
CA LYS M 79 63.80 -7.59 -24.33
C LYS M 79 63.58 -8.90 -23.53
N TRP M 80 64.59 -9.76 -23.54
CA TRP M 80 64.56 -10.92 -22.69
C TRP M 80 64.65 -10.53 -21.21
N ALA M 81 65.58 -9.61 -20.88
CA ALA M 81 65.70 -9.11 -19.52
C ALA M 81 64.42 -8.37 -19.09
N ALA M 82 63.79 -7.66 -20.02
CA ALA M 82 62.56 -6.94 -19.71
C ALA M 82 61.35 -7.88 -19.52
N THR M 83 61.54 -9.18 -19.75
CA THR M 83 60.48 -10.18 -19.54
C THR M 83 60.41 -10.56 -18.06
N ASN M 84 59.21 -10.65 -17.48
CA ASN M 84 59.11 -10.93 -16.04
C ASN M 84 59.64 -12.32 -15.66
N PRO M 85 60.13 -12.49 -14.41
CA PRO M 85 60.75 -13.75 -14.01
C PRO M 85 59.88 -15.00 -14.21
N GLN M 86 58.58 -14.89 -13.95
CA GLN M 86 57.67 -16.01 -14.11
C GLN M 86 57.56 -16.49 -15.56
N ARG M 87 57.61 -15.55 -16.49
CA ARG M 87 57.55 -15.89 -17.92
C ARG M 87 58.88 -16.44 -18.43
N ARG M 88 60.00 -15.98 -17.89
CA ARG M 88 61.28 -16.60 -18.22
C ARG M 88 61.31 -18.04 -17.68
N ALA M 89 60.81 -18.25 -16.47
CA ALA M 89 60.79 -19.57 -15.83
C ALA M 89 59.95 -20.56 -16.66
N ARG M 90 58.85 -20.08 -17.23
CA ARG M 90 57.99 -20.91 -18.08
C ARG M 90 58.68 -21.48 -19.32
N VAL M 91 59.64 -20.74 -19.88
CA VAL M 91 60.48 -21.27 -20.95
C VAL M 91 61.22 -22.55 -20.50
N PHE M 92 61.82 -22.52 -19.31
CA PHE M 92 62.52 -23.68 -18.79
C PHE M 92 61.63 -24.87 -18.47
N MSE M 93 60.43 -24.59 -17.99
CA MSE M 93 59.41 -25.59 -17.72
C MSE M 93 59.04 -26.34 -18.98
O MSE M 93 59.00 -27.57 -18.99
CB MSE M 93 58.18 -24.87 -17.21
CG MSE M 93 57.71 -25.48 -15.89
SE MSE M 93 56.15 -24.49 -15.22
CE MSE M 93 56.84 -22.66 -15.00
N LYS M 94 58.76 -25.60 -20.04
CA LYS M 94 58.48 -26.20 -21.32
C LYS M 94 59.72 -26.93 -21.86
N PHE M 95 60.90 -26.35 -21.65
CA PHE M 95 62.15 -26.93 -22.15
C PHE M 95 62.40 -28.30 -21.56
N VAL M 96 62.14 -28.45 -20.26
CA VAL M 96 62.26 -29.74 -19.56
C VAL M 96 61.35 -30.80 -20.19
N GLN M 97 60.12 -30.43 -20.50
CA GLN M 97 59.20 -31.33 -21.17
C GLN M 97 59.72 -31.75 -22.55
N LEU M 98 60.34 -30.82 -23.26
CA LEU M 98 60.96 -31.10 -24.56
C LEU M 98 62.17 -32.03 -24.46
N LEU M 99 62.90 -31.96 -23.34
CA LEU M 99 64.04 -32.85 -23.13
C LEU M 99 63.53 -34.28 -22.92
N ASN M 100 62.49 -34.43 -22.10
CA ASN M 100 61.86 -35.72 -21.90
C ASN M 100 61.31 -36.31 -23.21
N ASP M 101 60.62 -35.49 -24.01
CA ASP M 101 60.11 -35.88 -25.32
C ASP M 101 61.20 -36.35 -26.29
N ASN M 102 62.38 -35.77 -26.17
CA ASN M 102 63.46 -35.99 -27.10
C ASN M 102 64.62 -36.77 -26.49
N MSE M 103 64.39 -37.35 -25.32
CA MSE M 103 65.45 -38.04 -24.55
C MSE M 103 66.22 -39.06 -25.37
O MSE M 103 67.44 -39.08 -25.34
CB MSE M 103 64.78 -38.71 -23.36
CG MSE M 103 65.77 -39.48 -22.49
SE MSE M 103 67.02 -38.20 -21.67
CE MSE M 103 65.72 -37.11 -20.63
N ASN M 104 65.49 -39.88 -26.12
CA ASN M 104 66.11 -40.94 -26.92
C ASN M 104 66.94 -40.40 -28.08
N GLU M 105 66.39 -39.47 -28.84
CA GLU M 105 67.11 -38.83 -29.95
C GLU M 105 68.38 -38.11 -29.45
N LEU M 106 68.25 -37.36 -28.36
CA LEU M 106 69.39 -36.66 -27.77
C LEU M 106 70.47 -37.62 -27.31
N ALA M 107 70.07 -38.70 -26.64
CA ALA M 107 71.00 -39.70 -26.12
C ALA M 107 71.77 -40.40 -27.25
N GLU M 108 71.06 -40.75 -28.32
CA GLU M 108 71.67 -41.42 -29.49
C GLU M 108 72.77 -40.56 -30.12
N MSE M 109 72.49 -39.28 -30.37
CA MSE M 109 73.46 -38.41 -31.02
C MSE M 109 74.64 -38.13 -30.12
O MSE M 109 75.76 -37.95 -30.60
CB MSE M 109 72.83 -37.12 -31.55
CG MSE M 109 72.27 -36.22 -30.46
SE MSE M 109 71.57 -34.58 -31.27
CE MSE M 109 69.94 -35.18 -32.20
N LEU M 110 74.39 -38.14 -28.80
CA LEU M 110 75.46 -37.97 -27.82
C LEU M 110 76.38 -39.18 -27.82
N SER M 111 75.82 -40.36 -27.56
CA SER M 111 76.56 -41.64 -27.59
C SER M 111 77.30 -41.88 -28.90
N ARG M 112 76.65 -41.59 -30.02
CA ARG M 112 77.28 -41.80 -31.34
C ARG M 112 78.58 -40.99 -31.54
N GLU M 113 78.65 -39.78 -30.99
CA GLU M 113 79.85 -38.94 -31.12
C GLU M 113 80.84 -39.10 -29.97
N HIS M 114 80.33 -39.28 -28.76
CA HIS M 114 81.15 -39.36 -27.55
C HIS M 114 81.69 -40.78 -27.31
N GLY M 115 80.82 -41.78 -27.44
CA GLY M 115 81.23 -43.17 -27.23
C GLY M 115 80.58 -43.85 -26.05
N LYS M 116 80.06 -43.06 -25.10
CA LYS M 116 79.50 -43.64 -23.87
C LYS M 116 78.16 -44.32 -24.12
N THR M 117 77.75 -45.21 -23.22
CA THR M 117 76.52 -45.97 -23.39
C THR M 117 75.29 -45.05 -23.45
N ILE M 118 74.22 -45.53 -24.08
CA ILE M 118 72.96 -44.79 -24.18
C ILE M 118 72.44 -44.41 -22.79
N ASP M 119 72.60 -45.34 -21.86
CA ASP M 119 72.21 -45.14 -20.47
C ASP M 119 73.00 -44.01 -19.80
N ASP M 120 74.31 -43.92 -20.02
CA ASP M 120 75.13 -42.82 -19.48
C ASP M 120 74.69 -41.51 -20.13
N ALA M 121 74.39 -41.57 -21.42
CA ALA M 121 74.00 -40.40 -22.21
C ALA M 121 72.70 -39.80 -21.70
N LYS M 122 71.74 -40.67 -21.37
CA LYS M 122 70.51 -40.26 -20.70
C LYS M 122 70.80 -39.57 -19.38
N GLY M 123 71.72 -40.16 -18.60
CA GLY M 123 72.17 -39.57 -17.33
C GLY M 123 72.75 -38.17 -17.51
N ASP M 124 73.60 -38.02 -18.52
CA ASP M 124 74.17 -36.74 -18.97
C ASP M 124 73.04 -35.70 -19.15
N ILE M 125 72.05 -36.03 -19.99
CA ILE M 125 70.92 -35.15 -20.28
C ILE M 125 70.12 -34.83 -19.02
N VAL M 126 69.80 -35.86 -18.24
CA VAL M 126 68.98 -35.72 -17.04
C VAL M 126 69.63 -34.77 -16.02
N ARG M 127 70.95 -34.81 -15.90
CA ARG M 127 71.62 -33.92 -14.96
C ARG M 127 71.58 -32.45 -15.40
N GLY M 128 71.60 -32.21 -16.70
CA GLY M 128 71.38 -30.86 -17.21
C GLY M 128 69.95 -30.42 -16.98
N LEU M 129 69.02 -31.32 -17.30
CA LEU M 129 67.59 -31.13 -17.12
C LEU M 129 67.28 -30.67 -15.67
N GLU M 130 67.99 -31.24 -14.71
CA GLU M 130 67.77 -30.89 -13.31
C GLU M 130 68.21 -29.46 -13.00
N VAL M 131 69.24 -28.97 -13.70
CA VAL M 131 69.58 -27.56 -13.55
C VAL M 131 68.45 -26.69 -14.13
N CYS M 132 67.86 -27.12 -15.25
CA CYS M 132 66.72 -26.41 -15.81
C CYS M 132 65.52 -26.40 -14.86
N GLU M 133 65.28 -27.52 -14.17
CA GLU M 133 64.24 -27.60 -13.13
C GLU M 133 64.49 -26.63 -11.97
N PHE M 134 65.76 -26.48 -11.59
CA PHE M 134 66.15 -25.56 -10.52
C PHE M 134 65.87 -24.10 -10.85
N VAL M 135 66.16 -23.68 -12.08
CA VAL M 135 65.99 -22.28 -12.46
C VAL M 135 64.55 -21.88 -12.80
N ILE M 136 63.64 -22.86 -12.77
CA ILE M 136 62.21 -22.55 -12.82
C ILE M 136 61.85 -21.65 -11.61
N GLY M 137 62.53 -21.86 -10.49
CA GLY M 137 62.38 -20.99 -9.30
C GLY M 137 63.14 -19.67 -9.34
N ILE M 138 63.55 -19.22 -10.53
CA ILE M 138 64.24 -17.93 -10.64
C ILE M 138 63.49 -16.74 -10.01
N PRO M 139 62.13 -16.74 -10.04
CA PRO M 139 61.53 -15.58 -9.38
C PRO M 139 61.99 -15.44 -7.93
N HIS M 140 61.93 -16.54 -7.18
CA HIS M 140 62.41 -16.52 -5.81
C HIS M 140 63.91 -16.33 -5.70
N LEU M 141 64.65 -17.03 -6.57
CA LEU M 141 66.11 -17.04 -6.56
C LEU M 141 66.78 -15.70 -6.84
N GLN M 142 66.16 -14.87 -7.66
CA GLN M 142 66.73 -13.58 -8.03
C GLN M 142 66.33 -12.42 -7.08
N LYS M 143 65.58 -12.71 -6.02
CA LYS M 143 65.24 -11.71 -5.01
C LYS M 143 66.47 -11.03 -4.44
N SER M 144 66.35 -9.74 -4.17
CA SER M 144 67.39 -8.98 -3.51
C SER M 144 66.87 -8.49 -2.14
N GLU M 145 67.63 -7.61 -1.48
CA GLU M 145 67.38 -7.28 -0.06
C GLU M 145 66.80 -5.86 0.12
N PHE M 146 65.93 -5.69 1.12
CA PHE M 146 65.31 -4.39 1.40
C PHE M 146 65.42 -4.03 2.87
N THR M 147 65.80 -2.79 3.13
CA THR M 147 65.83 -2.22 4.48
C THR M 147 65.01 -0.92 4.54
N GLU M 148 64.04 -0.86 5.45
CA GLU M 148 63.36 0.41 5.74
C GLU M 148 64.08 1.17 6.85
N GLY M 149 64.21 2.49 6.71
CA GLY M 149 64.76 3.29 7.81
C GLY M 149 66.22 2.99 8.12
N ALA M 150 66.99 2.65 7.09
CA ALA M 150 68.44 2.59 7.16
C ALA M 150 68.99 3.88 7.79
N GLY M 151 68.42 5.01 7.37
CA GLY M 151 68.56 6.29 8.07
C GLY M 151 67.17 6.90 8.24
N PRO M 152 67.10 8.18 8.66
CA PRO M 152 65.85 8.95 8.87
C PRO M 152 65.03 9.18 7.58
N GLY M 153 63.93 8.43 7.43
CA GLY M 153 63.14 8.46 6.20
C GLY M 153 63.89 7.95 4.96
N ILE M 154 65.01 7.24 5.19
CA ILE M 154 65.85 6.71 4.09
C ILE M 154 65.71 5.19 3.98
N ASP M 155 65.29 4.70 2.82
CA ASP M 155 65.27 3.26 2.57
C ASP M 155 66.47 2.80 1.74
N MSE M 156 66.84 1.52 1.87
CA MSE M 156 68.03 0.99 1.20
C MSE M 156 67.74 -0.39 0.69
O MSE M 156 67.33 -1.29 1.45
CB MSE M 156 69.17 0.99 2.19
CG MSE M 156 70.50 0.66 1.53
SE MSE M 156 71.94 0.83 2.87
CE MSE M 156 71.88 2.80 3.01
N TYR M 157 67.93 -0.59 -0.61
CA TYR M 157 67.60 -1.86 -1.24
C TYR M 157 68.44 -2.17 -2.47
N SER M 158 68.71 -3.45 -2.67
CA SER M 158 69.46 -3.87 -3.82
C SER M 158 68.54 -4.46 -4.88
N ILE M 159 69.09 -4.62 -6.08
CA ILE M 159 68.40 -5.26 -7.19
C ILE M 159 69.46 -6.05 -7.92
N ARG M 160 69.12 -7.29 -8.26
CA ARG M 160 70.03 -8.16 -8.98
C ARG M 160 69.67 -8.18 -10.45
N GLN M 161 70.48 -7.49 -11.25
CA GLN M 161 70.20 -7.27 -12.67
C GLN M 161 71.18 -8.11 -13.51
N PRO M 162 70.83 -8.39 -14.77
CA PRO M 162 71.69 -9.23 -15.62
C PRO M 162 73.06 -8.61 -15.83
N VAL M 163 74.07 -9.45 -16.10
CA VAL M 163 75.40 -8.94 -16.42
C VAL M 163 75.47 -8.48 -17.90
N GLY M 164 74.58 -9.05 -18.72
CA GLY M 164 74.47 -8.67 -20.13
C GLY M 164 74.62 -9.91 -20.98
N ILE M 165 75.83 -10.16 -21.46
CA ILE M 165 76.11 -11.30 -22.32
C ILE M 165 77.24 -12.19 -21.72
N GLY M 166 76.92 -13.46 -21.53
CA GLY M 166 77.89 -14.41 -21.03
C GLY M 166 78.29 -15.46 -22.06
N ALA M 167 79.36 -16.19 -21.74
CA ALA M 167 79.84 -17.24 -22.62
C ALA M 167 80.26 -18.43 -21.80
N GLY M 168 80.16 -19.60 -22.41
CA GLY M 168 80.48 -20.85 -21.73
C GLY M 168 81.33 -21.72 -22.61
N ILE M 169 82.37 -22.29 -22.03
CA ILE M 169 83.28 -23.18 -22.74
C ILE M 169 83.26 -24.54 -22.04
N THR M 170 82.93 -25.59 -22.79
CA THR M 170 82.63 -26.89 -22.20
C THR M 170 83.47 -28.01 -22.81
N PRO M 171 83.60 -29.14 -22.08
CA PRO M 171 84.45 -30.24 -22.52
C PRO M 171 83.67 -31.33 -23.26
N PHE M 172 84.39 -32.34 -23.74
CA PHE M 172 83.78 -33.40 -24.53
C PHE M 172 82.91 -34.35 -23.70
N ASN M 173 83.28 -34.58 -22.45
CA ASN M 173 82.68 -35.69 -21.70
C ASN M 173 81.20 -35.52 -21.32
N PHE M 174 80.77 -34.29 -21.11
CA PHE M 174 79.35 -34.04 -20.87
C PHE M 174 78.83 -32.90 -21.77
N PRO M 175 78.48 -33.20 -23.04
CA PRO M 175 78.05 -32.15 -23.97
C PRO M 175 76.57 -31.72 -23.81
N GLY M 176 75.89 -32.31 -22.84
CA GLY M 176 74.53 -31.91 -22.52
C GLY M 176 74.48 -31.30 -21.14
N MSE M 177 74.96 -32.05 -20.15
CA MSE M 177 74.90 -31.62 -18.78
C MSE M 177 75.59 -30.30 -18.61
O MSE M 177 75.01 -29.36 -18.06
CB MSE M 177 75.51 -32.69 -17.86
CG MSE M 177 75.50 -32.19 -16.44
SE MSE M 177 76.35 -33.48 -15.24
CE MSE M 177 78.25 -33.03 -15.53
N ILE M 178 76.83 -30.21 -19.07
CA ILE M 178 77.65 -29.03 -18.73
C ILE M 178 77.18 -27.74 -19.42
N PRO M 179 76.83 -27.80 -20.72
CA PRO M 179 76.19 -26.62 -21.31
C PRO M 179 74.96 -26.12 -20.52
N MSE M 180 74.09 -27.04 -20.09
CA MSE M 180 72.89 -26.69 -19.31
C MSE M 180 73.22 -26.14 -17.93
O MSE M 180 72.56 -25.18 -17.47
CB MSE M 180 71.97 -27.91 -19.24
CG MSE M 180 71.35 -28.14 -20.60
SE MSE M 180 69.91 -29.48 -20.50
CE MSE M 180 70.88 -31.09 -21.10
N TRP M 181 74.23 -26.70 -17.27
CA TRP M 181 74.80 -26.11 -16.05
C TRP M 181 74.94 -24.60 -16.15
N MSE M 182 75.46 -24.14 -17.28
CA MSE M 182 75.85 -22.74 -17.45
C MSE M 182 74.73 -21.90 -18.01
O MSE M 182 74.46 -20.82 -17.48
CB MSE M 182 77.04 -22.63 -18.39
CG MSE M 182 78.29 -23.29 -17.82
SE MSE M 182 79.61 -23.35 -19.30
CE MSE M 182 81.13 -24.06 -18.28
N PHE M 183 74.09 -22.35 -19.09
CA PHE M 183 73.12 -21.49 -19.75
C PHE M 183 71.75 -21.38 -19.10
N ALA M 184 71.37 -22.37 -18.28
CA ALA M 184 70.10 -22.31 -17.57
C ALA M 184 70.07 -21.16 -16.59
N PRO M 185 71.08 -21.06 -15.69
CA PRO M 185 71.11 -19.92 -14.77
C PRO M 185 71.35 -18.60 -15.50
N ALA M 186 72.24 -18.61 -16.50
CA ALA M 186 72.59 -17.40 -17.21
C ALA M 186 71.37 -16.83 -17.88
N ILE M 187 70.64 -17.69 -18.59
CA ILE M 187 69.45 -17.27 -19.32
C ILE M 187 68.30 -16.97 -18.35
N ALA M 188 68.17 -17.75 -17.27
CA ALA M 188 67.10 -17.48 -16.31
C ALA M 188 67.24 -16.10 -15.68
N CYS M 189 68.50 -15.68 -15.48
CA CYS M 189 68.80 -14.37 -14.90
C CYS M 189 68.61 -13.19 -15.83
N GLY M 190 68.24 -13.46 -17.09
CA GLY M 190 67.96 -12.43 -18.08
C GLY M 190 69.15 -12.04 -18.95
N ASN M 191 70.19 -12.87 -18.93
CA ASN M 191 71.35 -12.69 -19.81
C ASN M 191 71.11 -13.40 -21.12
N ALA M 192 71.81 -12.96 -22.16
CA ALA M 192 72.01 -13.76 -23.36
C ALA M 192 73.31 -14.56 -23.18
N PHE M 193 73.44 -15.66 -23.93
CA PHE M 193 74.52 -16.62 -23.68
C PHE M 193 75.07 -17.19 -25.00
N ILE M 194 76.39 -17.18 -25.12
CA ILE M 194 77.08 -17.81 -26.24
C ILE M 194 77.81 -19.07 -25.76
N LEU M 195 77.41 -20.22 -26.29
CA LEU M 195 78.04 -21.50 -25.97
C LEU M 195 79.13 -21.91 -26.98
N LYS M 196 80.32 -22.22 -26.50
CA LYS M 196 81.34 -22.84 -27.29
C LYS M 196 81.61 -24.21 -26.71
N PRO M 197 80.92 -25.20 -27.22
CA PRO M 197 81.04 -26.57 -26.72
C PRO M 197 82.24 -27.27 -27.33
N SER M 198 82.61 -28.43 -26.80
CA SER M 198 83.70 -29.22 -27.39
C SER M 198 83.42 -29.57 -28.86
N GLU M 199 84.44 -29.40 -29.70
CA GLU M 199 84.36 -29.74 -31.12
C GLU M 199 84.39 -31.25 -31.36
N ARG M 200 84.64 -32.03 -30.31
CA ARG M 200 84.70 -33.49 -30.42
C ARG M 200 83.31 -34.05 -30.72
N ASP M 201 82.32 -33.54 -29.99
CA ASP M 201 80.97 -34.08 -30.02
C ASP M 201 79.90 -33.00 -29.94
N PRO M 202 79.71 -32.25 -31.05
CA PRO M 202 78.91 -31.05 -30.95
C PRO M 202 77.45 -31.16 -31.42
N SER M 203 76.97 -32.36 -31.75
CA SER M 203 75.57 -32.47 -32.16
C SER M 203 74.55 -32.07 -31.05
N VAL M 204 74.73 -32.57 -29.83
CA VAL M 204 73.80 -32.27 -28.73
C VAL M 204 73.62 -30.76 -28.46
N PRO M 205 74.72 -30.00 -28.32
CA PRO M 205 74.56 -28.57 -28.01
C PRO M 205 73.70 -27.81 -29.02
N ILE M 206 73.87 -28.07 -30.31
CA ILE M 206 73.05 -27.42 -31.32
C ILE M 206 71.58 -27.79 -31.15
N ARG M 207 71.32 -29.09 -31.00
CA ARG M 207 69.96 -29.55 -30.82
C ARG M 207 69.31 -28.94 -29.57
N LEU M 208 70.09 -28.79 -28.50
CA LEU M 208 69.61 -28.12 -27.29
C LEU M 208 69.17 -26.69 -27.56
N ALA M 209 69.95 -25.97 -28.37
CA ALA M 209 69.63 -24.55 -28.65
C ALA M 209 68.37 -24.46 -29.51
N GLU M 210 68.27 -25.40 -30.46
CA GLU M 210 67.07 -25.60 -31.26
C GLU M 210 65.83 -25.84 -30.39
N LEU M 211 65.98 -26.64 -29.33
CA LEU M 211 64.85 -26.95 -28.44
C LEU M 211 64.46 -25.78 -27.53
N MSE M 212 65.43 -24.97 -27.15
CA MSE M 212 65.15 -23.74 -26.44
C MSE M 212 64.28 -22.85 -27.29
O MSE M 212 63.32 -22.28 -26.80
CB MSE M 212 66.42 -23.01 -25.99
CG MSE M 212 67.07 -23.66 -24.76
SE MSE M 212 65.98 -23.50 -23.10
CE MSE M 212 66.30 -21.62 -22.62
N ILE M 213 64.58 -22.74 -28.59
CA ILE M 213 63.71 -22.00 -29.51
C ILE M 213 62.28 -22.57 -29.47
N GLU M 214 62.15 -23.88 -29.61
CA GLU M 214 60.85 -24.54 -29.53
C GLU M 214 60.12 -24.29 -28.20
N ALA M 215 60.88 -24.19 -27.11
CA ALA M 215 60.31 -23.90 -25.80
C ALA M 215 59.89 -22.43 -25.62
N GLY M 216 60.16 -21.59 -26.61
CA GLY M 216 59.73 -20.19 -26.58
C GLY M 216 60.80 -19.17 -26.22
N LEU M 217 62.06 -19.59 -26.17
CA LEU M 217 63.16 -18.64 -25.96
C LEU M 217 63.32 -17.82 -27.24
N PRO M 218 63.40 -16.48 -27.11
CA PRO M 218 63.67 -15.65 -28.29
C PRO M 218 64.99 -15.98 -28.98
N ALA M 219 65.02 -15.77 -30.29
CA ALA M 219 66.23 -15.87 -31.11
C ALA M 219 67.30 -14.97 -30.52
N GLY M 220 68.56 -15.39 -30.59
CA GLY M 220 69.63 -14.56 -30.11
C GLY M 220 70.03 -14.75 -28.66
N ILE M 221 69.14 -15.33 -27.85
CA ILE M 221 69.39 -15.47 -26.41
C ILE M 221 70.32 -16.64 -26.11
N LEU M 222 70.20 -17.74 -26.86
CA LEU M 222 71.17 -18.82 -26.77
C LEU M 222 71.72 -19.12 -28.16
N ASN M 223 72.97 -18.72 -28.36
CA ASN M 223 73.68 -18.98 -29.59
C ASN M 223 74.77 -20.01 -29.34
N VAL M 224 74.99 -20.89 -30.32
CA VAL M 224 76.08 -21.85 -30.24
C VAL M 224 77.11 -21.53 -31.32
N VAL M 225 78.33 -21.28 -30.87
CA VAL M 225 79.47 -21.00 -31.74
C VAL M 225 80.47 -22.13 -31.60
N ASN M 226 80.61 -22.93 -32.66
CA ASN M 226 81.56 -24.04 -32.66
C ASN M 226 82.98 -23.62 -33.04
N GLY M 227 83.97 -24.30 -32.48
CA GLY M 227 85.36 -24.04 -32.83
C GLY M 227 86.40 -24.54 -31.85
N ASP M 228 87.65 -24.13 -32.08
CA ASP M 228 88.77 -24.55 -31.26
C ASP M 228 89.31 -23.37 -30.45
N LYS M 229 90.61 -23.33 -30.22
CA LYS M 229 91.27 -22.22 -29.50
C LYS M 229 90.97 -20.87 -30.14
N GLY M 230 90.75 -20.87 -31.46
CA GLY M 230 90.40 -19.65 -32.20
C GLY M 230 89.11 -19.03 -31.71
N ALA M 231 88.08 -19.85 -31.56
CA ALA M 231 86.79 -19.43 -31.00
C ALA M 231 86.92 -18.98 -29.54
N VAL M 232 87.70 -19.73 -28.76
CA VAL M 232 87.92 -19.41 -27.35
C VAL M 232 88.56 -18.05 -27.20
N ASP M 233 89.66 -17.81 -27.95
CA ASP M 233 90.37 -16.53 -27.90
C ASP M 233 89.52 -15.35 -28.36
N ALA M 234 88.65 -15.57 -29.34
CA ALA M 234 87.73 -14.56 -29.81
C ALA M 234 86.72 -14.19 -28.72
N ILE M 235 86.27 -15.18 -27.95
CA ILE M 235 85.36 -14.95 -26.82
C ILE M 235 86.04 -14.15 -25.71
N LEU M 236 87.28 -14.49 -25.42
CA LEU M 236 88.02 -13.90 -24.30
C LEU M 236 88.41 -12.46 -24.58
N THR M 237 88.49 -12.09 -25.85
CA THR M 237 88.88 -10.74 -26.24
C THR M 237 87.70 -9.87 -26.73
N HIS M 238 86.48 -10.38 -26.66
CA HIS M 238 85.34 -9.59 -27.14
C HIS M 238 84.85 -8.69 -26.03
N PRO M 239 84.86 -7.36 -26.28
CA PRO M 239 84.57 -6.35 -25.27
C PRO M 239 83.14 -6.42 -24.72
N ASP M 240 82.20 -6.94 -25.53
CA ASP M 240 80.80 -7.00 -25.10
C ASP M 240 80.43 -8.28 -24.34
N ILE M 241 81.39 -9.18 -24.16
CA ILE M 241 81.16 -10.37 -23.34
C ILE M 241 81.64 -10.06 -21.92
N ALA M 242 80.70 -10.15 -20.97
CA ALA M 242 80.98 -9.72 -19.61
C ALA M 242 81.52 -10.81 -18.66
N ALA M 243 81.19 -12.07 -18.95
CA ALA M 243 81.39 -13.17 -18.01
C ALA M 243 81.65 -14.46 -18.76
N VAL M 244 82.58 -15.26 -18.26
CA VAL M 244 82.97 -16.51 -18.91
C VAL M 244 82.97 -17.66 -17.91
N SER M 245 82.31 -18.76 -18.28
CA SER M 245 82.33 -19.98 -17.47
C SER M 245 83.04 -21.07 -18.27
N PHE M 246 83.92 -21.81 -17.61
CA PHE M 246 84.69 -22.85 -18.27
C PHE M 246 84.71 -24.13 -17.46
N VAL M 247 84.58 -25.27 -18.15
CA VAL M 247 84.80 -26.57 -17.55
C VAL M 247 85.66 -27.39 -18.53
N GLY M 248 86.78 -27.93 -18.06
CA GLY M 248 87.69 -28.70 -18.92
C GLY M 248 88.92 -29.08 -18.11
N SER M 249 90.07 -29.25 -18.77
CA SER M 249 91.30 -29.64 -18.08
C SER M 249 91.90 -28.45 -17.30
N THR M 250 92.67 -28.76 -16.24
CA THR M 250 93.29 -27.74 -15.41
C THR M 250 94.11 -26.72 -16.22
N PRO M 251 95.00 -27.19 -17.12
CA PRO M 251 95.84 -26.19 -17.81
C PRO M 251 95.05 -25.14 -18.61
N ILE M 252 93.97 -25.55 -19.27
CA ILE M 252 93.15 -24.62 -20.04
C ILE M 252 92.31 -23.75 -19.10
N ALA M 253 91.79 -24.35 -18.04
CA ALA M 253 91.12 -23.59 -16.99
C ALA M 253 91.99 -22.43 -16.52
N ARG M 254 93.27 -22.72 -16.20
CA ARG M 254 94.24 -21.68 -15.78
C ARG M 254 94.36 -20.59 -16.80
N TYR M 255 94.46 -20.99 -18.06
CA TYR M 255 94.59 -20.07 -19.17
C TYR M 255 93.32 -19.23 -19.39
N VAL M 256 92.17 -19.89 -19.44
CA VAL M 256 90.89 -19.18 -19.63
C VAL M 256 90.66 -18.20 -18.49
N TYR M 257 90.88 -18.67 -17.26
CA TYR M 257 90.69 -17.85 -16.07
C TYR M 257 91.56 -16.59 -16.09
N GLY M 258 92.87 -16.77 -16.28
CA GLY M 258 93.82 -15.67 -16.34
C GLY M 258 93.51 -14.69 -17.46
N THR M 259 93.24 -15.21 -18.67
CA THR M 259 92.98 -14.34 -19.82
C THR M 259 91.69 -13.53 -19.67
N ALA M 260 90.61 -14.20 -19.27
CA ALA M 260 89.33 -13.50 -19.03
C ALA M 260 89.51 -12.34 -18.05
N ALA M 261 90.17 -12.61 -16.92
CA ALA M 261 90.41 -11.57 -15.92
C ALA M 261 91.26 -10.42 -16.46
N MSE M 262 92.26 -10.76 -17.27
CA MSE M 262 93.11 -9.75 -17.89
C MSE M 262 92.32 -8.87 -18.80
O MSE M 262 92.66 -7.70 -18.97
CB MSE M 262 94.22 -10.38 -18.73
CG MSE M 262 95.37 -10.85 -17.86
SE MSE M 262 96.47 -9.42 -17.06
CE MSE M 262 95.55 -7.70 -17.37
N ASN M 263 91.27 -9.41 -19.42
CA ASN M 263 90.40 -8.62 -20.29
C ASN M 263 89.22 -8.01 -19.52
N GLY M 264 89.28 -8.10 -18.19
CA GLY M 264 88.33 -7.43 -17.30
C GLY M 264 87.02 -8.15 -17.05
N LYS M 265 86.90 -9.37 -17.56
CA LYS M 265 85.66 -10.14 -17.44
C LYS M 265 85.62 -10.86 -16.10
N ARG M 266 84.44 -11.18 -15.62
CA ARG M 266 84.30 -12.13 -14.51
C ARG M 266 84.40 -13.56 -15.05
N ALA M 267 84.90 -14.48 -14.23
CA ALA M 267 85.17 -15.84 -14.68
C ALA M 267 85.14 -16.86 -13.55
N GLN M 268 84.74 -18.08 -13.89
CA GLN M 268 84.73 -19.21 -12.97
C GLN M 268 85.17 -20.41 -13.79
N CYS M 269 86.21 -21.11 -13.35
CA CYS M 269 86.79 -22.17 -14.15
C CYS M 269 86.96 -23.43 -13.36
N PHE M 270 86.72 -24.56 -14.01
CA PHE M 270 86.69 -25.85 -13.35
C PHE M 270 87.53 -26.83 -14.14
N GLY M 271 88.51 -27.43 -13.45
CA GLY M 271 89.58 -28.19 -14.09
C GLY M 271 89.60 -29.67 -13.75
N GLY M 272 90.81 -30.23 -13.68
CA GLY M 272 91.00 -31.68 -13.55
C GLY M 272 90.75 -32.29 -12.17
N ALA M 273 90.99 -33.59 -12.07
CA ALA M 273 90.68 -34.37 -10.89
C ALA M 273 91.59 -35.58 -10.73
N LYS M 274 91.69 -36.07 -9.49
CA LYS M 274 92.20 -37.39 -9.21
C LYS M 274 91.51 -37.85 -7.93
N ASN M 275 90.27 -38.29 -8.06
CA ASN M 275 89.44 -38.59 -6.90
C ASN M 275 89.83 -39.90 -6.23
N HIS M 276 89.97 -39.84 -4.90
CA HIS M 276 90.35 -40.95 -4.04
C HIS M 276 89.14 -41.49 -3.28
N MSE M 277 89.04 -42.81 -3.15
CA MSE M 277 88.07 -43.43 -2.24
C MSE M 277 88.89 -44.09 -1.15
O MSE M 277 89.76 -44.91 -1.43
CB MSE M 277 87.20 -44.42 -2.99
CG MSE M 277 85.84 -44.63 -2.34
SE MSE M 277 85.15 -46.46 -2.65
CE MSE M 277 83.86 -45.95 -4.04
N ILE M 278 88.64 -43.69 0.10
CA ILE M 278 89.31 -44.27 1.26
C ILE M 278 88.38 -45.37 1.77
N ILE M 279 88.93 -46.54 2.07
CA ILE M 279 88.12 -47.64 2.60
C ILE M 279 88.64 -48.04 3.98
N MSE M 280 87.86 -47.73 5.01
CA MSE M 280 88.23 -48.02 6.38
C MSE M 280 87.92 -49.47 6.66
O MSE M 280 87.05 -50.04 6.01
CB MSE M 280 87.40 -47.14 7.32
CG MSE M 280 87.79 -45.66 7.19
SE MSE M 280 89.66 -45.35 7.75
CE MSE M 280 89.57 -45.84 9.66
N PRO M 281 88.61 -50.07 7.65
CA PRO M 281 88.45 -51.53 7.81
C PRO M 281 87.04 -51.97 8.24
N ASP M 282 86.24 -51.05 8.78
CA ASP M 282 84.89 -51.37 9.24
C ASP M 282 83.83 -51.14 8.15
N ALA M 283 84.27 -50.83 6.94
CA ALA M 283 83.35 -50.55 5.81
C ALA M 283 82.63 -51.81 5.33
N ASP M 284 81.45 -51.62 4.72
CA ASP M 284 80.78 -52.70 4.01
C ASP M 284 81.54 -52.88 2.71
N LEU M 285 82.41 -53.90 2.67
CA LEU M 285 83.30 -54.12 1.54
C LEU M 285 82.59 -54.56 0.25
N ASP M 286 81.43 -55.19 0.39
CA ASP M 286 80.64 -55.57 -0.78
C ASP M 286 80.12 -54.34 -1.49
N GLN M 287 79.63 -53.39 -0.70
CA GLN M 287 79.12 -52.15 -1.25
C GLN M 287 80.27 -51.27 -1.77
N ALA M 288 81.37 -51.27 -1.03
CA ALA M 288 82.56 -50.53 -1.46
C ALA M 288 83.03 -51.07 -2.80
N ALA M 289 83.12 -52.39 -2.91
CA ALA M 289 83.50 -53.08 -4.15
C ALA M 289 82.56 -52.74 -5.31
N ASN M 290 81.27 -52.95 -5.10
CA ASN M 290 80.25 -52.66 -6.13
C ASN M 290 80.27 -51.21 -6.59
N ALA M 291 80.51 -50.30 -5.63
CA ALA M 291 80.65 -48.86 -5.89
C ALA M 291 81.90 -48.52 -6.70
N LEU M 292 83.03 -49.14 -6.35
CA LEU M 292 84.31 -48.91 -7.06
C LEU M 292 84.28 -49.31 -8.53
N ILE M 293 83.54 -50.37 -8.84
CA ILE M 293 83.38 -50.81 -10.21
C ILE M 293 82.65 -49.75 -11.04
N GLY M 294 81.51 -49.28 -10.53
CA GLY M 294 80.77 -48.23 -11.20
C GLY M 294 81.56 -46.93 -11.30
N ALA M 295 82.24 -46.54 -10.22
CA ALA M 295 82.86 -45.22 -10.16
C ALA M 295 84.21 -45.19 -10.87
N GLY M 296 84.83 -46.34 -11.00
CA GLY M 296 86.13 -46.44 -11.63
C GLY M 296 86.04 -46.63 -13.13
N TYR M 297 84.99 -47.30 -13.58
CA TYR M 297 84.92 -47.71 -14.99
C TYR M 297 83.72 -47.16 -15.76
N GLY M 298 82.79 -46.53 -15.04
CA GLY M 298 81.70 -45.81 -15.68
C GLY M 298 82.25 -44.78 -16.67
N SER M 299 81.62 -44.70 -17.85
CA SER M 299 82.07 -43.81 -18.94
C SER M 299 83.54 -44.06 -19.32
N ALA M 300 83.98 -45.31 -19.16
CA ALA M 300 85.39 -45.69 -19.40
C ALA M 300 86.38 -44.80 -18.63
N GLY M 301 85.95 -44.32 -17.47
CA GLY M 301 86.79 -43.47 -16.61
C GLY M 301 86.91 -42.03 -17.07
N GLU M 302 86.09 -41.62 -18.03
CA GLU M 302 86.16 -40.28 -18.61
C GLU M 302 85.32 -39.26 -17.85
N ARG M 303 85.58 -39.17 -16.55
CA ARG M 303 84.82 -38.27 -15.68
C ARG M 303 85.78 -37.55 -14.76
N CYS M 304 85.53 -36.28 -14.50
CA CYS M 304 86.28 -35.56 -13.48
C CYS M 304 85.78 -35.93 -12.08
N MSE M 305 84.77 -36.78 -11.99
CA MSE M 305 84.35 -37.32 -10.69
C MSE M 305 84.48 -38.83 -10.65
O MSE M 305 83.92 -39.51 -9.77
CB MSE M 305 82.96 -36.77 -10.35
CG MSE M 305 82.97 -35.25 -10.20
SE MSE M 305 83.83 -34.67 -8.52
CE MSE M 305 82.53 -35.39 -7.22
N ALA M 306 85.25 -39.39 -11.59
CA ALA M 306 85.61 -40.79 -11.53
C ALA M 306 86.50 -41.05 -10.32
N ILE M 307 86.27 -42.16 -9.63
CA ILE M 307 87.24 -42.63 -8.64
C ILE M 307 88.40 -43.28 -9.39
N SER M 308 89.60 -42.73 -9.22
CA SER M 308 90.77 -43.27 -9.89
C SER M 308 91.82 -43.81 -8.91
N VAL M 309 91.66 -43.54 -7.62
CA VAL M 309 92.52 -44.13 -6.59
C VAL M 309 91.71 -44.79 -5.47
N ALA M 310 91.88 -46.11 -5.31
CA ALA M 310 91.27 -46.79 -4.18
C ALA M 310 92.31 -46.83 -3.07
N VAL M 311 91.93 -46.40 -1.87
CA VAL M 311 92.85 -46.38 -0.73
C VAL M 311 92.31 -47.20 0.44
N PRO M 312 92.58 -48.51 0.44
CA PRO M 312 92.18 -49.33 1.58
C PRO M 312 93.12 -49.11 2.76
N VAL M 313 92.56 -49.20 3.97
CA VAL M 313 93.32 -49.02 5.21
C VAL M 313 93.48 -50.39 5.82
N GLY M 314 94.73 -50.78 6.07
CA GLY M 314 95.02 -52.11 6.64
C GLY M 314 95.16 -53.19 5.58
N GLU M 315 96.02 -54.18 5.87
CA GLU M 315 96.30 -55.24 4.93
C GLU M 315 95.03 -56.02 4.55
N GLU M 316 94.33 -56.51 5.58
CA GLU M 316 93.17 -57.37 5.36
C GLU M 316 92.11 -56.71 4.49
N THR M 317 91.83 -55.43 4.73
CA THR M 317 90.91 -54.67 3.89
C THR M 317 91.38 -54.64 2.44
N ALA M 318 92.63 -54.23 2.24
CA ALA M 318 93.23 -54.21 0.91
C ALA M 318 93.04 -55.53 0.17
N ASN M 319 93.62 -56.61 0.72
CA ASN M 319 93.52 -57.94 0.12
C ASN M 319 92.08 -58.38 -0.18
N ARG M 320 91.18 -58.11 0.75
CA ARG M 320 89.79 -58.52 0.55
C ARG M 320 89.09 -57.73 -0.55
N LEU M 321 89.42 -56.44 -0.62
CA LEU M 321 88.90 -55.55 -1.68
C LEU M 321 89.32 -56.02 -3.07
N ILE M 322 90.62 -56.19 -3.27
CA ILE M 322 91.15 -56.81 -4.49
C ILE M 322 90.41 -58.11 -4.84
N ASP M 323 90.24 -58.99 -3.87
CA ASP M 323 89.63 -60.31 -4.14
C ASP M 323 88.23 -60.20 -4.76
N LYS M 324 87.47 -59.20 -4.32
CA LYS M 324 86.11 -58.94 -4.79
C LYS M 324 86.10 -58.11 -6.08
N LEU M 325 87.10 -57.24 -6.21
CA LEU M 325 87.25 -56.30 -7.32
C LEU M 325 87.66 -56.95 -8.66
N VAL M 326 88.67 -57.81 -8.59
CA VAL M 326 89.28 -58.41 -9.78
C VAL M 326 88.31 -59.11 -10.74
N PRO M 327 87.46 -60.04 -10.24
CA PRO M 327 86.56 -60.70 -11.21
C PRO M 327 85.50 -59.76 -11.78
N MSE M 328 85.18 -58.70 -11.04
CA MSE M 328 84.24 -57.68 -11.51
C MSE M 328 84.80 -56.82 -12.63
O MSE M 328 84.07 -56.47 -13.55
CB MSE M 328 83.80 -56.79 -10.36
CG MSE M 328 82.75 -57.44 -9.46
SE MSE M 328 82.12 -56.16 -8.10
CE MSE M 328 83.81 -55.69 -7.23
N VAL M 329 86.09 -56.49 -12.57
CA VAL M 329 86.74 -55.72 -13.63
C VAL M 329 86.87 -56.59 -14.89
N GLU M 330 87.29 -57.83 -14.68
CA GLU M 330 87.46 -58.79 -15.77
C GLU M 330 86.15 -59.10 -16.49
N SER M 331 85.04 -59.05 -15.76
CA SER M 331 83.75 -59.38 -16.37
C SER M 331 82.95 -58.18 -16.90
N LEU M 332 83.60 -57.01 -17.00
CA LEU M 332 82.99 -55.81 -17.56
C LEU M 332 82.66 -56.06 -19.03
N ARG M 333 81.43 -55.78 -19.44
CA ARG M 333 81.06 -55.90 -20.84
C ARG M 333 81.35 -54.60 -21.57
N ILE M 334 82.17 -54.70 -22.62
CA ILE M 334 82.70 -53.55 -23.34
C ILE M 334 82.19 -53.62 -24.77
N GLY M 335 81.56 -52.54 -25.22
CA GLY M 335 81.02 -52.54 -26.56
C GLY M 335 80.58 -51.17 -27.00
N PRO M 336 80.15 -51.05 -28.26
CA PRO M 336 79.67 -49.80 -28.83
C PRO M 336 78.34 -49.42 -28.20
N TYR M 337 77.90 -48.17 -28.39
CA TYR M 337 76.64 -47.70 -27.81
C TYR M 337 75.43 -48.48 -28.34
N THR M 338 75.57 -49.09 -29.51
CA THR M 338 74.51 -49.93 -30.09
C THR M 338 74.26 -51.20 -29.28
N ASP M 339 75.27 -51.69 -28.58
CA ASP M 339 75.10 -52.79 -27.62
C ASP M 339 74.69 -52.24 -26.27
N GLU M 340 73.39 -52.29 -26.00
CA GLU M 340 72.82 -51.74 -24.78
C GLU M 340 73.14 -52.53 -23.51
N LYS M 341 73.73 -53.73 -23.66
CA LYS M 341 74.16 -54.51 -22.50
C LYS M 341 75.50 -54.03 -21.96
N ALA M 342 76.23 -53.27 -22.77
CA ALA M 342 77.60 -52.89 -22.44
C ALA M 342 77.68 -51.98 -21.23
N ASP M 343 78.65 -52.28 -20.36
CA ASP M 343 78.98 -51.46 -19.21
C ASP M 343 79.79 -50.25 -19.65
N MSE M 344 80.53 -50.39 -20.75
CA MSE M 344 81.57 -49.41 -21.07
C MSE M 344 81.79 -49.34 -22.56
O MSE M 344 81.69 -50.35 -23.25
CB MSE M 344 82.81 -49.92 -20.36
CG MSE M 344 84.00 -48.98 -20.45
SE MSE M 344 85.34 -49.64 -19.17
CE MSE M 344 86.43 -50.78 -20.35
N GLY M 345 82.12 -48.15 -23.04
CA GLY M 345 82.36 -47.92 -24.46
C GLY M 345 83.81 -47.54 -24.74
N PRO M 346 84.08 -46.97 -25.92
CA PRO M 346 85.44 -46.57 -26.29
C PRO M 346 85.79 -45.21 -25.71
N VAL M 347 87.08 -44.88 -25.67
CA VAL M 347 87.48 -43.51 -25.33
C VAL M 347 87.29 -42.61 -26.54
N VAL M 348 87.36 -41.29 -26.33
CA VAL M 348 86.82 -40.31 -27.26
C VAL M 348 87.60 -40.18 -28.58
N THR M 349 88.92 -40.22 -28.49
CA THR M 349 89.75 -40.13 -29.70
C THR M 349 90.90 -41.12 -29.68
N LYS M 350 91.50 -41.34 -30.85
CA LYS M 350 92.76 -42.08 -30.96
C LYS M 350 93.87 -41.45 -30.12
N GLU M 351 93.93 -40.11 -30.08
CA GLU M 351 94.94 -39.41 -29.27
C GLU M 351 94.77 -39.68 -27.77
N ALA M 352 93.53 -39.67 -27.30
CA ALA M 352 93.21 -40.03 -25.91
C ALA M 352 93.67 -41.45 -25.60
N GLU M 353 93.38 -42.38 -26.51
CA GLU M 353 93.79 -43.77 -26.36
C GLU M 353 95.29 -43.95 -26.22
N GLN M 354 96.07 -43.29 -27.06
CA GLN M 354 97.53 -43.40 -27.01
C GLN M 354 98.05 -42.84 -25.70
N ARG M 355 97.45 -41.74 -25.28
CA ARG M 355 97.79 -41.10 -24.03
C ARG M 355 97.54 -42.05 -22.85
N ILE M 356 96.39 -42.72 -22.84
CA ILE M 356 96.07 -43.67 -21.77
C ILE M 356 96.99 -44.89 -21.76
N ARG M 357 97.16 -45.53 -22.93
CA ARG M 357 98.03 -46.72 -23.05
C ARG M 357 99.46 -46.44 -22.61
N SER M 358 99.94 -45.26 -23.00
CA SER M 358 101.26 -44.79 -22.63
C SER M 358 101.36 -44.70 -21.10
N LEU M 359 100.32 -44.16 -20.46
CA LEU M 359 100.33 -44.08 -19.00
C LEU M 359 100.28 -45.45 -18.33
N ILE M 360 99.45 -46.35 -18.85
CA ILE M 360 99.39 -47.73 -18.35
C ILE M 360 100.79 -48.35 -18.38
N ASP M 361 101.51 -48.12 -19.47
CA ASP M 361 102.88 -48.60 -19.60
C ASP M 361 103.82 -48.04 -18.54
N SER M 362 103.71 -46.75 -18.24
CA SER M 362 104.55 -46.17 -17.19
C SER M 362 104.27 -46.83 -15.83
N GLY M 363 103.03 -47.25 -15.64
CA GLY M 363 102.62 -47.96 -14.43
C GLY M 363 103.44 -49.21 -14.19
N ILE M 364 103.52 -50.06 -15.22
CA ILE M 364 104.32 -51.29 -15.14
C ILE M 364 105.78 -50.91 -14.98
N GLU M 365 106.23 -49.99 -15.83
CA GLU M 365 107.61 -49.53 -15.86
C GLU M 365 108.10 -49.10 -14.48
N GLN M 366 107.22 -48.53 -13.68
CA GLN M 366 107.61 -47.95 -12.39
C GLN M 366 107.37 -48.86 -11.17
N GLY M 367 106.94 -50.09 -11.43
CA GLY M 367 106.85 -51.11 -10.39
C GLY M 367 105.47 -51.42 -9.83
N ALA M 368 104.41 -50.89 -10.44
CA ALA M 368 103.06 -51.22 -9.99
C ALA M 368 102.65 -52.60 -10.47
N LYS M 369 101.70 -53.21 -9.76
CA LYS M 369 101.25 -54.58 -10.05
C LYS M 369 99.91 -54.55 -10.82
N LEU M 370 99.97 -54.81 -12.12
CA LEU M 370 98.77 -54.81 -12.96
C LEU M 370 98.03 -56.13 -12.80
N VAL M 371 97.08 -56.19 -11.88
CA VAL M 371 96.37 -57.43 -11.58
C VAL M 371 95.23 -57.70 -12.57
N VAL M 372 94.72 -56.66 -13.21
CA VAL M 372 93.81 -56.86 -14.33
C VAL M 372 94.31 -56.02 -15.51
N ASP M 373 94.71 -56.71 -16.57
CA ASP M 373 95.35 -56.08 -17.71
C ASP M 373 94.41 -56.07 -18.91
N GLY M 374 94.04 -54.86 -19.36
CA GLY M 374 93.10 -54.71 -20.46
C GLY M 374 93.74 -54.25 -21.77
N ARG M 375 95.06 -54.14 -21.79
CA ARG M 375 95.78 -53.66 -22.97
C ARG M 375 95.53 -54.48 -24.25
N ASP M 376 95.29 -55.78 -24.08
CA ASP M 376 95.09 -56.69 -25.20
C ASP M 376 93.71 -56.63 -25.80
N PHE M 377 92.76 -56.08 -25.05
CA PHE M 377 91.37 -56.11 -25.46
C PHE M 377 91.18 -55.59 -26.87
N LYS M 378 90.41 -56.33 -27.66
CA LYS M 378 90.03 -55.91 -28.98
C LYS M 378 88.63 -56.42 -29.21
N LEU M 379 87.80 -55.57 -29.80
CA LEU M 379 86.41 -55.94 -30.03
C LEU M 379 86.23 -56.29 -31.49
N GLN M 380 85.68 -57.47 -31.73
CA GLN M 380 85.57 -57.99 -33.09
C GLN M 380 84.53 -57.21 -33.88
N GLY M 381 84.94 -56.77 -35.07
CA GLY M 381 84.13 -55.89 -35.90
C GLY M 381 84.37 -54.42 -35.61
N TYR M 382 85.13 -54.13 -34.57
CA TYR M 382 85.42 -52.76 -34.17
C TYR M 382 86.90 -52.61 -33.84
N GLU M 383 87.74 -53.08 -34.74
CA GLU M 383 89.18 -53.14 -34.50
C GLU M 383 89.82 -51.76 -34.47
N ASN M 384 89.29 -50.83 -35.26
CA ASN M 384 89.80 -49.45 -35.28
C ASN M 384 89.14 -48.55 -34.25
N GLY M 385 88.18 -49.11 -33.51
CA GLY M 385 87.52 -48.35 -32.45
C GLY M 385 88.45 -48.16 -31.27
N HIS M 386 88.26 -47.08 -30.52
CA HIS M 386 89.21 -46.71 -29.45
C HIS M 386 88.92 -47.44 -28.14
N PHE M 387 88.85 -48.76 -28.20
CA PHE M 387 88.56 -49.57 -27.03
C PHE M 387 89.81 -49.90 -26.23
N ILE M 388 89.70 -49.77 -24.92
CA ILE M 388 90.71 -50.25 -23.98
C ILE M 388 90.00 -51.05 -22.89
N GLY M 389 90.54 -52.21 -22.54
CA GLY M 389 89.96 -53.00 -21.47
C GLY M 389 90.29 -52.42 -20.11
N GLY M 390 89.50 -52.78 -19.10
CA GLY M 390 89.72 -52.29 -17.75
C GLY M 390 91.08 -52.65 -17.21
N CYS M 391 91.70 -51.69 -16.53
CA CYS M 391 92.99 -51.92 -15.91
C CYS M 391 92.96 -51.65 -14.42
N LEU M 392 93.57 -52.56 -13.65
CA LEU M 392 93.62 -52.43 -12.21
C LEU M 392 95.06 -52.61 -11.73
N PHE M 393 95.58 -51.57 -11.09
CA PHE M 393 96.89 -51.60 -10.47
C PHE M 393 96.78 -51.75 -8.95
N ASP M 394 97.69 -52.55 -8.41
CA ASP M 394 97.88 -52.67 -6.97
C ASP M 394 99.29 -52.16 -6.69
N ASP M 395 99.61 -51.90 -5.41
CA ASP M 395 100.93 -51.43 -4.97
C ASP M 395 101.39 -50.12 -5.66
N VAL M 396 100.43 -49.26 -5.96
CA VAL M 396 100.73 -47.93 -6.51
C VAL M 396 101.25 -47.03 -5.38
N THR M 397 102.24 -46.19 -5.71
CA THR M 397 102.83 -45.25 -4.74
C THR M 397 102.75 -43.82 -5.29
N PRO M 398 102.74 -42.80 -4.38
CA PRO M 398 102.52 -41.40 -4.74
C PRO M 398 103.53 -40.76 -5.70
N ASP M 399 104.61 -41.46 -6.01
CA ASP M 399 105.62 -40.92 -6.93
C ASP M 399 105.46 -41.40 -8.38
N MSE M 400 104.58 -42.37 -8.59
CA MSE M 400 104.28 -42.88 -9.94
C MSE M 400 103.42 -41.92 -10.73
O MSE M 400 102.61 -41.17 -10.17
CB MSE M 400 103.59 -44.23 -9.83
CG MSE M 400 104.52 -45.32 -9.31
SE MSE M 400 103.43 -46.94 -9.09
CE MSE M 400 104.60 -47.95 -7.87
N ASP M 401 103.59 -41.93 -12.05
CA ASP M 401 102.88 -41.02 -12.95
C ASP M 401 101.40 -41.35 -13.05
N ILE M 402 101.07 -42.62 -12.89
CA ILE M 402 99.67 -43.07 -12.87
C ILE M 402 98.94 -42.58 -11.61
N TYR M 403 99.70 -42.23 -10.58
CA TYR M 403 99.12 -41.61 -9.39
C TYR M 403 99.03 -40.08 -9.55
N LYS M 404 100.09 -39.47 -10.07
CA LYS M 404 100.14 -38.02 -10.21
C LYS M 404 99.22 -37.47 -11.32
N THR M 405 99.15 -38.19 -12.44
CA THR M 405 98.46 -37.69 -13.65
C THR M 405 97.01 -38.15 -13.68
N GLU M 406 96.12 -37.27 -14.14
CA GLU M 406 94.74 -37.67 -14.39
C GLU M 406 94.74 -38.46 -15.66
N ILE M 407 94.37 -39.74 -15.56
CA ILE M 407 94.44 -40.62 -16.71
C ILE M 407 93.26 -40.42 -17.67
N PHE M 408 92.08 -40.17 -17.11
CA PHE M 408 90.84 -39.97 -17.88
C PHE M 408 90.61 -41.18 -18.80
N GLY M 409 90.78 -42.36 -18.23
CA GLY M 409 90.66 -43.64 -18.92
C GLY M 409 90.33 -44.75 -17.93
N PRO M 410 90.09 -45.97 -18.41
CA PRO M 410 89.64 -47.03 -17.51
C PRO M 410 90.76 -47.66 -16.69
N VAL M 411 91.40 -46.86 -15.82
CA VAL M 411 92.53 -47.31 -15.03
C VAL M 411 92.34 -46.99 -13.55
N LEU M 412 92.16 -48.02 -12.73
CA LEU M 412 92.03 -47.81 -11.29
C LEU M 412 93.31 -48.19 -10.58
N SER M 413 93.82 -47.26 -9.76
CA SER M 413 95.02 -47.50 -8.97
C SER M 413 94.65 -47.71 -7.51
N VAL M 414 95.27 -48.72 -6.90
CA VAL M 414 95.07 -49.00 -5.49
C VAL M 414 96.36 -48.66 -4.74
N VAL M 415 96.25 -47.77 -3.76
CA VAL M 415 97.37 -47.40 -2.90
C VAL M 415 97.06 -47.92 -1.50
N ARG M 416 97.86 -48.85 -1.01
CA ARG M 416 97.60 -49.48 0.28
C ARG M 416 98.05 -48.57 1.42
N ALA M 417 97.09 -48.12 2.21
CA ALA M 417 97.39 -47.24 3.33
C ALA M 417 97.45 -48.04 4.63
N ARG M 418 98.44 -47.72 5.46
CA ARG M 418 98.64 -48.38 6.74
C ARG M 418 97.66 -47.96 7.83
N ASN M 419 97.27 -46.69 7.85
CA ASN M 419 96.39 -46.13 8.89
C ASN M 419 95.55 -44.97 8.38
N TYR M 420 94.63 -44.50 9.22
CA TYR M 420 93.71 -43.40 8.86
C TYR M 420 94.43 -42.12 8.44
N GLU M 421 95.43 -41.70 9.22
CA GLU M 421 96.14 -40.45 8.96
C GLU M 421 96.90 -40.49 7.62
N GLU M 422 97.44 -41.65 7.31
CA GLU M 422 98.14 -41.88 6.05
C GLU M 422 97.15 -41.90 4.87
N ALA M 423 95.95 -42.42 5.12
CA ALA M 423 94.91 -42.46 4.10
C ALA M 423 94.40 -41.06 3.78
N LEU M 424 94.31 -40.22 4.81
CA LEU M 424 93.87 -38.85 4.66
C LEU M 424 94.90 -38.02 3.90
N SER M 425 96.17 -38.25 4.19
CA SER M 425 97.24 -37.41 3.63
C SER M 425 97.36 -37.52 2.12
N LEU M 426 96.90 -38.65 1.54
CA LEU M 426 97.00 -38.86 0.10
C LEU M 426 96.09 -37.88 -0.70
N PRO M 427 94.75 -37.89 -0.49
CA PRO M 427 93.96 -36.83 -1.14
C PRO M 427 94.37 -35.41 -0.72
N MSE M 428 94.80 -35.25 0.53
CA MSE M 428 95.19 -33.95 1.08
C MSE M 428 96.36 -33.37 0.33
O MSE M 428 96.38 -32.17 0.03
CB MSE M 428 95.51 -34.11 2.58
CG MSE M 428 95.79 -32.78 3.30
SE MSE M 428 94.08 -31.95 3.86
CE MSE M 428 93.85 -33.09 5.45
N LYS M 429 97.34 -34.20 0.00
CA LYS M 429 98.55 -33.73 -0.63
C LYS M 429 98.47 -33.64 -2.16
N HIS M 430 97.43 -34.21 -2.75
CA HIS M 430 97.33 -34.23 -4.21
C HIS M 430 97.07 -32.84 -4.77
N GLU M 431 97.70 -32.53 -5.91
CA GLU M 431 97.45 -31.30 -6.66
C GLU M 431 95.96 -31.06 -6.88
N TYR M 432 95.21 -32.14 -7.12
CA TYR M 432 93.79 -32.05 -7.40
C TYR M 432 92.90 -32.18 -6.16
N GLY M 433 91.78 -31.46 -6.17
CA GLY M 433 90.83 -31.46 -5.06
C GLY M 433 89.37 -31.41 -5.48
N ASN M 434 89.00 -32.23 -6.46
CA ASN M 434 87.65 -32.26 -6.97
C ASN M 434 86.67 -32.98 -6.02
N GLY M 435 86.73 -34.31 -6.00
CA GLY M 435 85.90 -35.11 -5.09
C GLY M 435 86.76 -36.06 -4.26
N VAL M 436 86.20 -36.56 -3.17
CA VAL M 436 86.87 -37.54 -2.33
C VAL M 436 85.79 -38.34 -1.62
N ALA M 437 86.11 -39.58 -1.27
CA ALA M 437 85.14 -40.45 -0.63
C ALA M 437 85.75 -41.25 0.52
N ILE M 438 85.00 -41.40 1.61
CA ILE M 438 85.41 -42.24 2.71
C ILE M 438 84.30 -43.23 2.99
N TYR M 439 84.64 -44.51 2.97
CA TYR M 439 83.69 -45.57 3.26
C TYR M 439 84.00 -46.08 4.64
N THR M 440 83.02 -45.96 5.54
CA THR M 440 83.18 -46.37 6.93
C THR M 440 81.83 -46.46 7.64
N ARG M 441 81.81 -47.10 8.80
CA ARG M 441 80.64 -47.10 9.66
C ARG M 441 80.81 -46.13 10.83
N ASP M 442 82.06 -45.73 11.07
CA ASP M 442 82.43 -44.87 12.18
C ASP M 442 82.08 -43.41 11.92
N GLY M 443 81.24 -42.83 12.79
CA GLY M 443 80.83 -41.43 12.68
C GLY M 443 81.96 -40.43 12.87
N ASP M 444 82.85 -40.72 13.82
CA ASP M 444 84.04 -39.91 14.08
C ASP M 444 84.97 -39.84 12.86
N ALA M 445 85.32 -41.00 12.30
CA ALA M 445 86.18 -41.04 11.13
C ALA M 445 85.61 -40.21 9.96
N ALA M 446 84.31 -40.39 9.67
CA ALA M 446 83.68 -39.72 8.54
C ALA M 446 83.63 -38.21 8.72
N ARG M 447 83.27 -37.79 9.93
CA ARG M 447 83.14 -36.37 10.28
C ARG M 447 84.49 -35.67 10.22
N ASP M 448 85.50 -36.29 10.79
CA ASP M 448 86.84 -35.74 10.85
C ASP M 448 87.43 -35.62 9.44
N PHE M 449 87.33 -36.71 8.68
CA PHE M 449 87.79 -36.75 7.31
C PHE M 449 87.14 -35.65 6.48
N ALA M 450 85.81 -35.62 6.48
CA ALA M 450 85.08 -34.66 5.66
C ALA M 450 85.37 -33.22 6.08
N SER M 451 85.57 -33.00 7.39
CA SER M 451 85.87 -31.66 7.90
C SER M 451 87.28 -31.18 7.52
N ARG M 452 88.26 -32.08 7.59
CA ARG M 452 89.64 -31.68 7.39
C ARG M 452 90.09 -31.62 5.94
N ILE M 453 89.57 -32.53 5.12
CA ILE M 453 90.06 -32.70 3.75
C ILE M 453 89.92 -31.43 2.92
N ASN M 454 91.01 -31.05 2.25
CA ASN M 454 91.03 -29.85 1.41
C ASN M 454 90.43 -30.05 0.01
N ILE M 455 89.27 -30.70 -0.02
CA ILE M 455 88.61 -31.09 -1.26
C ILE M 455 87.14 -30.65 -1.22
N GLY M 456 86.65 -30.07 -2.32
CA GLY M 456 85.33 -29.42 -2.35
C GLY M 456 84.11 -30.32 -2.23
N MSE M 457 84.21 -31.55 -2.76
CA MSE M 457 83.05 -32.43 -2.82
C MSE M 457 83.44 -33.72 -2.17
O MSE M 457 84.39 -34.38 -2.58
CB MSE M 457 82.65 -32.57 -4.28
CG MSE M 457 82.07 -31.23 -4.72
SE MSE M 457 81.65 -31.21 -6.64
CE MSE M 457 83.46 -30.96 -7.38
N VAL M 458 82.71 -34.08 -1.11
CA VAL M 458 83.11 -35.13 -0.21
C VAL M 458 81.97 -36.15 -0.09
N GLY M 459 82.27 -37.42 -0.32
CA GLY M 459 81.27 -38.46 -0.15
C GLY M 459 81.50 -39.31 1.08
N VAL M 460 80.46 -39.49 1.89
CA VAL M 460 80.51 -40.44 2.98
C VAL M 460 79.66 -41.64 2.53
N ASN M 461 80.34 -42.76 2.24
CA ASN M 461 79.72 -43.97 1.69
C ASN M 461 79.00 -43.68 0.37
N VAL M 462 79.48 -42.65 -0.32
CA VAL M 462 78.97 -42.21 -1.60
C VAL M 462 80.21 -42.12 -2.50
N PRO M 463 80.20 -42.86 -3.64
CA PRO M 463 81.39 -42.92 -4.48
C PRO M 463 81.62 -41.68 -5.32
N ILE M 464 80.53 -41.06 -5.79
CA ILE M 464 80.64 -39.89 -6.66
C ILE M 464 79.80 -38.74 -6.09
N PRO M 465 80.38 -37.96 -5.15
CA PRO M 465 79.57 -36.97 -4.43
C PRO M 465 79.30 -35.69 -5.23
N VAL M 466 78.80 -35.86 -6.46
CA VAL M 466 78.36 -34.75 -7.30
C VAL M 466 77.10 -34.12 -6.68
N PRO M 467 77.18 -32.85 -6.25
CA PRO M 467 75.98 -32.28 -5.65
C PRO M 467 74.85 -32.12 -6.66
N LEU M 468 73.63 -32.11 -6.16
CA LEU M 468 72.47 -31.91 -7.00
C LEU M 468 72.37 -30.46 -7.46
N ALA M 469 71.54 -30.24 -8.46
CA ALA M 469 71.43 -28.96 -9.15
C ALA M 469 71.15 -27.80 -8.21
N TYR M 470 70.41 -28.08 -7.14
CA TYR M 470 70.04 -27.02 -6.22
C TYR M 470 71.10 -26.75 -5.15
N HIS M 471 72.09 -27.64 -5.06
CA HIS M 471 73.34 -27.33 -4.36
C HIS M 471 74.33 -26.91 -5.45
N SER M 472 75.62 -26.86 -5.16
CA SER M 472 76.55 -26.29 -6.11
C SER M 472 77.74 -27.22 -6.30
N PHE M 473 78.39 -27.09 -7.44
CA PHE M 473 79.51 -27.93 -7.81
C PHE M 473 80.77 -27.08 -7.90
N GLY M 474 81.83 -27.55 -7.27
CA GLY M 474 83.15 -26.94 -7.43
C GLY M 474 84.21 -27.69 -6.64
N GLY M 475 85.39 -27.84 -7.24
CA GLY M 475 86.50 -28.46 -6.55
C GLY M 475 87.39 -27.41 -5.92
N TRP M 476 88.40 -27.87 -5.18
CA TRP M 476 89.36 -26.99 -4.52
C TRP M 476 90.73 -27.20 -5.16
N LYS M 477 91.74 -26.51 -4.62
CA LYS M 477 93.12 -26.60 -5.11
C LYS M 477 93.13 -26.39 -6.64
N SER M 478 93.77 -27.29 -7.39
CA SER M 478 93.87 -27.12 -8.86
C SER M 478 92.60 -27.43 -9.65
N SER M 479 91.58 -27.90 -8.96
CA SER M 479 90.33 -28.26 -9.64
C SER M 479 89.36 -27.08 -9.90
N SER M 480 89.67 -25.87 -9.41
CA SER M 480 88.82 -24.71 -9.70
C SER M 480 89.50 -23.36 -9.54
N PHE M 481 88.94 -22.35 -10.20
CA PHE M 481 89.46 -20.99 -10.15
C PHE M 481 88.29 -20.03 -10.08
N GLY M 482 88.40 -19.01 -9.23
CA GLY M 482 87.32 -18.06 -9.04
C GLY M 482 86.72 -18.20 -7.65
N ASP M 483 85.58 -17.56 -7.42
CA ASP M 483 84.95 -17.61 -6.11
C ASP M 483 83.50 -18.07 -6.14
N LEU M 484 82.98 -18.48 -7.30
CA LEU M 484 81.60 -19.00 -7.35
C LEU M 484 81.51 -20.34 -8.08
N ASN M 485 80.72 -21.26 -7.51
CA ASN M 485 80.56 -22.59 -8.08
C ASN M 485 79.58 -22.65 -9.25
N GLN M 486 79.47 -23.84 -9.84
CA GLN M 486 78.47 -24.16 -10.85
C GLN M 486 77.14 -24.45 -10.18
N HIS M 487 76.06 -24.07 -10.86
CA HIS M 487 74.68 -24.12 -10.37
C HIS M 487 74.42 -23.70 -8.92
N GLY M 488 73.27 -24.09 -8.38
CA GLY M 488 72.90 -23.66 -7.03
C GLY M 488 72.78 -22.15 -6.98
N THR M 489 72.78 -21.58 -5.77
CA THR M 489 72.66 -20.13 -5.62
C THR M 489 73.93 -19.39 -6.08
N ASP M 490 75.09 -20.07 -6.01
CA ASP M 490 76.32 -19.50 -6.56
C ASP M 490 76.14 -19.05 -8.00
N SER M 491 75.49 -19.89 -8.81
CA SER M 491 75.34 -19.54 -10.22
C SER M 491 74.48 -18.30 -10.45
N ILE M 492 73.49 -18.11 -9.59
CA ILE M 492 72.60 -16.96 -9.70
C ILE M 492 73.39 -15.68 -9.40
N LYS M 493 74.30 -15.80 -8.44
CA LYS M 493 75.24 -14.77 -8.10
C LYS M 493 76.20 -14.49 -9.25
N PHE M 494 76.71 -15.53 -9.90
CA PHE M 494 77.68 -15.33 -10.97
C PHE M 494 77.07 -14.56 -12.14
N TRP M 495 75.79 -14.81 -12.39
CA TRP M 495 75.12 -14.32 -13.59
C TRP M 495 74.29 -13.06 -13.39
N THR M 496 74.44 -12.43 -12.22
CA THR M 496 73.77 -11.15 -11.96
C THR M 496 74.76 -10.16 -11.37
N ARG M 497 74.49 -8.87 -11.55
CA ARG M 497 75.26 -7.87 -10.82
C ARG M 497 74.35 -7.12 -9.85
N THR M 498 74.91 -6.71 -8.73
CA THR M 498 74.15 -6.08 -7.67
C THR M 498 74.15 -4.59 -7.88
N LYS M 499 72.98 -4.00 -7.77
CA LYS M 499 72.81 -2.55 -7.74
C LYS M 499 72.16 -2.22 -6.39
N THR M 500 72.63 -1.18 -5.74
CA THR M 500 72.05 -0.78 -4.46
C THR M 500 71.53 0.64 -4.55
N ILE M 501 70.29 0.82 -4.13
CA ILE M 501 69.64 2.11 -4.18
C ILE M 501 69.42 2.63 -2.76
N THR M 502 69.78 3.89 -2.54
CA THR M 502 69.46 4.57 -1.29
C THR M 502 68.52 5.71 -1.65
N SER M 503 67.40 5.78 -0.94
CA SER M 503 66.27 6.59 -1.37
C SER M 503 65.64 7.37 -0.22
N ARG M 504 65.33 8.64 -0.48
CA ARG M 504 64.55 9.49 0.42
C ARG M 504 63.85 10.53 -0.43
N TRP M 505 62.97 11.32 0.18
CA TRP M 505 62.20 12.31 -0.56
C TRP M 505 62.12 13.65 0.16
N PRO M 506 62.09 14.75 -0.59
CA PRO M 506 61.85 16.03 0.11
C PRO M 506 60.37 16.19 0.48
N SER M 507 60.09 17.08 1.42
CA SER M 507 58.73 17.42 1.80
C SER M 507 58.01 17.98 0.59
N GLY M 508 56.75 17.58 0.41
CA GLY M 508 55.96 18.01 -0.75
C GLY M 508 54.47 18.05 -0.50
N ILE M 509 53.70 17.69 -1.54
CA ILE M 509 52.24 17.79 -1.52
C ILE M 509 51.52 17.19 -0.30
N LYS M 510 52.12 16.19 0.34
CA LYS M 510 51.47 15.54 1.47
C LYS M 510 51.38 16.48 2.69
N ASP M 511 52.21 17.51 2.69
CA ASP M 511 52.33 18.41 3.83
C ASP M 511 51.58 19.72 3.61
N GLY M 512 50.67 19.73 2.63
CA GLY M 512 49.78 20.86 2.39
C GLY M 512 50.41 21.98 1.57
N MSE N 24 110.31 13.44 13.67
CA MSE N 24 110.46 12.52 12.50
C MSE N 24 110.29 11.09 12.93
O MSE N 24 111.20 10.51 13.53
CB MSE N 24 111.85 12.70 11.91
CG MSE N 24 111.91 13.91 10.97
SE MSE N 24 111.09 13.48 9.23
CE MSE N 24 112.24 12.01 8.60
N TYR N 25 109.13 10.51 12.64
CA TYR N 25 108.84 9.13 13.05
C TYR N 25 109.08 8.15 11.91
N GLU N 26 109.39 6.90 12.27
CA GLU N 26 109.71 5.86 11.30
C GLU N 26 108.74 4.70 11.49
N LEU N 27 108.01 4.38 10.42
CA LEU N 27 107.07 3.27 10.45
C LEU N 27 107.65 2.05 9.74
N GLY N 28 107.57 0.90 10.39
CA GLY N 28 107.95 -0.37 9.76
C GLY N 28 106.72 -1.20 9.42
N HIS N 29 106.71 -2.46 9.84
CA HIS N 29 105.56 -3.33 9.65
C HIS N 29 104.96 -3.76 10.98
N PHE N 30 103.82 -4.44 10.90
CA PHE N 30 103.26 -5.12 12.06
C PHE N 30 103.12 -6.57 11.66
N ILE N 31 103.94 -7.43 12.26
CA ILE N 31 103.99 -8.85 11.92
C ILE N 31 103.99 -9.65 13.20
N ASP N 32 103.15 -10.68 13.26
CA ASP N 32 103.08 -11.59 14.38
C ASP N 32 102.89 -10.86 15.71
N GLY N 33 102.00 -9.88 15.72
CA GLY N 33 101.58 -9.19 16.95
C GLY N 33 102.53 -8.15 17.49
N LYS N 34 103.51 -7.75 16.67
CA LYS N 34 104.54 -6.81 17.08
C LYS N 34 104.95 -5.92 15.92
N ARG N 35 105.26 -4.67 16.21
CA ARG N 35 105.82 -3.76 15.23
C ARG N 35 107.24 -4.19 14.94
N VAL N 36 107.58 -4.31 13.67
CA VAL N 36 108.93 -4.67 13.29
C VAL N 36 109.46 -3.70 12.24
N ALA N 37 110.77 -3.49 12.23
CA ALA N 37 111.41 -2.69 11.19
C ALA N 37 111.47 -3.54 9.94
N GLY N 38 111.68 -2.93 8.79
CA GLY N 38 111.85 -3.69 7.56
C GLY N 38 113.26 -4.24 7.41
N THR N 39 113.46 -5.09 6.41
CA THR N 39 114.81 -5.55 6.06
C THR N 39 115.34 -4.87 4.79
N SER N 40 114.46 -4.19 4.05
CA SER N 40 114.84 -3.59 2.78
C SER N 40 115.73 -2.36 2.92
N GLY N 41 115.53 -1.59 4.00
CA GLY N 41 116.24 -0.33 4.16
C GLY N 41 115.71 0.79 3.27
N ARG N 42 114.64 0.52 2.54
CA ARG N 42 114.03 1.51 1.66
C ARG N 42 112.84 2.16 2.37
N VAL N 43 112.66 3.45 2.16
CA VAL N 43 111.57 4.20 2.77
C VAL N 43 110.86 5.08 1.76
N SER N 44 109.61 5.39 2.08
CA SER N 44 108.80 6.34 1.35
C SER N 44 108.54 7.51 2.32
N ASN N 45 108.43 8.74 1.82
CA ASN N 45 108.13 9.88 2.71
C ASN N 45 106.68 9.93 3.18
N ILE N 46 106.46 10.22 4.46
CA ILE N 46 105.14 10.61 4.95
C ILE N 46 105.12 12.13 5.15
N PHE N 47 104.21 12.79 4.43
CA PHE N 47 104.07 14.24 4.51
C PHE N 47 102.96 14.64 5.50
N ASN N 48 103.07 15.88 5.99
CA ASN N 48 101.93 16.61 6.54
C ASN N 48 101.48 17.57 5.45
N PRO N 49 100.36 17.25 4.79
CA PRO N 49 99.92 17.98 3.62
C PRO N 49 99.45 19.41 3.92
N ALA N 50 99.21 19.72 5.19
CA ALA N 50 98.88 21.08 5.62
C ALA N 50 100.10 21.99 5.55
N THR N 51 101.27 21.46 5.87
CA THR N 51 102.49 22.27 5.85
C THR N 51 103.35 22.00 4.62
N GLY N 52 103.22 20.81 4.06
CA GLY N 52 104.07 20.41 2.94
C GLY N 52 105.34 19.70 3.41
N GLU N 53 105.54 19.63 4.72
CA GLU N 53 106.75 19.04 5.28
C GLU N 53 106.65 17.53 5.37
N VAL N 54 107.80 16.88 5.23
CA VAL N 54 107.97 15.47 5.58
C VAL N 54 107.89 15.40 7.11
N GLN N 55 107.13 14.45 7.63
CA GLN N 55 106.96 14.30 9.08
C GLN N 55 107.41 12.92 9.52
N GLY N 56 107.70 12.05 8.56
CA GLY N 56 108.05 10.68 8.86
C GLY N 56 108.31 9.86 7.62
N THR N 57 108.66 8.59 7.84
CA THR N 57 108.89 7.65 6.75
C THR N 57 108.19 6.34 7.05
N VAL N 58 107.93 5.58 5.99
CA VAL N 58 107.39 4.23 6.09
C VAL N 58 108.26 3.27 5.28
N ALA N 59 108.56 2.12 5.88
CA ALA N 59 109.42 1.11 5.28
C ALA N 59 108.73 0.45 4.09
N LEU N 60 109.47 0.22 3.02
CA LEU N 60 108.93 -0.45 1.85
C LEU N 60 109.39 -1.90 1.86
N ALA N 61 108.46 -2.80 2.21
CA ALA N 61 108.74 -4.24 2.36
C ALA N 61 109.44 -4.87 1.17
N SER N 62 110.45 -5.68 1.49
CA SER N 62 111.11 -6.54 0.53
C SER N 62 110.25 -7.79 0.40
N ASP N 63 110.65 -8.67 -0.51
CA ASP N 63 109.96 -9.93 -0.70
C ASP N 63 110.07 -10.81 0.56
N ALA N 64 111.20 -10.71 1.25
CA ALA N 64 111.45 -11.50 2.45
C ALA N 64 110.59 -11.00 3.60
N ASP N 65 110.29 -9.72 3.59
CA ASP N 65 109.41 -9.13 4.59
C ASP N 65 108.01 -9.68 4.41
N LEU N 66 107.56 -9.72 3.17
CA LEU N 66 106.29 -10.28 2.81
C LEU N 66 106.21 -11.74 3.07
N ALA N 67 107.27 -12.47 2.80
CA ALA N 67 107.36 -13.90 3.10
C ALA N 67 107.26 -14.20 4.61
N ALA N 68 107.88 -13.36 5.44
CA ALA N 68 107.80 -13.53 6.88
C ALA N 68 106.38 -13.28 7.39
N ALA N 69 105.70 -12.30 6.79
CA ALA N 69 104.31 -12.04 7.11
C ALA N 69 103.43 -13.26 6.75
N VAL N 70 103.70 -13.87 5.59
CA VAL N 70 102.93 -15.02 5.14
C VAL N 70 103.20 -16.23 6.03
N GLU N 71 104.46 -16.45 6.40
CA GLU N 71 104.81 -17.54 7.31
C GLU N 71 104.13 -17.39 8.68
N SER N 72 104.14 -16.16 9.19
CA SER N 72 103.42 -15.79 10.41
C SER N 72 101.92 -16.11 10.34
N ALA N 73 101.29 -15.70 9.24
CA ALA N 73 99.88 -15.98 8.98
C ALA N 73 99.61 -17.48 8.89
N LYS N 74 100.48 -18.17 8.16
CA LYS N 74 100.35 -19.61 7.95
C LYS N 74 100.35 -20.40 9.26
N ALA N 75 101.30 -20.07 10.14
CA ALA N 75 101.39 -20.72 11.44
C ALA N 75 100.21 -20.39 12.37
N ALA N 76 99.59 -19.23 12.21
CA ALA N 76 98.52 -18.79 13.13
C ALA N 76 97.09 -19.16 12.70
N GLN N 77 96.84 -19.17 11.39
CA GLN N 77 95.48 -19.38 10.85
C GLN N 77 94.70 -20.61 11.39
N PRO N 78 95.31 -21.82 11.39
CA PRO N 78 94.52 -23.01 11.79
C PRO N 78 93.88 -22.93 13.18
N LYS N 79 94.62 -22.45 14.18
CA LYS N 79 94.08 -22.30 15.53
C LYS N 79 92.95 -21.28 15.58
N TRP N 80 93.13 -20.17 14.84
CA TRP N 80 92.08 -19.17 14.72
C TRP N 80 90.82 -19.78 14.07
N ALA N 81 90.98 -20.50 12.96
CA ALA N 81 89.85 -21.17 12.29
C ALA N 81 89.18 -22.21 13.20
N ALA N 82 89.97 -22.83 14.06
CA ALA N 82 89.48 -23.81 15.04
C ALA N 82 88.65 -23.16 16.17
N THR N 83 88.69 -21.83 16.26
CA THR N 83 87.96 -21.12 17.28
C THR N 83 86.51 -21.00 16.84
N ASN N 84 85.57 -21.17 17.76
CA ASN N 84 84.16 -21.17 17.41
C ASN N 84 83.70 -19.77 16.94
N PRO N 85 82.63 -19.70 16.13
CA PRO N 85 82.17 -18.43 15.54
C PRO N 85 81.85 -17.33 16.57
N GLN N 86 81.24 -17.72 17.69
CA GLN N 86 80.91 -16.77 18.74
C GLN N 86 82.14 -16.14 19.39
N ARG N 87 83.15 -16.94 19.66
CA ARG N 87 84.39 -16.43 20.23
C ARG N 87 85.13 -15.50 19.26
N ARG N 88 85.12 -15.86 17.98
CA ARG N 88 85.64 -14.99 16.93
C ARG N 88 84.86 -13.68 16.84
N ALA N 89 83.54 -13.77 16.91
CA ALA N 89 82.67 -12.58 16.97
C ALA N 89 83.04 -11.65 18.14
N ARG N 90 83.38 -12.24 19.28
CA ARG N 90 83.66 -11.45 20.48
C ARG N 90 84.92 -10.62 20.36
N VAL N 91 85.88 -11.08 19.56
CA VAL N 91 87.04 -10.25 19.24
C VAL N 91 86.58 -8.94 18.61
N PHE N 92 85.68 -9.03 17.63
CA PHE N 92 85.19 -7.85 16.93
C PHE N 92 84.34 -6.94 17.81
N MSE N 93 83.62 -7.53 18.75
CA MSE N 93 82.84 -6.77 19.70
C MSE N 93 83.70 -5.90 20.59
O MSE N 93 83.39 -4.73 20.82
CB MSE N 93 82.09 -7.79 20.54
CG MSE N 93 80.79 -7.19 21.02
SE MSE N 93 79.70 -8.65 21.76
CE MSE N 93 80.06 -10.25 20.66
N LYS N 94 84.80 -6.47 21.11
CA LYS N 94 85.76 -5.72 21.92
C LYS N 94 86.49 -4.68 21.07
N PHE N 95 86.84 -5.06 19.85
CA PHE N 95 87.52 -4.15 18.93
C PHE N 95 86.69 -2.89 18.68
N VAL N 96 85.37 -3.04 18.56
CA VAL N 96 84.47 -1.90 18.44
C VAL N 96 84.56 -0.95 19.64
N GLN N 97 84.56 -1.53 20.85
CA GLN N 97 84.75 -0.74 22.07
C GLN N 97 86.05 0.04 22.04
N LEU N 98 87.13 -0.64 21.65
CA LEU N 98 88.44 -0.01 21.55
C LEU N 98 88.49 1.07 20.46
N LEU N 99 87.78 0.86 19.36
CA LEU N 99 87.73 1.89 18.32
C LEU N 99 87.10 3.16 18.89
N ASN N 100 85.99 3.01 19.61
CA ASN N 100 85.36 4.13 20.33
C ASN N 100 86.28 4.74 21.38
N ASP N 101 86.91 3.90 22.21
CA ASP N 101 87.87 4.39 23.21
C ASP N 101 89.06 5.16 22.63
N ASN N 102 89.47 4.83 21.42
CA ASN N 102 90.61 5.50 20.79
C ASN N 102 90.21 6.42 19.65
N MSE N 103 88.94 6.74 19.54
CA MSE N 103 88.43 7.58 18.46
C MSE N 103 89.30 8.79 18.22
O MSE N 103 89.71 9.03 17.08
CB MSE N 103 86.97 7.98 18.70
CG MSE N 103 86.35 8.71 17.51
SE MSE N 103 86.26 7.58 15.88
CE MSE N 103 85.11 6.11 16.55
N ASN N 104 89.59 9.58 19.25
CA ASN N 104 90.33 10.84 19.05
C ASN N 104 91.79 10.67 18.64
N GLU N 105 92.48 9.75 19.30
CA GLU N 105 93.84 9.36 18.91
C GLU N 105 93.85 8.91 17.44
N LEU N 106 92.90 8.05 17.08
CA LEU N 106 92.77 7.53 15.70
C LEU N 106 92.52 8.61 14.67
N ALA N 107 91.53 9.46 14.93
CA ALA N 107 91.23 10.60 14.08
C ALA N 107 92.44 11.53 13.90
N GLU N 108 93.17 11.79 14.97
CA GLU N 108 94.32 12.70 14.94
C GLU N 108 95.41 12.23 13.97
N MSE N 109 95.76 10.95 14.03
CA MSE N 109 96.86 10.44 13.22
C MSE N 109 96.42 10.30 11.78
O MSE N 109 97.23 10.45 10.86
CB MSE N 109 97.41 9.15 13.80
CG MSE N 109 96.36 8.05 13.99
SE MSE N 109 97.33 6.41 14.48
CE MSE N 109 97.61 6.63 16.42
N LEU N 110 95.13 10.03 11.58
CA LEU N 110 94.58 9.96 10.24
C LEU N 110 94.67 11.32 9.58
N SER N 111 94.08 12.33 10.23
CA SER N 111 94.05 13.69 9.72
C SER N 111 95.44 14.25 9.45
N ARG N 112 96.39 13.99 10.34
CA ARG N 112 97.72 14.56 10.22
C ARG N 112 98.47 14.06 8.96
N GLU N 113 98.25 12.81 8.58
CA GLU N 113 98.92 12.26 7.39
C GLU N 113 98.10 12.48 6.14
N HIS N 114 96.77 12.41 6.29
CA HIS N 114 95.86 12.50 5.16
C HIS N 114 95.56 13.93 4.73
N GLY N 115 95.15 14.76 5.69
CA GLY N 115 94.82 16.16 5.40
C GLY N 115 93.40 16.56 5.76
N LYS N 116 92.48 15.60 5.64
CA LYS N 116 91.06 15.82 5.92
C LYS N 116 90.76 16.15 7.38
N THR N 117 89.62 16.78 7.60
CA THR N 117 89.26 17.28 8.93
C THR N 117 89.16 16.16 9.96
N ILE N 118 89.24 16.51 11.24
CA ILE N 118 89.03 15.56 12.32
C ILE N 118 87.68 14.86 12.17
N ASP N 119 86.65 15.66 11.87
CA ASP N 119 85.30 15.15 11.63
C ASP N 119 85.21 14.15 10.48
N ASP N 120 85.85 14.46 9.35
CA ASP N 120 85.98 13.51 8.24
C ASP N 120 86.71 12.24 8.68
N ALA N 121 87.83 12.43 9.41
CA ALA N 121 88.61 11.28 9.86
C ALA N 121 87.76 10.36 10.75
N LYS N 122 86.98 10.96 11.65
CA LYS N 122 86.08 10.19 12.53
C LYS N 122 85.03 9.39 11.78
N GLY N 123 84.45 9.99 10.73
CA GLY N 123 83.52 9.29 9.85
C GLY N 123 84.18 8.10 9.15
N ASP N 124 85.45 8.29 8.77
CA ASP N 124 86.32 7.24 8.21
C ASP N 124 86.40 6.04 9.16
N ILE N 125 86.83 6.28 10.40
CA ILE N 125 86.93 5.22 11.43
C ILE N 125 85.57 4.53 11.66
N VAL N 126 84.53 5.34 11.87
CA VAL N 126 83.17 4.84 12.11
C VAL N 126 82.62 3.93 11.00
N ARG N 127 82.84 4.28 9.74
CA ARG N 127 82.37 3.39 8.66
C ARG N 127 83.11 2.03 8.62
N GLY N 128 84.35 2.02 9.07
CA GLY N 128 85.07 0.76 9.21
C GLY N 128 84.53 -0.02 10.39
N LEU N 129 84.28 0.72 11.47
CA LEU N 129 83.72 0.17 12.70
C LEU N 129 82.38 -0.53 12.43
N GLU N 130 81.57 0.08 11.55
CA GLU N 130 80.28 -0.51 11.18
C GLU N 130 80.40 -1.86 10.47
N VAL N 131 81.45 -2.04 9.69
CA VAL N 131 81.73 -3.36 9.13
C VAL N 131 82.08 -4.36 10.26
N CYS N 132 82.83 -3.89 11.25
CA CYS N 132 83.19 -4.75 12.38
C CYS N 132 81.96 -5.17 13.18
N GLU N 133 81.05 -4.21 13.41
CA GLU N 133 79.73 -4.51 13.98
C GLU N 133 78.95 -5.57 13.18
N PHE N 134 79.04 -5.50 11.85
CA PHE N 134 78.33 -6.44 10.98
C PHE N 134 78.85 -7.87 11.12
N VAL N 135 80.17 -8.04 11.22
CA VAL N 135 80.74 -9.38 11.29
C VAL N 135 80.64 -9.97 12.71
N ILE N 136 80.11 -9.20 13.65
CA ILE N 136 79.72 -9.75 14.95
C ILE N 136 78.67 -10.83 14.72
N GLY N 137 77.88 -10.69 13.66
CA GLY N 137 76.91 -11.71 13.27
C GLY N 137 77.47 -12.88 12.45
N ILE N 138 78.79 -13.03 12.42
CA ILE N 138 79.39 -14.13 11.64
C ILE N 138 78.80 -15.53 11.94
N PRO N 139 78.39 -15.82 13.18
CA PRO N 139 77.86 -17.18 13.35
C PRO N 139 76.64 -17.46 12.44
N HIS N 140 75.69 -16.52 12.41
CA HIS N 140 74.57 -16.60 11.49
C HIS N 140 75.02 -16.46 10.03
N LEU N 141 75.86 -15.48 9.74
CA LEU N 141 76.27 -15.19 8.36
C LEU N 141 77.05 -16.33 7.70
N GLN N 142 77.77 -17.13 8.49
CA GLN N 142 78.58 -18.19 7.91
C GLN N 142 77.83 -19.52 7.76
N LYS N 143 76.54 -19.52 8.07
CA LYS N 143 75.75 -20.75 7.92
C LYS N 143 75.75 -21.28 6.49
N SER N 144 75.65 -22.59 6.37
CA SER N 144 75.51 -23.25 5.09
C SER N 144 74.18 -24.02 5.01
N GLU N 145 73.98 -24.76 3.93
CA GLU N 145 72.66 -25.32 3.59
C GLU N 145 72.61 -26.84 3.78
N PHE N 146 71.47 -27.33 4.30
CA PHE N 146 71.32 -28.76 4.57
C PHE N 146 70.05 -29.29 3.92
N THR N 147 70.16 -30.43 3.25
CA THR N 147 69.01 -31.14 2.70
C THR N 147 68.94 -32.53 3.29
N GLU N 148 67.79 -32.89 3.85
CA GLU N 148 67.58 -34.27 4.24
C GLU N 148 66.91 -35.04 3.12
N GLY N 149 67.34 -36.29 2.91
CA GLY N 149 66.69 -37.16 1.93
C GLY N 149 66.83 -36.67 0.51
N ALA N 150 67.99 -36.12 0.19
CA ALA N 150 68.33 -35.74 -1.17
C ALA N 150 68.16 -36.96 -2.08
N GLY N 151 68.51 -38.12 -1.56
CA GLY N 151 68.11 -39.40 -2.12
C GLY N 151 67.72 -40.36 -1.00
N PRO N 152 67.54 -41.63 -1.29
CA PRO N 152 67.06 -42.55 -0.27
C PRO N 152 68.10 -42.76 0.80
N GLY N 153 67.75 -42.32 1.97
CA GLY N 153 68.65 -42.38 3.12
C GLY N 153 69.90 -41.54 2.97
N ILE N 154 69.87 -40.59 2.04
CA ILE N 154 71.04 -39.78 1.70
C ILE N 154 70.78 -38.34 2.09
N ASP N 155 71.72 -37.76 2.84
CA ASP N 155 71.70 -36.33 3.18
C ASP N 155 72.78 -35.59 2.40
N MSE N 156 72.57 -34.28 2.22
CA MSE N 156 73.47 -33.44 1.44
C MSE N 156 73.51 -32.07 2.04
O MSE N 156 72.48 -31.41 2.21
CB MSE N 156 72.93 -33.36 0.00
CG MSE N 156 73.83 -32.63 -1.00
SE MSE N 156 73.03 -32.76 -2.80
CE MSE N 156 73.30 -34.69 -3.10
N TYR N 157 74.70 -31.61 2.37
CA TYR N 157 74.86 -30.33 3.06
C TYR N 157 76.23 -29.72 2.78
N SER N 158 76.26 -28.40 2.75
CA SER N 158 77.51 -27.67 2.53
C SER N 158 78.08 -27.12 3.82
N ILE N 159 79.35 -26.74 3.79
CA ILE N 159 80.02 -26.06 4.88
C ILE N 159 80.81 -24.94 4.26
N ARG N 160 80.74 -23.75 4.83
CA ARG N 160 81.59 -22.67 4.35
C ARG N 160 82.84 -22.54 5.22
N GLN N 161 83.98 -23.00 4.68
CA GLN N 161 85.25 -23.03 5.42
C GLN N 161 86.17 -21.91 4.91
N PRO N 162 87.19 -21.51 5.69
CA PRO N 162 88.08 -20.42 5.28
C PRO N 162 88.81 -20.68 3.97
N VAL N 163 89.15 -19.64 3.21
CA VAL N 163 90.02 -19.83 2.04
C VAL N 163 91.47 -20.05 2.46
N GLY N 164 91.81 -19.67 3.69
CA GLY N 164 93.17 -19.77 4.19
C GLY N 164 93.78 -18.44 4.55
N ILE N 165 94.59 -17.90 3.66
CA ILE N 165 95.25 -16.62 3.88
C ILE N 165 94.86 -15.60 2.82
N GLY N 166 94.36 -14.44 3.26
CA GLY N 166 93.95 -13.39 2.35
C GLY N 166 94.83 -12.16 2.42
N ALA N 167 94.75 -11.33 1.37
CA ALA N 167 95.49 -10.07 1.35
C ALA N 167 94.62 -8.95 0.79
N GLY N 168 94.80 -7.74 1.33
CA GLY N 168 94.05 -6.57 0.91
C GLY N 168 94.96 -5.40 0.63
N ILE N 169 94.64 -4.67 -0.43
CA ILE N 169 95.48 -3.55 -0.87
C ILE N 169 94.62 -2.30 -0.91
N THR N 170 95.01 -1.28 -0.14
CA THR N 170 94.11 -0.13 0.07
C THR N 170 94.69 1.21 -0.38
N PRO N 171 93.82 2.22 -0.61
CA PRO N 171 94.24 3.53 -1.11
C PRO N 171 94.43 4.57 -0.01
N PHE N 172 94.90 5.75 -0.39
CA PHE N 172 95.22 6.79 0.60
C PHE N 172 93.98 7.37 1.27
N ASN N 173 92.88 7.48 0.54
CA ASN N 173 91.76 8.30 1.03
C ASN N 173 90.96 7.75 2.22
N PHE N 174 90.94 6.42 2.38
CA PHE N 174 90.27 5.87 3.55
C PHE N 174 91.13 4.81 4.24
N PRO N 175 92.17 5.23 5.00
CA PRO N 175 93.10 4.28 5.61
C PRO N 175 92.56 3.57 6.84
N GLY N 176 91.36 3.94 7.28
CA GLY N 176 90.67 3.24 8.35
C GLY N 176 89.54 2.39 7.78
N MSE N 177 88.62 3.04 7.08
CA MSE N 177 87.43 2.36 6.55
C MSE N 177 87.77 1.18 5.66
O MSE N 177 87.28 0.07 5.89
CB MSE N 177 86.55 3.36 5.81
CG MSE N 177 85.29 2.67 5.35
SE MSE N 177 84.21 3.95 4.34
CE MSE N 177 85.25 3.98 2.66
N ILE N 178 88.57 1.40 4.63
CA ILE N 178 88.82 0.39 3.63
C ILE N 178 89.57 -0.85 4.10
N PRO N 179 90.62 -0.69 4.87
CA PRO N 179 91.19 -1.85 5.54
C PRO N 179 90.16 -2.65 6.34
N MSE N 180 89.33 -1.97 7.15
CA MSE N 180 88.30 -2.65 7.95
C MSE N 180 87.27 -3.34 7.07
O MSE N 180 86.83 -4.44 7.39
CB MSE N 180 87.67 -1.70 8.97
CG MSE N 180 88.74 -1.29 9.99
SE MSE N 180 87.91 -0.41 11.54
CE MSE N 180 88.32 1.46 11.08
N TRP N 181 86.90 -2.72 5.96
CA TRP N 181 86.05 -3.34 4.94
C TRP N 181 86.53 -4.76 4.63
N MSE N 182 87.83 -4.90 4.46
CA MSE N 182 88.43 -6.17 4.05
C MSE N 182 88.72 -7.08 5.20
O MSE N 182 88.26 -8.21 5.22
CB MSE N 182 89.71 -5.91 3.27
CG MSE N 182 89.39 -5.06 2.04
SE MSE N 182 91.10 -4.62 1.19
CE MSE N 182 90.35 -3.82 -0.44
N PHE N 183 89.51 -6.63 6.16
CA PHE N 183 89.94 -7.54 7.19
C PHE N 183 88.86 -8.04 8.17
N ALA N 184 87.81 -7.27 8.39
CA ALA N 184 86.72 -7.72 9.27
C ALA N 184 86.04 -9.02 8.77
N PRO N 185 85.40 -9.01 7.58
CA PRO N 185 84.87 -10.32 7.14
C PRO N 185 85.94 -11.38 6.92
N ALA N 186 87.09 -11.00 6.36
CA ALA N 186 88.13 -11.99 6.05
C ALA N 186 88.52 -12.75 7.31
N ILE N 187 88.80 -12.01 8.38
CA ILE N 187 89.17 -12.57 9.67
C ILE N 187 88.01 -13.24 10.44
N ALA N 188 86.80 -12.69 10.33
CA ALA N 188 85.65 -13.28 11.02
C ALA N 188 85.34 -14.67 10.48
N CYS N 189 85.67 -14.87 9.20
CA CYS N 189 85.41 -16.12 8.49
C CYS N 189 86.42 -17.19 8.82
N GLY N 190 87.51 -16.81 9.50
CA GLY N 190 88.52 -17.74 10.01
C GLY N 190 89.80 -17.75 9.20
N ASN N 191 89.99 -16.70 8.39
CA ASN N 191 91.23 -16.54 7.63
C ASN N 191 92.23 -15.68 8.38
N ALA N 192 93.48 -15.76 7.95
CA ALA N 192 94.47 -14.76 8.35
C ALA N 192 94.52 -13.75 7.21
N PHE N 193 95.00 -12.54 7.51
CA PHE N 193 94.92 -11.44 6.56
C PHE N 193 96.18 -10.57 6.57
N ILE N 194 96.70 -10.31 5.39
CA ILE N 194 97.84 -9.42 5.20
C ILE N 194 97.35 -8.15 4.52
N LEU N 195 97.52 -7.03 5.21
CA LEU N 195 97.09 -5.75 4.67
C LEU N 195 98.29 -5.01 4.06
N LYS N 196 98.10 -4.49 2.87
CA LYS N 196 99.07 -3.63 2.26
C LYS N 196 98.45 -2.29 2.03
N PRO N 197 98.53 -1.42 3.01
CA PRO N 197 97.81 -0.15 2.93
C PRO N 197 98.57 0.89 2.12
N SER N 198 97.96 2.05 1.89
CA SER N 198 98.65 3.12 1.18
C SER N 198 99.86 3.67 1.95
N GLU N 199 100.95 3.90 1.21
CA GLU N 199 102.20 4.44 1.77
C GLU N 199 102.06 5.89 2.20
N ARG N 200 101.00 6.56 1.74
CA ARG N 200 100.80 7.98 1.98
C ARG N 200 100.48 8.24 3.45
N ASP N 201 99.68 7.35 4.03
CA ASP N 201 99.12 7.59 5.37
C ASP N 201 98.97 6.29 6.17
N PRO N 202 100.08 5.73 6.64
CA PRO N 202 100.07 4.38 7.17
C PRO N 202 99.96 4.21 8.68
N SER N 203 99.87 5.28 9.44
CA SER N 203 99.79 5.14 10.90
C SER N 203 98.51 4.43 11.36
N VAL N 204 97.36 4.82 10.82
CA VAL N 204 96.11 4.19 11.23
C VAL N 204 96.13 2.65 11.12
N PRO N 205 96.44 2.10 9.91
CA PRO N 205 96.48 0.65 9.72
C PRO N 205 97.30 -0.12 10.75
N ILE N 206 98.48 0.39 11.09
CA ILE N 206 99.31 -0.29 12.09
C ILE N 206 98.64 -0.22 13.46
N ARG N 207 98.08 0.93 13.81
CA ARG N 207 97.39 1.08 15.09
C ARG N 207 96.15 0.18 15.16
N LEU N 208 95.46 0.02 14.03
CA LEU N 208 94.30 -0.88 13.97
C LEU N 208 94.71 -2.32 14.30
N ALA N 209 95.81 -2.78 13.68
CA ALA N 209 96.33 -4.14 13.93
C ALA N 209 96.73 -4.35 15.40
N GLU N 210 97.38 -3.34 15.97
CA GLU N 210 97.71 -3.31 17.39
C GLU N 210 96.44 -3.48 18.24
N LEU N 211 95.37 -2.75 17.89
CA LEU N 211 94.13 -2.79 18.67
C LEU N 211 93.42 -4.14 18.54
N MSE N 212 93.55 -4.79 17.39
CA MSE N 212 93.01 -6.15 17.23
C MSE N 212 93.67 -7.11 18.19
O MSE N 212 92.99 -7.97 18.75
CB MSE N 212 93.16 -6.68 15.81
CG MSE N 212 92.13 -6.10 14.85
SE MSE N 212 90.28 -6.66 15.26
CE MSE N 212 90.24 -8.47 14.47
N ILE N 213 94.97 -6.96 18.40
CA ILE N 213 95.69 -7.77 19.40
C ILE N 213 95.12 -7.51 20.80
N GLU N 214 94.99 -6.25 21.16
CA GLU N 214 94.43 -5.88 22.45
C GLU N 214 93.00 -6.39 22.62
N ALA N 215 92.27 -6.52 21.51
CA ALA N 215 90.89 -7.04 21.51
C ALA N 215 90.84 -8.56 21.69
N GLY N 216 91.99 -9.21 21.50
CA GLY N 216 92.14 -10.63 21.73
C GLY N 216 92.40 -11.44 20.47
N LEU N 217 92.77 -10.78 19.38
CA LEU N 217 93.10 -11.48 18.14
C LEU N 217 94.46 -12.12 18.29
N PRO N 218 94.58 -13.42 17.97
CA PRO N 218 95.90 -14.06 18.05
C PRO N 218 96.89 -13.38 17.10
N ALA N 219 98.16 -13.33 17.52
CA ALA N 219 99.23 -12.74 16.72
C ALA N 219 99.29 -13.43 15.37
N GLY N 220 99.58 -12.67 14.31
CA GLY N 220 99.74 -13.25 12.99
C GLY N 220 98.47 -13.35 12.16
N ILE N 221 97.31 -13.21 12.81
CA ILE N 221 96.04 -13.26 12.10
C ILE N 221 95.77 -11.98 11.30
N LEU N 222 96.27 -10.85 11.79
CA LEU N 222 96.28 -9.60 11.02
C LEU N 222 97.67 -8.98 10.96
N ASN N 223 98.29 -9.06 9.78
CA ASN N 223 99.62 -8.50 9.59
C ASN N 223 99.56 -7.32 8.64
N VAL N 224 100.32 -6.28 8.96
CA VAL N 224 100.40 -5.12 8.07
C VAL N 224 101.76 -5.11 7.41
N VAL N 225 101.75 -5.11 6.09
CA VAL N 225 102.97 -5.05 5.32
C VAL N 225 102.97 -3.79 4.47
N ASN N 226 103.86 -2.86 4.82
CA ASN N 226 103.94 -1.59 4.10
C ASN N 226 104.82 -1.69 2.85
N GLY N 227 104.49 -0.95 1.80
CA GLY N 227 105.31 -0.98 0.60
C GLY N 227 104.63 -0.43 -0.62
N ASP N 228 105.34 -0.51 -1.75
CA ASP N 228 104.84 0.02 -3.02
C ASP N 228 104.45 -1.14 -3.95
N LYS N 229 104.67 -0.98 -5.25
CA LYS N 229 104.39 -2.04 -6.21
C LYS N 229 105.11 -3.34 -5.85
N GLY N 230 106.36 -3.24 -5.40
CA GLY N 230 107.14 -4.40 -4.94
C GLY N 230 106.38 -5.29 -3.96
N ALA N 231 105.77 -4.69 -2.95
CA ALA N 231 104.97 -5.43 -1.97
C ALA N 231 103.71 -6.04 -2.61
N VAL N 232 103.05 -5.25 -3.46
CA VAL N 232 101.86 -5.70 -4.17
C VAL N 232 102.22 -6.95 -4.97
N ASP N 233 103.24 -6.85 -5.81
CA ASP N 233 103.76 -7.96 -6.63
C ASP N 233 104.19 -9.18 -5.84
N ALA N 234 104.81 -8.98 -4.68
CA ALA N 234 105.15 -10.11 -3.83
C ALA N 234 103.88 -10.82 -3.30
N ILE N 235 102.87 -10.03 -2.93
CA ILE N 235 101.56 -10.60 -2.53
C ILE N 235 100.91 -11.40 -3.67
N LEU N 236 100.90 -10.84 -4.87
CA LEU N 236 100.21 -11.46 -6.00
C LEU N 236 100.85 -12.76 -6.47
N THR N 237 102.16 -12.90 -6.32
CA THR N 237 102.82 -14.13 -6.79
C THR N 237 103.10 -15.16 -5.69
N HIS N 238 102.86 -14.78 -4.43
CA HIS N 238 103.06 -15.72 -3.32
C HIS N 238 102.01 -16.83 -3.32
N PRO N 239 102.47 -18.09 -3.43
CA PRO N 239 101.57 -19.22 -3.67
C PRO N 239 100.67 -19.60 -2.49
N ASP N 240 100.93 -19.03 -1.31
CA ASP N 240 100.16 -19.37 -0.11
C ASP N 240 99.05 -18.35 0.20
N ILE N 241 98.93 -17.33 -0.62
CA ILE N 241 97.84 -16.37 -0.48
C ILE N 241 96.75 -16.79 -1.48
N ALA N 242 95.54 -17.03 -0.97
CA ALA N 242 94.47 -17.55 -1.81
C ALA N 242 93.60 -16.48 -2.47
N ALA N 243 93.53 -15.29 -1.85
CA ALA N 243 92.54 -14.30 -2.23
C ALA N 243 93.05 -12.86 -2.03
N VAL N 244 92.64 -11.99 -2.95
CA VAL N 244 93.10 -10.61 -2.96
C VAL N 244 91.96 -9.65 -3.23
N SER N 245 91.86 -8.65 -2.36
CA SER N 245 90.87 -7.60 -2.47
C SER N 245 91.66 -6.31 -2.66
N PHE N 246 91.22 -5.49 -3.62
CA PHE N 246 91.89 -4.24 -3.90
C PHE N 246 90.88 -3.13 -4.04
N VAL N 247 91.25 -1.95 -3.57
CA VAL N 247 90.47 -0.76 -3.81
C VAL N 247 91.46 0.35 -4.12
N GLY N 248 91.21 1.11 -5.20
CA GLY N 248 92.10 2.19 -5.63
C GLY N 248 91.75 2.65 -7.03
N SER N 249 92.76 3.10 -7.78
CA SER N 249 92.50 3.59 -9.13
C SER N 249 92.18 2.44 -10.11
N THR N 250 91.48 2.77 -11.19
CA THR N 250 91.10 1.79 -12.21
C THR N 250 92.29 1.09 -12.86
N PRO N 251 93.32 1.84 -13.32
CA PRO N 251 94.43 1.14 -13.94
C PRO N 251 95.05 0.10 -13.00
N ILE N 252 95.21 0.43 -11.73
CA ILE N 252 95.82 -0.51 -10.78
C ILE N 252 94.87 -1.66 -10.44
N ALA N 253 93.56 -1.38 -10.36
CA ALA N 253 92.56 -2.44 -10.20
C ALA N 253 92.65 -3.48 -11.32
N ARG N 254 92.70 -3.01 -12.58
CA ARG N 254 92.89 -3.88 -13.74
C ARG N 254 94.12 -4.77 -13.58
N TYR N 255 95.24 -4.16 -13.22
CA TYR N 255 96.50 -4.87 -13.05
C TYR N 255 96.44 -5.94 -11.97
N VAL N 256 95.96 -5.58 -10.80
CA VAL N 256 95.90 -6.50 -9.66
C VAL N 256 94.93 -7.64 -9.95
N TYR N 257 93.75 -7.31 -10.48
CA TYR N 257 92.76 -8.32 -10.85
C TYR N 257 93.30 -9.31 -11.87
N GLY N 258 93.96 -8.79 -12.90
CA GLY N 258 94.54 -9.63 -13.95
C GLY N 258 95.68 -10.50 -13.42
N THR N 259 96.59 -9.87 -12.68
CA THR N 259 97.77 -10.56 -12.17
C THR N 259 97.39 -11.59 -11.10
N ALA N 260 96.45 -11.24 -10.22
CA ALA N 260 95.95 -12.20 -9.24
C ALA N 260 95.40 -13.45 -9.96
N ALA N 261 94.59 -13.19 -10.99
CA ALA N 261 93.92 -14.26 -11.69
C ALA N 261 94.92 -15.12 -12.43
N MSE N 262 95.94 -14.51 -13.02
CA MSE N 262 97.00 -15.22 -13.71
C MSE N 262 97.68 -16.13 -12.74
O MSE N 262 98.10 -17.20 -13.14
CB MSE N 262 98.05 -14.35 -14.37
CG MSE N 262 97.70 -13.82 -15.76
SE MSE N 262 97.28 -15.10 -17.18
CE MSE N 262 97.75 -16.82 -16.47
N ASN N 263 97.79 -15.73 -11.49
CA ASN N 263 98.38 -16.56 -10.43
C ASN N 263 97.39 -17.51 -9.76
N GLY N 264 96.20 -17.67 -10.34
CA GLY N 264 95.23 -18.64 -9.85
C GLY N 264 94.45 -18.27 -8.61
N LYS N 265 94.57 -17.04 -8.14
CA LYS N 265 93.88 -16.59 -6.94
C LYS N 265 92.50 -16.02 -7.29
N ARG N 266 91.60 -16.00 -6.31
CA ARG N 266 90.36 -15.25 -6.46
C ARG N 266 90.64 -13.79 -6.13
N ALA N 267 89.86 -12.90 -6.72
CA ALA N 267 90.12 -11.47 -6.63
C ALA N 267 88.85 -10.64 -6.78
N GLN N 268 88.82 -9.52 -6.08
CA GLN N 268 87.80 -8.49 -6.26
C GLN N 268 88.50 -7.13 -6.24
N CYS N 269 88.24 -6.30 -7.23
CA CYS N 269 88.93 -5.03 -7.32
C CYS N 269 87.98 -3.91 -7.63
N PHE N 270 88.28 -2.75 -7.09
CA PHE N 270 87.37 -1.63 -7.14
C PHE N 270 88.15 -0.39 -7.49
N GLY N 271 87.61 0.37 -8.43
CA GLY N 271 88.37 1.40 -9.14
C GLY N 271 87.79 2.79 -9.08
N GLY N 272 88.13 3.60 -10.09
CA GLY N 272 87.76 5.01 -10.15
C GLY N 272 86.30 5.35 -10.36
N ALA N 273 86.04 6.66 -10.46
CA ALA N 273 84.68 7.19 -10.47
C ALA N 273 84.59 8.53 -11.19
N LYS N 274 83.41 8.79 -11.76
CA LYS N 274 83.01 10.14 -12.11
C LYS N 274 81.52 10.25 -11.82
N ASN N 275 81.18 10.43 -10.56
CA ASN N 275 79.78 10.37 -10.15
C ASN N 275 78.99 11.62 -10.57
N HIS N 276 77.86 11.39 -11.25
CA HIS N 276 76.95 12.46 -11.70
C HIS N 276 75.77 12.61 -10.71
N MSE N 277 75.31 13.84 -10.53
CA MSE N 277 74.05 14.11 -9.87
C MSE N 277 73.18 14.77 -10.91
O MSE N 277 73.55 15.81 -11.48
CB MSE N 277 74.20 15.04 -8.67
CG MSE N 277 72.84 15.19 -7.99
SE MSE N 277 72.84 16.64 -6.64
CE MSE N 277 73.84 15.60 -5.31
N ILE N 278 72.01 14.18 -11.16
CA ILE N 278 71.02 14.72 -12.10
C ILE N 278 69.99 15.47 -11.28
N ILE N 279 69.72 16.72 -11.64
CA ILE N 279 68.76 17.52 -10.89
C ILE N 279 67.58 17.84 -11.82
N MSE N 280 66.45 17.17 -11.59
CA MSE N 280 65.23 17.37 -12.38
C MSE N 280 64.62 18.72 -12.04
O MSE N 280 64.86 19.25 -10.95
CB MSE N 280 64.23 16.25 -12.07
CG MSE N 280 64.64 14.87 -12.57
SE MSE N 280 64.87 14.87 -14.54
CE MSE N 280 63.00 14.97 -15.13
N PRO N 281 63.83 19.31 -12.96
CA PRO N 281 63.27 20.63 -12.65
C PRO N 281 62.33 20.68 -11.43
N ASP N 282 61.80 19.53 -11.01
CA ASP N 282 60.88 19.52 -9.87
C ASP N 282 61.59 19.29 -8.52
N ALA N 283 62.91 19.18 -8.53
CA ALA N 283 63.64 18.87 -7.31
C ALA N 283 63.59 20.01 -6.30
N ASP N 284 63.82 19.70 -5.03
CA ASP N 284 64.12 20.70 -4.03
C ASP N 284 65.53 21.21 -4.32
N LEU N 285 65.64 22.39 -4.92
CA LEU N 285 66.93 22.94 -5.33
C LEU N 285 67.82 23.35 -4.17
N ASP N 286 67.19 23.79 -3.08
CA ASP N 286 67.92 24.13 -1.87
C ASP N 286 68.62 22.90 -1.32
N GLN N 287 67.90 21.79 -1.27
CA GLN N 287 68.49 20.54 -0.81
C GLN N 287 69.53 20.02 -1.80
N ALA N 288 69.25 20.14 -3.09
CA ALA N 288 70.19 19.68 -4.10
C ALA N 288 71.49 20.50 -4.03
N ALA N 289 71.36 21.81 -3.86
CA ALA N 289 72.54 22.68 -3.82
C ALA N 289 73.37 22.36 -2.58
N ASN N 290 72.70 22.24 -1.42
CA ASN N 290 73.38 21.89 -0.18
C ASN N 290 74.10 20.56 -0.30
N ALA N 291 73.49 19.60 -1.00
CA ALA N 291 74.07 18.27 -1.18
C ALA N 291 75.32 18.30 -2.05
N LEU N 292 75.35 19.22 -3.02
CA LEU N 292 76.49 19.36 -3.91
C LEU N 292 77.69 19.99 -3.23
N ILE N 293 77.43 20.95 -2.35
CA ILE N 293 78.50 21.54 -1.54
C ILE N 293 79.19 20.47 -0.67
N GLY N 294 78.39 19.61 -0.04
CA GLY N 294 78.92 18.51 0.76
C GLY N 294 79.63 17.44 -0.05
N ALA N 295 79.04 17.03 -1.17
CA ALA N 295 79.52 15.87 -1.91
C ALA N 295 80.57 16.20 -2.94
N GLY N 296 80.59 17.46 -3.37
CA GLY N 296 81.58 17.94 -4.33
C GLY N 296 82.88 18.37 -3.68
N TYR N 297 82.76 18.95 -2.49
CA TYR N 297 83.91 19.57 -1.82
C TYR N 297 84.31 18.93 -0.48
N GLY N 298 83.48 18.03 0.04
CA GLY N 298 83.86 17.21 1.20
C GLY N 298 85.14 16.44 0.93
N SER N 299 86.03 16.38 1.92
CA SER N 299 87.36 15.76 1.76
C SER N 299 88.12 16.32 0.55
N ALA N 300 87.91 17.60 0.26
CA ALA N 300 88.54 18.26 -0.89
C ALA N 300 88.32 17.47 -2.19
N GLY N 301 87.20 16.76 -2.27
CA GLY N 301 86.85 15.99 -3.45
C GLY N 301 87.59 14.67 -3.62
N GLU N 302 88.35 14.27 -2.60
CA GLU N 302 89.16 13.06 -2.68
C GLU N 302 88.36 11.80 -2.30
N ARG N 303 87.35 11.50 -3.10
CA ARG N 303 86.45 10.39 -2.79
C ARG N 303 85.98 9.74 -4.09
N CYS N 304 85.96 8.41 -4.11
CA CYS N 304 85.41 7.70 -5.26
C CYS N 304 83.88 7.77 -5.28
N MSE N 305 83.29 8.42 -4.28
CA MSE N 305 81.84 8.62 -4.25
C MSE N 305 81.51 10.09 -4.16
O MSE N 305 80.39 10.47 -3.81
CB MSE N 305 81.23 7.81 -3.11
CG MSE N 305 81.33 6.29 -3.34
SE MSE N 305 80.28 5.69 -4.90
CE MSE N 305 78.52 5.61 -4.01
N ALA N 306 82.48 10.93 -4.49
CA ALA N 306 82.27 12.37 -4.58
C ALA N 306 81.42 12.69 -5.79
N ILE N 307 80.54 13.68 -5.67
CA ILE N 307 79.85 14.13 -6.88
C ILE N 307 80.79 15.09 -7.59
N SER N 308 81.15 14.77 -8.82
CA SER N 308 82.06 15.60 -9.57
C SER N 308 81.38 16.24 -10.76
N VAL N 309 80.18 15.75 -11.10
CA VAL N 309 79.40 16.29 -12.21
C VAL N 309 77.97 16.55 -11.76
N ALA N 310 77.51 17.79 -11.92
CA ALA N 310 76.13 18.13 -11.66
C ALA N 310 75.46 18.22 -13.01
N VAL N 311 74.28 17.61 -13.14
CA VAL N 311 73.55 17.60 -14.40
C VAL N 311 72.15 18.18 -14.23
N PRO N 312 72.03 19.52 -14.19
CA PRO N 312 70.70 20.12 -14.13
C PRO N 312 69.95 19.97 -15.46
N VAL N 313 68.64 19.73 -15.36
CA VAL N 313 67.79 19.51 -16.53
C VAL N 313 67.02 20.80 -16.81
N GLY N 314 67.27 21.39 -17.98
CA GLY N 314 66.60 22.64 -18.33
C GLY N 314 67.37 23.87 -17.85
N GLU N 315 67.06 24.99 -18.48
CA GLU N 315 67.80 26.23 -18.28
C GLU N 315 67.55 26.89 -16.94
N GLU N 316 66.29 27.00 -16.57
CA GLU N 316 65.96 27.65 -15.31
C GLU N 316 66.56 26.90 -14.11
N THR N 317 66.50 25.56 -14.16
CA THR N 317 67.09 24.73 -13.11
C THR N 317 68.59 24.99 -12.99
N ALA N 318 69.30 24.95 -14.12
CA ALA N 318 70.73 25.25 -14.15
C ALA N 318 71.04 26.62 -13.55
N ASN N 319 70.31 27.64 -14.02
CA ASN N 319 70.56 29.01 -13.62
C ASN N 319 70.33 29.27 -12.13
N ARG N 320 69.24 28.73 -11.61
CA ARG N 320 68.95 28.84 -10.18
C ARG N 320 69.94 28.05 -9.35
N LEU N 321 70.40 26.92 -9.89
CA LEU N 321 71.36 26.05 -9.20
C LEU N 321 72.72 26.73 -9.05
N ILE N 322 73.26 27.22 -10.17
CA ILE N 322 74.46 28.02 -10.15
C ILE N 322 74.29 29.19 -9.17
N ASP N 323 73.17 29.91 -9.27
CA ASP N 323 72.93 31.09 -8.43
C ASP N 323 73.05 30.73 -6.96
N LYS N 324 72.69 29.50 -6.62
CA LYS N 324 72.76 29.03 -5.23
C LYS N 324 74.15 28.55 -4.86
N LEU N 325 74.79 27.84 -5.79
CA LEU N 325 76.05 27.18 -5.52
C LEU N 325 77.19 28.16 -5.33
N VAL N 326 77.22 29.20 -6.16
CA VAL N 326 78.35 30.14 -6.21
C VAL N 326 78.76 30.69 -4.83
N PRO N 327 77.82 31.31 -4.08
CA PRO N 327 78.22 31.89 -2.78
C PRO N 327 78.57 30.87 -1.70
N MSE N 328 78.10 29.64 -1.86
CA MSE N 328 78.39 28.58 -0.90
C MSE N 328 79.74 27.99 -1.15
O MSE N 328 80.43 27.61 -0.20
CB MSE N 328 77.28 27.54 -0.91
CG MSE N 328 76.04 28.07 -0.20
SE MSE N 328 74.86 26.55 0.24
CE MSE N 328 74.34 26.06 -1.60
N VAL N 329 80.15 27.90 -2.42
CA VAL N 329 81.51 27.49 -2.75
C VAL N 329 82.50 28.56 -2.29
N GLU N 330 82.20 29.82 -2.61
CA GLU N 330 83.06 30.95 -2.29
C GLU N 330 83.35 31.08 -0.79
N SER N 331 82.40 30.64 0.03
CA SER N 331 82.50 30.79 1.47
C SER N 331 82.92 29.50 2.17
N LEU N 332 83.46 28.54 1.43
CA LEU N 332 84.03 27.34 2.05
C LEU N 332 85.20 27.72 2.93
N ARG N 333 85.19 27.26 4.17
CA ARG N 333 86.31 27.51 5.08
C ARG N 333 87.39 26.44 4.89
N ILE N 334 88.61 26.87 4.57
CA ILE N 334 89.68 25.96 4.21
C ILE N 334 90.80 26.04 5.24
N GLY N 335 91.23 24.90 5.77
CA GLY N 335 92.27 24.93 6.79
C GLY N 335 92.87 23.58 7.14
N PRO N 336 93.91 23.59 8.01
CA PRO N 336 94.50 22.36 8.52
C PRO N 336 93.54 21.65 9.47
N TYR N 337 93.82 20.40 9.80
CA TYR N 337 92.93 19.62 10.67
C TYR N 337 92.85 20.20 12.09
N THR N 338 93.83 21.03 12.45
CA THR N 338 93.88 21.70 13.75
C THR N 338 92.84 22.80 13.88
N ASP N 339 92.34 23.30 12.74
CA ASP N 339 91.22 24.24 12.72
C ASP N 339 89.95 23.41 12.50
N GLU N 340 89.26 23.11 13.59
CA GLU N 340 88.11 22.21 13.52
C GLU N 340 86.88 22.88 12.93
N LYS N 341 87.00 24.15 12.58
CA LYS N 341 85.89 24.85 11.95
C LYS N 341 85.89 24.67 10.43
N ALA N 342 87.02 24.22 9.88
CA ALA N 342 87.17 24.08 8.42
C ALA N 342 86.21 23.06 7.77
N ASP N 343 85.73 23.39 6.57
CA ASP N 343 84.94 22.47 5.77
C ASP N 343 85.83 21.51 4.97
N MSE N 344 87.05 21.95 4.69
CA MSE N 344 87.94 21.27 3.75
C MSE N 344 89.38 21.52 4.11
O MSE N 344 89.74 22.60 4.57
CB MSE N 344 87.66 21.91 2.39
CG MSE N 344 88.02 21.08 1.18
SE MSE N 344 87.43 22.09 -0.41
CE MSE N 344 88.93 23.33 -0.66
N GLY N 345 90.22 20.52 3.86
CA GLY N 345 91.65 20.67 4.06
C GLY N 345 92.44 20.59 2.76
N PRO N 346 93.74 20.28 2.87
CA PRO N 346 94.57 20.21 1.67
C PRO N 346 94.40 18.86 0.98
N VAL N 347 94.80 18.78 -0.29
CA VAL N 347 94.94 17.50 -0.97
C VAL N 347 96.17 16.75 -0.45
N VAL N 348 96.25 15.45 -0.71
CA VAL N 348 97.21 14.56 -0.05
C VAL N 348 98.70 14.81 -0.34
N THR N 349 99.05 15.08 -1.60
CA THR N 349 100.45 15.27 -2.03
C THR N 349 100.60 16.43 -3.00
N LYS N 350 101.83 16.93 -3.09
CA LYS N 350 102.22 17.93 -4.08
C LYS N 350 101.89 17.45 -5.51
N GLU N 351 102.05 16.15 -5.75
CA GLU N 351 101.79 15.54 -7.06
C GLU N 351 100.29 15.56 -7.42
N ALA N 352 99.45 15.24 -6.43
CA ALA N 352 98.03 15.38 -6.57
C ALA N 352 97.64 16.82 -6.90
N GLU N 353 98.25 17.78 -6.21
CA GLU N 353 97.97 19.20 -6.42
C GLU N 353 98.29 19.63 -7.85
N GLN N 354 99.47 19.25 -8.35
CA GLN N 354 99.87 19.61 -9.72
C GLN N 354 98.87 19.04 -10.71
N ARG N 355 98.58 17.76 -10.56
CA ARG N 355 97.64 17.07 -11.43
C ARG N 355 96.28 17.77 -11.47
N ILE N 356 95.79 18.20 -10.31
CA ILE N 356 94.52 18.91 -10.19
C ILE N 356 94.61 20.29 -10.84
N ARG N 357 95.67 21.04 -10.52
CA ARG N 357 95.83 22.40 -11.05
C ARG N 357 95.97 22.36 -12.56
N SER N 358 96.62 21.31 -13.04
CA SER N 358 96.77 21.04 -14.47
C SER N 358 95.43 20.78 -15.13
N LEU N 359 94.56 20.00 -14.48
CA LEU N 359 93.22 19.74 -15.00
C LEU N 359 92.33 20.98 -15.00
N ILE N 360 92.39 21.77 -13.93
CA ILE N 360 91.70 23.05 -13.90
C ILE N 360 92.06 23.91 -15.13
N ASP N 361 93.34 24.01 -15.45
CA ASP N 361 93.77 24.74 -16.65
C ASP N 361 93.20 24.19 -17.94
N SER N 362 93.22 22.86 -18.09
CA SER N 362 92.66 22.22 -19.29
C SER N 362 91.19 22.58 -19.47
N GLY N 363 90.47 22.72 -18.34
CA GLY N 363 89.06 23.13 -18.33
C GLY N 363 88.86 24.51 -18.90
N ILE N 364 89.65 25.47 -18.41
CA ILE N 364 89.69 26.81 -18.98
C ILE N 364 90.07 26.77 -20.47
N GLU N 365 91.16 26.08 -20.79
CA GLU N 365 91.66 26.02 -22.17
C GLU N 365 90.61 25.45 -23.12
N GLN N 366 89.93 24.38 -22.72
CA GLN N 366 88.94 23.76 -23.59
C GLN N 366 87.59 24.49 -23.63
N GLY N 367 87.45 25.55 -22.84
CA GLY N 367 86.30 26.45 -22.96
C GLY N 367 85.23 26.43 -21.90
N ALA N 368 85.38 25.64 -20.84
CA ALA N 368 84.45 25.66 -19.72
C ALA N 368 84.53 27.01 -19.02
N LYS N 369 83.40 27.44 -18.44
CA LYS N 369 83.31 28.70 -17.73
C LYS N 369 83.59 28.48 -16.24
N LEU N 370 84.76 28.90 -15.76
CA LEU N 370 85.09 28.79 -14.35
C LEU N 370 84.42 29.91 -13.57
N VAL N 371 83.23 29.65 -13.05
CA VAL N 371 82.42 30.67 -12.35
C VAL N 371 82.87 30.91 -10.91
N VAL N 372 83.55 29.92 -10.31
CA VAL N 372 84.25 30.14 -9.03
C VAL N 372 85.66 29.59 -9.20
N ASP N 373 86.63 30.49 -9.13
CA ASP N 373 88.04 30.19 -9.41
C ASP N 373 88.85 30.14 -8.12
N GLY N 374 89.22 28.94 -7.69
CA GLY N 374 89.99 28.79 -6.44
C GLY N 374 91.50 28.71 -6.59
N ARG N 375 92.00 28.92 -7.80
CA ARG N 375 93.43 28.79 -8.10
C ARG N 375 94.33 29.70 -7.27
N ASP N 376 93.87 30.91 -6.99
CA ASP N 376 94.70 31.92 -6.31
C ASP N 376 94.77 31.70 -4.81
N PHE N 377 94.00 30.75 -4.29
CA PHE N 377 93.91 30.58 -2.84
C PHE N 377 95.24 30.22 -2.18
N LYS N 378 95.53 30.92 -1.09
CA LYS N 378 96.68 30.63 -0.25
C LYS N 378 96.30 30.90 1.20
N LEU N 379 96.69 29.98 2.09
CA LEU N 379 96.38 30.07 3.50
C LEU N 379 97.59 30.57 4.27
N GLN N 380 97.41 31.65 5.01
CA GLN N 380 98.53 32.27 5.72
C GLN N 380 99.07 31.34 6.79
N GLY N 381 100.40 31.24 6.86
CA GLY N 381 101.05 30.32 7.78
C GLY N 381 101.20 28.92 7.20
N TYR N 382 100.51 28.65 6.10
CA TYR N 382 100.53 27.32 5.46
C TYR N 382 100.79 27.43 3.96
N GLU N 383 101.73 28.29 3.59
CA GLU N 383 102.03 28.63 2.20
C GLU N 383 102.42 27.41 1.35
N ASN N 384 103.13 26.47 1.96
CA ASN N 384 103.60 25.27 1.27
C ASN N 384 102.68 24.09 1.44
N GLY N 385 101.52 24.33 2.04
CA GLY N 385 100.48 23.30 2.17
C GLY N 385 99.79 23.05 0.84
N HIS N 386 99.29 21.83 0.66
CA HIS N 386 98.68 21.44 -0.60
C HIS N 386 97.24 21.97 -0.72
N PHE N 387 97.06 23.27 -0.48
CA PHE N 387 95.73 23.88 -0.46
C PHE N 387 95.27 24.38 -1.84
N ILE N 388 94.08 23.97 -2.24
CA ILE N 388 93.46 24.45 -3.47
C ILE N 388 92.06 24.97 -3.12
N GLY N 389 91.73 26.17 -3.58
CA GLY N 389 90.40 26.73 -3.36
C GLY N 389 89.37 25.96 -4.16
N GLY N 390 88.12 25.96 -3.69
CA GLY N 390 87.03 25.29 -4.40
C GLY N 390 86.86 25.88 -5.80
N CYS N 391 86.76 25.01 -6.79
CA CYS N 391 86.49 25.45 -8.17
C CYS N 391 85.13 24.97 -8.65
N LEU N 392 84.46 25.80 -9.45
CA LEU N 392 83.19 25.44 -10.06
C LEU N 392 83.16 25.80 -11.55
N PHE N 393 83.01 24.79 -12.38
CA PHE N 393 82.93 24.98 -13.83
C PHE N 393 81.47 24.90 -14.28
N ASP N 394 81.09 25.79 -15.19
CA ASP N 394 79.81 25.74 -15.87
C ASP N 394 80.10 25.57 -17.36
N ASP N 395 79.09 25.16 -18.12
CA ASP N 395 79.21 24.90 -19.57
C ASP N 395 80.26 23.84 -19.91
N VAL N 396 80.35 22.81 -19.07
CA VAL N 396 81.20 21.68 -19.34
C VAL N 396 80.50 20.75 -20.33
N THR N 397 81.25 20.22 -21.29
CA THR N 397 80.73 19.27 -22.25
C THR N 397 81.47 17.94 -22.16
N PRO N 398 80.87 16.86 -22.68
CA PRO N 398 81.42 15.50 -22.44
C PRO N 398 82.77 15.19 -23.10
N ASP N 399 83.25 16.04 -23.98
CA ASP N 399 84.57 15.80 -24.58
C ASP N 399 85.73 16.59 -23.92
N MSE N 400 85.47 17.24 -22.79
CA MSE N 400 86.52 17.90 -22.03
C MSE N 400 87.17 16.97 -21.05
O MSE N 400 86.51 16.10 -20.49
CB MSE N 400 85.94 19.08 -21.24
CG MSE N 400 85.42 20.12 -22.22
SE MSE N 400 84.71 21.63 -21.18
CE MSE N 400 84.08 22.66 -22.74
N ASP N 401 88.47 17.16 -20.85
CA ASP N 401 89.24 16.38 -19.88
C ASP N 401 88.64 16.48 -18.47
N ILE N 402 88.21 17.68 -18.07
CA ILE N 402 87.63 17.86 -16.74
C ILE N 402 86.39 16.97 -16.55
N TYR N 403 85.78 16.57 -17.67
CA TYR N 403 84.61 15.71 -17.64
C TYR N 403 84.99 14.23 -17.70
N LYS N 404 85.94 13.92 -18.58
CA LYS N 404 86.34 12.54 -18.84
C LYS N 404 87.19 11.94 -17.73
N THR N 405 87.96 12.78 -17.04
CA THR N 405 88.97 12.35 -16.08
C THR N 405 88.52 12.58 -14.65
N GLU N 406 88.78 11.59 -13.78
CA GLU N 406 88.58 11.76 -12.36
C GLU N 406 89.61 12.73 -11.83
N ILE N 407 89.17 13.89 -11.35
CA ILE N 407 90.10 14.91 -10.85
C ILE N 407 90.55 14.61 -9.42
N PHE N 408 89.65 14.08 -8.60
CA PHE N 408 89.97 13.76 -7.20
C PHE N 408 90.44 15.00 -6.42
N GLY N 409 89.77 16.13 -6.70
CA GLY N 409 90.07 17.40 -6.07
C GLY N 409 88.81 18.24 -5.95
N PRO N 410 88.91 19.46 -5.39
CA PRO N 410 87.74 20.31 -5.14
C PRO N 410 87.22 21.01 -6.40
N VAL N 411 86.84 20.22 -7.40
CA VAL N 411 86.46 20.74 -8.71
C VAL N 411 85.18 20.07 -9.19
N LEU N 412 84.09 20.84 -9.13
CA LEU N 412 82.78 20.40 -9.57
C LEU N 412 82.45 20.96 -10.96
N SER N 413 81.99 20.09 -11.84
CA SER N 413 81.65 20.48 -13.20
C SER N 413 80.15 20.45 -13.40
N VAL N 414 79.62 21.48 -14.06
CA VAL N 414 78.20 21.50 -14.36
C VAL N 414 77.99 21.26 -15.84
N VAL N 415 77.22 20.23 -16.16
CA VAL N 415 76.82 19.90 -17.53
C VAL N 415 75.33 20.16 -17.68
N ARG N 416 74.97 21.06 -18.59
CA ARG N 416 73.58 21.44 -18.75
C ARG N 416 72.87 20.48 -19.70
N ALA N 417 71.99 19.63 -19.17
CA ALA N 417 71.19 18.74 -20.01
C ALA N 417 69.87 19.39 -20.41
N ARG N 418 69.44 19.16 -21.65
CA ARG N 418 68.20 19.75 -22.13
C ARG N 418 66.97 19.00 -21.64
N ASN N 419 67.12 17.71 -21.37
CA ASN N 419 65.99 16.89 -20.95
C ASN N 419 66.47 15.64 -20.21
N TYR N 420 65.48 14.85 -19.75
CA TYR N 420 65.71 13.65 -19.00
C TYR N 420 66.56 12.60 -19.70
N GLU N 421 66.24 12.29 -20.94
CA GLU N 421 66.96 11.26 -21.67
C GLU N 421 68.40 11.66 -21.89
N GLU N 422 68.62 12.96 -22.10
CA GLU N 422 69.95 13.47 -22.33
C GLU N 422 70.73 13.44 -21.02
N ALA N 423 70.05 13.79 -19.92
CA ALA N 423 70.64 13.77 -18.59
C ALA N 423 71.06 12.34 -18.22
N LEU N 424 70.19 11.38 -18.52
CA LEU N 424 70.43 9.99 -18.20
C LEU N 424 71.63 9.44 -19.00
N SER N 425 71.74 9.85 -20.25
CA SER N 425 72.76 9.33 -21.15
C SER N 425 74.17 9.67 -20.69
N LEU N 426 74.33 10.79 -19.98
CA LEU N 426 75.66 11.21 -19.50
C LEU N 426 76.33 10.18 -18.56
N PRO N 427 75.69 9.84 -17.41
CA PRO N 427 76.32 8.79 -16.59
C PRO N 427 76.27 7.42 -17.26
N MSE N 428 75.29 7.21 -18.13
CA MSE N 428 75.11 5.94 -18.85
C MSE N 428 76.30 5.71 -19.73
O MSE N 428 76.85 4.61 -19.73
CB MSE N 428 73.82 5.92 -19.66
CG MSE N 428 73.59 4.58 -20.35
SE MSE N 428 72.66 3.33 -19.13
CE MSE N 428 70.85 4.13 -19.23
N LYS N 429 76.72 6.74 -20.47
CA LYS N 429 77.83 6.62 -21.41
C LYS N 429 79.21 6.71 -20.77
N HIS N 430 79.32 7.18 -19.55
CA HIS N 430 80.62 7.36 -18.94
C HIS N 430 81.36 6.06 -18.74
N GLU N 431 82.67 6.07 -18.97
CA GLU N 431 83.52 4.92 -18.68
C GLU N 431 83.35 4.42 -17.22
N TYR N 432 83.16 5.36 -16.29
CA TYR N 432 83.01 5.01 -14.87
C TYR N 432 81.54 4.79 -14.46
N GLY N 433 81.34 3.91 -13.47
CA GLY N 433 80.00 3.54 -13.01
C GLY N 433 79.92 3.21 -11.53
N ASN N 434 80.51 4.08 -10.69
CA ASN N 434 80.59 3.83 -9.24
C ASN N 434 79.29 4.24 -8.57
N GLY N 435 79.04 5.54 -8.52
CA GLY N 435 77.81 6.08 -8.00
C GLY N 435 77.15 7.02 -8.99
N VAL N 436 75.88 7.29 -8.72
CA VAL N 436 75.08 8.27 -9.44
C VAL N 436 73.91 8.68 -8.52
N ALA N 437 73.39 9.88 -8.74
CA ALA N 437 72.24 10.37 -7.99
C ALA N 437 71.24 11.10 -8.88
N ILE N 438 69.95 10.88 -8.62
CA ILE N 438 68.91 11.73 -9.18
C ILE N 438 68.14 12.46 -8.07
N TYR N 439 67.96 13.76 -8.27
CA TYR N 439 67.16 14.59 -7.41
C TYR N 439 65.86 14.94 -8.11
N THR N 440 64.75 14.52 -7.52
CA THR N 440 63.43 14.71 -8.10
C THR N 440 62.35 14.40 -7.06
N ARG N 441 61.14 14.90 -7.29
CA ARG N 441 59.98 14.56 -6.46
C ARG N 441 59.14 13.48 -7.14
N ASP N 442 59.43 13.23 -8.42
CA ASP N 442 58.60 12.40 -9.27
C ASP N 442 59.01 10.94 -9.15
N GLY N 443 58.11 10.09 -8.68
CA GLY N 443 58.37 8.65 -8.54
C GLY N 443 58.73 7.93 -9.83
N ASP N 444 58.06 8.29 -10.93
CA ASP N 444 58.34 7.74 -12.26
C ASP N 444 59.80 7.99 -12.64
N ALA N 445 60.22 9.26 -12.61
CA ALA N 445 61.58 9.62 -12.98
C ALA N 445 62.64 8.87 -12.16
N ALA N 446 62.43 8.80 -10.86
CA ALA N 446 63.40 8.17 -9.96
C ALA N 446 63.51 6.68 -10.20
N ARG N 447 62.37 5.99 -10.31
CA ARG N 447 62.35 4.54 -10.54
C ARG N 447 62.94 4.14 -11.89
N ASP N 448 62.52 4.85 -12.93
CA ASP N 448 63.05 4.62 -14.29
C ASP N 448 64.56 4.87 -14.34
N PHE N 449 64.99 5.99 -13.77
CA PHE N 449 66.40 6.35 -13.78
C PHE N 449 67.23 5.28 -13.07
N ALA N 450 66.77 4.86 -11.88
CA ALA N 450 67.50 3.91 -11.06
C ALA N 450 67.50 2.51 -11.66
N SER N 451 66.43 2.17 -12.34
CA SER N 451 66.32 0.88 -12.98
C SER N 451 67.27 0.75 -14.16
N ARG N 452 67.29 1.76 -15.02
CA ARG N 452 68.04 1.70 -16.28
C ARG N 452 69.53 1.99 -16.15
N ILE N 453 69.92 2.77 -15.15
CA ILE N 453 71.32 3.25 -15.11
C ILE N 453 72.34 2.10 -14.95
N ASN N 454 73.42 2.13 -15.73
CA ASN N 454 74.44 1.08 -15.72
C ASN N 454 75.52 1.33 -14.65
N ILE N 455 75.05 1.64 -13.44
CA ILE N 455 75.89 2.08 -12.36
C ILE N 455 75.43 1.36 -11.09
N GLY N 456 76.39 0.92 -10.29
CA GLY N 456 76.11 0.05 -9.14
C GLY N 456 75.41 0.64 -7.94
N MSE N 457 75.73 1.90 -7.61
CA MSE N 457 75.18 2.54 -6.43
C MSE N 457 74.41 3.76 -6.86
O MSE N 457 74.97 4.66 -7.50
CB MSE N 457 76.33 2.84 -5.49
CG MSE N 457 76.87 1.49 -5.02
SE MSE N 457 78.54 1.61 -3.99
CE MSE N 457 79.78 2.09 -5.45
N VAL N 458 73.11 3.79 -6.53
CA VAL N 458 72.21 4.86 -6.96
C VAL N 458 71.54 5.56 -5.79
N GLY N 459 71.65 6.88 -5.76
CA GLY N 459 70.91 7.67 -4.77
C GLY N 459 69.72 8.38 -5.39
N VAL N 460 68.56 8.28 -4.71
CA VAL N 460 67.38 9.06 -5.06
C VAL N 460 67.27 10.15 -3.97
N ASN N 461 67.57 11.40 -4.37
CA ASN N 461 67.63 12.50 -3.42
C ASN N 461 68.68 12.23 -2.30
N VAL N 462 69.67 11.42 -2.62
CA VAL N 462 70.78 11.10 -1.72
C VAL N 462 72.05 11.32 -2.55
N PRO N 463 73.00 12.14 -2.03
CA PRO N 463 74.11 12.51 -2.91
C PRO N 463 75.23 11.48 -2.99
N ILE N 464 75.52 10.80 -1.87
CA ILE N 464 76.61 9.84 -1.81
C ILE N 464 75.97 8.52 -1.42
N PRO N 465 75.54 7.72 -2.40
CA PRO N 465 74.78 6.51 -2.04
C PRO N 465 75.67 5.31 -1.70
N VAL N 466 76.56 5.48 -0.72
CA VAL N 466 77.42 4.40 -0.24
C VAL N 466 76.57 3.50 0.66
N PRO N 467 76.40 2.22 0.26
CA PRO N 467 75.55 1.35 1.06
C PRO N 467 76.16 1.14 2.44
N LEU N 468 75.32 0.81 3.41
CA LEU N 468 75.84 0.55 4.76
C LEU N 468 76.49 -0.82 4.82
N ALA N 469 77.20 -1.07 5.92
CA ALA N 469 78.04 -2.27 6.10
C ALA N 469 77.29 -3.57 5.88
N TYR N 470 76.00 -3.57 6.20
CA TYR N 470 75.21 -4.77 6.10
C TYR N 470 74.57 -5.00 4.72
N HIS N 471 74.60 -3.97 3.87
CA HIS N 471 74.40 -4.13 2.43
C HIS N 471 75.79 -4.27 1.81
N SER N 472 75.96 -4.01 0.51
CA SER N 472 77.29 -4.19 -0.12
C SER N 472 77.69 -3.07 -1.07
N PHE N 473 79.00 -2.87 -1.24
CA PHE N 473 79.55 -1.77 -1.99
C PHE N 473 80.18 -2.28 -3.28
N GLY N 474 79.87 -1.64 -4.41
CA GLY N 474 80.54 -1.97 -5.67
C GLY N 474 80.02 -1.24 -6.89
N GLY N 475 80.92 -0.67 -7.69
CA GLY N 475 80.53 -0.03 -8.94
C GLY N 475 80.42 -1.01 -10.10
N TRP N 476 79.97 -0.52 -11.26
CA TRP N 476 79.90 -1.30 -12.51
C TRP N 476 80.85 -0.68 -13.53
N LYS N 477 80.84 -1.21 -14.77
CA LYS N 477 81.73 -0.76 -15.85
C LYS N 477 83.18 -0.75 -15.33
N SER N 478 83.93 0.32 -15.56
CA SER N 478 85.33 0.39 -15.15
C SER N 478 85.59 0.50 -13.64
N SER N 479 84.52 0.57 -12.85
CA SER N 479 84.67 0.85 -11.44
C SER N 479 84.87 -0.39 -10.56
N SER N 480 84.69 -1.58 -11.14
CA SER N 480 84.95 -2.81 -10.41
C SER N 480 85.24 -4.00 -11.31
N PHE N 481 85.81 -5.04 -10.70
CA PHE N 481 86.22 -6.27 -11.36
C PHE N 481 86.02 -7.44 -10.43
N GLY N 482 85.50 -8.53 -10.96
CA GLY N 482 85.15 -9.67 -10.12
C GLY N 482 83.66 -9.82 -10.10
N ASP N 483 83.16 -10.63 -9.18
CA ASP N 483 81.72 -10.92 -9.16
C ASP N 483 81.15 -10.81 -7.76
N LEU N 484 81.95 -10.32 -6.82
CA LEU N 484 81.49 -10.10 -5.44
C LEU N 484 81.84 -8.70 -4.94
N ASN N 485 80.90 -8.07 -4.24
CA ASN N 485 81.07 -6.72 -3.70
C ASN N 485 81.87 -6.71 -2.39
N GLN N 486 82.21 -5.51 -1.92
CA GLN N 486 82.78 -5.31 -0.59
C GLN N 486 81.69 -5.39 0.47
N HIS N 487 82.06 -5.88 1.65
CA HIS N 487 81.16 -6.19 2.76
C HIS N 487 79.82 -6.84 2.45
N GLY N 488 78.84 -6.68 3.33
CA GLY N 488 77.58 -7.40 3.17
C GLY N 488 77.82 -8.89 3.08
N THR N 489 76.78 -9.63 2.67
CA THR N 489 76.87 -11.08 2.49
C THR N 489 77.84 -11.48 1.39
N ASP N 490 78.03 -10.61 0.39
CA ASP N 490 79.03 -10.85 -0.66
C ASP N 490 80.40 -11.10 -0.06
N SER N 491 80.80 -10.28 0.92
CA SER N 491 82.12 -10.46 1.55
C SER N 491 82.28 -11.83 2.22
N ILE N 492 81.19 -12.37 2.78
CA ILE N 492 81.26 -13.70 3.42
C ILE N 492 81.50 -14.79 2.37
N LYS N 493 80.88 -14.63 1.21
CA LYS N 493 81.12 -15.46 0.02
C LYS N 493 82.56 -15.40 -0.47
N PHE N 494 83.11 -14.19 -0.58
CA PHE N 494 84.48 -14.02 -1.08
C PHE N 494 85.48 -14.72 -0.16
N TRP N 495 85.28 -14.61 1.15
CA TRP N 495 86.31 -15.08 2.11
C TRP N 495 86.13 -16.50 2.59
N THR N 496 85.20 -17.23 1.98
CA THR N 496 85.03 -18.63 2.27
C THR N 496 85.01 -19.42 0.97
N ARG N 497 85.31 -20.70 1.09
CA ARG N 497 85.06 -21.63 0.00
C ARG N 497 84.05 -22.65 0.49
N THR N 498 83.28 -23.17 -0.44
CA THR N 498 82.19 -24.06 -0.16
C THR N 498 82.62 -25.51 -0.30
N LYS N 499 82.24 -26.32 0.69
CA LYS N 499 82.44 -27.75 0.65
C LYS N 499 81.06 -28.37 0.72
N THR N 500 80.81 -29.35 -0.15
CA THR N 500 79.54 -30.08 -0.10
C THR N 500 79.77 -31.56 0.17
N ILE N 501 79.04 -32.03 1.17
CA ILE N 501 79.12 -33.40 1.60
C ILE N 501 77.82 -34.12 1.22
N THR N 502 77.96 -35.30 0.62
CA THR N 502 76.85 -36.20 0.39
C THR N 502 77.07 -37.47 1.22
N SER N 503 76.07 -37.84 2.01
CA SER N 503 76.29 -38.79 3.10
C SER N 503 75.20 -39.86 3.26
N ARG N 504 75.62 -41.13 3.35
CA ARG N 504 74.70 -42.22 3.69
C ARG N 504 75.44 -43.27 4.49
N TRP N 505 74.71 -44.26 5.00
CA TRP N 505 75.32 -45.31 5.79
C TRP N 505 74.79 -46.70 5.43
N PRO N 506 75.67 -47.72 5.50
CA PRO N 506 75.19 -49.10 5.36
C PRO N 506 74.43 -49.58 6.59
N SER N 507 73.68 -50.66 6.45
CA SER N 507 73.01 -51.31 7.57
C SER N 507 74.04 -51.80 8.60
N GLY N 508 73.78 -51.57 9.89
CA GLY N 508 74.73 -51.90 10.94
C GLY N 508 74.14 -52.46 12.22
N ILE N 509 74.71 -52.04 13.35
CA ILE N 509 74.27 -52.53 14.66
C ILE N 509 72.79 -52.21 15.01
N LYS N 510 72.26 -51.11 14.49
CA LYS N 510 70.85 -50.77 14.67
C LYS N 510 69.92 -51.91 14.21
N ASP N 511 70.47 -52.83 13.42
CA ASP N 511 69.74 -53.97 12.89
C ASP N 511 70.28 -55.25 13.50
N MSE O 23 20.22 -31.63 -16.12
CA MSE O 23 19.67 -32.19 -14.85
C MSE O 23 20.73 -32.32 -13.76
O MSE O 23 21.92 -32.14 -14.03
CB MSE O 23 19.03 -33.55 -15.14
CG MSE O 23 20.07 -34.63 -15.39
SE MSE O 23 19.08 -36.36 -15.53
CE MSE O 23 18.53 -36.54 -13.59
N MSE O 24 20.30 -32.65 -12.55
CA MSE O 24 21.11 -32.54 -11.33
C MSE O 24 22.35 -33.37 -11.31
O MSE O 24 22.38 -34.48 -11.82
CB MSE O 24 20.27 -32.87 -10.08
CG MSE O 24 18.87 -32.29 -10.15
SE MSE O 24 18.97 -30.33 -9.87
CE MSE O 24 18.92 -29.74 -11.76
N TYR O 25 23.40 -32.81 -10.71
CA TYR O 25 24.59 -33.60 -10.39
C TYR O 25 24.74 -33.72 -8.87
N GLU O 26 25.45 -34.77 -8.42
CA GLU O 26 25.61 -35.04 -7.00
C GLU O 26 27.07 -35.23 -6.65
N LEU O 27 27.65 -34.27 -5.94
CA LEU O 27 29.06 -34.33 -5.55
C LEU O 27 29.17 -34.94 -4.17
N GLY O 28 30.20 -35.76 -4.00
CA GLY O 28 30.53 -36.35 -2.71
C GLY O 28 31.87 -35.83 -2.26
N HIS O 29 32.75 -36.74 -1.86
CA HIS O 29 34.06 -36.33 -1.41
C HIS O 29 35.12 -36.95 -2.32
N PHE O 30 36.37 -36.57 -2.11
CA PHE O 30 37.48 -37.22 -2.80
C PHE O 30 38.42 -37.80 -1.73
N ILE O 31 38.37 -39.12 -1.57
CA ILE O 31 39.13 -39.81 -0.52
C ILE O 31 39.87 -40.99 -1.14
N ASP O 32 41.17 -41.08 -0.85
CA ASP O 32 42.03 -42.18 -1.34
C ASP O 32 42.03 -42.33 -2.86
N GLY O 33 42.11 -41.23 -3.58
CA GLY O 33 42.24 -41.28 -5.03
C GLY O 33 40.97 -41.43 -5.81
N LYS O 34 39.82 -41.42 -5.13
CA LYS O 34 38.54 -41.66 -5.77
C LYS O 34 37.46 -40.72 -5.27
N ARG O 35 36.49 -40.47 -6.13
CA ARG O 35 35.23 -39.89 -5.70
C ARG O 35 34.48 -40.91 -4.84
N VAL O 36 34.10 -40.50 -3.63
CA VAL O 36 33.30 -41.37 -2.77
C VAL O 36 32.01 -40.65 -2.41
N ALA O 37 31.00 -41.42 -2.04
CA ALA O 37 29.68 -40.90 -1.71
C ALA O 37 29.61 -40.26 -0.32
N GLY O 38 30.38 -40.77 0.64
CA GLY O 38 30.23 -40.33 2.04
C GLY O 38 29.02 -41.02 2.67
N THR O 39 29.01 -41.11 4.00
CA THR O 39 28.01 -41.91 4.72
C THR O 39 26.86 -41.11 5.34
N SER O 40 26.98 -39.78 5.40
CA SER O 40 26.06 -38.93 6.17
C SER O 40 24.60 -38.87 5.69
N GLY O 41 24.36 -39.11 4.40
CA GLY O 41 23.04 -38.89 3.82
C GLY O 41 22.54 -37.44 3.91
N ARG O 42 23.44 -36.52 4.21
CA ARG O 42 23.08 -35.09 4.30
C ARG O 42 23.70 -34.30 3.15
N VAL O 43 22.91 -33.42 2.54
CA VAL O 43 23.37 -32.65 1.37
C VAL O 43 23.09 -31.15 1.54
N SER O 44 23.68 -30.38 0.64
CA SER O 44 23.48 -28.97 0.55
C SER O 44 23.32 -28.65 -0.94
N ASN O 45 22.43 -27.72 -1.28
CA ASN O 45 22.17 -27.35 -2.67
C ASN O 45 23.24 -26.48 -3.34
N ILE O 46 23.57 -26.83 -4.59
CA ILE O 46 24.45 -26.02 -5.44
C ILE O 46 23.57 -25.28 -6.46
N PHE O 47 23.66 -23.96 -6.43
CA PHE O 47 22.86 -23.12 -7.30
C PHE O 47 23.65 -22.72 -8.56
N ASN O 48 22.92 -22.46 -9.63
CA ASN O 48 23.47 -21.68 -10.71
C ASN O 48 22.99 -20.26 -10.46
N PRO O 49 23.90 -19.36 -10.06
CA PRO O 49 23.48 -18.02 -9.65
C PRO O 49 22.93 -17.16 -10.79
N ALA O 50 23.16 -17.55 -12.04
CA ALA O 50 22.63 -16.79 -13.18
C ALA O 50 21.12 -16.98 -13.37
N THR O 51 20.61 -18.14 -12.95
CA THR O 51 19.19 -18.46 -13.11
C THR O 51 18.51 -18.55 -11.75
N GLY O 52 19.31 -18.68 -10.70
CA GLY O 52 18.78 -18.88 -9.35
C GLY O 52 18.19 -20.26 -9.12
N GLU O 53 18.41 -21.19 -10.05
CA GLU O 53 17.93 -22.58 -9.91
C GLU O 53 18.97 -23.48 -9.24
N VAL O 54 18.49 -24.54 -8.60
CA VAL O 54 19.37 -25.59 -8.09
C VAL O 54 19.86 -26.39 -9.29
N GLN O 55 21.17 -26.63 -9.37
CA GLN O 55 21.73 -27.46 -10.45
C GLN O 55 22.36 -28.73 -9.89
N GLY O 56 22.57 -28.77 -8.57
CA GLY O 56 23.14 -29.97 -7.96
C GLY O 56 23.19 -29.95 -6.45
N THR O 57 23.83 -30.98 -5.89
CA THR O 57 24.01 -31.08 -4.46
C THR O 57 25.45 -31.47 -4.13
N VAL O 58 25.85 -31.20 -2.89
CA VAL O 58 27.13 -31.65 -2.38
C VAL O 58 26.90 -32.30 -1.01
N ALA O 59 27.55 -33.42 -0.77
CA ALA O 59 27.41 -34.14 0.48
C ALA O 59 28.10 -33.39 1.62
N LEU O 60 27.53 -33.47 2.81
CA LEU O 60 28.08 -32.78 3.97
C LEU O 60 28.66 -33.81 4.90
N ALA O 61 29.98 -33.80 5.04
CA ALA O 61 30.68 -34.82 5.82
C ALA O 61 30.21 -34.91 7.26
N SER O 62 30.01 -36.14 7.72
CA SER O 62 29.83 -36.42 9.14
C SER O 62 31.21 -36.48 9.81
N ASP O 63 31.23 -36.51 11.15
CA ASP O 63 32.48 -36.78 11.88
C ASP O 63 33.15 -38.07 11.40
N ALA O 64 32.35 -39.07 11.04
CA ALA O 64 32.87 -40.33 10.54
C ALA O 64 33.55 -40.14 9.18
N ASP O 65 32.92 -39.39 8.27
CA ASP O 65 33.53 -39.12 6.97
C ASP O 65 34.89 -38.45 7.11
N LEU O 66 35.00 -37.47 7.99
CA LEU O 66 36.26 -36.80 8.20
C LEU O 66 37.27 -37.74 8.74
N ALA O 67 36.84 -38.51 9.72
CA ALA O 67 37.70 -39.52 10.33
C ALA O 67 38.29 -40.45 9.27
N ALA O 68 37.47 -40.87 8.31
CA ALA O 68 37.94 -41.73 7.22
C ALA O 68 38.95 -41.02 6.28
N ALA O 69 38.78 -39.73 6.06
CA ALA O 69 39.76 -38.99 5.26
C ALA O 69 41.10 -38.86 5.99
N VAL O 70 41.03 -38.62 7.30
CA VAL O 70 42.24 -38.54 8.12
C VAL O 70 42.99 -39.88 8.20
N GLU O 71 42.26 -40.98 8.30
CA GLU O 71 42.88 -42.31 8.32
C GLU O 71 43.58 -42.60 7.01
N SER O 72 42.95 -42.18 5.91
CA SER O 72 43.56 -42.28 4.59
C SER O 72 44.85 -41.45 4.53
N ALA O 73 44.81 -40.25 5.11
CA ALA O 73 45.96 -39.37 5.10
C ALA O 73 47.14 -39.97 5.86
N LYS O 74 46.83 -40.56 7.02
CA LYS O 74 47.81 -41.14 7.92
C LYS O 74 48.57 -42.31 7.31
N ALA O 75 47.83 -43.20 6.65
CA ALA O 75 48.43 -44.32 5.93
C ALA O 75 49.29 -43.88 4.74
N ALA O 76 48.98 -42.74 4.14
CA ALA O 76 49.71 -42.29 2.94
C ALA O 76 50.91 -41.36 3.22
N GLN O 77 50.77 -40.49 4.21
CA GLN O 77 51.77 -39.43 4.42
C GLN O 77 53.25 -39.91 4.55
N PRO O 78 53.51 -41.00 5.30
CA PRO O 78 54.93 -41.33 5.52
C PRO O 78 55.70 -41.73 4.26
N LYS O 79 55.08 -42.50 3.38
CA LYS O 79 55.68 -42.83 2.09
C LYS O 79 55.90 -41.59 1.22
N TRP O 80 54.92 -40.69 1.19
CA TRP O 80 55.07 -39.39 0.52
C TRP O 80 56.22 -38.55 1.09
N ALA O 81 56.29 -38.44 2.41
CA ALA O 81 57.38 -37.70 3.06
C ALA O 81 58.76 -38.33 2.72
N ALA O 82 58.78 -39.64 2.54
CA ALA O 82 60.03 -40.35 2.24
C ALA O 82 60.43 -40.23 0.77
N THR O 83 59.61 -39.56 -0.05
CA THR O 83 59.91 -39.35 -1.47
C THR O 83 60.81 -38.11 -1.58
N ASN O 84 61.86 -38.17 -2.40
CA ASN O 84 62.83 -37.08 -2.45
C ASN O 84 62.23 -35.76 -2.98
N PRO O 85 62.82 -34.61 -2.60
CA PRO O 85 62.17 -33.33 -2.94
C PRO O 85 62.01 -33.09 -4.43
N GLN O 86 62.94 -33.58 -5.25
CA GLN O 86 62.87 -33.39 -6.69
C GLN O 86 61.71 -34.19 -7.28
N ARG O 87 61.49 -35.39 -6.78
CA ARG O 87 60.38 -36.20 -7.26
C ARG O 87 59.06 -35.58 -6.85
N ARG O 88 59.00 -35.02 -5.64
CA ARG O 88 57.78 -34.33 -5.21
C ARG O 88 57.49 -33.11 -6.09
N ALA O 89 58.55 -32.37 -6.42
CA ALA O 89 58.44 -31.20 -7.28
C ALA O 89 57.90 -31.53 -8.67
N ARG O 90 58.26 -32.69 -9.20
CA ARG O 90 57.81 -33.09 -10.54
C ARG O 90 56.32 -33.39 -10.61
N VAL O 91 55.73 -33.82 -9.50
CA VAL O 91 54.27 -33.92 -9.44
C VAL O 91 53.66 -32.54 -9.74
N PHE O 92 54.17 -31.50 -9.07
CA PHE O 92 53.65 -30.14 -9.30
C PHE O 92 53.90 -29.63 -10.73
N MSE O 93 55.05 -30.04 -11.17
CA MSE O 93 55.30 -29.80 -12.54
CA MSE O 93 55.29 -29.81 -12.53
C MSE O 93 54.40 -30.32 -13.76
O MSE O 93 53.87 -29.75 -14.77
CB MSE O 93 56.70 -30.23 -12.83
CB MSE O 93 56.65 -30.32 -12.85
CG MSE O 93 57.50 -29.33 -13.70
CG MSE O 93 57.53 -29.33 -13.53
SE MSE O 93 59.36 -29.87 -14.02
SE MSE O 93 59.37 -29.91 -13.93
CE MSE O 93 60.11 -30.33 -12.31
CE MSE O 93 58.83 -29.27 -15.62
N LYS O 94 54.07 -31.56 -13.40
CA LYS O 94 53.12 -32.22 -14.29
C LYS O 94 51.70 -31.68 -14.06
N PHE O 95 51.40 -31.32 -12.81
CA PHE O 95 50.11 -30.75 -12.44
C PHE O 95 49.86 -29.40 -13.12
N VAL O 96 50.90 -28.56 -13.19
CA VAL O 96 50.81 -27.29 -13.88
C VAL O 96 50.44 -27.50 -15.35
N GLN O 97 51.07 -28.47 -16.01
CA GLN O 97 50.73 -28.78 -17.38
C GLN O 97 49.29 -29.26 -17.50
N LEU O 98 48.85 -30.10 -16.57
CA LEU O 98 47.48 -30.57 -16.58
C LEU O 98 46.48 -29.44 -16.33
N LEU O 99 46.85 -28.47 -15.51
CA LEU O 99 46.01 -27.29 -15.34
C LEU O 99 45.80 -26.51 -16.65
N ASN O 100 46.86 -26.34 -17.43
CA ASN O 100 46.76 -25.63 -18.71
C ASN O 100 45.92 -26.37 -19.75
N ASP O 101 46.07 -27.69 -19.79
CA ASP O 101 45.27 -28.57 -20.65
C ASP O 101 43.77 -28.54 -20.33
N ASN O 102 43.44 -28.38 -19.05
CA ASN O 102 42.05 -28.43 -18.60
C ASN O 102 41.46 -27.06 -18.27
N MSE O 103 42.11 -26.00 -18.75
CA MSE O 103 41.78 -24.61 -18.35
C MSE O 103 40.35 -24.26 -18.62
O MSE O 103 39.68 -23.71 -17.74
CB MSE O 103 42.74 -23.61 -19.01
CG MSE O 103 42.44 -22.16 -18.65
SE MSE O 103 42.90 -21.81 -16.76
CE MSE O 103 44.83 -22.24 -16.79
N ASN O 104 39.85 -24.58 -19.81
CA ASN O 104 38.50 -24.20 -20.18
C ASN O 104 37.45 -24.98 -19.41
N GLU O 105 37.70 -26.27 -19.22
CA GLU O 105 36.80 -27.15 -18.47
C GLU O 105 36.72 -26.69 -17.02
N LEU O 106 37.88 -26.40 -16.43
CA LEU O 106 37.96 -25.92 -15.05
C LEU O 106 37.19 -24.59 -14.91
N ALA O 107 37.43 -23.66 -15.84
CA ALA O 107 36.81 -22.32 -15.81
C ALA O 107 35.29 -22.40 -15.90
N GLU O 108 34.82 -23.30 -16.75
CA GLU O 108 33.41 -23.52 -17.00
C GLU O 108 32.68 -23.96 -15.75
N MSE O 109 33.21 -24.98 -15.09
CA MSE O 109 32.58 -25.50 -13.88
C MSE O 109 32.64 -24.47 -12.78
O MSE O 109 31.70 -24.36 -12.00
CB MSE O 109 33.11 -26.89 -13.53
CG MSE O 109 34.58 -26.87 -13.12
SE MSE O 109 35.12 -28.67 -12.55
CE MSE O 109 34.99 -29.49 -14.35
N LEU O 110 33.71 -23.67 -12.74
CA LEU O 110 33.87 -22.63 -11.73
C LEU O 110 32.79 -21.55 -11.89
N SER O 111 32.83 -20.88 -13.05
CA SER O 111 31.83 -19.88 -13.43
C SER O 111 30.39 -20.34 -13.26
N ARG O 112 30.11 -21.58 -13.66
CA ARG O 112 28.75 -22.12 -13.60
C ARG O 112 28.17 -22.12 -12.18
N GLU O 113 29.00 -22.44 -11.19
CA GLU O 113 28.58 -22.47 -9.77
C GLU O 113 28.77 -21.14 -9.01
N HIS O 114 29.84 -20.40 -9.36
CA HIS O 114 30.18 -19.15 -8.69
C HIS O 114 29.41 -17.92 -9.22
N GLY O 115 29.28 -17.81 -10.54
CA GLY O 115 28.68 -16.63 -11.15
C GLY O 115 29.65 -15.82 -12.00
N LYS O 116 30.88 -15.66 -11.54
CA LYS O 116 31.88 -14.82 -12.24
C LYS O 116 32.14 -15.22 -13.69
N THR O 117 32.73 -14.30 -14.46
CA THR O 117 32.97 -14.55 -15.88
C THR O 117 33.99 -15.67 -16.09
N ILE O 118 33.96 -16.27 -17.29
CA ILE O 118 34.93 -17.27 -17.69
C ILE O 118 36.35 -16.73 -17.58
N ASP O 119 36.56 -15.50 -18.02
CA ASP O 119 37.87 -14.88 -17.85
C ASP O 119 38.28 -14.71 -16.39
N ASP O 120 37.35 -14.37 -15.50
CA ASP O 120 37.66 -14.29 -14.05
C ASP O 120 38.03 -15.66 -13.51
N ALA O 121 37.27 -16.67 -13.93
CA ALA O 121 37.51 -18.03 -13.50
C ALA O 121 38.91 -18.50 -13.91
N LYS O 122 39.33 -18.17 -15.14
CA LYS O 122 40.66 -18.53 -15.62
C LYS O 122 41.74 -17.82 -14.80
N GLY O 123 41.52 -16.55 -14.49
CA GLY O 123 42.41 -15.82 -13.59
C GLY O 123 42.54 -16.49 -12.23
N ASP O 124 41.41 -16.95 -11.69
CA ASP O 124 41.30 -17.73 -10.43
C ASP O 124 42.23 -18.94 -10.51
N ILE O 125 42.09 -19.71 -11.58
CA ILE O 125 42.88 -20.91 -11.74
C ILE O 125 44.37 -20.62 -11.96
N VAL O 126 44.67 -19.64 -12.81
CA VAL O 126 46.06 -19.26 -13.10
C VAL O 126 46.83 -18.87 -11.82
N ARG O 127 46.19 -18.16 -10.89
CA ARG O 127 46.88 -17.72 -9.69
C ARG O 127 47.18 -18.89 -8.76
N GLY O 128 46.33 -19.90 -8.78
CA GLY O 128 46.60 -21.12 -8.01
C GLY O 128 47.73 -21.89 -8.65
N LEU O 129 47.68 -21.98 -9.97
CA LEU O 129 48.74 -22.56 -10.78
C LEU O 129 50.12 -21.94 -10.43
N GLU O 130 50.15 -20.64 -10.21
CA GLU O 130 51.42 -19.95 -9.94
C GLU O 130 52.05 -20.30 -8.59
N VAL O 131 51.22 -20.64 -7.58
CA VAL O 131 51.70 -21.27 -6.35
C VAL O 131 52.29 -22.66 -6.62
N CYS O 132 51.68 -23.41 -7.54
CA CYS O 132 52.21 -24.71 -7.94
C CYS O 132 53.55 -24.57 -8.67
N GLU O 133 53.69 -23.53 -9.51
CA GLU O 133 54.98 -23.20 -10.14
C GLU O 133 56.04 -22.90 -9.07
N PHE O 134 55.64 -22.14 -8.05
CA PHE O 134 56.53 -21.72 -6.97
C PHE O 134 57.10 -22.92 -6.20
N VAL O 135 56.24 -23.88 -5.82
CA VAL O 135 56.70 -25.04 -5.03
C VAL O 135 57.47 -26.09 -5.86
N ILE O 136 57.53 -25.90 -7.18
CA ILE O 136 58.48 -26.68 -7.98
C ILE O 136 59.90 -26.48 -7.41
N GLY O 137 60.10 -25.35 -6.72
CA GLY O 137 61.40 -25.06 -6.10
C GLY O 137 61.54 -25.61 -4.70
N ILE O 138 60.70 -26.57 -4.32
CA ILE O 138 60.73 -27.10 -2.96
C ILE O 138 62.11 -27.66 -2.53
N PRO O 139 62.91 -28.23 -3.48
CA PRO O 139 64.23 -28.67 -3.01
C PRO O 139 65.05 -27.52 -2.42
N HIS O 140 65.04 -26.37 -3.09
CA HIS O 140 65.77 -25.21 -2.54
C HIS O 140 65.05 -24.60 -1.34
N LEU O 141 63.73 -24.49 -1.44
CA LEU O 141 62.94 -23.82 -0.42
C LEU O 141 62.93 -24.52 0.95
N GLN O 142 63.08 -25.84 0.92
CA GLN O 142 63.05 -26.64 2.13
C GLN O 142 64.42 -26.80 2.85
N LYS O 143 65.48 -26.22 2.28
CA LYS O 143 66.82 -26.27 2.89
C LYS O 143 66.81 -25.79 4.33
N SER O 144 67.63 -26.42 5.18
CA SER O 144 67.83 -25.96 6.55
C SER O 144 69.25 -25.43 6.68
N GLU O 145 69.68 -25.12 7.90
CA GLU O 145 70.95 -24.42 8.14
C GLU O 145 72.01 -25.30 8.82
N PHE O 146 73.29 -25.07 8.48
CA PHE O 146 74.39 -25.87 9.02
C PHE O 146 75.51 -25.00 9.60
N THR O 147 76.01 -25.40 10.78
CA THR O 147 77.18 -24.77 11.39
C THR O 147 78.22 -25.82 11.74
N GLU O 148 79.44 -25.63 11.23
CA GLU O 148 80.55 -26.48 11.62
C GLU O 148 81.29 -25.85 12.79
N GLY O 149 81.63 -26.66 13.78
CA GLY O 149 82.44 -26.23 14.89
C GLY O 149 81.72 -25.21 15.74
N ALA O 150 80.39 -25.37 15.90
CA ALA O 150 79.63 -24.60 16.87
C ALA O 150 80.36 -24.67 18.20
N GLY O 151 80.95 -25.82 18.47
CA GLY O 151 81.86 -26.01 19.60
C GLY O 151 83.01 -26.90 19.14
N PRO O 152 83.92 -27.28 20.07
CA PRO O 152 85.10 -28.10 19.73
C PRO O 152 84.68 -29.48 19.21
N GLY O 153 84.85 -29.73 17.91
CA GLY O 153 84.37 -30.97 17.29
C GLY O 153 82.86 -31.13 17.21
N ILE O 154 82.14 -30.03 17.42
CA ILE O 154 80.68 -30.08 17.52
C ILE O 154 80.01 -29.36 16.37
N ASP O 155 79.17 -30.10 15.63
CA ASP O 155 78.41 -29.54 14.51
C ASP O 155 76.95 -29.35 14.89
N MSE O 156 76.33 -28.31 14.33
CA MSE O 156 74.97 -27.93 14.71
C MSE O 156 74.18 -27.65 13.46
O MSE O 156 74.50 -26.74 12.69
CB MSE O 156 74.99 -26.70 15.61
CG MSE O 156 73.62 -26.42 16.22
SE MSE O 156 73.77 -24.99 17.58
CE MSE O 156 74.70 -26.04 18.95
N TYR O 157 73.11 -28.41 13.26
CA TYR O 157 72.32 -28.23 12.06
C TYR O 157 70.84 -28.52 12.28
N SER O 158 70.00 -27.83 11.52
CA SER O 158 68.57 -28.05 11.58
C SER O 158 68.10 -28.87 10.39
N ILE O 159 66.87 -29.36 10.45
CA ILE O 159 66.20 -30.05 9.35
C ILE O 159 64.75 -29.65 9.44
N ARG O 160 64.17 -29.28 8.30
CA ARG O 160 62.73 -28.96 8.24
C ARG O 160 61.95 -30.19 7.79
N GLN O 161 61.13 -30.72 8.68
CA GLN O 161 60.41 -31.95 8.37
C GLN O 161 58.92 -31.64 8.34
N PRO O 162 58.13 -32.48 7.66
CA PRO O 162 56.69 -32.27 7.57
C PRO O 162 56.05 -32.12 8.95
N VAL O 163 54.96 -31.37 9.05
CA VAL O 163 54.19 -31.33 10.29
C VAL O 163 53.32 -32.59 10.41
N GLY O 164 53.02 -33.23 9.28
CA GLY O 164 52.20 -34.43 9.28
C GLY O 164 50.98 -34.29 8.39
N ILE O 165 49.84 -34.05 9.02
CA ILE O 165 48.60 -33.87 8.29
C ILE O 165 48.04 -32.49 8.59
N GLY O 166 47.76 -31.74 7.52
CA GLY O 166 47.19 -30.42 7.62
C GLY O 166 45.81 -30.36 7.00
N ALA O 167 45.10 -29.28 7.30
CA ALA O 167 43.76 -29.06 6.76
C ALA O 167 43.60 -27.63 6.35
N GLY O 168 42.81 -27.41 5.31
CA GLY O 168 42.56 -26.07 4.82
C GLY O 168 41.09 -25.86 4.58
N ILE O 169 40.59 -24.71 5.02
CA ILE O 169 39.18 -24.39 4.89
C ILE O 169 39.06 -23.15 4.02
N THR O 170 38.24 -23.22 2.98
CA THR O 170 38.28 -22.19 1.93
C THR O 170 36.93 -21.55 1.60
N PRO O 171 36.95 -20.31 1.08
CA PRO O 171 35.71 -19.56 0.89
C PRO O 171 35.15 -19.78 -0.52
N PHE O 172 33.95 -19.27 -0.80
CA PHE O 172 33.32 -19.44 -2.12
C PHE O 172 34.01 -18.70 -3.26
N ASN O 173 34.64 -17.56 -2.98
CA ASN O 173 35.00 -16.66 -4.07
C ASN O 173 36.16 -17.10 -4.95
N PHE O 174 37.09 -17.90 -4.42
CA PHE O 174 38.18 -18.42 -5.24
C PHE O 174 38.36 -19.91 -5.00
N PRO O 175 37.47 -20.75 -5.57
CA PRO O 175 37.54 -22.18 -5.27
C PRO O 175 38.70 -22.93 -5.96
N GLY O 176 39.46 -22.23 -6.81
CA GLY O 176 40.65 -22.79 -7.42
C GLY O 176 41.89 -22.28 -6.72
N MSE O 177 42.06 -20.96 -6.71
CA MSE O 177 43.28 -20.31 -6.23
C MSE O 177 43.59 -20.63 -4.78
O MSE O 177 44.72 -21.02 -4.46
CB MSE O 177 43.15 -18.80 -6.44
CG MSE O 177 44.33 -18.04 -5.85
SE MSE O 177 44.06 -16.08 -6.07
CE MSE O 177 42.86 -15.80 -4.55
N ILE O 178 42.60 -20.49 -3.91
CA ILE O 178 42.83 -20.56 -2.47
C ILE O 178 43.11 -21.98 -1.98
N PRO O 179 42.31 -22.97 -2.42
CA PRO O 179 42.80 -24.32 -2.17
C PRO O 179 44.26 -24.55 -2.59
N MSE O 180 44.64 -24.10 -3.79
CA MSE O 180 46.04 -24.26 -4.27
C MSE O 180 47.04 -23.49 -3.44
O MSE O 180 48.15 -23.97 -3.21
CB MSE O 180 46.14 -23.91 -5.75
CG MSE O 180 45.36 -24.94 -6.57
SE MSE O 180 45.76 -24.82 -8.49
CE MSE O 180 44.09 -24.03 -9.18
N TRP O 181 46.68 -22.28 -3.00
CA TRP O 181 47.48 -21.53 -2.03
C TRP O 181 47.96 -22.45 -0.89
N MSE O 182 47.06 -23.27 -0.39
CA MSE O 182 47.33 -24.03 0.81
C MSE O 182 47.91 -25.39 0.49
O MSE O 182 48.89 -25.80 1.10
CB MSE O 182 46.04 -24.22 1.59
CG MSE O 182 45.46 -22.89 2.03
SE MSE O 182 43.68 -23.34 2.75
CE MSE O 182 42.99 -21.55 3.25
N PHE O 183 47.31 -26.12 -0.43
CA PHE O 183 47.73 -27.49 -0.60
C PHE O 183 49.04 -27.65 -1.35
N ALA O 184 49.39 -26.72 -2.22
CA ALA O 184 50.68 -26.81 -2.92
C ALA O 184 51.91 -26.81 -1.97
N PRO O 185 52.05 -25.78 -1.11
CA PRO O 185 53.21 -25.83 -0.21
C PRO O 185 53.13 -26.95 0.83
N ALA O 186 51.93 -27.20 1.34
CA ALA O 186 51.71 -28.25 2.34
C ALA O 186 52.13 -29.62 1.81
N ILE O 187 51.66 -29.96 0.62
CA ILE O 187 51.96 -31.23 -0.01
C ILE O 187 53.43 -31.25 -0.47
N ALA O 188 53.91 -30.14 -1.03
CA ALA O 188 55.30 -30.11 -1.47
C ALA O 188 56.29 -30.34 -0.34
N CYS O 189 55.94 -29.86 0.86
CA CYS O 189 56.79 -30.02 2.03
C CYS O 189 56.75 -31.44 2.59
N GLY O 190 55.92 -32.31 2.01
CA GLY O 190 55.86 -33.71 2.42
C GLY O 190 54.72 -34.06 3.37
N ASN O 191 53.74 -33.16 3.49
CA ASN O 191 52.56 -33.39 4.32
C ASN O 191 51.43 -34.01 3.50
N ALA O 192 50.46 -34.63 4.17
CA ALA O 192 49.19 -34.94 3.56
C ALA O 192 48.23 -33.82 3.93
N PHE O 193 47.21 -33.62 3.11
CA PHE O 193 46.36 -32.44 3.25
C PHE O 193 44.89 -32.78 3.09
N ILE O 194 44.08 -32.22 3.95
CA ILE O 194 42.63 -32.36 3.87
C ILE O 194 42.00 -31.01 3.52
N LEU O 195 41.35 -30.94 2.35
CA LEU O 195 40.69 -29.71 1.92
C LEU O 195 39.20 -29.73 2.25
N LYS O 196 38.74 -28.71 2.94
CA LYS O 196 37.34 -28.53 3.16
C LYS O 196 36.91 -27.24 2.46
N PRO O 197 36.55 -27.34 1.19
CA PRO O 197 36.26 -26.14 0.42
C PRO O 197 34.86 -25.60 0.68
N SER O 198 34.53 -24.44 0.09
CA SER O 198 33.19 -23.89 0.24
C SER O 198 32.20 -24.81 -0.43
N GLU O 199 31.08 -25.04 0.26
CA GLU O 199 30.00 -25.83 -0.27
C GLU O 199 29.20 -25.12 -1.36
N ARG O 200 29.41 -23.81 -1.56
CA ARG O 200 28.67 -23.08 -2.62
C ARG O 200 29.08 -23.54 -4.02
N ASP O 201 30.37 -23.84 -4.17
CA ASP O 201 30.93 -24.11 -5.47
C ASP O 201 32.07 -25.13 -5.40
N PRO O 202 31.70 -26.40 -5.14
CA PRO O 202 32.65 -27.47 -4.84
C PRO O 202 33.13 -28.30 -6.06
N SER O 203 32.69 -27.99 -7.28
CA SER O 203 33.16 -28.78 -8.44
C SER O 203 34.68 -28.71 -8.66
N VAL O 204 35.21 -27.49 -8.69
CA VAL O 204 36.63 -27.31 -8.99
C VAL O 204 37.56 -28.05 -7.99
N PRO O 205 37.34 -27.89 -6.67
CA PRO O 205 38.23 -28.56 -5.72
C PRO O 205 38.35 -30.06 -5.93
N ILE O 206 37.24 -30.75 -6.19
CA ILE O 206 37.28 -32.18 -6.47
C ILE O 206 38.08 -32.46 -7.75
N ARG O 207 37.80 -31.71 -8.81
CA ARG O 207 38.52 -31.88 -10.06
C ARG O 207 40.03 -31.69 -9.90
N LEU O 208 40.43 -30.70 -9.11
CA LEU O 208 41.83 -30.43 -8.79
C LEU O 208 42.48 -31.64 -8.11
N ALA O 209 41.76 -32.24 -7.17
CA ALA O 209 42.26 -33.40 -6.44
C ALA O 209 42.45 -34.56 -7.40
N GLU O 210 41.49 -34.72 -8.31
CA GLU O 210 41.54 -35.74 -9.35
C GLU O 210 42.75 -35.53 -10.26
N LEU O 211 42.99 -34.28 -10.65
CA LEU O 211 44.16 -33.95 -11.48
C LEU O 211 45.52 -34.15 -10.76
N MSE O 212 45.56 -33.94 -9.44
CA MSE O 212 46.75 -34.25 -8.65
C MSE O 212 47.08 -35.73 -8.77
O MSE O 212 48.24 -36.11 -8.89
CB MSE O 212 46.63 -33.82 -7.18
CG MSE O 212 46.86 -32.32 -6.95
SE MSE O 212 48.69 -31.74 -7.44
CE MSE O 212 49.74 -32.29 -5.86
N ILE O 213 46.05 -36.58 -8.73
CA ILE O 213 46.23 -38.03 -8.96
C ILE O 213 46.84 -38.32 -10.34
N GLU O 214 46.33 -37.63 -11.36
CA GLU O 214 46.80 -37.83 -12.73
C GLU O 214 48.23 -37.32 -12.94
N ALA O 215 48.65 -36.37 -12.10
CA ALA O 215 50.01 -35.83 -12.12
C ALA O 215 51.02 -36.73 -11.38
N GLY O 216 50.52 -37.68 -10.59
CA GLY O 216 51.36 -38.66 -9.93
C GLY O 216 51.32 -38.65 -8.42
N LEU O 217 50.41 -37.86 -7.84
CA LEU O 217 50.29 -37.76 -6.39
C LEU O 217 49.69 -39.06 -5.88
N PRO O 218 50.32 -39.68 -4.87
CA PRO O 218 49.76 -40.91 -4.32
C PRO O 218 48.36 -40.64 -3.73
N ALA O 219 47.50 -41.64 -3.83
CA ALA O 219 46.20 -41.66 -3.18
C ALA O 219 46.36 -41.27 -1.71
N GLY O 220 45.48 -40.42 -1.22
CA GLY O 220 45.43 -40.14 0.20
C GLY O 220 46.23 -38.92 0.65
N ILE O 221 47.09 -38.43 -0.23
CA ILE O 221 47.88 -37.22 0.07
C ILE O 221 47.05 -35.93 -0.06
N LEU O 222 46.16 -35.89 -1.06
CA LEU O 222 45.18 -34.81 -1.12
C LEU O 222 43.75 -35.35 -1.12
N ASN O 223 43.08 -35.17 0.00
CA ASN O 223 41.66 -35.50 0.12
C ASN O 223 40.77 -34.28 0.17
N VAL O 224 39.57 -34.41 -0.38
CA VAL O 224 38.60 -33.31 -0.34
C VAL O 224 37.37 -33.78 0.45
N VAL O 225 37.08 -33.07 1.52
CA VAL O 225 35.97 -33.43 2.39
C VAL O 225 35.01 -32.25 2.36
N ASN O 226 33.92 -32.41 1.63
CA ASN O 226 32.92 -31.37 1.55
C ASN O 226 32.04 -31.36 2.79
N GLY O 227 31.46 -30.19 3.11
CA GLY O 227 30.67 -30.03 4.34
C GLY O 227 30.52 -28.61 4.81
N ASP O 228 29.99 -28.45 6.02
CA ASP O 228 29.72 -27.12 6.59
C ASP O 228 30.43 -26.98 7.92
N LYS O 229 29.86 -26.20 8.84
CA LYS O 229 30.37 -26.05 10.19
C LYS O 229 30.75 -27.40 10.83
N GLY O 230 29.94 -28.42 10.58
CA GLY O 230 30.20 -29.77 11.10
C GLY O 230 31.58 -30.31 10.76
N ALA O 231 31.89 -30.30 9.46
CA ALA O 231 33.19 -30.74 8.95
C ALA O 231 34.34 -29.91 9.55
N VAL O 232 34.13 -28.59 9.59
CA VAL O 232 35.10 -27.67 10.14
C VAL O 232 35.40 -28.01 11.61
N ASP O 233 34.35 -28.21 12.39
CA ASP O 233 34.48 -28.58 13.79
C ASP O 233 35.18 -29.93 13.99
N ALA O 234 34.83 -30.90 13.16
CA ALA O 234 35.50 -32.21 13.22
C ALA O 234 37.00 -32.08 12.93
N ILE O 235 37.38 -31.26 11.94
CA ILE O 235 38.77 -31.01 11.62
C ILE O 235 39.49 -30.40 12.83
N LEU O 236 38.89 -29.38 13.42
CA LEU O 236 39.53 -28.63 14.49
C LEU O 236 39.72 -29.45 15.76
N THR O 237 38.87 -30.47 15.97
CA THR O 237 38.96 -31.28 17.18
C THR O 237 39.69 -32.62 16.91
N HIS O 238 39.98 -32.91 15.64
CA HIS O 238 40.68 -34.15 15.32
C HIS O 238 42.11 -34.11 15.76
N PRO O 239 42.51 -35.03 16.66
CA PRO O 239 43.85 -35.04 17.25
C PRO O 239 45.02 -35.27 16.26
N ASP O 240 44.77 -35.91 15.12
CA ASP O 240 45.86 -36.19 14.16
C ASP O 240 46.11 -35.10 13.12
N ILE O 241 45.36 -34.02 13.19
CA ILE O 241 45.60 -32.89 12.31
C ILE O 241 46.47 -31.85 13.04
N ALA O 242 47.61 -31.53 12.47
CA ALA O 242 48.59 -30.70 13.14
C ALA O 242 48.41 -29.22 12.89
N ALA O 243 47.85 -28.86 11.75
CA ALA O 243 47.94 -27.48 11.29
C ALA O 243 46.72 -27.11 10.47
N VAL O 244 46.17 -25.93 10.73
CA VAL O 244 44.95 -25.49 10.04
C VAL O 244 45.16 -24.14 9.33
N SER O 245 44.78 -24.08 8.07
CA SER O 245 44.80 -22.86 7.30
C SER O 245 43.36 -22.49 6.91
N PHE O 246 42.99 -21.23 7.16
CA PHE O 246 41.64 -20.75 6.88
C PHE O 246 41.67 -19.45 6.08
N VAL O 247 40.76 -19.32 5.13
CA VAL O 247 40.52 -18.06 4.44
C VAL O 247 39.00 -17.86 4.29
N GLY O 248 38.49 -16.74 4.79
CA GLY O 248 37.05 -16.51 4.73
C GLY O 248 36.69 -15.22 5.41
N SER O 249 35.53 -15.17 6.05
CA SER O 249 35.13 -13.95 6.73
C SER O 249 35.84 -13.84 8.09
N THR O 250 35.91 -12.61 8.60
CA THR O 250 36.61 -12.34 9.85
C THR O 250 35.99 -13.05 11.06
N PRO O 251 34.65 -13.01 11.20
CA PRO O 251 34.15 -13.70 12.40
C PRO O 251 34.44 -15.21 12.38
N ILE O 252 34.44 -15.84 11.21
CA ILE O 252 34.74 -17.29 11.15
C ILE O 252 36.24 -17.51 11.36
N ALA O 253 37.05 -16.63 10.76
CA ALA O 253 38.49 -16.62 10.99
C ALA O 253 38.84 -16.59 12.49
N ARG O 254 38.20 -15.72 13.27
CA ARG O 254 38.48 -15.66 14.70
C ARG O 254 38.16 -16.98 15.36
N TYR O 255 36.98 -17.48 15.01
CA TYR O 255 36.48 -18.74 15.55
C TYR O 255 37.42 -19.89 15.24
N VAL O 256 37.86 -19.98 13.99
CA VAL O 256 38.71 -21.09 13.58
C VAL O 256 40.08 -20.94 14.26
N TYR O 257 40.56 -19.70 14.33
CA TYR O 257 41.88 -19.44 14.90
C TYR O 257 41.91 -19.80 16.36
N GLY O 258 40.94 -19.28 17.11
CA GLY O 258 40.82 -19.55 18.53
C GLY O 258 40.60 -21.03 18.83
N THR O 259 39.74 -21.68 18.06
CA THR O 259 39.42 -23.08 18.32
C THR O 259 40.61 -24.00 17.99
N ALA O 260 41.24 -23.77 16.83
CA ALA O 260 42.43 -24.52 16.45
C ALA O 260 43.47 -24.47 17.58
N ALA O 261 43.75 -23.26 18.06
CA ALA O 261 44.72 -23.09 19.13
C ALA O 261 44.29 -23.77 20.44
N MSE O 262 43.02 -23.76 20.78
CA MSE O 262 42.48 -24.41 21.93
C MSE O 262 42.70 -25.86 21.83
O MSE O 262 42.82 -26.50 22.83
CB MSE O 262 41.02 -24.18 22.19
CG MSE O 262 40.79 -22.84 22.85
SE MSE O 262 41.30 -22.60 24.70
CE MSE O 262 42.97 -23.35 25.25
N ASN O 263 42.71 -26.40 20.64
CA ASN O 263 42.97 -27.82 20.43
C ASN O 263 44.45 -28.11 20.20
N GLY O 264 45.30 -27.12 20.42
CA GLY O 264 46.75 -27.31 20.38
C GLY O 264 47.40 -27.20 19.01
N LYS O 265 46.61 -26.93 17.96
CA LYS O 265 47.12 -26.91 16.58
C LYS O 265 47.85 -25.61 16.23
N ARG O 266 48.67 -25.63 15.18
CA ARG O 266 49.09 -24.35 14.61
C ARG O 266 48.01 -23.88 13.64
N ALA O 267 47.90 -22.57 13.49
CA ALA O 267 46.83 -22.01 12.69
C ALA O 267 47.27 -20.72 12.03
N GLN O 268 46.70 -20.47 10.85
CA GLN O 268 46.82 -19.18 10.18
C GLN O 268 45.48 -18.88 9.53
N CYS O 269 44.93 -17.71 9.82
CA CYS O 269 43.59 -17.41 9.33
C CYS O 269 43.50 -16.03 8.73
N PHE O 270 42.71 -15.95 7.66
CA PHE O 270 42.64 -14.74 6.88
C PHE O 270 41.19 -14.35 6.71
N GLY O 271 40.93 -13.06 6.93
CA GLY O 271 39.59 -12.55 7.15
C GLY O 271 39.14 -11.58 6.07
N GLY O 272 38.29 -10.63 6.46
CA GLY O 272 37.65 -9.74 5.50
C GLY O 272 38.40 -8.43 5.28
N ALA O 273 37.71 -7.49 4.64
CA ALA O 273 38.38 -6.32 4.09
C ALA O 273 37.44 -5.16 3.86
N LYS O 274 37.98 -3.95 3.91
CA LYS O 274 37.32 -2.79 3.34
C LYS O 274 38.45 -1.94 2.74
N ASN O 275 38.91 -2.37 1.57
CA ASN O 275 40.06 -1.74 0.91
C ASN O 275 39.78 -0.34 0.36
N HIS O 276 40.59 0.61 0.79
CA HIS O 276 40.54 2.01 0.38
C HIS O 276 41.57 2.25 -0.73
N MSE O 277 41.22 3.07 -1.72
CA MSE O 277 42.20 3.66 -2.62
C MSE O 277 42.19 5.15 -2.35
O MSE O 277 41.16 5.81 -2.48
CB MSE O 277 41.90 3.43 -4.11
CG MSE O 277 42.79 4.26 -5.06
SE MSE O 277 42.17 4.29 -6.96
CE MSE O 277 42.30 2.35 -7.16
N ILE O 278 43.34 5.68 -1.98
CA ILE O 278 43.51 7.13 -1.81
C ILE O 278 44.00 7.72 -3.14
N ILE O 279 43.38 8.81 -3.57
CA ILE O 279 43.75 9.44 -4.82
C ILE O 279 44.24 10.88 -4.57
N MSE O 280 45.55 11.09 -4.65
CA MSE O 280 46.11 12.43 -4.44
C MSE O 280 45.80 13.33 -5.62
O MSE O 280 45.50 12.81 -6.71
CB MSE O 280 47.62 12.32 -4.25
CG MSE O 280 47.98 11.50 -2.99
SE MSE O 280 47.45 12.46 -1.35
CE MSE O 280 48.88 13.83 -1.29
N PRO O 281 45.87 14.67 -5.43
CA PRO O 281 45.53 15.62 -6.50
C PRO O 281 46.48 15.57 -7.70
N ASP O 282 47.70 15.08 -7.51
CA ASP O 282 48.64 14.98 -8.62
C ASP O 282 48.52 13.65 -9.36
N ALA O 283 47.57 12.80 -8.99
CA ALA O 283 47.51 11.46 -9.58
C ALA O 283 47.12 11.48 -11.06
N ASP O 284 47.43 10.40 -11.76
CA ASP O 284 46.84 10.19 -13.09
C ASP O 284 45.38 9.80 -12.89
N LEU O 285 44.47 10.76 -13.04
CA LEU O 285 43.07 10.49 -12.71
C LEU O 285 42.41 9.50 -13.67
N ASP O 286 42.88 9.48 -14.91
CA ASP O 286 42.34 8.57 -15.93
C ASP O 286 42.70 7.12 -15.57
N GLN O 287 43.94 6.88 -15.21
CA GLN O 287 44.36 5.56 -14.76
C GLN O 287 43.71 5.16 -13.44
N ALA O 288 43.51 6.11 -12.54
CA ALA O 288 42.80 5.84 -11.29
C ALA O 288 41.35 5.46 -11.54
N ALA O 289 40.68 6.19 -12.43
CA ALA O 289 39.28 5.92 -12.75
C ALA O 289 39.12 4.54 -13.37
N ASN O 290 39.96 4.23 -14.37
CA ASN O 290 39.97 2.90 -14.97
C ASN O 290 40.28 1.80 -13.95
N ALA O 291 41.25 2.03 -13.09
CA ALA O 291 41.59 1.07 -12.05
C ALA O 291 40.39 0.82 -11.13
N LEU O 292 39.67 1.88 -10.78
CA LEU O 292 38.54 1.77 -9.84
C LEU O 292 37.39 0.96 -10.42
N ILE O 293 37.20 1.06 -11.74
CA ILE O 293 36.16 0.30 -12.38
C ILE O 293 36.44 -1.19 -12.31
N GLY O 294 37.68 -1.59 -12.61
CA GLY O 294 38.06 -3.00 -12.52
C GLY O 294 38.08 -3.53 -11.09
N ALA O 295 38.62 -2.74 -10.17
CA ALA O 295 38.81 -3.19 -8.80
C ALA O 295 37.53 -3.13 -7.97
N GLY O 296 36.65 -2.19 -8.32
CA GLY O 296 35.40 -2.01 -7.57
C GLY O 296 34.27 -2.94 -8.03
N TYR O 297 34.23 -3.26 -9.32
CA TYR O 297 33.11 -4.02 -9.90
C TYR O 297 33.53 -5.38 -10.48
N GLY O 298 34.83 -5.60 -10.66
CA GLY O 298 35.33 -6.91 -11.12
C GLY O 298 34.86 -8.02 -10.16
N SER O 299 34.39 -9.14 -10.73
CA SER O 299 33.79 -10.22 -9.96
C SER O 299 32.61 -9.75 -9.11
N ALA O 300 31.90 -8.74 -9.60
CA ALA O 300 30.80 -8.07 -8.89
C ALA O 300 31.19 -7.64 -7.47
N GLY O 301 32.44 -7.22 -7.29
CA GLY O 301 32.93 -6.79 -5.98
C GLY O 301 33.14 -7.90 -4.96
N GLU O 302 33.07 -9.15 -5.41
CA GLU O 302 33.18 -10.29 -4.47
C GLU O 302 34.63 -10.71 -4.23
N ARG O 303 35.41 -9.80 -3.68
CA ARG O 303 36.84 -10.06 -3.46
C ARG O 303 37.25 -9.37 -2.19
N CYS O 304 38.09 -10.05 -1.41
CA CYS O 304 38.68 -9.45 -0.23
C CYS O 304 39.80 -8.49 -0.62
N MSE O 305 40.04 -8.32 -1.91
CA MSE O 305 40.97 -7.28 -2.38
C MSE O 305 40.27 -6.35 -3.37
O MSE O 305 40.90 -5.52 -4.04
CB MSE O 305 42.27 -7.88 -2.95
CG MSE O 305 43.03 -8.73 -1.93
SE MSE O 305 43.87 -7.57 -0.57
CE MSE O 305 45.29 -6.82 -1.71
N ALA O 306 38.95 -6.47 -3.50
CA ALA O 306 38.14 -5.45 -4.18
C ALA O 306 38.41 -4.07 -3.54
N ILE O 307 38.42 -3.01 -4.36
CA ILE O 307 38.36 -1.67 -3.80
C ILE O 307 36.91 -1.28 -3.54
N SER O 308 36.60 -0.97 -2.29
CA SER O 308 35.22 -0.60 -1.92
C SER O 308 35.10 0.82 -1.38
N VAL O 309 36.25 1.47 -1.10
CA VAL O 309 36.27 2.89 -0.76
C VAL O 309 37.29 3.65 -1.61
N ALA O 310 36.83 4.68 -2.31
CA ALA O 310 37.70 5.59 -3.03
C ALA O 310 37.83 6.86 -2.20
N VAL O 311 39.04 7.33 -1.98
CA VAL O 311 39.29 8.48 -1.12
C VAL O 311 40.02 9.57 -1.90
N PRO O 312 39.26 10.35 -2.69
CA PRO O 312 39.89 11.46 -3.40
C PRO O 312 40.27 12.58 -2.44
N VAL O 313 41.44 13.16 -2.67
CA VAL O 313 41.92 14.25 -1.83
C VAL O 313 41.69 15.61 -2.46
N GLY O 314 40.85 16.40 -1.80
CA GLY O 314 40.51 17.73 -2.31
C GLY O 314 39.24 17.68 -3.15
N GLU O 315 38.56 18.81 -3.13
CA GLU O 315 37.37 19.02 -3.95
CA GLU O 315 37.35 18.97 -3.93
C GLU O 315 37.26 18.68 -5.52
N GLU O 316 38.30 19.30 -6.07
CA GLU O 316 38.44 19.15 -7.51
C GLU O 316 38.74 17.72 -7.91
N THR O 317 39.65 17.07 -7.19
CA THR O 317 39.97 15.66 -7.44
C THR O 317 38.74 14.78 -7.33
N ALA O 318 37.92 15.00 -6.31
CA ALA O 318 36.68 14.24 -6.11
C ALA O 318 35.68 14.46 -7.24
N ASN O 319 35.45 15.72 -7.59
CA ASN O 319 34.53 16.07 -8.69
C ASN O 319 34.93 15.46 -10.03
N ARG O 320 36.20 15.58 -10.39
CA ARG O 320 36.68 15.03 -11.64
C ARG O 320 36.67 13.50 -11.64
N LEU O 321 37.06 12.91 -10.51
CA LEU O 321 37.04 11.46 -10.37
C LEU O 321 35.62 10.89 -10.52
N ILE O 322 34.65 11.47 -9.80
CA ILE O 322 33.25 11.09 -9.92
C ILE O 322 32.74 11.26 -11.37
N ASP O 323 33.13 12.34 -12.02
CA ASP O 323 32.74 12.63 -13.39
C ASP O 323 33.23 11.54 -14.34
N LYS O 324 34.39 11.01 -14.07
CA LYS O 324 34.96 9.94 -14.88
C LYS O 324 34.30 8.58 -14.56
N LEU O 325 33.99 8.33 -13.29
CA LEU O 325 33.49 7.02 -12.89
C LEU O 325 32.09 6.76 -13.41
N VAL O 326 31.25 7.77 -13.33
CA VAL O 326 29.81 7.58 -13.52
C VAL O 326 29.48 6.89 -14.85
N PRO O 327 29.93 7.44 -16.00
CA PRO O 327 29.49 6.77 -17.21
C PRO O 327 30.07 5.36 -17.34
N MSE O 328 31.18 5.10 -16.66
CA MSE O 328 31.84 3.79 -16.78
C MSE O 328 31.07 2.76 -15.98
O MSE O 328 30.92 1.62 -16.43
CB MSE O 328 33.34 3.81 -16.46
CG MSE O 328 34.07 4.49 -17.61
SE MSE O 328 36.01 4.15 -17.56
CE MSE O 328 36.39 5.30 -15.99
N VAL O 329 30.58 3.16 -14.81
CA VAL O 329 29.75 2.27 -13.99
C VAL O 329 28.43 1.97 -14.71
N GLU O 330 27.85 3.00 -15.32
CA GLU O 330 26.58 2.86 -16.04
C GLU O 330 26.67 1.90 -17.22
N SER O 331 27.79 1.91 -17.93
CA SER O 331 27.91 1.11 -19.13
C SER O 331 28.50 -0.29 -18.90
N LEU O 332 28.70 -0.69 -17.65
CA LEU O 332 29.10 -2.08 -17.36
C LEU O 332 28.12 -3.07 -17.97
N ARG O 333 28.64 -4.10 -18.60
CA ARG O 333 27.81 -5.10 -19.22
C ARG O 333 27.64 -6.23 -18.21
N ILE O 334 26.39 -6.50 -17.85
CA ILE O 334 26.09 -7.49 -16.81
C ILE O 334 25.48 -8.73 -17.47
N GLY O 335 25.96 -9.90 -17.09
CA GLY O 335 25.52 -11.13 -17.75
C GLY O 335 25.93 -12.44 -17.12
N PRO O 336 25.34 -13.55 -17.62
CA PRO O 336 25.71 -14.90 -17.22
C PRO O 336 27.07 -15.21 -17.81
N TYR O 337 27.77 -16.20 -17.26
CA TYR O 337 29.11 -16.58 -17.74
C TYR O 337 29.08 -17.02 -19.20
N THR O 338 27.91 -17.46 -19.66
CA THR O 338 27.71 -17.82 -21.07
C THR O 338 27.76 -16.61 -22.00
N ASP O 339 27.54 -15.42 -21.47
CA ASP O 339 27.74 -14.18 -22.22
C ASP O 339 29.18 -13.70 -22.07
N GLU O 340 29.99 -13.89 -23.10
CA GLU O 340 31.42 -13.60 -22.99
C GLU O 340 31.81 -12.14 -23.18
N LYS O 341 30.84 -11.28 -23.45
CA LYS O 341 31.08 -9.84 -23.52
C LYS O 341 30.84 -9.16 -22.18
N ALA O 342 30.26 -9.89 -21.24
CA ALA O 342 29.89 -9.29 -19.95
C ALA O 342 31.10 -8.94 -19.10
N ASP O 343 30.99 -7.83 -18.38
CA ASP O 343 32.04 -7.40 -17.46
C ASP O 343 31.79 -8.01 -16.11
N MSE O 344 30.53 -8.30 -15.80
CA MSE O 344 30.12 -8.67 -14.45
C MSE O 344 29.01 -9.68 -14.44
O MSE O 344 28.11 -9.62 -15.28
CB MSE O 344 29.58 -7.41 -13.80
CG MSE O 344 29.86 -7.41 -12.31
SE MSE O 344 29.23 -5.68 -11.62
CE MSE O 344 27.37 -6.23 -11.29
N GLY O 345 29.07 -10.63 -13.51
CA GLY O 345 28.00 -11.62 -13.36
C GLY O 345 27.11 -11.38 -12.13
N PRO O 346 26.28 -12.38 -11.77
CA PRO O 346 25.42 -12.37 -10.59
C PRO O 346 26.26 -12.61 -9.34
N VAL O 347 25.74 -12.23 -8.17
CA VAL O 347 26.39 -12.57 -6.92
C VAL O 347 26.04 -14.03 -6.58
N VAL O 348 26.76 -14.62 -5.61
CA VAL O 348 26.76 -16.07 -5.45
C VAL O 348 25.42 -16.71 -4.98
N THR O 349 24.77 -16.10 -3.99
CA THR O 349 23.52 -16.63 -3.40
C THR O 349 22.46 -15.53 -3.34
N LYS O 350 21.20 -15.94 -3.18
CA LYS O 350 20.12 -15.02 -2.90
C LYS O 350 20.42 -14.29 -1.57
N GLU O 351 20.89 -15.03 -0.57
CA GLU O 351 21.31 -14.43 0.69
C GLU O 351 22.25 -13.24 0.47
N ALA O 352 23.30 -13.45 -0.34
CA ALA O 352 24.29 -12.39 -0.57
C ALA O 352 23.61 -11.23 -1.27
N GLU O 353 22.77 -11.51 -2.28
CA GLU O 353 22.05 -10.45 -3.00
C GLU O 353 21.22 -9.56 -2.06
N GLN O 354 20.54 -10.18 -1.10
CA GLN O 354 19.64 -9.41 -0.23
C GLN O 354 20.41 -8.60 0.79
N ARG O 355 21.47 -9.26 1.19
CA ARG O 355 22.37 -8.47 2.20
CA ARG O 355 22.35 -8.52 2.03
C ARG O 355 23.07 -7.12 1.57
N ILE O 356 23.27 -7.35 0.25
CA ILE O 356 23.80 -6.25 -0.54
C ILE O 356 22.72 -5.19 -0.72
N ARG O 357 21.52 -5.62 -1.10
CA ARG O 357 20.39 -4.70 -1.27
C ARG O 357 20.05 -3.94 0.02
N SER O 358 20.07 -4.63 1.17
CA SER O 358 19.81 -3.97 2.45
C SER O 358 20.88 -2.92 2.76
N LEU O 359 22.13 -3.25 2.49
CA LEU O 359 23.20 -2.29 2.75
C LEU O 359 23.12 -1.08 1.84
N ILE O 360 22.78 -1.28 0.56
CA ILE O 360 22.51 -0.17 -0.36
C ILE O 360 21.39 0.74 0.18
N ASP O 361 20.27 0.14 0.59
CA ASP O 361 19.16 0.91 1.16
C ASP O 361 19.58 1.70 2.39
N SER O 362 20.42 1.10 3.25
CA SER O 362 20.91 1.79 4.45
C SER O 362 21.74 3.01 4.09
N GLY O 363 22.51 2.91 3.00
CA GLY O 363 23.29 4.03 2.50
C GLY O 363 22.43 5.22 2.14
N ILE O 364 21.34 4.97 1.43
CA ILE O 364 20.38 6.01 1.12
C ILE O 364 19.77 6.57 2.41
N GLU O 365 19.29 5.70 3.30
CA GLU O 365 18.68 6.13 4.57
C GLU O 365 19.64 7.01 5.39
N GLN O 366 20.93 6.71 5.31
CA GLN O 366 21.89 7.38 6.19
C GLN O 366 22.50 8.62 5.58
N GLY O 367 22.08 9.00 4.37
CA GLY O 367 22.51 10.26 3.78
C GLY O 367 23.46 10.24 2.60
N ALA O 368 23.99 9.07 2.21
CA ALA O 368 24.91 9.03 1.09
C ALA O 368 24.20 9.31 -0.25
N LYS O 369 24.94 9.83 -1.22
CA LYS O 369 24.36 10.21 -2.50
C LYS O 369 24.54 9.08 -3.51
N LEU O 370 23.46 8.42 -3.87
CA LEU O 370 23.53 7.32 -4.81
C LEU O 370 23.59 7.82 -6.26
N VAL O 371 24.79 8.19 -6.72
CA VAL O 371 24.96 8.80 -8.05
C VAL O 371 24.83 7.79 -9.20
N VAL O 372 25.06 6.52 -8.93
CA VAL O 372 24.71 5.47 -9.87
C VAL O 372 23.92 4.41 -9.11
N ASP O 373 22.69 4.20 -9.55
CA ASP O 373 21.71 3.36 -8.85
C ASP O 373 21.47 2.11 -9.66
N GLY O 374 22.05 0.99 -9.23
CA GLY O 374 21.88 -0.28 -9.92
C GLY O 374 20.80 -1.20 -9.35
N ARG O 375 19.98 -0.70 -8.42
CA ARG O 375 19.01 -1.52 -7.70
C ARG O 375 17.96 -2.20 -8.58
N ASP O 376 17.53 -1.52 -9.63
CA ASP O 376 16.48 -2.06 -10.47
C ASP O 376 16.96 -2.72 -11.77
N PHE O 377 18.27 -2.96 -11.91
CA PHE O 377 18.72 -3.78 -13.03
C PHE O 377 18.02 -5.14 -13.00
N LYS O 378 17.52 -5.56 -14.15
CA LYS O 378 16.95 -6.90 -14.35
C LYS O 378 17.43 -7.39 -15.70
N LEU O 379 17.82 -8.65 -15.77
CA LEU O 379 18.28 -9.23 -17.03
C LEU O 379 17.20 -10.12 -17.64
N GLN O 380 16.78 -9.80 -18.84
CA GLN O 380 15.72 -10.57 -19.51
C GLN O 380 16.10 -12.03 -19.70
N GLY O 381 15.21 -12.93 -19.29
CA GLY O 381 15.49 -14.37 -19.36
C GLY O 381 16.19 -14.90 -18.12
N TYR O 382 16.70 -13.98 -17.30
CA TYR O 382 17.43 -14.34 -16.09
C TYR O 382 16.88 -13.61 -14.87
N GLU O 383 15.56 -13.41 -14.86
CA GLU O 383 14.91 -12.57 -13.86
C GLU O 383 15.03 -13.10 -12.44
N ASN O 384 15.26 -14.40 -12.27
CA ASN O 384 15.54 -14.97 -10.95
C ASN O 384 17.02 -15.14 -10.58
N GLY O 385 17.91 -14.77 -11.48
CA GLY O 385 19.34 -14.81 -11.18
C GLY O 385 19.70 -13.73 -10.21
N HIS O 386 20.83 -13.89 -9.54
CA HIS O 386 21.18 -12.99 -8.44
C HIS O 386 21.92 -11.75 -8.92
N PHE O 387 21.32 -11.04 -9.88
CA PHE O 387 21.93 -9.87 -10.50
C PHE O 387 21.60 -8.56 -9.79
N ILE O 388 22.62 -7.74 -9.56
CA ILE O 388 22.45 -6.38 -9.06
C ILE O 388 23.31 -5.51 -9.97
N GLY O 389 22.78 -4.36 -10.38
CA GLY O 389 23.54 -3.39 -11.17
C GLY O 389 24.62 -2.68 -10.35
N GLY O 390 25.61 -2.12 -11.04
CA GLY O 390 26.66 -1.36 -10.36
C GLY O 390 26.09 -0.18 -9.56
N CYS O 391 26.60 0.00 -8.35
CA CYS O 391 26.21 1.13 -7.53
C CYS O 391 27.41 1.98 -7.14
N LEU O 392 27.20 3.30 -7.16
CA LEU O 392 28.22 4.25 -6.78
C LEU O 392 27.62 5.29 -5.85
N PHE O 393 28.20 5.41 -4.64
CA PHE O 393 27.76 6.35 -3.62
C PHE O 393 28.80 7.45 -3.48
N ASP O 394 28.36 8.71 -3.38
CA ASP O 394 29.24 9.83 -3.08
C ASP O 394 28.84 10.34 -1.69
N ASP O 395 29.69 11.15 -1.09
CA ASP O 395 29.43 11.78 0.23
C ASP O 395 29.23 10.74 1.31
N VAL O 396 30.01 9.66 1.26
CA VAL O 396 29.95 8.63 2.26
C VAL O 396 30.78 9.10 3.46
N THR O 397 30.29 8.83 4.67
CA THR O 397 31.03 9.16 5.89
C THR O 397 31.30 7.91 6.75
N PRO O 398 32.32 7.97 7.61
CA PRO O 398 32.75 6.78 8.37
C PRO O 398 31.74 6.25 9.39
N ASP O 399 30.70 7.01 9.72
CA ASP O 399 29.68 6.48 10.62
C ASP O 399 28.58 5.69 9.90
N MSE O 400 28.69 5.52 8.59
CA MSE O 400 27.67 4.79 7.83
C MSE O 400 27.97 3.32 7.75
O MSE O 400 29.12 2.91 7.67
CB MSE O 400 27.63 5.30 6.39
CG MSE O 400 27.14 6.75 6.37
SE MSE O 400 26.94 7.37 4.52
CE MSE O 400 26.45 9.24 4.89
N ASP O 401 26.91 2.51 7.77
CA ASP O 401 27.06 1.05 7.60
C ASP O 401 27.77 0.64 6.31
N ILE O 402 27.44 1.32 5.20
CA ILE O 402 28.12 1.06 3.91
C ILE O 402 29.61 1.31 3.95
N TYR O 403 30.05 2.18 4.86
CA TYR O 403 31.47 2.40 5.11
C TYR O 403 32.11 1.36 6.05
N LYS O 404 31.40 1.00 7.12
CA LYS O 404 31.96 0.12 8.16
C LYS O 404 31.92 -1.36 7.77
N THR O 405 30.95 -1.74 6.94
CA THR O 405 30.68 -3.14 6.66
C THR O 405 31.23 -3.53 5.30
N GLU O 406 31.92 -4.66 5.25
CA GLU O 406 32.26 -5.28 3.97
C GLU O 406 30.98 -5.70 3.26
N ILE O 407 30.72 -5.10 2.12
CA ILE O 407 29.49 -5.38 1.37
C ILE O 407 29.66 -6.61 0.46
N PHE O 408 30.86 -6.83 -0.07
CA PHE O 408 31.11 -7.97 -0.96
C PHE O 408 30.15 -7.98 -2.15
N GLY O 409 29.94 -6.81 -2.72
CA GLY O 409 29.02 -6.61 -3.82
C GLY O 409 29.44 -5.42 -4.67
N PRO O 410 28.74 -5.19 -5.78
CA PRO O 410 29.14 -4.18 -6.76
C PRO O 410 28.77 -2.77 -6.32
N VAL O 411 29.33 -2.35 -5.17
CA VAL O 411 28.96 -1.09 -4.55
C VAL O 411 30.21 -0.32 -4.14
N LEU O 412 30.51 0.76 -4.86
CA LEU O 412 31.69 1.56 -4.53
C LEU O 412 31.29 2.81 -3.75
N SER O 413 32.00 3.08 -2.66
CA SER O 413 31.74 4.26 -1.83
C SER O 413 32.84 5.31 -1.96
N VAL O 414 32.43 6.57 -2.11
CA VAL O 414 33.40 7.65 -2.24
C VAL O 414 33.33 8.51 -0.98
N VAL O 415 34.47 8.60 -0.29
CA VAL O 415 34.61 9.43 0.91
C VAL O 415 35.56 10.56 0.57
N ARG O 416 35.12 11.80 0.72
CA ARG O 416 35.92 12.96 0.32
C ARG O 416 36.80 13.41 1.46
N ALA O 417 38.11 13.24 1.33
CA ALA O 417 39.04 13.74 2.33
C ALA O 417 39.57 15.10 1.91
N ARG O 418 39.81 15.98 2.88
CA ARG O 418 40.30 17.33 2.62
C ARG O 418 41.80 17.35 2.38
N ASN O 419 42.54 16.44 3.01
CA ASN O 419 43.98 16.44 2.88
C ASN O 419 44.58 15.04 3.04
N TYR O 420 45.90 14.95 2.86
CA TYR O 420 46.63 13.70 2.98
C TYR O 420 46.49 13.04 4.35
N GLU O 421 46.65 13.80 5.42
CA GLU O 421 46.55 13.21 6.74
C GLU O 421 45.14 12.68 7.00
N GLU O 422 44.11 13.42 6.59
CA GLU O 422 42.74 12.94 6.74
C GLU O 422 42.51 11.69 5.89
N ALA O 423 43.06 11.69 4.69
CA ALA O 423 42.93 10.56 3.77
C ALA O 423 43.59 9.29 4.34
N LEU O 424 44.81 9.46 4.88
CA LEU O 424 45.53 8.36 5.48
C LEU O 424 44.77 7.80 6.68
N SER O 425 44.13 8.67 7.46
CA SER O 425 43.53 8.23 8.74
C SER O 425 42.34 7.29 8.53
N LEU O 426 41.70 7.38 7.37
CA LEU O 426 40.55 6.52 7.07
C LEU O 426 40.90 5.03 7.04
N PRO O 427 41.79 4.60 6.12
CA PRO O 427 42.23 3.19 6.22
C PRO O 427 42.99 2.85 7.52
N MSE O 428 43.70 3.83 8.11
CA MSE O 428 44.47 3.62 9.37
C MSE O 428 43.53 3.24 10.48
O MSE O 428 43.83 2.34 11.28
CB MSE O 428 45.28 4.86 9.76
CG MSE O 428 46.16 4.71 11.00
SE MSE O 428 47.84 3.81 10.46
CE MSE O 428 48.70 5.34 9.55
N LYS O 429 42.38 3.91 10.54
CA LYS O 429 41.41 3.70 11.63
C LYS O 429 40.42 2.56 11.39
N HIS O 430 40.38 2.02 10.19
CA HIS O 430 39.42 0.98 9.91
C HIS O 430 39.79 -0.33 10.60
N GLU O 431 38.76 -1.07 10.98
CA GLU O 431 38.88 -2.38 11.60
C GLU O 431 39.62 -3.35 10.65
N TYR O 432 39.41 -3.17 9.35
CA TYR O 432 40.03 -4.06 8.36
C TYR O 432 41.34 -3.51 7.86
N GLY O 433 42.27 -4.40 7.52
CA GLY O 433 43.61 -4.00 7.08
C GLY O 433 44.20 -4.95 6.06
N ASN O 434 43.40 -5.28 5.05
CA ASN O 434 43.83 -6.25 4.05
C ASN O 434 44.70 -5.61 3.00
N GLY O 435 44.09 -4.80 2.14
CA GLY O 435 44.82 -4.09 1.10
C GLY O 435 44.48 -2.60 1.12
N VAL O 436 45.36 -1.79 0.55
CA VAL O 436 45.17 -0.36 0.47
C VAL O 436 45.95 0.10 -0.75
N ALA O 437 45.51 1.19 -1.38
CA ALA O 437 46.21 1.78 -2.55
C ALA O 437 46.30 3.30 -2.39
N ILE O 438 47.41 3.88 -2.88
CA ILE O 438 47.57 5.31 -3.05
C ILE O 438 47.97 5.59 -4.48
N TYR O 439 47.26 6.55 -5.09
CA TYR O 439 47.59 7.00 -6.42
C TYR O 439 48.13 8.41 -6.33
N THR O 440 49.36 8.59 -6.82
CA THR O 440 50.05 9.87 -6.78
C THR O 440 51.27 9.77 -7.70
N ARG O 441 51.80 10.92 -8.13
CA ARG O 441 53.06 10.98 -8.86
CA ARG O 441 53.06 10.98 -8.86
C ARG O 441 54.22 11.28 -7.91
N ASP O 442 53.87 11.69 -6.69
CA ASP O 442 54.82 12.18 -5.70
C ASP O 442 55.44 11.03 -4.88
N GLY O 443 56.76 10.84 -5.02
CA GLY O 443 57.49 9.83 -4.28
C GLY O 443 57.41 9.96 -2.77
N ASP O 444 57.50 11.19 -2.25
CA ASP O 444 57.33 11.44 -0.81
C ASP O 444 56.00 10.90 -0.25
N ALA O 445 54.88 11.24 -0.87
CA ALA O 445 53.55 10.80 -0.40
C ALA O 445 53.39 9.28 -0.46
N ALA O 446 53.87 8.69 -1.54
CA ALA O 446 53.81 7.22 -1.68
C ALA O 446 54.63 6.52 -0.59
N ARG O 447 55.88 6.96 -0.41
CA ARG O 447 56.78 6.33 0.55
C ARG O 447 56.22 6.46 1.97
N ASP O 448 55.80 7.66 2.33
CA ASP O 448 55.29 7.94 3.67
C ASP O 448 54.03 7.13 3.97
N PHE O 449 53.04 7.22 3.07
CA PHE O 449 51.82 6.47 3.17
C PHE O 449 52.08 4.97 3.34
N ALA O 450 52.87 4.39 2.43
CA ALA O 450 53.13 2.94 2.43
C ALA O 450 53.82 2.53 3.71
N SER O 451 54.72 3.39 4.19
CA SER O 451 55.48 3.11 5.41
C SER O 451 54.60 3.10 6.68
N ARG O 452 53.69 4.06 6.78
CA ARG O 452 52.94 4.25 8.02
C ARG O 452 51.68 3.40 8.13
N ILE O 453 51.06 3.10 6.99
CA ILE O 453 49.71 2.53 7.01
C ILE O 453 49.74 1.16 7.69
N ASN O 454 48.71 0.89 8.50
CA ASN O 454 48.68 -0.33 9.30
C ASN O 454 47.98 -1.47 8.58
N ILE O 455 48.38 -1.67 7.33
CA ILE O 455 47.72 -2.59 6.42
C ILE O 455 48.76 -3.45 5.68
N GLY O 456 48.42 -4.72 5.46
CA GLY O 456 49.41 -5.69 5.02
C GLY O 456 49.90 -5.56 3.60
N MSE O 457 48.99 -5.20 2.69
CA MSE O 457 49.27 -5.20 1.26
C MSE O 457 49.01 -3.81 0.73
O MSE O 457 47.90 -3.29 0.85
CB MSE O 457 48.41 -6.29 0.61
CG MSE O 457 49.04 -7.62 1.02
SE MSE O 457 47.91 -9.16 0.55
CE MSE O 457 46.42 -8.93 1.82
N VAL O 458 50.06 -3.19 0.17
CA VAL O 458 50.02 -1.79 -0.25
C VAL O 458 50.28 -1.61 -1.76
N GLY O 459 49.36 -0.94 -2.45
CA GLY O 459 49.54 -0.60 -3.85
C GLY O 459 49.93 0.85 -4.03
N VAL O 460 51.02 1.09 -4.75
CA VAL O 460 51.38 2.43 -5.17
C VAL O 460 51.05 2.49 -6.66
N ASN O 461 49.96 3.17 -7.01
CA ASN O 461 49.44 3.20 -8.38
C ASN O 461 49.08 1.80 -8.90
N VAL O 462 48.70 0.94 -7.96
CA VAL O 462 48.29 -0.43 -8.23
C VAL O 462 47.02 -0.61 -7.40
N PRO O 463 45.91 -1.00 -8.05
CA PRO O 463 44.63 -0.98 -7.34
C PRO O 463 44.39 -2.23 -6.46
N ILE O 464 44.97 -3.35 -6.87
CA ILE O 464 44.76 -4.62 -6.20
C ILE O 464 46.15 -5.19 -5.94
N PRO O 465 46.79 -4.77 -4.84
CA PRO O 465 48.18 -5.16 -4.60
C PRO O 465 48.36 -6.56 -4.02
N VAL O 466 47.78 -7.56 -4.69
CA VAL O 466 47.90 -8.93 -4.27
C VAL O 466 49.30 -9.43 -4.66
N PRO O 467 50.12 -9.82 -3.67
CA PRO O 467 51.46 -10.27 -4.00
C PRO O 467 51.43 -11.56 -4.82
N LEU O 468 52.45 -11.75 -5.65
CA LEU O 468 52.55 -12.97 -6.44
C LEU O 468 52.95 -14.15 -5.57
N ALA O 469 52.81 -15.34 -6.13
CA ALA O 469 53.02 -16.58 -5.38
C ALA O 469 54.38 -16.69 -4.69
N TYR O 470 55.42 -16.08 -5.26
CA TYR O 470 56.75 -16.22 -4.66
C TYR O 470 57.03 -15.17 -3.58
N HIS O 471 56.15 -14.18 -3.47
CA HIS O 471 56.04 -13.38 -2.26
C HIS O 471 54.91 -13.97 -1.42
N SER O 472 54.37 -13.21 -0.49
CA SER O 472 53.43 -13.76 0.49
C SER O 472 52.22 -12.86 0.73
N PHE O 473 51.10 -13.47 1.13
CA PHE O 473 49.81 -12.75 1.23
C PHE O 473 49.31 -12.74 2.66
N GLY O 474 48.81 -11.58 3.10
CA GLY O 474 48.06 -11.50 4.32
C GLY O 474 47.88 -10.08 4.80
N GLY O 475 46.73 -9.82 5.42
CA GLY O 475 46.42 -8.51 5.93
C GLY O 475 46.78 -8.37 7.40
N TRP O 476 46.53 -7.17 7.94
CA TRP O 476 46.81 -6.83 9.32
C TRP O 476 45.49 -6.56 10.04
N LYS O 477 45.58 -6.14 11.30
CA LYS O 477 44.42 -5.84 12.12
C LYS O 477 43.46 -7.04 12.09
N SER O 478 42.18 -6.81 11.88
CA SER O 478 41.25 -7.93 11.97
C SER O 478 41.17 -8.75 10.66
N SER O 479 42.07 -8.48 9.71
CA SER O 479 42.08 -9.21 8.44
C SER O 479 42.93 -10.50 8.47
N SER O 480 43.64 -10.77 9.56
CA SER O 480 44.40 -12.01 9.69
C SER O 480 44.70 -12.33 11.13
N PHE O 481 45.06 -13.59 11.37
CA PHE O 481 45.38 -14.10 12.69
C PHE O 481 46.51 -15.11 12.54
N GLY O 482 47.48 -15.04 13.44
CA GLY O 482 48.65 -15.91 13.31
C GLY O 482 49.90 -15.11 13.03
N ASP O 483 51.00 -15.80 12.70
CA ASP O 483 52.27 -15.12 12.49
C ASP O 483 52.93 -15.47 11.16
N LEU O 484 52.22 -16.17 10.29
CA LEU O 484 52.73 -16.54 8.95
C LEU O 484 51.70 -16.35 7.83
N ASN O 485 52.15 -15.78 6.72
CA ASN O 485 51.28 -15.46 5.59
C ASN O 485 50.98 -16.68 4.73
N GLN O 486 50.18 -16.46 3.67
CA GLN O 486 49.90 -17.45 2.63
C GLN O 486 50.99 -17.43 1.54
N HIS O 487 51.32 -18.59 0.99
CA HIS O 487 52.43 -18.82 0.05
C HIS O 487 53.77 -18.16 0.38
N GLY O 488 54.63 -17.99 -0.61
CA GLY O 488 55.97 -17.50 -0.36
C GLY O 488 56.71 -18.36 0.64
N THR O 489 57.83 -17.85 1.15
CA THR O 489 58.61 -18.59 2.13
C THR O 489 57.85 -18.77 3.44
N ASP O 490 56.94 -17.87 3.76
CA ASP O 490 56.07 -18.01 4.93
C ASP O 490 55.36 -19.36 4.92
N SER O 491 54.79 -19.73 3.77
CA SER O 491 54.05 -20.99 3.73
C SER O 491 54.91 -22.24 3.97
N ILE O 492 56.18 -22.22 3.54
CA ILE O 492 57.10 -23.33 3.81
C ILE O 492 57.38 -23.43 5.31
N LYS O 493 57.45 -22.27 5.96
CA LYS O 493 57.67 -22.21 7.39
C LYS O 493 56.46 -22.84 8.11
N PHE O 494 55.26 -22.50 7.64
CA PHE O 494 54.02 -22.96 8.27
C PHE O 494 53.80 -24.46 8.15
N TRP O 495 54.23 -25.04 7.03
CA TRP O 495 53.99 -26.46 6.78
C TRP O 495 55.17 -27.37 7.11
N THR O 496 56.16 -26.84 7.83
CA THR O 496 57.25 -27.67 8.36
C THR O 496 57.48 -27.39 9.84
N ARG O 497 58.02 -28.37 10.57
CA ARG O 497 58.56 -28.12 11.91
C ARG O 497 60.08 -28.27 11.88
N THR O 498 60.76 -27.49 12.71
CA THR O 498 62.22 -27.46 12.75
C THR O 498 62.73 -28.47 13.76
N LYS O 499 63.68 -29.27 13.31
CA LYS O 499 64.44 -30.16 14.17
C LYS O 499 65.87 -29.62 14.15
N THR O 500 66.51 -29.53 15.31
CA THR O 500 67.93 -29.14 15.36
C THR O 500 68.78 -30.21 16.04
N ILE O 501 69.86 -30.57 15.36
CA ILE O 501 70.75 -31.60 15.81
C ILE O 501 72.09 -31.01 16.23
N THR O 502 72.58 -31.44 17.39
CA THR O 502 73.92 -31.11 17.84
C THR O 502 74.71 -32.41 17.94
N SER O 503 75.88 -32.43 17.29
CA SER O 503 76.56 -33.66 16.99
C SER O 503 78.07 -33.61 17.28
N ARG O 504 78.56 -34.64 17.97
CA ARG O 504 79.98 -34.87 18.12
C ARG O 504 80.22 -36.38 18.21
N TRP O 505 81.48 -36.79 18.17
CA TRP O 505 81.83 -38.22 18.22
C TRP O 505 82.96 -38.50 19.20
N PRO O 506 82.87 -39.62 19.95
CA PRO O 506 84.02 -39.98 20.78
C PRO O 506 85.16 -40.46 19.91
N SER O 507 86.35 -40.55 20.48
CA SER O 507 87.49 -41.07 19.75
C SER O 507 87.23 -42.53 19.37
N GLY O 508 87.33 -42.84 18.08
CA GLY O 508 87.08 -44.19 17.57
C GLY O 508 88.25 -44.78 16.81
N ILE O 509 87.91 -45.63 15.83
CA ILE O 509 88.90 -46.39 15.04
C ILE O 509 89.94 -45.57 14.26
N LYS O 510 89.69 -44.28 14.03
CA LYS O 510 90.63 -43.43 13.29
C LYS O 510 91.99 -43.25 14.00
N ASP O 511 92.06 -43.63 15.27
CA ASP O 511 93.27 -43.41 16.07
C ASP O 511 94.01 -44.69 16.41
N MSE P 24 65.08 -7.83 54.75
CA MSE P 24 63.86 -8.14 53.94
C MSE P 24 63.65 -7.10 52.88
O MSE P 24 63.34 -5.95 53.19
CB MSE P 24 62.63 -8.13 54.84
CG MSE P 24 62.60 -9.30 55.82
SE MSE P 24 61.55 -10.80 55.08
CE MSE P 24 59.74 -10.01 55.01
N TYR P 25 63.82 -7.47 51.62
CA TYR P 25 63.65 -6.52 50.52
C TYR P 25 62.27 -6.63 49.88
N GLU P 26 61.79 -5.53 49.29
CA GLU P 26 60.46 -5.49 48.67
C GLU P 26 60.53 -5.09 47.22
N LEU P 27 60.31 -6.05 46.32
CA LEU P 27 60.36 -5.78 44.88
C LEU P 27 59.00 -5.37 44.36
N GLY P 28 59.00 -4.36 43.48
CA GLY P 28 57.78 -3.90 42.81
C GLY P 28 57.82 -4.26 41.33
N HIS P 29 57.61 -3.26 40.48
CA HIS P 29 57.65 -3.42 39.05
C HIS P 29 58.69 -2.47 38.52
N PHE P 30 58.99 -2.60 37.23
CA PHE P 30 59.87 -1.67 36.56
C PHE P 30 59.09 -1.07 35.41
N ILE P 31 58.68 0.17 35.56
CA ILE P 31 57.84 0.82 34.57
C ILE P 31 58.44 2.16 34.21
N ASP P 32 58.51 2.41 32.90
CA ASP P 32 58.96 3.69 32.36
C ASP P 32 60.34 4.07 32.89
N GLY P 33 61.21 3.08 32.99
CA GLY P 33 62.59 3.33 33.35
C GLY P 33 62.88 3.43 34.83
N LYS P 34 61.91 3.09 35.66
CA LYS P 34 62.01 3.22 37.11
C LYS P 34 61.47 1.99 37.81
N ARG P 35 62.08 1.68 38.96
CA ARG P 35 61.44 0.82 39.96
C ARG P 35 60.24 1.55 40.55
N VAL P 36 59.06 0.94 40.43
CA VAL P 36 57.84 1.52 41.01
C VAL P 36 57.17 0.50 41.91
N ALA P 37 56.51 1.00 42.96
CA ALA P 37 55.79 0.14 43.89
C ALA P 37 54.56 -0.45 43.22
N GLY P 38 54.07 -1.59 43.68
CA GLY P 38 52.75 -2.07 43.23
C GLY P 38 51.62 -1.14 43.73
N THR P 39 50.45 -1.21 43.09
CA THR P 39 49.23 -0.56 43.65
C THR P 39 48.16 -1.57 44.11
N SER P 40 48.45 -2.86 43.98
CA SER P 40 47.43 -3.91 44.21
C SER P 40 47.29 -4.28 45.69
N GLY P 41 48.30 -3.94 46.49
CA GLY P 41 48.37 -4.32 47.90
C GLY P 41 48.65 -5.80 48.13
N ARG P 42 48.81 -6.55 47.06
CA ARG P 42 49.06 -7.99 47.14
C ARG P 42 50.51 -8.27 46.82
N VAL P 43 51.10 -9.13 47.64
CA VAL P 43 52.49 -9.55 47.48
C VAL P 43 52.64 -11.06 47.65
N SER P 44 53.68 -11.60 47.02
CA SER P 44 54.05 -12.98 47.11
C SER P 44 55.40 -13.05 47.83
N ASN P 45 55.63 -14.12 48.58
CA ASN P 45 56.89 -14.29 49.34
C ASN P 45 58.05 -14.84 48.53
N ILE P 46 59.22 -14.20 48.63
CA ILE P 46 60.44 -14.71 48.01
C ILE P 46 61.25 -15.47 49.06
N PHE P 47 61.60 -16.71 48.73
CA PHE P 47 62.33 -17.56 49.64
C PHE P 47 63.82 -17.58 49.32
N ASN P 48 64.60 -17.90 50.35
CA ASN P 48 65.93 -18.42 50.18
C ASN P 48 65.80 -19.94 50.32
N PRO P 49 65.82 -20.68 49.18
CA PRO P 49 65.56 -22.11 49.24
C PRO P 49 66.64 -22.88 49.99
N ALA P 50 67.80 -22.27 50.17
CA ALA P 50 68.89 -22.89 50.93
C ALA P 50 68.60 -22.96 52.43
N THR P 51 67.93 -21.92 52.96
CA THR P 51 67.52 -21.90 54.38
C THR P 51 66.03 -22.15 54.61
N GLY P 52 65.21 -22.01 53.56
CA GLY P 52 63.76 -22.18 53.68
C GLY P 52 63.01 -20.97 54.21
N GLU P 53 63.74 -19.90 54.53
CA GLU P 53 63.12 -18.70 55.08
C GLU P 53 62.72 -17.69 54.00
N VAL P 54 61.68 -16.92 54.30
CA VAL P 54 61.28 -15.81 53.47
C VAL P 54 62.34 -14.72 53.56
N GLN P 55 62.94 -14.34 52.44
CA GLN P 55 63.94 -13.27 52.42
C GLN P 55 63.41 -11.94 51.88
N GLY P 56 62.26 -11.97 51.20
CA GLY P 56 61.67 -10.79 50.59
C GLY P 56 60.25 -11.00 50.09
N THR P 57 59.70 -9.98 49.43
CA THR P 57 58.37 -10.03 48.81
C THR P 57 58.38 -9.40 47.42
N VAL P 58 57.45 -9.85 46.57
CA VAL P 58 57.28 -9.28 45.24
C VAL P 58 55.83 -8.83 44.99
N ALA P 59 55.66 -7.60 44.53
CA ALA P 59 54.34 -7.04 44.25
C ALA P 59 53.65 -7.84 43.16
N LEU P 60 52.36 -8.11 43.34
CA LEU P 60 51.59 -8.84 42.33
C LEU P 60 50.67 -7.87 41.61
N ALA P 61 50.97 -7.59 40.34
CA ALA P 61 50.29 -6.51 39.60
C ALA P 61 48.78 -6.62 39.58
N SER P 62 48.11 -5.48 39.76
CA SER P 62 46.70 -5.37 39.40
C SER P 62 46.59 -5.10 37.90
N ASP P 63 45.36 -5.20 37.40
CA ASP P 63 45.04 -4.73 36.05
C ASP P 63 45.52 -3.29 35.81
N ALA P 64 45.34 -2.41 36.79
CA ALA P 64 45.79 -1.02 36.62
C ALA P 64 47.31 -0.91 36.45
N ASP P 65 48.07 -1.70 37.20
CA ASP P 65 49.51 -1.75 37.06
C ASP P 65 49.93 -2.22 35.66
N LEU P 66 49.26 -3.23 35.13
CA LEU P 66 49.57 -3.72 33.79
C LEU P 66 49.18 -2.68 32.74
N ALA P 67 48.02 -2.06 32.91
CA ALA P 67 47.55 -1.04 31.97
C ALA P 67 48.53 0.13 31.94
N ALA P 68 49.11 0.44 33.10
CA ALA P 68 50.14 1.50 33.18
C ALA P 68 51.43 1.12 32.44
N ALA P 69 51.82 -0.16 32.49
CA ALA P 69 52.96 -0.64 31.70
C ALA P 69 52.66 -0.60 30.20
N VAL P 70 51.45 -1.01 29.81
CA VAL P 70 51.03 -0.92 28.39
C VAL P 70 51.01 0.52 27.86
N GLU P 71 50.48 1.46 28.66
CA GLU P 71 50.42 2.85 28.25
C GLU P 71 51.81 3.47 28.07
N SER P 72 52.68 3.14 29.01
CA SER P 72 54.09 3.45 28.96
C SER P 72 54.77 2.90 27.69
N ALA P 73 54.45 1.66 27.31
CA ALA P 73 55.01 1.01 26.13
C ALA P 73 54.48 1.66 24.85
N LYS P 74 53.17 1.89 24.82
CA LYS P 74 52.53 2.55 23.70
C LYS P 74 53.13 3.94 23.45
N ALA P 75 53.43 4.67 24.52
CA ALA P 75 53.99 6.02 24.37
C ALA P 75 55.43 6.00 23.87
N ALA P 76 56.17 4.95 24.21
CA ALA P 76 57.58 4.88 23.85
C ALA P 76 57.92 4.14 22.53
N GLN P 77 57.11 3.20 22.10
CA GLN P 77 57.53 2.39 20.97
C GLN P 77 57.62 3.03 19.59
N PRO P 78 56.82 4.03 19.27
CA PRO P 78 56.99 4.62 17.92
C PRO P 78 58.36 5.28 17.73
N LYS P 79 58.85 5.98 18.73
CA LYS P 79 60.17 6.57 18.69
C LYS P 79 61.30 5.56 18.61
N TRP P 80 61.15 4.50 19.35
CA TRP P 80 62.07 3.36 19.28
C TRP P 80 62.05 2.66 17.90
N ALA P 81 60.85 2.44 17.34
CA ALA P 81 60.76 1.83 16.00
C ALA P 81 61.40 2.72 14.92
N ALA P 82 61.34 4.04 15.12
CA ALA P 82 61.89 5.04 14.21
C ALA P 82 63.40 5.21 14.34
N THR P 83 64.00 4.55 15.32
CA THR P 83 65.48 4.52 15.46
C THR P 83 66.07 3.49 14.48
N ASN P 84 67.09 3.88 13.71
CA ASN P 84 67.67 2.96 12.72
C ASN P 84 68.21 1.65 13.34
N PRO P 85 68.28 0.56 12.55
CA PRO P 85 68.63 -0.74 13.12
C PRO P 85 70.03 -0.78 13.73
N GLN P 86 70.96 -0.01 13.17
CA GLN P 86 72.31 0.04 13.70
C GLN P 86 72.34 0.67 15.09
N ARG P 87 71.60 1.75 15.26
CA ARG P 87 71.49 2.39 16.57
C ARG P 87 70.78 1.49 17.56
N ARG P 88 69.73 0.79 17.14
CA ARG P 88 69.08 -0.16 18.04
C ARG P 88 70.05 -1.28 18.48
N ALA P 89 70.86 -1.78 17.54
CA ALA P 89 71.84 -2.83 17.82
C ALA P 89 72.87 -2.39 18.86
N ARG P 90 73.28 -1.13 18.77
CA ARG P 90 74.25 -0.57 19.69
C ARG P 90 73.80 -0.59 21.15
N VAL P 91 72.48 -0.54 21.40
CA VAL P 91 71.95 -0.74 22.77
C VAL P 91 72.36 -2.13 23.27
N PHE P 92 72.16 -3.15 22.44
CA PHE P 92 72.53 -4.51 22.82
C PHE P 92 74.01 -4.76 23.01
N MSE P 93 74.85 -4.08 22.24
CA MSE P 93 76.31 -4.18 22.39
CA MSE P 93 76.30 -4.20 22.41
C MSE P 93 76.69 -3.66 23.76
O MSE P 93 77.42 -4.30 24.49
CB MSE P 93 77.04 -3.38 21.31
CB MSE P 93 77.02 -3.43 21.32
CG MSE P 93 76.60 -3.70 19.88
CG MSE P 93 78.25 -4.19 20.89
SE MSE P 93 77.76 -2.78 18.59
SE MSE P 93 78.93 -3.35 19.25
CE MSE P 93 79.43 -3.46 19.40
CE MSE P 93 77.23 -2.97 18.31
N LYS P 94 76.17 -2.48 24.11
CA LYS P 94 76.46 -1.86 25.40
C LYS P 94 75.90 -2.74 26.53
N PHE P 95 74.72 -3.31 26.29
CA PHE P 95 74.08 -4.20 27.25
C PHE P 95 74.93 -5.42 27.55
N VAL P 96 75.48 -6.04 26.51
CA VAL P 96 76.32 -7.23 26.67
C VAL P 96 77.52 -6.89 27.57
N GLN P 97 78.15 -5.73 27.33
CA GLN P 97 79.23 -5.29 28.18
C GLN P 97 78.76 -5.10 29.64
N LEU P 98 77.59 -4.50 29.84
CA LEU P 98 77.06 -4.30 31.19
C LEU P 98 76.76 -5.61 31.90
N LEU P 99 76.32 -6.62 31.14
CA LEU P 99 76.09 -7.94 31.73
C LEU P 99 77.40 -8.52 32.25
N ASN P 100 78.44 -8.45 31.41
CA ASN P 100 79.77 -8.90 31.83
C ASN P 100 80.31 -8.18 33.07
N ASP P 101 80.14 -6.86 33.12
CA ASP P 101 80.57 -6.07 34.29
C ASP P 101 79.83 -6.44 35.57
N ASN P 102 78.56 -6.81 35.40
CA ASN P 102 77.70 -7.07 36.54
C ASN P 102 77.49 -8.55 36.73
N MSE P 103 78.30 -9.35 36.05
CA MSE P 103 78.14 -10.81 36.00
C MSE P 103 77.92 -11.43 37.35
O MSE P 103 76.95 -12.17 37.53
CB MSE P 103 79.35 -11.45 35.30
CG MSE P 103 79.26 -12.97 35.24
SE MSE P 103 77.64 -13.60 34.29
CE MSE P 103 77.81 -12.58 32.59
N ASN P 104 78.78 -11.19 38.32
CA ASN P 104 78.56 -11.89 39.59
C ASN P 104 77.60 -11.27 40.60
N GLU P 105 77.31 -9.98 40.50
CA GLU P 105 76.20 -9.45 41.29
C GLU P 105 74.89 -10.04 40.76
N LEU P 106 74.76 -10.13 39.44
CA LEU P 106 73.62 -10.83 38.82
C LEU P 106 73.52 -12.29 39.28
N ALA P 107 74.65 -12.98 39.27
CA ALA P 107 74.71 -14.38 39.65
C ALA P 107 74.30 -14.62 41.11
N GLU P 108 74.77 -13.74 42.00
CA GLU P 108 74.49 -13.84 43.44
C GLU P 108 73.00 -13.69 43.71
N MSE P 109 72.38 -12.65 43.16
CA MSE P 109 70.95 -12.44 43.38
C MSE P 109 70.12 -13.56 42.74
O MSE P 109 69.10 -13.97 43.31
CB MSE P 109 70.51 -11.04 42.97
CG MSE P 109 70.60 -10.86 41.46
SE MSE P 109 69.87 -9.12 40.92
CE MSE P 109 71.21 -7.89 41.70
N LEU P 110 70.54 -14.06 41.57
CA LEU P 110 69.87 -15.20 40.96
C LEU P 110 69.94 -16.43 41.87
N SER P 111 71.15 -16.83 42.24
CA SER P 111 71.37 -18.01 43.07
C SER P 111 70.66 -17.98 44.43
N ARG P 112 70.69 -16.82 45.08
CA ARG P 112 70.12 -16.65 46.43
C ARG P 112 68.59 -16.82 46.41
N GLU P 113 67.97 -16.48 45.27
CA GLU P 113 66.53 -16.68 45.09
C GLU P 113 66.17 -18.05 44.49
N HIS P 114 66.93 -18.48 43.50
CA HIS P 114 66.65 -19.72 42.78
C HIS P 114 67.13 -20.98 43.54
N GLY P 115 68.39 -20.95 43.98
CA GLY P 115 68.97 -22.08 44.69
C GLY P 115 70.16 -22.70 43.99
N LYS P 116 70.22 -22.57 42.67
CA LYS P 116 71.31 -23.17 41.91
C LYS P 116 72.66 -22.52 42.21
N THR P 117 73.74 -23.22 41.85
CA THR P 117 75.09 -22.77 42.18
C THR P 117 75.43 -21.48 41.43
N ILE P 118 76.46 -20.78 41.91
CA ILE P 118 76.90 -19.54 41.27
C ILE P 118 77.27 -19.78 39.80
N ASP P 119 77.92 -20.91 39.51
CA ASP P 119 78.30 -21.24 38.14
C ASP P 119 77.12 -21.49 37.19
N ASP P 120 76.09 -22.22 37.64
CA ASP P 120 74.84 -22.37 36.87
C ASP P 120 74.23 -21.00 36.58
N ALA P 121 74.21 -20.14 37.61
CA ALA P 121 73.61 -18.81 37.49
C ALA P 121 74.38 -17.99 36.45
N LYS P 122 75.71 -18.10 36.48
CA LYS P 122 76.53 -17.44 35.45
C LYS P 122 76.23 -18.01 34.07
N GLY P 123 76.09 -19.34 33.97
CA GLY P 123 75.72 -19.99 32.71
C GLY P 123 74.35 -19.53 32.21
N ASP P 124 73.40 -19.41 33.13
CA ASP P 124 72.05 -18.88 32.89
C ASP P 124 72.12 -17.48 32.28
N ILE P 125 72.90 -16.60 32.90
CA ILE P 125 73.10 -15.23 32.42
C ILE P 125 73.79 -15.22 31.04
N VAL P 126 74.84 -16.04 30.90
CA VAL P 126 75.62 -16.09 29.66
C VAL P 126 74.75 -16.49 28.46
N ARG P 127 73.89 -17.49 28.63
CA ARG P 127 73.06 -17.94 27.51
C ARG P 127 72.04 -16.86 27.10
N GLY P 128 71.56 -16.10 28.08
CA GLY P 128 70.74 -14.94 27.81
C GLY P 128 71.58 -13.96 27.02
N LEU P 129 72.81 -13.73 27.49
CA LEU P 129 73.74 -12.81 26.85
C LEU P 129 73.99 -13.13 25.37
N GLU P 130 73.97 -14.42 25.04
CA GLU P 130 74.26 -14.83 23.67
C GLU P 130 73.14 -14.50 22.66
N VAL P 131 71.90 -14.44 23.14
CA VAL P 131 70.80 -13.97 22.27
C VAL P 131 70.94 -12.46 22.07
N CYS P 132 71.45 -11.77 23.08
CA CYS P 132 71.74 -10.34 22.97
C CYS P 132 72.82 -10.06 21.92
N GLU P 133 73.86 -10.89 21.89
CA GLU P 133 74.91 -10.84 20.84
C GLU P 133 74.36 -11.17 19.46
N PHE P 134 73.47 -12.17 19.40
CA PHE P 134 72.79 -12.51 18.15
C PHE P 134 71.99 -11.32 17.57
N VAL P 135 71.25 -10.60 18.41
CA VAL P 135 70.44 -9.50 17.89
C VAL P 135 71.21 -8.22 17.57
N ILE P 136 72.49 -8.20 17.90
CA ILE P 136 73.37 -7.14 17.39
C ILE P 136 73.32 -7.13 15.86
N GLY P 137 72.96 -8.28 15.29
CA GLY P 137 72.92 -8.48 13.85
C GLY P 137 71.59 -8.12 13.23
N ILE P 138 70.76 -7.43 13.99
CA ILE P 138 69.41 -7.10 13.59
C ILE P 138 69.40 -6.33 12.26
N PRO P 139 70.35 -5.47 11.97
CA PRO P 139 70.26 -4.83 10.65
C PRO P 139 70.19 -5.85 9.51
N HIS P 140 71.07 -6.86 9.52
CA HIS P 140 70.98 -7.92 8.52
C HIS P 140 69.74 -8.81 8.70
N LEU P 141 69.43 -9.17 9.94
CA LEU P 141 68.36 -10.14 10.21
C LEU P 141 66.96 -9.64 9.86
N GLN P 142 66.75 -8.33 9.92
CA GLN P 142 65.42 -7.76 9.68
C GLN P 142 65.17 -7.46 8.18
N LYS P 143 66.16 -7.70 7.33
CA LYS P 143 66.04 -7.52 5.89
C LYS P 143 64.80 -8.16 5.31
N SER P 144 64.22 -7.53 4.28
CA SER P 144 63.10 -8.13 3.55
C SER P 144 63.44 -8.36 2.06
N GLU P 145 62.45 -8.67 1.23
CA GLU P 145 62.71 -9.16 -0.13
C GLU P 145 62.27 -8.16 -1.19
N PHE P 146 63.03 -8.04 -2.26
CA PHE P 146 62.72 -7.10 -3.35
C PHE P 146 62.77 -7.81 -4.70
N THR P 147 61.81 -7.47 -5.56
CA THR P 147 61.72 -7.97 -6.91
C THR P 147 61.52 -6.80 -7.87
N GLU P 148 62.42 -6.63 -8.84
CA GLU P 148 62.20 -5.68 -9.92
C GLU P 148 61.50 -6.36 -11.08
N GLY P 149 60.49 -5.69 -11.63
CA GLY P 149 59.83 -6.16 -12.83
C GLY P 149 58.98 -7.39 -12.60
N ALA P 150 58.31 -7.43 -11.46
CA ALA P 150 57.34 -8.47 -11.15
C ALA P 150 56.27 -8.48 -12.23
N GLY P 151 55.86 -7.29 -12.66
CA GLY P 151 55.17 -7.09 -13.93
C GLY P 151 55.83 -5.95 -14.69
N PRO P 152 55.20 -5.48 -15.79
CA PRO P 152 55.80 -4.45 -16.63
C PRO P 152 55.92 -3.09 -15.93
N GLY P 153 57.14 -2.67 -15.67
CA GLY P 153 57.39 -1.46 -14.89
C GLY P 153 56.92 -1.55 -13.44
N ILE P 154 56.64 -2.76 -12.97
CA ILE P 154 56.08 -2.98 -11.63
C ILE P 154 57.09 -3.67 -10.70
N ASP P 155 57.36 -3.07 -9.55
CA ASP P 155 58.27 -3.62 -8.55
C ASP P 155 57.46 -4.15 -7.35
N MSE P 156 57.99 -5.14 -6.64
CA MSE P 156 57.27 -5.75 -5.52
C MSE P 156 58.26 -6.02 -4.43
O MSE P 156 59.31 -6.58 -4.69
CB MSE P 156 56.71 -7.07 -6.00
CG MSE P 156 55.74 -7.75 -5.04
SE MSE P 156 54.88 -9.27 -6.00
CE MSE P 156 53.78 -8.17 -7.20
N TYR P 157 57.94 -5.62 -3.21
CA TYR P 157 58.88 -5.78 -2.10
C TYR P 157 58.18 -5.74 -0.73
N SER P 158 58.72 -6.54 0.19
CA SER P 158 58.22 -6.58 1.56
C SER P 158 59.03 -5.69 2.49
N ILE P 159 58.45 -5.43 3.66
CA ILE P 159 59.12 -4.74 4.75
C ILE P 159 58.68 -5.48 6.00
N ARG P 160 59.63 -5.84 6.86
CA ARG P 160 59.31 -6.45 8.14
C ARG P 160 59.23 -5.34 9.17
N GLN P 161 58.01 -4.99 9.56
CA GLN P 161 57.82 -3.93 10.56
C GLN P 161 57.46 -4.54 11.91
N PRO P 162 57.70 -3.80 13.03
CA PRO P 162 57.38 -4.25 14.41
C PRO P 162 55.92 -4.68 14.55
N VAL P 163 55.62 -5.64 15.42
CA VAL P 163 54.24 -5.98 15.73
C VAL P 163 53.63 -4.90 16.65
N GLY P 164 54.48 -4.17 17.37
CA GLY P 164 54.01 -3.11 18.26
C GLY P 164 54.44 -3.41 19.68
N ILE P 165 53.55 -3.99 20.48
CA ILE P 165 53.88 -4.33 21.87
C ILE P 165 53.73 -5.83 22.12
N GLY P 166 54.79 -6.43 22.63
CA GLY P 166 54.76 -7.84 22.99
C GLY P 166 54.79 -8.04 24.49
N ALA P 167 54.56 -9.28 24.90
CA ALA P 167 54.64 -9.67 26.31
C ALA P 167 55.26 -11.05 26.41
N GLY P 168 55.98 -11.30 27.50
CA GLY P 168 56.59 -12.60 27.75
C GLY P 168 56.29 -13.09 29.15
N ILE P 169 55.95 -14.37 29.26
CA ILE P 169 55.75 -15.01 30.54
C ILE P 169 56.83 -16.09 30.70
N THR P 170 57.59 -16.03 31.79
CA THR P 170 58.80 -16.83 31.97
C THR P 170 58.78 -17.63 33.29
N PRO P 171 59.48 -18.79 33.34
CA PRO P 171 59.43 -19.67 34.50
C PRO P 171 60.53 -19.38 35.54
N PHE P 172 60.49 -20.08 36.67
CA PHE P 172 61.46 -19.84 37.74
C PHE P 172 62.87 -20.25 37.34
N ASN P 173 63.00 -21.32 36.56
CA ASN P 173 64.30 -21.98 36.45
C ASN P 173 65.40 -21.23 35.70
N PHE P 174 65.00 -20.37 34.77
CA PHE P 174 65.98 -19.53 34.06
C PHE P 174 65.56 -18.05 34.01
N PRO P 175 65.62 -17.34 35.16
CA PRO P 175 65.08 -15.99 35.19
C PRO P 175 65.97 -14.94 34.52
N GLY P 176 67.15 -15.35 34.05
CA GLY P 176 68.01 -14.49 33.24
C GLY P 176 67.91 -14.86 31.77
N MSE P 177 68.18 -16.13 31.47
CA MSE P 177 68.18 -16.64 30.11
C MSE P 177 66.89 -16.42 29.35
O MSE P 177 66.93 -15.91 28.22
CB MSE P 177 68.42 -18.13 30.10
CG MSE P 177 68.62 -18.60 28.66
SE MSE P 177 69.14 -20.49 28.66
CE MSE P 177 67.38 -21.27 29.10
N ILE P 178 65.77 -16.85 29.92
CA ILE P 178 64.52 -16.87 29.17
C ILE P 178 63.91 -15.47 28.93
N PRO P 179 63.91 -14.61 29.95
CA PRO P 179 63.50 -13.25 29.59
C PRO P 179 64.33 -12.66 28.45
N MSE P 180 65.61 -12.99 28.38
CA MSE P 180 66.51 -12.45 27.37
C MSE P 180 66.20 -13.08 26.02
O MSE P 180 66.14 -12.38 24.99
CB MSE P 180 67.96 -12.63 27.81
CG MSE P 180 68.28 -11.68 28.97
SE MSE P 180 70.22 -11.34 29.14
CE MSE P 180 70.52 -12.35 30.82
N TRP P 181 65.92 -14.38 26.02
CA TRP P 181 65.41 -15.09 24.83
C TRP P 181 64.33 -14.29 24.11
N MSE P 182 63.41 -13.72 24.88
CA MSE P 182 62.25 -13.09 24.31
C MSE P 182 62.47 -11.64 24.07
O MSE P 182 62.19 -11.16 22.98
CB MSE P 182 61.07 -13.27 25.26
CG MSE P 182 60.73 -14.74 25.47
SE MSE P 182 59.39 -14.71 26.92
CE MSE P 182 58.84 -16.60 26.79
N PHE P 183 62.95 -10.91 25.06
CA PHE P 183 63.03 -9.46 24.91
C PHE P 183 64.11 -8.94 23.95
N ALA P 184 65.21 -9.67 23.81
CA ALA P 184 66.25 -9.29 22.85
C ALA P 184 65.71 -9.17 21.41
N PRO P 185 65.12 -10.25 20.85
CA PRO P 185 64.61 -10.07 19.47
C PRO P 185 63.39 -9.14 19.38
N ALA P 186 62.49 -9.21 20.36
CA ALA P 186 61.34 -8.36 20.38
C ALA P 186 61.74 -6.90 20.28
N ILE P 187 62.63 -6.49 21.19
CA ILE P 187 63.10 -5.12 21.29
C ILE P 187 63.99 -4.74 20.11
N ALA P 188 64.89 -5.64 19.69
CA ALA P 188 65.75 -5.39 18.53
C ALA P 188 64.94 -5.11 17.25
N CYS P 189 63.78 -5.74 17.12
CA CYS P 189 62.91 -5.58 15.95
C CYS P 189 62.09 -4.29 16.02
N GLY P 190 62.20 -3.57 17.13
CA GLY P 190 61.58 -2.26 17.24
C GLY P 190 60.25 -2.28 17.99
N ASN P 191 60.02 -3.35 18.75
CA ASN P 191 58.83 -3.46 19.57
C ASN P 191 59.13 -2.95 20.98
N ALA P 192 58.08 -2.55 21.72
CA ALA P 192 58.20 -2.46 23.17
C ALA P 192 57.78 -3.83 23.71
N PHE P 193 58.19 -4.12 24.95
CA PHE P 193 58.01 -5.45 25.49
C PHE P 193 57.67 -5.40 26.96
N ILE P 194 56.69 -6.20 27.35
CA ILE P 194 56.29 -6.30 28.74
C ILE P 194 56.56 -7.70 29.24
N LEU P 195 57.46 -7.80 30.22
CA LEU P 195 57.85 -9.09 30.77
C LEU P 195 57.11 -9.40 32.07
N LYS P 196 56.47 -10.53 32.11
CA LYS P 196 55.95 -11.06 33.33
C LYS P 196 56.78 -12.28 33.76
N PRO P 197 57.77 -12.06 34.60
CA PRO P 197 58.63 -13.18 35.01
C PRO P 197 58.06 -13.99 36.18
N SER P 198 58.68 -15.13 36.48
CA SER P 198 58.30 -15.90 37.66
C SER P 198 58.41 -15.08 38.95
N GLU P 199 57.38 -15.18 39.76
CA GLU P 199 57.33 -14.49 41.04
C GLU P 199 58.22 -15.20 42.09
N ARG P 200 58.76 -16.37 41.72
CA ARG P 200 59.61 -17.14 42.62
C ARG P 200 60.95 -16.46 42.81
N ASP P 201 61.46 -15.85 41.74
CA ASP P 201 62.82 -15.30 41.75
C ASP P 201 62.96 -14.11 40.80
N PRO P 202 62.34 -12.97 41.18
CA PRO P 202 62.18 -11.86 40.28
C PRO P 202 63.25 -10.78 40.42
N SER P 203 64.29 -10.99 41.21
CA SER P 203 65.33 -9.96 41.33
C SER P 203 66.07 -9.70 40.02
N VAL P 204 66.50 -10.77 39.34
CA VAL P 204 67.27 -10.62 38.10
C VAL P 204 66.52 -9.87 37.00
N PRO P 205 65.25 -10.25 36.71
CA PRO P 205 64.49 -9.53 35.67
C PRO P 205 64.40 -8.01 35.88
N ILE P 206 64.25 -7.57 37.13
CA ILE P 206 64.20 -6.12 37.37
C ILE P 206 65.57 -5.50 37.09
N ARG P 207 66.63 -6.12 37.60
CA ARG P 207 68.00 -5.66 37.33
C ARG P 207 68.34 -5.61 35.84
N LEU P 208 67.96 -6.65 35.09
CA LEU P 208 68.11 -6.65 33.63
C LEU P 208 67.48 -5.41 32.98
N ALA P 209 66.26 -5.07 33.40
CA ALA P 209 65.53 -3.94 32.82
C ALA P 209 66.25 -2.64 33.11
N GLU P 210 66.75 -2.56 34.34
CA GLU P 210 67.50 -1.43 34.84
C GLU P 210 68.81 -1.29 34.05
N LEU P 211 69.44 -2.41 33.70
CA LEU P 211 70.69 -2.38 32.92
C LEU P 211 70.45 -1.98 31.46
N MSE P 212 69.32 -2.39 30.90
CA MSE P 212 68.87 -1.92 29.59
C MSE P 212 68.83 -0.39 29.53
O MSE P 212 69.33 0.19 28.56
CB MSE P 212 67.55 -2.54 29.19
CG MSE P 212 67.71 -3.96 28.61
SE MSE P 212 68.84 -4.16 26.98
CE MSE P 212 67.44 -3.93 25.61
N ILE P 213 68.26 0.27 30.54
CA ILE P 213 68.25 1.74 30.61
C ILE P 213 69.69 2.30 30.61
N GLU P 214 70.56 1.72 31.44
CA GLU P 214 71.97 2.09 31.46
C GLU P 214 72.64 1.92 30.08
N ALA P 215 72.25 0.88 29.35
CA ALA P 215 72.73 0.63 27.99
C ALA P 215 72.17 1.62 26.95
N GLY P 216 71.21 2.44 27.39
CA GLY P 216 70.66 3.48 26.52
C GLY P 216 69.32 3.16 25.88
N LEU P 217 68.68 2.10 26.33
CA LEU P 217 67.32 1.80 25.91
C LEU P 217 66.40 2.85 26.49
N PRO P 218 65.49 3.43 25.65
CA PRO P 218 64.55 4.43 26.16
C PRO P 218 63.61 3.83 27.19
N ALA P 219 63.19 4.67 28.14
CA ALA P 219 62.20 4.29 29.13
C ALA P 219 60.94 3.76 28.44
N GLY P 220 60.34 2.71 29.00
CA GLY P 220 59.06 2.20 28.50
C GLY P 220 59.16 1.08 27.48
N ILE P 221 60.33 0.88 26.91
CA ILE P 221 60.54 -0.19 25.92
C ILE P 221 60.65 -1.59 26.57
N LEU P 222 61.34 -1.68 27.71
CA LEU P 222 61.33 -2.91 28.51
C LEU P 222 60.77 -2.61 29.89
N ASN P 223 59.51 -2.98 30.08
CA ASN P 223 58.86 -2.83 31.38
C ASN P 223 58.75 -4.21 31.98
N VAL P 224 58.86 -4.28 33.31
CA VAL P 224 58.68 -5.53 34.03
C VAL P 224 57.44 -5.40 34.93
N VAL P 225 56.52 -6.35 34.78
CA VAL P 225 55.29 -6.41 35.56
C VAL P 225 55.25 -7.75 36.31
N ASN P 226 55.48 -7.71 37.62
CA ASN P 226 55.43 -8.91 38.44
C ASN P 226 54.01 -9.29 38.80
N GLY P 227 53.77 -10.58 38.97
CA GLY P 227 52.41 -11.03 39.26
C GLY P 227 52.18 -12.51 39.03
N ASP P 228 50.96 -12.95 39.31
CA ASP P 228 50.55 -14.34 39.16
C ASP P 228 49.60 -14.50 37.99
N LYS P 229 48.62 -15.35 38.14
CA LYS P 229 47.67 -15.59 37.10
C LYS P 229 46.93 -14.30 36.76
N GLY P 230 46.68 -13.47 37.74
CA GLY P 230 46.05 -12.17 37.53
C GLY P 230 46.75 -11.35 36.46
N ALA P 231 48.07 -11.22 36.59
CA ALA P 231 48.86 -10.43 35.65
C ALA P 231 48.81 -11.07 34.27
N VAL P 232 48.94 -12.40 34.24
CA VAL P 232 48.90 -13.19 33.00
C VAL P 232 47.62 -12.93 32.22
N ASP P 233 46.46 -13.10 32.88
CA ASP P 233 45.16 -12.87 32.26
C ASP P 233 44.96 -11.44 31.77
N ALA P 234 45.49 -10.49 32.52
CA ALA P 234 45.45 -9.08 32.12
C ALA P 234 46.25 -8.85 30.82
N ILE P 235 47.43 -9.47 30.72
CA ILE P 235 48.21 -9.46 29.48
C ILE P 235 47.40 -10.06 28.33
N LEU P 236 46.78 -11.23 28.58
CA LEU P 236 46.12 -12.01 27.53
C LEU P 236 44.90 -11.32 26.98
N THR P 237 44.19 -10.56 27.82
CA THR P 237 42.98 -9.88 27.38
C THR P 237 43.23 -8.43 26.97
N HIS P 238 44.46 -7.91 27.11
CA HIS P 238 44.69 -6.50 26.76
C HIS P 238 44.72 -6.31 25.25
N PRO P 239 43.84 -5.45 24.70
CA PRO P 239 43.77 -5.36 23.23
C PRO P 239 44.96 -4.69 22.55
N ASP P 240 45.80 -3.97 23.31
CA ASP P 240 46.96 -3.32 22.70
C ASP P 240 48.23 -4.20 22.71
N ILE P 241 48.12 -5.43 23.17
CA ILE P 241 49.27 -6.34 23.14
C ILE P 241 49.07 -7.30 21.97
N ALA P 242 50.03 -7.31 21.05
CA ALA P 242 49.93 -8.02 19.79
C ALA P 242 50.35 -9.49 19.86
N ALA P 243 51.33 -9.80 20.70
CA ALA P 243 52.01 -11.08 20.66
C ALA P 243 52.43 -11.55 22.05
N VAL P 244 52.34 -12.86 22.29
CA VAL P 244 52.70 -13.42 23.57
C VAL P 244 53.66 -14.60 23.43
N SER P 245 54.77 -14.55 24.15
CA SER P 245 55.66 -15.68 24.25
C SER P 245 55.62 -16.26 25.66
N PHE P 246 55.53 -17.58 25.73
CA PHE P 246 55.45 -18.26 27.00
C PHE P 246 56.44 -19.40 27.06
N VAL P 247 57.11 -19.53 28.21
CA VAL P 247 57.90 -20.72 28.51
C VAL P 247 57.55 -21.16 29.94
N GLY P 248 57.19 -22.43 30.10
CA GLY P 248 56.81 -22.97 31.40
C GLY P 248 56.25 -24.39 31.29
N SER P 249 55.52 -24.82 32.32
CA SER P 249 54.88 -26.16 32.29
C SER P 249 53.87 -26.28 31.13
N THR P 250 53.70 -27.50 30.61
CA THR P 250 52.76 -27.77 29.52
C THR P 250 51.30 -27.29 29.75
N PRO P 251 50.71 -27.65 30.91
CA PRO P 251 49.33 -27.23 31.17
C PRO P 251 49.15 -25.72 31.00
N ILE P 252 50.05 -24.94 31.61
CA ILE P 252 49.97 -23.48 31.51
C ILE P 252 50.29 -23.01 30.09
N ALA P 253 51.22 -23.68 29.41
CA ALA P 253 51.49 -23.37 28.01
C ALA P 253 50.23 -23.51 27.14
N ARG P 254 49.50 -24.61 27.30
CA ARG P 254 48.24 -24.85 26.59
C ARG P 254 47.22 -23.77 26.83
N TYR P 255 47.09 -23.38 28.09
CA TYR P 255 46.12 -22.39 28.46
C TYR P 255 46.50 -21.04 27.88
N VAL P 256 47.78 -20.67 27.98
CA VAL P 256 48.23 -19.38 27.51
C VAL P 256 48.08 -19.31 25.98
N TYR P 257 48.46 -20.41 25.32
CA TYR P 257 48.35 -20.50 23.86
C TYR P 257 46.91 -20.33 23.40
N GLY P 258 45.99 -21.12 23.95
CA GLY P 258 44.58 -21.06 23.56
C GLY P 258 43.95 -19.71 23.87
N THR P 259 44.23 -19.17 25.04
CA THR P 259 43.63 -17.93 25.50
C THR P 259 44.12 -16.75 24.67
N ALA P 260 45.43 -16.74 24.37
CA ALA P 260 46.02 -15.73 23.50
C ALA P 260 45.35 -15.73 22.15
N ALA P 261 45.17 -16.92 21.58
CA ALA P 261 44.55 -17.05 20.27
C ALA P 261 43.10 -16.62 20.30
N MSE P 262 42.40 -16.96 21.39
CA MSE P 262 40.99 -16.60 21.58
C MSE P 262 40.84 -15.09 21.59
O MSE P 262 39.78 -14.57 21.23
CB MSE P 262 40.41 -17.20 22.87
CG MSE P 262 40.04 -18.69 22.75
SE MSE P 262 38.62 -18.93 21.40
CE MSE P 262 38.23 -20.84 21.68
N ASN P 263 41.90 -14.40 21.98
CA ASN P 263 41.92 -12.94 21.98
C ASN P 263 42.53 -12.32 20.72
N GLY P 264 42.80 -13.14 19.71
CA GLY P 264 43.31 -12.64 18.43
C GLY P 264 44.82 -12.43 18.34
N LYS P 265 45.56 -12.79 19.39
CA LYS P 265 47.00 -12.52 19.44
C LYS P 265 47.78 -13.62 18.75
N ARG P 266 49.02 -13.31 18.35
CA ARG P 266 49.93 -14.37 17.97
C ARG P 266 50.62 -14.90 19.23
N ALA P 267 50.90 -16.21 19.24
CA ALA P 267 51.49 -16.84 20.41
C ALA P 267 52.46 -17.94 20.01
N GLN P 268 53.44 -18.14 20.88
CA GLN P 268 54.39 -19.22 20.82
C GLN P 268 54.60 -19.61 22.27
N CYS P 269 54.35 -20.89 22.56
CA CYS P 269 54.44 -21.38 23.93
C CYS P 269 55.26 -22.65 24.00
N PHE P 270 56.03 -22.76 25.08
CA PHE P 270 56.98 -23.85 25.23
C PHE P 270 56.79 -24.51 26.58
N GLY P 271 56.74 -25.84 26.52
CA GLY P 271 56.19 -26.65 27.59
C GLY P 271 57.21 -27.51 28.29
N GLY P 272 56.73 -28.64 28.81
CA GLY P 272 57.52 -29.53 29.66
C GLY P 272 58.34 -30.55 28.92
N ALA P 273 58.98 -31.46 29.65
CA ALA P 273 59.92 -32.38 29.05
C ALA P 273 60.04 -33.68 29.82
N LYS P 274 60.37 -34.75 29.10
CA LYS P 274 60.98 -35.95 29.69
C LYS P 274 62.07 -36.42 28.73
N ASN P 275 63.25 -35.81 28.82
CA ASN P 275 64.34 -36.11 27.90
C ASN P 275 65.03 -37.47 28.18
N HIS P 276 65.14 -38.25 27.10
CA HIS P 276 65.78 -39.58 27.09
C HIS P 276 67.19 -39.52 26.51
N MSE P 277 68.09 -40.32 27.09
CA MSE P 277 69.38 -40.59 26.48
C MSE P 277 69.43 -42.06 26.19
O MSE P 277 69.34 -42.87 27.11
CB MSE P 277 70.55 -40.17 27.36
CG MSE P 277 71.88 -40.34 26.63
SE MSE P 277 73.37 -40.36 27.94
CE MSE P 277 73.32 -38.42 28.20
N ILE P 278 69.53 -42.40 24.91
CA ILE P 278 69.68 -43.79 24.48
C ILE P 278 71.18 -44.04 24.36
N ILE P 279 71.65 -45.10 25.01
CA ILE P 279 73.06 -45.47 24.97
C ILE P 279 73.23 -46.81 24.27
N MSE P 280 73.82 -46.79 23.07
CA MSE P 280 74.07 -48.01 22.28
C MSE P 280 75.27 -48.76 22.82
O MSE P 280 76.15 -48.15 23.45
CB MSE P 280 74.34 -47.62 20.82
CG MSE P 280 73.16 -46.97 20.10
SE MSE P 280 71.64 -48.22 19.94
CE MSE P 280 72.36 -49.50 18.63
N PRO P 281 75.35 -50.08 22.56
CA PRO P 281 76.45 -50.91 23.10
C PRO P 281 77.86 -50.51 22.63
N ASP P 282 77.96 -49.81 21.50
CA ASP P 282 79.25 -49.34 20.99
C ASP P 282 79.68 -47.99 21.57
N ALA P 283 78.84 -47.40 22.43
CA ALA P 283 79.09 -46.06 22.93
C ALA P 283 80.20 -46.03 23.98
N ASP P 284 80.89 -44.89 24.07
CA ASP P 284 81.84 -44.65 25.14
C ASP P 284 81.05 -44.52 26.46
N LEU P 285 80.98 -45.63 27.21
CA LEU P 285 80.18 -45.68 28.44
C LEU P 285 80.67 -44.79 29.57
N ASP P 286 81.97 -44.44 29.55
CA ASP P 286 82.53 -43.50 30.53
C ASP P 286 81.99 -42.11 30.27
N GLN P 287 82.09 -41.69 29.01
CA GLN P 287 81.58 -40.40 28.58
C GLN P 287 80.07 -40.31 28.79
N ALA P 288 79.35 -41.36 28.41
CA ALA P 288 77.91 -41.40 28.60
C ALA P 288 77.53 -41.20 30.06
N ALA P 289 78.22 -41.92 30.96
CA ALA P 289 77.94 -41.87 32.38
C ALA P 289 78.26 -40.52 32.98
N ASN P 290 79.43 -39.99 32.65
CA ASN P 290 79.80 -38.63 33.03
C ASN P 290 78.76 -37.60 32.58
N ALA P 291 78.24 -37.79 31.38
CA ALA P 291 77.24 -36.88 30.82
C ALA P 291 75.90 -36.97 31.55
N LEU P 292 75.52 -38.17 31.97
CA LEU P 292 74.27 -38.38 32.70
C LEU P 292 74.26 -37.74 34.09
N ILE P 293 75.44 -37.56 34.68
CA ILE P 293 75.53 -36.92 35.99
C ILE P 293 75.26 -35.42 35.87
N GLY P 294 75.96 -34.78 34.93
CA GLY P 294 75.76 -33.37 34.64
C GLY P 294 74.33 -33.10 34.23
N ALA P 295 73.84 -33.89 33.26
CA ALA P 295 72.53 -33.66 32.64
C ALA P 295 71.37 -34.08 33.52
N GLY P 296 71.59 -35.04 34.42
CA GLY P 296 70.53 -35.54 35.28
C GLY P 296 70.39 -34.75 36.58
N TYR P 297 71.49 -34.18 37.04
CA TYR P 297 71.55 -33.59 38.38
C TYR P 297 71.98 -32.12 38.42
N GLY P 298 72.59 -31.63 37.33
CA GLY P 298 72.86 -30.19 37.21
C GLY P 298 71.56 -29.46 37.50
N SER P 299 71.62 -28.42 38.34
CA SER P 299 70.45 -27.63 38.74
C SER P 299 69.39 -28.46 39.46
N ALA P 300 69.84 -29.51 40.15
CA ALA P 300 68.96 -30.46 40.84
C ALA P 300 67.84 -30.95 39.90
N GLY P 301 68.19 -31.12 38.63
CA GLY P 301 67.27 -31.61 37.61
C GLY P 301 66.15 -30.65 37.24
N GLU P 302 66.29 -29.39 37.61
CA GLU P 302 65.22 -28.40 37.35
C GLU P 302 65.39 -27.73 36.00
N ARG P 303 65.44 -28.54 34.95
CA ARG P 303 65.65 -28.07 33.59
C ARG P 303 64.71 -28.83 32.67
N CYS P 304 64.14 -28.13 31.70
CA CYS P 304 63.32 -28.79 30.69
C CYS P 304 64.20 -29.44 29.64
N MSE P 305 65.53 -29.30 29.78
CA MSE P 305 66.48 -30.06 28.96
C MSE P 305 67.32 -31.01 29.80
O MSE P 305 68.31 -31.60 29.31
CB MSE P 305 67.34 -29.14 28.09
CG MSE P 305 66.52 -28.36 27.06
SE MSE P 305 65.75 -29.55 25.69
CE MSE P 305 67.39 -29.88 24.64
N ALA P 306 66.96 -31.20 31.06
CA ALA P 306 67.60 -32.23 31.87
C ALA P 306 67.29 -33.62 31.31
N ILE P 307 68.24 -34.54 31.40
CA ILE P 307 67.96 -35.94 31.08
C ILE P 307 67.34 -36.59 32.32
N SER P 308 66.16 -37.17 32.15
CA SER P 308 65.45 -37.80 33.25
C SER P 308 65.28 -39.29 33.02
N VAL P 309 65.60 -39.75 31.81
CA VAL P 309 65.53 -41.17 31.48
C VAL P 309 66.79 -41.61 30.73
N ALA P 310 67.51 -42.56 31.29
CA ALA P 310 68.61 -43.18 30.58
C ALA P 310 68.08 -44.48 29.98
N VAL P 311 68.34 -44.69 28.69
CA VAL P 311 67.90 -45.89 28.00
C VAL P 311 69.10 -46.67 27.45
N PRO P 312 69.79 -47.44 28.32
CA PRO P 312 70.83 -48.34 27.82
C PRO P 312 70.22 -49.46 26.98
N VAL P 313 70.96 -49.88 25.95
CA VAL P 313 70.53 -50.92 25.02
C VAL P 313 71.33 -52.21 25.27
N GLY P 314 70.63 -53.27 25.67
CA GLY P 314 71.30 -54.52 26.02
C GLY P 314 71.69 -54.58 27.49
N GLU P 315 71.78 -55.81 28.00
CA GLU P 315 72.00 -56.04 29.41
C GLU P 315 73.34 -55.58 29.94
N GLU P 316 74.41 -55.84 29.17
CA GLU P 316 75.72 -55.48 29.67
C GLU P 316 75.90 -53.97 29.72
N THR P 317 75.39 -53.28 28.70
CA THR P 317 75.39 -51.83 28.67
C THR P 317 74.68 -51.29 29.92
N ALA P 318 73.52 -51.86 30.24
CA ALA P 318 72.75 -51.45 31.40
C ALA P 318 73.54 -51.65 32.70
N ASN P 319 74.11 -52.85 32.87
CA ASN P 319 74.86 -53.19 34.07
C ASN P 319 76.09 -52.31 34.30
N ARG P 320 76.86 -52.10 33.24
CA ARG P 320 78.10 -51.33 33.35
C ARG P 320 77.82 -49.84 33.54
N LEU P 321 76.71 -49.36 33.00
CA LEU P 321 76.29 -47.98 33.23
C LEU P 321 75.87 -47.75 34.69
N ILE P 322 74.96 -48.58 35.19
CA ILE P 322 74.57 -48.55 36.60
C ILE P 322 75.81 -48.52 37.51
N ASP P 323 76.76 -49.42 37.25
CA ASP P 323 77.99 -49.52 38.04
C ASP P 323 78.85 -48.25 38.01
N LYS P 324 78.76 -47.51 36.92
CA LYS P 324 79.51 -46.26 36.77
C LYS P 324 78.75 -45.09 37.39
N LEU P 325 77.42 -45.11 37.28
CA LEU P 325 76.60 -43.99 37.76
C LEU P 325 76.55 -43.91 39.26
N VAL P 326 76.32 -45.05 39.91
CA VAL P 326 76.03 -45.09 41.34
C VAL P 326 77.02 -44.29 42.20
N PRO P 327 78.35 -44.55 42.08
CA PRO P 327 79.30 -43.79 42.90
C PRO P 327 79.25 -42.27 42.68
N MSE P 328 78.95 -41.86 41.44
CA MSE P 328 78.95 -40.45 41.06
C MSE P 328 77.71 -39.78 41.55
O MSE P 328 77.76 -38.61 41.94
CB MSE P 328 79.08 -40.25 39.55
CG MSE P 328 80.41 -40.82 39.05
SE MSE P 328 80.67 -40.30 37.16
CE MSE P 328 79.43 -41.54 36.26
N VAL P 329 76.60 -40.51 41.57
CA VAL P 329 75.39 -40.01 42.20
C VAL P 329 75.60 -39.89 43.71
N GLU P 330 76.16 -40.93 44.31
CA GLU P 330 76.41 -40.92 45.74
C GLU P 330 77.30 -39.76 46.17
N SER P 331 78.27 -39.40 45.34
CA SER P 331 79.29 -38.45 45.77
C SER P 331 78.98 -36.98 45.46
N LEU P 332 77.82 -36.71 44.86
CA LEU P 332 77.41 -35.33 44.56
C LEU P 332 77.51 -34.45 45.80
N ARG P 333 78.25 -33.35 45.71
CA ARG P 333 78.29 -32.42 46.84
C ARG P 333 77.11 -31.47 46.74
N ILE P 334 76.25 -31.53 47.75
CA ILE P 334 75.03 -30.73 47.81
C ILE P 334 75.23 -29.63 48.83
N GLY P 335 74.78 -28.43 48.53
CA GLY P 335 74.95 -27.31 49.45
C GLY P 335 74.37 -26.01 48.93
N PRO P 336 74.46 -24.94 49.75
CA PRO P 336 73.97 -23.62 49.34
C PRO P 336 74.89 -22.98 48.31
N TYR P 337 74.36 -21.98 47.61
CA TYR P 337 75.12 -21.23 46.62
C TYR P 337 76.37 -20.59 47.24
N THR P 338 76.35 -20.37 48.56
CA THR P 338 77.54 -19.85 49.27
C THR P 338 78.71 -20.84 49.26
N ASP P 339 78.42 -22.14 49.15
CA ASP P 339 79.45 -23.18 49.02
C ASP P 339 79.78 -23.38 47.53
N GLU P 340 80.83 -22.71 47.06
CA GLU P 340 81.09 -22.65 45.62
C GLU P 340 81.75 -23.91 45.07
N LYS P 341 81.87 -24.92 45.94
CA LYS P 341 82.33 -26.24 45.54
C LYS P 341 81.18 -27.24 45.46
N ALA P 342 79.97 -26.80 45.82
CA ALA P 342 78.79 -27.64 45.70
C ALA P 342 78.49 -27.95 44.23
N ASP P 343 77.95 -29.14 43.99
CA ASP P 343 77.57 -29.55 42.64
C ASP P 343 76.14 -29.17 42.39
N MSE P 344 75.34 -29.19 43.45
CA MSE P 344 73.90 -29.07 43.35
C MSE P 344 73.34 -28.39 44.58
O MSE P 344 73.82 -28.60 45.70
CB MSE P 344 73.43 -30.51 43.30
CG MSE P 344 71.95 -30.66 43.00
SE MSE P 344 71.55 -32.58 42.82
CE MSE P 344 70.82 -32.88 44.62
N GLY P 345 72.32 -27.56 44.36
CA GLY P 345 71.65 -26.85 45.44
C GLY P 345 70.29 -27.45 45.75
N PRO P 346 69.47 -26.73 46.54
CA PRO P 346 68.13 -27.19 46.91
C PRO P 346 67.15 -26.97 45.76
N VAL P 347 65.97 -27.59 45.82
CA VAL P 347 64.90 -27.24 44.89
C VAL P 347 64.23 -25.89 45.28
N VAL P 348 63.43 -25.34 44.38
CA VAL P 348 63.00 -23.94 44.48
C VAL P 348 62.04 -23.63 45.64
N THR P 349 61.08 -24.53 45.88
CA THR P 349 60.11 -24.35 46.96
C THR P 349 59.89 -25.62 47.79
N LYS P 350 59.17 -25.45 48.89
CA LYS P 350 58.66 -26.56 49.69
C LYS P 350 57.68 -27.41 48.86
N GLU P 351 56.76 -26.75 48.16
CA GLU P 351 55.76 -27.41 47.32
C GLU P 351 56.42 -28.32 46.28
N ALA P 352 57.46 -27.81 45.62
CA ALA P 352 58.22 -28.61 44.67
C ALA P 352 58.89 -29.81 45.34
N GLU P 353 59.48 -29.59 46.52
CA GLU P 353 60.15 -30.67 47.26
C GLU P 353 59.17 -31.80 47.60
N GLN P 354 58.03 -31.42 48.16
CA GLN P 354 56.91 -32.32 48.43
C GLN P 354 56.44 -33.09 47.17
N ARG P 355 56.27 -32.39 46.06
CA ARG P 355 55.87 -33.03 44.81
C ARG P 355 56.90 -34.06 44.34
N ILE P 356 58.18 -33.70 44.42
CA ILE P 356 59.27 -34.58 44.00
C ILE P 356 59.32 -35.83 44.88
N ARG P 357 59.36 -35.62 46.21
CA ARG P 357 59.35 -36.71 47.20
C ARG P 357 58.18 -37.66 47.01
N SER P 358 57.01 -37.10 46.76
CA SER P 358 55.81 -37.86 46.51
C SER P 358 55.99 -38.76 45.28
N LEU P 359 56.68 -38.23 44.27
CA LEU P 359 56.97 -39.02 43.07
C LEU P 359 58.04 -40.11 43.30
N ILE P 360 59.09 -39.78 44.04
CA ILE P 360 60.11 -40.77 44.39
C ILE P 360 59.43 -41.97 45.03
N ASP P 361 58.59 -41.71 46.03
CA ASP P 361 57.83 -42.74 46.74
C ASP P 361 56.95 -43.55 45.82
N SER P 362 56.39 -42.92 44.78
CA SER P 362 55.53 -43.62 43.85
C SER P 362 56.30 -44.67 43.04
N GLY P 363 57.57 -44.41 42.79
CA GLY P 363 58.45 -45.33 42.06
C GLY P 363 58.78 -46.57 42.89
N ILE P 364 59.04 -46.36 44.18
CA ILE P 364 59.19 -47.46 45.13
C ILE P 364 57.90 -48.29 45.16
N GLU P 365 56.76 -47.63 45.32
CA GLU P 365 55.44 -48.28 45.37
C GLU P 365 55.10 -49.08 44.10
N GLN P 366 55.51 -48.59 42.94
CA GLN P 366 55.18 -49.24 41.67
C GLN P 366 56.20 -50.27 41.18
N GLY P 367 57.24 -50.50 41.98
CA GLY P 367 58.17 -51.61 41.75
C GLY P 367 59.51 -51.30 41.09
N ALA P 368 59.88 -50.02 41.02
CA ALA P 368 61.20 -49.66 40.50
C ALA P 368 62.27 -49.87 41.59
N LYS P 369 63.53 -49.98 41.18
CA LYS P 369 64.62 -50.23 42.12
C LYS P 369 65.43 -48.95 42.39
N LEU P 370 65.31 -48.41 43.59
CA LEU P 370 66.00 -47.18 43.94
C LEU P 370 67.45 -47.46 44.33
N VAL P 371 68.35 -47.55 43.36
CA VAL P 371 69.73 -47.96 43.65
C VAL P 371 70.58 -46.85 44.25
N VAL P 372 70.16 -45.60 44.05
CA VAL P 372 70.68 -44.51 44.90
C VAL P 372 69.48 -43.78 45.53
N ASP P 373 69.38 -43.84 46.84
CA ASP P 373 68.27 -43.26 47.60
C ASP P 373 68.74 -41.97 48.28
N GLY P 374 68.27 -40.82 47.79
CA GLY P 374 68.63 -39.54 48.39
C GLY P 374 67.59 -38.95 49.31
N ARG P 375 66.55 -39.72 49.61
CA ARG P 375 65.44 -39.24 50.44
C ARG P 375 65.91 -38.83 51.82
N ASP P 376 66.88 -39.58 52.35
CA ASP P 376 67.41 -39.40 53.70
C ASP P 376 68.17 -38.10 53.91
N PHE P 377 68.52 -37.42 52.82
CA PHE P 377 69.48 -36.33 52.91
C PHE P 377 69.07 -35.20 53.84
N LYS P 378 70.02 -34.71 54.60
CA LYS P 378 69.88 -33.50 55.39
C LYS P 378 71.19 -32.78 55.38
N LEU P 379 71.16 -31.47 55.53
CA LEU P 379 72.35 -30.67 55.50
C LEU P 379 72.56 -29.92 56.82
N GLN P 380 73.79 -29.97 57.32
CA GLN P 380 74.19 -29.35 58.58
C GLN P 380 74.06 -27.83 58.53
N GLY P 381 73.20 -27.28 59.39
CA GLY P 381 72.97 -25.85 59.47
C GLY P 381 72.01 -25.32 58.42
N TYR P 382 71.38 -26.21 57.65
CA TYR P 382 70.41 -25.83 56.59
C TYR P 382 69.23 -26.81 56.57
N GLU P 383 68.78 -27.18 57.76
CA GLU P 383 67.79 -28.23 57.96
C GLU P 383 66.39 -27.92 57.43
N ASN P 384 66.08 -26.64 57.21
CA ASN P 384 64.81 -26.24 56.59
C ASN P 384 64.88 -25.85 55.10
N GLY P 385 66.09 -25.92 54.53
CA GLY P 385 66.28 -25.76 53.09
C GLY P 385 65.64 -26.90 52.32
N HIS P 386 65.37 -26.67 51.04
CA HIS P 386 64.58 -27.63 50.25
C HIS P 386 65.48 -28.67 49.55
N PHE P 387 66.28 -29.34 50.36
CA PHE P 387 67.31 -30.26 49.90
C PHE P 387 66.79 -31.69 49.76
N ILE P 388 67.06 -32.29 48.59
CA ILE P 388 66.82 -33.71 48.32
C ILE P 388 68.10 -34.24 47.71
N GLY P 389 68.64 -35.33 48.27
CA GLY P 389 69.79 -36.04 47.69
C GLY P 389 69.48 -36.62 46.31
N GLY P 390 70.53 -36.87 45.53
CA GLY P 390 70.36 -37.50 44.24
C GLY P 390 69.67 -38.86 44.36
N CYS P 391 68.75 -39.14 43.44
CA CYS P 391 68.04 -40.41 43.37
C CYS P 391 68.21 -41.05 42.01
N LEU P 392 68.38 -42.36 42.01
CA LEU P 392 68.54 -43.10 40.77
C LEU P 392 67.74 -44.39 40.85
N PHE P 393 66.80 -44.55 39.93
CA PHE P 393 66.00 -45.76 39.82
C PHE P 393 66.52 -46.61 38.67
N ASP P 394 66.43 -47.93 38.86
CA ASP P 394 66.63 -48.91 37.78
C ASP P 394 65.31 -49.65 37.57
N ASP P 395 65.24 -50.41 36.45
CA ASP P 395 64.10 -51.27 36.14
C ASP P 395 62.79 -50.48 36.10
N VAL P 396 62.85 -49.31 35.49
CA VAL P 396 61.69 -48.44 35.32
C VAL P 396 60.96 -48.87 34.04
N THR P 397 59.63 -48.89 34.09
CA THR P 397 58.80 -49.26 32.95
C THR P 397 57.95 -48.05 32.54
N PRO P 398 57.41 -48.04 31.29
CA PRO P 398 56.65 -46.90 30.77
C PRO P 398 55.31 -46.63 31.49
N ASP P 399 54.81 -47.63 32.21
CA ASP P 399 53.53 -47.54 32.90
C ASP P 399 53.62 -46.81 34.25
N MSE P 400 54.84 -46.49 34.68
CA MSE P 400 55.09 -45.85 35.98
C MSE P 400 55.00 -44.34 35.90
O MSE P 400 55.36 -43.72 34.90
CB MSE P 400 56.49 -46.20 36.45
CG MSE P 400 56.72 -47.71 36.53
SE MSE P 400 58.37 -48.03 37.55
CE MSE P 400 58.31 -50.00 37.72
N ASP P 401 54.52 -43.75 36.99
CA ASP P 401 54.39 -42.29 37.09
C ASP P 401 55.74 -41.57 37.04
N ILE P 402 56.78 -42.15 37.65
CA ILE P 402 58.13 -41.60 37.53
C ILE P 402 58.63 -41.58 36.08
N TYR P 403 58.00 -42.38 35.22
CA TYR P 403 58.36 -42.38 33.82
C TYR P 403 57.53 -41.36 33.02
N LYS P 404 56.22 -41.32 33.28
CA LYS P 404 55.31 -40.46 32.54
C LYS P 404 55.36 -39.00 32.95
N THR P 405 55.61 -38.75 34.24
CA THR P 405 55.57 -37.40 34.80
C THR P 405 56.97 -36.73 34.82
N GLU P 406 57.01 -35.49 34.34
CA GLU P 406 58.18 -34.65 34.57
C GLU P 406 58.33 -34.42 36.08
N ILE P 407 59.43 -34.88 36.64
CA ILE P 407 59.69 -34.74 38.08
C ILE P 407 60.31 -33.37 38.43
N PHE P 408 61.18 -32.87 37.55
CA PHE P 408 61.84 -31.58 37.75
C PHE P 408 62.61 -31.57 39.07
N GLY P 409 63.30 -32.67 39.34
CA GLY P 409 64.10 -32.82 40.55
C GLY P 409 65.28 -33.73 40.25
N PRO P 410 66.10 -34.03 41.27
CA PRO P 410 67.31 -34.80 41.04
C PRO P 410 67.02 -36.29 41.03
N VAL P 411 66.20 -36.74 40.08
CA VAL P 411 65.75 -38.13 40.01
C VAL P 411 65.94 -38.69 38.61
N LEU P 412 66.95 -39.53 38.44
CA LEU P 412 67.20 -40.16 37.14
C LEU P 412 66.60 -41.58 37.11
N SER P 413 65.91 -41.92 36.02
CA SER P 413 65.36 -43.26 35.86
C SER P 413 66.05 -43.99 34.73
N VAL P 414 66.47 -45.23 35.00
CA VAL P 414 67.01 -46.11 33.96
C VAL P 414 65.92 -47.07 33.49
N VAL P 415 65.63 -47.04 32.19
CA VAL P 415 64.72 -47.98 31.55
C VAL P 415 65.55 -48.83 30.60
N ARG P 416 65.58 -50.13 30.86
CA ARG P 416 66.36 -51.07 30.06
C ARG P 416 65.62 -51.43 28.78
N ALA P 417 66.31 -51.27 27.67
CA ALA P 417 65.76 -51.58 26.36
C ALA P 417 66.61 -52.69 25.77
N ARG P 418 65.97 -53.61 25.05
CA ARG P 418 66.68 -54.79 24.56
C ARG P 418 67.40 -54.56 23.23
N ASN P 419 66.90 -53.62 22.43
CA ASN P 419 67.47 -53.34 21.10
C ASN P 419 67.24 -51.90 20.66
N TYR P 420 67.76 -51.55 19.48
CA TYR P 420 67.63 -50.22 18.90
C TYR P 420 66.16 -49.75 18.71
N GLU P 421 65.34 -50.58 18.08
CA GLU P 421 63.93 -50.22 17.84
C GLU P 421 63.15 -50.00 19.14
N GLU P 422 63.30 -50.92 20.09
CA GLU P 422 62.68 -50.74 21.39
C GLU P 422 63.14 -49.42 22.04
N ALA P 423 64.44 -49.12 21.95
CA ALA P 423 65.00 -47.92 22.57
C ALA P 423 64.51 -46.63 21.90
N LEU P 424 64.32 -46.68 20.60
CA LEU P 424 63.77 -45.55 19.87
C LEU P 424 62.32 -45.27 20.24
N SER P 425 61.52 -46.34 20.38
CA SER P 425 60.08 -46.18 20.61
C SER P 425 59.72 -45.50 21.93
N LEU P 426 60.63 -45.55 22.90
CA LEU P 426 60.32 -44.93 24.20
C LEU P 426 60.17 -43.40 24.09
N PRO P 427 61.20 -42.68 23.59
CA PRO P 427 60.98 -41.25 23.39
C PRO P 427 60.01 -40.95 22.26
N MSE P 428 59.90 -41.87 21.31
CA MSE P 428 58.95 -41.67 20.21
C MSE P 428 57.55 -41.64 20.75
O MSE P 428 56.73 -40.82 20.34
CB MSE P 428 59.13 -42.77 19.15
CG MSE P 428 58.25 -42.58 17.92
SE MSE P 428 59.06 -41.35 16.60
CE MSE P 428 60.35 -42.63 15.84
N LYS P 429 57.28 -42.50 21.73
CA LYS P 429 55.93 -42.65 22.25
C LYS P 429 55.58 -41.73 23.40
N HIS P 430 56.56 -41.00 23.91
CA HIS P 430 56.30 -40.11 25.06
C HIS P 430 55.47 -38.89 24.65
N GLU P 431 54.64 -38.43 25.58
CA GLU P 431 53.82 -37.25 25.41
C GLU P 431 54.72 -36.03 25.18
N TYR P 432 55.88 -36.00 25.83
CA TYR P 432 56.84 -34.91 25.68
C TYR P 432 57.84 -35.15 24.57
N GLY P 433 58.28 -34.06 23.93
CA GLY P 433 59.30 -34.17 22.87
C GLY P 433 60.24 -32.98 22.81
N ASN P 434 60.78 -32.61 23.97
CA ASN P 434 61.67 -31.45 24.04
C ASN P 434 63.07 -31.76 23.47
N GLY P 435 63.89 -32.47 24.25
CA GLY P 435 65.21 -32.93 23.81
C GLY P 435 65.34 -34.45 23.87
N VAL P 436 66.40 -34.97 23.23
CA VAL P 436 66.72 -36.40 23.19
C VAL P 436 68.19 -36.54 22.78
N ALA P 437 68.83 -37.62 23.24
CA ALA P 437 70.19 -37.90 22.84
C ALA P 437 70.38 -39.37 22.53
N ILE P 438 71.25 -39.64 21.58
CA ILE P 438 71.73 -40.99 21.34
C ILE P 438 73.25 -40.99 21.45
N TYR P 439 73.77 -41.92 22.24
CA TYR P 439 75.21 -42.13 22.36
C TYR P 439 75.60 -43.39 21.58
N THR P 440 76.52 -43.22 20.62
CA THR P 440 76.94 -44.29 19.72
C THR P 440 78.13 -43.86 18.84
N ARG P 441 78.90 -44.84 18.37
CA ARG P 441 79.96 -44.60 17.41
C ARG P 441 79.50 -44.82 15.98
N ASP P 442 78.35 -45.47 15.85
CA ASP P 442 77.80 -45.87 14.56
C ASP P 442 77.07 -44.72 13.84
N GLY P 443 77.55 -44.39 12.64
CA GLY P 443 76.93 -43.35 11.80
C GLY P 443 75.50 -43.66 11.40
N ASP P 444 75.27 -44.88 10.95
CA ASP P 444 73.94 -45.32 10.55
C ASP P 444 72.92 -45.13 11.66
N ALA P 445 73.25 -45.63 12.84
CA ALA P 445 72.38 -45.54 14.01
C ALA P 445 72.04 -44.10 14.40
N ALA P 446 73.05 -43.22 14.44
CA ALA P 446 72.87 -41.82 14.79
C ALA P 446 71.99 -41.10 13.77
N ARG P 447 72.32 -41.26 12.49
CA ARG P 447 71.60 -40.62 11.41
C ARG P 447 70.15 -41.07 11.44
N ASP P 448 69.94 -42.38 11.44
CA ASP P 448 68.60 -42.95 11.44
C ASP P 448 67.76 -42.46 12.62
N PHE P 449 68.36 -42.50 13.82
CA PHE P 449 67.69 -42.07 15.05
C PHE P 449 67.22 -40.60 14.99
N ALA P 450 68.15 -39.73 14.59
CA ALA P 450 67.91 -38.28 14.57
C ALA P 450 66.85 -37.92 13.56
N SER P 451 66.84 -38.69 12.48
CA SER P 451 65.91 -38.52 11.37
C SER P 451 64.47 -38.85 11.80
N ARG P 452 64.30 -39.99 12.42
CA ARG P 452 62.98 -40.52 12.68
C ARG P 452 62.30 -39.98 13.93
N ILE P 453 63.08 -39.63 14.95
CA ILE P 453 62.52 -39.27 16.25
C ILE P 453 61.65 -38.00 16.16
N ASN P 454 60.47 -38.03 16.77
CA ASN P 454 59.54 -36.91 16.73
C ASN P 454 59.82 -35.88 17.82
N ILE P 455 61.10 -35.53 17.95
CA ILE P 455 61.56 -34.63 18.99
C ILE P 455 62.36 -33.49 18.36
N GLY P 456 62.13 -32.26 18.80
CA GLY P 456 62.67 -31.07 18.14
C GLY P 456 64.17 -30.86 18.28
N MSE P 457 64.75 -31.33 19.38
CA MSE P 457 66.16 -31.06 19.64
C MSE P 457 66.91 -32.34 19.92
O MSE P 457 66.62 -33.04 20.90
CB MSE P 457 66.28 -30.02 20.77
CG MSE P 457 65.68 -28.68 20.30
SE MSE P 457 65.62 -27.37 21.77
CE MSE P 457 64.03 -28.07 22.72
N VAL P 458 67.87 -32.66 19.06
CA VAL P 458 68.51 -33.98 19.07
C VAL P 458 70.02 -33.89 19.27
N GLY P 459 70.53 -34.68 20.22
CA GLY P 459 71.97 -34.76 20.45
C GLY P 459 72.57 -36.06 19.95
N VAL P 460 73.67 -35.95 19.19
CA VAL P 460 74.47 -37.13 18.90
C VAL P 460 75.75 -37.08 19.73
N ASN P 461 75.79 -37.93 20.76
CA ASN P 461 76.87 -37.92 21.76
C ASN P 461 76.96 -36.56 22.45
N VAL P 462 75.79 -35.96 22.69
CA VAL P 462 75.63 -34.65 23.32
C VAL P 462 74.43 -34.78 24.25
N PRO P 463 74.63 -34.56 25.56
CA PRO P 463 73.56 -34.80 26.53
C PRO P 463 72.46 -33.75 26.52
N ILE P 464 72.83 -32.49 26.30
CA ILE P 464 71.84 -31.41 26.35
C ILE P 464 71.89 -30.63 25.05
N PRO P 465 71.10 -31.09 24.05
CA PRO P 465 71.14 -30.51 22.71
C PRO P 465 70.40 -29.16 22.57
N VAL P 466 70.68 -28.23 23.50
CA VAL P 466 70.09 -26.89 23.47
C VAL P 466 70.78 -26.09 22.36
N PRO P 467 70.05 -25.76 21.26
CA PRO P 467 70.73 -25.05 20.17
C PRO P 467 71.22 -23.68 20.62
N LEU P 468 72.29 -23.21 20.01
CA LEU P 468 72.82 -21.89 20.37
C LEU P 468 71.90 -20.77 19.86
N ALA P 469 72.17 -19.55 20.33
CA ALA P 469 71.27 -18.43 20.11
C ALA P 469 71.00 -18.11 18.64
N TYR P 470 71.95 -18.44 17.77
CA TYR P 470 71.79 -18.12 16.35
C TYR P 470 71.08 -19.21 15.57
N HIS P 471 70.92 -20.37 16.20
CA HIS P 471 69.95 -21.36 15.74
C HIS P 471 68.72 -21.13 16.60
N SER P 472 67.78 -22.08 16.63
CA SER P 472 66.54 -21.87 17.35
C SER P 472 66.15 -23.02 18.27
N PHE P 473 65.36 -22.69 19.29
CA PHE P 473 64.98 -23.63 20.35
C PHE P 473 63.50 -23.95 20.27
N GLY P 474 63.17 -25.23 20.38
CA GLY P 474 61.77 -25.59 20.52
C GLY P 474 61.50 -27.06 20.43
N GLY P 475 60.62 -27.55 21.28
CA GLY P 475 60.30 -28.98 21.30
C GLY P 475 59.15 -29.28 20.39
N TRP P 476 58.84 -30.57 20.22
CA TRP P 476 57.68 -31.01 19.44
C TRP P 476 56.67 -31.69 20.38
N LYS P 477 55.58 -32.18 19.83
CA LYS P 477 54.49 -32.81 20.60
C LYS P 477 53.94 -31.88 21.70
N SER P 478 53.78 -32.38 22.92
CA SER P 478 53.26 -31.58 24.03
C SER P 478 54.24 -30.52 24.53
N SER P 479 55.43 -30.47 23.93
CA SER P 479 56.48 -29.59 24.40
C SER P 479 56.47 -28.17 23.81
N SER P 480 55.69 -27.94 22.74
CA SER P 480 55.54 -26.58 22.22
C SER P 480 54.23 -26.40 21.48
N PHE P 481 53.83 -25.14 21.34
CA PHE P 481 52.62 -24.78 20.62
C PHE P 481 52.93 -23.55 19.77
N GLY P 482 52.39 -23.56 18.55
CA GLY P 482 52.59 -22.45 17.62
C GLY P 482 53.43 -22.96 16.47
N ASP P 483 53.93 -22.05 15.65
CA ASP P 483 54.69 -22.47 14.46
C ASP P 483 56.06 -21.78 14.40
N LEU P 484 56.46 -21.13 15.48
CA LEU P 484 57.78 -20.48 15.48
C LEU P 484 58.54 -20.70 16.79
N ASN P 485 59.83 -20.93 16.64
CA ASN P 485 60.70 -21.22 17.78
C ASN P 485 61.20 -19.99 18.53
N GLN P 486 61.96 -20.24 19.59
CA GLN P 486 62.64 -19.18 20.35
C GLN P 486 64.00 -18.88 19.74
N HIS P 487 64.41 -17.63 19.81
CA HIS P 487 65.58 -17.10 19.12
C HIS P 487 65.81 -17.57 17.68
N GLY P 488 67.04 -17.49 17.20
CA GLY P 488 67.29 -17.75 15.77
C GLY P 488 66.48 -16.82 14.89
N THR P 489 66.37 -17.17 13.61
CA THR P 489 65.61 -16.37 12.67
C THR P 489 64.10 -16.44 12.92
N ASP P 490 63.63 -17.57 13.47
CA ASP P 490 62.24 -17.72 13.89
C ASP P 490 61.77 -16.56 14.75
N SER P 491 62.61 -16.16 15.70
CA SER P 491 62.21 -15.10 16.62
C SER P 491 62.01 -13.77 15.89
N ILE P 492 62.83 -13.52 14.87
CA ILE P 492 62.72 -12.28 14.10
C ILE P 492 61.40 -12.29 13.32
N LYS P 493 60.99 -13.49 12.91
CA LYS P 493 59.72 -13.70 12.25
C LYS P 493 58.53 -13.50 13.20
N PHE P 494 58.64 -13.98 14.42
CA PHE P 494 57.57 -13.88 15.40
C PHE P 494 57.34 -12.42 15.78
N TRP P 495 58.45 -11.67 15.93
CA TRP P 495 58.35 -10.30 16.39
C TRP P 495 58.18 -9.25 15.30
N THR P 496 57.89 -9.68 14.08
CA THR P 496 57.64 -8.74 12.98
C THR P 496 56.38 -9.10 12.21
N ARG P 497 55.78 -8.12 11.57
CA ARG P 497 54.73 -8.42 10.60
C ARG P 497 55.19 -8.04 9.20
N THR P 498 54.75 -8.80 8.21
CA THR P 498 55.12 -8.54 6.84
C THR P 498 54.14 -7.62 6.14
N LYS P 499 54.70 -6.61 5.48
CA LYS P 499 53.98 -5.70 4.62
C LYS P 499 54.56 -5.89 3.23
N THR P 500 53.72 -6.06 2.22
CA THR P 500 54.22 -6.14 0.84
C THR P 500 53.68 -5.02 0.00
N ILE P 501 54.59 -4.33 -0.67
CA ILE P 501 54.25 -3.19 -1.50
C ILE P 501 54.41 -3.61 -2.94
N THR P 502 53.41 -3.28 -3.77
CA THR P 502 53.49 -3.42 -5.21
C THR P 502 53.37 -2.02 -5.80
N SER P 503 54.31 -1.68 -6.67
CA SER P 503 54.59 -0.30 -6.99
C SER P 503 54.82 -0.07 -8.49
N ARG P 504 54.24 1.00 -9.02
CA ARG P 504 54.51 1.46 -10.40
C ARG P 504 54.15 2.94 -10.54
N TRP P 505 54.44 3.54 -11.68
CA TRP P 505 54.24 4.99 -11.80
C TRP P 505 53.62 5.35 -13.14
N PRO P 506 52.75 6.37 -13.18
CA PRO P 506 52.28 6.86 -14.47
C PRO P 506 53.39 7.67 -15.11
N SER P 507 53.40 7.72 -16.44
CA SER P 507 54.36 8.51 -17.17
C SER P 507 54.16 9.98 -16.79
N GLY P 508 55.26 10.67 -16.45
CA GLY P 508 55.21 12.08 -16.07
C GLY P 508 56.33 12.91 -16.70
N ILE P 509 56.95 13.78 -15.89
CA ILE P 509 57.95 14.74 -16.38
C ILE P 509 59.10 14.15 -17.21
N LYS P 510 59.53 12.93 -16.89
CA LYS P 510 60.63 12.31 -17.64
C LYS P 510 60.34 12.17 -19.15
N ASP P 511 59.05 12.25 -19.51
CA ASP P 511 58.57 12.10 -20.88
C ASP P 511 58.06 13.42 -21.47
N GLY P 512 57.70 14.36 -20.59
CA GLY P 512 57.07 15.62 -21.01
C GLY P 512 58.01 16.58 -21.71
PA NAD Q . 20.60 -22.77 22.94
O1A NAD Q . 21.14 -21.87 24.04
O2A NAD Q . 21.55 -23.45 22.00
O5B NAD Q . 19.56 -21.90 22.05
C5B NAD Q . 18.44 -21.22 22.66
C4B NAD Q . 18.05 -20.00 21.82
O4B NAD Q . 19.18 -19.14 21.65
C3B NAD Q . 17.57 -20.40 20.42
O3B NAD Q . 16.46 -19.60 20.03
C2B NAD Q . 18.76 -20.13 19.52
O2B NAD Q . 18.45 -19.81 18.18
C1B NAD Q . 19.49 -19.00 20.24
N9A NAD Q . 20.96 -19.13 20.02
C8A NAD Q . 21.65 -20.28 19.84
N7A NAD Q . 22.97 -20.03 19.66
C5A NAD Q . 23.14 -18.69 19.72
C6A NAD Q . 24.27 -17.75 19.62
N6A NAD Q . 25.52 -18.24 19.40
N1A NAD Q . 24.03 -16.42 19.75
C2A NAD Q . 22.79 -15.95 19.96
N3A NAD Q . 21.69 -16.75 20.07
C4A NAD Q . 21.81 -18.09 19.96
O3 NAD Q . 19.62 -23.87 23.63
PN NAD Q . 18.89 -25.16 22.93
O1N NAD Q . 19.94 -26.05 22.31
O2N NAD Q . 17.70 -24.78 22.09
O5D NAD Q . 18.32 -25.94 24.23
C5D NAD Q . 19.17 -26.68 25.12
C4D NAD Q . 19.38 -25.90 26.41
O4D NAD Q . 18.13 -25.31 26.84
C3D NAD Q . 19.89 -26.76 27.55
O3D NAD Q . 21.13 -26.24 28.08
C2D NAD Q . 18.83 -26.65 28.63
O2D NAD Q . 19.38 -26.63 29.95
C1D NAD Q . 18.16 -25.33 28.28
N1N NAD Q . 16.91 -25.03 29.01
C2N NAD Q . 15.85 -25.86 29.09
C3N NAD Q . 14.71 -25.48 29.84
C7N NAD Q . 13.52 -26.38 29.99
O7N NAD Q . 13.67 -27.59 30.00
N7N NAD Q . 12.31 -25.83 30.21
C4N NAD Q . 14.71 -24.26 30.51
C5N NAD Q . 15.82 -23.42 30.42
C6N NAD Q . 16.91 -23.84 29.65
MG MG R . 5.27 -49.45 48.72
MG MG S . 6.84 -49.33 29.92
PA NAD T . 29.55 10.10 38.78
O1A NAD T . 28.82 9.23 37.76
O2A NAD T . 30.76 10.87 38.32
O5B NAD T . 30.09 9.14 39.96
C5B NAD T . 29.25 8.22 40.66
C4B NAD T . 30.10 7.06 41.19
O4B NAD T . 30.76 6.34 40.14
C3B NAD T . 31.20 7.51 42.15
O3B NAD T . 31.27 6.54 43.20
C2B NAD T . 32.48 7.46 41.32
O2B NAD T . 33.64 7.14 42.10
C1B NAD T . 32.18 6.37 40.29
N9A NAD T . 32.84 6.67 38.99
C8A NAD T . 33.08 7.89 38.46
N7A NAD T . 33.68 7.80 37.27
C5A NAD T . 33.84 6.49 36.99
C6A NAD T . 34.40 5.68 35.88
N6A NAD T . 34.94 6.27 34.79
N1A NAD T . 34.37 4.32 35.99
C2A NAD T . 33.85 3.71 37.06
N3A NAD T . 33.31 4.38 38.10
C4A NAD T . 33.28 5.74 38.13
O3 NAD T . 28.48 11.11 39.51
PN NAD T . 28.80 12.31 40.57
O1N NAD T . 29.66 13.35 39.90
O2N NAD T . 29.23 11.72 41.90
O5D NAD T . 27.36 12.99 40.80
C5D NAD T . 26.69 13.66 39.72
C4D NAD T . 25.64 12.73 39.09
O4D NAD T . 24.89 12.03 40.10
C3D NAD T . 24.63 13.47 38.20
O3D NAD T . 24.65 13.00 36.86
C2D NAD T . 23.29 13.10 38.83
O2D NAD T . 22.19 12.98 37.94
C1D NAD T . 23.60 11.80 39.54
N1N NAD T . 22.49 11.40 40.43
C2N NAD T . 22.04 12.15 41.46
C3N NAD T . 20.97 11.70 42.24
C7N NAD T . 20.38 12.48 43.37
O7N NAD T . 20.36 13.71 43.33
N7N NAD T . 19.81 11.83 44.38
C4N NAD T . 20.36 10.48 41.91
C5N NAD T . 20.84 9.74 40.84
C6N NAD T . 21.91 10.23 40.11
PA NAD U . -35.37 -6.87 51.11
O1A NAD U . -34.49 -6.42 52.26
O2A NAD U . -36.85 -6.78 51.20
O5B NAD U . -35.03 -8.39 50.71
C5B NAD U . -33.70 -8.90 50.61
C4B NAD U . -33.69 -10.38 50.99
O4B NAD U . -34.06 -10.54 52.36
C3B NAD U . -34.67 -11.23 50.20
O3B NAD U . -34.03 -12.45 49.77
C2B NAD U . -35.81 -11.53 51.16
O2B NAD U . -36.41 -12.81 50.98
C1B NAD U . -35.15 -11.45 52.52
N9A NAD U . -36.08 -10.86 53.50
C8A NAD U . -36.98 -9.88 53.25
N7A NAD U . -37.67 -9.57 54.37
C5A NAD U . -37.21 -10.35 55.35
C6A NAD U . -37.50 -10.53 56.80
N6A NAD U . -38.45 -9.79 57.39
N1A NAD U . -36.78 -11.44 57.48
C2A NAD U . -35.84 -12.21 56.89
N3A NAD U . -35.52 -12.09 55.59
C4A NAD U . -36.16 -11.21 54.79
O3 NAD U . -34.80 -6.06 49.82
PN NAD U . -35.41 -6.05 48.33
O1N NAD U . -36.79 -5.42 48.40
O2N NAD U . -35.30 -7.41 47.68
O5D NAD U . -34.39 -5.07 47.56
C5D NAD U . -34.39 -3.66 47.82
C4D NAD U . -33.20 -3.25 48.68
O4D NAD U . -32.01 -3.83 48.10
C3D NAD U . -32.97 -1.73 48.75
O3D NAD U . -32.98 -1.19 50.09
C2D NAD U . -31.57 -1.55 48.16
O2D NAD U . -30.81 -0.51 48.77
C1D NAD U . -30.95 -2.93 48.37
N1N NAD U . -29.68 -3.13 47.65
C2N NAD U . -29.50 -2.99 46.32
C3N NAD U . -28.22 -3.20 45.75
C7N NAD U . -27.90 -3.01 44.29
O7N NAD U . -28.69 -2.42 43.58
N7N NAD U . -26.72 -3.40 43.83
C4N NAD U . -27.16 -3.54 46.60
C5N NAD U . -27.38 -3.68 47.96
C6N NAD U . -28.66 -3.46 48.45
PA NAD V . -13.39 -13.40 81.26
O1A NAD V . -14.16 -13.82 80.03
O2A NAD V . -13.99 -13.76 82.61
O5B NAD V . -13.16 -11.80 81.22
C5B NAD V . -12.55 -11.16 80.09
C4B NAD V . -13.01 -9.70 80.03
O4B NAD V . -14.44 -9.69 79.93
C3B NAD V . -12.66 -8.88 81.27
O3B NAD V . -12.22 -7.58 80.82
C2B NAD V . -13.95 -8.78 82.07
O2B NAD V . -14.16 -7.49 82.64
C1B NAD V . -15.02 -8.99 81.03
N9A NAD V . -16.15 -9.80 81.54
C8A NAD V . -16.12 -10.85 82.36
N7A NAD V . -17.39 -11.33 82.56
C5A NAD V . -18.23 -10.54 81.83
C6A NAD V . -19.69 -10.45 81.55
N6A NAD V . -20.56 -11.31 82.12
N1A NAD V . -20.14 -9.50 80.73
C2A NAD V . -19.33 -8.60 80.13
N3A NAD V . -17.99 -8.61 80.34
C4A NAD V . -17.40 -9.54 81.16
O3 NAD V . -11.87 -13.97 81.10
PN NAD V . -10.71 -13.94 82.22
O1N NAD V . -11.24 -14.71 83.43
O2N NAD V . -10.21 -12.54 82.43
O5D NAD V . -9.55 -14.81 81.50
C5D NAD V . -9.63 -16.24 81.38
C4D NAD V . -10.10 -16.63 79.98
O4D NAD V . -9.37 -15.87 79.00
C3D NAD V . -9.86 -18.11 79.66
O3D NAD V . -11.06 -18.76 79.23
C2D NAD V . -8.86 -18.10 78.52
O2D NAD V . -9.10 -19.13 77.56
C1D NAD V . -9.07 -16.73 77.91
N1N NAD V . -7.97 -16.31 77.03
C2N NAD V . -6.65 -16.46 77.29
C3N NAD V . -5.69 -16.01 76.35
C7N NAD V . -4.20 -16.17 76.54
O7N NAD V . -3.78 -16.77 77.51
N7N NAD V . -3.36 -15.74 75.59
C4N NAD V . -6.12 -15.43 75.17
C5N NAD V . -7.47 -15.30 74.93
C6N NAD V . -8.39 -15.75 75.88
PA NAD W . -92.13 -6.11 9.54
O1A NAD W . -92.50 -4.66 9.34
O2A NAD W . -93.24 -7.00 10.00
O5B NAD W . -90.94 -6.21 10.63
C5B NAD W . -89.71 -5.48 10.47
C4B NAD W . -89.17 -5.16 11.87
O4B NAD W . -90.15 -4.41 12.63
C3B NAD W . -88.85 -6.40 12.70
O3B NAD W . -87.63 -6.17 13.41
C2B NAD W . -90.00 -6.53 13.69
O2B NAD W . -89.63 -7.06 14.96
C1B NAD W . -90.48 -5.09 13.85
N9A NAD W . -91.94 -5.07 14.05
C8A NAD W . -92.82 -5.91 13.49
N7A NAD W . -94.08 -5.60 13.88
C5A NAD W . -94.01 -4.57 14.73
C6A NAD W . -94.98 -3.75 15.50
N6A NAD W . -96.29 -4.03 15.44
N1A NAD W . -94.49 -2.75 16.26
C2A NAD W . -93.18 -2.47 16.32
N3A NAD W . -92.24 -3.16 15.64
C4A NAD W . -92.59 -4.21 14.84
O3 NAD W . -91.35 -6.66 8.20
PN NAD W . -90.80 -8.17 7.89
O1N NAD W . -91.96 -9.11 7.90
O2N NAD W . -89.60 -8.50 8.74
O5D NAD W . -90.27 -8.09 6.38
C5D NAD W . -91.14 -7.88 5.26
C4D NAD W . -91.12 -6.41 4.84
O4D NAD W . -89.75 -5.94 4.78
C3D NAD W . -91.76 -6.14 3.47
O3D NAD W . -92.95 -5.34 3.55
C2D NAD W . -90.67 -5.39 2.71
O2D NAD W . -91.11 -4.28 1.92
C1D NAD W . -89.72 -4.92 3.78
N1N NAD W . -88.43 -4.50 3.24
C2N NAD W . -87.58 -5.31 2.55
C3N NAD W . -86.37 -4.79 2.07
C7N NAD W . -85.39 -5.60 1.24
O7N NAD W . -85.79 -6.49 0.50
N7N NAD W . -84.10 -5.26 1.25
C4N NAD W . -86.06 -3.46 2.30
C5N NAD W . -86.94 -2.66 3.02
C6N NAD W . -88.12 -3.22 3.47
PA NAD X . -93.99 30.42 18.68
O1A NAD X . -93.51 28.99 18.80
O2A NAD X . -95.02 30.94 19.66
O5B NAD X . -94.59 30.61 17.18
C5B NAD X . -93.88 30.18 16.02
C4B NAD X . -94.86 29.83 14.90
O4B NAD X . -95.70 28.75 15.33
C3B NAD X . -95.81 30.99 14.52
O3B NAD X . -96.04 31.00 13.10
C2B NAD X . -97.10 30.68 15.26
O2B NAD X . -98.26 31.13 14.56
C1B NAD X . -97.06 29.17 15.33
N9A NAD X . -97.72 28.71 16.57
C8A NAD X . -97.80 29.35 17.75
N7A NAD X . -98.50 28.60 18.64
C5A NAD X . -98.86 27.46 18.02
C6A NAD X . -99.61 26.22 18.37
N6A NAD X . -100.13 26.06 19.62
N1A NAD X . -99.75 25.28 17.41
C2A NAD X . -99.25 25.41 16.17
N3A NAD X . -98.56 26.50 15.77
C4A NAD X . -98.35 27.53 16.65
O3 NAD X . -92.67 31.37 18.75
PN NAD X . -92.63 33.01 18.67
O1N NAD X . -93.28 33.58 19.92
O2N NAD X . -93.16 33.46 17.32
O5D NAD X . -91.04 33.27 18.70
C5D NAD X . -90.27 33.11 19.90
C4D NAD X . -89.43 31.83 19.88
O4D NAD X . -88.78 31.65 18.61
C3D NAD X . -88.34 31.81 20.96
O3D NAD X . -88.49 30.67 21.81
C2D NAD X . -87.03 31.69 20.17
O2D NAD X . -85.97 30.97 20.81
C1D NAD X . -87.50 31.04 18.88
N1N NAD X . -86.52 31.07 17.79
C2N NAD X . -85.91 32.21 17.40
C3N NAD X . -84.97 32.19 16.34
C7N NAD X . -84.23 33.43 15.91
O7N NAD X . -84.02 34.32 16.73
N7N NAD X . -83.76 33.51 14.66
C4N NAD X . -84.68 30.98 15.72
C5N NAD X . -85.33 29.82 16.14
C6N NAD X . -86.25 29.91 17.18
MG MG Y . -73.58 53.29 22.84
PA NAD Z . -32.60 13.98 -6.29
O1A NAD Z . -33.34 15.17 -6.87
O2A NAD Z . -31.11 13.95 -6.49
O5B NAD Z . -33.19 12.65 -6.97
C5B NAD Z . -34.59 12.42 -7.10
C4B NAD Z . -34.79 11.55 -8.33
O4B NAD Z . -34.32 12.24 -9.48
C3B NAD Z . -34.02 10.23 -8.28
O3B NAD Z . -34.86 9.18 -8.76
C2B NAD Z . -32.83 10.44 -9.20
O2B NAD Z . -32.52 9.23 -9.88
C1B NAD Z . -33.31 11.50 -10.17
N9A NAD Z . -32.26 12.45 -10.61
C8A NAD Z . -31.22 12.95 -9.89
N7A NAD Z . -30.50 13.80 -10.66
C5A NAD Z . -31.08 13.85 -11.88
C6A NAD Z . -30.83 14.55 -13.17
N6A NAD Z . -29.79 15.39 -13.31
N1A NAD Z . -31.67 14.33 -14.20
C2A NAD Z . -32.72 13.50 -14.07
N3A NAD Z . -33.00 12.84 -12.94
C4A NAD Z . -32.23 12.96 -11.84
O3 NAD Z . -33.02 13.84 -4.73
PN NAD Z . -32.48 12.75 -3.65
O1N NAD Z . -30.99 13.00 -3.45
O2N NAD Z . -32.97 11.39 -4.06
O5D NAD Z . -33.24 13.12 -2.29
C5D NAD Z . -32.96 14.35 -1.61
C4D NAD Z . -33.96 15.45 -1.96
O4D NAD Z . -35.31 14.94 -1.93
C3D NAD Z . -33.90 16.61 -0.95
O3D NAD Z . -33.69 17.87 -1.59
C2D NAD Z . -35.28 16.64 -0.33
O2D NAD Z . -35.72 17.97 -0.02
C1D NAD Z . -36.14 15.97 -1.40
N1N NAD Z . -37.49 15.62 -0.93
C2N NAD Z . -37.76 14.92 0.20
C3N NAD Z . -39.10 14.65 0.55
C7N NAD Z . -39.49 13.93 1.81
O7N NAD Z . -38.66 13.75 2.68
N7N NAD Z . -40.78 13.59 2.01
C4N NAD Z . -40.12 15.12 -0.27
C5N NAD Z . -39.81 15.83 -1.41
C6N NAD Z . -38.47 16.06 -1.71
MG MG AA . -33.40 8.97 24.16
PA NAD BA . -53.65 32.10 -31.98
O1A NAD BA . -52.96 30.91 -31.37
O2A NAD BA . -53.15 32.71 -33.26
O5B NAD BA . -53.62 33.28 -30.86
C5B NAD BA . -54.21 33.12 -29.56
C4B NAD BA . -53.50 34.09 -28.60
O4B NAD BA . -52.10 33.77 -28.60
C3B NAD BA . -53.61 35.56 -29.00
O3B NAD BA . -53.79 36.36 -27.82
C2B NAD BA . -52.26 35.88 -29.63
O2B NAD BA . -51.79 37.21 -29.44
C1B NAD BA . -51.32 34.89 -28.99
N9A NAD BA . -50.33 34.49 -30.00
C8A NAD BA . -50.58 34.31 -31.33
N7A NAD BA . -49.44 33.94 -31.96
C5A NAD BA . -48.46 33.89 -31.04
C6A NAD BA . -47.01 33.57 -31.03
N6A NAD BA . -46.39 33.24 -32.18
N1A NAD BA . -46.36 33.63 -29.86
C2A NAD BA . -46.95 33.97 -28.71
N3A NAD BA . -48.26 34.29 -28.65
C4A NAD BA . -49.04 34.26 -29.75
O3 NAD BA . -55.23 31.77 -32.12
PN NAD BA . -56.35 32.68 -32.86
O1N NAD BA . -56.04 32.74 -34.34
O2N NAD BA . -56.50 33.97 -32.07
O5D NAD BA . -57.69 31.80 -32.69
C5D NAD BA . -57.91 30.64 -33.50
C4D NAD BA . -57.53 29.36 -32.75
O4D NAD BA . -58.09 29.41 -31.43
C3D NAD BA . -58.06 28.07 -33.41
O3D NAD BA . -57.03 27.12 -33.69
C2D NAD BA . -59.04 27.47 -32.41
O2D NAD BA . -58.99 26.05 -32.29
C1D NAD BA . -58.59 28.09 -31.11
N1N NAD BA . -59.62 28.00 -30.07
C2N NAD BA . -60.92 28.38 -30.23
C3N NAD BA . -61.83 28.23 -29.16
C7N NAD BA . -63.29 28.57 -29.25
O7N NAD BA . -63.85 28.47 -30.33
N7N NAD BA . -63.97 28.89 -28.15
C4N NAD BA . -61.38 27.69 -27.96
C5N NAD BA . -60.05 27.31 -27.84
C6N NAD BA . -59.19 27.48 -28.91
PA NAD CA . -25.04 -16.45 -37.35
O1A NAD CA . -25.35 -14.99 -37.56
O2A NAD CA . -26.16 -17.40 -37.01
O5B NAD CA . -23.89 -16.59 -36.22
C5B NAD CA . -22.66 -15.89 -36.34
C4B NAD CA . -22.12 -15.54 -34.94
O4B NAD CA . -23.12 -14.80 -34.23
C3B NAD CA . -21.83 -16.78 -34.10
O3B NAD CA . -20.68 -16.51 -33.31
C2B NAD CA . -23.04 -16.91 -33.20
O2B NAD CA . -22.73 -17.47 -31.92
C1B NAD CA . -23.49 -15.47 -33.04
N9A NAD CA . -24.95 -15.44 -32.89
C8A NAD CA . -25.82 -16.26 -33.52
N7A NAD CA . -27.09 -15.96 -33.14
C5A NAD CA . -27.03 -14.95 -32.25
C6A NAD CA . -28.01 -14.17 -31.47
N6A NAD CA . -29.33 -14.42 -31.57
N1A NAD CA . -27.55 -13.19 -30.66
C2A NAD CA . -26.24 -12.94 -30.56
N3A NAD CA . -25.28 -13.60 -31.25
C4A NAD CA . -25.62 -14.61 -32.08
O3 NAD CA . -24.32 -16.92 -38.70
PN NAD CA . -23.83 -18.40 -39.03
O1N NAD CA . -25.04 -19.33 -39.08
O2N NAD CA . -22.66 -18.76 -38.16
O5D NAD CA . -23.32 -18.24 -40.55
C5D NAD CA . -24.25 -18.03 -41.63
C4D NAD CA . -24.22 -16.58 -42.09
O4D NAD CA . -22.88 -16.05 -42.09
C3D NAD CA . -24.78 -16.41 -43.50
O3D NAD CA . -25.96 -15.62 -43.49
C2D NAD CA . -23.67 -15.71 -44.28
O2D NAD CA . -24.10 -14.69 -45.16
C1D NAD CA . -22.79 -15.12 -43.19
N1N NAD CA . -21.45 -14.76 -43.67
C2N NAD CA . -20.58 -15.58 -44.32
C3N NAD CA . -19.33 -15.08 -44.74
C7N NAD CA . -18.31 -15.90 -45.49
O7N NAD CA . -18.70 -16.80 -46.22
N7N NAD CA . -17.03 -15.58 -45.42
C4N NAD CA . -19.00 -13.75 -44.50
C5N NAD CA . -19.90 -12.94 -43.84
C6N NAD CA . -21.13 -13.47 -43.44
MG MG DA . -15.55 -33.81 -61.32
PA NAD EA . -26.36 20.07 -27.86
O1A NAD EA . -25.86 18.66 -27.68
O2A NAD EA . -27.29 20.68 -26.85
O5B NAD EA . -27.05 20.19 -29.33
C5B NAD EA . -26.30 19.83 -30.49
C4B NAD EA . -27.24 19.47 -31.64
O4B NAD EA . -28.08 18.36 -31.27
C3B NAD EA . -28.17 20.64 -32.00
O3B NAD EA . -28.29 20.70 -33.42
C2B NAD EA . -29.51 20.27 -31.37
O2B NAD EA . -30.64 20.72 -32.13
C1B NAD EA . -29.46 18.75 -31.30
N9A NAD EA . -30.12 18.29 -30.05
C8A NAD EA . -30.11 18.93 -28.86
N7A NAD EA . -30.82 18.23 -27.93
C5A NAD EA . -31.28 17.12 -28.54
C6A NAD EA . -32.09 15.97 -28.13
N6A NAD EA . -32.54 15.89 -26.87
N1A NAD EA . -32.35 15.03 -29.07
C2A NAD EA . -31.91 15.11 -30.33
N3A NAD EA . -31.16 16.14 -30.78
C4A NAD EA . -30.82 17.16 -29.94
O3 NAD EA . -25.04 20.98 -28.00
PN NAD EA . -25.02 22.59 -27.92
O1N NAD EA . -25.62 23.07 -26.62
O2N NAD EA . -25.54 23.11 -29.24
O5D NAD EA . -23.44 22.87 -27.82
C5D NAD EA . -22.77 22.68 -26.57
C4D NAD EA . -21.96 21.38 -26.61
O4D NAD EA . -21.33 21.21 -27.89
C3D NAD EA . -20.86 21.35 -25.55
O3D NAD EA . -21.01 20.20 -24.71
C2D NAD EA . -19.58 21.24 -26.36
O2D NAD EA . -18.55 20.47 -25.72
C1D NAD EA . -20.07 20.58 -27.64
N1N NAD EA . -19.08 20.57 -28.74
C2N NAD EA . -18.39 21.66 -29.15
C3N NAD EA . -17.45 21.57 -30.19
C7N NAD EA . -16.65 22.77 -30.63
O7N NAD EA . -16.59 23.74 -29.91
N7N NAD EA . -15.92 22.69 -31.76
C4N NAD EA . -17.22 20.35 -30.80
C5N NAD EA . -17.94 19.25 -30.37
C6N NAD EA . -18.86 19.39 -29.33
PA NAD FA . 34.88 3.24 -52.54
O1A NAD FA . 34.29 4.49 -53.15
O2A NAD FA . 36.38 3.08 -52.57
O5B NAD FA . 34.24 1.95 -53.29
C5B NAD FA . 32.85 1.67 -53.34
C4B NAD FA . 32.52 0.81 -54.56
O4B NAD FA . 32.94 1.49 -55.74
C3B NAD FA . 33.27 -0.53 -54.55
O3B NAD FA . 32.39 -1.54 -55.02
C2B NAD FA . 34.43 -0.33 -55.51
O2B NAD FA . 34.85 -1.50 -56.21
C1B NAD FA . 33.88 0.71 -56.48
N9A NAD FA . 34.97 1.59 -56.91
C8A NAD FA . 36.07 1.95 -56.19
N7A NAD FA . 36.86 2.80 -56.92
C5A NAD FA . 36.26 2.96 -58.11
C6A NAD FA . 36.55 3.71 -59.33
N6A NAD FA . 37.68 4.45 -59.43
N1A NAD FA . 35.66 3.62 -60.35
C2A NAD FA . 34.54 2.88 -60.28
N3A NAD FA . 34.20 2.16 -59.19
C4A NAD FA . 35.02 2.17 -58.11
O3 NAD FA . 34.29 3.09 -51.04
PN NAD FA . 34.78 2.04 -49.91
O1N NAD FA . 36.24 2.27 -49.58
O2N NAD FA . 34.38 0.64 -50.34
O5D NAD FA . 33.88 2.44 -48.66
C5D NAD FA . 34.17 3.63 -47.92
C4D NAD FA . 33.17 4.73 -48.25
O4D NAD FA . 31.83 4.24 -48.17
C3D NAD FA . 33.28 5.90 -47.26
O3D NAD FA . 33.69 7.09 -47.91
C2D NAD FA . 31.88 6.03 -46.65
O2D NAD FA . 31.46 7.38 -46.46
C1D NAD FA . 30.99 5.29 -47.65
N1N NAD FA . 29.67 4.89 -47.14
C2N NAD FA . 29.48 4.22 -45.98
C3N NAD FA . 28.17 3.87 -45.55
C7N NAD FA . 27.92 3.18 -44.23
O7N NAD FA . 28.84 2.75 -43.58
N7N NAD FA . 26.67 3.12 -43.75
C4N NAD FA . 27.08 4.22 -46.35
C5N NAD FA . 27.31 4.90 -47.54
C6N NAD FA . 28.61 5.22 -47.91
PA NAD GA . 14.27 21.74 -78.35
O1A NAD GA . 14.85 20.48 -77.75
O2A NAD GA . 14.88 22.26 -79.62
O5B NAD GA . 14.35 22.94 -77.28
C5B NAD GA . 13.82 22.80 -75.95
C4B NAD GA . 14.55 23.75 -75.00
O4B NAD GA . 15.94 23.43 -74.96
C3B NAD GA . 14.45 25.22 -75.41
O3B NAD GA . 14.25 25.99 -74.22
C2B NAD GA . 15.80 25.52 -76.03
O2B NAD GA . 16.27 26.86 -75.83
C1B NAD GA . 16.75 24.54 -75.36
N9A NAD GA . 17.79 24.08 -76.32
C8A NAD GA . 17.64 23.91 -77.66
N7A NAD GA . 18.80 23.47 -78.22
C5A NAD GA . 19.71 23.37 -77.23
C6A NAD GA . 21.14 22.95 -77.13
N6A NAD GA . 21.84 22.57 -78.21
N1A NAD GA . 21.71 22.97 -75.90
C2A NAD GA . 21.04 23.35 -74.80
N3A NAD GA . 19.74 23.73 -74.83
C4A NAD GA . 19.05 23.76 -75.99
O3 NAD GA . 12.67 21.50 -78.48
PN NAD GA . 11.59 22.43 -79.24
O1N NAD GA . 12.03 22.51 -80.68
O2N NAD GA . 11.31 23.69 -78.47
O5D NAD GA . 10.24 21.54 -79.13
C5D NAD GA . 10.05 20.34 -79.90
C4D NAD GA . 10.10 19.15 -78.95
O4D NAD GA . 9.26 19.41 -77.81
C3D NAD GA . 9.63 17.82 -79.56
O3D NAD GA . 10.68 16.93 -79.95
C2D NAD GA . 8.77 17.20 -78.46
O2D NAD GA . 9.19 15.88 -78.09
C1D NAD GA . 8.98 18.11 -77.26
N1N NAD GA . 7.90 17.95 -76.28
C2N NAD GA . 6.59 18.23 -76.49
C3N NAD GA . 5.66 18.01 -75.47
C7N NAD GA . 4.18 18.26 -75.62
O7N NAD GA . 3.71 18.29 -76.74
N7N NAD GA . 3.41 18.34 -74.53
C4N NAD GA . 6.08 17.45 -74.26
C5N NAD GA . 7.41 17.16 -74.08
C6N NAD GA . 8.31 17.41 -75.12
PA NAD HA . 90.00 -29.63 -22.75
O1A NAD HA . 90.62 -28.71 -21.73
O2A NAD HA . 90.88 -30.35 -23.74
O5B NAD HA . 88.91 -28.84 -23.62
C5B NAD HA . 87.76 -28.20 -23.03
C4B NAD HA . 87.33 -27.02 -23.89
O4B NAD HA . 88.39 -26.05 -24.01
C3B NAD HA . 86.94 -27.39 -25.31
O3B NAD HA . 85.83 -26.57 -25.67
C2B NAD HA . 88.12 -26.99 -26.17
O2B NAD HA . 87.73 -26.52 -27.46
C1B NAD HA . 88.76 -25.86 -25.39
N9A NAD HA . 90.23 -25.92 -25.54
C8A NAD HA . 90.99 -27.04 -25.58
N7A NAD HA . 92.31 -26.73 -25.73
C5A NAD HA . 92.39 -25.38 -25.77
C6A NAD HA . 93.48 -24.39 -25.92
N6A NAD HA . 94.76 -24.79 -26.04
N1A NAD HA . 93.14 -23.07 -25.93
C2A NAD HA . 91.86 -22.68 -25.82
N3A NAD HA . 90.82 -23.52 -25.68
C4A NAD HA . 91.01 -24.86 -25.66
O3 NAD HA . 89.14 -30.72 -21.95
PN NAD HA . 88.46 -32.02 -22.63
O1N NAD HA . 89.48 -32.88 -23.35
O2N NAD HA . 87.26 -31.57 -23.43
O5D NAD HA . 87.92 -32.81 -21.35
C5D NAD HA . 88.83 -33.40 -20.40
C4D NAD HA . 88.86 -32.61 -19.09
O4D NAD HA . 87.54 -32.14 -18.71
C3D NAD HA . 89.41 -33.43 -17.93
O3D NAD HA . 90.68 -32.94 -17.48
C2D NAD HA . 88.35 -33.30 -16.84
O2D NAD HA . 88.87 -33.07 -15.53
C1D NAD HA . 87.55 -32.09 -17.28
N1N NAD HA . 86.28 -31.95 -16.55
C2N NAD HA . 85.33 -32.92 -16.50
C3N NAD HA . 84.14 -32.70 -15.75
C7N NAD HA . 83.05 -33.75 -15.63
O7N NAD HA . 83.31 -34.93 -15.81
N7N NAD HA . 81.84 -33.37 -15.22
C4N NAD HA . 83.98 -31.51 -15.06
C5N NAD HA . 84.98 -30.55 -15.13
C6N NAD HA . 86.13 -30.80 -15.88
PA NAD IA . 96.23 4.06 -6.37
O1A NAD IA . 95.59 3.10 -7.33
O2A NAD IA . 97.28 5.03 -6.88
O5B NAD IA . 96.88 3.18 -5.19
C5B NAD IA . 96.06 2.24 -4.47
C4B NAD IA . 96.93 1.14 -3.89
O4B NAD IA . 97.61 0.46 -4.96
C3B NAD IA . 98.00 1.66 -2.95
O3B NAD IA . 98.10 0.75 -1.85
C2B NAD IA . 99.29 1.60 -3.72
O2B NAD IA . 100.37 1.18 -2.88
C1B NAD IA . 99.03 0.56 -4.79
N9A NAD IA . 99.67 0.94 -6.07
C8A NAD IA . 99.81 2.18 -6.55
N7A NAD IA . 100.44 2.19 -7.73
C5A NAD IA . 100.74 0.93 -8.05
C6A NAD IA . 101.40 0.24 -9.16
N6A NAD IA . 101.91 0.95 -10.20
N1A NAD IA . 101.49 -1.11 -9.09
C2A NAD IA . 101.01 -1.81 -8.06
N3A NAD IA . 100.40 -1.24 -7.01
C4A NAD IA . 100.22 0.10 -6.95
O3 NAD IA . 95.04 4.90 -5.66
PN NAD IA . 95.22 6.07 -4.57
O1N NAD IA . 96.01 7.22 -5.16
O2N NAD IA . 95.70 5.43 -3.29
O5D NAD IA . 93.71 6.58 -4.34
C5D NAD IA . 93.01 7.27 -5.38
C4D NAD IA . 92.08 6.31 -6.14
O4D NAD IA . 91.39 5.47 -5.20
C3D NAD IA . 91.01 7.06 -6.94
O3D NAD IA . 91.07 6.77 -8.34
C2D NAD IA . 89.69 6.57 -6.35
O2D NAD IA . 88.60 6.45 -7.27
C1D NAD IA . 90.09 5.24 -5.73
N1N NAD IA . 89.06 4.71 -4.82
C2N NAD IA . 88.54 5.39 -3.76
C3N NAD IA . 87.55 4.78 -2.97
C7N NAD IA . 86.89 5.47 -1.80
O7N NAD IA . 86.90 6.68 -1.76
N7N NAD IA . 86.26 4.74 -0.89
C4N NAD IA . 87.09 3.51 -3.29
C5N NAD IA . 87.63 2.85 -4.39
C6N NAD IA . 88.62 3.48 -5.14
PA NAD JA . 32.61 -17.66 5.18
O1A NAD JA . 33.47 -17.17 6.33
O2A NAD JA . 31.11 -17.65 5.34
O5B NAD JA . 33.03 -19.19 4.83
C5B NAD JA . 34.40 -19.58 4.76
C4B NAD JA . 34.53 -21.07 5.07
O4B NAD JA . 34.16 -21.32 6.43
C3B NAD JA . 33.65 -21.97 4.23
O3B NAD JA . 34.42 -23.13 3.89
C2B NAD JA . 32.47 -22.36 5.13
O2B NAD JA . 32.07 -23.72 4.97
C1B NAD JA . 33.05 -22.22 6.51
N9A NAD JA . 32.07 -21.70 7.51
C8A NAD JA . 31.06 -20.84 7.32
N7A NAD JA . 30.39 -20.61 8.48
C5A NAD JA . 30.99 -21.32 9.44
C6A NAD JA . 30.81 -21.52 10.89
N6A NAD JA . 29.81 -20.90 11.57
N1A NAD JA . 31.67 -22.33 11.51
C2A NAD JA . 32.67 -22.97 10.86
N3A NAD JA . 32.90 -22.83 9.55
C4A NAD JA . 32.10 -22.04 8.79
O3 NAD JA . 33.18 -16.91 3.87
PN NAD JA . 32.56 -16.86 2.37
O1N NAD JA . 31.15 -16.32 2.54
O2N NAD JA . 32.78 -18.15 1.62
O5D NAD JA . 33.50 -15.78 1.66
C5D NAD JA . 33.34 -14.39 1.92
C4D NAD JA . 34.48 -13.88 2.79
O4D NAD JA . 35.73 -14.39 2.28
C3D NAD JA . 34.60 -12.34 2.77
O3D NAD JA . 34.55 -11.79 4.07
C2D NAD JA . 35.97 -12.08 2.19
O2D NAD JA . 36.63 -10.93 2.75
C1D NAD JA . 36.71 -13.37 2.51
N1N NAD JA . 38.00 -13.52 1.81
C2N NAD JA . 38.18 -13.32 0.48
C3N NAD JA . 39.47 -13.46 -0.08
C7N NAD JA . 39.75 -13.21 -1.54
O7N NAD JA . 38.97 -12.52 -2.18
N7N NAD JA . 40.89 -13.65 -2.07
C4N NAD JA . 40.55 -13.79 0.74
C5N NAD JA . 40.32 -13.97 2.09
C6N NAD JA . 39.03 -13.83 2.60
MG MG KA . 33.79 -1.63 -21.51
PA NAD LA . 54.75 -22.70 35.54
O1A NAD LA . 53.98 -23.17 34.33
O2A NAD LA . 54.26 -23.07 36.90
O5B NAD LA . 54.83 -21.08 35.50
C5B NAD LA . 55.57 -20.37 34.49
C4B NAD LA . 54.94 -18.99 34.33
O4B NAD LA . 53.53 -19.13 34.20
C3B NAD LA . 55.17 -18.06 35.52
O3B NAD LA . 55.52 -16.76 34.98
C2B NAD LA . 53.86 -18.06 36.28
O2B NAD LA . 53.50 -16.79 36.83
C1B NAD LA . 52.83 -18.44 35.22
N9A NAD LA . 51.73 -19.29 35.74
C8A NAD LA . 51.83 -20.35 36.57
N7A NAD LA . 50.60 -20.89 36.79
C5A NAD LA . 49.70 -20.16 36.09
C6A NAD LA . 48.23 -20.18 35.87
N6A NAD LA . 47.41 -21.09 36.44
N1A NAD LA . 47.71 -19.23 35.06
C2A NAD LA . 48.46 -18.30 34.44
N3A NAD LA . 49.80 -18.24 34.60
C4A NAD LA . 50.47 -19.12 35.40
O3 NAD LA . 56.29 -23.17 35.37
PN NAD LA . 57.47 -23.07 36.46
O1N NAD LA . 57.06 -23.87 37.67
O2N NAD LA . 57.90 -21.64 36.62
O5D NAD LA . 58.71 -23.82 35.76
C5D NAD LA . 58.68 -25.23 35.54
C4D NAD LA . 58.36 -25.57 34.09
O4D NAD LA . 59.15 -24.76 33.19
C3D NAD LA . 58.69 -27.03 33.77
O3D NAD LA . 57.53 -27.83 33.52
C2D NAD LA . 59.59 -26.98 32.55
O2D NAD LA . 59.25 -27.94 31.56
C1D NAD LA . 59.41 -25.56 32.03
N1N NAD LA . 60.48 -25.16 31.10
C2N NAD LA . 61.82 -25.17 31.38
C3N NAD LA . 62.75 -24.77 30.39
C7N NAD LA . 64.25 -24.78 30.57
O7N NAD LA . 64.75 -25.39 31.51
N7N NAD LA . 65.04 -24.18 29.67
C4N NAD LA . 62.28 -24.41 29.13
C5N NAD LA . 60.93 -24.42 28.89
C6N NAD LA . 60.05 -24.81 29.89
#